data_7WOW
#
_entry.id   7WOW
#
_cell.length_a   1.00
_cell.length_b   1.00
_cell.length_c   1.00
_cell.angle_alpha   90.00
_cell.angle_beta   90.00
_cell.angle_gamma   90.00
#
_symmetry.space_group_name_H-M   'P 1'
#
loop_
_entity.id
_entity.type
_entity.pdbx_description
1 polymer 'Spike glycoprotein'
2 polymer '16L9 Fv'
3 polymer 'GW01 Fv'
#
loop_
_entity_poly.entity_id
_entity_poly.type
_entity_poly.pdbx_seq_one_letter_code
_entity_poly.pdbx_strand_id
1 'polypeptide(L)'
;MFVFLVLLPLVSSQCVNLTTRTQLPPAYTNSFTRGVYYPDKVFRSSVLHSTQDLFLPFFSNVTWFHVISGTNGTKRFDNP
VLPFNDGVYFASIEKSNIIRGWIFGTTLDSKTQSLLIVNNATNVVIKVCEFQFCNDPFLDHKNNKSWMESEFRVYSSANN
CTFEYVSQPFLMDLEGKQGNFKNLREFVFKNIDGYFKIYSKHTPIIVREPEDLPQGFSALEPLVDLPIGINITRFQTLLA
LHRSYLTPGDSSSGWTAGAAAYYVGYLQPRTFLLKYNENGTITDAVDCALDPLSETKCTLKSFTVEKGIYQTSNFRVQPT
ESIVRFPNITNLCPFDEVFNATRFASVYAWNRKRISNCVADYSVLYNLAPFFTFKCYGVSPTKLNDLCFTNVYADSFVIR
GDEVRQIAPGQTGNIADYNYKLPDDFTGCVIAWNSNKLDSKVSGNYNYLYRLFRKSNLKPFERDISTEIYQAGNKPCNGV
AGFNCYFPLRSYSFRPTYGVGHQPYRVVVLSFELLHAPATVCGPKKSTNLVKNKCVNFNFNGLKGTGVLTESNKKFLPFQ
QFGRDIADTTDAVRDPQTLEILDITPCSFGGVSVITPGTNTSNQVAVLYQGVNCTEVPVAIHADQLTPTWRVYSTGSNVF
QTRAGCLIGAEYVNNSYECDIPIGAGICASYQTQTKSHGSASSVASQSIIAYTMSLGAENSVAYSNNSIAIPTNFTISVT
TEILPVSMTKTSVDCTMYICGDSTECSNLLLQYGSFCTQLKRALTGIAVEQDKNTQEVFAQVKQIYKTPPIKYFGGFNFS
QILPDPSKPSKRSPIEDLLFNKVTLADAGFIKQYGDCLGDIAARDLICAQKFKGLTVLPPLLTDEMIAQYTSALLAGTIT
SGWTFGAGPALQIPFPMQMAYRFNGIGVTQNVLYENQKLIANQFNSAIGKIQDSLSSTPSALGKLQDVVNHNAQALNTLV
KQLSSKFGAISSVLNDIFSRLDPPEAEVQIDRLITGRLQSLQTYVTQQLIRAAEIRASANLAATKMSECVLGQSKRVDFC
GKGYHLMSFPQSAPHGVVFLHVTYVPAQEKNFTTAPAICHDGKAHFPREGVFVSNGTHWFVTQRNFYEPQIITTDNTFVS
GNCDVVIGIVNNTVYDPLQPELDSFKEELDKYFKNHTSPDVDLGDISGINASVVNIQKEIDRLNEVAKNLNESLIDLQEL
GKYEQGSGYIPEAPRDGQAYVRKDGEWVFLSTFLSGLEVLFQGPGGWSHPQFEKGGGSGGGSGGSAWSHPQFEKGGSHHH
HHHHH
;
A,B,C,J,K,L
2 'polypeptide(L)'
;QSVLTQPPSASGSPGQSVTISCTGTSSDFGGYNSVSWYQQHPGKAPKLMIYEVSKRPSGVPDRFSGSKSGNTASLTVSGL
QAEDEADYYCSSYAGSNNFDVFGTGTKVTVLGGGGSGGGGSGGGGSEVQLVESGGGLIQPGGSLRLSCAASGFTVSSNYM
SWVRQAPGKGLEWVSVIYSGGSTYYADSVKGRFTISRDNSENTLYLQMNSLRAEDTAVYYCARGEIQPYYYYGMDVWGQG
TTVTVSS
;
D,F,H,M,O,Q
3 'polypeptide(L)'
;QSVLTQPPSASGTPGQRVTISCSGSSSNIGSNTVNWYQQLPGTAPKLLIYSNNQRPSGVPDRFSGSKSGTSASLAISGLQ
SEDEADYYCAAWDDSLNWVFGGGTKLTVLGGGGSGGGGSGGGGSEVQLVESGGGVVQPGGSLRLSCAASGFRFDDHAMHW
VRQAPGKGLEWVSVISGDGGSTYYADSVKGRFSISRDDSKNSLYLQMNSLRTEDTALYYCAKDRSYGPPDVFNYEYGMDV
WGQGTTVTVSS
;
E,G,I,N,P,R
#
# COMPACT_ATOMS: atom_id res chain seq x y z
N LEU A 24 63.67 50.56 73.53
CA LEU A 24 63.58 51.99 73.26
C LEU A 24 62.38 52.60 73.98
N PRO A 25 62.60 53.13 75.18
CA PRO A 25 61.50 53.73 75.94
C PRO A 25 61.10 55.07 75.36
N PRO A 26 59.84 55.22 74.94
CA PRO A 26 59.40 56.49 74.37
C PRO A 26 59.16 57.53 75.46
N ALA A 27 59.81 58.68 75.32
CA ALA A 27 59.66 59.77 76.27
C ALA A 27 58.54 60.70 75.79
N TYR A 28 58.41 61.86 76.44
CA TYR A 28 57.38 62.82 76.08
C TYR A 28 57.87 64.23 76.36
N THR A 29 57.46 65.16 75.51
CA THR A 29 57.80 66.58 75.64
C THR A 29 56.52 67.40 75.72
N ASN A 30 56.68 68.72 75.68
CA ASN A 30 55.57 69.65 75.80
C ASN A 30 55.34 70.39 74.48
N SER A 31 54.13 70.93 74.35
CA SER A 31 53.67 71.60 73.13
C SER A 31 52.99 72.93 73.48
N PHE A 32 53.69 73.75 74.27
CA PHE A 32 53.13 74.99 74.82
C PHE A 32 52.33 75.80 73.81
N THR A 33 53.00 76.33 72.80
CA THR A 33 52.35 77.19 71.81
C THR A 33 52.81 76.83 70.40
N ARG A 34 52.90 75.55 70.10
CA ARG A 34 53.30 75.07 68.79
C ARG A 34 52.31 74.04 68.29
N GLY A 35 52.02 74.08 66.99
CA GLY A 35 51.08 73.15 66.39
C GLY A 35 49.88 73.83 65.77
N VAL A 36 50.04 75.08 65.33
CA VAL A 36 48.98 75.86 64.72
C VAL A 36 49.39 76.19 63.29
N TYR A 37 48.45 76.00 62.36
CA TYR A 37 48.67 76.30 60.95
C TYR A 37 47.50 77.12 60.43
N TYR A 38 47.54 77.45 59.15
CA TYR A 38 46.46 78.18 58.49
C TYR A 38 45.36 77.22 58.06
N PRO A 39 44.16 77.32 58.63
CA PRO A 39 43.08 76.40 58.24
C PRO A 39 42.58 76.66 56.83
N ASP A 40 42.39 77.92 56.47
CA ASP A 40 41.90 78.31 55.15
C ASP A 40 42.86 79.30 54.51
N LYS A 41 42.85 79.35 53.18
CA LYS A 41 43.70 80.25 52.42
C LYS A 41 42.97 81.54 52.09
N VAL A 42 42.55 82.24 53.14
CA VAL A 42 41.83 83.50 53.04
C VAL A 42 42.57 84.56 53.83
N PHE A 43 42.79 85.72 53.21
CA PHE A 43 43.51 86.79 53.86
C PHE A 43 42.64 87.44 54.93
N ARG A 44 43.20 87.59 56.13
CA ARG A 44 42.52 88.25 57.24
C ARG A 44 43.52 89.13 57.97
N SER A 45 43.08 90.34 58.33
CA SER A 45 43.95 91.32 58.97
C SER A 45 43.21 91.97 60.13
N SER A 46 43.85 91.98 61.30
CA SER A 46 43.33 92.64 62.50
C SER A 46 41.95 92.15 62.89
N VAL A 47 41.68 90.86 62.70
CA VAL A 47 40.41 90.26 63.07
C VAL A 47 40.68 89.07 63.99
N LEU A 48 39.61 88.60 64.63
CA LEU A 48 39.66 87.47 65.56
C LEU A 48 38.76 86.38 65.00
N HIS A 49 39.35 85.43 64.29
CA HIS A 49 38.61 84.34 63.66
C HIS A 49 38.71 83.08 64.48
N SER A 50 37.59 82.36 64.58
CA SER A 50 37.51 81.09 65.29
C SER A 50 37.22 79.98 64.28
N THR A 51 38.07 78.95 64.26
CA THR A 51 37.95 77.86 63.32
C THR A 51 37.76 76.54 64.06
N GLN A 52 37.22 75.55 63.34
CA GLN A 52 37.00 74.21 63.87
C GLN A 52 37.57 73.20 62.88
N ASP A 53 38.78 72.71 63.17
CA ASP A 53 39.45 71.76 62.29
C ASP A 53 40.45 70.98 63.14
N LEU A 54 41.16 70.06 62.47
CA LEU A 54 42.15 69.25 63.17
C LEU A 54 43.38 70.08 63.50
N PHE A 55 43.68 70.21 64.78
CA PHE A 55 44.85 70.95 65.24
C PHE A 55 45.48 70.21 66.40
N LEU A 56 46.71 70.59 66.72
CA LEU A 56 47.44 69.95 67.81
C LEU A 56 47.11 70.63 69.13
N PRO A 57 46.51 69.92 70.09
CA PRO A 57 46.22 70.54 71.39
C PRO A 57 47.49 70.92 72.13
N PHE A 58 47.47 72.09 72.75
CA PHE A 58 48.63 72.56 73.51
C PHE A 58 48.82 71.72 74.77
N PHE A 59 50.06 71.69 75.25
CA PHE A 59 50.43 70.94 76.45
C PHE A 59 50.07 69.46 76.32
N SER A 60 50.45 68.87 75.19
CA SER A 60 50.18 67.48 74.88
C SER A 60 51.46 66.65 75.02
N ASN A 61 51.32 65.34 74.87
CA ASN A 61 52.43 64.41 74.97
C ASN A 61 52.91 64.07 73.56
N VAL A 62 54.14 64.47 73.25
CA VAL A 62 54.75 64.21 71.95
C VAL A 62 55.99 63.37 72.17
N THR A 63 56.14 62.32 71.36
CA THR A 63 57.23 61.36 71.54
C THR A 63 58.57 62.04 71.33
N TRP A 64 59.58 61.53 72.05
CA TRP A 64 60.92 62.10 72.01
C TRP A 64 61.92 61.10 71.43
N PHE A 65 61.54 60.45 70.34
CA PHE A 65 62.42 59.48 69.69
C PHE A 65 63.75 60.11 69.30
N HIS A 66 64.84 59.53 69.79
CA HIS A 66 66.19 60.01 69.52
C HIS A 66 66.81 59.18 68.42
N VAL A 67 67.44 59.85 67.45
CA VAL A 67 67.96 59.19 66.26
C VAL A 67 69.47 59.01 66.39
N ILE A 68 69.96 58.97 67.63
CA ILE A 68 71.40 58.87 67.85
C ILE A 68 71.93 57.52 67.36
N PHE A 77 69.81 54.29 66.63
CA PHE A 77 68.91 53.75 65.62
C PHE A 77 67.48 53.75 66.13
N ASP A 78 66.53 54.16 65.28
CA ASP A 78 65.12 54.11 65.64
C ASP A 78 64.29 54.28 64.38
N ASN A 79 63.31 53.39 64.19
CA ASN A 79 62.40 53.47 63.05
C ASN A 79 61.13 52.68 63.30
N PRO A 80 60.29 53.10 64.25
CA PRO A 80 59.04 52.38 64.50
C PRO A 80 57.93 52.81 63.54
N VAL A 81 56.93 51.95 63.44
CA VAL A 81 55.78 52.18 62.56
C VAL A 81 54.68 52.78 63.43
N LEU A 82 54.59 54.11 63.44
CA LEU A 82 53.58 54.79 64.23
C LEU A 82 52.30 54.97 63.42
N PRO A 83 51.15 55.00 64.09
CA PRO A 83 49.88 55.13 63.36
C PRO A 83 49.72 56.51 62.75
N PHE A 84 48.75 56.61 61.84
CA PHE A 84 48.40 57.84 61.12
C PHE A 84 46.89 58.05 61.15
N ASN A 85 46.31 57.97 62.35
CA ASN A 85 44.86 58.07 62.49
C ASN A 85 44.32 59.37 61.90
N ASP A 86 44.75 60.51 62.47
CA ASP A 86 44.27 61.80 61.99
C ASP A 86 45.33 62.86 62.31
N GLY A 87 46.13 63.22 61.32
CA GLY A 87 47.10 64.28 61.47
C GLY A 87 48.32 63.93 62.30
N VAL A 88 49.45 64.56 61.98
CA VAL A 88 50.69 64.37 62.71
C VAL A 88 51.40 65.72 62.83
N TYR A 89 52.44 65.75 63.66
CA TYR A 89 53.27 66.93 63.88
C TYR A 89 54.74 66.56 63.75
N PHE A 90 55.07 65.86 62.65
CA PHE A 90 56.42 65.36 62.45
C PHE A 90 57.43 66.50 62.38
N ALA A 91 58.40 66.48 63.28
CA ALA A 91 59.50 67.43 63.27
C ALA A 91 60.73 66.79 62.61
N SER A 92 61.54 67.62 61.98
CA SER A 92 62.71 67.16 61.22
C SER A 92 63.97 67.88 61.69
N ILE A 93 64.16 67.90 63.01
CA ILE A 93 65.36 68.50 63.60
C ILE A 93 66.59 67.72 63.16
N GLU A 94 67.42 68.34 62.34
CA GLU A 94 68.63 67.71 61.82
C GLU A 94 69.73 68.78 61.76
N LYS A 95 70.87 68.43 61.17
CA LYS A 95 71.95 69.39 60.97
C LYS A 95 72.20 69.67 59.50
N SER A 96 72.52 68.66 58.70
CA SER A 96 72.69 68.85 57.26
C SER A 96 71.70 68.02 56.45
N ASN A 97 71.72 66.69 56.60
CA ASN A 97 70.90 65.84 55.74
C ASN A 97 70.36 64.60 56.44
N ILE A 98 70.07 64.66 57.74
CA ILE A 98 69.69 63.45 58.48
C ILE A 98 68.32 62.94 58.04
N ILE A 99 67.32 63.82 58.07
CA ILE A 99 65.95 63.46 57.72
C ILE A 99 65.63 64.10 56.38
N ARG A 100 65.49 63.27 55.34
CA ARG A 100 65.23 63.76 53.98
C ARG A 100 64.17 62.91 53.30
N GLY A 101 63.10 62.59 54.01
CA GLY A 101 62.01 61.85 53.40
C GLY A 101 61.14 61.18 54.44
N TRP A 102 59.90 60.88 54.02
CA TRP A 102 58.95 60.16 54.84
C TRP A 102 58.21 59.15 53.96
N ILE A 103 57.44 58.28 54.61
CA ILE A 103 56.68 57.25 53.90
C ILE A 103 55.37 57.05 54.63
N PHE A 104 54.32 56.74 53.87
CA PHE A 104 52.99 56.53 54.40
C PHE A 104 52.41 55.24 53.83
N GLY A 105 51.31 54.79 54.44
CA GLY A 105 50.65 53.58 54.00
C GLY A 105 49.85 52.97 55.12
N THR A 106 48.90 52.13 54.73
CA THR A 106 48.02 51.44 55.68
C THR A 106 48.26 49.94 55.77
N THR A 107 48.84 49.33 54.74
CA THR A 107 49.13 47.91 54.72
C THR A 107 50.62 47.60 54.68
N LEU A 108 51.37 48.27 53.81
CA LEU A 108 52.80 48.09 53.67
C LEU A 108 53.18 46.65 53.32
N ASP A 109 52.27 45.96 52.62
CA ASP A 109 52.51 44.58 52.18
C ASP A 109 52.06 44.41 50.73
N SER A 110 52.40 45.38 49.89
CA SER A 110 52.06 45.36 48.46
C SER A 110 50.56 45.25 48.24
N LYS A 111 49.77 45.86 49.13
CA LYS A 111 48.31 45.84 49.04
C LYS A 111 47.72 47.20 48.70
N THR A 112 48.25 48.27 49.28
CA THR A 112 47.78 49.63 49.01
C THR A 112 48.94 50.48 48.54
N GLN A 113 48.59 51.64 47.97
CA GLN A 113 49.61 52.55 47.46
C GLN A 113 50.29 53.29 48.60
N SER A 114 51.58 53.58 48.40
CA SER A 114 52.39 54.28 49.39
C SER A 114 52.59 55.73 48.97
N LEU A 115 53.34 56.47 49.79
CA LEU A 115 53.63 57.88 49.52
C LEU A 115 55.03 58.17 50.02
N LEU A 116 56.01 58.13 49.11
CA LEU A 116 57.39 58.46 49.44
C LEU A 116 57.61 59.96 49.25
N ILE A 117 58.20 60.60 50.27
CA ILE A 117 58.39 62.04 50.27
C ILE A 117 59.88 62.34 50.36
N VAL A 118 60.70 61.50 49.73
CA VAL A 118 62.15 61.62 49.77
C VAL A 118 62.58 63.03 49.36
N ASN A 119 63.64 63.52 49.98
CA ASN A 119 64.13 64.89 49.80
C ASN A 119 65.60 64.89 49.42
N ASN A 120 65.95 64.06 48.42
CA ASN A 120 67.33 63.96 47.98
C ASN A 120 67.76 65.22 47.25
N ALA A 121 68.98 65.20 46.71
CA ALA A 121 69.55 66.36 46.07
C ALA A 121 68.69 66.81 44.89
N THR A 122 68.18 68.03 44.98
CA THR A 122 67.33 68.68 43.96
C THR A 122 66.36 67.70 43.29
N ASN A 123 65.68 66.91 44.13
CA ASN A 123 64.61 66.05 43.65
C ASN A 123 63.67 65.75 44.82
N VAL A 124 62.39 66.07 44.65
CA VAL A 124 61.38 65.82 45.66
C VAL A 124 60.24 65.04 45.01
N VAL A 125 60.57 64.29 43.97
CA VAL A 125 59.57 63.56 43.20
C VAL A 125 58.82 62.59 44.12
N ILE A 126 57.51 62.78 44.24
CA ILE A 126 56.65 61.94 45.05
C ILE A 126 56.06 60.85 44.18
N LYS A 127 56.08 59.61 44.68
CA LYS A 127 55.52 58.47 43.98
C LYS A 127 54.39 57.87 44.80
N VAL A 128 53.29 57.53 44.13
CA VAL A 128 52.12 56.98 44.79
C VAL A 128 51.89 55.56 44.30
N CYS A 129 52.98 54.86 43.98
CA CYS A 129 52.89 53.50 43.50
C CYS A 129 52.52 52.55 44.64
N GLU A 130 52.25 51.29 44.29
CA GLU A 130 51.89 50.26 45.25
C GLU A 130 52.94 49.17 45.21
N PHE A 131 53.67 49.00 46.31
CA PHE A 131 54.74 48.03 46.39
C PHE A 131 55.15 47.84 47.84
N GLN A 132 55.63 46.64 48.14
CA GLN A 132 56.18 46.32 49.47
C GLN A 132 57.70 46.48 49.37
N PHE A 133 58.21 47.64 49.78
CA PHE A 133 59.63 47.95 49.65
C PHE A 133 60.49 47.00 50.46
N CYS A 134 60.38 47.05 51.78
CA CYS A 134 61.17 46.23 52.69
C CYS A 134 60.63 46.43 54.10
N ASN A 135 61.31 45.82 55.07
CA ASN A 135 60.96 45.96 56.47
C ASN A 135 61.79 47.03 57.18
N ASP A 136 62.76 47.63 56.50
CA ASP A 136 63.60 48.67 57.09
C ASP A 136 64.12 49.56 55.97
N PRO A 137 63.33 50.58 55.58
CA PRO A 137 63.77 51.45 54.48
C PRO A 137 64.89 52.39 54.89
N PHE A 138 66.13 51.88 54.90
CA PHE A 138 67.29 52.68 55.24
C PHE A 138 67.82 53.38 53.99
N LEU A 139 68.30 54.60 54.18
CA LEU A 139 68.85 55.38 53.08
C LEU A 139 69.88 56.40 53.58
N GLU A 151 69.21 56.71 46.31
CA GLU A 151 69.48 55.44 45.64
C GLU A 151 68.22 54.57 45.58
N PHE A 152 68.32 53.45 44.88
CA PHE A 152 67.19 52.53 44.72
C PHE A 152 67.12 51.49 45.84
N ARG A 153 67.87 51.69 46.94
CA ARG A 153 67.81 50.77 48.07
C ARG A 153 66.54 50.93 48.90
N VAL A 154 65.73 51.95 48.64
CA VAL A 154 64.50 52.14 49.40
C VAL A 154 63.48 51.07 49.05
N TYR A 155 63.15 50.95 47.77
CA TYR A 155 62.16 49.99 47.29
C TYR A 155 62.87 48.85 46.56
N SER A 156 62.08 47.85 46.18
CA SER A 156 62.60 46.69 45.48
C SER A 156 61.75 46.24 44.30
N SER A 157 60.62 46.89 44.04
CA SER A 157 59.74 46.50 42.95
C SER A 157 58.92 47.72 42.53
N ALA A 158 58.13 47.55 41.47
CA ALA A 158 57.28 48.61 40.96
C ALA A 158 55.95 48.01 40.52
N ASN A 159 55.00 48.88 40.20
CA ASN A 159 53.67 48.47 39.76
C ASN A 159 53.07 49.62 38.96
N ASN A 160 51.76 49.54 38.71
CA ASN A 160 51.06 50.59 37.98
C ASN A 160 50.84 51.82 38.86
N CYS A 161 51.81 52.74 38.86
CA CYS A 161 51.71 53.94 39.68
C CYS A 161 50.64 54.86 39.11
N THR A 162 49.59 55.10 39.90
CA THR A 162 48.46 55.90 39.45
C THR A 162 48.70 57.41 39.54
N PHE A 163 49.75 57.84 40.23
CA PHE A 163 50.03 59.27 40.37
C PHE A 163 51.49 59.46 40.72
N GLU A 164 52.05 60.56 40.24
CA GLU A 164 53.44 60.92 40.55
C GLU A 164 53.61 62.42 40.35
N TYR A 165 54.21 63.08 41.32
CA TYR A 165 54.44 64.52 41.25
C TYR A 165 55.88 64.81 40.86
N VAL A 166 56.07 65.81 40.01
CA VAL A 166 57.38 66.10 39.44
C VAL A 166 57.80 67.53 39.79
N SER A 167 57.38 68.03 40.95
CA SER A 167 57.74 69.37 41.37
C SER A 167 59.25 69.50 41.51
N GLN A 168 59.80 70.59 40.98
CA GLN A 168 61.24 70.83 40.98
C GLN A 168 61.74 71.30 42.36
N PRO A 169 61.15 72.32 42.98
CA PRO A 169 61.67 72.78 44.27
C PRO A 169 61.49 71.72 45.36
N PHE A 170 62.59 71.38 46.02
CA PHE A 170 62.56 70.37 47.06
C PHE A 170 61.78 70.88 48.26
N LEU A 171 61.01 69.99 48.89
CA LEU A 171 60.20 70.31 50.06
C LEU A 171 61.03 70.00 51.30
N MET A 172 61.86 70.95 51.70
CA MET A 172 62.72 70.79 52.86
C MET A 172 63.15 72.14 53.42
N GLN A 178 77.38 78.02 62.15
CA GLN A 178 77.06 78.77 63.35
C GLN A 178 77.39 77.97 64.60
N GLY A 179 77.62 78.68 65.71
CA GLY A 179 77.96 78.03 66.96
C GLY A 179 76.78 77.36 67.63
N ASN A 180 75.66 78.07 67.75
CA ASN A 180 74.49 77.53 68.43
C ASN A 180 73.19 77.74 67.64
N PHE A 181 73.27 78.21 66.39
CA PHE A 181 72.08 78.43 65.57
C PHE A 181 71.84 77.18 64.73
N LYS A 182 70.96 76.31 65.21
CA LYS A 182 70.61 75.09 64.50
C LYS A 182 69.42 75.36 63.58
N ASN A 183 68.83 74.30 63.03
CA ASN A 183 67.70 74.42 62.11
C ASN A 183 66.51 73.69 62.71
N LEU A 184 65.46 74.44 63.04
CA LEU A 184 64.23 73.89 63.56
C LEU A 184 63.16 73.94 62.49
N ARG A 185 62.56 72.78 62.19
CA ARG A 185 61.56 72.67 61.14
C ARG A 185 60.51 71.65 61.56
N GLU A 186 59.24 71.98 61.33
CA GLU A 186 58.12 71.11 61.63
C GLU A 186 57.25 70.94 60.40
N PHE A 187 56.55 69.81 60.34
CA PHE A 187 55.71 69.48 59.19
C PHE A 187 54.37 68.95 59.69
N VAL A 188 53.30 69.67 59.37
CA VAL A 188 51.95 69.27 59.76
C VAL A 188 51.28 68.60 58.57
N PHE A 189 50.84 67.36 58.74
CA PHE A 189 50.17 66.60 57.71
C PHE A 189 48.76 66.24 58.17
N LYS A 190 47.90 65.95 57.21
CA LYS A 190 46.53 65.53 57.47
C LYS A 190 46.13 64.44 56.49
N ASN A 191 44.95 63.88 56.71
CA ASN A 191 44.42 62.79 55.89
C ASN A 191 43.09 63.21 55.25
N ILE A 192 43.06 64.43 54.69
CA ILE A 192 41.86 64.91 54.02
C ILE A 192 41.67 64.16 52.72
N ASP A 193 40.40 63.83 52.40
CA ASP A 193 40.12 63.12 51.17
C ASP A 193 40.42 63.96 49.94
N GLY A 194 40.34 65.29 50.06
CA GLY A 194 40.64 66.16 48.96
C GLY A 194 42.11 66.19 48.61
N TYR A 195 42.94 66.70 49.52
CA TYR A 195 44.37 66.78 49.32
C TYR A 195 45.07 66.33 50.60
N PHE A 196 46.40 66.23 50.54
CA PHE A 196 47.17 65.79 51.69
C PHE A 196 47.44 66.91 52.69
N LYS A 197 47.37 68.17 52.25
CA LYS A 197 47.55 69.33 53.11
C LYS A 197 48.92 69.30 53.79
N ILE A 198 49.95 69.41 52.97
CA ILE A 198 51.33 69.41 53.46
C ILE A 198 51.69 70.82 53.93
N TYR A 199 52.05 70.95 55.21
CA TYR A 199 52.47 72.20 55.79
C TYR A 199 53.96 72.13 56.13
N SER A 200 54.61 73.30 56.12
CA SER A 200 56.04 73.38 56.39
C SER A 200 56.37 74.76 56.91
N LYS A 201 57.40 74.81 57.77
CA LYS A 201 57.89 76.07 58.32
C LYS A 201 59.26 75.83 58.92
N HIS A 202 60.24 76.65 58.54
CA HIS A 202 61.61 76.53 59.01
C HIS A 202 62.03 77.83 59.70
N THR A 203 62.75 77.67 60.81
CA THR A 203 63.25 78.82 61.57
C THR A 203 64.41 78.35 62.43
N PRO A 204 65.47 79.16 62.56
CA PRO A 204 66.61 78.76 63.38
C PRO A 204 66.39 79.09 64.85
N ILE A 205 66.98 78.27 65.72
CA ILE A 205 66.91 78.49 67.16
C ILE A 205 67.95 79.52 67.56
N ILE A 206 67.83 80.03 68.78
CA ILE A 206 68.74 81.07 69.27
C ILE A 206 69.64 80.50 70.35
N VAL A 207 69.07 79.75 71.28
CA VAL A 207 69.82 79.22 72.41
C VAL A 207 70.27 77.80 72.09
N ARG A 208 71.26 77.33 72.83
CA ARG A 208 71.84 76.00 72.64
C ARG A 208 71.33 75.00 73.67
N GLU A 209 70.06 75.11 74.04
CA GLU A 209 69.47 74.17 74.98
C GLU A 209 69.43 72.77 74.37
N PRO A 210 69.30 71.73 75.20
CA PRO A 210 69.18 70.37 74.66
C PRO A 210 67.91 70.22 73.81
N GLU A 211 67.83 69.09 73.11
CA GLU A 211 66.74 68.84 72.19
C GLU A 211 65.38 68.91 72.87
N ASP A 212 64.59 69.92 72.54
CA ASP A 212 63.27 70.14 73.12
C ASP A 212 62.60 71.26 72.34
N LEU A 213 61.28 71.19 72.27
CA LEU A 213 60.51 72.21 71.58
C LEU A 213 60.62 73.54 72.32
N PRO A 214 61.19 74.58 71.71
CA PRO A 214 61.36 75.85 72.42
C PRO A 214 60.03 76.59 72.56
N GLN A 215 60.08 77.68 73.31
CA GLN A 215 58.91 78.52 73.54
C GLN A 215 58.78 79.54 72.41
N GLY A 216 57.67 79.48 71.69
CA GLY A 216 57.43 80.39 70.60
C GLY A 216 56.33 79.89 69.70
N PHE A 217 55.77 80.82 68.93
CA PHE A 217 54.68 80.55 68.01
C PHE A 217 55.17 80.67 66.58
N SER A 218 54.75 79.73 65.73
CA SER A 218 55.17 79.72 64.33
C SER A 218 54.11 78.97 63.53
N ALA A 219 53.37 79.70 62.70
CA ALA A 219 52.35 79.08 61.86
C ALA A 219 53.01 78.36 60.68
N LEU A 220 52.20 77.56 59.98
CA LEU A 220 52.66 76.81 58.82
C LEU A 220 51.73 77.07 57.65
N GLU A 221 52.30 77.29 56.47
CA GLU A 221 51.55 77.55 55.26
C GLU A 221 51.62 76.37 54.31
N PRO A 222 50.57 76.11 53.53
CA PRO A 222 50.61 75.00 52.58
C PRO A 222 51.59 75.26 51.44
N LEU A 223 52.21 74.18 50.97
CA LEU A 223 53.13 74.25 49.84
C LEU A 223 52.61 73.50 48.62
N VAL A 224 52.26 72.23 48.77
CA VAL A 224 51.73 71.41 47.68
C VAL A 224 50.46 70.72 48.16
N ASP A 225 49.62 70.36 47.20
CA ASP A 225 48.34 69.69 47.47
C ASP A 225 48.22 68.52 46.50
N LEU A 226 48.39 67.30 47.02
CA LEU A 226 48.31 66.10 46.20
C LEU A 226 46.85 65.71 45.99
N PRO A 227 46.36 65.73 44.75
CA PRO A 227 44.96 65.38 44.49
C PRO A 227 44.67 63.88 44.52
N ILE A 228 45.66 63.06 44.87
CA ILE A 228 45.46 61.61 44.93
C ILE A 228 44.94 61.23 46.31
N GLY A 229 43.90 60.41 46.36
CA GLY A 229 43.30 59.96 47.60
C GLY A 229 43.64 58.49 47.84
N ILE A 230 44.01 58.17 49.08
CA ILE A 230 44.37 56.81 49.45
C ILE A 230 44.22 56.68 50.96
N ASN A 231 43.68 55.54 51.39
CA ASN A 231 43.52 55.28 52.82
C ASN A 231 44.88 55.06 53.45
N ILE A 232 45.16 55.80 54.52
CA ILE A 232 46.43 55.72 55.23
C ILE A 232 46.15 55.65 56.73
N THR A 233 46.71 54.64 57.38
CA THR A 233 46.54 54.46 58.82
C THR A 233 47.84 54.48 59.60
N ARG A 234 48.99 54.32 58.94
CA ARG A 234 50.29 54.37 59.60
C ARG A 234 51.27 55.12 58.71
N PHE A 235 52.50 55.28 59.21
CA PHE A 235 53.56 55.92 58.44
C PHE A 235 54.90 55.41 58.94
N GLN A 236 55.95 55.72 58.19
CA GLN A 236 57.30 55.30 58.52
C GLN A 236 58.28 56.38 58.06
N THR A 237 59.11 56.85 58.98
CA THR A 237 60.08 57.88 58.65
C THR A 237 61.21 57.31 57.80
N LEU A 238 61.81 58.16 56.99
CA LEU A 238 62.92 57.80 56.11
C LEU A 238 64.11 58.66 56.48
N LEU A 239 65.02 58.11 57.27
CA LEU A 239 66.21 58.82 57.73
C LEU A 239 67.44 58.35 56.95
N ALA A 240 68.40 59.26 56.79
CA ALA A 240 69.64 58.93 56.10
C ALA A 240 70.55 58.15 57.03
N LEU A 241 71.00 56.98 56.59
CA LEU A 241 71.86 56.13 57.39
C LEU A 241 73.19 56.83 57.68
N HIS A 242 73.98 57.06 56.63
CA HIS A 242 75.23 57.84 56.71
C HIS A 242 76.13 57.35 57.85
N ARG A 243 76.39 56.05 57.87
CA ARG A 243 77.28 55.49 58.89
C ARG A 243 78.75 55.73 58.52
N SER A 244 79.13 55.35 57.30
CA SER A 244 80.50 55.51 56.81
C SER A 244 81.51 54.83 57.73
N GLY A 258 72.87 63.39 71.25
CA GLY A 258 73.34 62.47 70.24
C GLY A 258 73.52 63.11 68.88
N ALA A 259 72.69 62.70 67.92
CA ALA A 259 72.74 63.22 66.56
C ALA A 259 71.51 64.03 66.19
N ALA A 260 70.32 63.45 66.35
CA ALA A 260 69.09 64.14 66.02
C ALA A 260 67.93 63.48 66.75
N ALA A 261 66.79 64.16 66.74
CA ALA A 261 65.58 63.64 67.36
C ALA A 261 64.37 64.23 66.63
N TYR A 262 63.44 63.37 66.25
CA TYR A 262 62.23 63.77 65.56
C TYR A 262 61.03 63.59 66.49
N TYR A 263 60.14 64.57 66.49
CA TYR A 263 58.94 64.54 67.31
C TYR A 263 57.73 64.20 66.45
N VAL A 264 56.77 63.49 67.05
CA VAL A 264 55.58 63.03 66.34
C VAL A 264 54.37 63.25 67.25
N GLY A 265 53.41 64.03 66.77
CA GLY A 265 52.19 64.31 67.49
C GLY A 265 50.95 63.79 66.78
N TYR A 266 49.80 64.12 67.34
CA TYR A 266 48.52 63.72 66.79
C TYR A 266 47.53 64.87 66.92
N LEU A 267 46.85 65.19 65.82
CA LEU A 267 45.88 66.26 65.83
C LEU A 267 44.55 65.79 66.41
N GLN A 268 43.79 66.73 66.95
CA GLN A 268 42.49 66.46 67.55
C GLN A 268 41.52 67.57 67.17
N PRO A 269 40.25 67.23 66.96
CA PRO A 269 39.25 68.26 66.62
C PRO A 269 39.02 69.19 67.82
N ARG A 270 39.43 70.44 67.66
CA ARG A 270 39.32 71.44 68.72
C ARG A 270 38.85 72.76 68.12
N THR A 271 38.60 73.73 69.00
CA THR A 271 38.17 75.06 68.61
C THR A 271 39.26 76.05 69.01
N PHE A 272 39.90 76.65 68.01
CA PHE A 272 40.97 77.62 68.23
C PHE A 272 40.52 79.02 67.82
N LEU A 273 41.09 80.02 68.49
CA LEU A 273 40.84 81.42 68.20
C LEU A 273 42.13 82.04 67.68
N LEU A 274 42.13 82.44 66.42
CA LEU A 274 43.32 82.96 65.76
C LEU A 274 43.26 84.47 65.69
N LYS A 275 44.37 85.11 66.05
CA LYS A 275 44.52 86.57 65.97
C LYS A 275 45.39 86.91 64.77
N TYR A 276 44.82 87.61 63.81
CA TYR A 276 45.56 88.00 62.61
C TYR A 276 46.19 89.37 62.80
N ASN A 277 47.41 89.51 62.29
CA ASN A 277 48.16 90.75 62.39
C ASN A 277 47.76 91.70 61.26
N GLU A 278 48.31 92.91 61.29
CA GLU A 278 48.00 93.89 60.25
C GLU A 278 48.58 93.46 58.90
N ASN A 279 49.64 92.67 58.90
CA ASN A 279 50.20 92.16 57.66
C ASN A 279 49.45 90.94 57.13
N GLY A 280 48.72 90.24 57.99
CA GLY A 280 47.96 89.07 57.59
C GLY A 280 48.44 87.75 58.15
N THR A 281 49.32 87.76 59.15
CA THR A 281 49.86 86.56 59.75
C THR A 281 49.21 86.31 61.11
N ILE A 282 49.26 85.06 61.55
CA ILE A 282 48.70 84.66 62.84
C ILE A 282 49.73 84.91 63.92
N THR A 283 49.36 85.72 64.91
CA THR A 283 50.28 86.04 66.00
C THR A 283 50.28 84.96 67.07
N ASP A 284 49.10 84.49 67.47
CA ASP A 284 48.98 83.47 68.49
C ASP A 284 47.62 82.79 68.37
N ALA A 285 47.43 81.75 69.17
CA ALA A 285 46.19 80.98 69.16
C ALA A 285 45.80 80.63 70.59
N VAL A 286 44.53 80.27 70.77
CA VAL A 286 43.98 79.93 72.08
C VAL A 286 43.09 78.70 71.92
N ASP A 287 43.33 77.68 72.75
CA ASP A 287 42.55 76.46 72.74
C ASP A 287 41.73 76.37 74.03
N CYS A 288 40.43 76.17 73.88
CA CYS A 288 39.53 76.19 75.04
C CYS A 288 39.74 74.98 75.94
N ALA A 289 40.21 73.86 75.39
CA ALA A 289 40.36 72.64 76.17
C ALA A 289 41.48 72.73 77.20
N LEU A 290 42.35 73.73 77.09
CA LEU A 290 43.46 73.87 78.04
C LEU A 290 42.95 74.13 79.44
N ASP A 291 42.24 75.25 79.65
CA ASP A 291 41.76 75.64 80.95
C ASP A 291 40.47 76.43 80.78
N PRO A 292 39.64 76.52 81.82
CA PRO A 292 38.42 77.34 81.73
C PRO A 292 38.70 78.81 81.42
N LEU A 293 39.91 79.29 81.67
CA LEU A 293 40.25 80.67 81.30
C LEU A 293 40.19 80.86 79.80
N SER A 294 40.66 79.88 79.03
CA SER A 294 40.60 79.97 77.58
C SER A 294 39.19 79.77 77.06
N GLU A 295 38.35 79.03 77.80
CA GLU A 295 36.97 78.84 77.38
C GLU A 295 36.20 80.16 77.41
N THR A 296 36.55 81.06 78.32
CA THR A 296 35.94 82.38 78.33
C THR A 296 36.31 83.17 77.08
N LYS A 297 37.57 83.09 76.65
CA LYS A 297 37.99 83.72 75.41
C LYS A 297 37.44 83.00 74.18
N CYS A 298 36.97 81.76 74.34
CA CYS A 298 36.34 81.06 73.23
C CYS A 298 34.87 81.45 73.08
N THR A 299 34.13 81.47 74.18
CA THR A 299 32.72 81.87 74.13
C THR A 299 32.55 83.35 73.84
N LEU A 300 33.55 84.17 74.17
CA LEU A 300 33.53 85.60 73.86
C LEU A 300 34.82 85.93 73.13
N LYS A 301 34.70 86.35 71.87
CA LYS A 301 35.86 86.57 71.01
C LYS A 301 36.68 87.73 71.55
N SER A 302 37.79 87.40 72.21
CA SER A 302 38.68 88.40 72.80
C SER A 302 39.93 87.66 73.30
N PHE A 303 40.99 88.42 73.52
CA PHE A 303 42.23 87.89 74.08
C PHE A 303 42.58 88.51 75.42
N THR A 304 41.80 89.48 75.90
CA THR A 304 42.01 90.09 77.21
C THR A 304 40.62 90.30 77.83
N VAL A 305 40.17 89.32 78.61
CA VAL A 305 38.84 89.41 79.19
C VAL A 305 38.84 90.41 80.35
N GLU A 306 37.65 90.94 80.64
CA GLU A 306 37.49 91.89 81.72
C GLU A 306 37.22 91.17 83.04
N LYS A 307 37.33 91.91 84.13
CA LYS A 307 37.13 91.35 85.46
C LYS A 307 35.64 91.09 85.69
N GLY A 308 35.30 89.86 86.03
CA GLY A 308 33.92 89.50 86.27
C GLY A 308 33.70 88.01 86.11
N ILE A 309 32.42 87.64 86.10
CA ILE A 309 31.99 86.25 85.94
C ILE A 309 31.29 86.12 84.60
N TYR A 310 31.59 85.04 83.88
CA TYR A 310 31.03 84.80 82.55
C TYR A 310 30.61 83.34 82.42
N GLN A 311 29.51 83.12 81.72
CA GLN A 311 29.03 81.76 81.47
C GLN A 311 29.72 81.19 80.24
N THR A 312 30.19 79.94 80.35
CA THR A 312 30.93 79.30 79.29
C THR A 312 30.19 78.12 78.68
N SER A 313 29.77 77.15 79.50
CA SER A 313 29.10 75.96 78.98
C SER A 313 28.12 75.47 80.05
N ASN A 314 27.65 74.24 79.89
CA ASN A 314 26.68 73.64 80.80
C ASN A 314 27.24 72.33 81.33
N PHE A 315 27.24 72.17 82.65
CA PHE A 315 27.73 70.95 83.27
C PHE A 315 26.78 69.80 83.02
N ARG A 316 27.33 68.62 82.72
CA ARG A 316 26.52 67.43 82.46
C ARG A 316 27.40 66.20 82.57
N VAL A 317 26.88 65.15 83.21
CA VAL A 317 27.56 63.87 83.32
C VAL A 317 26.78 62.83 82.55
N GLN A 318 27.48 62.02 81.76
CA GLN A 318 26.81 60.99 80.98
C GLN A 318 26.74 59.69 81.77
N PRO A 319 25.61 58.98 81.68
CA PRO A 319 25.48 57.71 82.40
C PRO A 319 26.43 56.65 81.85
N THR A 320 26.59 55.58 82.63
CA THR A 320 27.50 54.50 82.27
C THR A 320 26.87 53.13 82.54
N GLU A 321 25.54 53.06 82.52
CA GLU A 321 24.85 51.79 82.75
C GLU A 321 23.46 51.88 82.11
N SER A 322 22.80 50.73 82.03
CA SER A 322 21.48 50.63 81.43
C SER A 322 20.65 49.65 82.23
N ILE A 323 19.54 50.12 82.80
CA ILE A 323 18.65 49.30 83.61
C ILE A 323 17.48 48.87 82.73
N VAL A 324 17.34 47.55 82.54
CA VAL A 324 16.28 47.00 81.69
C VAL A 324 15.42 46.05 82.51
N ARG A 325 15.25 46.36 83.80
CA ARG A 325 14.45 45.52 84.68
C ARG A 325 13.03 45.39 84.17
N PHE A 326 12.61 44.16 83.92
CA PHE A 326 11.28 43.82 83.43
C PHE A 326 10.47 43.15 84.52
N PRO A 327 9.14 43.08 84.37
CA PRO A 327 8.31 42.44 85.40
C PRO A 327 8.71 40.99 85.65
N ASN A 328 8.34 40.50 86.82
CA ASN A 328 8.76 39.18 87.27
C ASN A 328 8.04 38.09 86.47
N ILE A 329 8.35 36.84 86.81
CA ILE A 329 7.75 35.70 86.11
C ILE A 329 6.24 35.66 86.37
N THR A 330 5.54 34.97 85.50
CA THR A 330 4.08 34.87 85.57
C THR A 330 3.68 33.49 85.07
N ASN A 331 2.39 33.32 84.75
CA ASN A 331 1.87 32.05 84.28
C ASN A 331 2.65 31.53 83.07
N LEU A 332 3.30 30.39 83.22
CA LEU A 332 4.11 29.81 82.16
C LEU A 332 3.24 29.09 81.15
N CYS A 333 3.88 28.47 80.15
CA CYS A 333 3.21 27.70 79.12
C CYS A 333 3.16 26.22 79.52
N PRO A 334 2.10 25.50 79.12
CA PRO A 334 2.01 24.08 79.47
C PRO A 334 2.81 23.19 78.54
N PHE A 335 3.74 23.79 77.78
CA PHE A 335 4.57 23.01 76.88
C PHE A 335 5.39 21.97 77.61
N ASP A 336 5.72 22.22 78.89
CA ASP A 336 6.45 21.23 79.67
C ASP A 336 5.64 19.95 79.85
N GLU A 337 4.32 20.08 80.01
CA GLU A 337 3.44 18.92 80.14
C GLU A 337 3.00 18.37 78.78
N VAL A 338 2.99 19.20 77.74
CA VAL A 338 2.60 18.74 76.41
C VAL A 338 3.65 17.81 75.82
N PHE A 339 4.92 18.19 75.89
CA PHE A 339 6.02 17.39 75.35
C PHE A 339 6.44 16.25 76.29
N ASN A 340 5.65 15.93 77.31
CA ASN A 340 5.98 14.87 78.25
C ASN A 340 4.70 14.10 78.55
N ALA A 341 4.49 12.99 77.83
CA ALA A 341 3.32 12.15 78.02
C ALA A 341 3.61 10.78 77.40
N THR A 342 2.60 9.92 77.39
CA THR A 342 2.70 8.58 76.80
C THR A 342 1.88 8.45 75.53
N ARG A 343 0.60 8.76 75.58
CA ARG A 343 -0.28 8.77 74.42
C ARG A 343 -0.52 10.23 74.03
N PHE A 344 0.04 10.63 72.89
CA PHE A 344 0.00 12.03 72.49
C PHE A 344 -1.23 12.34 71.65
N ALA A 345 -1.34 11.71 70.48
CA ALA A 345 -2.44 11.97 69.56
C ALA A 345 -2.39 11.02 68.37
N SER A 346 -3.36 11.15 67.47
CA SER A 346 -3.40 10.40 66.22
C SER A 346 -3.56 11.37 65.07
N VAL A 347 -3.36 10.85 63.84
CA VAL A 347 -3.43 11.72 62.67
C VAL A 347 -4.88 12.04 62.27
N TYR A 348 -5.84 11.22 62.68
CA TYR A 348 -7.24 11.51 62.36
C TYR A 348 -7.91 12.36 63.43
N ALA A 349 -7.46 12.26 64.68
CA ALA A 349 -7.98 13.07 65.79
C ALA A 349 -6.77 13.69 66.50
N TRP A 350 -6.33 14.84 66.00
CA TRP A 350 -5.19 15.54 66.55
C TRP A 350 -5.65 16.70 67.41
N ASN A 351 -4.90 16.97 68.49
CA ASN A 351 -5.26 18.02 69.41
C ASN A 351 -5.14 19.40 68.75
N ARG A 352 -5.92 20.35 69.28
CA ARG A 352 -5.93 21.73 68.81
C ARG A 352 -5.83 22.68 70.00
N LYS A 353 -4.89 22.40 70.89
CA LYS A 353 -4.72 23.19 72.10
C LYS A 353 -4.33 24.62 71.75
N ARG A 354 -5.20 25.56 72.11
CA ARG A 354 -4.95 26.99 71.89
C ARG A 354 -4.25 27.53 73.13
N ILE A 355 -2.93 27.77 73.00
CA ILE A 355 -2.10 28.20 74.12
C ILE A 355 -1.83 29.69 73.99
N SER A 356 -1.98 30.41 75.11
CA SER A 356 -1.74 31.85 75.15
C SER A 356 -1.48 32.25 76.60
N ASN A 357 -1.19 33.53 76.79
CA ASN A 357 -0.94 34.11 78.11
C ASN A 357 0.22 33.41 78.81
N CYS A 358 1.39 33.48 78.19
CA CYS A 358 2.59 32.87 78.74
C CYS A 358 3.81 33.53 78.13
N VAL A 359 4.96 33.27 78.73
CA VAL A 359 6.24 33.77 78.23
C VAL A 359 6.88 32.61 77.46
N ALA A 360 6.62 32.57 76.15
CA ALA A 360 7.11 31.50 75.30
C ALA A 360 8.61 31.65 75.11
N ASP A 361 9.38 30.87 75.88
CA ASP A 361 10.83 30.89 75.79
C ASP A 361 11.25 29.68 74.95
N TYR A 362 11.38 29.90 73.64
CA TYR A 362 11.72 28.81 72.73
C TYR A 362 13.14 28.29 72.94
N SER A 363 13.99 29.05 73.64
CA SER A 363 15.35 28.57 73.91
C SER A 363 15.34 27.38 74.87
N VAL A 364 14.31 27.27 75.72
CA VAL A 364 14.22 26.15 76.64
C VAL A 364 13.89 24.86 75.89
N LEU A 365 13.17 24.98 74.77
CA LEU A 365 12.77 23.80 73.99
C LEU A 365 13.97 23.06 73.39
N TYR A 366 15.15 23.68 73.35
CA TYR A 366 16.34 23.02 72.85
C TYR A 366 17.00 22.10 73.87
N ASN A 367 16.43 21.98 75.07
CA ASN A 367 17.00 21.12 76.09
C ASN A 367 15.95 20.30 76.84
N LEU A 368 14.69 20.33 76.40
CA LEU A 368 13.65 19.55 77.08
C LEU A 368 13.77 18.07 76.74
N ALA A 369 13.68 17.73 75.46
CA ALA A 369 13.78 16.35 74.99
C ALA A 369 14.72 16.28 73.80
N PRO A 370 15.36 15.13 73.59
CA PRO A 370 16.26 15.00 72.43
C PRO A 370 15.52 14.99 71.12
N PHE A 371 15.08 16.15 70.67
CA PHE A 371 14.38 16.26 69.40
C PHE A 371 15.29 15.90 68.23
N PHE A 372 14.67 15.48 67.13
CA PHE A 372 15.39 15.12 65.92
C PHE A 372 15.07 16.03 64.75
N THR A 373 14.23 17.04 64.94
CA THR A 373 13.86 17.97 63.88
C THR A 373 13.45 19.29 64.51
N PHE A 374 14.09 20.38 64.08
CA PHE A 374 13.78 21.71 64.58
C PHE A 374 13.75 22.72 63.43
N LYS A 375 13.09 22.34 62.33
CA LYS A 375 12.97 23.21 61.17
C LYS A 375 11.81 24.18 61.38
N CYS A 376 12.08 25.47 61.28
CA CYS A 376 11.06 26.51 61.39
C CYS A 376 11.01 27.27 60.07
N TYR A 377 9.83 27.28 59.43
CA TYR A 377 9.70 27.86 58.10
C TYR A 377 9.59 29.37 58.16
N GLY A 378 8.85 29.92 59.12
CA GLY A 378 8.57 31.33 59.14
C GLY A 378 9.76 32.23 59.44
N VAL A 379 10.26 32.16 60.67
CA VAL A 379 11.35 33.01 61.13
C VAL A 379 12.41 32.15 61.81
N SER A 380 13.46 32.81 62.31
CA SER A 380 14.58 32.24 63.02
C SER A 380 14.26 32.12 64.51
N PRO A 381 14.75 31.07 65.17
CA PRO A 381 14.48 30.92 66.61
C PRO A 381 15.07 32.03 67.45
N THR A 382 16.15 32.66 67.00
CA THR A 382 16.72 33.77 67.75
C THR A 382 15.80 34.98 67.73
N LYS A 383 15.24 35.31 66.57
CA LYS A 383 14.30 36.43 66.45
C LYS A 383 12.89 36.05 66.86
N LEU A 384 12.60 34.77 67.07
CA LEU A 384 11.26 34.36 67.47
C LEU A 384 10.94 34.77 68.90
N ASN A 385 11.97 34.87 69.75
CA ASN A 385 11.77 35.26 71.14
C ASN A 385 11.53 36.75 71.32
N ASP A 386 11.55 37.53 70.23
CA ASP A 386 11.33 38.97 70.31
C ASP A 386 10.13 39.40 69.47
N LEU A 387 9.22 38.48 69.17
CA LEU A 387 8.03 38.78 68.37
C LEU A 387 6.80 38.30 69.14
N CYS A 388 5.86 39.21 69.34
CA CYS A 388 4.64 38.87 70.06
C CYS A 388 3.66 38.13 69.16
N PHE A 389 2.79 37.32 69.78
CA PHE A 389 1.78 36.57 69.06
C PHE A 389 0.50 36.53 69.88
N THR A 390 -0.61 36.28 69.20
CA THR A 390 -1.90 36.24 69.87
C THR A 390 -2.15 34.87 70.50
N ASN A 391 -2.09 33.81 69.70
CA ASN A 391 -2.31 32.46 70.20
C ASN A 391 -1.65 31.47 69.25
N VAL A 392 -1.09 30.41 69.81
CA VAL A 392 -0.41 29.37 69.03
C VAL A 392 -1.28 28.12 69.03
N TYR A 393 -1.46 27.52 67.86
CA TYR A 393 -2.26 26.31 67.70
C TYR A 393 -1.32 25.11 67.72
N ALA A 394 -1.38 24.33 68.79
CA ALA A 394 -0.55 23.14 68.94
C ALA A 394 -1.28 21.94 68.35
N ASP A 395 -0.70 21.36 67.30
CA ASP A 395 -1.28 20.19 66.62
C ASP A 395 -0.23 19.08 66.61
N SER A 396 -0.51 17.99 67.32
CA SER A 396 0.41 16.87 67.44
C SER A 396 -0.19 15.63 66.80
N PHE A 397 0.69 14.77 66.29
CA PHE A 397 0.28 13.51 65.68
C PHE A 397 1.50 12.59 65.64
N VAL A 398 1.26 11.33 65.26
CA VAL A 398 2.28 10.31 65.22
C VAL A 398 2.28 9.68 63.83
N ILE A 399 3.43 9.72 63.16
CA ILE A 399 3.60 9.14 61.83
C ILE A 399 4.88 8.33 61.82
N ARG A 400 5.13 7.67 60.68
CA ARG A 400 6.34 6.86 60.52
C ARG A 400 7.53 7.76 60.20
N GLY A 401 8.71 7.15 60.10
CA GLY A 401 9.89 7.91 59.77
C GLY A 401 9.95 8.35 58.32
N ASP A 402 9.40 7.54 57.42
CA ASP A 402 9.35 7.89 56.01
C ASP A 402 8.25 8.88 55.66
N GLU A 403 7.41 9.25 56.63
CA GLU A 403 6.34 10.20 56.41
C GLU A 403 6.62 11.58 56.98
N VAL A 404 7.74 11.77 57.68
CA VAL A 404 8.09 13.08 58.21
C VAL A 404 8.36 14.06 57.09
N ARG A 405 8.92 13.59 55.97
CA ARG A 405 9.19 14.46 54.83
C ARG A 405 7.91 14.96 54.17
N GLN A 406 6.79 14.25 54.36
CA GLN A 406 5.53 14.67 53.75
C GLN A 406 4.91 15.87 54.45
N ILE A 407 5.35 16.18 55.66
CA ILE A 407 4.83 17.33 56.41
C ILE A 407 5.59 18.55 55.91
N ALA A 408 4.98 19.28 54.98
CA ALA A 408 5.59 20.45 54.37
C ALA A 408 4.49 21.41 53.97
N PRO A 409 4.80 22.71 53.85
CA PRO A 409 3.77 23.67 53.42
C PRO A 409 3.39 23.50 51.95
N GLY A 410 2.62 22.45 51.66
CA GLY A 410 2.21 22.16 50.32
C GLY A 410 2.93 20.95 49.74
N GLN A 411 2.26 19.80 49.76
CA GLN A 411 2.82 18.55 49.28
C GLN A 411 1.72 17.50 49.25
N THR A 412 1.85 16.55 48.33
CA THR A 412 0.90 15.46 48.19
C THR A 412 1.45 14.18 48.80
N GLY A 413 0.55 13.25 49.09
CA GLY A 413 0.94 11.99 49.68
C GLY A 413 -0.24 11.34 50.37
N ASN A 414 0.03 10.14 50.90
CA ASN A 414 -1.00 9.40 51.61
C ASN A 414 -1.38 10.04 52.93
N ILE A 415 -0.51 10.87 53.49
CA ILE A 415 -0.80 11.54 54.76
C ILE A 415 -0.86 13.06 54.63
N ALA A 416 -0.16 13.65 53.66
CA ALA A 416 -0.11 15.11 53.58
C ALA A 416 -1.44 15.71 53.14
N ASP A 417 -2.24 14.98 52.37
CA ASP A 417 -3.51 15.49 51.89
C ASP A 417 -4.70 14.65 52.35
N TYR A 418 -4.49 13.70 53.26
CA TYR A 418 -5.58 12.87 53.77
C TYR A 418 -5.79 13.00 55.27
N ASN A 419 -4.81 13.45 56.03
CA ASN A 419 -4.95 13.56 57.48
C ASN A 419 -4.64 14.96 58.01
N TYR A 420 -3.65 15.64 57.43
CA TYR A 420 -3.28 16.97 57.90
C TYR A 420 -2.51 17.67 56.78
N LYS A 421 -3.00 18.83 56.35
CA LYS A 421 -2.38 19.59 55.27
C LYS A 421 -2.03 20.98 55.77
N LEU A 422 -0.85 21.47 55.35
CA LEU A 422 -0.38 22.79 55.72
C LEU A 422 -0.28 23.68 54.49
N PRO A 423 -0.98 24.82 54.46
CA PRO A 423 -0.88 25.72 53.30
C PRO A 423 0.49 26.38 53.21
N ASP A 424 0.68 27.23 52.20
CA ASP A 424 1.96 27.92 52.01
C ASP A 424 2.01 29.22 52.82
N ASP A 425 1.71 29.12 54.13
CA ASP A 425 1.81 30.28 55.00
C ASP A 425 2.23 29.91 56.42
N PHE A 426 2.69 28.68 56.64
CA PHE A 426 3.03 28.22 57.99
C PHE A 426 4.27 28.95 58.49
N THR A 427 4.12 29.69 59.58
CA THR A 427 5.19 30.48 60.15
C THR A 427 5.76 29.88 61.43
N GLY A 428 5.36 28.67 61.79
CA GLY A 428 5.83 28.01 63.00
C GLY A 428 7.01 27.11 62.74
N CYS A 429 7.01 25.96 63.40
CA CYS A 429 8.07 24.97 63.26
C CYS A 429 7.45 23.59 63.07
N VAL A 430 8.30 22.62 62.74
CA VAL A 430 7.86 21.26 62.45
C VAL A 430 8.55 20.32 63.44
N ILE A 431 8.77 20.81 64.67
CA ILE A 431 9.47 20.07 65.71
C ILE A 431 8.91 18.65 65.83
N ALA A 432 9.80 17.67 65.83
CA ALA A 432 9.41 16.27 65.92
C ALA A 432 10.56 15.48 66.52
N TRP A 433 10.23 14.28 67.02
CA TRP A 433 11.23 13.41 67.62
C TRP A 433 10.72 11.98 67.60
N ASN A 434 11.66 11.04 67.62
CA ASN A 434 11.31 9.62 67.65
C ASN A 434 10.83 9.22 69.03
N SER A 435 9.79 8.40 69.08
CA SER A 435 9.20 7.93 70.33
C SER A 435 9.17 6.40 70.37
N ASN A 436 10.25 5.76 69.91
CA ASN A 436 10.34 4.30 69.92
C ASN A 436 11.01 3.80 71.21
N LYS A 437 10.49 4.26 72.35
CA LYS A 437 11.01 3.83 73.65
C LYS A 437 9.87 3.42 74.57
N LEU A 438 8.69 3.99 74.35
CA LEU A 438 7.53 3.69 75.19
C LEU A 438 6.24 3.46 74.40
N ASP A 439 6.25 3.66 73.09
CA ASP A 439 5.07 3.47 72.25
C ASP A 439 5.21 2.29 71.32
N SER A 440 5.94 1.25 71.74
CA SER A 440 6.15 0.08 70.90
C SER A 440 6.41 -1.12 71.81
N LYS A 441 5.42 -2.02 71.89
CA LYS A 441 5.55 -3.26 72.63
C LYS A 441 5.06 -4.40 71.75
N VAL A 442 5.50 -5.61 72.07
CA VAL A 442 5.13 -6.80 71.26
C VAL A 442 3.84 -7.34 71.87
N SER A 443 2.73 -6.73 71.47
CA SER A 443 1.41 -7.23 71.84
C SER A 443 0.35 -6.99 70.78
N GLY A 444 0.70 -6.40 69.63
CA GLY A 444 -0.29 -6.05 68.63
C GLY A 444 -0.67 -4.58 68.71
N ASN A 445 -0.19 -3.78 67.76
CA ASN A 445 -0.40 -2.33 67.78
C ASN A 445 -1.60 -1.98 66.90
N TYR A 446 -2.76 -2.47 67.30
CA TYR A 446 -4.02 -2.17 66.63
C TYR A 446 -4.75 -1.04 67.35
N ASN A 447 -4.11 0.10 67.43
CA ASN A 447 -4.66 1.27 68.10
C ASN A 447 -4.67 2.52 67.22
N TYR A 448 -3.66 2.69 66.36
CA TYR A 448 -3.57 3.86 65.52
C TYR A 448 -4.24 3.60 64.17
N LEU A 449 -4.18 4.59 63.29
CA LEU A 449 -4.74 4.50 61.94
C LEU A 449 -4.23 5.71 61.16
N TYR A 450 -4.41 5.66 59.84
CA TYR A 450 -3.99 6.77 58.99
C TYR A 450 -4.99 7.10 57.88
N ARG A 451 -6.17 6.47 57.87
CA ARG A 451 -7.24 6.78 56.92
C ARG A 451 -6.75 6.61 55.47
N LEU A 452 -6.44 5.35 55.15
CA LEU A 452 -5.95 5.04 53.81
C LEU A 452 -6.96 5.37 52.73
N PHE A 453 -8.25 5.22 53.02
CA PHE A 453 -9.30 5.48 52.05
C PHE A 453 -9.89 6.87 52.24
N ARG A 454 -10.15 7.55 51.13
CA ARG A 454 -10.73 8.88 51.17
C ARG A 454 -11.33 9.18 49.79
N LYS A 455 -12.19 10.20 49.76
CA LYS A 455 -12.84 10.61 48.52
C LYS A 455 -12.05 11.70 47.79
N SER A 456 -11.53 12.67 48.52
CA SER A 456 -10.76 13.77 47.93
C SER A 456 -9.89 14.39 49.01
N ASN A 457 -9.08 15.36 48.60
CA ASN A 457 -8.20 16.05 49.52
C ASN A 457 -9.01 16.91 50.48
N LEU A 458 -8.67 16.82 51.76
CA LEU A 458 -9.36 17.60 52.79
C LEU A 458 -8.84 19.04 52.81
N LYS A 459 -9.63 19.91 53.41
CA LYS A 459 -9.20 21.29 53.60
C LYS A 459 -8.00 21.33 54.54
N PRO A 460 -6.98 22.14 54.25
CA PRO A 460 -5.84 22.22 55.16
C PRO A 460 -6.25 22.75 56.53
N PHE A 461 -5.60 22.21 57.57
CA PHE A 461 -5.91 22.53 58.97
C PHE A 461 -7.36 22.21 59.29
N GLU A 462 -7.71 20.94 59.08
CA GLU A 462 -9.06 20.44 59.35
C GLU A 462 -8.96 19.04 59.94
N ARG A 463 -9.84 18.76 60.90
CA ARG A 463 -9.88 17.46 61.57
C ARG A 463 -11.22 16.81 61.30
N ASP A 464 -11.20 15.68 60.61
CA ASP A 464 -12.41 14.94 60.23
C ASP A 464 -12.48 13.69 61.11
N ILE A 465 -13.24 13.79 62.19
CA ILE A 465 -13.43 12.67 63.12
C ILE A 465 -14.66 11.91 62.64
N SER A 466 -14.44 10.95 61.76
CA SER A 466 -15.52 10.15 61.19
C SER A 466 -15.15 8.68 61.25
N THR A 467 -16.18 7.83 61.28
CA THR A 467 -15.97 6.39 61.33
C THR A 467 -16.91 5.62 60.41
N GLU A 468 -17.59 6.30 59.48
CA GLU A 468 -18.51 5.61 58.58
C GLU A 468 -17.75 4.74 57.59
N ILE A 469 -18.44 3.72 57.07
CA ILE A 469 -17.83 2.81 56.12
C ILE A 469 -17.64 3.53 54.78
N TYR A 470 -16.46 3.36 54.19
CA TYR A 470 -16.16 4.00 52.91
C TYR A 470 -17.06 3.44 51.82
N GLN A 471 -17.82 4.32 51.17
CA GLN A 471 -18.73 3.95 50.09
C GLN A 471 -18.09 4.32 48.76
N ALA A 472 -17.74 3.31 47.96
CA ALA A 472 -17.11 3.54 46.67
C ALA A 472 -18.13 3.64 45.55
N GLY A 473 -19.14 4.49 45.75
CA GLY A 473 -20.13 4.79 44.73
C GLY A 473 -20.95 3.62 44.21
N ASN A 474 -21.87 3.93 43.29
CA ASN A 474 -22.67 2.96 42.54
C ASN A 474 -23.31 1.89 43.43
N LYS A 475 -23.50 2.18 44.72
CA LYS A 475 -24.20 1.27 45.63
C LYS A 475 -24.51 1.97 46.94
N PRO A 476 -25.75 1.87 47.44
CA PRO A 476 -26.08 2.41 48.76
C PRO A 476 -25.63 1.46 49.86
N CYS A 477 -24.58 1.85 50.58
CA CYS A 477 -24.01 1.04 51.65
C CYS A 477 -24.57 1.53 52.99
N ASN A 478 -25.62 0.85 53.46
CA ASN A 478 -26.18 1.10 54.79
C ASN A 478 -25.41 0.38 55.89
N GLY A 479 -24.19 -0.08 55.58
CA GLY A 479 -23.37 -0.83 56.50
C GLY A 479 -23.19 -2.26 56.05
N VAL A 480 -22.06 -2.53 55.38
CA VAL A 480 -21.74 -3.86 54.87
C VAL A 480 -20.25 -3.87 54.61
N ALA A 481 -19.63 -5.05 54.66
CA ALA A 481 -18.21 -5.22 54.38
C ALA A 481 -18.03 -6.36 53.38
N GLY A 482 -18.21 -6.05 52.11
CA GLY A 482 -17.76 -6.96 51.06
C GLY A 482 -17.88 -6.41 49.65
N PHE A 483 -16.76 -6.42 48.93
CA PHE A 483 -16.70 -6.25 47.48
C PHE A 483 -17.13 -4.86 47.01
N ASN A 484 -17.68 -4.04 47.91
CA ASN A 484 -18.06 -2.67 47.54
C ASN A 484 -17.74 -1.62 48.59
N CYS A 485 -17.64 -1.98 49.87
CA CYS A 485 -17.49 -1.00 50.94
C CYS A 485 -16.66 -1.64 52.04
N TYR A 486 -15.52 -1.02 52.35
CA TYR A 486 -14.56 -1.58 53.30
C TYR A 486 -14.28 -0.54 54.38
N PHE A 487 -13.50 -0.94 55.37
CA PHE A 487 -13.12 -0.05 56.46
C PHE A 487 -12.13 0.98 55.95
N PRO A 488 -12.46 2.28 55.95
CA PRO A 488 -11.52 3.29 55.46
C PRO A 488 -10.34 3.55 56.40
N LEU A 489 -10.21 2.79 57.48
CA LEU A 489 -9.12 2.98 58.44
C LEU A 489 -8.30 1.71 58.51
N ARG A 490 -6.98 1.87 58.64
CA ARG A 490 -6.05 0.75 58.74
C ARG A 490 -4.97 1.08 59.75
N SER A 491 -4.72 0.15 60.67
CA SER A 491 -3.76 0.38 61.73
C SER A 491 -2.33 0.16 61.25
N TYR A 492 -1.39 0.71 62.01
CA TYR A 492 0.03 0.55 61.71
C TYR A 492 0.53 -0.82 62.18
N SER A 493 1.82 -1.05 62.02
CA SER A 493 2.48 -2.29 62.42
C SER A 493 3.77 -1.98 63.15
N PHE A 494 3.72 -1.03 64.08
CA PHE A 494 4.91 -0.64 64.83
C PHE A 494 5.34 -1.76 65.78
N ARG A 495 6.57 -2.21 65.65
CA ARG A 495 7.13 -3.25 66.49
C ARG A 495 8.50 -2.82 67.00
N PRO A 496 8.86 -3.21 68.22
CA PRO A 496 10.17 -2.81 68.76
C PRO A 496 11.34 -3.36 67.96
N THR A 497 11.25 -4.60 67.48
CA THR A 497 12.34 -5.22 66.74
C THR A 497 12.33 -4.81 65.28
N TYR A 498 12.29 -3.50 65.02
CA TYR A 498 12.31 -2.96 63.66
C TYR A 498 13.46 -1.95 63.56
N GLY A 499 13.53 -1.28 62.40
CA GLY A 499 14.54 -0.27 62.15
C GLY A 499 13.92 1.12 62.00
N VAL A 500 14.80 2.12 61.95
CA VAL A 500 14.35 3.49 61.79
C VAL A 500 13.75 3.67 60.40
N GLY A 501 12.77 4.59 60.31
CA GLY A 501 12.04 4.85 59.09
C GLY A 501 10.59 4.40 59.15
N HIS A 502 10.29 3.39 59.97
CA HIS A 502 8.92 2.92 60.17
C HIS A 502 8.57 2.87 61.65
N GLN A 503 9.14 3.77 62.43
CA GLN A 503 8.93 3.86 63.86
C GLN A 503 7.94 4.98 64.19
N PRO A 504 7.29 4.93 65.36
CA PRO A 504 6.39 6.03 65.73
C PRO A 504 7.14 7.33 66.00
N TYR A 505 6.95 8.32 65.15
CA TYR A 505 7.56 9.63 65.28
C TYR A 505 6.50 10.64 65.68
N ARG A 506 6.64 11.23 66.86
CA ARG A 506 5.70 12.25 67.33
C ARG A 506 6.05 13.59 66.69
N VAL A 507 5.16 14.08 65.84
CA VAL A 507 5.35 15.34 65.13
C VAL A 507 4.33 16.34 65.66
N VAL A 508 4.81 17.51 66.07
CA VAL A 508 3.97 18.56 66.63
C VAL A 508 4.31 19.86 65.93
N VAL A 509 3.29 20.51 65.37
CA VAL A 509 3.47 21.81 64.71
C VAL A 509 2.86 22.89 65.59
N LEU A 510 3.38 24.11 65.43
CA LEU A 510 2.93 25.26 66.21
C LEU A 510 2.50 26.36 65.23
N SER A 511 1.22 26.34 64.87
CA SER A 511 0.71 27.33 63.94
C SER A 511 0.55 28.69 64.61
N PHE A 512 1.03 29.74 63.95
CA PHE A 512 0.94 31.09 64.46
C PHE A 512 -0.10 31.89 63.67
N GLU A 513 -0.68 32.88 64.33
CA GLU A 513 -1.70 33.72 63.71
C GLU A 513 -1.67 35.09 64.35
N LEU A 514 -2.01 36.11 63.56
CA LEU A 514 -2.05 37.50 64.02
C LEU A 514 -3.32 38.13 63.44
N LEU A 515 -4.42 38.04 64.19
CA LEU A 515 -5.68 38.62 63.79
C LEU A 515 -5.81 40.04 64.37
N HIS A 516 -7.00 40.62 64.27
CA HIS A 516 -7.25 41.97 64.78
C HIS A 516 -7.53 41.93 66.29
N ALA A 517 -6.55 41.41 67.02
CA ALA A 517 -6.62 41.29 68.47
C ALA A 517 -5.24 41.52 69.05
N PRO A 518 -5.17 42.10 70.26
CA PRO A 518 -3.86 42.32 70.89
C PRO A 518 -3.14 41.00 71.15
N ALA A 519 -1.82 41.02 70.95
CA ALA A 519 -1.03 39.81 71.13
C ALA A 519 -0.84 39.51 72.61
N THR A 520 -0.89 38.22 72.95
CA THR A 520 -0.74 37.76 74.33
C THR A 520 0.67 37.24 74.62
N VAL A 521 1.12 36.25 73.86
CA VAL A 521 2.43 35.65 74.08
C VAL A 521 3.48 36.41 73.27
N CYS A 522 4.54 36.83 73.95
CA CYS A 522 5.64 37.54 73.31
C CYS A 522 6.96 36.78 73.39
N GLY A 523 7.36 36.36 74.58
CA GLY A 523 8.61 35.64 74.76
C GLY A 523 9.25 35.93 76.10
N PRO A 524 10.47 35.45 76.29
CA PRO A 524 11.17 35.66 77.57
C PRO A 524 11.60 37.11 77.74
N LYS A 525 11.98 37.44 78.97
CA LYS A 525 12.43 38.78 79.29
C LYS A 525 13.78 38.75 80.00
N LYS A 526 14.26 39.91 80.45
CA LYS A 526 15.53 40.00 81.15
C LYS A 526 15.45 41.13 82.17
N SER A 527 16.42 41.13 83.09
CA SER A 527 16.48 42.15 84.13
C SER A 527 17.93 42.31 84.59
N THR A 528 18.21 43.45 85.19
CA THR A 528 19.55 43.77 85.68
C THR A 528 19.45 44.25 87.12
N ASN A 529 20.60 44.62 87.68
CA ASN A 529 20.63 45.13 89.04
C ASN A 529 20.14 46.56 89.10
N LEU A 530 19.62 46.95 90.25
CA LEU A 530 19.06 48.28 90.46
C LEU A 530 19.98 49.07 91.39
N VAL A 531 20.47 50.21 90.91
CA VAL A 531 21.28 51.10 91.71
C VAL A 531 20.40 52.23 92.23
N LYS A 532 20.83 52.87 93.31
CA LYS A 532 20.07 53.92 93.95
C LYS A 532 20.74 55.29 93.81
N ASN A 533 21.95 55.45 94.30
CA ASN A 533 22.66 56.73 94.24
C ASN A 533 23.61 56.75 93.05
N LYS A 534 23.03 56.79 91.86
CA LYS A 534 23.80 56.80 90.63
C LYS A 534 22.89 57.21 89.47
N CYS A 535 23.36 58.16 88.66
CA CYS A 535 22.64 58.57 87.46
C CYS A 535 22.93 57.57 86.35
N VAL A 536 21.90 56.81 85.96
CA VAL A 536 22.01 55.78 84.94
C VAL A 536 20.76 55.84 84.06
N ASN A 537 20.71 54.93 83.08
CA ASN A 537 19.55 54.82 82.20
C ASN A 537 18.62 53.73 82.71
N PHE A 538 17.31 53.94 82.53
CA PHE A 538 16.31 53.00 82.99
C PHE A 538 15.31 52.73 81.87
N ASN A 539 14.79 51.50 81.87
CA ASN A 539 13.84 51.03 80.86
C ASN A 539 12.70 50.27 81.54
N PHE A 540 12.11 50.88 82.57
CA PHE A 540 11.05 50.24 83.34
C PHE A 540 9.78 50.15 82.50
N ASN A 541 9.52 48.96 81.95
CA ASN A 541 8.31 48.69 81.18
C ASN A 541 8.18 49.64 79.99
N GLY A 542 9.25 49.74 79.21
CA GLY A 542 9.27 50.57 78.02
C GLY A 542 9.62 52.02 78.29
N LEU A 543 9.38 52.51 79.50
CA LEU A 543 9.67 53.89 79.86
C LEU A 543 11.18 54.08 79.89
N LYS A 544 11.72 54.71 78.85
CA LYS A 544 13.15 54.94 78.73
C LYS A 544 13.48 56.37 79.12
N GLY A 545 14.51 56.54 79.93
CA GLY A 545 14.92 57.86 80.35
C GLY A 545 16.26 57.84 81.05
N THR A 546 16.69 59.01 81.48
CA THR A 546 17.97 59.18 82.16
C THR A 546 17.74 59.83 83.52
N GLY A 547 18.71 59.65 84.40
CA GLY A 547 18.68 60.27 85.72
C GLY A 547 18.87 59.25 86.83
N VAL A 548 18.98 59.80 88.04
CA VAL A 548 19.17 58.96 89.22
C VAL A 548 17.83 58.33 89.62
N LEU A 549 17.91 57.13 90.20
CA LEU A 549 16.73 56.39 90.65
C LEU A 549 16.85 56.19 92.15
N THR A 550 16.36 57.15 92.92
CA THR A 550 16.41 57.07 94.38
C THR A 550 15.13 56.46 94.93
N GLU A 551 15.15 56.20 96.23
CA GLU A 551 14.00 55.62 96.92
C GLU A 551 13.09 56.73 97.44
N SER A 552 11.79 56.56 97.25
CA SER A 552 10.79 57.53 97.68
C SER A 552 9.95 56.96 98.81
N ASN A 553 9.13 57.83 99.39
CA ASN A 553 8.21 57.48 100.47
C ASN A 553 6.78 57.84 100.10
N LYS A 554 6.37 57.53 98.87
CA LYS A 554 5.05 57.89 98.38
C LYS A 554 4.02 56.89 98.89
N LYS A 555 2.80 56.97 98.33
CA LYS A 555 1.68 56.12 98.71
C LYS A 555 1.04 55.52 97.47
N PHE A 556 1.87 54.93 96.61
CA PHE A 556 1.40 54.33 95.37
C PHE A 556 0.33 53.28 95.63
N LEU A 557 -0.80 53.42 94.96
CA LEU A 557 -1.89 52.46 95.06
C LEU A 557 -1.57 51.20 94.25
N PRO A 558 -2.21 50.08 94.58
CA PRO A 558 -1.92 48.83 93.86
C PRO A 558 -2.16 48.90 92.36
N PHE A 559 -3.04 49.78 91.90
CA PHE A 559 -3.31 49.92 90.47
C PHE A 559 -2.58 51.10 89.83
N GLN A 560 -1.98 51.97 90.63
CA GLN A 560 -1.23 53.12 90.12
C GLN A 560 0.23 52.72 89.98
N GLN A 561 0.65 52.39 88.76
CA GLN A 561 2.01 51.96 88.51
C GLN A 561 2.92 53.12 88.09
N PHE A 562 2.56 53.81 87.02
CA PHE A 562 3.35 54.93 86.53
C PHE A 562 3.06 56.17 87.37
N GLY A 563 3.74 57.27 87.06
CA GLY A 563 3.55 58.51 87.79
C GLY A 563 4.21 59.70 87.15
N ARG A 564 3.47 60.80 87.02
CA ARG A 564 3.97 62.03 86.44
C ARG A 564 4.00 63.13 87.49
N ASP A 565 4.39 64.33 87.07
CA ASP A 565 4.51 65.48 87.94
C ASP A 565 3.56 66.59 87.47
N ILE A 566 3.70 67.78 88.06
CA ILE A 566 2.86 68.91 87.69
C ILE A 566 3.03 69.24 86.21
N ALA A 567 4.26 69.16 85.71
CA ALA A 567 4.57 69.46 84.31
C ALA A 567 4.46 68.23 83.42
N ASP A 568 3.70 67.21 83.85
CA ASP A 568 3.51 65.98 83.10
C ASP A 568 4.85 65.30 82.80
N THR A 569 5.71 65.25 83.81
CA THR A 569 7.03 64.65 83.71
C THR A 569 7.13 63.48 84.69
N THR A 570 7.68 62.36 84.22
CA THR A 570 7.79 61.17 85.04
C THR A 570 8.70 61.43 86.24
N ASP A 571 8.13 61.37 87.43
CA ASP A 571 8.85 61.61 88.68
C ASP A 571 9.05 60.36 89.52
N ALA A 572 8.05 59.46 89.54
CA ALA A 572 8.15 58.23 90.31
C ALA A 572 7.41 57.12 89.57
N VAL A 573 7.84 55.88 89.80
CA VAL A 573 7.27 54.72 89.14
C VAL A 573 7.47 53.51 90.03
N ARG A 574 6.57 52.53 89.90
CA ARG A 574 6.67 51.28 90.64
C ARG A 574 7.64 50.34 89.92
N ASP A 575 8.50 49.69 90.71
CA ASP A 575 9.47 48.76 90.16
C ASP A 575 8.75 47.57 89.54
N PRO A 576 9.08 47.19 88.30
CA PRO A 576 8.46 45.99 87.70
C PRO A 576 8.70 44.72 88.51
N GLN A 577 9.76 44.68 89.31
CA GLN A 577 10.01 43.57 90.23
C GLN A 577 9.13 43.71 91.47
N THR A 578 9.51 43.01 92.54
CA THR A 578 8.79 43.07 93.81
C THR A 578 8.43 44.50 94.19
N LEU A 579 7.27 44.65 94.85
CA LEU A 579 6.71 45.97 95.13
C LEU A 579 7.70 46.86 95.88
N GLU A 580 8.09 47.95 95.25
CA GLU A 580 8.96 48.94 95.86
C GLU A 580 8.76 50.27 95.15
N ILE A 581 8.71 51.34 95.94
CA ILE A 581 8.50 52.69 95.43
C ILE A 581 9.84 53.37 95.24
N LEU A 582 10.01 54.04 94.11
CA LEU A 582 11.24 54.74 93.77
C LEU A 582 10.96 56.20 93.46
N ASP A 583 12.03 56.94 93.18
CA ASP A 583 11.94 58.35 92.83
C ASP A 583 12.89 58.60 91.66
N ILE A 584 12.34 59.06 90.54
CA ILE A 584 13.11 59.31 89.33
C ILE A 584 13.52 60.78 89.33
N THR A 585 14.79 61.04 89.63
CA THR A 585 15.37 62.37 89.57
C THR A 585 16.42 62.43 88.46
N PRO A 586 16.48 63.53 87.71
CA PRO A 586 17.39 63.59 86.56
C PRO A 586 18.86 63.59 86.96
N CYS A 587 19.73 63.59 85.95
CA CYS A 587 21.18 63.54 86.18
C CYS A 587 21.67 64.89 86.71
N SER A 588 22.99 65.01 86.84
CA SER A 588 23.59 66.23 87.35
C SER A 588 23.74 67.26 86.23
N PHE A 589 23.29 68.48 86.49
CA PHE A 589 23.39 69.57 85.53
C PHE A 589 23.33 70.89 86.29
N GLY A 590 23.18 71.99 85.56
CA GLY A 590 23.08 73.30 86.18
C GLY A 590 23.90 74.36 85.49
N GLY A 591 25.02 73.97 84.90
CA GLY A 591 25.88 74.90 84.21
C GLY A 591 27.13 75.23 85.02
N VAL A 592 28.11 75.79 84.32
CA VAL A 592 29.39 76.17 84.92
C VAL A 592 29.57 77.68 84.75
N SER A 593 30.24 78.30 85.72
CA SER A 593 30.52 79.72 85.71
C SER A 593 31.98 79.95 86.07
N VAL A 594 32.70 80.62 85.17
CA VAL A 594 34.12 80.88 85.34
C VAL A 594 34.31 82.31 85.83
N ILE A 595 34.98 82.46 86.97
CA ILE A 595 35.28 83.78 87.54
C ILE A 595 36.72 84.12 87.19
N THR A 596 36.92 85.28 86.56
CA THR A 596 38.24 85.70 86.12
C THR A 596 38.47 87.15 86.49
N PRO A 597 39.56 87.47 87.20
CA PRO A 597 39.88 88.87 87.51
C PRO A 597 40.32 89.69 86.32
N GLY A 598 40.41 89.10 85.13
CA GLY A 598 40.86 89.81 83.94
C GLY A 598 42.22 89.33 83.51
N THR A 599 42.42 89.24 82.19
CA THR A 599 43.69 88.78 81.64
C THR A 599 44.67 89.93 81.52
N ASN A 600 44.94 90.61 82.63
CA ASN A 600 45.88 91.72 82.67
C ASN A 600 46.88 91.66 83.81
N THR A 601 46.58 90.96 84.90
CA THR A 601 47.50 90.88 86.04
C THR A 601 47.68 89.47 86.58
N SER A 602 46.84 88.51 86.20
CA SER A 602 46.96 87.15 86.71
C SER A 602 46.23 86.20 85.76
N ASN A 603 46.61 84.93 85.84
CA ASN A 603 45.99 83.88 85.03
C ASN A 603 45.22 82.87 85.88
N GLN A 604 44.97 83.18 87.15
CA GLN A 604 44.25 82.28 88.04
C GLN A 604 42.76 82.58 87.97
N VAL A 605 41.95 81.53 87.77
CA VAL A 605 40.51 81.66 87.63
C VAL A 605 39.84 80.72 88.63
N ALA A 606 38.52 80.89 88.78
CA ALA A 606 37.72 80.06 89.65
C ALA A 606 36.53 79.52 88.87
N VAL A 607 36.12 78.30 89.21
CA VAL A 607 35.01 77.62 88.56
C VAL A 607 33.86 77.50 89.54
N LEU A 608 32.66 77.86 89.09
CA LEU A 608 31.45 77.81 89.91
C LEU A 608 30.45 76.88 89.25
N TYR A 609 30.22 75.73 89.86
CA TYR A 609 29.25 74.77 89.36
C TYR A 609 27.88 75.08 89.94
N GLN A 610 26.95 75.50 89.09
CA GLN A 610 25.62 75.88 89.53
C GLN A 610 24.77 74.64 89.79
N GLY A 611 24.06 74.64 90.92
CA GLY A 611 23.20 73.53 91.26
C GLY A 611 23.94 72.26 91.64
N VAL A 612 25.08 72.39 92.32
CA VAL A 612 25.89 71.26 92.72
C VAL A 612 26.17 71.38 94.22
N ASN A 613 26.02 70.27 94.94
CA ASN A 613 26.26 70.22 96.38
C ASN A 613 27.69 69.78 96.71
N CYS A 614 28.65 70.06 95.82
CA CYS A 614 30.04 69.66 95.96
C CYS A 614 30.20 68.15 96.12
N THR A 615 29.22 67.37 95.64
CA THR A 615 29.27 65.92 95.72
C THR A 615 29.11 65.26 94.35
N GLU A 616 29.19 66.03 93.27
CA GLU A 616 29.03 65.50 91.93
C GLU A 616 30.21 65.76 91.01
N VAL A 617 30.97 66.83 91.24
CA VAL A 617 32.14 67.18 90.45
C VAL A 617 31.77 67.34 88.97
N ASN A 638 40.15 75.60 96.39
CA ASN A 638 39.59 74.66 97.35
C ASN A 638 38.17 74.27 96.99
N VAL A 639 37.39 73.88 97.98
CA VAL A 639 35.99 73.47 97.79
C VAL A 639 35.12 74.28 98.73
N PHE A 640 34.13 74.97 98.17
CA PHE A 640 33.22 75.81 98.93
C PHE A 640 31.79 75.55 98.45
N GLN A 641 30.90 75.19 99.37
CA GLN A 641 29.51 74.94 99.07
C GLN A 641 28.69 76.16 99.48
N THR A 642 28.05 76.80 98.51
CA THR A 642 27.21 77.97 98.75
C THR A 642 25.80 77.71 98.24
N ARG A 643 24.92 78.69 98.44
CA ARG A 643 23.55 78.56 97.99
C ARG A 643 23.42 78.58 96.48
N ALA A 644 24.42 79.08 95.76
CA ALA A 644 24.39 79.10 94.30
C ALA A 644 24.96 77.83 93.68
N GLY A 645 25.67 77.01 94.46
CA GLY A 645 26.24 75.79 93.94
C GLY A 645 27.52 75.40 94.63
N CYS A 646 28.52 74.97 93.86
CA CYS A 646 29.82 74.59 94.41
C CYS A 646 30.89 75.41 93.72
N LEU A 647 31.69 76.14 94.51
CA LEU A 647 32.76 76.98 93.99
C LEU A 647 34.09 76.28 94.21
N ILE A 648 34.88 76.18 93.15
CA ILE A 648 36.20 75.54 93.19
C ILE A 648 37.22 76.51 92.63
N GLY A 649 38.25 76.82 93.42
CA GLY A 649 39.29 77.72 92.98
C GLY A 649 39.44 78.94 93.85
N ALA A 650 38.71 78.98 94.97
CA ALA A 650 38.74 80.10 95.89
C ALA A 650 38.79 79.55 97.32
N GLU A 651 38.80 80.47 98.28
CA GLU A 651 38.83 80.12 99.69
C GLU A 651 37.94 81.08 100.46
N TYR A 652 37.39 80.60 101.58
CA TYR A 652 36.48 81.38 102.41
C TYR A 652 37.27 82.06 103.50
N VAL A 653 37.33 83.39 103.45
CA VAL A 653 37.97 84.20 104.48
C VAL A 653 36.90 84.84 105.33
N ASN A 654 37.17 84.99 106.63
CA ASN A 654 36.21 85.55 107.58
C ASN A 654 36.25 87.07 107.62
N ASN A 655 36.82 87.72 106.61
CA ASN A 655 36.87 89.17 106.55
C ASN A 655 35.67 89.70 105.77
N SER A 656 35.66 91.01 105.51
CA SER A 656 34.56 91.63 104.78
C SER A 656 35.09 92.84 104.03
N TYR A 657 34.85 92.87 102.72
CA TYR A 657 35.28 93.99 101.87
C TYR A 657 34.14 94.32 100.91
N GLU A 658 34.41 95.27 100.02
CA GLU A 658 33.43 95.64 99.00
C GLU A 658 33.30 94.53 97.97
N CYS A 659 32.08 94.34 97.47
CA CYS A 659 31.82 93.30 96.47
C CYS A 659 32.49 93.66 95.15
N ASP A 660 33.57 92.96 94.82
CA ASP A 660 34.27 93.20 93.57
C ASP A 660 33.70 92.35 92.43
N ILE A 661 33.58 91.04 92.64
CA ILE A 661 32.99 90.16 91.65
C ILE A 661 31.77 89.49 92.29
N PRO A 662 30.55 89.84 91.87
CA PRO A 662 29.36 89.26 92.51
C PRO A 662 29.16 87.80 92.13
N ILE A 663 29.39 86.90 93.09
CA ILE A 663 29.18 85.48 92.84
C ILE A 663 27.69 85.14 92.90
N GLY A 664 27.04 85.49 94.00
CA GLY A 664 25.63 85.24 94.18
C GLY A 664 25.33 84.80 95.61
N ALA A 665 24.07 84.99 96.01
CA ALA A 665 23.60 84.62 97.35
C ALA A 665 24.42 85.32 98.44
N GLY A 666 24.81 86.56 98.19
CA GLY A 666 25.58 87.33 99.14
C GLY A 666 27.07 87.05 99.13
N ILE A 667 27.55 86.18 98.26
CA ILE A 667 28.97 85.83 98.18
C ILE A 667 29.61 86.68 97.08
N CYS A 668 30.80 87.19 97.36
CA CYS A 668 31.55 88.01 96.42
C CYS A 668 33.01 87.56 96.40
N ALA A 669 33.69 87.88 95.31
CA ALA A 669 35.08 87.48 95.12
C ALA A 669 35.92 88.70 94.75
N SER A 670 37.21 88.61 95.06
CA SER A 670 38.15 89.68 94.75
C SER A 670 39.56 89.10 94.75
N TYR A 671 40.37 89.56 93.79
CA TYR A 671 41.76 89.10 93.69
C TYR A 671 42.61 89.95 94.62
N GLN A 672 42.83 89.47 95.83
CA GLN A 672 43.58 90.17 96.85
C GLN A 672 44.78 89.34 97.29
N THR A 673 45.55 89.89 98.22
CA THR A 673 46.74 89.21 98.74
C THR A 673 46.35 88.10 99.71
N SER A 686 51.83 86.18 98.16
CA SER A 686 50.79 85.27 97.69
C SER A 686 49.55 86.05 97.27
N GLN A 687 49.11 85.82 96.03
CA GLN A 687 47.94 86.48 95.47
C GLN A 687 46.96 85.42 94.99
N SER A 688 45.80 85.35 95.63
CA SER A 688 44.78 84.37 95.29
C SER A 688 43.42 85.04 95.29
N ILE A 689 42.43 84.33 94.76
CA ILE A 689 41.06 84.82 94.70
C ILE A 689 40.34 84.38 95.96
N ILE A 690 40.02 85.35 96.81
CA ILE A 690 39.32 85.08 98.06
C ILE A 690 37.82 85.17 97.83
N ALA A 691 37.06 84.34 98.54
CA ALA A 691 35.60 84.32 98.46
C ALA A 691 35.05 84.63 99.85
N TYR A 692 34.48 85.83 99.99
CA TYR A 692 33.98 86.31 101.28
C TYR A 692 32.55 86.80 101.10
N THR A 693 31.98 87.32 102.19
CA THR A 693 30.66 87.91 102.19
C THR A 693 30.79 89.43 102.15
N MET A 694 30.10 90.05 101.19
CA MET A 694 30.19 91.50 101.03
C MET A 694 29.66 92.22 102.25
N SER A 695 30.28 93.36 102.56
CA SER A 695 29.86 94.20 103.67
C SER A 695 29.01 95.34 103.14
N LEU A 696 27.89 95.60 103.81
CA LEU A 696 26.97 96.65 103.37
C LEU A 696 27.49 98.04 103.66
N GLY A 697 28.59 98.18 104.40
CA GLY A 697 29.18 99.46 104.71
C GLY A 697 29.67 99.47 106.14
N ALA A 698 30.07 100.67 106.58
CA ALA A 698 30.57 100.83 107.94
C ALA A 698 29.41 100.74 108.95
N GLU A 699 29.77 100.46 110.20
CA GLU A 699 28.80 100.31 111.28
C GLU A 699 28.97 101.52 112.22
N ASN A 700 28.23 102.59 111.91
CA ASN A 700 28.26 103.80 112.71
C ASN A 700 27.05 103.84 113.63
N SER A 701 27.27 104.36 114.85
CA SER A 701 26.21 104.47 115.85
C SER A 701 26.08 105.93 116.25
N VAL A 702 25.03 106.59 115.76
CA VAL A 702 24.79 107.99 116.09
C VAL A 702 24.10 108.07 117.43
N ALA A 703 24.55 108.99 118.28
CA ALA A 703 23.96 109.16 119.60
C ALA A 703 22.53 109.68 119.48
N TYR A 704 21.71 109.29 120.46
CA TYR A 704 20.30 109.63 120.50
C TYR A 704 19.92 110.15 121.89
N SER A 705 20.71 111.09 122.40
CA SER A 705 20.41 111.69 123.70
C SER A 705 19.10 112.48 123.63
N ASN A 706 18.54 112.75 124.82
CA ASN A 706 17.28 113.48 124.88
C ASN A 706 17.41 114.90 124.37
N ASN A 707 18.55 115.56 124.64
CA ASN A 707 18.80 116.92 124.22
C ASN A 707 20.21 116.99 123.63
N SER A 708 20.32 116.74 122.33
CA SER A 708 21.61 116.77 121.65
C SER A 708 21.36 116.93 120.15
N ILE A 709 22.04 117.89 119.54
CA ILE A 709 21.91 118.15 118.11
C ILE A 709 23.30 118.37 117.54
N ALA A 710 23.50 117.93 116.30
CA ALA A 710 24.77 118.07 115.60
C ALA A 710 24.65 119.21 114.59
N ILE A 711 25.31 120.32 114.86
CA ILE A 711 25.29 121.50 114.00
C ILE A 711 26.61 121.55 113.24
N PRO A 712 26.60 121.59 111.90
CA PRO A 712 27.85 121.65 111.15
C PRO A 712 28.50 123.03 111.26
N THR A 713 29.83 123.01 111.29
CA THR A 713 30.62 124.22 111.40
C THR A 713 31.42 124.54 110.14
N ASN A 714 31.38 123.68 109.13
CA ASN A 714 32.12 123.90 107.90
C ASN A 714 31.28 123.44 106.72
N PHE A 715 31.59 123.97 105.56
CA PHE A 715 30.89 123.66 104.32
C PHE A 715 31.86 123.13 103.28
N THR A 716 31.39 122.19 102.47
CA THR A 716 32.18 121.58 101.41
C THR A 716 31.35 121.58 100.13
N ILE A 717 31.80 122.34 99.14
CA ILE A 717 31.10 122.43 97.85
C ILE A 717 31.64 121.32 96.96
N SER A 718 30.82 120.31 96.70
CA SER A 718 31.19 119.18 95.87
C SER A 718 30.53 119.27 94.51
N VAL A 719 31.20 118.71 93.50
CA VAL A 719 30.72 118.69 92.13
C VAL A 719 30.72 117.23 91.67
N THR A 720 29.54 116.64 91.58
CA THR A 720 29.40 115.26 91.14
C THR A 720 29.20 115.22 89.63
N THR A 721 28.88 114.03 89.10
CA THR A 721 28.66 113.86 87.67
C THR A 721 27.71 112.69 87.46
N GLU A 722 26.87 112.79 86.44
CA GLU A 722 25.92 111.74 86.10
C GLU A 722 25.86 111.59 84.59
N ILE A 723 25.95 110.36 84.12
CA ILE A 723 25.92 110.04 82.69
C ILE A 723 24.55 109.51 82.33
N LEU A 724 23.90 110.15 81.36
CA LEU A 724 22.56 109.76 80.92
C LEU A 724 22.55 109.72 79.40
N PRO A 725 22.22 108.59 78.78
CA PRO A 725 22.15 108.54 77.32
C PRO A 725 20.99 109.37 76.80
N VAL A 726 21.17 109.90 75.59
CA VAL A 726 20.16 110.72 74.94
C VAL A 726 19.48 109.98 73.79
N SER A 727 20.27 109.40 72.89
CA SER A 727 19.72 108.72 71.72
C SER A 727 20.71 107.66 71.25
N MET A 728 20.21 106.80 70.36
CA MET A 728 21.01 105.75 69.75
C MET A 728 21.41 106.18 68.34
N THR A 729 22.05 105.27 67.60
CA THR A 729 22.40 105.50 66.21
C THR A 729 21.23 105.09 65.32
N LYS A 730 20.77 106.02 64.49
CA LYS A 730 19.65 105.73 63.61
C LYS A 730 20.09 104.78 62.50
N THR A 731 19.33 103.69 62.33
CA THR A 731 19.64 102.68 61.34
C THR A 731 18.42 102.42 60.47
N SER A 732 18.67 101.85 59.29
CA SER A 732 17.62 101.49 58.35
C SER A 732 18.11 100.36 57.47
N VAL A 733 17.42 99.23 57.52
CA VAL A 733 17.82 98.03 56.81
C VAL A 733 17.22 98.06 55.41
N ASP A 734 17.83 97.30 54.50
CA ASP A 734 17.35 97.16 53.13
C ASP A 734 16.63 95.82 53.05
N CYS A 735 15.29 95.87 53.04
CA CYS A 735 14.49 94.65 53.03
C CYS A 735 14.58 93.90 51.70
N THR A 736 15.19 94.49 50.67
CA THR A 736 15.40 93.82 49.41
C THR A 736 16.84 93.40 49.16
N MET A 737 17.78 93.88 49.97
CA MET A 737 19.19 93.51 49.86
C MET A 737 19.64 92.53 50.93
N TYR A 738 19.23 92.74 52.19
CA TYR A 738 19.58 91.80 53.25
C TYR A 738 18.92 90.44 53.01
N ILE A 739 17.68 90.44 52.51
CA ILE A 739 16.98 89.19 52.26
C ILE A 739 17.53 88.51 51.02
N CYS A 740 17.77 89.28 49.96
CA CYS A 740 18.27 88.76 48.69
C CYS A 740 19.52 89.52 48.31
N GLY A 741 20.67 88.84 48.32
CA GLY A 741 21.91 89.46 47.91
C GLY A 741 22.38 88.98 46.56
N ASP A 742 22.26 89.83 45.53
CA ASP A 742 22.59 89.48 44.16
C ASP A 742 21.83 88.24 43.71
N SER A 743 20.55 88.17 44.10
CA SER A 743 19.72 86.98 43.93
C SER A 743 18.34 87.39 43.38
N THR A 744 18.35 88.12 42.26
CA THR A 744 17.14 88.70 41.68
C THR A 744 15.92 87.78 41.69
N GLU A 745 16.14 86.47 41.55
CA GLU A 745 15.04 85.52 41.66
C GLU A 745 14.43 85.53 43.06
N CYS A 746 15.29 85.67 44.08
CA CYS A 746 14.79 85.79 45.46
C CYS A 746 13.92 87.03 45.61
N SER A 747 14.35 88.15 45.04
CA SER A 747 13.55 89.37 45.13
C SER A 747 12.25 89.24 44.35
N ASN A 748 12.26 88.47 43.25
CA ASN A 748 11.03 88.26 42.50
C ASN A 748 10.04 87.40 43.27
N LEU A 749 10.52 86.32 43.91
CA LEU A 749 9.64 85.48 44.69
C LEU A 749 9.23 86.12 46.01
N LEU A 750 9.97 87.12 46.48
CA LEU A 750 9.57 87.84 47.70
C LEU A 750 8.24 88.55 47.51
N LEU A 751 7.97 89.06 46.30
CA LEU A 751 6.69 89.73 46.06
C LEU A 751 5.52 88.77 46.21
N GLN A 752 5.69 87.50 45.82
CA GLN A 752 4.66 86.50 46.00
C GLN A 752 4.66 85.88 47.39
N TYR A 753 5.77 85.98 48.12
CA TYR A 753 5.87 85.45 49.47
C TYR A 753 5.16 86.33 50.50
N GLY A 754 4.75 87.53 50.12
CA GLY A 754 4.05 88.42 51.02
C GLY A 754 4.69 89.80 51.06
N SER A 755 3.86 90.79 51.39
CA SER A 755 4.30 92.18 51.46
C SER A 755 4.74 92.54 52.89
N PHE A 756 5.69 91.74 53.39
CA PHE A 756 6.20 91.94 54.75
C PHE A 756 7.29 93.01 54.81
N CYS A 757 7.73 93.53 53.66
CA CYS A 757 8.76 94.56 53.61
C CYS A 757 8.19 95.97 53.70
N THR A 758 7.02 96.14 54.28
CA THR A 758 6.38 97.44 54.41
C THR A 758 6.33 97.96 55.83
N GLN A 759 5.95 97.12 56.80
CA GLN A 759 5.85 97.58 58.18
C GLN A 759 7.21 97.73 58.84
N LEU A 760 8.22 96.98 58.39
CA LEU A 760 9.54 97.04 59.02
C LEU A 760 10.24 98.36 58.73
N LYS A 761 10.23 98.79 57.47
CA LYS A 761 10.84 100.06 57.12
C LYS A 761 10.10 101.23 57.77
N ARG A 762 8.76 101.12 57.86
CA ARG A 762 7.99 102.15 58.52
C ARG A 762 8.29 102.21 60.01
N ALA A 763 8.47 101.05 60.64
CA ALA A 763 8.85 101.03 62.05
C ALA A 763 10.23 101.63 62.26
N LEU A 764 11.16 101.34 61.34
CA LEU A 764 12.50 101.93 61.45
C LEU A 764 12.44 103.45 61.28
N THR A 765 11.63 103.93 60.34
CA THR A 765 11.47 105.37 60.17
C THR A 765 10.85 106.00 61.42
N GLY A 766 9.87 105.32 62.03
CA GLY A 766 9.29 105.82 63.26
C GLY A 766 10.31 105.87 64.39
N ILE A 767 11.17 104.86 64.47
CA ILE A 767 12.24 104.87 65.48
C ILE A 767 13.18 106.03 65.24
N ALA A 768 13.51 106.29 63.97
CA ALA A 768 14.41 107.40 63.66
C ALA A 768 13.77 108.74 64.05
N VAL A 769 12.47 108.91 63.75
CA VAL A 769 11.78 110.13 64.12
C VAL A 769 11.71 110.27 65.63
N GLU A 770 11.52 109.16 66.33
CA GLU A 770 11.51 109.19 67.80
C GLU A 770 12.85 109.62 68.35
N GLN A 771 13.95 109.09 67.79
CA GLN A 771 15.27 109.49 68.25
C GLN A 771 15.55 110.95 67.95
N ASP A 772 15.10 111.43 66.78
CA ASP A 772 15.26 112.85 66.47
C ASP A 772 14.49 113.73 67.45
N LYS A 773 13.26 113.33 67.79
CA LYS A 773 12.48 114.09 68.75
C LYS A 773 13.12 114.06 70.13
N ASN A 774 13.71 112.92 70.50
CA ASN A 774 14.41 112.84 71.79
C ASN A 774 15.62 113.76 71.81
N THR A 775 16.37 113.81 70.70
CA THR A 775 17.49 114.74 70.62
C THR A 775 17.03 116.18 70.64
N GLN A 776 15.84 116.46 70.12
CA GLN A 776 15.33 117.83 70.10
C GLN A 776 14.73 118.25 71.44
N GLU A 777 14.10 117.32 72.16
CA GLU A 777 13.43 117.67 73.41
C GLU A 777 14.37 117.80 74.59
N VAL A 778 15.65 117.44 74.43
CA VAL A 778 16.60 117.50 75.53
C VAL A 778 17.47 118.75 75.41
N PHE A 779 18.11 118.92 74.25
CA PHE A 779 19.02 120.04 74.08
C PHE A 779 18.27 121.30 73.65
N ALA A 780 17.42 121.19 72.63
CA ALA A 780 16.69 122.34 72.10
C ALA A 780 15.50 122.62 73.01
N GLN A 781 15.79 123.32 74.11
CA GLN A 781 14.77 123.71 75.08
C GLN A 781 14.66 125.22 75.24
N VAL A 782 15.50 126.00 74.55
CA VAL A 782 15.47 127.45 74.64
C VAL A 782 15.45 128.03 73.23
N LYS A 783 14.83 129.19 73.09
CA LYS A 783 14.73 129.83 71.78
C LYS A 783 15.96 130.68 71.49
N GLN A 784 16.26 131.64 72.35
CA GLN A 784 17.39 132.53 72.15
C GLN A 784 18.70 131.82 72.47
N ILE A 785 19.71 132.07 71.64
CA ILE A 785 21.03 131.49 71.81
C ILE A 785 21.89 132.55 72.52
N TYR A 786 22.18 132.30 73.79
CA TYR A 786 22.97 133.24 74.58
C TYR A 786 24.46 132.99 74.38
N LYS A 787 25.25 134.04 74.55
CA LYS A 787 26.70 133.98 74.41
C LYS A 787 27.37 134.50 75.66
N THR A 788 28.56 133.97 75.94
CA THR A 788 29.30 134.38 77.13
C THR A 788 29.95 135.74 76.90
N PRO A 789 30.02 136.59 77.93
CA PRO A 789 30.69 137.89 77.78
C PRO A 789 32.18 137.70 77.54
N PRO A 790 32.84 138.70 76.94
CA PRO A 790 34.28 138.58 76.70
C PRO A 790 35.10 138.59 77.99
N ILE A 791 34.64 139.29 79.03
CA ILE A 791 35.33 139.32 80.31
C ILE A 791 35.00 138.04 81.07
N LYS A 792 36.00 137.19 81.27
CA LYS A 792 35.80 135.91 81.95
C LYS A 792 36.12 136.07 83.45
N TYR A 793 35.38 136.97 84.09
CA TYR A 793 35.47 137.22 85.53
C TYR A 793 34.05 137.19 86.08
N PHE A 794 33.58 135.99 86.40
CA PHE A 794 32.22 135.80 86.93
C PHE A 794 32.24 135.72 88.46
N GLY A 795 32.64 136.84 89.06
CA GLY A 795 32.71 136.94 90.51
C GLY A 795 33.98 136.40 91.14
N GLY A 796 34.72 135.54 90.45
CA GLY A 796 35.94 134.98 91.00
C GLY A 796 36.09 133.50 90.73
N PHE A 797 35.11 132.91 90.05
CA PHE A 797 35.13 131.49 89.72
C PHE A 797 35.72 131.30 88.34
N ASN A 798 36.58 130.29 88.19
CA ASN A 798 37.27 130.01 86.93
C ASN A 798 36.48 128.96 86.17
N PHE A 799 35.81 129.38 85.09
CA PHE A 799 35.05 128.47 84.23
C PHE A 799 35.81 128.11 82.96
N SER A 800 37.13 128.04 83.03
CA SER A 800 37.95 127.75 81.85
C SER A 800 37.91 126.29 81.44
N GLN A 801 37.11 125.45 82.10
CA GLN A 801 37.01 124.04 81.76
C GLN A 801 35.65 123.61 81.24
N ILE A 802 34.60 124.37 81.52
CA ILE A 802 33.26 124.03 81.03
C ILE A 802 32.83 124.93 79.87
N LEU A 803 33.34 126.16 79.79
CA LEU A 803 32.98 127.04 78.70
C LEU A 803 33.71 126.62 77.42
N PRO A 804 33.10 126.84 76.26
CA PRO A 804 33.76 126.48 75.00
C PRO A 804 34.98 127.34 74.74
N ASP A 805 36.00 126.72 74.15
CA ASP A 805 37.26 127.41 73.86
C ASP A 805 37.26 127.91 72.43
N PRO A 806 37.58 129.19 72.20
CA PRO A 806 37.60 129.70 70.81
C PRO A 806 38.85 129.30 70.04
N SER A 807 39.92 128.87 70.71
CA SER A 807 41.18 128.54 70.05
C SER A 807 41.19 127.08 69.59
N LYS A 808 40.17 126.68 68.84
CA LYS A 808 40.08 125.32 68.31
C LYS A 808 39.02 125.32 67.21
N PRO A 809 39.15 124.44 66.21
CA PRO A 809 38.16 124.44 65.12
C PRO A 809 36.81 123.86 65.54
N SER A 810 36.78 122.97 66.52
CA SER A 810 35.53 122.35 66.94
C SER A 810 34.75 123.21 67.94
N LYS A 811 35.44 124.05 68.70
CA LYS A 811 34.82 124.95 69.68
C LYS A 811 34.00 124.17 70.70
N ARG A 812 34.70 123.33 71.46
CA ARG A 812 34.08 122.53 72.52
C ARG A 812 34.89 122.68 73.81
N SER A 813 34.23 122.33 74.91
CA SER A 813 34.87 122.41 76.21
C SER A 813 35.96 121.35 76.34
N PRO A 814 37.03 121.62 77.09
CA PRO A 814 38.07 120.61 77.28
C PRO A 814 37.55 119.32 77.88
N ILE A 815 36.58 119.40 78.81
CA ILE A 815 35.95 118.20 79.33
C ILE A 815 35.19 117.48 78.23
N GLU A 816 34.49 118.24 77.38
CA GLU A 816 33.83 117.65 76.22
C GLU A 816 34.83 117.07 75.24
N ASP A 817 36.02 117.68 75.13
CA ASP A 817 37.06 117.13 74.29
C ASP A 817 37.53 115.78 74.81
N LEU A 818 37.73 115.68 76.13
CA LEU A 818 38.12 114.40 76.72
C LEU A 818 37.01 113.37 76.57
N LEU A 819 35.75 113.79 76.65
CA LEU A 819 34.63 112.85 76.50
C LEU A 819 34.55 112.32 75.07
N PHE A 820 34.66 113.21 74.08
CA PHE A 820 34.60 112.80 72.69
C PHE A 820 35.84 112.02 72.24
N ASN A 821 36.95 112.13 72.96
CA ASN A 821 38.16 111.39 72.64
C ASN A 821 38.30 110.13 73.49
N LYS A 822 37.25 109.75 74.22
CA LYS A 822 37.25 108.55 75.04
C LYS A 822 36.21 107.53 74.64
N VAL A 823 35.03 107.97 74.19
CA VAL A 823 33.97 107.07 73.78
C VAL A 823 34.21 106.68 72.32
N THR A 824 34.60 105.42 72.10
CA THR A 824 34.88 104.93 70.76
C THR A 824 33.58 104.73 69.97
N ARG A 844 38.77 96.18 55.64
CA ARG A 844 37.65 97.12 55.68
C ARG A 844 37.13 97.28 57.11
N ASP A 845 36.76 98.50 57.47
CA ASP A 845 36.27 98.78 58.81
C ASP A 845 34.89 98.14 59.02
N LEU A 846 34.41 98.23 60.27
CA LEU A 846 33.15 97.60 60.62
C LEU A 846 31.95 98.41 60.13
N ILE A 847 32.03 99.74 60.23
CA ILE A 847 30.91 100.58 59.81
C ILE A 847 30.67 100.45 58.31
N CYS A 848 31.74 100.48 57.52
CA CYS A 848 31.60 100.36 56.08
C CYS A 848 31.09 98.97 55.69
N ALA A 849 31.52 97.93 56.42
CA ALA A 849 31.01 96.59 56.15
C ALA A 849 29.52 96.50 56.45
N GLN A 850 29.09 97.06 57.59
CA GLN A 850 27.67 97.06 57.92
C GLN A 850 26.87 97.85 56.89
N LYS A 851 27.43 98.95 56.39
CA LYS A 851 26.74 99.71 55.34
C LYS A 851 26.64 98.90 54.05
N PHE A 852 27.69 98.16 53.70
CA PHE A 852 27.65 97.31 52.51
C PHE A 852 26.69 96.13 52.66
N LYS A 853 26.48 95.64 53.88
CA LYS A 853 25.55 94.53 54.12
C LYS A 853 24.09 94.95 54.03
N GLY A 854 23.81 96.22 53.72
CA GLY A 854 22.46 96.74 53.65
C GLY A 854 22.06 97.52 54.88
N LEU A 855 22.71 97.27 56.01
CA LEU A 855 22.39 97.98 57.25
C LEU A 855 22.96 99.40 57.18
N THR A 856 22.13 100.34 56.75
CA THR A 856 22.53 101.74 56.62
C THR A 856 22.45 102.44 57.97
N VAL A 857 23.28 103.46 58.11
CA VAL A 857 23.37 104.25 59.35
C VAL A 857 22.98 105.67 58.99
N LEU A 858 21.76 106.07 59.35
CA LEU A 858 21.30 107.42 59.06
C LEU A 858 22.00 108.41 59.99
N PRO A 859 22.57 109.49 59.45
CA PRO A 859 23.24 110.47 60.31
C PRO A 859 22.23 111.27 61.11
N PRO A 860 22.57 111.63 62.34
CA PRO A 860 21.63 112.41 63.17
C PRO A 860 21.39 113.79 62.58
N LEU A 861 20.22 114.34 62.91
CA LEU A 861 19.86 115.67 62.43
C LEU A 861 20.74 116.74 63.07
N LEU A 862 20.72 116.82 64.40
CA LEU A 862 21.52 117.81 65.12
C LEU A 862 22.96 117.31 65.18
N THR A 863 23.86 118.02 64.50
CA THR A 863 25.27 117.65 64.49
C THR A 863 25.92 117.99 65.83
N ASP A 864 27.19 117.62 65.97
CA ASP A 864 27.91 117.90 67.20
C ASP A 864 28.09 119.39 67.44
N GLU A 865 28.24 120.17 66.36
CA GLU A 865 28.42 121.62 66.51
C GLU A 865 27.16 122.26 67.07
N MET A 866 25.99 121.84 66.59
CA MET A 866 24.74 122.40 67.11
C MET A 866 24.52 122.03 68.56
N ILE A 867 24.87 120.80 68.95
CA ILE A 867 24.75 120.39 70.34
C ILE A 867 25.70 121.18 71.21
N ALA A 868 26.93 121.43 70.72
CA ALA A 868 27.88 122.23 71.47
C ALA A 868 27.38 123.66 71.64
N GLN A 869 26.80 124.23 70.59
CA GLN A 869 26.26 125.58 70.68
C GLN A 869 25.09 125.64 71.65
N TYR A 870 24.23 124.60 71.65
CA TYR A 870 23.14 124.55 72.60
C TYR A 870 23.65 124.48 74.04
N THR A 871 24.66 123.64 74.28
CA THR A 871 25.22 123.54 75.63
C THR A 871 25.86 124.85 76.06
N SER A 872 26.56 125.53 75.14
CA SER A 872 27.17 126.82 75.47
C SER A 872 26.11 127.86 75.77
N ALA A 873 25.01 127.87 75.01
CA ALA A 873 23.93 128.82 75.28
C ALA A 873 23.27 128.53 76.63
N LEU A 874 23.07 127.25 76.95
CA LEU A 874 22.51 126.91 78.26
C LEU A 874 23.44 127.33 79.38
N LEU A 875 24.75 127.13 79.21
CA LEU A 875 25.70 127.53 80.23
C LEU A 875 25.71 129.05 80.41
N ALA A 876 25.67 129.79 79.30
CA ALA A 876 25.64 131.25 79.39
C ALA A 876 24.36 131.74 80.05
N GLY A 877 23.23 131.10 79.77
CA GLY A 877 21.99 131.47 80.42
C GLY A 877 21.98 131.12 81.90
N THR A 878 22.64 130.03 82.27
CA THR A 878 22.71 129.66 83.68
C THR A 878 23.63 130.61 84.45
N ILE A 879 24.71 131.07 83.81
CA ILE A 879 25.66 131.95 84.48
C ILE A 879 25.13 133.37 84.56
N THR A 880 24.85 133.97 83.40
CA THR A 880 24.49 135.39 83.33
C THR A 880 23.05 135.68 83.73
N SER A 881 22.17 134.67 83.73
CA SER A 881 20.78 134.87 84.06
C SER A 881 20.26 134.00 85.19
N GLY A 882 20.80 132.79 85.36
CA GLY A 882 20.36 131.90 86.41
C GLY A 882 19.19 131.04 85.98
N TRP A 883 18.04 131.21 86.61
CA TRP A 883 16.84 130.46 86.29
C TRP A 883 15.74 131.34 85.71
N THR A 884 16.05 132.57 85.32
CA THR A 884 15.05 133.49 84.78
C THR A 884 14.84 133.30 83.29
N PHE A 885 15.85 132.86 82.56
CA PHE A 885 15.73 132.67 81.12
C PHE A 885 14.93 131.43 80.74
N GLY A 886 14.74 130.49 81.67
CA GLY A 886 13.99 129.29 81.39
C GLY A 886 12.50 129.50 81.50
N ALA A 887 12.07 130.35 82.43
CA ALA A 887 10.66 130.65 82.61
C ALA A 887 10.17 131.78 81.71
N GLY A 888 11.07 132.62 81.22
CA GLY A 888 10.70 133.71 80.35
C GLY A 888 11.91 134.43 79.77
N PRO A 889 11.87 135.75 79.73
CA PRO A 889 13.01 136.52 79.21
C PRO A 889 14.19 136.48 80.16
N ALA A 890 15.38 136.59 79.58
CA ALA A 890 16.61 136.56 80.38
C ALA A 890 16.74 137.85 81.19
N LEU A 891 17.15 137.68 82.45
CA LEU A 891 17.33 138.80 83.37
C LEU A 891 18.77 138.77 83.89
N GLN A 892 19.49 139.87 83.68
CA GLN A 892 20.87 139.94 84.14
C GLN A 892 20.93 139.97 85.66
N ILE A 893 21.94 139.29 86.20
CA ILE A 893 22.13 139.19 87.65
C ILE A 893 23.58 138.81 87.93
N PRO A 894 24.26 139.46 88.86
CA PRO A 894 25.63 139.08 89.19
C PRO A 894 25.71 137.65 89.71
N PHE A 895 26.82 136.99 89.42
CA PHE A 895 27.00 135.61 89.85
C PHE A 895 27.03 135.45 91.37
N PRO A 896 27.68 136.32 92.15
CA PRO A 896 27.55 136.19 93.62
C PRO A 896 26.12 136.29 94.11
N MET A 897 25.32 137.19 93.53
CA MET A 897 23.92 137.30 93.94
C MET A 897 23.14 136.04 93.57
N GLN A 898 23.44 135.44 92.41
CA GLN A 898 22.80 134.19 92.04
C GLN A 898 23.17 133.08 93.01
N MET A 899 24.45 133.01 93.40
CA MET A 899 24.88 132.01 94.37
C MET A 899 24.20 132.22 95.71
N ALA A 900 24.06 133.47 96.13
CA ALA A 900 23.39 133.75 97.40
C ALA A 900 21.92 133.36 97.35
N TYR A 901 21.23 133.67 96.24
CA TYR A 901 19.84 133.29 96.10
C TYR A 901 19.66 131.78 96.02
N ARG A 902 20.65 131.06 95.47
CA ARG A 902 20.57 129.61 95.44
C ARG A 902 20.84 129.01 96.82
N PHE A 903 21.77 129.59 97.58
CA PHE A 903 22.00 129.12 98.95
C PHE A 903 20.81 129.41 99.85
N ASN A 904 20.09 130.51 99.61
CA ASN A 904 18.92 130.85 100.40
C ASN A 904 17.75 129.90 100.15
N GLY A 905 17.87 128.98 99.19
CA GLY A 905 16.80 128.05 98.91
C GLY A 905 16.86 126.78 99.74
N ILE A 906 18.08 126.34 100.07
CA ILE A 906 18.25 125.14 100.87
C ILE A 906 18.09 125.41 102.36
N GLY A 907 18.14 126.67 102.77
CA GLY A 907 17.97 127.00 104.19
C GLY A 907 19.07 127.90 104.72
N VAL A 908 20.27 127.78 104.14
CA VAL A 908 21.40 128.59 104.59
C VAL A 908 21.19 130.04 104.17
N THR A 909 21.39 130.96 105.10
CA THR A 909 21.25 132.37 104.81
C THR A 909 22.39 132.84 103.91
N GLN A 910 22.20 134.02 103.31
CA GLN A 910 23.17 134.58 102.38
C GLN A 910 24.30 135.33 103.08
N ASN A 911 24.34 135.32 104.41
CA ASN A 911 25.41 135.97 105.14
C ASN A 911 26.66 135.12 105.27
N VAL A 912 26.68 133.93 104.68
CA VAL A 912 27.84 133.05 104.71
C VAL A 912 28.66 133.13 103.43
N LEU A 913 27.97 133.30 102.28
CA LEU A 913 28.69 133.41 101.01
C LEU A 913 29.47 134.70 100.93
N TYR A 914 28.85 135.83 101.28
CA TYR A 914 29.53 137.12 101.20
C TYR A 914 30.67 137.24 102.21
N GLU A 915 30.69 136.40 103.24
CA GLU A 915 31.76 136.39 104.21
C GLU A 915 32.79 135.28 103.95
N ASN A 916 32.48 134.33 103.07
CA ASN A 916 33.39 133.25 102.72
C ASN A 916 33.42 133.02 101.22
N GLN A 917 33.43 134.10 100.45
CA GLN A 917 33.41 133.98 99.00
C GLN A 917 34.71 133.40 98.47
N LYS A 918 35.85 133.77 99.08
CA LYS A 918 37.14 133.28 98.60
C LYS A 918 37.27 131.78 98.81
N LEU A 919 36.82 131.27 99.96
CA LEU A 919 36.91 129.85 100.23
C LEU A 919 36.04 129.06 99.26
N ILE A 920 34.82 129.52 99.01
CA ILE A 920 33.93 128.83 98.08
C ILE A 920 34.50 128.88 96.66
N ALA A 921 35.10 130.01 96.29
CA ALA A 921 35.71 130.10 94.96
C ALA A 921 36.89 129.15 94.83
N ASN A 922 37.71 129.04 95.87
CA ASN A 922 38.85 128.11 95.83
C ASN A 922 38.38 126.66 95.80
N GLN A 923 37.28 126.36 96.50
CA GLN A 923 36.76 124.98 96.48
C GLN A 923 36.11 124.66 95.14
N PHE A 924 35.52 125.65 94.47
CA PHE A 924 34.91 125.40 93.17
C PHE A 924 35.96 125.29 92.08
N ASN A 925 37.02 126.11 92.15
CA ASN A 925 38.09 126.02 91.17
C ASN A 925 38.95 124.77 91.34
N SER A 926 38.85 124.11 92.49
CA SER A 926 39.59 122.88 92.75
C SER A 926 38.75 121.63 92.56
N ALA A 927 37.43 121.78 92.40
CA ALA A 927 36.53 120.66 92.19
C ALA A 927 36.28 120.36 90.71
N ILE A 928 36.21 121.40 89.88
CA ILE A 928 36.01 121.19 88.45
C ILE A 928 37.25 120.56 87.83
N GLY A 929 38.44 120.95 88.30
CA GLY A 929 39.67 120.39 87.76
C GLY A 929 39.83 118.92 88.04
N LYS A 930 39.34 118.45 89.19
CA LYS A 930 39.46 117.04 89.53
C LYS A 930 38.51 116.17 88.71
N ILE A 931 37.48 116.76 88.11
CA ILE A 931 36.55 115.97 87.30
C ILE A 931 37.26 115.40 86.07
N GLN A 932 38.09 116.23 85.41
CA GLN A 932 38.84 115.74 84.26
C GLN A 932 39.83 114.64 84.66
N ASP A 933 40.50 114.82 85.80
CA ASP A 933 41.43 113.80 86.26
C ASP A 933 40.72 112.50 86.59
N SER A 934 39.53 112.58 87.19
CA SER A 934 38.78 111.37 87.50
C SER A 934 38.28 110.69 86.25
N LEU A 935 37.86 111.47 85.25
CA LEU A 935 37.39 110.87 83.99
C LEU A 935 38.53 110.27 83.19
N SER A 936 39.74 110.81 83.32
CA SER A 936 40.88 110.28 82.58
C SER A 936 41.50 109.08 83.27
N SER A 937 41.51 109.08 84.61
CA SER A 937 42.14 107.99 85.34
C SER A 937 41.27 106.74 85.37
N THR A 938 39.95 106.93 85.50
CA THR A 938 39.04 105.79 85.58
C THR A 938 38.97 105.09 84.22
N PRO A 939 39.31 103.80 84.14
CA PRO A 939 39.22 103.12 82.84
C PRO A 939 37.80 102.96 82.35
N SER A 940 36.84 102.76 83.24
CA SER A 940 35.44 102.58 82.88
C SER A 940 34.64 103.71 83.54
N ALA A 941 34.53 104.83 82.84
CA ALA A 941 33.79 105.99 83.30
C ALA A 941 32.47 106.18 82.57
N LEU A 942 32.47 106.06 81.23
CA LEU A 942 31.25 106.19 80.44
C LEU A 942 30.67 104.78 80.25
N GLY A 943 30.01 104.30 81.30
CA GLY A 943 29.47 102.95 81.30
C GLY A 943 28.35 102.74 80.30
N LYS A 944 27.26 103.52 80.45
CA LYS A 944 26.12 103.35 79.55
C LYS A 944 26.42 103.81 78.13
N LEU A 945 27.28 104.82 77.99
CA LEU A 945 27.64 105.30 76.65
C LEU A 945 28.36 104.22 75.86
N GLN A 946 29.22 103.45 76.51
CA GLN A 946 29.86 102.32 75.84
C GLN A 946 28.93 101.12 75.74
N ASP A 947 28.02 100.95 76.71
CA ASP A 947 27.13 99.81 76.70
C ASP A 947 26.15 99.88 75.53
N VAL A 948 25.59 101.06 75.26
CA VAL A 948 24.66 101.19 74.16
C VAL A 948 25.36 100.98 72.82
N VAL A 949 26.61 101.43 72.71
CA VAL A 949 27.36 101.23 71.47
C VAL A 949 27.67 99.75 71.28
N ASN A 950 28.05 99.07 72.35
CA ASN A 950 28.31 97.63 72.26
C ASN A 950 27.05 96.86 71.89
N HIS A 951 25.90 97.27 72.47
CA HIS A 951 24.64 96.60 72.12
C HIS A 951 24.28 96.83 70.66
N ASN A 952 24.45 98.06 70.17
CA ASN A 952 24.17 98.33 68.77
C ASN A 952 25.10 97.54 67.85
N ALA A 953 26.38 97.45 68.20
CA ALA A 953 27.32 96.69 67.40
C ALA A 953 26.97 95.21 67.38
N GLN A 954 26.58 94.66 68.54
CA GLN A 954 26.20 93.26 68.60
C GLN A 954 24.94 93.00 67.78
N ALA A 955 23.96 93.91 67.86
CA ALA A 955 22.72 93.74 67.11
C ALA A 955 22.98 93.83 65.61
N LEU A 956 23.90 94.69 65.19
CA LEU A 956 24.23 94.82 63.77
C LEU A 956 25.11 93.68 63.27
N ASN A 957 25.91 93.07 64.14
CA ASN A 957 26.78 91.97 63.72
C ASN A 957 26.08 90.62 63.73
N THR A 958 25.17 90.38 64.68
CA THR A 958 24.49 89.09 64.73
C THR A 958 23.56 88.91 63.53
N LEU A 959 22.90 90.00 63.10
CA LEU A 959 22.00 89.92 61.96
C LEU A 959 22.75 89.53 60.69
N VAL A 960 24.01 89.94 60.57
CA VAL A 960 24.82 89.57 59.41
C VAL A 960 25.42 88.19 59.58
N LYS A 961 25.82 87.84 60.81
CA LYS A 961 26.42 86.53 61.05
C LYS A 961 25.41 85.41 60.87
N GLN A 962 24.13 85.67 61.11
CA GLN A 962 23.10 84.67 60.93
C GLN A 962 22.73 84.44 59.47
N LEU A 963 23.45 85.06 58.54
CA LEU A 963 23.22 84.84 57.11
C LEU A 963 23.99 83.65 56.56
N SER A 964 25.12 83.29 57.18
CA SER A 964 25.95 82.18 56.73
C SER A 964 25.63 80.89 57.48
N SER A 965 24.39 80.73 57.94
CA SER A 965 23.95 79.55 58.67
C SER A 965 22.80 78.91 57.90
N LYS A 966 22.95 77.61 57.60
CA LYS A 966 21.95 76.89 56.84
C LYS A 966 20.71 76.66 57.69
N PHE A 967 19.59 77.26 57.29
CA PHE A 967 18.31 77.09 57.98
C PHE A 967 17.52 75.90 57.46
N GLY A 968 18.17 74.97 56.77
CA GLY A 968 17.50 73.82 56.22
C GLY A 968 17.94 73.50 54.81
N ALA A 969 18.57 74.47 54.15
CA ALA A 969 19.05 74.30 52.79
C ALA A 969 20.39 73.57 52.79
N ILE A 970 20.91 73.29 51.59
CA ILE A 970 22.18 72.59 51.47
C ILE A 970 23.37 73.51 51.67
N SER A 971 23.19 74.82 51.46
CA SER A 971 24.28 75.78 51.62
C SER A 971 23.68 77.14 51.95
N SER A 972 24.56 78.12 52.18
CA SER A 972 24.12 79.47 52.49
C SER A 972 24.05 80.37 51.27
N VAL A 973 24.91 80.15 50.28
CA VAL A 973 24.91 80.98 49.07
C VAL A 973 23.67 80.66 48.25
N LEU A 974 22.92 81.70 47.87
CA LEU A 974 21.71 81.50 47.08
C LEU A 974 22.03 81.11 45.65
N ASN A 975 23.14 81.64 45.10
CA ASN A 975 23.50 81.31 43.72
C ASN A 975 23.90 79.84 43.58
N ASP A 976 24.61 79.30 44.57
CA ASP A 976 24.98 77.90 44.53
C ASP A 976 23.77 76.99 44.63
N ILE A 977 22.72 77.43 45.32
CA ILE A 977 21.49 76.64 45.41
C ILE A 977 20.70 76.75 44.11
N PHE A 978 20.59 77.94 43.54
CA PHE A 978 19.84 78.11 42.31
C PHE A 978 20.56 77.50 41.12
N SER A 979 21.87 77.26 41.23
CA SER A 979 22.63 76.71 40.12
C SER A 979 22.68 75.19 40.18
N ARG A 980 23.20 74.64 41.27
CA ARG A 980 23.39 73.19 41.41
C ARG A 980 22.18 72.52 42.06
N LEU A 981 21.01 72.78 41.51
CA LEU A 981 19.76 72.18 41.98
C LEU A 981 18.65 72.51 40.99
N ASP A 982 17.65 71.64 40.95
CA ASP A 982 16.49 71.87 40.09
C ASP A 982 15.52 72.83 40.77
N PRO A 983 14.74 73.58 39.98
CA PRO A 983 13.84 74.59 40.55
C PRO A 983 12.85 74.00 41.56
N PRO A 984 12.14 72.90 41.25
CA PRO A 984 11.12 72.43 42.20
C PRO A 984 11.66 72.02 43.55
N GLU A 985 12.89 71.50 43.61
CA GLU A 985 13.47 71.15 44.91
C GLU A 985 14.06 72.37 45.61
N ALA A 986 14.67 73.28 44.83
CA ALA A 986 15.25 74.48 45.42
C ALA A 986 14.19 75.46 45.91
N GLU A 987 12.95 75.33 45.45
CA GLU A 987 11.89 76.22 45.91
C GLU A 987 11.59 76.05 47.39
N VAL A 988 11.75 74.84 47.93
CA VAL A 988 11.54 74.63 49.35
C VAL A 988 12.72 75.16 50.17
N GLN A 989 13.94 74.97 49.67
CA GLN A 989 15.12 75.48 50.37
C GLN A 989 15.13 77.00 50.43
N ILE A 990 14.80 77.66 49.31
CA ILE A 990 14.79 79.12 49.31
C ILE A 990 13.66 79.64 50.20
N ASP A 991 12.54 78.91 50.26
CA ASP A 991 11.46 79.31 51.14
C ASP A 991 11.86 79.19 52.61
N ARG A 992 12.53 78.09 52.97
CA ARG A 992 13.02 77.95 54.33
C ARG A 992 14.04 79.04 54.68
N LEU A 993 14.94 79.35 53.75
CA LEU A 993 15.94 80.38 54.00
C LEU A 993 15.30 81.76 54.16
N ILE A 994 14.34 82.11 53.30
CA ILE A 994 13.72 83.42 53.42
C ILE A 994 12.84 83.49 54.67
N THR A 995 12.25 82.37 55.08
CA THR A 995 11.48 82.36 56.33
C THR A 995 12.40 82.58 57.52
N GLY A 996 13.55 81.90 57.54
CA GLY A 996 14.51 82.13 58.61
C GLY A 996 15.03 83.55 58.65
N ARG A 997 15.31 84.12 57.47
CA ARG A 997 15.81 85.49 57.41
C ARG A 997 14.75 86.49 57.87
N LEU A 998 13.49 86.26 57.49
CA LEU A 998 12.41 87.14 57.95
C LEU A 998 12.20 87.02 59.45
N GLN A 999 12.34 85.81 60.00
CA GLN A 999 12.23 85.65 61.44
C GLN A 999 13.36 86.36 62.17
N SER A 1000 14.59 86.26 61.64
CA SER A 1000 15.71 86.97 62.24
C SER A 1000 15.51 88.48 62.16
N LEU A 1001 15.00 88.97 61.03
CA LEU A 1001 14.77 90.41 60.90
C LEU A 1001 13.66 90.88 61.83
N GLN A 1002 12.63 90.06 62.04
CA GLN A 1002 11.59 90.40 62.99
C GLN A 1002 12.13 90.44 64.41
N THR A 1003 13.00 89.48 64.76
CA THR A 1003 13.63 89.50 66.07
C THR A 1003 14.48 90.76 66.26
N TYR A 1004 15.23 91.13 65.22
CA TYR A 1004 16.03 92.35 65.29
C TYR A 1004 15.15 93.58 65.45
N VAL A 1005 14.02 93.63 64.74
CA VAL A 1005 13.10 94.77 64.84
C VAL A 1005 12.51 94.85 66.25
N THR A 1006 12.16 93.70 66.83
CA THR A 1006 11.63 93.70 68.19
C THR A 1006 12.67 94.17 69.20
N GLN A 1007 13.91 93.70 69.06
CA GLN A 1007 14.98 94.15 69.94
C GLN A 1007 15.22 95.65 69.79
N GLN A 1008 15.18 96.15 68.54
CA GLN A 1008 15.36 97.58 68.32
C GLN A 1008 14.22 98.38 68.91
N LEU A 1009 13.00 97.86 68.85
CA LEU A 1009 11.87 98.56 69.46
C LEU A 1009 12.00 98.62 70.97
N ILE A 1010 12.41 97.52 71.60
CA ILE A 1010 12.60 97.52 73.05
C ILE A 1010 13.71 98.50 73.44
N ARG A 1011 14.82 98.47 72.69
CA ARG A 1011 15.92 99.38 72.99
C ARG A 1011 15.52 100.83 72.75
N ALA A 1012 14.69 101.10 71.75
CA ALA A 1012 14.24 102.46 71.50
C ALA A 1012 13.30 102.94 72.59
N ALA A 1013 12.46 102.03 73.13
CA ALA A 1013 11.62 102.41 74.26
C ALA A 1013 12.47 102.73 75.48
N GLU A 1014 13.50 101.91 75.74
CA GLU A 1014 14.40 102.20 76.87
C GLU A 1014 15.12 103.52 76.67
N ILE A 1015 15.57 103.79 75.45
CA ILE A 1015 16.27 105.04 75.16
C ILE A 1015 15.32 106.23 75.29
N ARG A 1016 14.05 106.06 74.90
CA ARG A 1016 13.07 107.13 75.08
C ARG A 1016 12.84 107.43 76.55
N ALA A 1017 12.72 106.38 77.37
CA ALA A 1017 12.58 106.58 78.81
C ALA A 1017 13.79 107.30 79.39
N SER A 1018 14.99 106.88 79.00
CA SER A 1018 16.21 107.51 79.49
C SER A 1018 16.29 108.97 79.04
N ALA A 1019 15.88 109.25 77.81
CA ALA A 1019 15.94 110.62 77.30
C ALA A 1019 14.91 111.52 78.00
N ASN A 1020 13.72 110.98 78.28
CA ASN A 1020 12.74 111.74 79.04
C ASN A 1020 13.26 112.03 80.44
N LEU A 1021 13.87 111.05 81.09
CA LEU A 1021 14.45 111.28 82.41
C LEU A 1021 15.55 112.34 82.36
N ALA A 1022 16.41 112.27 81.35
CA ALA A 1022 17.50 113.24 81.23
C ALA A 1022 16.97 114.63 80.95
N ALA A 1023 15.92 114.75 80.13
CA ALA A 1023 15.34 116.06 79.85
C ALA A 1023 14.67 116.63 81.10
N THR A 1024 13.98 115.79 81.87
CA THR A 1024 13.40 116.25 83.12
C THR A 1024 14.48 116.72 84.08
N LYS A 1025 15.58 115.97 84.19
CA LYS A 1025 16.67 116.36 85.07
C LYS A 1025 17.30 117.68 84.63
N MET A 1026 17.49 117.85 83.31
CA MET A 1026 18.07 119.09 82.82
C MET A 1026 17.14 120.28 83.02
N SER A 1027 15.82 120.06 82.91
CA SER A 1027 14.88 121.15 83.08
C SER A 1027 14.66 121.50 84.55
N GLU A 1028 14.88 120.55 85.46
CA GLU A 1028 14.67 120.81 86.88
C GLU A 1028 15.94 121.23 87.62
N CYS A 1029 17.11 120.82 87.15
CA CYS A 1029 18.36 121.13 87.83
C CYS A 1029 19.11 122.31 87.21
N VAL A 1030 19.05 122.46 85.89
CA VAL A 1030 19.77 123.55 85.22
C VAL A 1030 18.89 124.78 85.09
N LEU A 1031 17.61 124.61 84.78
CA LEU A 1031 16.68 125.71 84.63
C LEU A 1031 16.05 126.14 85.94
N GLY A 1032 16.67 125.79 87.07
CA GLY A 1032 16.15 126.16 88.37
C GLY A 1032 16.76 125.33 89.46
N GLN A 1033 16.50 125.74 90.69
CA GLN A 1033 17.02 125.07 91.88
C GLN A 1033 15.97 124.07 92.37
N SER A 1034 16.21 122.79 92.13
CA SER A 1034 15.29 121.73 92.54
C SER A 1034 15.62 121.29 93.95
N LYS A 1035 14.57 121.05 94.74
CA LYS A 1035 14.70 120.59 96.12
C LYS A 1035 14.53 119.09 96.27
N ARG A 1036 14.37 118.36 95.16
CA ARG A 1036 14.23 116.91 95.22
C ARG A 1036 15.56 116.28 95.65
N VAL A 1037 15.50 115.39 96.64
CA VAL A 1037 16.71 114.78 97.17
C VAL A 1037 17.27 113.78 96.18
N ASP A 1038 18.59 113.82 96.00
CA ASP A 1038 19.35 112.87 95.18
C ASP A 1038 19.06 113.05 93.69
N PHE A 1039 18.11 113.92 93.35
CA PHE A 1039 17.74 114.13 91.96
C PHE A 1039 18.86 114.85 91.21
N CYS A 1040 19.24 116.03 91.70
CA CYS A 1040 20.36 116.78 91.10
C CYS A 1040 21.66 116.47 91.84
N GLY A 1041 21.99 115.19 91.84
CA GLY A 1041 23.17 114.71 92.54
C GLY A 1041 22.94 114.53 94.02
N LYS A 1042 23.87 113.79 94.64
CA LYS A 1042 23.77 113.53 96.08
C LYS A 1042 24.13 114.78 96.87
N GLY A 1043 23.21 115.21 97.74
CA GLY A 1043 23.42 116.40 98.54
C GLY A 1043 22.49 117.53 98.15
N TYR A 1044 22.63 118.64 98.87
CA TYR A 1044 21.82 119.82 98.61
C TYR A 1044 22.18 120.41 97.25
N HIS A 1045 21.23 120.42 96.33
CA HIS A 1045 21.48 120.90 94.98
C HIS A 1045 21.72 122.40 94.98
N LEU A 1046 22.79 122.83 94.32
CA LEU A 1046 23.11 124.24 94.16
C LEU A 1046 23.09 124.67 92.70
N MET A 1047 23.84 124.00 91.83
CA MET A 1047 23.89 124.32 90.42
C MET A 1047 24.00 123.04 89.61
N SER A 1048 23.96 123.19 88.28
CA SER A 1048 24.09 122.06 87.37
C SER A 1048 24.53 122.59 86.02
N PHE A 1049 25.54 121.95 85.44
CA PHE A 1049 26.10 122.38 84.15
C PHE A 1049 26.08 121.22 83.18
N PRO A 1050 25.20 121.23 82.19
CA PRO A 1050 25.16 120.14 81.21
C PRO A 1050 26.23 120.30 80.15
N GLN A 1051 26.71 119.17 79.64
CA GLN A 1051 27.72 119.15 78.59
C GLN A 1051 27.35 118.10 77.56
N SER A 1052 27.89 118.27 76.36
CA SER A 1052 27.62 117.36 75.26
C SER A 1052 28.42 116.08 75.42
N ALA A 1053 27.94 115.02 74.76
CA ALA A 1053 28.59 113.72 74.81
C ALA A 1053 28.09 112.90 73.62
N PRO A 1054 28.91 111.98 73.11
CA PRO A 1054 28.46 111.14 71.99
C PRO A 1054 27.30 110.24 72.38
N HIS A 1055 26.13 110.51 71.81
CA HIS A 1055 24.90 109.77 72.08
C HIS A 1055 24.59 109.74 73.57
N GLY A 1056 24.68 110.91 74.19
CA GLY A 1056 24.42 111.02 75.61
C GLY A 1056 24.68 112.44 76.09
N VAL A 1057 24.37 112.67 77.36
CA VAL A 1057 24.56 113.96 78.00
C VAL A 1057 25.24 113.73 79.35
N VAL A 1058 26.08 114.69 79.73
CA VAL A 1058 26.84 114.63 80.98
C VAL A 1058 26.46 115.84 81.82
N PHE A 1059 26.12 115.60 83.09
CA PHE A 1059 25.72 116.65 84.00
C PHE A 1059 26.82 116.92 85.02
N LEU A 1060 26.86 118.15 85.52
CA LEU A 1060 27.88 118.56 86.50
C LEU A 1060 27.23 119.17 87.73
N HIS A 1061 26.24 118.48 88.29
CA HIS A 1061 25.50 118.97 89.44
C HIS A 1061 26.43 119.38 90.57
N VAL A 1062 26.38 120.65 90.94
CA VAL A 1062 27.14 121.18 92.07
C VAL A 1062 26.27 121.03 93.31
N THR A 1063 26.73 120.23 94.27
CA THR A 1063 25.96 119.92 95.46
C THR A 1063 26.61 120.56 96.68
N TYR A 1064 25.86 120.60 97.77
CA TYR A 1064 26.31 121.16 99.05
C TYR A 1064 26.37 120.06 100.08
N VAL A 1065 27.54 119.88 100.70
CA VAL A 1065 27.75 118.85 101.71
C VAL A 1065 28.34 119.50 102.95
N PRO A 1066 27.64 119.48 104.09
CA PRO A 1066 28.22 120.03 105.31
C PRO A 1066 29.37 119.18 105.82
N ALA A 1067 30.15 119.77 106.74
CA ALA A 1067 31.30 119.08 107.31
C ALA A 1067 31.64 119.71 108.65
N GLN A 1068 32.44 118.99 109.42
CA GLN A 1068 32.92 119.44 110.73
C GLN A 1068 31.75 119.78 111.66
N GLU A 1069 30.95 118.76 111.95
CA GLU A 1069 29.80 118.92 112.83
C GLU A 1069 30.25 118.94 114.30
N LYS A 1070 29.40 119.52 115.15
CA LYS A 1070 29.68 119.63 116.56
C LYS A 1070 28.38 119.41 117.33
N ASN A 1071 28.49 118.74 118.48
CA ASN A 1071 27.34 118.44 119.32
C ASN A 1071 27.03 119.62 120.24
N PHE A 1072 25.73 119.88 120.43
CA PHE A 1072 25.27 120.97 121.28
C PHE A 1072 24.08 120.48 122.10
N THR A 1073 23.77 121.22 123.14
CA THR A 1073 22.63 120.94 124.02
C THR A 1073 21.44 121.75 123.52
N THR A 1074 20.51 121.08 122.85
CA THR A 1074 19.35 121.75 122.28
C THR A 1074 18.16 121.67 123.22
N ALA A 1075 17.07 122.35 122.85
CA ALA A 1075 15.84 122.35 123.64
C ALA A 1075 14.69 122.70 122.71
N PRO A 1076 13.50 122.13 122.92
CA PRO A 1076 12.36 122.48 122.05
C PRO A 1076 12.01 123.95 122.10
N ALA A 1077 11.91 124.52 123.30
CA ALA A 1077 11.58 125.93 123.45
C ALA A 1077 12.17 126.44 124.76
N ILE A 1078 12.17 127.76 124.90
CA ILE A 1078 12.67 128.41 126.11
C ILE A 1078 11.48 129.01 126.85
N CYS A 1079 11.67 129.24 128.15
CA CYS A 1079 10.63 129.77 129.02
C CYS A 1079 11.03 131.15 129.51
N HIS A 1080 10.16 132.13 129.30
CA HIS A 1080 10.38 133.48 129.77
C HIS A 1080 9.81 133.62 131.18
N ASP A 1081 9.70 134.85 131.67
CA ASP A 1081 9.20 135.07 133.02
C ASP A 1081 7.75 134.63 133.16
N GLY A 1082 6.94 134.84 132.11
CA GLY A 1082 5.55 134.47 132.18
C GLY A 1082 5.00 133.85 130.91
N LYS A 1083 5.88 133.64 129.92
CA LYS A 1083 5.46 133.06 128.64
C LYS A 1083 6.61 132.23 128.09
N ALA A 1084 6.41 131.71 126.89
CA ALA A 1084 7.39 130.90 126.19
C ALA A 1084 7.70 131.51 124.82
N HIS A 1085 8.79 131.04 124.22
CA HIS A 1085 9.22 131.52 122.92
C HIS A 1085 9.73 130.34 122.09
N PHE A 1086 9.30 130.27 120.84
CA PHE A 1086 9.71 129.22 119.93
C PHE A 1086 10.58 129.80 118.81
N PRO A 1087 11.56 129.04 118.33
CA PRO A 1087 12.41 129.52 117.23
C PRO A 1087 11.60 129.69 115.95
N ARG A 1088 11.61 130.91 115.41
CA ARG A 1088 10.88 131.18 114.17
C ARG A 1088 11.56 130.48 112.99
N GLU A 1089 12.86 130.76 112.79
CA GLU A 1089 13.64 130.12 111.72
C GLU A 1089 15.03 129.85 112.28
N GLY A 1090 15.21 128.65 112.81
CA GLY A 1090 16.49 128.26 113.39
C GLY A 1090 16.29 127.21 114.45
N VAL A 1091 17.26 127.11 115.35
CA VAL A 1091 17.23 126.14 116.43
C VAL A 1091 17.94 126.74 117.64
N PHE A 1092 17.43 126.44 118.83
CA PHE A 1092 18.03 126.90 120.08
C PHE A 1092 19.11 125.91 120.50
N VAL A 1093 20.36 126.39 120.54
CA VAL A 1093 21.49 125.59 120.94
C VAL A 1093 22.10 126.18 122.21
N SER A 1094 23.04 125.44 122.80
CA SER A 1094 23.71 125.89 124.01
C SER A 1094 25.13 125.34 124.02
N ASN A 1095 26.07 126.17 124.49
CA ASN A 1095 27.46 125.77 124.62
C ASN A 1095 27.82 125.41 126.06
N GLY A 1096 26.86 124.88 126.81
CA GLY A 1096 27.08 124.53 128.20
C GLY A 1096 26.74 125.61 129.19
N THR A 1097 27.22 126.83 128.95
CA THR A 1097 26.99 127.95 129.86
C THR A 1097 25.77 128.78 129.42
N HIS A 1098 25.81 129.30 128.21
CA HIS A 1098 24.77 130.18 127.69
C HIS A 1098 23.97 129.46 126.61
N TRP A 1099 22.89 130.11 126.19
CA TRP A 1099 22.03 129.62 125.12
C TRP A 1099 22.05 130.60 123.95
N PHE A 1100 22.02 130.05 122.74
CA PHE A 1100 22.03 130.85 121.52
C PHE A 1100 21.12 130.22 120.49
N VAL A 1101 20.86 130.96 119.42
CA VAL A 1101 20.03 130.51 118.31
C VAL A 1101 20.88 130.53 117.04
N THR A 1102 20.93 129.39 116.36
CA THR A 1102 21.71 129.23 115.14
C THR A 1102 20.80 128.79 113.99
N GLN A 1103 21.40 128.53 112.84
CA GLN A 1103 20.67 128.08 111.67
C GLN A 1103 20.46 126.57 111.76
N ARG A 1104 19.91 125.99 110.70
CA ARG A 1104 19.66 124.55 110.65
C ARG A 1104 20.71 123.80 109.85
N ASN A 1105 21.52 124.49 109.04
CA ASN A 1105 22.53 123.84 108.22
C ASN A 1105 23.90 124.51 108.34
N PHE A 1106 24.05 125.49 109.23
CA PHE A 1106 25.31 126.19 109.38
C PHE A 1106 25.38 126.80 110.78
N TYR A 1107 26.56 126.72 111.39
CA TYR A 1107 26.74 127.25 112.74
C TYR A 1107 26.87 128.77 112.68
N GLU A 1108 25.96 129.46 113.37
CA GLU A 1108 25.99 130.93 113.44
C GLU A 1108 25.37 131.34 114.76
N PRO A 1109 26.18 131.52 115.80
CA PRO A 1109 25.63 131.89 117.11
C PRO A 1109 25.09 133.31 117.10
N GLN A 1110 23.84 133.46 117.52
CA GLN A 1110 23.18 134.76 117.59
C GLN A 1110 22.48 134.90 118.93
N ILE A 1111 22.39 136.15 119.41
CA ILE A 1111 21.75 136.42 120.68
C ILE A 1111 20.25 136.17 120.57
N ILE A 1112 19.64 135.80 121.69
CA ILE A 1112 18.20 135.52 121.74
C ILE A 1112 17.47 136.84 121.95
N THR A 1113 16.83 137.34 120.89
CA THR A 1113 16.07 138.58 120.94
C THR A 1113 14.64 138.33 120.49
N THR A 1114 13.80 139.35 120.64
CA THR A 1114 12.40 139.25 120.23
C THR A 1114 12.24 139.63 118.77
N ASP A 1115 13.02 139.02 117.89
CA ASP A 1115 12.93 139.27 116.46
C ASP A 1115 12.86 137.95 115.70
N ASN A 1116 13.42 136.89 116.29
CA ASN A 1116 13.43 135.57 115.70
C ASN A 1116 12.63 134.57 116.52
N THR A 1117 11.76 135.04 117.41
CA THR A 1117 10.94 134.19 118.25
C THR A 1117 9.51 134.70 118.25
N PHE A 1118 8.57 133.80 118.54
CA PHE A 1118 7.16 134.13 118.63
C PHE A 1118 6.56 133.48 119.86
N VAL A 1119 5.73 134.22 120.57
CA VAL A 1119 5.12 133.73 121.80
C VAL A 1119 3.88 132.92 121.47
N SER A 1120 3.76 131.75 122.12
CA SER A 1120 2.60 130.88 121.93
C SER A 1120 2.41 130.08 123.21
N GLY A 1121 1.42 130.46 124.00
CA GLY A 1121 1.17 129.80 125.26
C GLY A 1121 2.22 130.14 126.31
N ASN A 1122 2.16 129.37 127.39
CA ASN A 1122 3.09 129.52 128.51
C ASN A 1122 3.80 128.19 128.76
N CYS A 1123 4.58 128.16 129.84
CA CYS A 1123 5.43 127.00 130.15
C CYS A 1123 4.66 126.02 131.04
N ASP A 1124 3.62 125.43 130.46
CA ASP A 1124 2.82 124.43 131.17
C ASP A 1124 2.48 123.19 130.35
N VAL A 1125 2.64 123.20 129.03
CA VAL A 1125 2.26 122.06 128.19
C VAL A 1125 3.47 121.45 127.48
N VAL A 1126 4.40 122.28 127.01
CA VAL A 1126 5.55 121.77 126.28
C VAL A 1126 6.46 121.01 127.24
N ILE A 1127 6.81 119.78 126.86
CA ILE A 1127 7.67 118.93 127.68
C ILE A 1127 9.12 119.15 127.25
N GLY A 1128 9.98 119.42 128.23
CA GLY A 1128 11.38 119.65 127.94
C GLY A 1128 11.77 121.09 127.74
N ILE A 1129 10.94 122.04 128.17
CA ILE A 1129 11.23 123.45 128.00
C ILE A 1129 12.14 123.92 129.11
N VAL A 1130 13.16 124.70 128.75
CA VAL A 1130 14.14 125.19 129.71
C VAL A 1130 13.86 126.66 129.99
N ASN A 1131 14.35 127.12 131.14
CA ASN A 1131 14.18 128.50 131.55
C ASN A 1131 15.33 129.35 131.04
N ASN A 1132 14.99 130.52 130.49
CA ASN A 1132 15.98 131.44 129.96
C ASN A 1132 15.43 132.86 130.09
N THR A 1133 16.21 133.84 129.64
CA THR A 1133 15.83 135.25 129.70
C THR A 1133 16.09 135.88 128.34
N VAL A 1134 15.03 136.14 127.58
CA VAL A 1134 15.19 136.76 126.28
C VAL A 1134 15.58 138.22 126.44
N TYR A 1135 16.15 138.78 125.38
CA TYR A 1135 16.60 140.16 125.36
C TYR A 1135 15.67 141.00 124.51
N ASP A 1136 15.38 142.22 124.97
CA ASP A 1136 14.51 143.13 124.26
C ASP A 1136 15.31 144.25 123.64
N PRO A 1137 15.19 144.47 122.33
CA PRO A 1137 15.98 145.54 121.69
C PRO A 1137 15.61 146.93 122.15
N LEU A 1138 14.39 147.14 122.66
CA LEU A 1138 13.96 148.46 123.10
C LEU A 1138 14.47 148.79 124.50
N GLN A 1139 14.85 147.79 125.30
CA GLN A 1139 15.32 148.06 126.65
C GLN A 1139 16.57 148.93 126.68
N PRO A 1140 17.63 148.66 125.90
CA PRO A 1140 18.78 149.59 125.94
C PRO A 1140 18.50 150.91 125.27
N GLU A 1141 17.61 150.95 124.28
CA GLU A 1141 17.30 152.21 123.61
C GLU A 1141 16.49 153.13 124.51
N LEU A 1142 15.57 152.57 125.30
CA LEU A 1142 14.73 153.35 126.21
C LEU A 1142 15.47 153.62 127.52
N ASP A 1143 16.57 154.37 127.40
CA ASP A 1143 17.40 154.73 128.55
C ASP A 1143 17.01 156.08 129.15
N SER A 1144 15.78 156.53 128.93
CA SER A 1144 15.32 157.80 129.47
C SER A 1144 15.03 157.70 130.96
N LEU B 24 3.29 107.84 4.51
CA LEU B 24 3.03 108.99 5.36
C LEU B 24 4.06 109.07 6.50
N PRO B 25 4.45 110.28 6.87
CA PRO B 25 5.34 110.47 8.03
C PRO B 25 4.54 110.58 9.31
N PRO B 26 4.26 109.46 9.98
CA PRO B 26 3.36 109.51 11.14
C PRO B 26 3.94 110.35 12.27
N ALA B 27 3.17 111.33 12.71
CA ALA B 27 3.59 112.21 13.80
C ALA B 27 3.33 111.52 15.14
N TYR B 28 3.53 112.26 16.23
CA TYR B 28 3.32 111.72 17.57
C TYR B 28 2.80 112.82 18.48
N THR B 29 1.93 112.45 19.41
CA THR B 29 1.34 113.39 20.35
C THR B 29 1.59 112.92 21.78
N ASN B 30 1.40 113.84 22.72
CA ASN B 30 1.59 113.56 24.14
C ASN B 30 0.27 113.04 24.70
N SER B 31 0.25 111.76 25.08
CA SER B 31 -0.95 111.14 25.63
C SER B 31 -1.13 111.55 27.09
N PHE B 32 -2.21 112.25 27.38
CA PHE B 32 -2.51 112.71 28.73
C PHE B 32 -3.14 111.58 29.53
N THR B 33 -3.67 111.90 30.71
CA THR B 33 -4.26 110.90 31.59
C THR B 33 -5.59 110.45 31.00
N ARG B 34 -5.56 109.34 30.25
CA ARG B 34 -6.74 108.80 29.60
C ARG B 34 -6.53 107.34 29.23
N GLY B 35 -7.48 106.48 29.58
CA GLY B 35 -7.38 105.07 29.25
C GLY B 35 -7.34 104.17 30.46
N VAL B 36 -7.76 104.70 31.60
CA VAL B 36 -7.80 103.93 32.85
C VAL B 36 -9.13 103.21 32.90
N TYR B 37 -9.12 101.91 32.59
CA TYR B 37 -10.33 101.11 32.56
C TYR B 37 -10.51 100.36 33.88
N TYR B 38 -11.68 99.76 34.04
CA TYR B 38 -11.96 98.95 35.22
C TYR B 38 -11.32 97.58 35.06
N PRO B 39 -10.41 97.17 35.95
CA PRO B 39 -9.78 95.85 35.82
C PRO B 39 -10.76 94.72 36.06
N ASP B 40 -11.61 94.87 37.06
CA ASP B 40 -12.61 93.85 37.39
C ASP B 40 -13.96 94.50 37.67
N LYS B 41 -14.94 93.69 38.06
CA LYS B 41 -16.28 94.15 38.39
C LYS B 41 -16.49 93.98 39.90
N VAL B 42 -16.06 94.99 40.66
CA VAL B 42 -16.18 95.00 42.11
C VAL B 42 -16.60 96.39 42.55
N PHE B 43 -17.69 96.47 43.30
CA PHE B 43 -18.19 97.76 43.76
C PHE B 43 -17.32 98.29 44.89
N ARG B 44 -16.87 99.53 44.74
CA ARG B 44 -16.04 100.20 45.74
C ARG B 44 -16.49 101.64 45.89
N SER B 45 -16.57 102.10 47.13
CA SER B 45 -17.07 103.45 47.44
C SER B 45 -16.07 104.15 48.35
N SER B 46 -15.47 105.22 47.83
CA SER B 46 -14.56 106.09 48.60
C SER B 46 -13.40 105.30 49.21
N VAL B 47 -12.69 104.58 48.35
CA VAL B 47 -11.50 103.82 48.75
C VAL B 47 -10.39 104.11 47.74
N LEU B 48 -9.23 103.52 47.99
CA LEU B 48 -8.06 103.65 47.13
C LEU B 48 -7.50 102.27 46.85
N HIS B 49 -7.75 101.75 45.65
CA HIS B 49 -7.30 100.42 45.26
C HIS B 49 -6.10 100.55 44.34
N SER B 50 -4.99 99.93 44.71
CA SER B 50 -3.76 99.94 43.92
C SER B 50 -3.73 98.67 43.07
N THR B 51 -4.01 98.82 41.78
CA THR B 51 -4.09 97.69 40.87
C THR B 51 -2.79 97.54 40.08
N GLN B 52 -2.53 96.31 39.64
CA GLN B 52 -1.36 95.99 38.83
C GLN B 52 -1.82 95.22 37.59
N ASP B 53 -1.88 95.91 36.46
CA ASP B 53 -2.33 95.30 35.21
C ASP B 53 -1.79 96.14 34.06
N LEU B 54 -2.21 95.81 32.84
CA LEU B 54 -1.75 96.51 31.64
C LEU B 54 -2.56 97.79 31.47
N PHE B 55 -1.90 98.94 31.60
CA PHE B 55 -2.53 100.23 31.44
C PHE B 55 -1.65 101.12 30.56
N LEU B 56 -2.23 102.23 30.12
CA LEU B 56 -1.49 103.18 29.28
C LEU B 56 -0.68 104.12 30.16
N PRO B 57 0.64 104.18 30.00
CA PRO B 57 1.45 105.10 30.82
C PRO B 57 1.12 106.55 30.50
N PHE B 58 0.97 107.35 31.55
CA PHE B 58 0.66 108.76 31.38
C PHE B 58 1.86 109.50 30.80
N PHE B 59 1.56 110.55 30.03
CA PHE B 59 2.58 111.38 29.38
C PHE B 59 3.50 110.53 28.50
N SER B 60 2.88 109.78 27.58
CA SER B 60 3.60 108.91 26.66
C SER B 60 3.43 109.44 25.24
N ASN B 61 4.03 108.73 24.28
CA ASN B 61 3.97 109.10 22.88
C ASN B 61 3.02 108.17 22.13
N VAL B 62 2.06 108.76 21.43
CA VAL B 62 1.08 108.02 20.63
C VAL B 62 1.10 108.58 19.22
N THR B 63 1.11 107.68 18.23
CA THR B 63 1.17 108.09 16.84
C THR B 63 -0.06 108.91 16.46
N TRP B 64 0.10 109.76 15.44
CA TRP B 64 -0.94 110.69 15.01
C TRP B 64 -1.38 110.40 13.58
N PHE B 65 -1.63 109.12 13.28
CA PHE B 65 -2.12 108.74 11.97
C PHE B 65 -3.41 109.46 11.62
N HIS B 66 -3.38 110.24 10.55
CA HIS B 66 -4.52 111.03 10.10
C HIS B 66 -5.25 110.29 8.99
N VAL B 67 -6.58 110.25 9.08
CA VAL B 67 -7.40 109.50 8.14
C VAL B 67 -8.00 110.45 7.12
N ILE B 68 -7.33 111.59 6.89
CA ILE B 68 -7.86 112.60 5.97
C ILE B 68 -7.90 112.05 4.55
N PHE B 77 -5.68 109.01 3.13
CA PHE B 77 -5.59 107.56 3.09
C PHE B 77 -4.51 107.05 4.05
N ASP B 78 -4.84 106.06 4.87
CA ASP B 78 -3.87 105.46 5.78
C ASP B 78 -4.42 104.10 6.25
N ASN B 79 -3.55 103.09 6.20
CA ASN B 79 -3.92 101.76 6.68
C ASN B 79 -2.66 100.94 6.98
N PRO B 80 -1.91 101.29 8.02
CA PRO B 80 -0.68 100.55 8.34
C PRO B 80 -0.98 99.31 9.16
N VAL B 81 0.08 98.53 9.38
CA VAL B 81 0.00 97.31 10.19
C VAL B 81 0.65 97.62 11.54
N LEU B 82 -0.14 97.46 12.61
CA LEU B 82 0.39 97.81 13.92
C LEU B 82 0.67 96.54 14.74
N PRO B 83 1.82 96.51 15.43
CA PRO B 83 2.15 95.33 16.25
C PRO B 83 1.35 95.33 17.54
N PHE B 84 0.70 94.20 17.83
CA PHE B 84 -0.08 94.03 19.05
C PHE B 84 0.73 93.14 20.00
N ASN B 85 1.51 93.78 20.87
CA ASN B 85 2.37 93.04 21.78
C ASN B 85 1.57 92.48 22.97
N ASP B 86 0.95 93.38 23.75
CA ASP B 86 0.15 92.95 24.88
C ASP B 86 -1.13 93.77 25.07
N GLY B 87 -1.40 94.73 24.22
CA GLY B 87 -2.58 95.56 24.35
C GLY B 87 -2.31 96.96 23.81
N VAL B 88 -3.35 97.53 23.19
CA VAL B 88 -3.26 98.86 22.59
C VAL B 88 -4.42 99.71 23.09
N TYR B 89 -4.28 101.02 22.90
CA TYR B 89 -5.31 101.99 23.26
C TYR B 89 -5.77 102.69 22.00
N PHE B 90 -6.92 102.27 21.47
CA PHE B 90 -7.46 102.82 20.23
C PHE B 90 -8.41 103.97 20.55
N ALA B 91 -8.36 105.00 19.71
CA ALA B 91 -9.24 106.15 19.84
C ALA B 91 -9.86 106.45 18.48
N SER B 92 -10.93 107.24 18.49
CA SER B 92 -11.64 107.58 17.26
C SER B 92 -12.40 108.89 17.47
N ILE B 93 -12.14 109.86 16.60
CA ILE B 93 -12.83 111.15 16.65
C ILE B 93 -13.64 111.33 15.38
N GLU B 94 -14.17 110.23 14.86
CA GLU B 94 -14.97 110.27 13.64
C GLU B 94 -16.22 111.12 13.86
N LYS B 95 -16.83 111.53 12.75
CA LYS B 95 -18.04 112.38 12.82
C LYS B 95 -19.29 111.53 12.91
N SER B 96 -19.59 110.76 11.85
CA SER B 96 -20.73 109.85 11.87
C SER B 96 -20.32 108.40 11.70
N ASN B 97 -19.64 108.06 10.59
CA ASN B 97 -19.28 106.67 10.30
C ASN B 97 -17.90 106.57 9.67
N ILE B 98 -16.99 107.47 10.01
CA ILE B 98 -15.68 107.50 9.35
C ILE B 98 -14.87 106.25 9.72
N ILE B 99 -14.61 106.06 11.01
CA ILE B 99 -13.79 104.96 11.49
C ILE B 99 -14.72 103.89 12.04
N ARG B 100 -14.81 102.77 11.32
CA ARG B 100 -15.65 101.65 11.73
C ARG B 100 -14.97 100.35 11.34
N GLY B 101 -14.85 99.43 12.29
CA GLY B 101 -14.32 98.11 12.02
C GLY B 101 -12.96 97.88 12.65
N TRP B 102 -12.61 96.60 12.80
CA TRP B 102 -11.32 96.21 13.34
C TRP B 102 -10.88 94.92 12.65
N ILE B 103 -9.58 94.85 12.32
CA ILE B 103 -9.04 93.75 11.54
C ILE B 103 -7.95 93.05 12.35
N PHE B 104 -8.14 92.98 13.67
CA PHE B 104 -7.19 92.29 14.54
C PHE B 104 -6.91 90.88 14.03
N GLY B 105 -5.65 90.47 14.15
CA GLY B 105 -5.26 89.14 13.70
C GLY B 105 -3.80 88.91 14.01
N THR B 106 -3.37 87.68 13.75
CA THR B 106 -1.97 87.29 13.96
C THR B 106 -1.13 87.45 12.69
N THR B 107 -1.55 86.78 11.61
CA THR B 107 -0.85 86.85 10.34
C THR B 107 -1.69 87.37 9.20
N LEU B 108 -3.01 87.53 9.40
CA LEU B 108 -3.92 87.99 8.34
C LEU B 108 -3.84 87.10 7.11
N ASP B 109 -3.72 85.79 7.33
CA ASP B 109 -3.61 84.81 6.26
C ASP B 109 -4.73 83.78 6.40
N SER B 110 -4.84 82.92 5.38
CA SER B 110 -5.84 81.87 5.38
C SER B 110 -5.46 80.68 6.25
N LYS B 111 -4.19 80.56 6.64
CA LYS B 111 -3.77 79.44 7.48
C LYS B 111 -4.29 79.60 8.91
N THR B 112 -4.02 80.74 9.52
CA THR B 112 -4.47 81.02 10.88
C THR B 112 -5.77 81.82 10.86
N GLN B 113 -6.39 81.92 12.03
CA GLN B 113 -7.64 82.66 12.17
C GLN B 113 -7.35 84.15 12.30
N SER B 114 -8.41 84.94 12.37
CA SER B 114 -8.29 86.39 12.49
C SER B 114 -9.56 86.92 13.14
N LEU B 115 -9.70 88.25 13.15
CA LEU B 115 -10.85 88.91 13.76
C LEU B 115 -11.26 90.07 12.88
N LEU B 116 -12.54 90.12 12.53
CA LEU B 116 -13.08 91.12 11.61
C LEU B 116 -14.31 91.80 12.19
N ILE B 117 -14.20 92.24 13.45
CA ILE B 117 -15.28 92.94 14.12
C ILE B 117 -15.53 94.28 13.43
N VAL B 118 -16.67 94.39 12.76
CA VAL B 118 -17.05 95.61 12.05
C VAL B 118 -18.32 96.17 12.66
N ASN B 119 -18.64 97.40 12.27
CA ASN B 119 -19.83 98.10 12.74
C ASN B 119 -20.70 98.43 11.53
N ASN B 120 -21.64 97.54 11.22
CA ASN B 120 -22.55 97.74 10.10
C ASN B 120 -23.76 98.54 10.57
N ALA B 121 -24.82 98.58 9.75
CA ALA B 121 -26.00 99.37 10.05
C ALA B 121 -26.69 98.88 11.33
N THR B 122 -26.63 99.71 12.37
CA THR B 122 -27.22 99.45 13.70
C THR B 122 -27.08 97.99 14.12
N ASN B 123 -25.88 97.46 13.95
CA ASN B 123 -25.54 96.12 14.44
C ASN B 123 -24.03 95.96 14.39
N VAL B 124 -23.53 94.96 15.12
CA VAL B 124 -22.11 94.64 15.16
C VAL B 124 -21.95 93.15 14.94
N VAL B 125 -21.15 92.79 13.93
CA VAL B 125 -20.88 91.39 13.61
C VAL B 125 -19.50 91.04 14.15
N ILE B 126 -19.43 90.01 14.98
CA ILE B 126 -18.19 89.56 15.59
C ILE B 126 -17.99 88.10 15.21
N LYS B 127 -17.01 87.86 14.34
CA LYS B 127 -16.67 86.50 13.90
C LYS B 127 -15.16 86.32 13.96
N VAL B 128 -14.74 85.13 14.37
CA VAL B 128 -13.33 84.79 14.45
C VAL B 128 -12.91 83.90 13.27
N CYS B 129 -13.65 83.96 12.16
CA CYS B 129 -13.35 83.12 11.02
C CYS B 129 -12.02 83.53 10.38
N GLU B 130 -11.44 82.60 9.61
CA GLU B 130 -10.14 82.81 9.00
C GLU B 130 -10.29 83.35 7.56
N PHE B 131 -10.96 84.49 7.46
CA PHE B 131 -11.07 85.19 6.18
C PHE B 131 -9.82 86.05 5.99
N GLN B 132 -8.94 85.62 5.07
CA GLN B 132 -7.66 86.30 4.89
C GLN B 132 -7.83 87.75 4.42
N PHE B 133 -8.31 87.92 3.18
CA PHE B 133 -8.49 89.22 2.52
C PHE B 133 -9.06 88.94 1.14
N CYS B 134 -9.51 90.00 0.48
CA CYS B 134 -9.88 89.91 -0.94
C CYS B 134 -8.98 90.78 -1.81
N ASN B 135 -9.00 92.09 -1.64
CA ASN B 135 -8.04 92.97 -2.33
C ASN B 135 -7.37 93.96 -1.40
N ASP B 136 -8.11 94.50 -0.42
CA ASP B 136 -7.62 95.56 0.45
C ASP B 136 -8.61 95.78 1.59
N PRO B 137 -8.15 96.15 2.79
CA PRO B 137 -9.08 96.41 3.89
C PRO B 137 -9.88 97.68 3.70
N PHE B 138 -10.93 97.63 2.88
CA PHE B 138 -11.77 98.79 2.63
C PHE B 138 -13.23 98.35 2.58
N LEU B 139 -14.12 99.29 2.84
CA LEU B 139 -15.56 99.02 2.79
C LEU B 139 -16.34 100.31 2.55
N GLU B 151 -21.63 97.27 2.31
CA GLU B 151 -21.08 96.20 1.49
C GLU B 151 -19.90 95.51 2.19
N PHE B 152 -19.82 94.20 2.03
CA PHE B 152 -18.75 93.41 2.65
C PHE B 152 -17.58 93.23 1.68
N ARG B 153 -17.01 94.35 1.26
CA ARG B 153 -15.88 94.36 0.35
C ARG B 153 -14.54 94.23 1.06
N VAL B 154 -14.55 93.86 2.35
CA VAL B 154 -13.29 93.70 3.07
C VAL B 154 -12.64 92.36 2.74
N TYR B 155 -13.44 91.31 2.60
CA TYR B 155 -12.93 89.98 2.31
C TYR B 155 -13.88 89.27 1.36
N SER B 156 -13.34 88.29 0.64
CA SER B 156 -14.14 87.47 -0.28
C SER B 156 -13.50 86.08 -0.32
N SER B 157 -14.02 85.19 0.52
CA SER B 157 -13.53 83.81 0.61
C SER B 157 -14.54 83.03 1.44
N ALA B 158 -14.21 81.77 1.73
CA ALA B 158 -15.08 80.90 2.52
C ALA B 158 -14.22 79.83 3.17
N ASN B 159 -14.21 79.80 4.50
CA ASN B 159 -13.45 78.82 5.26
C ASN B 159 -14.26 78.42 6.48
N ASN B 160 -13.65 77.65 7.37
CA ASN B 160 -14.32 77.22 8.59
C ASN B 160 -14.20 78.29 9.66
N CYS B 161 -15.30 78.53 10.37
CA CYS B 161 -15.35 79.54 11.42
C CYS B 161 -15.47 78.87 12.78
N THR B 162 -15.36 79.69 13.83
CA THR B 162 -15.44 79.21 15.20
C THR B 162 -16.40 79.99 16.08
N PHE B 163 -16.86 81.16 15.65
CA PHE B 163 -17.76 81.97 16.45
C PHE B 163 -18.51 82.93 15.54
N GLU B 164 -19.81 83.08 15.78
CA GLU B 164 -20.69 83.95 14.99
C GLU B 164 -21.56 84.79 15.92
N TYR B 165 -20.94 85.35 16.96
CA TYR B 165 -21.65 86.16 17.95
C TYR B 165 -21.96 87.53 17.34
N VAL B 166 -23.10 87.60 16.66
CA VAL B 166 -23.56 88.84 16.03
C VAL B 166 -24.21 89.69 17.11
N SER B 167 -23.49 90.72 17.58
CA SER B 167 -23.99 91.59 18.64
C SER B 167 -25.01 92.56 18.04
N GLN B 168 -26.26 92.44 18.48
CA GLN B 168 -27.31 93.32 17.97
C GLN B 168 -27.11 94.78 18.40
N PRO B 169 -26.88 95.10 19.67
CA PRO B 169 -26.65 96.52 20.03
C PRO B 169 -25.33 97.02 19.49
N PHE B 170 -25.39 98.10 18.71
CA PHE B 170 -24.19 98.66 18.12
C PHE B 170 -23.32 99.33 19.19
N LEU B 171 -22.01 99.30 18.95
CA LEU B 171 -21.05 99.88 19.89
C LEU B 171 -20.80 101.36 19.65
N MET B 172 -21.26 101.91 18.54
CA MET B 172 -21.06 103.32 18.24
C MET B 172 -22.39 104.07 18.16
N GLN B 178 -26.16 120.20 16.82
CA GLN B 178 -24.81 120.16 17.36
C GLN B 178 -23.76 120.30 16.26
N GLY B 179 -23.52 121.54 15.84
CA GLY B 179 -22.56 121.81 14.79
C GLY B 179 -21.12 121.55 15.21
N ASN B 180 -20.62 122.36 16.15
CA ASN B 180 -19.26 122.23 16.64
C ASN B 180 -19.18 121.31 17.86
N PHE B 181 -19.74 120.10 17.72
CA PHE B 181 -19.75 119.10 18.79
C PHE B 181 -19.36 117.76 18.18
N LYS B 182 -18.08 117.42 18.26
CA LYS B 182 -17.59 116.15 17.74
C LYS B 182 -17.86 115.05 18.77
N ASN B 183 -17.36 113.85 18.50
CA ASN B 183 -17.56 112.71 19.39
C ASN B 183 -16.28 111.88 19.44
N LEU B 184 -15.76 111.68 20.64
CA LEU B 184 -14.56 110.88 20.86
C LEU B 184 -14.94 109.50 21.36
N ARG B 185 -14.38 108.47 20.72
CA ARG B 185 -14.63 107.08 21.08
C ARG B 185 -13.31 106.39 21.29
N GLU B 186 -13.02 106.01 22.53
CA GLU B 186 -11.80 105.30 22.89
C GLU B 186 -12.11 103.83 23.15
N PHE B 187 -11.17 102.96 22.78
CA PHE B 187 -11.34 101.52 22.91
C PHE B 187 -10.04 100.91 23.41
N VAL B 188 -10.09 100.28 24.58
CA VAL B 188 -8.94 99.61 25.15
C VAL B 188 -9.04 98.12 24.81
N PHE B 189 -8.11 97.64 23.98
CA PHE B 189 -8.07 96.24 23.59
C PHE B 189 -7.03 95.51 24.42
N LYS B 190 -7.48 94.54 25.22
CA LYS B 190 -6.59 93.74 26.05
C LYS B 190 -6.94 92.28 25.88
N ASN B 191 -5.92 91.45 25.61
CA ASN B 191 -6.09 90.03 25.37
C ASN B 191 -5.39 89.24 26.47
N ILE B 192 -6.08 88.26 27.03
CA ILE B 192 -5.51 87.37 28.03
C ILE B 192 -5.61 85.94 27.52
N ASP B 193 -5.17 84.99 28.35
CA ASP B 193 -5.04 83.60 27.91
C ASP B 193 -6.36 83.01 27.40
N GLY B 194 -7.49 83.52 27.87
CA GLY B 194 -8.76 82.95 27.48
C GLY B 194 -9.88 83.93 27.23
N TYR B 195 -9.56 85.22 27.12
CA TYR B 195 -10.58 86.24 26.90
C TYR B 195 -10.01 87.37 26.06
N PHE B 196 -10.77 87.80 25.06
CA PHE B 196 -10.43 88.97 24.25
C PHE B 196 -11.29 90.13 24.72
N LYS B 197 -10.92 90.70 25.86
CA LYS B 197 -11.70 91.78 26.45
C LYS B 197 -11.53 93.06 25.66
N ILE B 198 -12.64 93.77 25.45
CA ILE B 198 -12.66 95.03 24.71
C ILE B 198 -13.44 96.05 25.53
N TYR B 199 -12.81 97.17 25.83
CA TYR B 199 -13.44 98.27 26.55
C TYR B 199 -13.86 99.37 25.57
N SER B 200 -14.77 100.22 26.02
CA SER B 200 -15.29 101.29 25.17
C SER B 200 -15.91 102.38 26.05
N LYS B 201 -15.93 103.59 25.49
CA LYS B 201 -16.56 104.74 26.16
C LYS B 201 -16.77 105.83 25.13
N HIS B 202 -17.95 106.46 25.18
CA HIS B 202 -18.32 107.51 24.25
C HIS B 202 -18.43 108.82 25.02
N THR B 203 -17.58 109.79 24.67
CA THR B 203 -17.56 111.09 25.32
C THR B 203 -17.84 112.19 24.29
N PRO B 204 -18.91 112.95 24.44
CA PRO B 204 -19.19 114.03 23.48
C PRO B 204 -18.39 115.29 23.76
N ILE B 205 -17.15 115.34 23.25
CA ILE B 205 -16.30 116.50 23.47
C ILE B 205 -16.95 117.75 22.87
N ILE B 206 -16.61 118.91 23.43
CA ILE B 206 -17.23 120.17 23.07
C ILE B 206 -16.22 121.13 22.43
N VAL B 207 -14.99 121.18 22.96
CA VAL B 207 -14.01 122.14 22.48
C VAL B 207 -13.67 121.86 21.02
N ARG B 208 -13.59 122.93 20.23
CA ARG B 208 -13.27 122.86 18.81
C ARG B 208 -11.80 123.17 18.53
N GLU B 209 -10.91 122.85 19.46
CA GLU B 209 -9.49 123.08 19.28
C GLU B 209 -8.94 122.15 18.20
N PRO B 210 -7.71 122.39 17.73
CA PRO B 210 -7.07 121.43 16.82
C PRO B 210 -7.12 120.02 17.38
N GLU B 211 -7.16 119.04 16.49
CA GLU B 211 -7.36 117.64 16.86
C GLU B 211 -6.27 117.15 17.80
N ASP B 212 -6.65 116.87 19.04
CA ASP B 212 -5.71 116.41 20.06
C ASP B 212 -6.51 115.80 21.20
N LEU B 213 -5.83 115.01 22.02
CA LEU B 213 -6.49 114.38 23.16
C LEU B 213 -6.94 115.45 24.15
N PRO B 214 -8.20 115.44 24.58
CA PRO B 214 -8.68 116.47 25.50
C PRO B 214 -8.16 116.29 26.92
N GLN B 215 -8.50 117.22 27.80
CA GLN B 215 -8.07 117.18 29.20
C GLN B 215 -9.22 116.74 30.07
N GLY B 216 -9.06 115.61 30.73
CA GLY B 216 -10.10 115.10 31.61
C GLY B 216 -10.07 113.58 31.77
N PHE B 217 -10.31 113.10 32.97
CA PHE B 217 -10.33 111.67 33.24
C PHE B 217 -11.62 111.06 32.71
N SER B 218 -11.50 109.90 32.08
CA SER B 218 -12.67 109.21 31.52
C SER B 218 -12.36 107.73 31.46
N ALA B 219 -13.01 106.95 32.32
CA ALA B 219 -12.85 105.50 32.32
C ALA B 219 -13.66 104.88 31.17
N LEU B 220 -13.47 103.57 30.99
CA LEU B 220 -14.16 102.82 29.96
C LEU B 220 -14.96 101.69 30.60
N GLU B 221 -16.12 101.39 30.02
CA GLU B 221 -17.01 100.37 30.55
C GLU B 221 -16.96 99.13 29.67
N PRO B 222 -16.77 97.94 30.26
CA PRO B 222 -16.75 96.72 29.44
C PRO B 222 -18.13 96.41 28.89
N LEU B 223 -18.17 95.99 27.63
CA LEU B 223 -19.42 95.64 26.97
C LEU B 223 -19.40 94.24 26.39
N VAL B 224 -18.27 93.78 25.88
CA VAL B 224 -18.14 92.45 25.28
C VAL B 224 -17.03 91.69 25.99
N ASP B 225 -17.24 90.39 26.19
CA ASP B 225 -16.31 89.52 26.90
C ASP B 225 -16.12 88.21 26.14
N LEU B 226 -15.86 88.32 24.83
CA LEU B 226 -15.69 87.16 23.96
C LEU B 226 -14.64 86.21 24.53
N PRO B 227 -15.01 84.99 24.91
CA PRO B 227 -14.04 84.04 25.46
C PRO B 227 -13.23 83.28 24.43
N ILE B 228 -13.23 83.72 23.16
CA ILE B 228 -12.48 83.02 22.13
C ILE B 228 -10.99 83.16 22.38
N GLY B 229 -10.27 82.06 22.28
CA GLY B 229 -8.83 82.07 22.50
C GLY B 229 -8.03 81.94 21.22
N ILE B 230 -7.32 83.01 20.86
CA ILE B 230 -6.51 83.01 19.65
C ILE B 230 -5.42 84.07 19.82
N ASN B 231 -4.21 83.71 19.40
CA ASN B 231 -3.09 84.63 19.50
C ASN B 231 -3.24 85.76 18.49
N ILE B 232 -3.14 87.00 18.97
CA ILE B 232 -3.26 88.19 18.13
C ILE B 232 -2.00 89.02 18.31
N THR B 233 -1.35 89.36 17.19
CA THR B 233 -0.12 90.14 17.23
C THR B 233 -0.09 91.32 16.26
N ARG B 234 -1.05 91.43 15.34
CA ARG B 234 -1.06 92.48 14.35
C ARG B 234 -2.39 93.22 14.39
N PHE B 235 -2.32 94.55 14.23
CA PHE B 235 -3.49 95.42 14.23
C PHE B 235 -3.58 96.11 12.88
N GLN B 236 -4.72 95.95 12.22
CA GLN B 236 -4.99 96.59 10.93
C GLN B 236 -6.28 97.41 11.05
N THR B 237 -6.24 98.64 10.56
CA THR B 237 -7.37 99.54 10.62
C THR B 237 -7.96 99.75 9.23
N LEU B 238 -9.18 100.29 9.20
CA LEU B 238 -9.88 100.55 7.95
C LEU B 238 -10.96 101.60 8.20
N LEU B 239 -11.33 102.30 7.13
CA LEU B 239 -12.34 103.34 7.19
C LEU B 239 -13.40 103.10 6.12
N ALA B 240 -14.59 103.64 6.36
CA ALA B 240 -15.69 103.56 5.40
C ALA B 240 -15.41 104.53 4.26
N LEU B 241 -14.89 103.99 3.15
CA LEU B 241 -14.49 104.82 2.01
C LEU B 241 -15.69 105.53 1.41
N HIS B 242 -16.63 104.76 0.84
CA HIS B 242 -17.86 105.28 0.25
C HIS B 242 -17.58 106.38 -0.77
N ARG B 243 -16.89 106.00 -1.84
CA ARG B 243 -16.60 106.95 -2.92
C ARG B 243 -17.84 107.24 -3.74
N SER B 244 -18.54 106.20 -4.17
CA SER B 244 -19.77 106.33 -4.98
C SER B 244 -19.52 107.15 -6.25
N GLY B 258 -9.20 117.74 7.14
CA GLY B 258 -9.06 116.91 8.32
C GLY B 258 -10.37 116.30 8.78
N ALA B 259 -10.71 115.13 8.24
CA ALA B 259 -11.94 114.46 8.60
C ALA B 259 -11.84 113.86 10.00
N ALA B 260 -10.90 112.94 10.20
CA ALA B 260 -10.72 112.29 11.49
C ALA B 260 -9.32 111.71 11.55
N ALA B 261 -8.89 111.38 12.77
CA ALA B 261 -7.59 110.78 13.00
C ALA B 261 -7.67 109.90 14.24
N TYR B 262 -7.26 108.65 14.11
CA TYR B 262 -7.32 107.68 15.20
C TYR B 262 -5.98 107.64 15.93
N TYR B 263 -6.04 107.51 17.25
CA TYR B 263 -4.86 107.37 18.08
C TYR B 263 -4.75 105.94 18.58
N VAL B 264 -3.54 105.38 18.48
CA VAL B 264 -3.28 103.99 18.86
C VAL B 264 -2.10 103.99 19.81
N GLY B 265 -2.37 103.70 21.09
CA GLY B 265 -1.33 103.62 22.09
C GLY B 265 -0.84 102.21 22.32
N TYR B 266 -0.09 102.03 23.40
CA TYR B 266 0.45 100.74 23.79
C TYR B 266 0.41 100.61 25.30
N LEU B 267 -0.11 99.48 25.79
CA LEU B 267 -0.22 99.25 27.22
C LEU B 267 1.09 98.67 27.76
N GLN B 268 1.37 98.97 29.02
CA GLN B 268 2.57 98.51 29.71
C GLN B 268 2.21 98.08 31.11
N PRO B 269 2.89 97.06 31.65
CA PRO B 269 2.62 96.60 33.02
C PRO B 269 3.10 97.62 34.04
N ARG B 270 2.15 98.33 34.65
CA ARG B 270 2.46 99.34 35.65
C ARG B 270 1.45 99.26 36.78
N THR B 271 1.69 100.04 37.83
CA THR B 271 0.83 100.10 38.99
C THR B 271 0.10 101.44 39.01
N PHE B 272 -1.21 101.38 39.29
CA PHE B 272 -2.04 102.58 39.34
C PHE B 272 -2.93 102.52 40.57
N LEU B 273 -3.05 103.66 41.26
CA LEU B 273 -3.91 103.80 42.43
C LEU B 273 -5.20 104.47 41.98
N LEU B 274 -6.32 103.78 42.17
CA LEU B 274 -7.62 104.25 41.69
C LEU B 274 -8.42 104.83 42.84
N LYS B 275 -9.13 105.93 42.54
CA LYS B 275 -10.01 106.57 43.50
C LYS B 275 -11.45 106.36 43.05
N TYR B 276 -12.24 105.68 43.89
CA TYR B 276 -13.63 105.38 43.58
C TYR B 276 -14.55 106.40 44.24
N ASN B 277 -15.59 106.79 43.52
CA ASN B 277 -16.56 107.74 44.03
C ASN B 277 -17.57 107.05 44.92
N GLU B 278 -18.40 107.84 45.59
CA GLU B 278 -19.44 107.28 46.46
C GLU B 278 -20.49 106.53 45.66
N ASN B 279 -20.68 106.90 44.38
CA ASN B 279 -21.62 106.17 43.54
C ASN B 279 -21.06 104.81 43.11
N GLY B 280 -19.75 104.72 42.92
CA GLY B 280 -19.14 103.46 42.53
C GLY B 280 -18.27 103.58 41.29
N THR B 281 -18.05 104.81 40.83
CA THR B 281 -17.26 105.07 39.64
C THR B 281 -15.91 105.65 40.02
N ILE B 282 -14.96 105.53 39.10
CA ILE B 282 -13.61 106.05 39.30
C ILE B 282 -13.57 107.51 38.86
N THR B 283 -13.09 108.38 39.74
CA THR B 283 -13.00 109.81 39.43
C THR B 283 -11.66 110.18 38.79
N ASP B 284 -10.58 109.56 39.22
CA ASP B 284 -9.26 109.85 38.68
C ASP B 284 -8.32 108.70 39.01
N ALA B 285 -7.14 108.74 38.43
CA ALA B 285 -6.12 107.72 38.66
C ALA B 285 -4.75 108.36 38.57
N VAL B 286 -3.82 107.84 39.36
CA VAL B 286 -2.45 108.36 39.43
C VAL B 286 -1.49 107.20 39.20
N ASP B 287 -0.53 107.40 38.32
CA ASP B 287 0.48 106.38 38.05
C ASP B 287 1.45 106.28 39.23
N CYS B 288 2.31 105.27 39.19
CA CYS B 288 3.30 105.04 40.23
C CYS B 288 4.74 105.23 39.77
N ALA B 289 5.04 105.04 38.49
CA ALA B 289 6.37 105.32 37.94
C ALA B 289 6.19 106.37 36.85
N LEU B 290 6.15 107.63 37.26
CA LEU B 290 6.16 108.76 36.33
C LEU B 290 7.00 109.94 36.80
N ASP B 291 7.21 110.10 38.10
CA ASP B 291 7.90 111.24 38.67
C ASP B 291 8.12 110.97 40.16
N PRO B 292 9.07 111.67 40.79
CA PRO B 292 9.31 111.44 42.22
C PRO B 292 8.09 111.69 43.10
N LEU B 293 7.08 112.42 42.61
CA LEU B 293 5.88 112.65 43.40
C LEU B 293 4.91 111.48 43.31
N SER B 294 4.84 110.82 42.15
CA SER B 294 3.91 109.71 41.98
C SER B 294 4.28 108.52 42.85
N GLU B 295 5.57 108.25 43.02
CA GLU B 295 6.00 107.16 43.88
C GLU B 295 5.61 107.41 45.33
N THR B 296 5.70 108.67 45.78
CA THR B 296 5.28 109.01 47.13
C THR B 296 3.77 108.86 47.28
N LYS B 297 3.01 109.21 46.24
CA LYS B 297 1.56 109.07 46.27
C LYS B 297 1.10 107.62 46.13
N CYS B 298 1.97 106.73 45.66
CA CYS B 298 1.61 105.32 45.58
C CYS B 298 2.06 104.53 46.81
N THR B 299 3.20 104.90 47.42
CA THR B 299 3.64 104.20 48.61
C THR B 299 2.77 104.50 49.82
N LEU B 300 1.98 105.58 49.76
CA LEU B 300 1.04 105.94 50.82
C LEU B 300 -0.34 106.05 50.22
N LYS B 301 -1.32 105.42 50.86
CA LYS B 301 -2.69 105.40 50.34
C LYS B 301 -3.38 106.75 50.55
N SER B 302 -2.89 107.79 49.87
CA SER B 302 -3.47 109.12 49.97
C SER B 302 -2.98 110.01 48.83
N PHE B 303 -3.91 110.67 48.14
CA PHE B 303 -3.54 111.58 47.07
C PHE B 303 -3.13 112.97 47.57
N THR B 304 -3.30 113.23 48.86
CA THR B 304 -2.91 114.51 49.47
C THR B 304 -1.76 114.23 50.41
N VAL B 305 -0.54 114.40 49.92
CA VAL B 305 0.67 114.14 50.70
C VAL B 305 0.97 115.36 51.55
N GLU B 306 1.19 115.13 52.85
CA GLU B 306 1.50 116.23 53.76
C GLU B 306 2.92 116.73 53.52
N LYS B 307 3.23 117.85 54.18
CA LYS B 307 4.54 118.47 54.02
C LYS B 307 5.58 117.69 54.83
N GLY B 308 6.64 117.25 54.15
CA GLY B 308 7.69 116.52 54.81
C GLY B 308 8.44 115.65 53.81
N ILE B 309 9.35 114.85 54.37
CA ILE B 309 10.17 113.92 53.59
C ILE B 309 9.70 112.50 53.88
N TYR B 310 9.54 111.70 52.83
CA TYR B 310 9.06 110.33 52.95
C TYR B 310 10.02 109.39 52.24
N GLN B 311 10.27 108.24 52.86
CA GLN B 311 11.19 107.26 52.30
C GLN B 311 10.45 106.38 51.30
N THR B 312 10.83 106.48 50.03
CA THR B 312 10.22 105.68 48.97
C THR B 312 11.03 104.40 48.80
N SER B 313 10.78 103.66 47.71
CA SER B 313 11.49 102.42 47.47
C SER B 313 12.97 102.67 47.23
N ASN B 314 13.78 101.63 47.43
CA ASN B 314 15.22 101.72 47.28
C ASN B 314 15.61 101.55 45.81
N PHE B 315 16.78 102.10 45.47
CA PHE B 315 17.32 101.99 44.13
C PHE B 315 18.58 101.13 44.15
N ARG B 316 18.85 100.48 43.02
CA ARG B 316 20.00 99.60 42.89
C ARG B 316 20.55 99.71 41.48
N VAL B 317 21.81 100.11 41.37
CA VAL B 317 22.45 100.24 40.05
C VAL B 317 22.82 98.85 39.55
N GLN B 318 22.19 98.43 38.46
CA GLN B 318 22.45 97.12 37.90
C GLN B 318 23.77 97.13 37.12
N PRO B 319 24.55 96.05 37.20
CA PRO B 319 25.81 95.99 36.47
C PRO B 319 25.58 95.96 34.95
N THR B 320 26.63 96.30 34.22
CA THR B 320 26.59 96.34 32.76
C THR B 320 27.46 95.26 32.14
N GLU B 321 28.74 95.22 32.50
CA GLU B 321 29.68 94.24 31.96
C GLU B 321 29.83 93.07 32.92
N SER B 322 30.44 92.00 32.41
CA SER B 322 30.65 90.79 33.20
C SER B 322 31.93 90.13 32.71
N ILE B 323 32.94 90.07 33.58
CA ILE B 323 34.24 89.49 33.25
C ILE B 323 34.41 88.19 34.01
N VAL B 324 35.04 87.21 33.36
CA VAL B 324 35.31 85.91 33.96
C VAL B 324 36.79 85.63 33.76
N ARG B 325 37.60 85.92 34.78
CA ARG B 325 39.04 85.75 34.72
C ARG B 325 39.45 84.49 35.48
N PHE B 326 40.10 83.57 34.79
CA PHE B 326 40.60 82.33 35.36
C PHE B 326 42.12 82.33 35.43
N PRO B 327 42.72 81.42 36.21
CA PRO B 327 44.18 81.35 36.26
C PRO B 327 44.79 81.11 34.89
N ASN B 328 46.08 81.42 34.78
CA ASN B 328 46.77 81.31 33.51
C ASN B 328 46.81 79.87 33.03
N ILE B 329 46.83 79.71 31.70
CA ILE B 329 46.84 78.39 31.09
C ILE B 329 48.26 77.85 31.08
N THR B 330 48.48 76.73 31.75
CA THR B 330 49.80 76.11 31.81
C THR B 330 49.60 74.61 32.02
N ASN B 331 50.72 73.89 32.12
CA ASN B 331 50.72 72.44 32.32
C ASN B 331 49.96 71.74 31.20
N LEU B 332 50.48 71.87 29.98
CA LEU B 332 49.84 71.28 28.82
C LEU B 332 49.95 69.75 28.87
N CYS B 333 49.24 69.09 27.96
CA CYS B 333 49.23 67.64 27.91
C CYS B 333 50.19 67.13 26.84
N PRO B 334 50.72 65.91 27.00
CA PRO B 334 51.65 65.38 26.01
C PRO B 334 50.95 64.79 24.80
N PHE B 335 49.67 65.12 24.62
CA PHE B 335 48.92 64.62 23.47
C PHE B 335 49.53 65.09 22.16
N ASP B 336 50.19 66.26 22.17
CA ASP B 336 50.85 66.73 20.96
C ASP B 336 51.99 65.81 20.54
N GLU B 337 52.70 65.23 21.51
CA GLU B 337 53.76 64.28 21.23
C GLU B 337 53.24 62.86 21.02
N VAL B 338 52.10 62.52 21.59
CA VAL B 338 51.52 61.18 21.43
C VAL B 338 51.02 60.96 20.01
N PHE B 339 50.31 61.95 19.46
CA PHE B 339 49.75 61.85 18.11
C PHE B 339 50.76 62.18 17.02
N ASN B 340 52.05 62.20 17.33
CA ASN B 340 53.08 62.50 16.33
C ASN B 340 54.26 61.57 16.59
N ALA B 341 54.36 60.51 15.80
CA ALA B 341 55.44 59.54 15.92
C ALA B 341 55.49 58.71 14.63
N THR B 342 56.37 57.72 14.61
CA THR B 342 56.51 56.82 13.47
C THR B 342 56.04 55.41 13.78
N ARG B 343 56.56 54.80 14.84
CA ARG B 343 56.12 53.48 15.30
C ARG B 343 55.32 53.69 16.58
N PHE B 344 54.00 53.50 16.49
CA PHE B 344 53.12 53.81 17.62
C PHE B 344 52.93 52.60 18.53
N ALA B 345 52.36 51.52 18.00
CA ALA B 345 52.06 50.33 18.79
C ALA B 345 51.54 49.20 17.92
N SER B 346 51.26 48.06 18.54
CA SER B 346 50.64 46.92 17.85
C SER B 346 49.40 46.50 18.62
N VAL B 347 48.64 45.57 18.03
CA VAL B 347 47.39 45.14 18.65
C VAL B 347 47.62 44.18 19.81
N TYR B 348 48.72 43.43 19.81
CA TYR B 348 49.02 42.53 20.92
C TYR B 348 49.82 43.19 22.03
N ALA B 349 50.52 44.28 21.72
CA ALA B 349 51.29 45.06 22.71
C ALA B 349 50.97 46.52 22.47
N TRP B 350 49.90 47.00 23.12
CA TRP B 350 49.45 48.38 22.98
C TRP B 350 49.78 49.16 24.25
N ASN B 351 50.12 50.44 24.06
CA ASN B 351 50.51 51.28 25.18
C ASN B 351 49.31 51.55 26.10
N ARG B 352 49.62 51.82 27.36
CA ARG B 352 48.63 52.12 28.39
C ARG B 352 49.02 53.39 29.13
N LYS B 353 49.38 54.42 28.36
CA LYS B 353 49.84 55.67 28.95
C LYS B 353 48.74 56.31 29.79
N ARG B 354 48.98 56.38 31.10
CA ARG B 354 48.05 57.01 32.04
C ARG B 354 48.45 58.47 32.21
N ILE B 355 47.70 59.36 31.55
CA ILE B 355 48.01 60.79 31.54
C ILE B 355 47.02 61.50 32.45
N SER B 356 47.52 62.42 33.25
CA SER B 356 46.70 63.20 34.16
C SER B 356 47.43 64.50 34.49
N ASN B 357 46.75 65.37 35.23
CA ASN B 357 47.30 66.66 35.66
C ASN B 357 47.73 67.50 34.46
N CYS B 358 46.75 67.82 33.62
CA CYS B 358 46.98 68.63 32.43
C CYS B 358 45.68 69.33 32.07
N VAL B 359 45.73 70.14 31.01
CA VAL B 359 44.55 70.82 30.50
C VAL B 359 44.13 70.16 29.19
N ALA B 360 43.21 69.21 29.28
CA ALA B 360 42.77 68.45 28.11
C ALA B 360 41.90 69.34 27.23
N ASP B 361 42.49 69.87 26.17
CA ASP B 361 41.78 70.72 25.21
C ASP B 361 41.50 69.89 23.97
N TYR B 362 40.32 69.28 23.93
CA TYR B 362 39.94 68.42 22.81
C TYR B 362 39.70 69.22 21.53
N SER B 363 39.50 70.53 21.64
CA SER B 363 39.29 71.34 20.44
C SER B 363 40.55 71.42 19.59
N VAL B 364 41.73 71.30 20.20
CA VAL B 364 42.97 71.35 19.44
C VAL B 364 43.14 70.08 18.61
N LEU B 365 42.59 68.95 19.08
CA LEU B 365 42.72 67.69 18.35
C LEU B 365 42.03 67.72 17.00
N TYR B 366 41.14 68.68 16.77
CA TYR B 366 40.46 68.81 15.48
C TYR B 366 41.34 69.47 14.42
N ASN B 367 42.57 69.85 14.75
CA ASN B 367 43.45 70.48 13.78
C ASN B 367 44.89 69.97 13.86
N LEU B 368 45.16 68.95 14.67
CA LEU B 368 46.52 68.42 14.77
C LEU B 368 46.87 67.60 13.53
N ALA B 369 46.11 66.54 13.27
CA ALA B 369 46.33 65.67 12.14
C ALA B 369 45.03 65.43 11.40
N PRO B 370 45.09 65.16 10.09
CA PRO B 370 43.86 64.91 9.32
C PRO B 370 43.20 63.59 9.71
N PHE B 371 42.53 63.58 10.86
CA PHE B 371 41.85 62.37 11.32
C PHE B 371 40.70 62.01 10.38
N PHE B 372 40.37 60.72 10.35
CA PHE B 372 39.27 60.22 9.54
C PHE B 372 38.14 59.64 10.37
N THR B 373 38.23 59.69 11.68
CA THR B 373 37.20 59.17 12.57
C THR B 373 37.27 59.90 13.89
N PHE B 374 36.16 60.52 14.29
CA PHE B 374 36.09 61.26 15.54
C PHE B 374 34.77 60.96 16.26
N LYS B 375 34.42 59.68 16.31
CA LYS B 375 33.20 59.24 16.97
C LYS B 375 33.47 59.06 18.47
N CYS B 376 32.58 59.60 19.29
CA CYS B 376 32.66 59.47 20.74
C CYS B 376 31.35 58.89 21.25
N TYR B 377 31.44 57.77 21.97
CA TYR B 377 30.23 57.08 22.41
C TYR B 377 29.64 57.70 23.68
N GLY B 378 30.50 58.11 24.61
CA GLY B 378 30.04 58.58 25.90
C GLY B 378 29.28 59.89 25.87
N VAL B 379 29.98 60.99 25.58
CA VAL B 379 29.39 62.32 25.58
C VAL B 379 29.78 63.03 24.29
N SER B 380 29.35 64.29 24.18
CA SER B 380 29.61 65.19 23.07
C SER B 380 30.94 65.92 23.28
N PRO B 381 31.69 66.17 22.20
CA PRO B 381 32.97 66.89 22.36
C PRO B 381 32.81 68.30 22.88
N THR B 382 31.67 68.94 22.62
CA THR B 382 31.44 70.28 23.15
C THR B 382 31.29 70.27 24.66
N LYS B 383 30.57 69.27 25.19
CA LYS B 383 30.39 69.14 26.63
C LYS B 383 31.55 68.41 27.30
N LEU B 384 32.43 67.77 26.52
CA LEU B 384 33.55 67.05 27.11
C LEU B 384 34.58 68.01 27.69
N ASN B 385 34.66 69.24 27.16
CA ASN B 385 35.60 70.23 27.64
C ASN B 385 35.18 70.87 28.97
N ASP B 386 34.03 70.47 29.52
CA ASP B 386 33.55 71.03 30.78
C ASP B 386 33.28 69.95 31.82
N LEU B 387 33.93 68.79 31.69
CA LEU B 387 33.75 67.68 32.62
C LEU B 387 35.11 67.26 33.15
N CYS B 388 35.22 67.15 34.47
CA CYS B 388 36.47 66.75 35.09
C CYS B 388 36.64 65.23 35.05
N PHE B 389 37.90 64.80 35.04
CA PHE B 389 38.23 63.38 35.01
C PHE B 389 39.47 63.14 35.86
N THR B 390 39.63 61.90 36.31
CA THR B 390 40.78 61.54 37.13
C THR B 390 42.00 61.24 36.27
N ASN B 391 41.88 60.30 35.35
CA ASN B 391 43.00 59.93 34.48
C ASN B 391 42.44 59.30 33.21
N VAL B 392 43.08 59.58 32.08
CA VAL B 392 42.69 59.06 30.79
C VAL B 392 43.67 57.97 30.39
N TYR B 393 43.14 56.83 29.95
CA TYR B 393 43.93 55.69 29.51
C TYR B 393 44.06 55.74 27.99
N ALA B 394 45.26 56.05 27.51
CA ALA B 394 45.51 56.14 26.07
C ALA B 394 45.99 54.79 25.56
N ASP B 395 45.19 54.17 24.68
CA ASP B 395 45.52 52.88 24.10
C ASP B 395 45.49 53.00 22.58
N SER B 396 46.64 52.80 21.95
CA SER B 396 46.78 52.94 20.51
C SER B 396 47.18 51.61 19.89
N PHE B 397 46.75 51.40 18.65
CA PHE B 397 47.09 50.20 17.89
C PHE B 397 46.90 50.49 16.42
N VAL B 398 47.33 49.55 15.58
CA VAL B 398 47.29 49.69 14.13
C VAL B 398 46.51 48.52 13.55
N ILE B 399 45.45 48.81 12.80
CA ILE B 399 44.63 47.80 12.14
C ILE B 399 44.38 48.24 10.71
N ARG B 400 43.68 47.38 9.97
CA ARG B 400 43.34 47.68 8.59
C ARG B 400 42.13 48.61 8.53
N GLY B 401 41.73 48.99 7.32
CA GLY B 401 40.59 49.87 7.16
C GLY B 401 39.26 49.15 7.43
N ASP B 402 39.18 47.89 7.02
CA ASP B 402 37.97 47.10 7.23
C ASP B 402 37.81 46.61 8.67
N GLU B 403 38.83 46.79 9.51
CA GLU B 403 38.78 46.37 10.90
C GLU B 403 38.44 47.51 11.85
N VAL B 404 38.32 48.75 11.35
CA VAL B 404 37.96 49.88 12.21
C VAL B 404 36.54 49.73 12.71
N ARG B 405 35.65 49.15 11.90
CA ARG B 405 34.26 48.95 12.32
C ARG B 405 34.14 47.95 13.46
N GLN B 406 35.12 47.07 13.64
CA GLN B 406 35.06 46.09 14.72
C GLN B 406 35.33 46.71 16.09
N ILE B 407 35.88 47.93 16.12
CA ILE B 407 36.16 48.61 17.39
C ILE B 407 34.87 49.29 17.81
N ALA B 408 34.09 48.60 18.64
CA ALA B 408 32.80 49.09 19.09
C ALA B 408 32.55 48.56 20.49
N PRO B 409 31.70 49.23 21.28
CA PRO B 409 31.41 48.73 22.63
C PRO B 409 30.57 47.46 22.59
N GLY B 410 31.21 46.34 22.26
CA GLY B 410 30.53 45.07 22.17
C GLY B 410 30.32 44.63 20.74
N GLN B 411 31.20 43.74 20.26
CA GLN B 411 31.15 43.23 18.90
C GLN B 411 32.16 42.10 18.76
N THR B 412 31.85 41.15 17.89
CA THR B 412 32.72 40.01 17.63
C THR B 412 33.53 40.25 16.36
N GLY B 413 34.62 39.51 16.24
CA GLY B 413 35.48 39.64 15.08
C GLY B 413 36.85 39.08 15.35
N ASN B 414 37.66 39.04 14.29
CA ASN B 414 39.02 38.53 14.41
C ASN B 414 39.91 39.44 15.26
N ILE B 415 39.56 40.71 15.39
CA ILE B 415 40.34 41.64 16.20
C ILE B 415 39.56 42.16 17.40
N ALA B 416 38.22 42.18 17.33
CA ALA B 416 37.43 42.78 18.40
C ALA B 416 37.47 41.93 19.68
N ASP B 417 37.58 40.61 19.55
CA ASP B 417 37.59 39.72 20.70
C ASP B 417 38.88 38.93 20.84
N TYR B 418 39.90 39.25 20.04
CA TYR B 418 41.19 38.56 20.13
C TYR B 418 42.36 39.47 20.48
N ASN B 419 42.25 40.77 20.28
CA ASN B 419 43.35 41.68 20.58
C ASN B 419 42.96 42.81 21.51
N TYR B 420 41.75 43.35 21.37
CA TYR B 420 41.31 44.46 22.21
C TYR B 420 39.79 44.52 22.17
N LYS B 421 39.14 44.43 23.33
CA LYS B 421 37.70 44.42 23.44
C LYS B 421 37.25 45.57 24.34
N LEU B 422 36.13 46.20 23.96
CA LEU B 422 35.57 47.30 24.72
C LEU B 422 34.20 46.91 25.24
N PRO B 423 33.95 46.98 26.57
CA PRO B 423 32.62 46.65 27.08
C PRO B 423 31.59 47.71 26.72
N ASP B 424 30.36 47.55 27.22
CA ASP B 424 29.30 48.51 26.94
C ASP B 424 29.28 49.64 27.96
N ASP B 425 30.45 50.25 28.18
CA ASP B 425 30.53 51.40 29.08
C ASP B 425 31.58 52.42 28.64
N PHE B 426 32.09 52.33 27.41
CA PHE B 426 33.18 53.20 26.97
C PHE B 426 32.67 54.62 26.79
N THR B 427 33.23 55.55 27.56
CA THR B 427 32.82 56.95 27.53
C THR B 427 33.79 57.84 26.77
N GLY B 428 34.80 57.27 26.13
CA GLY B 428 35.77 58.02 25.37
C GLY B 428 35.41 58.18 23.91
N CYS B 429 36.43 58.11 23.06
CA CYS B 429 36.25 58.23 21.61
C CYS B 429 37.02 57.13 20.91
N VAL B 430 36.83 57.04 19.60
CA VAL B 430 37.44 56.00 18.78
C VAL B 430 38.28 56.68 17.70
N ILE B 431 38.88 57.82 18.06
CA ILE B 431 39.67 58.61 17.13
C ILE B 431 40.67 57.74 16.41
N ALA B 432 40.73 57.88 15.09
CA ALA B 432 41.64 57.10 14.25
C ALA B 432 41.92 57.87 12.97
N TRP B 433 42.98 57.46 12.28
CA TRP B 433 43.37 58.11 11.04
C TRP B 433 44.24 57.16 10.23
N ASN B 434 44.29 57.39 8.92
CA ASN B 434 45.13 56.56 8.05
C ASN B 434 46.59 56.95 8.20
N SER B 435 47.46 55.94 8.21
CA SER B 435 48.89 56.12 8.35
C SER B 435 49.65 55.48 7.19
N ASN B 436 49.07 55.56 5.99
CA ASN B 436 49.71 55.00 4.79
C ASN B 436 50.56 56.04 4.08
N LYS B 437 51.45 56.68 4.83
CA LYS B 437 52.36 57.67 4.25
C LYS B 437 53.80 57.40 4.69
N LEU B 438 53.96 56.78 5.86
CA LEU B 438 55.28 56.50 6.39
C LEU B 438 55.42 55.09 6.96
N ASP B 439 54.34 54.32 7.04
CA ASP B 439 54.37 52.97 7.59
C ASP B 439 54.14 51.91 6.51
N SER B 440 54.56 52.18 5.28
CA SER B 440 54.36 51.24 4.19
C SER B 440 55.47 51.47 3.15
N LYS B 441 56.45 50.58 3.14
CA LYS B 441 57.51 50.60 2.15
C LYS B 441 57.62 49.21 1.53
N VAL B 442 58.23 49.15 0.35
CA VAL B 442 58.36 47.88 -0.38
C VAL B 442 59.67 47.24 0.10
N SER B 443 59.58 46.58 1.25
CA SER B 443 60.70 45.78 1.74
C SER B 443 60.26 44.56 2.54
N GLY B 444 58.96 44.29 2.68
CA GLY B 444 58.49 43.19 3.50
C GLY B 444 58.05 43.66 4.87
N ASN B 445 56.75 43.69 5.11
CA ASN B 445 56.19 44.19 6.37
C ASN B 445 55.93 43.04 7.33
N TYR B 446 57.00 42.35 7.71
CA TYR B 446 56.93 41.27 8.69
C TYR B 446 57.35 41.77 10.07
N ASN B 447 56.60 42.74 10.57
CA ASN B 447 56.90 43.34 11.87
C ASN B 447 55.65 43.35 12.75
N TYR B 448 54.48 43.40 12.12
CA TYR B 448 53.22 43.44 12.86
C TYR B 448 52.65 42.02 12.98
N LEU B 449 51.50 41.93 13.67
CA LEU B 449 50.80 40.67 13.86
C LEU B 449 49.43 41.00 14.43
N TYR B 450 48.53 40.00 14.40
CA TYR B 450 47.19 40.21 14.94
C TYR B 450 46.67 39.01 15.74
N ARG B 451 47.51 38.00 16.00
CA ARG B 451 47.15 36.85 16.84
C ARG B 451 45.91 36.14 16.30
N LEU B 452 46.09 35.56 15.09
CA LEU B 452 44.98 34.87 14.44
C LEU B 452 44.48 33.70 15.25
N PHE B 453 45.36 33.03 15.99
CA PHE B 453 44.99 31.85 16.77
C PHE B 453 44.78 32.23 18.23
N ARG B 454 43.75 31.64 18.84
CA ARG B 454 43.43 31.90 20.23
C ARG B 454 42.55 30.77 20.75
N LYS B 455 42.51 30.63 22.07
CA LYS B 455 41.68 29.61 22.70
C LYS B 455 40.25 30.09 22.96
N SER B 456 40.10 31.34 23.41
CA SER B 456 38.79 31.90 23.69
C SER B 456 38.90 33.41 23.68
N ASN B 457 37.76 34.08 23.88
CA ASN B 457 37.74 35.53 23.91
C ASN B 457 38.45 36.05 25.15
N LEU B 458 39.30 37.06 24.95
CA LEU B 458 40.03 37.65 26.06
C LEU B 458 39.15 38.63 26.83
N LYS B 459 39.55 38.90 28.07
CA LYS B 459 38.84 39.89 28.87
C LYS B 459 38.97 41.26 28.22
N PRO B 460 37.90 42.05 28.18
CA PRO B 460 38.00 43.40 27.61
C PRO B 460 38.96 44.27 28.40
N PHE B 461 39.68 45.13 27.69
CA PHE B 461 40.72 46.00 28.27
C PHE B 461 41.80 45.17 28.96
N GLU B 462 42.40 44.27 28.19
CA GLU B 462 43.46 43.40 28.66
C GLU B 462 44.50 43.23 27.57
N ARG B 463 45.77 43.18 27.97
CA ARG B 463 46.89 43.01 27.04
C ARG B 463 47.60 41.73 27.38
N ASP B 464 47.63 40.80 26.42
CA ASP B 464 48.26 39.48 26.59
C ASP B 464 49.51 39.44 25.72
N ILE B 465 50.65 39.75 26.33
CA ILE B 465 51.93 39.75 25.62
C ILE B 465 52.51 38.34 25.78
N SER B 466 52.17 37.46 24.86
CA SER B 466 52.63 36.07 24.88
C SER B 466 53.20 35.69 23.53
N THR B 467 54.09 34.71 23.54
CA THR B 467 54.72 34.24 22.31
C THR B 467 54.83 32.71 22.26
N GLU B 468 54.14 32.00 23.13
CA GLU B 468 54.21 30.54 23.14
C GLU B 468 53.50 29.97 21.92
N ILE B 469 53.91 28.76 21.53
CA ILE B 469 53.31 28.09 20.39
C ILE B 469 51.89 27.66 20.74
N TYR B 470 50.96 27.93 19.82
CA TYR B 470 49.56 27.57 20.05
C TYR B 470 49.41 26.05 20.11
N GLN B 471 48.88 25.54 21.22
CA GLN B 471 48.66 24.12 21.42
C GLN B 471 47.18 23.82 21.19
N ALA B 472 46.88 23.05 20.15
CA ALA B 472 45.50 22.71 19.82
C ALA B 472 45.08 21.40 20.47
N GLY B 473 45.31 21.29 21.77
CA GLY B 473 44.87 20.16 22.56
C GLY B 473 45.39 18.80 22.15
N ASN B 474 44.99 17.77 22.91
CA ASN B 474 45.25 16.35 22.62
C ASN B 474 46.72 16.07 22.28
N LYS B 475 47.64 16.93 22.71
CA LYS B 475 49.07 16.69 22.53
C LYS B 475 49.89 17.67 23.36
N PRO B 476 50.89 17.19 24.10
CA PRO B 476 51.79 18.10 24.82
C PRO B 476 52.84 18.66 23.88
N CYS B 477 52.72 19.96 23.58
CA CYS B 477 53.63 20.65 22.67
C CYS B 477 54.66 21.41 23.50
N ASN B 478 55.83 20.79 23.69
CA ASN B 478 56.96 21.44 24.33
C ASN B 478 57.76 22.31 23.36
N GLY B 479 57.16 22.64 22.22
CA GLY B 479 57.80 23.41 21.17
C GLY B 479 58.04 22.57 19.93
N VAL B 480 57.13 22.68 18.96
CA VAL B 480 57.21 21.95 17.70
C VAL B 480 56.30 22.68 16.71
N ALA B 481 56.62 22.54 15.43
CA ALA B 481 55.81 23.16 14.37
C ALA B 481 55.50 22.10 13.31
N GLY B 482 54.48 21.28 13.56
CA GLY B 482 53.90 20.46 12.51
C GLY B 482 52.64 19.73 12.91
N PHE B 483 51.57 19.93 12.13
CA PHE B 483 50.37 19.11 12.13
C PHE B 483 49.58 19.17 13.43
N ASN B 484 50.13 19.78 14.47
CA ASN B 484 49.40 19.93 15.73
C ASN B 484 49.57 21.27 16.41
N CYS B 485 50.66 22.01 16.16
CA CYS B 485 50.94 23.23 16.89
C CYS B 485 51.68 24.18 15.96
N TYR B 486 51.10 25.35 15.73
CA TYR B 486 51.63 26.32 14.77
C TYR B 486 51.83 27.65 15.47
N PHE B 487 52.40 28.60 14.72
CA PHE B 487 52.64 29.94 15.25
C PHE B 487 51.31 30.69 15.38
N PRO B 488 50.87 31.03 16.59
CA PRO B 488 49.59 31.76 16.73
C PRO B 488 49.64 33.20 16.25
N LEU B 489 50.76 33.66 15.70
CA LEU B 489 50.89 35.03 15.22
C LEU B 489 51.14 35.03 13.72
N ARG B 490 50.55 36.01 13.03
CA ARG B 490 50.69 36.13 11.59
C ARG B 490 50.76 37.61 11.23
N SER B 491 51.73 37.96 10.40
CA SER B 491 51.96 39.36 10.05
C SER B 491 50.96 39.81 8.98
N TYR B 492 50.86 41.13 8.84
CA TYR B 492 49.98 41.73 7.84
C TYR B 492 50.67 41.70 6.48
N SER B 493 50.05 42.32 5.48
CA SER B 493 50.57 42.40 4.13
C SER B 493 50.42 43.82 3.59
N PHE B 494 50.79 44.81 4.42
CA PHE B 494 50.67 46.21 4.03
C PHE B 494 51.70 46.54 2.95
N ARG B 495 51.21 46.99 1.80
CA ARG B 495 52.07 47.38 0.69
C ARG B 495 51.66 48.76 0.19
N PRO B 496 52.61 49.58 -0.25
CA PRO B 496 52.26 50.91 -0.74
C PRO B 496 51.35 50.90 -1.96
N THR B 497 51.55 49.95 -2.87
CA THR B 497 50.74 49.88 -4.09
C THR B 497 49.46 49.08 -3.88
N TYR B 498 48.70 49.45 -2.86
CA TYR B 498 47.42 48.82 -2.55
C TYR B 498 46.34 49.90 -2.48
N GLY B 499 45.13 49.48 -2.11
CA GLY B 499 44.00 50.38 -1.96
C GLY B 499 43.58 50.52 -0.50
N VAL B 500 42.66 51.46 -0.28
CA VAL B 500 42.15 51.70 1.07
C VAL B 500 41.34 50.50 1.53
N GLY B 501 41.31 50.30 2.85
CA GLY B 501 40.63 49.16 3.43
C GLY B 501 41.59 48.17 4.04
N HIS B 502 42.77 48.02 3.43
CA HIS B 502 43.81 47.14 3.92
C HIS B 502 45.11 47.91 4.19
N GLN B 503 44.98 49.17 4.60
CA GLN B 503 46.10 50.04 4.89
C GLN B 503 46.30 50.16 6.39
N PRO B 504 47.50 50.55 6.84
CA PRO B 504 47.72 50.73 8.28
C PRO B 504 46.95 51.93 8.83
N TYR B 505 45.96 51.66 9.66
CA TYR B 505 45.15 52.69 10.31
C TYR B 505 45.47 52.71 11.80
N ARG B 506 46.00 53.83 12.28
CA ARG B 506 46.32 53.99 13.70
C ARG B 506 45.05 54.38 14.44
N VAL B 507 44.59 53.50 15.33
CA VAL B 507 43.39 53.73 16.12
C VAL B 507 43.79 53.91 17.57
N VAL B 508 43.35 55.02 18.17
CA VAL B 508 43.67 55.36 19.55
C VAL B 508 42.38 55.64 20.30
N VAL B 509 42.21 55.01 21.46
CA VAL B 509 41.05 55.20 22.30
C VAL B 509 41.48 55.89 23.59
N LEU B 510 40.56 56.65 24.17
CA LEU B 510 40.81 57.40 25.41
C LEU B 510 39.81 56.93 26.46
N SER B 511 40.20 55.92 27.23
CA SER B 511 39.32 55.39 28.26
C SER B 511 39.27 56.34 29.45
N PHE B 512 38.06 56.62 29.91
CA PHE B 512 37.83 57.51 31.04
C PHE B 512 37.36 56.70 32.25
N GLU B 513 37.64 57.23 33.43
CA GLU B 513 37.25 56.57 34.67
C GLU B 513 37.05 57.62 35.75
N LEU B 514 36.12 57.34 36.67
CA LEU B 514 35.82 58.23 37.79
C LEU B 514 35.67 57.36 39.04
N LEU B 515 36.77 57.16 39.75
CA LEU B 515 36.78 56.39 40.98
C LEU B 515 36.57 57.33 42.17
N HIS B 516 36.77 56.79 43.39
CA HIS B 516 36.61 57.58 44.61
C HIS B 516 37.89 58.38 44.91
N ALA B 517 38.26 59.21 43.93
CA ALA B 517 39.45 60.04 44.03
C ALA B 517 39.16 61.38 43.37
N PRO B 518 39.77 62.45 43.87
CA PRO B 518 39.56 63.77 43.25
C PRO B 518 40.06 63.79 41.80
N ALA B 519 39.28 64.41 40.93
CA ALA B 519 39.63 64.48 39.52
C ALA B 519 40.79 65.43 39.30
N THR B 520 41.70 65.05 38.39
CA THR B 520 42.86 65.86 38.09
C THR B 520 42.63 66.78 36.89
N VAL B 521 42.29 66.20 35.74
CA VAL B 521 42.06 66.97 34.52
C VAL B 521 40.59 67.35 34.45
N CYS B 522 40.33 68.57 33.97
CA CYS B 522 38.97 69.06 33.79
C CYS B 522 38.70 69.60 32.40
N GLY B 523 39.68 70.24 31.77
CA GLY B 523 39.51 70.77 30.44
C GLY B 523 40.02 72.20 30.33
N PRO B 524 39.71 72.85 29.20
CA PRO B 524 40.18 74.22 28.99
C PRO B 524 39.49 75.23 29.90
N LYS B 525 39.97 76.47 29.87
CA LYS B 525 39.39 77.56 30.65
C LYS B 525 39.18 78.77 29.74
N LYS B 526 38.64 79.84 30.31
CA LYS B 526 38.39 81.07 29.58
C LYS B 526 38.86 82.26 30.42
N SER B 527 39.15 83.36 29.74
CA SER B 527 39.61 84.57 30.41
C SER B 527 39.19 85.77 29.58
N THR B 528 38.96 86.89 30.28
CA THR B 528 38.57 88.13 29.63
C THR B 528 39.50 89.26 30.03
N ASN B 529 39.18 90.48 29.61
CA ASN B 529 40.00 91.64 29.94
C ASN B 529 39.67 92.13 31.35
N LEU B 530 40.56 92.96 31.89
CA LEU B 530 40.42 93.52 33.22
C LEU B 530 39.81 94.91 33.09
N VAL B 531 38.53 95.03 33.43
CA VAL B 531 37.87 96.33 33.35
C VAL B 531 38.30 97.20 34.53
N LYS B 532 38.08 98.50 34.38
CA LYS B 532 38.42 99.46 35.43
C LYS B 532 37.37 99.42 36.53
N ASN B 533 37.53 100.28 37.53
CA ASN B 533 36.59 100.36 38.64
C ASN B 533 35.21 100.81 38.13
N LYS B 534 34.24 99.92 38.19
CA LYS B 534 32.90 100.21 37.69
C LYS B 534 31.94 99.15 38.24
N CYS B 535 30.65 99.49 38.23
CA CYS B 535 29.61 98.58 38.68
C CYS B 535 29.42 97.47 37.64
N VAL B 536 30.13 96.36 37.81
CA VAL B 536 30.13 95.26 36.86
C VAL B 536 30.10 93.94 37.63
N ASN B 537 30.12 92.84 36.88
CA ASN B 537 30.12 91.50 37.47
C ASN B 537 31.54 90.94 37.50
N PHE B 538 31.78 90.00 38.41
CA PHE B 538 33.04 89.31 38.51
C PHE B 538 32.79 87.83 38.78
N ASN B 539 33.64 86.98 38.20
CA ASN B 539 33.54 85.53 38.35
C ASN B 539 34.90 84.93 38.61
N PHE B 540 35.67 85.53 39.52
CA PHE B 540 37.03 85.08 39.80
C PHE B 540 36.97 83.74 40.54
N ASN B 541 37.40 82.67 39.86
CA ASN B 541 37.45 81.33 40.43
C ASN B 541 36.09 80.87 40.95
N GLY B 542 35.02 81.26 40.27
CA GLY B 542 33.69 80.86 40.65
C GLY B 542 33.01 81.78 41.65
N LEU B 543 33.72 82.78 42.18
CA LEU B 543 33.14 83.70 43.16
C LEU B 543 32.23 84.68 42.41
N LYS B 544 31.01 84.22 42.16
CA LYS B 544 30.04 85.03 41.44
C LYS B 544 29.51 86.16 42.34
N GLY B 545 29.38 87.33 41.76
CA GLY B 545 28.88 88.48 42.51
C GLY B 545 28.99 89.74 41.69
N THR B 546 28.48 90.82 42.27
CA THR B 546 28.52 92.14 41.65
C THR B 546 29.25 93.11 42.56
N GLY B 547 29.76 94.18 41.96
CA GLY B 547 30.44 95.22 42.71
C GLY B 547 31.41 95.98 41.83
N VAL B 548 32.37 96.63 42.48
CA VAL B 548 33.37 97.45 41.82
C VAL B 548 34.75 96.90 42.16
N LEU B 549 35.60 96.78 41.13
CA LEU B 549 36.95 96.25 41.27
C LEU B 549 37.92 97.42 41.24
N THR B 550 38.39 97.84 42.42
CA THR B 550 39.34 98.93 42.56
C THR B 550 40.69 98.39 43.00
N GLU B 551 41.71 99.25 42.89
CA GLU B 551 43.06 98.88 43.25
C GLU B 551 43.22 98.90 44.77
N SER B 552 43.68 97.79 45.34
CA SER B 552 43.90 97.68 46.77
C SER B 552 45.37 97.83 47.11
N ASN B 553 45.63 98.30 48.33
CA ASN B 553 46.99 98.49 48.83
C ASN B 553 47.35 97.49 49.93
N LYS B 554 46.56 96.43 50.09
CA LYS B 554 46.82 95.44 51.11
C LYS B 554 47.98 94.54 50.70
N LYS B 555 48.74 94.09 51.70
CA LYS B 555 49.91 93.23 51.48
C LYS B 555 49.49 91.79 51.73
N PHE B 556 49.06 91.12 50.67
CA PHE B 556 48.64 89.73 50.79
C PHE B 556 49.83 88.81 50.92
N LEU B 557 49.61 87.66 51.55
CA LEU B 557 50.66 86.67 51.70
C LEU B 557 50.92 85.98 50.36
N PRO B 558 52.14 85.48 50.14
CA PRO B 558 52.44 84.79 48.88
C PRO B 558 51.66 83.50 48.65
N PHE B 559 50.92 83.03 49.66
CA PHE B 559 50.12 81.81 49.52
C PHE B 559 48.62 82.02 49.69
N GLN B 560 48.19 83.16 50.24
CA GLN B 560 46.77 83.42 50.39
C GLN B 560 46.24 84.18 49.18
N GLN B 561 45.23 83.61 48.53
CA GLN B 561 44.64 84.22 47.34
C GLN B 561 43.39 85.03 47.69
N PHE B 562 42.45 84.41 48.39
CA PHE B 562 41.20 85.07 48.74
C PHE B 562 41.42 86.05 49.89
N GLY B 563 40.34 86.74 50.27
CA GLY B 563 40.39 87.69 51.38
C GLY B 563 38.99 88.12 51.78
N ARG B 564 38.70 88.06 53.07
CA ARG B 564 37.36 88.37 53.55
C ARG B 564 37.37 89.37 54.70
N ASP B 565 36.21 89.56 55.33
CA ASP B 565 36.07 90.48 56.45
C ASP B 565 35.47 89.75 57.64
N ILE B 566 35.04 90.49 58.67
CA ILE B 566 34.41 89.88 59.83
C ILE B 566 33.20 89.04 59.46
N ALA B 567 32.58 89.31 58.32
CA ALA B 567 31.46 88.52 57.81
C ALA B 567 31.95 87.56 56.74
N ASP B 568 31.04 86.71 56.28
CA ASP B 568 31.36 85.69 55.28
C ASP B 568 31.17 86.24 53.86
N THR B 569 31.93 87.31 53.56
CA THR B 569 31.91 87.94 52.25
C THR B 569 33.33 88.27 51.84
N THR B 570 33.63 88.05 50.56
CA THR B 570 34.97 88.34 50.05
C THR B 570 35.20 89.84 49.97
N ASP B 571 36.31 90.29 50.55
CA ASP B 571 36.68 91.70 50.54
C ASP B 571 37.65 92.06 49.42
N ALA B 572 38.66 91.23 49.18
CA ALA B 572 39.63 91.49 48.12
C ALA B 572 40.24 90.17 47.69
N VAL B 573 40.65 90.11 46.43
CA VAL B 573 41.24 88.90 45.84
C VAL B 573 42.31 89.31 44.84
N ARG B 574 43.30 88.44 44.67
CA ARG B 574 44.37 88.68 43.72
C ARG B 574 44.05 87.98 42.39
N ASP B 575 44.56 88.54 41.31
CA ASP B 575 44.33 87.98 39.98
C ASP B 575 45.15 86.71 39.82
N PRO B 576 44.53 85.55 39.60
CA PRO B 576 45.27 84.29 39.54
C PRO B 576 46.01 84.07 38.23
N GLN B 577 46.00 85.02 37.30
CA GLN B 577 46.71 84.87 36.04
C GLN B 577 47.72 85.97 35.74
N THR B 578 47.74 87.05 36.51
CA THR B 578 48.72 88.11 36.31
C THR B 578 49.30 88.65 37.61
N LEU B 579 48.96 88.07 38.76
CA LEU B 579 49.47 88.49 40.07
C LEU B 579 49.19 89.96 40.33
N GLU B 580 47.90 90.29 40.40
CA GLU B 580 47.44 91.64 40.65
C GLU B 580 46.31 91.60 41.66
N ILE B 581 46.48 92.31 42.77
CA ILE B 581 45.48 92.34 43.84
C ILE B 581 44.51 93.48 43.57
N LEU B 582 43.24 93.26 43.92
CA LEU B 582 42.20 94.25 43.71
C LEU B 582 41.19 94.16 44.85
N ASP B 583 40.72 95.32 45.32
CA ASP B 583 39.72 95.36 46.37
C ASP B 583 38.33 95.20 45.77
N ILE B 584 37.53 94.34 46.37
CA ILE B 584 36.18 94.07 45.91
C ILE B 584 35.20 94.80 46.83
N THR B 585 34.55 95.84 46.30
CA THR B 585 33.55 96.59 47.03
C THR B 585 32.21 96.46 46.33
N PRO B 586 31.11 96.31 47.08
CA PRO B 586 29.79 96.19 46.44
C PRO B 586 29.44 97.43 45.65
N CYS B 587 28.63 97.23 44.60
CA CYS B 587 28.23 98.34 43.75
C CYS B 587 27.30 99.29 44.52
N SER B 588 27.11 100.47 43.94
CA SER B 588 26.37 101.52 44.62
C SER B 588 24.88 101.16 44.74
N PHE B 589 24.31 101.46 45.90
CA PHE B 589 22.89 101.25 46.15
C PHE B 589 22.48 102.10 47.33
N GLY B 590 21.18 102.15 47.59
CA GLY B 590 20.67 102.93 48.70
C GLY B 590 19.18 103.19 48.55
N GLY B 591 18.68 104.12 49.35
CA GLY B 591 17.29 104.49 49.33
C GLY B 591 17.03 105.77 48.58
N VAL B 592 15.77 105.99 48.24
CA VAL B 592 15.32 107.16 47.49
C VAL B 592 14.37 107.93 48.39
N SER B 593 14.82 109.07 48.90
CA SER B 593 13.99 109.94 49.72
C SER B 593 13.44 111.08 48.89
N VAL B 594 12.14 111.34 49.04
CA VAL B 594 11.44 112.38 48.29
C VAL B 594 10.95 113.43 49.26
N ILE B 595 11.31 114.69 49.01
CA ILE B 595 10.90 115.81 49.83
C ILE B 595 9.74 116.52 49.12
N THR B 596 8.59 116.56 49.78
CA THR B 596 7.38 117.17 49.21
C THR B 596 6.87 118.23 50.16
N PRO B 597 6.78 119.50 49.75
CA PRO B 597 6.26 120.54 50.63
C PRO B 597 4.75 120.45 50.86
N GLY B 598 4.08 119.43 50.33
CA GLY B 598 2.65 119.29 50.51
C GLY B 598 1.88 119.41 49.21
N THR B 599 0.93 118.51 48.99
CA THR B 599 0.14 118.53 47.76
C THR B 599 -1.08 119.43 47.93
N ASN B 600 -0.86 120.67 48.36
CA ASN B 600 -1.92 121.64 48.52
C ASN B 600 -1.58 123.01 47.93
N THR B 601 -0.30 123.28 47.65
CA THR B 601 0.12 124.56 47.10
C THR B 601 0.96 124.43 45.84
N SER B 602 1.71 123.35 45.67
CA SER B 602 2.57 123.18 44.52
C SER B 602 2.80 121.69 44.29
N ASN B 603 3.54 121.37 43.23
CA ASN B 603 3.83 119.99 42.87
C ASN B 603 5.33 119.73 42.70
N GLN B 604 6.18 120.69 43.03
CA GLN B 604 7.63 120.52 42.91
C GLN B 604 8.14 119.69 44.08
N VAL B 605 8.96 118.68 43.77
CA VAL B 605 9.51 117.79 44.78
C VAL B 605 11.01 117.68 44.58
N ALA B 606 11.70 117.26 45.64
CA ALA B 606 13.14 117.06 45.61
C ALA B 606 13.47 115.59 45.85
N VAL B 607 14.59 115.16 45.30
CA VAL B 607 15.05 113.78 45.41
C VAL B 607 16.31 113.73 46.25
N LEU B 608 16.40 112.74 47.13
CA LEU B 608 17.54 112.56 48.02
C LEU B 608 18.03 111.13 47.90
N TYR B 609 19.23 110.96 47.35
CA TYR B 609 19.87 109.65 47.22
C TYR B 609 20.82 109.46 48.40
N GLN B 610 20.48 108.55 49.30
CA GLN B 610 21.29 108.32 50.49
C GLN B 610 22.55 107.54 50.13
N GLY B 611 23.69 107.98 50.65
CA GLY B 611 24.94 107.30 50.40
C GLY B 611 25.48 107.44 48.99
N VAL B 612 25.22 108.58 48.34
CA VAL B 612 25.68 108.83 46.98
C VAL B 612 26.49 110.11 46.97
N ASN B 613 27.64 110.08 46.31
CA ASN B 613 28.53 111.23 46.18
C ASN B 613 28.21 112.10 44.97
N CYS B 614 26.97 112.06 44.49
CA CYS B 614 26.53 112.81 43.31
C CYS B 614 27.32 112.46 42.05
N THR B 615 27.99 111.30 42.05
CA THR B 615 28.80 110.89 40.91
C THR B 615 28.48 109.49 40.40
N GLU B 616 27.59 108.76 41.06
CA GLU B 616 27.23 107.40 40.64
C GLU B 616 25.72 107.22 40.69
N VAL B 617 24.98 108.20 40.20
CA VAL B 617 23.52 108.14 40.19
C VAL B 617 23.04 107.27 39.03
N ASN B 638 19.02 121.19 40.96
CA ASN B 638 20.48 121.33 41.02
C ASN B 638 21.13 120.10 41.63
N VAL B 639 22.42 120.20 41.93
CA VAL B 639 23.19 119.12 42.51
C VAL B 639 23.80 119.61 43.82
N PHE B 640 23.51 118.88 44.90
CA PHE B 640 24.01 119.21 46.23
C PHE B 640 24.54 117.95 46.89
N GLN B 641 25.78 118.01 47.35
CA GLN B 641 26.43 116.90 48.03
C GLN B 641 26.58 117.26 49.51
N THR B 642 25.81 116.58 50.36
CA THR B 642 25.83 116.78 51.80
C THR B 642 26.46 115.57 52.48
N ARG B 643 26.47 115.60 53.81
CA ARG B 643 27.02 114.51 54.60
C ARG B 643 26.05 113.33 54.73
N ALA B 644 24.85 113.42 54.15
CA ALA B 644 23.89 112.34 54.21
C ALA B 644 23.62 111.70 52.86
N GLY B 645 24.02 112.33 51.77
CA GLY B 645 23.79 111.79 50.44
C GLY B 645 23.77 112.91 49.42
N CYS B 646 23.22 112.60 48.26
CA CYS B 646 23.10 113.56 47.16
C CYS B 646 21.67 114.08 47.10
N LEU B 647 21.53 115.40 47.01
CA LEU B 647 20.23 116.06 46.95
C LEU B 647 20.05 116.68 45.57
N ILE B 648 19.05 116.21 44.84
CA ILE B 648 18.75 116.69 43.50
C ILE B 648 17.37 117.33 43.52
N GLY B 649 17.29 118.58 43.10
CA GLY B 649 16.03 119.31 43.03
C GLY B 649 15.99 120.58 43.85
N ALA B 650 16.99 120.86 44.68
CA ALA B 650 17.01 122.05 45.52
C ALA B 650 18.37 122.73 45.37
N GLU B 651 18.46 123.92 45.98
CA GLU B 651 19.69 124.70 45.97
C GLU B 651 20.01 125.16 47.38
N TYR B 652 21.30 125.28 47.68
CA TYR B 652 21.76 125.67 49.02
C TYR B 652 21.89 127.18 49.06
N VAL B 653 21.03 127.82 49.83
CA VAL B 653 21.09 129.26 50.04
C VAL B 653 22.02 129.57 51.19
N ASN B 654 22.65 130.75 51.15
CA ASN B 654 23.59 131.18 52.16
C ASN B 654 22.90 131.77 53.40
N ASN B 655 21.60 131.58 53.53
CA ASN B 655 20.86 132.08 54.68
C ASN B 655 20.72 130.97 55.72
N SER B 656 19.94 131.23 56.78
CA SER B 656 19.74 130.26 57.84
C SER B 656 18.40 130.55 58.49
N TYR B 657 17.40 129.73 58.16
CA TYR B 657 16.06 129.84 58.73
C TYR B 657 15.78 128.65 59.63
N GLU B 658 14.55 128.61 60.15
CA GLU B 658 14.14 127.49 60.99
C GLU B 658 13.97 126.22 60.14
N CYS B 659 14.24 125.08 60.76
CA CYS B 659 14.13 123.81 60.07
C CYS B 659 12.66 123.44 59.88
N ASP B 660 12.25 123.29 58.62
CA ASP B 660 10.88 122.91 58.28
C ASP B 660 10.77 121.44 57.89
N ILE B 661 11.60 120.98 56.97
CA ILE B 661 11.64 119.59 56.54
C ILE B 661 13.03 119.05 56.85
N PRO B 662 13.18 118.26 57.90
CA PRO B 662 14.51 117.77 58.28
C PRO B 662 15.06 116.78 57.25
N ILE B 663 16.26 117.07 56.77
CA ILE B 663 16.94 116.19 55.82
C ILE B 663 18.02 115.36 56.51
N GLY B 664 18.87 115.99 57.28
CA GLY B 664 19.95 115.32 57.98
C GLY B 664 21.22 116.13 57.94
N ALA B 665 22.13 115.83 58.87
CA ALA B 665 23.43 116.50 58.98
C ALA B 665 23.27 118.01 59.15
N GLY B 666 22.25 118.42 59.90
CA GLY B 666 22.02 119.81 60.20
C GLY B 666 21.41 120.63 59.08
N ILE B 667 21.09 120.03 57.94
CA ILE B 667 20.53 120.73 56.79
C ILE B 667 19.06 120.35 56.68
N CYS B 668 18.21 121.35 56.45
CA CYS B 668 16.78 121.14 56.21
C CYS B 668 16.38 121.86 54.93
N ALA B 669 15.09 121.76 54.61
CA ALA B 669 14.57 122.35 53.37
C ALA B 669 13.25 123.03 53.66
N SER B 670 12.86 123.91 52.73
CA SER B 670 11.59 124.63 52.83
C SER B 670 11.16 125.02 51.42
N TYR B 671 9.97 125.62 51.33
CA TYR B 671 9.40 126.07 50.06
C TYR B 671 9.15 127.56 50.17
N GLN B 672 10.12 128.36 49.70
CA GLN B 672 10.04 129.81 49.77
C GLN B 672 10.37 130.39 48.40
N THR B 673 10.20 131.70 48.27
CA THR B 673 10.50 132.40 47.02
C THR B 673 12.00 132.47 46.77
N SER B 686 9.85 133.76 42.45
CA SER B 686 9.76 132.38 41.99
C SER B 686 9.81 131.41 43.16
N GLN B 687 8.69 130.74 43.42
CA GLN B 687 8.61 129.77 44.50
C GLN B 687 9.35 128.49 44.13
N SER B 688 10.24 128.04 44.99
CA SER B 688 11.02 126.84 44.73
C SER B 688 11.47 126.24 46.06
N ILE B 689 12.02 125.03 45.98
CA ILE B 689 12.53 124.33 47.16
C ILE B 689 13.97 124.76 47.39
N ILE B 690 14.25 125.27 48.58
CA ILE B 690 15.58 125.75 48.93
C ILE B 690 16.13 124.91 50.07
N ALA B 691 17.46 124.87 50.18
CA ALA B 691 18.15 124.15 51.24
C ALA B 691 19.00 125.12 52.03
N TYR B 692 19.07 124.91 53.34
CA TYR B 692 19.81 125.80 54.22
C TYR B 692 20.13 125.08 55.52
N THR B 693 21.05 125.66 56.28
CA THR B 693 21.40 125.12 57.58
C THR B 693 20.42 125.60 58.64
N MET B 694 20.22 124.77 59.67
CA MET B 694 19.29 125.10 60.73
C MET B 694 19.74 126.35 61.49
N SER B 695 18.76 127.08 62.01
CA SER B 695 18.99 128.28 62.80
C SER B 695 18.54 128.01 64.23
N LEU B 696 19.49 127.93 65.16
CA LEU B 696 19.17 127.60 66.55
C LEU B 696 18.50 128.75 67.29
N GLY B 697 18.32 129.90 66.66
CA GLY B 697 17.70 131.05 67.28
C GLY B 697 18.53 132.31 67.14
N ALA B 698 17.91 133.42 67.49
CA ALA B 698 18.57 134.72 67.41
C ALA B 698 19.58 134.87 68.54
N GLU B 699 20.43 135.89 68.41
CA GLU B 699 21.45 136.18 69.41
C GLU B 699 20.89 137.14 70.44
N ASN B 700 20.93 136.73 71.71
CA ASN B 700 20.42 137.52 72.83
C ASN B 700 21.43 137.53 73.96
N SER B 701 22.69 137.81 73.63
CA SER B 701 23.75 137.87 74.63
C SER B 701 23.48 138.99 75.62
N VAL B 702 23.31 138.63 76.89
CA VAL B 702 23.01 139.60 77.93
C VAL B 702 24.29 140.31 78.33
N ALA B 703 24.20 141.64 78.50
CA ALA B 703 25.36 142.44 78.89
C ALA B 703 25.62 142.26 80.37
N TYR B 704 26.30 141.17 80.70
CA TYR B 704 26.62 140.87 82.09
C TYR B 704 27.69 141.82 82.60
N SER B 705 27.59 142.17 83.88
CA SER B 705 28.53 143.07 84.53
C SER B 705 28.65 142.69 86.00
N ASN B 706 29.52 143.40 86.72
CA ASN B 706 29.71 143.12 88.13
C ASN B 706 28.49 143.51 88.95
N ASN B 707 27.71 144.49 88.49
CA ASN B 707 26.52 144.93 89.21
C ASN B 707 25.49 145.38 88.16
N SER B 708 24.58 144.48 87.81
CA SER B 708 23.55 144.77 86.82
C SER B 708 22.38 143.81 87.06
N ILE B 709 21.25 144.36 87.49
CA ILE B 709 20.05 143.56 87.76
C ILE B 709 18.94 144.01 86.81
N ALA B 710 18.13 143.04 86.40
CA ALA B 710 16.99 143.28 85.51
C ALA B 710 15.73 142.75 86.19
N ILE B 711 14.99 143.64 86.83
CA ILE B 711 13.76 143.29 87.53
C ILE B 711 12.58 143.65 86.63
N PRO B 712 11.65 142.74 86.38
CA PRO B 712 10.51 143.06 85.52
C PRO B 712 9.54 144.03 86.19
N THR B 713 8.76 144.71 85.35
CA THR B 713 7.81 145.71 85.82
C THR B 713 6.37 145.41 85.41
N ASN B 714 6.13 144.35 84.65
CA ASN B 714 4.78 144.02 84.19
C ASN B 714 4.65 142.51 84.07
N PHE B 715 3.45 142.02 84.35
CA PHE B 715 3.14 140.60 84.28
C PHE B 715 2.38 140.27 83.00
N THR B 716 2.67 139.10 82.45
CA THR B 716 2.09 138.64 81.19
C THR B 716 1.62 137.19 81.32
N ILE B 717 0.85 136.91 82.38
CA ILE B 717 0.33 135.57 82.64
C ILE B 717 -0.41 135.04 81.42
N SER B 718 0.03 133.89 80.92
CA SER B 718 -0.59 133.24 79.78
C SER B 718 -1.01 131.83 80.16
N VAL B 719 -1.68 131.16 79.23
CA VAL B 719 -2.17 129.80 79.43
C VAL B 719 -1.66 128.94 78.29
N THR B 720 -0.93 127.88 78.62
CA THR B 720 -0.40 126.94 77.65
C THR B 720 -1.20 125.65 77.69
N THR B 721 -1.01 124.84 76.65
CA THR B 721 -1.72 123.56 76.52
C THR B 721 -0.72 122.41 76.45
N GLU B 722 -1.14 121.26 76.96
CA GLU B 722 -0.33 120.05 76.94
C GLU B 722 -1.24 118.85 76.76
N ILE B 723 -0.95 118.04 75.75
CA ILE B 723 -1.78 116.89 75.40
C ILE B 723 -1.06 115.61 75.75
N LEU B 724 -1.78 114.66 76.34
CA LEU B 724 -1.21 113.37 76.73
C LEU B 724 -2.24 112.25 76.57
N PRO B 725 -1.93 111.22 75.78
CA PRO B 725 -2.88 110.10 75.66
C PRO B 725 -2.95 109.30 76.94
N VAL B 726 -4.16 108.88 77.30
CA VAL B 726 -4.39 108.16 78.55
C VAL B 726 -5.05 106.81 78.26
N SER B 727 -5.77 106.72 77.16
CA SER B 727 -6.54 105.53 76.83
C SER B 727 -5.99 104.89 75.54
N MET B 728 -6.60 103.78 75.16
CA MET B 728 -6.18 103.02 73.99
C MET B 728 -7.33 102.11 73.56
N THR B 729 -7.42 101.90 72.24
CA THR B 729 -8.45 101.02 71.70
C THR B 729 -8.21 99.59 72.14
N LYS B 730 -9.13 99.05 72.94
CA LYS B 730 -9.01 97.68 73.44
C LYS B 730 -9.45 96.71 72.36
N THR B 731 -8.52 95.90 71.88
CA THR B 731 -8.79 94.93 70.83
C THR B 731 -8.74 93.51 71.39
N SER B 732 -9.28 92.57 70.61
CA SER B 732 -9.28 91.17 70.98
C SER B 732 -9.49 90.34 69.73
N VAL B 733 -8.75 89.24 69.61
CA VAL B 733 -8.79 88.38 68.44
C VAL B 733 -9.29 87.00 68.86
N ASP B 734 -9.57 86.17 67.85
CA ASP B 734 -10.05 84.81 68.06
C ASP B 734 -9.37 83.89 67.06
N CYS B 735 -8.77 82.81 67.56
CA CYS B 735 -8.07 81.88 66.69
C CYS B 735 -9.03 81.04 65.86
N THR B 736 -10.22 80.74 66.39
CA THR B 736 -11.17 79.88 65.68
C THR B 736 -11.80 80.58 64.48
N MET B 737 -11.60 81.87 64.31
CA MET B 737 -12.17 82.59 63.17
C MET B 737 -11.12 83.31 62.34
N TYR B 738 -10.12 83.91 62.97
CA TYR B 738 -9.09 84.62 62.21
C TYR B 738 -8.13 83.64 61.54
N ILE B 739 -7.65 82.64 62.28
CA ILE B 739 -6.71 81.67 61.73
C ILE B 739 -7.43 80.75 60.74
N CYS B 740 -8.61 80.28 61.11
CA CYS B 740 -9.38 79.34 60.28
C CYS B 740 -10.73 79.98 59.95
N GLY B 741 -10.98 80.20 58.66
CA GLY B 741 -12.25 80.73 58.23
C GLY B 741 -13.14 79.71 57.56
N ASP B 742 -14.15 79.24 58.28
CA ASP B 742 -15.13 78.27 57.79
C ASP B 742 -14.43 77.01 57.26
N SER B 743 -13.68 76.37 58.15
CA SER B 743 -12.96 75.16 57.80
C SER B 743 -12.84 74.28 59.03
N THR B 744 -13.18 72.99 58.88
CA THR B 744 -13.07 72.03 59.97
C THR B 744 -11.70 71.37 60.02
N GLU B 745 -11.09 71.10 58.87
CA GLU B 745 -9.74 70.54 58.86
C GLU B 745 -8.74 71.52 59.43
N CYS B 746 -8.91 72.81 59.14
CA CYS B 746 -8.05 73.83 59.74
C CYS B 746 -8.22 73.86 61.25
N SER B 747 -9.46 73.71 61.73
CA SER B 747 -9.70 73.70 63.17
C SER B 747 -9.05 72.49 63.83
N ASN B 748 -9.14 71.32 63.18
CA ASN B 748 -8.50 70.13 63.72
C ASN B 748 -6.98 70.28 63.74
N LEU B 749 -6.42 70.88 62.69
CA LEU B 749 -4.98 71.11 62.66
C LEU B 749 -4.55 72.08 63.76
N LEU B 750 -5.35 73.13 64.00
CA LEU B 750 -5.04 74.07 65.05
C LEU B 750 -5.13 73.42 66.43
N LEU B 751 -6.11 72.54 66.62
CA LEU B 751 -6.23 71.84 67.89
C LEU B 751 -5.07 70.87 68.10
N GLN B 752 -4.64 70.18 67.05
CA GLN B 752 -3.52 69.27 67.16
C GLN B 752 -2.18 70.00 67.27
N TYR B 753 -2.13 71.26 66.85
CA TYR B 753 -0.90 72.04 66.91
C TYR B 753 -0.54 72.51 68.31
N GLY B 754 -1.37 72.20 69.30
CA GLY B 754 -1.12 72.59 70.67
C GLY B 754 -1.99 73.76 71.11
N SER B 755 -1.90 74.05 72.40
CA SER B 755 -2.67 75.14 73.01
C SER B 755 -1.89 76.45 72.99
N PHE B 756 -1.43 76.84 71.80
CA PHE B 756 -0.70 78.10 71.66
C PHE B 756 -1.60 79.33 71.73
N CYS B 757 -2.89 79.18 71.43
CA CYS B 757 -3.82 80.29 71.50
C CYS B 757 -4.34 80.49 72.92
N THR B 758 -3.42 80.59 73.88
CA THR B 758 -3.79 80.83 75.27
C THR B 758 -2.97 81.98 75.83
N GLN B 759 -1.76 82.17 75.29
CA GLN B 759 -0.92 83.27 75.73
C GLN B 759 -1.36 84.59 75.12
N LEU B 760 -1.80 84.57 73.86
CA LEU B 760 -2.17 85.80 73.18
C LEU B 760 -3.47 86.37 73.74
N LYS B 761 -4.46 85.50 73.99
CA LYS B 761 -5.71 85.97 74.58
C LYS B 761 -5.49 86.51 75.98
N ARG B 762 -4.62 85.85 76.76
CA ARG B 762 -4.31 86.33 78.11
C ARG B 762 -3.58 87.67 78.06
N ALA B 763 -2.67 87.84 77.09
CA ALA B 763 -1.98 89.12 76.94
C ALA B 763 -2.96 90.22 76.54
N LEU B 764 -3.91 89.92 75.65
CA LEU B 764 -4.90 90.91 75.28
C LEU B 764 -5.79 91.28 76.46
N THR B 765 -6.17 90.29 77.27
CA THR B 765 -6.96 90.57 78.47
C THR B 765 -6.18 91.44 79.44
N GLY B 766 -4.89 91.15 79.61
CA GLY B 766 -4.06 91.99 80.48
C GLY B 766 -3.95 93.41 79.97
N ILE B 767 -3.80 93.57 78.65
CA ILE B 767 -3.74 94.90 78.05
C ILE B 767 -5.06 95.65 78.28
N ALA B 768 -6.19 94.95 78.13
CA ALA B 768 -7.48 95.57 78.35
C ALA B 768 -7.65 96.00 79.81
N VAL B 769 -7.24 95.14 80.75
CA VAL B 769 -7.32 95.49 82.17
C VAL B 769 -6.43 96.68 82.48
N GLU B 770 -5.23 96.72 81.89
CA GLU B 770 -4.32 97.84 82.11
C GLU B 770 -4.90 99.14 81.56
N GLN B 771 -5.51 99.07 80.38
CA GLN B 771 -6.10 100.28 79.81
C GLN B 771 -7.33 100.75 80.59
N ASP B 772 -8.09 99.80 81.15
CA ASP B 772 -9.22 100.19 81.99
C ASP B 772 -8.75 100.78 83.33
N LYS B 773 -7.61 100.31 83.83
CA LYS B 773 -7.08 100.84 85.08
C LYS B 773 -6.43 102.21 84.88
N ASN B 774 -5.79 102.43 83.73
CA ASN B 774 -5.15 103.72 83.47
C ASN B 774 -6.16 104.85 83.41
N THR B 775 -7.36 104.60 82.88
CA THR B 775 -8.39 105.62 82.83
C THR B 775 -8.93 105.97 84.21
N GLN B 776 -8.70 105.13 85.21
CA GLN B 776 -9.17 105.38 86.57
C GLN B 776 -8.10 106.01 87.46
N GLU B 777 -6.85 105.59 87.32
CA GLU B 777 -5.77 106.15 88.14
C GLU B 777 -5.40 107.57 87.74
N VAL B 778 -5.91 108.06 86.61
CA VAL B 778 -5.60 109.41 86.16
C VAL B 778 -6.77 110.34 86.46
N PHE B 779 -7.96 109.97 85.99
CA PHE B 779 -9.13 110.81 86.18
C PHE B 779 -9.76 110.62 87.55
N ALA B 780 -10.08 109.38 87.90
CA ALA B 780 -10.74 109.06 89.18
C ALA B 780 -9.71 109.12 90.30
N GLN B 781 -9.40 110.34 90.73
CA GLN B 781 -8.46 110.55 91.83
C GLN B 781 -9.11 111.14 93.07
N VAL B 782 -10.27 111.78 92.93
CA VAL B 782 -10.98 112.37 94.06
C VAL B 782 -12.08 111.41 94.50
N LYS B 783 -12.46 111.48 95.78
CA LYS B 783 -13.49 110.61 96.31
C LYS B 783 -14.88 111.15 96.01
N GLN B 784 -15.17 112.37 96.48
CA GLN B 784 -16.48 112.97 96.30
C GLN B 784 -16.54 113.75 95.00
N ILE B 785 -17.76 113.86 94.45
CA ILE B 785 -18.01 114.59 93.22
C ILE B 785 -18.53 115.98 93.59
N TYR B 786 -17.84 117.01 93.13
CA TYR B 786 -18.20 118.39 93.42
C TYR B 786 -18.91 119.01 92.21
N LYS B 787 -19.74 120.01 92.50
CA LYS B 787 -20.51 120.71 91.49
C LYS B 787 -20.25 122.21 91.58
N THR B 788 -20.32 122.88 90.44
CA THR B 788 -20.12 124.32 90.40
C THR B 788 -21.33 125.04 91.00
N PRO B 789 -21.11 126.13 91.72
CA PRO B 789 -22.24 126.88 92.28
C PRO B 789 -23.03 127.58 91.20
N PRO B 790 -24.30 127.89 91.45
CA PRO B 790 -25.11 128.57 90.42
C PRO B 790 -24.60 129.97 90.11
N ILE B 791 -24.23 130.72 91.14
CA ILE B 791 -23.68 132.07 90.94
C ILE B 791 -22.27 131.93 90.38
N LYS B 792 -22.11 132.22 89.09
CA LYS B 792 -20.83 132.08 88.41
C LYS B 792 -20.07 133.41 88.39
N TYR B 793 -19.74 133.87 89.59
CA TYR B 793 -18.96 135.10 89.79
C TYR B 793 -17.76 134.74 90.65
N PHE B 794 -16.69 134.28 90.01
CA PHE B 794 -15.47 133.87 90.72
C PHE B 794 -14.44 134.98 90.71
N GLY B 795 -14.80 136.09 91.37
CA GLY B 795 -13.93 137.23 91.48
C GLY B 795 -13.89 138.15 90.27
N GLY B 796 -14.29 137.66 89.10
CA GLY B 796 -14.25 138.48 87.89
C GLY B 796 -13.78 137.71 86.69
N PHE B 797 -13.40 136.45 86.89
CA PHE B 797 -12.93 135.61 85.80
C PHE B 797 -14.11 134.94 85.11
N ASN B 798 -13.99 134.76 83.80
CA ASN B 798 -15.04 134.16 82.97
C ASN B 798 -14.64 132.74 82.62
N PHE B 799 -15.29 131.77 83.26
CA PHE B 799 -15.06 130.35 83.00
C PHE B 799 -16.16 129.74 82.14
N SER B 800 -16.74 130.51 81.22
CA SER B 800 -17.83 130.04 80.39
C SER B 800 -17.37 129.16 79.23
N GLN B 801 -16.11 128.73 79.23
CA GLN B 801 -15.58 127.87 78.17
C GLN B 801 -15.02 126.55 78.66
N ILE B 802 -14.65 126.44 79.93
CA ILE B 802 -14.13 125.19 80.47
C ILE B 802 -15.15 124.47 81.34
N LEU B 803 -16.08 125.19 81.98
CA LEU B 803 -17.10 124.55 82.79
C LEU B 803 -18.12 123.87 81.89
N PRO B 804 -18.71 122.76 82.35
CA PRO B 804 -19.70 122.06 81.52
C PRO B 804 -20.92 122.92 81.24
N ASP B 805 -21.21 123.10 79.96
CA ASP B 805 -22.33 123.94 79.54
C ASP B 805 -23.63 123.16 79.63
N PRO B 806 -24.65 123.69 80.33
CA PRO B 806 -25.90 122.95 80.45
C PRO B 806 -26.71 122.91 79.16
N SER B 807 -26.45 123.80 78.21
CA SER B 807 -27.20 123.84 76.95
C SER B 807 -26.58 122.94 75.90
N LYS B 808 -26.35 121.67 76.25
CA LYS B 808 -25.85 120.68 75.33
C LYS B 808 -26.12 119.30 75.92
N PRO B 809 -26.30 118.26 75.09
CA PRO B 809 -26.70 116.95 75.61
C PRO B 809 -25.74 116.35 76.62
N SER B 810 -24.48 116.14 76.23
CA SER B 810 -23.57 115.35 77.06
C SER B 810 -22.72 116.21 78.00
N LYS B 811 -23.37 117.15 78.68
CA LYS B 811 -22.80 117.90 79.81
C LYS B 811 -21.33 118.23 79.65
N ARG B 812 -20.98 118.80 78.51
CA ARG B 812 -19.60 119.19 78.21
C ARG B 812 -19.50 120.70 78.03
N SER B 813 -18.28 121.15 77.75
CA SER B 813 -17.96 122.55 77.54
C SER B 813 -17.66 122.81 76.06
N PRO B 814 -17.77 124.07 75.62
CA PRO B 814 -17.46 124.36 74.21
C PRO B 814 -16.05 123.95 73.79
N ILE B 815 -15.07 124.11 74.67
CA ILE B 815 -13.71 123.67 74.36
C ILE B 815 -13.67 122.14 74.19
N GLU B 816 -14.32 121.42 75.11
CA GLU B 816 -14.38 119.97 74.98
C GLU B 816 -15.18 119.55 73.76
N ASP B 817 -16.22 120.31 73.41
CA ASP B 817 -16.98 120.00 72.20
C ASP B 817 -16.14 120.19 70.95
N LEU B 818 -15.30 121.24 70.93
CA LEU B 818 -14.43 121.45 69.78
C LEU B 818 -13.31 120.41 69.71
N LEU B 819 -12.81 119.97 70.87
CA LEU B 819 -11.73 118.99 70.88
C LEU B 819 -12.24 117.57 70.58
N PHE B 820 -13.50 117.29 70.90
CA PHE B 820 -14.04 115.96 70.62
C PHE B 820 -14.26 115.75 69.13
N ASN B 821 -14.86 116.72 68.46
CA ASN B 821 -15.12 116.60 67.02
C ASN B 821 -13.94 117.10 66.20
N LYS B 822 -12.75 116.59 66.52
CA LYS B 822 -11.54 116.91 65.77
C LYS B 822 -10.81 115.64 65.40
N VAL B 823 -10.82 114.65 66.29
CA VAL B 823 -10.14 113.39 66.09
C VAL B 823 -11.14 112.41 65.48
N THR B 824 -10.90 112.03 64.23
CA THR B 824 -11.78 111.10 63.53
C THR B 824 -11.51 109.66 63.96
N ARG B 844 -20.23 99.78 54.37
CA ARG B 844 -19.71 99.48 55.70
C ARG B 844 -18.39 100.19 55.96
N ASP B 845 -18.26 100.78 57.15
CA ASP B 845 -17.04 101.50 57.51
C ASP B 845 -15.92 100.49 57.81
N LEU B 846 -14.75 101.04 58.15
CA LEU B 846 -13.59 100.19 58.42
C LEU B 846 -13.67 99.51 59.77
N ILE B 847 -14.24 100.17 60.77
CA ILE B 847 -14.31 99.59 62.11
C ILE B 847 -15.17 98.34 62.11
N CYS B 848 -16.38 98.44 61.52
CA CYS B 848 -17.27 97.28 61.47
C CYS B 848 -16.70 96.19 60.59
N ALA B 849 -15.99 96.55 59.52
CA ALA B 849 -15.37 95.54 58.67
C ALA B 849 -14.28 94.78 59.41
N GLN B 850 -13.44 95.49 60.17
CA GLN B 850 -12.44 94.82 60.99
C GLN B 850 -13.07 93.97 62.09
N LYS B 851 -14.20 94.44 62.64
CA LYS B 851 -14.90 93.65 63.65
C LYS B 851 -15.48 92.37 63.07
N PHE B 852 -15.96 92.43 61.82
CA PHE B 852 -16.53 91.25 61.18
C PHE B 852 -15.49 90.19 60.83
N LYS B 853 -14.21 90.53 60.84
CA LYS B 853 -13.15 89.57 60.55
C LYS B 853 -12.56 88.94 61.80
N GLY B 854 -12.76 89.55 62.98
CA GLY B 854 -12.23 89.06 64.23
C GLY B 854 -11.57 90.15 65.07
N LEU B 855 -11.26 91.28 64.46
CA LEU B 855 -10.65 92.41 65.16
C LEU B 855 -11.75 93.27 65.78
N THR B 856 -12.35 92.72 66.83
CA THR B 856 -13.45 93.38 67.53
C THR B 856 -12.90 94.30 68.62
N VAL B 857 -13.56 95.44 68.80
CA VAL B 857 -13.15 96.45 69.78
C VAL B 857 -14.02 96.30 71.02
N LEU B 858 -13.37 96.16 72.17
CA LEU B 858 -14.11 96.05 73.43
C LEU B 858 -14.49 97.44 73.93
N PRO B 859 -15.70 97.63 74.43
CA PRO B 859 -16.13 98.95 74.90
C PRO B 859 -15.43 99.31 76.20
N PRO B 860 -14.96 100.54 76.33
CA PRO B 860 -14.30 100.95 77.57
C PRO B 860 -15.27 101.00 78.73
N LEU B 861 -14.70 100.88 79.94
CA LEU B 861 -15.52 100.91 81.15
C LEU B 861 -16.05 102.32 81.40
N LEU B 862 -15.15 103.29 81.53
CA LEU B 862 -15.54 104.67 81.77
C LEU B 862 -16.04 105.29 80.47
N THR B 863 -17.31 105.68 80.44
CA THR B 863 -17.89 106.28 79.26
C THR B 863 -17.45 107.75 79.14
N ASP B 864 -17.79 108.38 78.02
CA ASP B 864 -17.42 109.77 77.82
C ASP B 864 -18.13 110.69 78.81
N GLU B 865 -19.39 110.37 79.14
CA GLU B 865 -20.12 111.19 80.11
C GLU B 865 -19.48 111.13 81.48
N MET B 866 -19.00 109.94 81.88
CA MET B 866 -18.35 109.81 83.17
C MET B 866 -17.02 110.55 83.22
N ILE B 867 -16.27 110.53 82.12
CA ILE B 867 -15.03 111.30 82.05
C ILE B 867 -15.30 112.79 82.11
N ALA B 868 -16.36 113.23 81.42
CA ALA B 868 -16.74 114.64 81.48
C ALA B 868 -17.16 115.05 82.89
N GLN B 869 -17.89 114.17 83.58
CA GLN B 869 -18.29 114.47 84.96
C GLN B 869 -17.08 114.52 85.89
N TYR B 870 -16.12 113.62 85.68
CA TYR B 870 -14.90 113.64 86.48
C TYR B 870 -14.12 114.93 86.25
N THR B 871 -14.00 115.36 84.99
CA THR B 871 -13.31 116.61 84.70
C THR B 871 -14.04 117.81 85.30
N SER B 872 -15.38 117.80 85.25
CA SER B 872 -16.14 118.89 85.85
C SER B 872 -15.96 118.92 87.36
N ALA B 873 -15.93 117.75 88.00
CA ALA B 873 -15.70 117.70 89.44
C ALA B 873 -14.30 118.18 89.79
N LEU B 874 -13.30 117.83 88.97
CA LEU B 874 -11.95 118.31 89.21
C LEU B 874 -11.87 119.83 89.07
N LEU B 875 -12.53 120.39 88.04
CA LEU B 875 -12.54 121.84 87.87
C LEU B 875 -13.26 122.52 89.03
N ALA B 876 -14.36 121.94 89.50
CA ALA B 876 -15.08 122.51 90.63
C ALA B 876 -14.23 122.49 91.89
N GLY B 877 -13.50 121.39 92.13
CA GLY B 877 -12.62 121.33 93.28
C GLY B 877 -11.44 122.28 93.17
N THR B 878 -10.96 122.51 91.95
CA THR B 878 -9.85 123.45 91.77
C THR B 878 -10.30 124.89 91.94
N ILE B 879 -11.53 125.21 91.54
CA ILE B 879 -12.01 126.58 91.64
C ILE B 879 -12.48 126.88 93.06
N THR B 880 -13.35 126.05 93.61
CA THR B 880 -13.91 126.31 94.93
C THR B 880 -12.95 125.94 96.04
N SER B 881 -12.57 124.65 96.11
CA SER B 881 -11.69 124.18 97.17
C SER B 881 -10.24 124.62 96.96
N GLY B 882 -9.80 124.68 95.71
CA GLY B 882 -8.43 125.10 95.42
C GLY B 882 -7.47 123.91 95.37
N TRP B 883 -6.54 123.87 96.33
CA TRP B 883 -5.56 122.80 96.42
C TRP B 883 -5.72 121.96 97.68
N THR B 884 -6.87 122.07 98.36
CA THR B 884 -7.13 121.33 99.57
C THR B 884 -8.00 120.10 99.36
N PHE B 885 -8.65 119.98 98.21
CA PHE B 885 -9.49 118.82 97.93
C PHE B 885 -8.68 117.61 97.46
N GLY B 886 -7.40 117.77 97.19
CA GLY B 886 -6.57 116.66 96.76
C GLY B 886 -5.75 116.08 97.91
N ALA B 887 -5.79 116.75 99.06
CA ALA B 887 -5.08 116.29 100.25
C ALA B 887 -6.01 116.00 101.41
N GLY B 888 -7.33 116.01 101.19
CA GLY B 888 -8.28 115.75 102.23
C GLY B 888 -9.64 116.34 101.92
N PRO B 889 -10.29 116.91 102.93
CA PRO B 889 -11.62 117.52 102.71
C PRO B 889 -11.53 118.83 101.97
N ALA B 890 -12.60 119.16 101.26
CA ALA B 890 -12.65 120.40 100.50
C ALA B 890 -12.82 121.58 101.45
N LEU B 891 -12.04 122.63 101.22
CA LEU B 891 -12.06 123.84 102.04
C LEU B 891 -12.45 125.02 101.17
N GLN B 892 -13.55 125.67 101.53
CA GLN B 892 -14.00 126.84 100.78
C GLN B 892 -13.00 127.97 100.91
N ILE B 893 -12.76 128.66 99.79
CA ILE B 893 -11.80 129.77 99.73
C ILE B 893 -12.10 130.61 98.51
N PRO B 894 -12.12 131.94 98.62
CA PRO B 894 -12.36 132.77 97.44
C PRO B 894 -11.28 132.59 96.39
N PHE B 895 -11.70 132.64 95.13
CA PHE B 895 -10.80 132.46 94.00
C PHE B 895 -9.74 133.57 93.91
N PRO B 896 -10.10 134.84 94.14
CA PRO B 896 -9.03 135.86 94.22
C PRO B 896 -8.00 135.56 95.30
N MET B 897 -8.44 135.21 96.50
CA MET B 897 -7.50 134.84 97.55
C MET B 897 -6.77 133.55 97.21
N GLN B 898 -7.42 132.64 96.49
CA GLN B 898 -6.75 131.40 96.06
C GLN B 898 -5.58 131.72 95.14
N MET B 899 -5.80 132.58 94.14
CA MET B 899 -4.71 132.98 93.25
C MET B 899 -3.68 133.85 93.96
N ALA B 900 -4.09 134.61 94.98
CA ALA B 900 -3.12 135.40 95.74
C ALA B 900 -2.21 134.52 96.57
N TYR B 901 -2.73 133.41 97.11
CA TYR B 901 -1.91 132.49 97.86
C TYR B 901 -1.00 131.65 96.96
N ARG B 902 -1.31 131.55 95.66
CA ARG B 902 -0.47 130.81 94.74
C ARG B 902 0.73 131.62 94.25
N PHE B 903 0.66 132.95 94.33
CA PHE B 903 1.80 133.76 93.93
C PHE B 903 2.94 133.66 94.94
N ASN B 904 2.64 133.29 96.18
CA ASN B 904 3.66 133.19 97.22
C ASN B 904 4.61 132.02 97.01
N GLY B 905 4.40 131.19 95.99
CA GLY B 905 5.29 130.08 95.71
C GLY B 905 6.34 130.44 94.68
N ILE B 906 6.19 131.59 94.05
CA ILE B 906 7.14 132.06 93.03
C ILE B 906 7.82 133.35 93.42
N GLY B 907 7.51 133.90 94.60
CA GLY B 907 8.13 135.12 95.10
C GLY B 907 7.22 136.33 95.07
N VAL B 908 6.27 136.36 94.14
CA VAL B 908 5.37 137.50 94.02
C VAL B 908 4.43 137.54 95.22
N THR B 909 4.34 138.69 95.87
CA THR B 909 3.47 138.84 97.02
C THR B 909 2.02 139.00 96.57
N GLN B 910 1.12 139.05 97.56
CA GLN B 910 -0.31 139.14 97.27
C GLN B 910 -0.78 140.57 97.02
N ASN B 911 0.02 141.58 97.37
CA ASN B 911 -0.38 142.96 97.14
C ASN B 911 -0.44 143.31 95.66
N VAL B 912 0.33 142.62 94.82
CA VAL B 912 0.24 142.85 93.38
C VAL B 912 -1.10 142.39 92.83
N LEU B 913 -1.56 141.21 93.27
CA LEU B 913 -2.87 140.73 92.86
C LEU B 913 -3.98 141.60 93.43
N TYR B 914 -3.89 141.94 94.72
CA TYR B 914 -4.92 142.72 95.38
C TYR B 914 -4.99 144.14 94.85
N GLU B 915 -4.12 144.47 93.89
CA GLU B 915 -4.16 145.76 93.21
C GLU B 915 -4.40 145.67 91.72
N ASN B 916 -4.05 144.55 91.07
CA ASN B 916 -4.24 144.41 89.63
C ASN B 916 -5.08 143.16 89.29
N GLN B 917 -6.01 142.81 90.18
CA GLN B 917 -6.94 141.72 89.88
C GLN B 917 -7.69 141.95 88.57
N LYS B 918 -8.04 143.20 88.28
CA LYS B 918 -8.76 143.50 87.04
C LYS B 918 -7.91 143.15 85.82
N LEU B 919 -6.66 143.62 85.81
CA LEU B 919 -5.77 143.31 84.69
C LEU B 919 -5.47 141.83 84.61
N ILE B 920 -5.36 141.15 85.76
CA ILE B 920 -5.11 139.72 85.76
C ILE B 920 -6.29 138.97 85.14
N ALA B 921 -7.51 139.37 85.49
CA ALA B 921 -8.69 138.73 84.90
C ALA B 921 -8.79 139.02 83.41
N ASN B 922 -8.45 140.24 83.00
CA ASN B 922 -8.46 140.58 81.58
C ASN B 922 -7.47 139.72 80.81
N GLN B 923 -6.26 139.58 81.34
CA GLN B 923 -5.25 138.75 80.69
C GLN B 923 -5.65 137.29 80.65
N PHE B 924 -6.29 136.80 81.73
CA PHE B 924 -6.75 135.42 81.74
C PHE B 924 -7.83 135.19 80.69
N ASN B 925 -8.80 136.10 80.60
CA ASN B 925 -9.84 135.97 79.57
C ASN B 925 -9.24 136.05 78.17
N SER B 926 -8.28 136.94 77.95
CA SER B 926 -7.65 137.04 76.64
C SER B 926 -6.89 135.76 76.30
N ALA B 927 -6.19 135.18 77.29
CA ALA B 927 -5.46 133.94 77.04
C ALA B 927 -6.41 132.79 76.75
N ILE B 928 -7.54 132.71 77.47
CA ILE B 928 -8.52 131.66 77.20
C ILE B 928 -9.11 131.82 75.80
N GLY B 929 -9.40 133.06 75.42
CA GLY B 929 -9.91 133.29 74.07
C GLY B 929 -8.90 132.92 72.99
N LYS B 930 -7.63 133.29 73.20
CA LYS B 930 -6.60 132.93 72.23
C LYS B 930 -6.41 131.42 72.15
N ILE B 931 -6.49 130.71 73.28
CA ILE B 931 -6.39 129.27 73.26
C ILE B 931 -7.55 128.65 72.50
N GLN B 932 -8.77 129.15 72.75
CA GLN B 932 -9.94 128.62 72.06
C GLN B 932 -9.85 128.89 70.55
N ASP B 933 -9.26 130.03 70.17
CA ASP B 933 -9.10 130.33 68.75
C ASP B 933 -8.03 129.46 68.12
N SER B 934 -6.94 129.20 68.86
CA SER B 934 -5.87 128.36 68.33
C SER B 934 -6.27 126.90 68.22
N LEU B 935 -7.20 126.45 69.08
CA LEU B 935 -7.68 125.07 68.96
C LEU B 935 -8.50 124.86 67.69
N SER B 936 -9.14 125.91 67.19
CA SER B 936 -9.91 125.81 65.95
C SER B 936 -9.02 125.86 64.71
N SER B 937 -7.75 126.23 64.85
CA SER B 937 -6.83 126.28 63.73
C SER B 937 -5.59 125.44 64.02
N THR B 938 -4.56 125.57 63.17
CA THR B 938 -3.31 124.83 63.30
C THR B 938 -3.57 123.34 63.44
N PRO B 939 -3.96 122.66 62.35
CA PRO B 939 -4.28 121.23 62.45
C PRO B 939 -3.15 120.37 62.99
N SER B 940 -1.91 120.84 62.92
CA SER B 940 -0.77 120.10 63.49
C SER B 940 -0.61 120.40 64.97
N ALA B 941 -1.69 120.27 65.74
CA ALA B 941 -1.68 120.47 67.18
C ALA B 941 -2.03 119.22 67.94
N LEU B 942 -3.15 118.58 67.62
CA LEU B 942 -3.57 117.33 68.24
C LEU B 942 -3.04 116.13 67.47
N GLY B 943 -1.73 116.11 67.24
CA GLY B 943 -1.10 115.05 66.47
C GLY B 943 -0.81 113.81 67.27
N LYS B 944 -0.47 114.00 68.56
CA LYS B 944 -0.15 112.86 69.40
C LYS B 944 -1.37 112.05 69.78
N LEU B 945 -2.57 112.63 69.71
CA LEU B 945 -3.77 111.85 69.91
C LEU B 945 -4.14 111.04 68.66
N GLN B 946 -3.97 111.64 67.49
CA GLN B 946 -4.21 110.91 66.24
C GLN B 946 -3.12 109.89 65.96
N ASP B 947 -1.95 110.02 66.60
CA ASP B 947 -0.84 109.10 66.33
C ASP B 947 -1.20 107.67 66.73
N VAL B 948 -1.70 107.48 67.96
CA VAL B 948 -2.04 106.14 68.42
C VAL B 948 -3.20 105.58 67.62
N VAL B 949 -4.15 106.44 67.24
CA VAL B 949 -5.29 105.97 66.44
C VAL B 949 -4.83 105.48 65.08
N ASN B 950 -3.95 106.25 64.42
CA ASN B 950 -3.43 105.84 63.13
C ASN B 950 -2.59 104.58 63.25
N HIS B 951 -1.83 104.45 64.34
CA HIS B 951 -1.03 103.25 64.55
C HIS B 951 -1.92 102.02 64.72
N ASN B 952 -2.99 102.13 65.52
CA ASN B 952 -3.91 101.02 65.68
C ASN B 952 -4.60 100.68 64.38
N ALA B 953 -5.00 101.70 63.61
CA ALA B 953 -5.65 101.45 62.33
C ALA B 953 -4.71 100.74 61.36
N GLN B 954 -3.45 101.18 61.31
CA GLN B 954 -2.47 100.54 60.44
C GLN B 954 -2.19 99.10 60.88
N ALA B 955 -2.11 98.87 62.19
CA ALA B 955 -1.89 97.51 62.69
C ALA B 955 -3.05 96.60 62.31
N LEU B 956 -4.29 97.07 62.50
CA LEU B 956 -5.44 96.26 62.13
C LEU B 956 -5.50 96.02 60.62
N ASN B 957 -5.18 97.03 59.81
CA ASN B 957 -5.18 96.85 58.36
C ASN B 957 -4.12 95.84 57.94
N THR B 958 -2.92 95.90 58.53
CA THR B 958 -1.89 94.92 58.21
C THR B 958 -2.30 93.52 58.64
N LEU B 959 -2.90 93.40 59.83
CA LEU B 959 -3.28 92.09 60.32
C LEU B 959 -4.42 91.48 59.51
N VAL B 960 -5.29 92.32 58.94
CA VAL B 960 -6.37 91.81 58.09
C VAL B 960 -5.93 91.62 56.65
N LYS B 961 -4.86 92.29 56.21
CA LYS B 961 -4.37 92.11 54.85
C LYS B 961 -3.41 90.93 54.75
N GLN B 962 -2.72 90.59 55.83
CA GLN B 962 -1.81 89.45 55.81
C GLN B 962 -2.52 88.11 55.66
N LEU B 963 -3.85 88.08 55.76
CA LEU B 963 -4.60 86.86 55.52
C LEU B 963 -4.62 86.48 54.04
N SER B 964 -4.49 87.45 53.14
CA SER B 964 -4.45 87.20 51.71
C SER B 964 -3.02 87.12 51.18
N SER B 965 -2.03 87.21 52.06
CA SER B 965 -0.62 87.11 51.66
C SER B 965 -0.20 85.65 51.68
N LYS B 966 0.28 85.16 50.54
CA LYS B 966 0.65 83.75 50.42
C LYS B 966 2.01 83.52 51.08
N PHE B 967 2.00 82.76 52.17
CA PHE B 967 3.23 82.33 52.83
C PHE B 967 3.79 81.05 52.22
N GLY B 968 3.36 80.73 51.00
CA GLY B 968 3.78 79.51 50.33
C GLY B 968 2.63 78.52 50.19
N ALA B 969 2.00 78.51 49.02
CA ALA B 969 0.82 77.69 48.76
C ALA B 969 0.40 77.79 47.30
N ILE B 970 -0.65 77.06 46.92
CA ILE B 970 -1.16 77.17 45.57
C ILE B 970 -2.11 78.35 45.41
N SER B 971 -2.71 78.82 46.51
CA SER B 971 -3.65 79.94 46.48
C SER B 971 -3.76 80.51 47.89
N SER B 972 -4.73 81.40 48.08
CA SER B 972 -4.97 82.02 49.37
C SER B 972 -6.26 81.55 50.03
N VAL B 973 -7.07 80.75 49.34
CA VAL B 973 -8.33 80.24 49.87
C VAL B 973 -8.10 78.84 50.41
N LEU B 974 -8.55 78.61 51.65
CA LEU B 974 -8.39 77.30 52.26
C LEU B 974 -9.25 76.25 51.56
N ASN B 975 -10.41 76.64 51.04
CA ASN B 975 -11.27 75.69 50.34
C ASN B 975 -10.63 75.20 49.05
N ASP B 976 -9.94 76.09 48.35
CA ASP B 976 -9.25 75.68 47.12
C ASP B 976 -8.11 74.72 47.41
N ILE B 977 -7.43 74.89 48.53
CA ILE B 977 -6.34 73.98 48.89
C ILE B 977 -6.91 72.64 49.37
N PHE B 978 -8.03 72.66 50.09
CA PHE B 978 -8.62 71.42 50.58
C PHE B 978 -9.29 70.63 49.46
N SER B 979 -9.78 71.31 48.42
CA SER B 979 -10.49 70.66 47.33
C SER B 979 -9.57 70.30 46.16
N ARG B 980 -8.88 71.30 45.60
CA ARG B 980 -8.06 71.10 44.41
C ARG B 980 -6.64 70.68 44.79
N LEU B 981 -6.58 69.61 45.59
CA LEU B 981 -5.31 69.03 46.02
C LEU B 981 -5.61 67.66 46.62
N ASP B 982 -4.55 66.96 47.02
CA ASP B 982 -4.64 65.67 47.70
C ASP B 982 -4.22 65.80 49.16
N PRO B 983 -4.74 64.96 50.04
CA PRO B 983 -4.47 65.10 51.48
C PRO B 983 -2.98 65.12 51.80
N PRO B 984 -2.15 64.21 51.26
CA PRO B 984 -0.73 64.23 51.66
C PRO B 984 -0.02 65.51 51.29
N GLU B 985 -0.47 66.22 50.26
CA GLU B 985 0.10 67.52 49.92
C GLU B 985 -0.68 68.68 50.53
N ALA B 986 -2.00 68.51 50.71
CA ALA B 986 -2.80 69.59 51.29
C ALA B 986 -2.43 69.81 52.75
N GLU B 987 -2.15 68.74 53.49
CA GLU B 987 -1.76 68.87 54.89
C GLU B 987 -0.42 69.59 55.05
N VAL B 988 0.43 69.54 54.03
CA VAL B 988 1.70 70.26 54.08
C VAL B 988 1.54 71.69 53.59
N GLN B 989 0.67 71.90 52.59
CA GLN B 989 0.46 73.26 52.08
C GLN B 989 -0.30 74.12 53.07
N ILE B 990 -1.19 73.52 53.86
CA ILE B 990 -1.95 74.30 54.84
C ILE B 990 -1.10 74.67 56.04
N ASP B 991 -0.04 73.90 56.34
CA ASP B 991 0.81 74.21 57.48
C ASP B 991 1.63 75.47 57.23
N ARG B 992 2.04 75.71 55.98
CA ARG B 992 2.81 76.91 55.67
C ARG B 992 2.00 78.17 55.93
N LEU B 993 0.68 78.10 55.83
CA LEU B 993 -0.18 79.23 56.16
C LEU B 993 -0.57 79.25 57.63
N ILE B 994 -0.80 78.08 58.23
CA ILE B 994 -1.15 78.01 59.64
C ILE B 994 0.00 78.46 60.53
N THR B 995 1.25 78.35 60.05
CA THR B 995 2.38 78.88 60.80
C THR B 995 2.58 80.37 60.54
N GLY B 996 2.39 80.81 59.29
CA GLY B 996 2.55 82.22 58.99
C GLY B 996 1.53 83.09 59.68
N ARG B 997 0.27 82.64 59.72
CA ARG B 997 -0.77 83.42 60.41
C ARG B 997 -0.49 83.49 61.90
N LEU B 998 -0.05 82.40 62.50
CA LEU B 998 0.28 82.42 63.94
C LEU B 998 1.47 83.33 64.21
N GLN B 999 2.47 83.33 63.32
CA GLN B 999 3.61 84.22 63.51
C GLN B 999 3.19 85.67 63.37
N SER B 1000 2.31 85.98 62.40
CA SER B 1000 1.83 87.34 62.25
C SER B 1000 1.01 87.78 63.45
N LEU B 1001 0.20 86.88 64.00
CA LEU B 1001 -0.58 87.21 65.19
C LEU B 1001 0.32 87.43 66.40
N GLN B 1002 1.39 86.63 66.51
CA GLN B 1002 2.35 86.84 67.60
C GLN B 1002 3.06 88.17 67.46
N THR B 1003 3.43 88.55 66.23
CA THR B 1003 4.06 89.85 66.00
C THR B 1003 3.10 90.98 66.35
N TYR B 1004 1.82 90.83 65.98
CA TYR B 1004 0.83 91.84 66.33
C TYR B 1004 0.67 91.95 67.85
N VAL B 1005 0.67 90.81 68.55
CA VAL B 1005 0.54 90.84 70.00
C VAL B 1005 1.75 91.51 70.63
N THR B 1006 2.94 91.25 70.09
CA THR B 1006 4.14 91.90 70.62
C THR B 1006 4.10 93.41 70.41
N GLN B 1007 3.67 93.85 69.22
CA GLN B 1007 3.53 95.27 68.97
C GLN B 1007 2.49 95.90 69.90
N GLN B 1008 1.38 95.20 70.12
CA GLN B 1008 0.36 95.69 71.03
C GLN B 1008 0.90 95.81 72.45
N LEU B 1009 1.71 94.85 72.87
CA LEU B 1009 2.30 94.91 74.21
C LEU B 1009 3.26 96.09 74.34
N ILE B 1010 4.09 96.32 73.32
CA ILE B 1010 5.02 97.45 73.36
C ILE B 1010 4.25 98.76 73.41
N ARG B 1011 3.21 98.88 72.57
CA ARG B 1011 2.41 100.10 72.56
C ARG B 1011 1.66 100.29 73.87
N ALA B 1012 1.21 99.20 74.49
CA ALA B 1012 0.52 99.30 75.77
C ALA B 1012 1.48 99.72 76.87
N ALA B 1013 2.72 99.25 76.83
CA ALA B 1013 3.72 99.70 77.79
C ALA B 1013 4.02 101.19 77.62
N GLU B 1014 4.16 101.63 76.37
CA GLU B 1014 4.40 103.06 76.12
C GLU B 1014 3.23 103.90 76.62
N ILE B 1015 2.00 103.46 76.35
CA ILE B 1015 0.82 104.20 76.78
C ILE B 1015 0.68 104.17 78.29
N ARG B 1016 1.11 103.08 78.93
CA ARG B 1016 1.09 103.03 80.40
C ARG B 1016 2.07 104.03 80.98
N ALA B 1017 3.27 104.13 80.39
CA ALA B 1017 4.22 105.14 80.84
C ALA B 1017 3.66 106.54 80.65
N SER B 1018 3.04 106.80 79.49
CA SER B 1018 2.45 108.11 79.23
C SER B 1018 1.32 108.42 80.22
N ALA B 1019 0.52 107.41 80.55
CA ALA B 1019 -0.59 107.62 81.48
C ALA B 1019 -0.09 107.85 82.90
N ASN B 1020 0.98 107.17 83.29
CA ASN B 1020 1.59 107.44 84.59
C ASN B 1020 2.14 108.86 84.65
N LEU B 1021 2.79 109.31 83.56
CA LEU B 1021 3.27 110.68 83.52
C LEU B 1021 2.12 111.68 83.60
N ALA B 1022 1.03 111.40 82.89
CA ALA B 1022 -0.13 112.30 82.92
C ALA B 1022 -0.77 112.33 84.31
N ALA B 1023 -0.84 111.18 84.97
CA ALA B 1023 -1.37 111.14 86.33
C ALA B 1023 -0.50 111.93 87.29
N THR B 1024 0.83 111.78 87.17
CA THR B 1024 1.74 112.56 88.01
C THR B 1024 1.55 114.05 87.77
N LYS B 1025 1.43 114.45 86.49
CA LYS B 1025 1.24 115.87 86.19
C LYS B 1025 -0.08 116.39 86.75
N MET B 1026 -1.16 115.62 86.60
CA MET B 1026 -2.45 116.05 87.11
C MET B 1026 -2.47 116.11 88.64
N SER B 1027 -1.70 115.23 89.29
CA SER B 1027 -1.64 115.24 90.75
C SER B 1027 -0.71 116.32 91.28
N GLU B 1028 0.25 116.78 90.48
CA GLU B 1028 1.18 117.81 90.94
C GLU B 1028 0.86 119.21 90.43
N CYS B 1029 0.14 119.33 89.30
CA CYS B 1029 -0.20 120.63 88.75
C CYS B 1029 -1.63 121.07 89.07
N VAL B 1030 -2.58 120.13 89.07
CA VAL B 1030 -3.98 120.47 89.33
C VAL B 1030 -4.28 120.40 90.82
N LEU B 1031 -3.84 119.35 91.50
CA LEU B 1031 -4.09 119.17 92.92
C LEU B 1031 -3.24 120.05 93.81
N GLY B 1032 -2.47 120.97 93.22
CA GLY B 1032 -1.63 121.85 94.01
C GLY B 1032 -0.64 122.58 93.13
N GLN B 1033 0.05 123.52 93.74
CA GLN B 1033 1.06 124.32 93.04
C GLN B 1033 2.40 123.60 93.11
N SER B 1034 2.98 123.33 91.94
CA SER B 1034 4.26 122.66 91.84
C SER B 1034 5.34 123.67 91.46
N LYS B 1035 6.48 123.60 92.15
CA LYS B 1035 7.61 124.48 91.89
C LYS B 1035 8.65 123.83 90.98
N ARG B 1036 8.21 122.94 90.10
CA ARG B 1036 9.10 122.25 89.16
C ARG B 1036 9.09 122.97 87.83
N VAL B 1037 10.29 123.27 87.32
CA VAL B 1037 10.40 124.04 86.07
C VAL B 1037 10.01 123.16 84.89
N ASP B 1038 9.23 123.74 83.97
CA ASP B 1038 8.83 123.12 82.71
C ASP B 1038 7.85 121.96 82.92
N PHE B 1039 7.60 121.61 84.19
CA PHE B 1039 6.69 120.49 84.47
C PHE B 1039 5.24 120.90 84.21
N CYS B 1040 4.77 121.93 84.90
CA CYS B 1040 3.41 122.46 84.70
C CYS B 1040 3.49 123.65 83.75
N GLY B 1041 3.69 123.34 82.47
CA GLY B 1041 3.81 124.37 81.46
C GLY B 1041 5.15 125.08 81.51
N LYS B 1042 5.31 126.04 80.59
CA LYS B 1042 6.54 126.82 80.47
C LYS B 1042 6.37 128.11 81.26
N GLY B 1043 7.14 128.24 82.33
CA GLY B 1043 7.10 129.41 83.19
C GLY B 1043 6.74 129.05 84.62
N TYR B 1044 6.52 130.09 85.42
CA TYR B 1044 6.14 129.91 86.82
C TYR B 1044 4.71 129.37 86.88
N HIS B 1045 4.56 128.14 87.36
CA HIS B 1045 3.25 127.50 87.40
C HIS B 1045 2.34 128.22 88.40
N LEU B 1046 1.13 128.54 87.95
CA LEU B 1046 0.12 129.15 88.80
C LEU B 1046 -1.09 128.25 88.99
N MET B 1047 -1.72 127.82 87.89
CA MET B 1047 -2.88 126.96 87.95
C MET B 1047 -2.84 125.98 86.78
N SER B 1048 -3.68 124.95 86.86
CA SER B 1048 -3.78 123.96 85.81
C SER B 1048 -5.21 123.42 85.77
N PHE B 1049 -5.82 123.44 84.58
CA PHE B 1049 -7.19 122.99 84.41
C PHE B 1049 -7.23 121.80 83.47
N PRO B 1050 -7.57 120.61 83.95
CA PRO B 1050 -7.64 119.44 83.07
C PRO B 1050 -8.93 119.43 82.25
N GLN B 1051 -8.84 118.82 81.08
CA GLN B 1051 -9.97 118.70 80.18
C GLN B 1051 -9.99 117.31 79.56
N SER B 1052 -11.19 116.79 79.34
CA SER B 1052 -11.35 115.48 78.73
C SER B 1052 -10.98 115.53 77.25
N ALA B 1053 -10.61 114.37 76.72
CA ALA B 1053 -10.22 114.25 75.33
C ALA B 1053 -10.41 112.81 74.89
N PRO B 1054 -10.74 112.57 73.61
CA PRO B 1054 -10.88 111.18 73.14
C PRO B 1054 -9.57 110.41 73.22
N HIS B 1055 -9.53 109.41 74.09
CA HIS B 1055 -8.32 108.59 74.33
C HIS B 1055 -7.14 109.47 74.73
N GLY B 1056 -7.39 110.44 75.60
CA GLY B 1056 -6.33 111.32 76.05
C GLY B 1056 -6.86 112.33 77.05
N VAL B 1057 -6.03 113.32 77.33
CA VAL B 1057 -6.35 114.37 78.29
C VAL B 1057 -5.72 115.68 77.81
N VAL B 1058 -6.35 116.79 78.16
CA VAL B 1058 -5.90 118.12 77.75
C VAL B 1058 -5.68 118.94 79.01
N PHE B 1059 -4.43 119.36 79.23
CA PHE B 1059 -4.09 120.22 80.36
C PHE B 1059 -3.96 121.66 79.93
N LEU B 1060 -4.51 122.57 80.73
CA LEU B 1060 -4.39 124.00 80.52
C LEU B 1060 -3.61 124.60 81.69
N HIS B 1061 -2.29 124.71 81.52
CA HIS B 1061 -1.42 125.20 82.57
C HIS B 1061 -1.35 126.71 82.53
N VAL B 1062 -1.78 127.35 83.62
CA VAL B 1062 -1.69 128.80 83.77
C VAL B 1062 -0.31 129.14 84.33
N THR B 1063 0.51 129.83 83.54
CA THR B 1063 1.88 130.13 83.92
C THR B 1063 2.07 131.63 84.07
N TYR B 1064 3.07 132.01 84.86
CA TYR B 1064 3.42 133.40 85.10
C TYR B 1064 4.64 133.75 84.24
N VAL B 1065 4.49 134.77 83.40
CA VAL B 1065 5.57 135.19 82.50
C VAL B 1065 5.90 136.65 82.76
N PRO B 1066 7.05 136.95 83.36
CA PRO B 1066 7.43 138.35 83.56
C PRO B 1066 7.81 139.01 82.24
N ALA B 1067 7.70 140.33 82.23
CA ALA B 1067 8.02 141.11 81.04
C ALA B 1067 8.30 142.55 81.46
N GLN B 1068 8.73 143.36 80.48
CA GLN B 1068 9.04 144.78 80.68
C GLN B 1068 10.07 144.96 81.80
N GLU B 1069 11.25 144.38 81.59
CA GLU B 1069 12.32 144.49 82.56
C GLU B 1069 13.10 145.79 82.36
N LYS B 1070 13.69 146.28 83.45
CA LYS B 1070 14.47 147.50 83.43
C LYS B 1070 15.78 147.28 84.17
N ASN B 1071 16.85 147.87 83.65
CA ASN B 1071 18.17 147.72 84.25
C ASN B 1071 18.34 148.68 85.43
N PHE B 1072 18.94 148.17 86.50
CA PHE B 1072 19.21 148.97 87.68
C PHE B 1072 20.55 148.57 88.28
N THR B 1073 21.12 149.49 89.04
CA THR B 1073 22.38 149.21 89.74
C THR B 1073 22.10 148.44 91.02
N THR B 1074 22.77 147.30 91.19
CA THR B 1074 22.57 146.43 92.33
C THR B 1074 23.84 146.38 93.18
N ALA B 1075 23.69 145.87 94.40
CA ALA B 1075 24.79 145.72 95.33
C ALA B 1075 24.51 144.52 96.22
N PRO B 1076 25.54 143.75 96.58
CA PRO B 1076 25.29 142.59 97.47
C PRO B 1076 24.74 142.99 98.83
N ALA B 1077 25.31 144.03 99.44
CA ALA B 1077 24.85 144.48 100.75
C ALA B 1077 25.12 145.98 100.87
N ILE B 1078 24.64 146.55 101.98
CA ILE B 1078 24.86 147.96 102.28
C ILE B 1078 25.62 148.05 103.60
N CYS B 1079 26.40 149.13 103.72
CA CYS B 1079 27.25 149.35 104.89
C CYS B 1079 26.70 150.55 105.66
N HIS B 1080 26.24 150.32 106.87
CA HIS B 1080 25.77 151.38 107.75
C HIS B 1080 26.95 151.91 108.56
N ASP B 1081 26.68 152.71 109.59
CA ASP B 1081 27.73 153.29 110.43
C ASP B 1081 28.31 152.19 111.32
N GLY B 1082 29.27 151.46 110.76
CA GLY B 1082 29.94 150.39 111.46
C GLY B 1082 29.25 149.04 111.39
N LYS B 1083 28.06 148.96 110.79
CA LYS B 1083 27.33 147.71 110.69
C LYS B 1083 27.02 147.41 109.23
N ALA B 1084 26.90 146.12 108.93
CA ALA B 1084 26.61 145.64 107.58
C ALA B 1084 25.24 144.98 107.58
N HIS B 1085 24.36 145.45 106.69
CA HIS B 1085 23.00 144.93 106.58
C HIS B 1085 22.85 144.13 105.30
N PHE B 1086 22.24 142.95 105.41
CA PHE B 1086 22.01 142.07 104.27
C PHE B 1086 20.51 141.90 104.02
N PRO B 1087 20.09 141.84 102.76
CA PRO B 1087 18.66 141.66 102.47
C PRO B 1087 18.15 140.32 102.98
N ARG B 1088 16.87 140.29 103.33
CA ARG B 1088 16.21 139.09 103.82
C ARG B 1088 15.34 138.44 102.75
N GLU B 1089 14.39 139.18 102.18
CA GLU B 1089 13.51 138.68 101.13
C GLU B 1089 13.37 139.70 100.02
N GLY B 1090 14.47 140.32 99.63
CA GLY B 1090 14.44 141.32 98.59
C GLY B 1090 15.79 141.48 97.93
N VAL B 1091 15.86 142.44 97.01
CA VAL B 1091 17.08 142.74 96.27
C VAL B 1091 17.33 144.24 96.30
N PHE B 1092 18.56 144.62 96.61
CA PHE B 1092 18.93 146.03 96.66
C PHE B 1092 19.10 146.58 95.25
N VAL B 1093 18.39 147.67 94.96
CA VAL B 1093 18.46 148.34 93.66
C VAL B 1093 18.84 149.80 93.88
N SER B 1094 19.23 150.45 92.78
CA SER B 1094 19.64 151.84 92.83
C SER B 1094 19.15 152.53 91.56
N ASN B 1095 18.33 153.56 91.73
CA ASN B 1095 17.83 154.36 90.60
C ASN B 1095 18.73 155.55 90.32
N GLY B 1096 20.03 155.28 90.15
CA GLY B 1096 20.99 156.34 89.89
C GLY B 1096 21.61 156.89 91.16
N THR B 1097 20.81 157.61 91.95
CA THR B 1097 21.28 158.24 93.17
C THR B 1097 20.78 157.51 94.42
N HIS B 1098 19.47 157.31 94.53
CA HIS B 1098 18.90 156.70 95.71
C HIS B 1098 19.02 155.18 95.64
N TRP B 1099 18.75 154.53 96.77
CA TRP B 1099 18.79 153.08 96.90
C TRP B 1099 17.48 152.59 97.51
N PHE B 1100 16.98 151.48 96.97
CA PHE B 1100 15.74 150.88 97.45
C PHE B 1100 15.87 149.36 97.40
N VAL B 1101 14.83 148.68 97.89
CA VAL B 1101 14.78 147.23 97.90
C VAL B 1101 13.49 146.80 97.21
N THR B 1102 13.62 145.95 96.20
CA THR B 1102 12.48 145.45 95.44
C THR B 1102 12.41 143.93 95.57
N GLN B 1103 11.45 143.33 94.87
CA GLN B 1103 11.29 141.89 94.87
C GLN B 1103 12.12 141.25 93.77
N ARG B 1104 12.23 139.92 93.82
CA ARG B 1104 12.99 139.17 92.83
C ARG B 1104 12.19 138.85 91.59
N ASN B 1105 10.88 139.14 91.57
CA ASN B 1105 10.05 138.85 90.41
C ASN B 1105 9.13 140.00 90.03
N PHE B 1106 9.16 141.13 90.74
CA PHE B 1106 8.30 142.25 90.43
C PHE B 1106 8.92 143.52 91.02
N TYR B 1107 8.92 144.60 90.24
CA TYR B 1107 9.51 145.84 90.68
C TYR B 1107 8.59 146.53 91.69
N GLU B 1108 9.12 146.79 92.89
CA GLU B 1108 8.35 147.46 93.94
C GLU B 1108 9.33 148.24 94.81
N PRO B 1109 9.49 149.53 94.54
CA PRO B 1109 10.47 150.32 95.31
C PRO B 1109 10.01 150.52 96.74
N GLN B 1110 10.89 150.19 97.68
CA GLN B 1110 10.61 150.35 99.11
C GLN B 1110 11.84 150.93 99.79
N ILE B 1111 11.60 151.86 100.73
CA ILE B 1111 12.71 152.47 101.45
C ILE B 1111 13.36 151.44 102.37
N ILE B 1112 14.66 151.59 102.58
CA ILE B 1112 15.39 150.66 103.43
C ILE B 1112 15.09 150.97 104.89
N THR B 1113 14.56 149.97 105.61
CA THR B 1113 14.20 150.10 107.01
C THR B 1113 14.72 148.89 107.77
N THR B 1114 14.72 149.00 109.10
CA THR B 1114 15.17 147.90 109.95
C THR B 1114 14.06 146.88 110.16
N ASP B 1115 13.46 146.42 109.06
CA ASP B 1115 12.42 145.39 109.13
C ASP B 1115 12.59 144.29 108.09
N ASN B 1116 13.40 144.48 107.05
CA ASN B 1116 13.64 143.46 106.03
C ASN B 1116 15.12 143.22 105.78
N THR B 1117 15.99 143.72 106.65
CA THR B 1117 17.43 143.53 106.52
C THR B 1117 18.01 143.14 107.87
N PHE B 1118 18.85 142.12 107.87
CA PHE B 1118 19.49 141.64 109.09
C PHE B 1118 20.98 142.00 109.08
N VAL B 1119 21.54 142.14 110.28
CA VAL B 1119 22.93 142.52 110.45
C VAL B 1119 23.76 141.27 110.75
N SER B 1120 24.88 141.13 110.07
CA SER B 1120 25.77 139.99 110.27
C SER B 1120 27.19 140.44 109.91
N GLY B 1121 28.00 140.72 110.92
CA GLY B 1121 29.36 141.17 110.69
C GLY B 1121 29.44 142.65 110.39
N ASN B 1122 30.62 143.04 109.90
CA ASN B 1122 30.90 144.42 109.53
C ASN B 1122 31.39 144.48 108.08
N CYS B 1123 31.72 145.69 107.63
CA CYS B 1123 32.10 145.93 106.24
C CYS B 1123 33.62 145.75 106.08
N ASP B 1124 34.04 144.49 106.15
CA ASP B 1124 35.45 144.15 105.99
C ASP B 1124 35.72 142.98 105.06
N VAL B 1125 34.75 142.08 104.84
CA VAL B 1125 34.97 140.89 104.02
C VAL B 1125 34.17 140.94 102.73
N VAL B 1126 32.96 141.52 102.77
CA VAL B 1126 32.12 141.57 101.58
C VAL B 1126 32.74 142.49 100.54
N ILE B 1127 32.89 141.98 99.32
CA ILE B 1127 33.48 142.73 98.22
C ILE B 1127 32.37 143.35 97.40
N GLY B 1128 32.44 144.67 97.22
CA GLY B 1128 31.44 145.39 96.47
C GLY B 1128 30.29 145.97 97.28
N ILE B 1129 30.49 146.18 98.57
CA ILE B 1129 29.43 146.71 99.43
C ILE B 1129 29.44 148.23 99.35
N VAL B 1130 28.25 148.82 99.29
CA VAL B 1130 28.10 150.26 99.19
C VAL B 1130 27.87 150.84 100.57
N ASN B 1131 28.11 152.14 100.71
CA ASN B 1131 27.96 152.86 101.97
C ASN B 1131 26.70 153.71 101.89
N ASN B 1132 25.59 153.16 102.39
CA ASN B 1132 24.30 153.84 102.40
C ASN B 1132 23.72 153.79 103.81
N THR B 1133 22.79 154.70 104.08
CA THR B 1133 22.16 154.82 105.39
C THR B 1133 20.83 154.08 105.41
N VAL B 1134 20.43 153.64 106.60
CA VAL B 1134 19.19 152.91 106.78
C VAL B 1134 18.27 153.71 107.69
N TYR B 1135 16.98 153.38 107.64
CA TYR B 1135 15.97 154.03 108.45
C TYR B 1135 15.54 153.09 109.57
N ASP B 1136 15.19 153.67 110.71
CA ASP B 1136 14.74 152.90 111.87
C ASP B 1136 13.53 153.58 112.49
N PRO B 1137 12.39 152.87 112.61
CA PRO B 1137 11.15 153.47 113.14
C PRO B 1137 11.14 153.60 114.66
N LEU B 1138 12.22 154.12 115.21
CA LEU B 1138 12.31 154.38 116.65
C LEU B 1138 12.75 155.80 116.96
N GLN B 1139 13.66 156.37 116.16
CA GLN B 1139 14.11 157.74 116.42
C GLN B 1139 13.01 158.76 116.15
N PRO B 1140 12.31 158.75 115.02
CA PRO B 1140 11.22 159.73 114.83
C PRO B 1140 10.03 159.47 115.75
N GLU B 1141 9.80 158.22 116.13
CA GLU B 1141 8.69 157.92 117.03
C GLU B 1141 8.96 158.42 118.44
N LEU B 1142 10.14 158.10 118.98
CA LEU B 1142 10.52 158.52 120.33
C LEU B 1142 11.26 159.87 120.28
N ASP B 1143 10.57 160.87 119.74
CA ASP B 1143 11.13 162.21 119.62
C ASP B 1143 10.16 163.31 120.01
N SER B 1144 8.96 162.99 120.49
CA SER B 1144 7.99 164.00 120.88
C SER B 1144 7.22 163.57 122.12
N PRO C 26 -40.39 51.30 82.47
CA PRO C 26 -39.14 52.00 82.79
C PRO C 26 -39.34 53.06 83.88
N ALA C 27 -38.27 53.78 84.20
CA ALA C 27 -38.31 54.83 85.21
C ALA C 27 -37.27 55.88 84.85
N TYR C 28 -37.00 56.79 85.78
CA TYR C 28 -36.07 57.89 85.53
C TYR C 28 -35.47 58.36 86.86
N THR C 29 -34.16 58.53 86.88
CA THR C 29 -33.46 59.10 88.04
C THR C 29 -32.44 60.11 87.52
N ASN C 30 -31.59 60.59 88.41
CA ASN C 30 -30.62 61.62 88.08
C ASN C 30 -29.20 61.13 88.36
N SER C 31 -28.23 61.86 87.81
CA SER C 31 -26.82 61.52 87.90
C SER C 31 -26.02 62.63 88.56
N PHE C 32 -26.49 63.10 89.73
CA PHE C 32 -25.97 64.30 90.38
C PHE C 32 -24.44 64.37 90.36
N THR C 33 -23.77 63.43 91.02
CA THR C 33 -22.31 63.40 91.04
C THR C 33 -21.86 61.95 91.18
N ARG C 34 -21.60 61.31 90.05
CA ARG C 34 -21.12 59.93 90.01
C ARG C 34 -20.73 59.60 88.58
N GLY C 35 -20.15 58.41 88.41
CA GLY C 35 -19.73 57.96 87.10
C GLY C 35 -18.37 58.44 86.66
N VAL C 36 -17.47 58.72 87.61
CA VAL C 36 -16.12 59.20 87.30
C VAL C 36 -15.14 58.11 87.69
N TYR C 37 -14.56 57.46 86.69
CA TYR C 37 -13.58 56.40 86.91
C TYR C 37 -12.16 56.96 86.89
N TYR C 38 -11.20 56.08 87.16
CA TYR C 38 -9.81 56.49 87.12
C TYR C 38 -9.28 56.44 85.69
N PRO C 39 -8.49 57.43 85.28
CA PRO C 39 -7.86 57.39 83.95
C PRO C 39 -6.73 56.39 83.90
N ASP C 40 -5.94 56.43 82.82
CA ASP C 40 -4.76 55.60 82.70
C ASP C 40 -3.90 55.68 83.96
N LYS C 41 -3.14 54.61 84.22
CA LYS C 41 -2.43 54.48 85.48
C LYS C 41 -1.26 55.45 85.57
N VAL C 42 -1.49 56.61 86.18
CA VAL C 42 -0.46 57.62 86.41
C VAL C 42 -0.66 58.19 87.80
N PHE C 43 0.37 58.12 88.64
CA PHE C 43 0.29 58.63 90.00
C PHE C 43 0.30 60.15 89.98
N ARG C 44 -0.70 60.75 90.61
CA ARG C 44 -0.81 62.20 90.70
C ARG C 44 -1.22 62.57 92.12
N SER C 45 -0.53 63.55 92.71
CA SER C 45 -0.78 63.99 94.07
C SER C 45 -0.95 65.50 94.07
N SER C 46 -2.16 65.95 94.43
CA SER C 46 -2.49 67.37 94.54
C SER C 46 -2.20 68.10 93.22
N VAL C 47 -2.82 67.60 92.15
CA VAL C 47 -2.70 68.18 90.82
C VAL C 47 -4.08 68.55 90.32
N LEU C 48 -4.11 69.32 89.23
CA LEU C 48 -5.34 69.75 88.57
C LEU C 48 -5.25 69.33 87.10
N HIS C 49 -5.65 68.10 86.81
CA HIS C 49 -5.53 67.53 85.48
C HIS C 49 -6.90 67.43 84.81
N SER C 50 -6.92 67.70 83.50
CA SER C 50 -8.12 67.61 82.69
C SER C 50 -7.80 66.80 81.45
N THR C 51 -8.55 65.73 81.22
CA THR C 51 -8.31 64.82 80.10
C THR C 51 -9.60 64.61 79.32
N GLN C 52 -9.46 64.24 78.05
CA GLN C 52 -10.59 63.96 77.18
C GLN C 52 -10.76 62.45 77.06
N ASP C 53 -11.84 61.93 77.63
CA ASP C 53 -12.11 60.50 77.61
C ASP C 53 -13.63 60.29 77.57
N LEU C 54 -14.05 59.04 77.74
CA LEU C 54 -15.46 58.67 77.69
C LEU C 54 -16.00 58.61 79.11
N PHE C 55 -16.52 59.74 79.59
CA PHE C 55 -17.08 59.83 80.93
C PHE C 55 -18.57 60.09 80.85
N LEU C 56 -19.22 60.11 82.02
CA LEU C 56 -20.65 60.33 82.11
C LEU C 56 -20.93 61.77 82.50
N PRO C 57 -21.69 62.51 81.69
CA PRO C 57 -22.00 63.90 82.07
C PRO C 57 -22.91 63.95 83.29
N PHE C 58 -22.67 64.95 84.13
CA PHE C 58 -23.49 65.13 85.32
C PHE C 58 -24.88 65.66 84.94
N PHE C 59 -25.86 65.36 85.80
CA PHE C 59 -27.26 65.75 85.57
C PHE C 59 -27.75 65.24 84.22
N SER C 60 -27.55 63.95 83.98
CA SER C 60 -27.93 63.30 82.74
C SER C 60 -29.19 62.46 82.95
N ASN C 61 -29.67 61.86 81.86
CA ASN C 61 -30.86 61.03 81.88
C ASN C 61 -30.46 59.57 82.00
N VAL C 62 -31.13 58.85 82.91
CA VAL C 62 -30.83 57.45 83.17
C VAL C 62 -32.04 56.62 82.72
N THR C 63 -31.86 55.30 82.74
CA THR C 63 -32.86 54.33 82.29
C THR C 63 -33.14 53.32 83.39
N TRP C 64 -33.41 53.81 84.59
CA TRP C 64 -33.71 52.96 85.74
C TRP C 64 -34.83 51.97 85.42
N PHE C 65 -34.53 50.69 85.61
CA PHE C 65 -35.48 49.61 85.40
C PHE C 65 -35.67 48.84 86.70
N HIS C 66 -36.88 48.36 86.93
CA HIS C 66 -37.21 47.60 88.14
C HIS C 66 -37.33 46.13 87.76
N VAL C 67 -36.38 45.32 88.21
CA VAL C 67 -36.33 43.90 87.87
C VAL C 67 -36.84 43.04 89.03
N ILE C 68 -37.69 43.59 89.89
CA ILE C 68 -38.22 42.82 91.02
C ILE C 68 -39.04 41.64 90.50
N PHE C 77 -40.00 41.21 86.63
CA PHE C 77 -39.43 40.83 85.34
C PHE C 77 -39.04 42.07 84.53
N ASP C 78 -37.74 42.23 84.26
CA ASP C 78 -37.29 43.35 83.42
C ASP C 78 -35.96 42.95 82.81
N ASN C 79 -35.98 42.54 81.54
CA ASN C 79 -34.78 42.12 80.82
C ASN C 79 -34.82 42.66 79.41
N PRO C 80 -34.52 43.95 79.23
CA PRO C 80 -34.49 44.54 77.90
C PRO C 80 -33.12 44.45 77.25
N VAL C 81 -33.12 44.57 75.93
CA VAL C 81 -31.89 44.58 75.14
C VAL C 81 -31.57 46.04 74.82
N LEU C 82 -30.55 46.58 75.48
CA LEU C 82 -30.24 47.98 75.24
C LEU C 82 -29.07 48.13 74.29
N PRO C 83 -29.15 49.08 73.35
CA PRO C 83 -28.05 49.25 72.38
C PRO C 83 -26.82 49.84 73.04
N PHE C 84 -25.70 49.14 72.91
CA PHE C 84 -24.44 49.60 73.47
C PHE C 84 -23.77 50.59 72.51
N ASN C 85 -23.43 51.77 73.03
CA ASN C 85 -22.85 52.85 72.23
C ASN C 85 -21.54 53.31 72.86
N ASP C 86 -20.68 52.36 73.19
CA ASP C 86 -19.36 52.62 73.79
C ASP C 86 -19.52 53.36 75.12
N GLY C 87 -20.28 52.74 76.02
CA GLY C 87 -20.50 53.30 77.33
C GLY C 87 -21.68 52.70 78.07
N VAL C 88 -21.52 52.49 79.38
CA VAL C 88 -22.58 51.93 80.21
C VAL C 88 -22.33 52.36 81.65
N TYR C 89 -23.39 52.37 82.45
CA TYR C 89 -23.33 52.77 83.85
C TYR C 89 -24.07 51.74 84.72
N PHE C 90 -23.77 50.47 84.48
CA PHE C 90 -24.38 49.39 85.24
C PHE C 90 -24.02 49.52 86.72
N ALA C 91 -25.00 49.88 87.55
CA ALA C 91 -24.81 50.15 88.97
C ALA C 91 -25.91 49.49 89.79
N SER C 92 -26.11 48.19 89.57
CA SER C 92 -27.14 47.44 90.27
C SER C 92 -26.92 47.51 91.78
N ILE C 93 -28.02 47.40 92.53
CA ILE C 93 -28.00 47.38 93.99
C ILE C 93 -28.63 46.05 94.41
N GLU C 94 -27.79 45.04 94.60
CA GLU C 94 -28.24 43.72 95.02
C GLU C 94 -27.93 43.51 96.50
N LYS C 95 -28.40 42.39 97.04
CA LYS C 95 -28.12 42.02 98.42
C LYS C 95 -27.20 40.82 98.52
N SER C 96 -27.60 39.67 97.95
CA SER C 96 -26.72 38.51 97.88
C SER C 96 -26.41 38.09 96.45
N ASN C 97 -27.44 37.75 95.65
CA ASN C 97 -27.22 37.28 94.29
C ASN C 97 -28.32 37.75 93.33
N ILE C 98 -28.87 38.94 93.55
CA ILE C 98 -30.01 39.40 92.76
C ILE C 98 -29.64 39.47 91.28
N ILE C 99 -28.66 40.29 90.95
CA ILE C 99 -28.21 40.47 89.57
C ILE C 99 -26.79 39.92 89.44
N ARG C 100 -26.59 39.02 88.48
CA ARG C 100 -25.28 38.39 88.27
C ARG C 100 -25.17 38.06 86.79
N GLY C 101 -24.34 38.81 86.07
CA GLY C 101 -24.14 38.57 84.66
C GLY C 101 -24.16 39.85 83.82
N TRP C 102 -23.15 40.03 82.99
CA TRP C 102 -23.03 41.21 82.14
C TRP C 102 -22.64 40.80 80.73
N ILE C 103 -23.35 39.80 80.19
CA ILE C 103 -23.05 39.31 78.86
C ILE C 103 -23.41 40.36 77.82
N PHE C 104 -22.48 40.64 76.90
CA PHE C 104 -22.67 41.60 75.83
C PHE C 104 -22.89 40.87 74.51
N GLY C 105 -22.99 41.65 73.43
CA GLY C 105 -23.18 41.09 72.11
C GLY C 105 -24.28 41.79 71.32
N THR C 106 -24.20 41.73 70.00
CA THR C 106 -25.16 42.42 69.12
C THR C 106 -26.29 41.50 68.67
N THR C 107 -25.96 40.40 67.99
CA THR C 107 -26.95 39.46 67.47
C THR C 107 -26.75 38.13 68.19
N LEU C 108 -27.51 37.91 69.26
CA LEU C 108 -27.30 36.75 70.12
C LEU C 108 -28.07 35.53 69.63
N ASP C 109 -27.93 35.19 68.35
CA ASP C 109 -28.53 33.98 67.83
C ASP C 109 -27.50 32.97 67.34
N SER C 110 -26.70 33.31 66.34
CA SER C 110 -25.69 32.37 65.86
C SER C 110 -24.39 33.02 65.40
N LYS C 111 -24.23 34.35 65.49
CA LYS C 111 -23.11 35.03 64.85
C LYS C 111 -22.46 36.09 65.73
N THR C 112 -22.49 35.94 67.05
CA THR C 112 -21.85 36.89 67.96
C THR C 112 -21.14 36.14 69.07
N GLN C 113 -19.88 36.52 69.32
CA GLN C 113 -19.14 35.93 70.42
C GLN C 113 -19.74 36.37 71.75
N SER C 114 -19.64 35.48 72.73
CA SER C 114 -20.18 35.71 74.07
C SER C 114 -19.19 36.48 74.93
N LEU C 115 -19.72 37.22 75.90
CA LEU C 115 -18.92 38.03 76.80
C LEU C 115 -19.40 37.85 78.23
N LEU C 116 -19.52 36.61 78.67
CA LEU C 116 -19.98 36.32 80.02
C LEU C 116 -19.01 36.90 81.05
N ILE C 117 -19.56 37.66 82.01
CA ILE C 117 -18.77 38.22 83.09
C ILE C 117 -19.33 37.71 84.41
N VAL C 118 -19.88 36.49 84.39
CA VAL C 118 -20.47 35.91 85.59
C VAL C 118 -19.42 35.77 86.68
N ASN C 119 -19.82 36.01 87.93
CA ASN C 119 -18.93 36.03 89.08
C ASN C 119 -19.50 35.21 90.22
N ASN C 120 -19.84 33.95 89.95
CA ASN C 120 -20.37 33.06 90.98
C ASN C 120 -19.34 32.79 92.07
N ALA C 121 -19.73 32.06 93.11
CA ALA C 121 -18.85 31.86 94.26
C ALA C 121 -17.57 31.11 93.89
N THR C 122 -17.62 30.29 92.83
CA THR C 122 -16.46 29.50 92.43
C THR C 122 -15.30 30.40 92.00
N ASN C 123 -15.48 31.13 90.90
CA ASN C 123 -14.45 32.01 90.35
C ASN C 123 -15.11 32.83 89.24
N VAL C 124 -14.30 33.64 88.56
CA VAL C 124 -14.82 34.43 87.45
C VAL C 124 -15.02 33.54 86.23
N VAL C 125 -16.05 33.83 85.45
CA VAL C 125 -16.41 33.01 84.30
C VAL C 125 -16.23 33.83 83.03
N ILE C 126 -15.25 34.74 83.02
CA ILE C 126 -14.96 35.51 81.82
C ILE C 126 -14.53 34.56 80.71
N LYS C 127 -15.27 34.58 79.60
CA LYS C 127 -15.00 33.69 78.49
C LYS C 127 -15.59 34.30 77.22
N VAL C 128 -14.76 34.45 76.20
CA VAL C 128 -15.19 34.99 74.92
C VAL C 128 -15.41 33.88 73.89
N CYS C 129 -15.61 32.64 74.35
CA CYS C 129 -15.78 31.51 73.45
C CYS C 129 -16.98 31.72 72.54
N GLU C 130 -16.74 31.59 71.24
CA GLU C 130 -17.81 31.67 70.25
C GLU C 130 -18.61 30.37 70.24
N PHE C 131 -19.90 30.46 70.52
CA PHE C 131 -20.75 29.28 70.57
C PHE C 131 -22.18 29.70 70.23
N GLN C 132 -23.10 28.74 70.34
CA GLN C 132 -24.51 29.00 70.09
C GLN C 132 -25.04 29.94 71.16
N PHE C 133 -25.31 31.18 70.78
CA PHE C 133 -25.77 32.19 71.74
C PHE C 133 -27.23 31.95 72.09
N CYS C 134 -27.50 31.71 73.37
CA CYS C 134 -28.85 31.45 73.83
C CYS C 134 -29.65 32.75 73.93
N ASN C 135 -30.95 32.60 74.14
CA ASN C 135 -31.86 33.73 74.29
C ASN C 135 -32.59 33.72 75.64
N ASP C 136 -32.18 32.83 76.55
CA ASP C 136 -32.84 32.74 77.86
C ASP C 136 -32.16 33.66 78.85
N PRO C 137 -32.84 34.70 79.36
CA PRO C 137 -32.20 35.60 80.31
C PRO C 137 -32.12 35.06 81.72
N PHE C 138 -32.84 34.00 82.05
CA PHE C 138 -32.83 33.43 83.39
C PHE C 138 -31.75 32.37 83.51
N LEU C 139 -31.15 32.29 84.70
CA LEU C 139 -30.11 31.32 84.96
C LEU C 139 -30.70 30.02 85.53
N GLU C 151 -28.50 26.95 88.07
CA GLU C 151 -27.21 26.45 87.61
C GLU C 151 -26.90 26.98 86.21
N PHE C 152 -25.97 26.31 85.51
CA PHE C 152 -25.54 26.73 84.19
C PHE C 152 -26.60 26.33 83.16
N ARG C 153 -27.74 27.05 83.23
CA ARG C 153 -28.86 26.76 82.34
C ARG C 153 -28.75 27.49 81.01
N VAL C 154 -28.02 28.61 80.94
CA VAL C 154 -27.87 29.32 79.68
C VAL C 154 -26.93 28.59 78.73
N TYR C 155 -26.17 27.62 79.23
CA TYR C 155 -25.27 26.84 78.37
C TYR C 155 -26.09 25.96 77.45
N SER C 156 -25.89 26.10 76.14
CA SER C 156 -26.61 25.32 75.14
C SER C 156 -25.70 24.37 74.38
N SER C 157 -24.65 24.90 73.74
CA SER C 157 -23.73 24.06 72.97
C SER C 157 -22.42 24.82 72.80
N ALA C 158 -21.34 24.26 73.35
CA ALA C 158 -20.04 24.91 73.28
C ALA C 158 -19.37 24.62 71.94
N ASN C 159 -19.07 25.66 71.19
CA ASN C 159 -18.38 25.56 69.91
C ASN C 159 -16.91 25.94 70.10
N ASN C 160 -16.18 26.04 68.99
CA ASN C 160 -14.77 26.39 69.04
C ASN C 160 -14.58 27.77 69.66
N CYS C 161 -13.63 27.86 70.60
CA CYS C 161 -13.38 29.10 71.32
C CYS C 161 -12.27 29.90 70.63
N THR C 162 -12.00 31.09 71.17
CA THR C 162 -10.93 31.93 70.66
C THR C 162 -10.01 32.38 71.79
N PHE C 163 -10.56 32.55 72.98
CA PHE C 163 -9.81 33.04 74.13
C PHE C 163 -10.63 32.79 75.39
N GLU C 164 -9.92 32.61 76.51
CA GLU C 164 -10.57 32.40 77.80
C GLU C 164 -9.76 33.10 78.88
N TYR C 165 -10.38 33.27 80.05
CA TYR C 165 -9.74 33.94 81.17
C TYR C 165 -10.36 33.43 82.46
N VAL C 166 -9.61 32.62 83.20
CA VAL C 166 -10.06 32.08 84.48
C VAL C 166 -9.34 32.87 85.56
N SER C 167 -10.05 33.82 86.17
CA SER C 167 -9.49 34.70 87.19
C SER C 167 -9.91 34.23 88.57
N GLN C 168 -8.96 34.20 89.50
CA GLN C 168 -9.22 33.84 90.89
C GLN C 168 -9.81 35.00 91.69
N PRO C 169 -9.29 36.25 91.55
CA PRO C 169 -9.89 37.36 92.31
C PRO C 169 -11.26 37.76 91.79
N PHE C 170 -12.29 37.04 92.23
CA PHE C 170 -13.65 37.33 91.82
C PHE C 170 -14.01 38.79 92.07
N LEU C 171 -14.76 39.37 91.12
CA LEU C 171 -15.09 40.79 91.21
C LEU C 171 -16.12 41.06 92.30
N MET C 172 -17.13 40.20 92.41
CA MET C 172 -18.17 40.37 93.42
C MET C 172 -17.63 40.04 94.81
N GLN C 178 -22.93 42.68 107.26
CA GLN C 178 -23.39 43.74 108.14
C GLN C 178 -24.73 43.37 108.78
N GLY C 179 -25.72 43.07 107.94
CA GLY C 179 -27.00 42.60 108.44
C GLY C 179 -28.22 43.22 107.78
N ASN C 180 -28.14 44.52 107.44
CA ASN C 180 -29.24 45.15 106.73
C ASN C 180 -28.80 46.07 105.60
N PHE C 181 -27.52 46.41 105.49
CA PHE C 181 -27.04 47.29 104.43
C PHE C 181 -26.66 46.46 103.20
N LYS C 182 -27.06 46.94 102.03
CA LYS C 182 -26.77 46.27 100.77
C LYS C 182 -25.39 46.69 100.29
N ASN C 183 -25.06 46.32 99.04
CA ASN C 183 -23.77 46.68 98.45
C ASN C 183 -23.99 47.16 97.03
N LEU C 184 -23.25 48.19 96.64
CA LEU C 184 -23.34 48.75 95.30
C LEU C 184 -22.43 47.99 94.35
N ARG C 185 -22.83 47.93 93.09
CA ARG C 185 -22.18 47.10 92.07
C ARG C 185 -21.79 47.95 90.86
N GLU C 186 -21.12 49.07 91.11
CA GLU C 186 -20.64 49.93 90.03
C GLU C 186 -19.68 49.17 89.12
N PHE C 187 -20.10 48.91 87.89
CA PHE C 187 -19.32 48.15 86.92
C PHE C 187 -19.34 48.83 85.56
N VAL C 188 -19.02 50.13 85.54
CA VAL C 188 -18.94 50.88 84.30
C VAL C 188 -17.96 50.19 83.35
N PHE C 189 -18.46 49.77 82.19
CA PHE C 189 -17.68 49.09 81.18
C PHE C 189 -17.50 49.97 79.95
N LYS C 190 -16.43 49.71 79.21
CA LYS C 190 -16.16 50.44 77.98
C LYS C 190 -15.24 49.59 77.09
N ASN C 191 -15.35 49.81 75.79
CA ASN C 191 -14.56 49.08 74.80
C ASN C 191 -13.81 50.09 73.93
N ILE C 192 -12.50 49.88 73.80
CA ILE C 192 -11.66 50.76 72.99
C ILE C 192 -11.08 49.95 71.84
N ASP C 193 -10.32 50.60 70.96
CA ASP C 193 -9.71 49.90 69.84
C ASP C 193 -8.71 48.84 70.28
N GLY C 194 -8.22 48.92 71.52
CA GLY C 194 -7.27 47.94 72.02
C GLY C 194 -7.90 46.92 72.94
N TYR C 195 -7.71 47.09 74.25
CA TYR C 195 -8.22 46.15 75.23
C TYR C 195 -9.63 46.57 75.66
N PHE C 196 -10.15 45.93 76.70
CA PHE C 196 -11.47 46.23 77.25
C PHE C 196 -11.29 46.66 78.70
N LYS C 197 -11.59 47.93 78.99
CA LYS C 197 -11.43 48.46 80.33
C LYS C 197 -12.63 48.09 81.19
N ILE C 198 -12.36 47.64 82.42
CA ILE C 198 -13.39 47.26 83.38
C ILE C 198 -13.08 47.94 84.71
N TYR C 199 -14.01 48.76 85.18
CA TYR C 199 -13.84 49.50 86.43
C TYR C 199 -14.87 49.02 87.46
N SER C 200 -14.46 49.03 88.72
CA SER C 200 -15.34 48.62 89.82
C SER C 200 -14.79 49.17 91.12
N LYS C 201 -15.70 49.44 92.06
CA LYS C 201 -15.32 49.98 93.36
C LYS C 201 -16.49 49.83 94.32
N HIS C 202 -16.20 49.36 95.52
CA HIS C 202 -17.22 49.20 96.56
C HIS C 202 -17.28 50.46 97.40
N THR C 203 -18.50 50.95 97.63
CA THR C 203 -18.72 52.19 98.36
C THR C 203 -19.88 52.00 99.33
N PRO C 204 -19.83 52.66 100.49
CA PRO C 204 -20.94 52.54 101.46
C PRO C 204 -22.25 53.04 100.87
N ILE C 205 -23.24 52.16 100.86
CA ILE C 205 -24.54 52.45 100.26
C ILE C 205 -25.61 52.27 101.33
N ILE C 206 -25.30 52.72 102.55
CA ILE C 206 -26.20 52.64 103.70
C ILE C 206 -27.60 53.11 103.33
N VAL C 207 -28.61 52.52 103.99
CA VAL C 207 -30.00 52.77 103.63
C VAL C 207 -30.29 54.28 103.56
N ARG C 208 -31.12 54.65 102.60
CA ARG C 208 -31.42 56.05 102.33
C ARG C 208 -32.84 56.14 101.79
N GLU C 209 -33.16 57.27 101.16
CA GLU C 209 -34.45 57.52 100.52
C GLU C 209 -34.74 56.45 99.47
N PRO C 210 -36.00 56.36 98.97
CA PRO C 210 -36.33 55.34 97.96
C PRO C 210 -35.33 55.23 96.83
N GLU C 211 -35.31 54.05 96.18
CA GLU C 211 -34.26 53.67 95.24
C GLU C 211 -33.97 54.76 94.22
N ASP C 212 -32.73 55.26 94.25
CA ASP C 212 -32.27 56.28 93.31
C ASP C 212 -30.75 56.34 93.43
N LEU C 213 -30.14 57.03 92.48
CA LEU C 213 -28.69 57.20 92.50
C LEU C 213 -28.30 58.13 93.65
N PRO C 214 -27.52 57.68 94.63
CA PRO C 214 -27.18 58.54 95.76
C PRO C 214 -26.26 59.68 95.36
N GLN C 215 -26.30 60.74 96.16
CA GLN C 215 -25.48 61.93 95.93
C GLN C 215 -24.17 61.75 96.67
N GLY C 216 -23.12 61.41 95.94
CA GLY C 216 -21.81 61.21 96.53
C GLY C 216 -20.76 60.79 95.52
N PHE C 217 -19.58 61.39 95.59
CA PHE C 217 -18.53 61.09 94.64
C PHE C 217 -17.81 59.80 95.03
N SER C 218 -17.52 58.97 94.03
CA SER C 218 -16.84 57.70 94.25
C SER C 218 -16.11 57.32 92.97
N ALA C 219 -14.78 57.30 93.02
CA ALA C 219 -13.99 56.97 91.86
C ALA C 219 -14.02 55.46 91.60
N LEU C 220 -13.70 55.07 90.37
CA LEU C 220 -13.70 53.68 89.94
C LEU C 220 -12.32 53.33 89.40
N GLU C 221 -11.70 52.29 89.98
CA GLU C 221 -10.37 51.88 89.53
C GLU C 221 -10.47 50.67 88.60
N PRO C 222 -9.58 50.56 87.62
CA PRO C 222 -9.61 49.41 86.72
C PRO C 222 -9.09 48.15 87.39
N LEU C 223 -9.75 47.03 87.10
CA LEU C 223 -9.39 45.73 87.66
C LEU C 223 -8.74 44.82 86.64
N VAL C 224 -9.38 44.59 85.50
CA VAL C 224 -8.85 43.72 84.46
C VAL C 224 -8.78 44.50 83.15
N ASP C 225 -7.89 44.05 82.27
CA ASP C 225 -7.65 44.68 80.98
C ASP C 225 -7.59 43.61 79.88
N LEU C 226 -8.57 42.73 79.87
CA LEU C 226 -8.57 41.62 78.91
C LEU C 226 -8.74 42.16 77.49
N PRO C 227 -8.05 41.58 76.52
CA PRO C 227 -8.19 42.03 75.14
C PRO C 227 -9.53 41.62 74.55
N ILE C 228 -9.94 42.35 73.51
CA ILE C 228 -11.20 42.08 72.81
C ILE C 228 -11.13 42.73 71.44
N GLY C 229 -11.83 42.14 70.48
CA GLY C 229 -11.85 42.68 69.13
C GLY C 229 -13.20 42.53 68.44
N ILE C 230 -14.25 42.29 69.22
CA ILE C 230 -15.58 42.10 68.65
C ILE C 230 -16.23 43.45 68.39
N ASN C 231 -17.17 43.47 67.43
CA ASN C 231 -17.94 44.67 67.11
C ASN C 231 -19.20 44.66 67.96
N ILE C 232 -19.07 45.16 69.18
CA ILE C 232 -20.15 45.14 70.16
C ILE C 232 -20.99 46.40 70.00
N THR C 233 -22.31 46.21 69.86
CA THR C 233 -23.22 47.33 69.73
C THR C 233 -24.48 47.19 70.57
N ARG C 234 -24.67 46.08 71.29
CA ARG C 234 -25.87 45.86 72.08
C ARG C 234 -25.48 45.14 73.37
N PHE C 235 -26.43 45.07 74.30
CA PHE C 235 -26.20 44.45 75.59
C PHE C 235 -27.50 43.87 76.13
N GLN C 236 -27.43 42.71 76.77
CA GLN C 236 -28.57 42.06 77.39
C GLN C 236 -28.19 41.63 78.80
N THR C 237 -29.02 42.00 79.77
CA THR C 237 -28.78 41.64 81.15
C THR C 237 -29.32 40.25 81.46
N LEU C 238 -29.01 39.75 82.65
CA LEU C 238 -29.44 38.43 83.08
C LEU C 238 -29.36 38.34 84.59
N LEU C 239 -30.35 37.69 85.20
CA LEU C 239 -30.42 37.49 86.63
C LEU C 239 -30.48 35.99 86.93
N ALA C 240 -30.34 35.67 88.21
CA ALA C 240 -30.38 34.28 88.66
C ALA C 240 -31.81 33.74 88.62
N ALA C 259 -36.14 43.85 94.93
CA ALA C 259 -35.36 45.03 95.29
C ALA C 259 -34.24 45.27 94.29
N ALA C 260 -34.61 45.44 93.01
CA ALA C 260 -33.65 45.66 91.95
C ALA C 260 -33.53 47.15 91.64
N ALA C 261 -32.32 47.56 91.25
CA ALA C 261 -32.00 48.95 90.94
C ALA C 261 -31.21 49.01 89.64
N TYR C 262 -31.71 48.33 88.60
CA TYR C 262 -31.07 48.30 87.30
C TYR C 262 -30.84 49.71 86.78
N TYR C 263 -29.57 50.09 86.64
CA TYR C 263 -29.17 51.41 86.17
C TYR C 263 -28.32 51.26 84.91
N VAL C 264 -28.64 52.02 83.87
CA VAL C 264 -27.87 52.04 82.64
C VAL C 264 -27.76 53.48 82.17
N GLY C 265 -26.52 53.96 82.02
CA GLY C 265 -26.28 55.31 81.54
C GLY C 265 -25.20 55.35 80.48
N TYR C 266 -25.55 55.83 79.28
CA TYR C 266 -24.60 55.87 78.19
C TYR C 266 -23.57 56.98 78.41
N LEU C 267 -22.32 56.69 78.07
CA LEU C 267 -21.24 57.66 78.23
C LEU C 267 -21.21 58.62 77.04
N GLN C 268 -20.32 59.61 77.11
CA GLN C 268 -20.21 60.62 76.07
C GLN C 268 -18.81 61.21 76.14
N PRO C 269 -18.15 61.42 74.99
CA PRO C 269 -16.79 61.98 75.03
C PRO C 269 -16.78 63.45 75.43
N ARG C 270 -16.32 63.73 76.64
CA ARG C 270 -16.23 65.10 77.15
C ARG C 270 -14.94 65.25 77.94
N THR C 271 -14.60 66.49 78.26
CA THR C 271 -13.40 66.81 79.03
C THR C 271 -13.79 67.02 80.49
N PHE C 272 -13.08 66.35 81.39
CA PHE C 272 -13.35 66.43 82.82
C PHE C 272 -12.09 66.82 83.56
N LEU C 273 -12.21 67.82 84.43
CA LEU C 273 -11.10 68.30 85.26
C LEU C 273 -11.12 67.50 86.56
N LEU C 274 -10.09 66.68 86.77
CA LEU C 274 -10.01 65.80 87.91
C LEU C 274 -8.93 66.28 88.88
N LYS C 275 -9.31 66.44 90.14
CA LYS C 275 -8.38 66.84 91.19
C LYS C 275 -7.96 65.63 92.00
N TYR C 276 -6.68 65.56 92.33
CA TYR C 276 -6.12 64.45 93.10
C TYR C 276 -5.80 64.91 94.51
N ASN C 277 -5.93 63.98 95.45
CA ASN C 277 -5.63 64.24 96.86
C ASN C 277 -4.19 63.86 97.17
N GLU C 278 -3.77 64.15 98.40
CA GLU C 278 -2.41 63.82 98.82
C GLU C 278 -2.17 62.32 98.88
N ASN C 279 -3.23 61.52 98.99
CA ASN C 279 -3.11 60.07 98.98
C ASN C 279 -3.27 59.48 97.59
N GLY C 280 -3.35 60.32 96.56
CA GLY C 280 -3.51 59.83 95.20
C GLY C 280 -4.89 59.30 94.90
N THR C 281 -5.90 60.15 95.06
CA THR C 281 -7.28 59.75 94.79
C THR C 281 -8.07 60.98 94.34
N ILE C 282 -9.11 60.72 93.54
CA ILE C 282 -9.94 61.79 92.99
C ILE C 282 -11.10 62.05 93.95
N THR C 283 -11.32 63.32 94.26
CA THR C 283 -12.37 63.74 95.18
C THR C 283 -13.55 64.41 94.50
N ASP C 284 -13.32 65.16 93.42
CA ASP C 284 -14.38 65.85 92.70
C ASP C 284 -14.05 65.85 91.22
N ALA C 285 -14.94 66.47 90.44
CA ALA C 285 -14.76 66.54 88.99
C ALA C 285 -15.55 67.72 88.45
N VAL C 286 -15.17 68.16 87.25
CA VAL C 286 -15.82 69.27 86.56
C VAL C 286 -16.28 68.77 85.19
N ASP C 287 -17.53 69.05 84.84
CA ASP C 287 -18.06 68.57 83.57
C ASP C 287 -17.49 69.34 82.38
N CYS C 288 -17.13 70.61 82.58
CA CYS C 288 -16.56 71.51 81.59
C CYS C 288 -17.56 71.90 80.51
N ALA C 289 -18.76 71.33 80.50
CA ALA C 289 -19.77 71.68 79.50
C ALA C 289 -21.18 71.82 80.05
N LEU C 290 -21.45 71.40 81.29
CA LEU C 290 -22.82 71.40 81.80
C LEU C 290 -23.31 72.82 82.05
N ASP C 291 -22.66 73.55 82.94
CA ASP C 291 -23.04 74.90 83.32
C ASP C 291 -21.90 75.87 83.01
N PRO C 292 -22.21 77.16 82.85
CA PRO C 292 -21.14 78.14 82.60
C PRO C 292 -20.10 78.20 83.70
N LEU C 293 -20.46 77.85 84.93
CA LEU C 293 -19.47 77.81 86.01
C LEU C 293 -18.45 76.71 85.76
N SER C 294 -18.90 75.56 85.26
CA SER C 294 -17.96 74.48 84.93
C SER C 294 -17.04 74.89 83.79
N GLU C 295 -17.56 75.61 82.80
CA GLU C 295 -16.71 76.09 81.71
C GLU C 295 -15.73 77.14 82.20
N THR C 296 -16.13 77.98 83.17
CA THR C 296 -15.21 78.98 83.72
C THR C 296 -14.09 78.31 84.51
N LYS C 297 -14.45 77.35 85.38
CA LYS C 297 -13.44 76.60 86.11
C LYS C 297 -12.60 75.71 85.20
N CYS C 298 -13.10 75.41 84.00
CA CYS C 298 -12.38 74.53 83.08
C CYS C 298 -11.26 75.26 82.36
N THR C 299 -11.55 76.46 81.84
CA THR C 299 -10.55 77.25 81.14
C THR C 299 -9.62 78.01 82.08
N LEU C 300 -9.79 77.84 83.39
CA LEU C 300 -8.94 78.50 84.38
C LEU C 300 -8.02 77.55 85.11
N LYS C 301 -8.20 76.24 84.98
CA LYS C 301 -7.38 75.23 85.64
C LYS C 301 -7.42 75.41 87.15
N SER C 302 -8.64 75.52 87.69
CA SER C 302 -8.83 75.68 89.13
C SER C 302 -10.25 75.27 89.48
N PHE C 303 -10.45 74.89 90.74
CA PHE C 303 -11.75 74.49 91.25
C PHE C 303 -12.43 75.58 92.06
N THR C 304 -11.77 76.72 92.27
CA THR C 304 -12.35 77.84 93.01
C THR C 304 -12.00 79.12 92.24
N VAL C 305 -12.94 79.58 91.42
CA VAL C 305 -12.74 80.79 90.62
C VAL C 305 -13.03 82.01 91.49
N GLU C 306 -12.16 83.01 91.41
CA GLU C 306 -12.32 84.22 92.20
C GLU C 306 -13.43 85.09 91.61
N LYS C 307 -13.75 86.18 92.31
CA LYS C 307 -14.77 87.09 91.85
C LYS C 307 -14.26 87.94 90.69
N GLY C 308 -15.08 88.10 89.67
CA GLY C 308 -14.75 88.89 88.51
C GLY C 308 -15.34 88.29 87.26
N ILE C 309 -14.96 88.84 86.11
CA ILE C 309 -15.41 88.39 84.81
C ILE C 309 -14.27 87.64 84.12
N TYR C 310 -14.59 86.48 83.55
CA TYR C 310 -13.60 85.65 82.90
C TYR C 310 -14.12 85.23 81.53
N GLN C 311 -13.23 85.20 80.55
CA GLN C 311 -13.61 84.84 79.19
C GLN C 311 -13.81 83.34 79.06
N THR C 312 -14.56 82.95 78.03
CA THR C 312 -14.85 81.55 77.75
C THR C 312 -14.75 81.35 76.24
N SER C 313 -15.26 80.21 75.76
CA SER C 313 -15.19 79.89 74.34
C SER C 313 -16.05 80.89 73.54
N ASN C 314 -15.78 80.93 72.24
CA ASN C 314 -16.47 81.82 71.32
C ASN C 314 -17.64 81.08 70.67
N PHE C 315 -18.84 81.63 70.81
CA PHE C 315 -20.04 81.02 70.24
C PHE C 315 -20.25 81.53 68.82
N ARG C 316 -20.88 80.70 68.00
CA ARG C 316 -21.15 81.05 66.61
C ARG C 316 -22.34 80.24 66.13
N VAL C 317 -23.40 80.93 65.70
CA VAL C 317 -24.59 80.24 65.20
C VAL C 317 -24.28 79.61 63.86
N GLN C 318 -24.70 78.34 63.69
CA GLN C 318 -24.46 77.67 62.42
C GLN C 318 -25.65 77.83 61.48
N PRO C 319 -25.40 77.95 60.19
CA PRO C 319 -26.51 78.05 59.22
C PRO C 319 -27.32 76.77 59.17
N THR C 320 -28.47 76.87 58.52
CA THR C 320 -29.39 75.75 58.39
C THR C 320 -29.45 75.21 56.96
N GLU C 321 -29.73 76.06 55.98
CA GLU C 321 -29.75 75.66 54.58
C GLU C 321 -28.68 76.41 53.81
N SER C 322 -28.54 76.06 52.54
CA SER C 322 -27.55 76.66 51.64
C SER C 322 -28.25 77.08 50.36
N ILE C 323 -28.25 78.38 50.09
CA ILE C 323 -28.88 78.94 48.90
C ILE C 323 -27.82 79.04 47.80
N VAL C 324 -28.09 78.38 46.67
CA VAL C 324 -27.19 78.37 45.53
C VAL C 324 -27.95 78.96 44.35
N ARG C 325 -27.76 80.25 44.10
CA ARG C 325 -28.43 80.96 43.01
C ARG C 325 -27.44 81.16 41.87
N PHE C 326 -27.73 80.56 40.73
CA PHE C 326 -26.95 80.67 39.51
C PHE C 326 -27.61 81.64 38.54
N PRO C 327 -26.87 82.16 37.56
CA PRO C 327 -27.46 83.11 36.61
C PRO C 327 -28.63 82.50 35.84
N ASN C 328 -29.45 83.37 35.28
CA ASN C 328 -30.65 82.95 34.57
C ASN C 328 -30.28 82.11 33.34
N ILE C 329 -31.27 81.36 32.87
CA ILE C 329 -31.08 80.48 31.72
C ILE C 329 -30.78 81.34 30.50
N THR C 330 -29.64 81.11 29.87
CA THR C 330 -29.22 81.87 28.69
C THR C 330 -29.93 81.31 27.46
N ASN C 331 -29.48 81.73 26.28
CA ASN C 331 -30.06 81.25 25.03
C ASN C 331 -29.88 79.74 24.92
N LEU C 332 -30.97 79.04 24.59
CA LEU C 332 -30.95 77.59 24.51
C LEU C 332 -30.26 77.16 23.21
N CYS C 333 -30.14 75.84 23.05
CA CYS C 333 -29.55 75.22 21.88
C CYS C 333 -30.61 74.98 20.80
N PRO C 334 -30.22 74.95 19.53
CA PRO C 334 -31.21 74.74 18.45
C PRO C 334 -31.58 73.28 18.27
N PHE C 335 -31.26 72.45 19.28
CA PHE C 335 -31.60 71.03 19.21
C PHE C 335 -33.11 70.83 19.12
N ASP C 336 -33.90 71.77 19.64
CA ASP C 336 -35.34 71.65 19.52
C ASP C 336 -35.80 71.72 18.07
N GLU C 337 -35.12 72.51 17.24
CA GLU C 337 -35.43 72.59 15.82
C GLU C 337 -34.69 71.55 14.99
N VAL C 338 -33.54 71.08 15.46
CA VAL C 338 -32.77 70.07 14.73
C VAL C 338 -33.42 68.70 14.83
N PHE C 339 -33.86 68.32 16.03
CA PHE C 339 -34.49 67.03 16.26
C PHE C 339 -35.96 66.98 15.84
N ASN C 340 -36.42 67.98 15.09
CA ASN C 340 -37.82 68.03 14.63
C ASN C 340 -37.83 68.64 13.23
N ALA C 341 -37.92 67.80 12.22
CA ALA C 341 -37.94 68.23 10.82
C ALA C 341 -38.52 67.10 9.98
N THR C 342 -38.47 67.28 8.66
CA THR C 342 -38.95 66.28 7.71
C THR C 342 -37.80 65.62 6.95
N ARG C 343 -36.96 66.41 6.30
CA ARG C 343 -35.77 65.93 5.62
C ARG C 343 -34.55 66.31 6.46
N PHE C 344 -33.90 65.32 7.05
CA PHE C 344 -32.83 65.58 8.00
C PHE C 344 -31.48 65.66 7.29
N ALA C 345 -31.04 64.56 6.68
CA ALA C 345 -29.74 64.48 6.03
C ALA C 345 -29.57 63.17 5.29
N SER C 346 -28.41 62.99 4.65
CA SER C 346 -28.04 61.74 3.99
C SER C 346 -26.69 61.29 4.51
N VAL C 347 -26.28 60.09 4.09
CA VAL C 347 -25.02 59.54 4.57
C VAL C 347 -23.83 60.11 3.81
N TYR C 348 -24.02 60.51 2.56
CA TYR C 348 -22.93 61.10 1.79
C TYR C 348 -22.81 62.60 1.96
N ALA C 349 -23.87 63.27 2.43
CA ALA C 349 -23.85 64.70 2.70
C ALA C 349 -24.57 64.90 4.03
N TRP C 350 -23.81 64.85 5.12
CA TRP C 350 -24.34 65.00 6.47
C TRP C 350 -23.95 66.35 7.04
N ASN C 351 -24.86 66.93 7.84
CA ASN C 351 -24.63 68.24 8.42
C ASN C 351 -23.48 68.20 9.42
N ARG C 352 -22.83 69.35 9.58
CA ARG C 352 -21.71 69.52 10.49
C ARG C 352 -21.91 70.80 11.30
N LYS C 353 -23.12 70.97 11.84
CA LYS C 353 -23.45 72.17 12.59
C LYS C 353 -22.60 72.29 13.84
N ARG C 354 -21.79 73.34 13.90
CA ARG C 354 -20.95 73.61 15.07
C ARG C 354 -21.78 74.45 16.05
N ILE C 355 -22.30 73.80 17.08
CA ILE C 355 -23.19 74.44 18.04
C ILE C 355 -22.41 74.76 19.31
N SER C 356 -22.58 75.96 19.83
CA SER C 356 -21.92 76.40 21.05
C SER C 356 -22.72 77.55 21.66
N ASN C 357 -22.28 77.98 22.83
CA ASN C 357 -22.91 79.10 23.56
C ASN C 357 -24.38 78.81 23.84
N CYS C 358 -24.62 77.76 24.61
CA CYS C 358 -25.96 77.36 25.00
C CYS C 358 -25.87 76.55 26.28
N VAL C 359 -27.02 76.37 26.93
CA VAL C 359 -27.12 75.55 28.14
C VAL C 359 -27.66 74.19 27.67
N ALA C 360 -26.74 73.29 27.34
CA ALA C 360 -27.11 71.97 26.82
C ALA C 360 -27.65 71.12 27.97
N ASP C 361 -28.98 71.02 28.04
CA ASP C 361 -29.65 70.20 29.05
C ASP C 361 -29.98 68.86 28.42
N TYR C 362 -29.12 67.87 28.65
CA TYR C 362 -29.32 66.55 28.06
C TYR C 362 -30.51 65.82 28.65
N SER C 363 -31.01 66.25 29.81
CA SER C 363 -32.18 65.61 30.40
C SER C 363 -33.44 65.90 29.58
N VAL C 364 -33.47 67.02 28.86
CA VAL C 364 -34.63 67.35 28.05
C VAL C 364 -34.72 66.41 26.85
N LEU C 365 -33.58 65.94 26.35
CA LEU C 365 -33.58 65.05 25.18
C LEU C 365 -34.26 63.72 25.46
N TYR C 366 -34.45 63.36 26.74
CA TYR C 366 -35.14 62.13 27.09
C TYR C 366 -36.65 62.23 26.98
N ASN C 367 -37.18 63.41 26.60
CA ASN C 367 -38.63 63.57 26.48
C ASN C 367 -39.03 64.36 25.23
N LEU C 368 -38.09 64.68 24.35
CA LEU C 368 -38.43 65.41 23.13
C LEU C 368 -39.16 64.50 22.14
N ALA C 369 -38.50 63.42 21.72
CA ALA C 369 -39.05 62.47 20.79
C ALA C 369 -38.85 61.05 21.31
N PRO C 370 -39.73 60.11 20.94
CA PRO C 370 -39.57 58.73 21.41
C PRO C 370 -38.36 58.05 20.78
N PHE C 371 -37.16 58.39 21.28
CA PHE C 371 -35.93 57.80 20.76
C PHE C 371 -35.89 56.30 21.06
N PHE C 372 -35.14 55.58 20.22
CA PHE C 372 -34.96 54.15 20.38
C PHE C 372 -33.52 53.76 20.69
N THR C 373 -32.61 54.72 20.81
CA THR C 373 -31.22 54.43 21.11
C THR C 373 -30.62 55.65 21.80
N PHE C 374 -30.07 55.46 23.00
CA PHE C 374 -29.47 56.55 23.77
C PHE C 374 -28.17 56.07 24.40
N LYS C 375 -27.35 55.38 23.61
CA LYS C 375 -26.07 54.89 24.09
C LYS C 375 -25.01 55.99 23.95
N CYS C 376 -24.22 56.18 25.01
CA CYS C 376 -23.12 57.14 25.01
C CYS C 376 -21.84 56.43 25.40
N TYR C 377 -20.81 56.56 24.56
CA TYR C 377 -19.56 55.82 24.76
C TYR C 377 -18.61 56.52 25.73
N GLY C 378 -18.57 57.84 25.70
CA GLY C 378 -17.60 58.58 26.48
C GLY C 378 -17.86 58.59 27.98
N VAL C 379 -18.94 59.25 28.39
CA VAL C 379 -19.28 59.39 29.80
C VAL C 379 -20.75 59.03 30.00
N SER C 380 -21.21 59.18 31.23
CA SER C 380 -22.58 58.93 31.68
C SER C 380 -23.41 60.20 31.55
N PRO C 381 -24.70 60.07 31.18
CA PRO C 381 -25.54 61.27 31.05
C PRO C 381 -25.78 61.99 32.36
N THR C 382 -25.66 61.31 33.50
CA THR C 382 -25.83 61.98 34.78
C THR C 382 -24.68 62.95 35.05
N LYS C 383 -23.44 62.55 34.73
CA LYS C 383 -22.28 63.40 34.88
C LYS C 383 -22.02 64.29 33.68
N LEU C 384 -22.72 64.06 32.56
CA LEU C 384 -22.52 64.88 31.38
C LEU C 384 -23.06 66.28 31.56
N ASN C 385 -24.09 66.45 32.39
CA ASN C 385 -24.68 67.76 32.64
C ASN C 385 -23.81 68.66 33.53
N ASP C 386 -22.66 68.17 34.00
CA ASP C 386 -21.78 68.94 34.86
C ASP C 386 -20.38 69.06 34.26
N LEU C 387 -20.24 68.90 32.95
CA LEU C 387 -18.95 69.00 32.27
C LEU C 387 -19.05 70.03 31.16
N CYS C 388 -18.12 70.98 31.16
CA CYS C 388 -18.11 72.02 30.14
C CYS C 388 -17.44 71.51 28.86
N PHE C 389 -17.86 72.09 27.74
CA PHE C 389 -17.32 71.73 26.44
C PHE C 389 -17.16 72.99 25.59
N THR C 390 -16.30 72.89 24.58
CA THR C 390 -16.05 74.03 23.70
C THR C 390 -17.12 74.13 22.61
N ASN C 391 -17.28 73.08 21.83
CA ASN C 391 -18.26 73.07 20.74
C ASN C 391 -18.61 71.63 20.42
N VAL C 392 -19.89 71.39 20.13
CA VAL C 392 -20.40 70.07 19.79
C VAL C 392 -20.66 70.02 18.30
N TYR C 393 -20.20 68.93 17.66
CA TYR C 393 -20.38 68.73 16.23
C TYR C 393 -21.58 67.81 16.02
N ALA C 394 -22.67 68.37 15.51
CA ALA C 394 -23.89 67.60 15.26
C ALA C 394 -23.83 67.01 13.86
N ASP C 395 -23.82 65.68 13.77
CA ASP C 395 -23.77 64.97 12.51
C ASP C 395 -24.94 64.00 12.44
N SER C 396 -25.87 64.24 11.52
CA SER C 396 -27.06 63.43 11.38
C SER C 396 -27.07 62.75 10.02
N PHE C 397 -27.71 61.58 9.96
CA PHE C 397 -27.86 60.82 8.72
C PHE C 397 -29.00 59.83 8.90
N VAL C 398 -29.37 59.18 7.82
CA VAL C 398 -30.48 58.22 7.80
C VAL C 398 -29.96 56.90 7.25
N ILE C 399 -30.12 55.83 8.04
CA ILE C 399 -29.72 54.50 7.64
C ILE C 399 -30.86 53.53 7.97
N ARG C 400 -30.66 52.27 7.60
CA ARG C 400 -31.65 51.24 7.88
C ARG C 400 -31.54 50.78 9.33
N GLY C 401 -32.44 49.88 9.72
CA GLY C 401 -32.42 49.36 11.07
C GLY C 401 -31.27 48.40 11.33
N ASP C 402 -30.90 47.61 10.33
CA ASP C 402 -29.80 46.67 10.45
C ASP C 402 -28.43 47.33 10.35
N GLU C 403 -28.38 48.63 10.05
CA GLU C 403 -27.12 49.35 9.95
C GLU C 403 -26.82 50.22 11.17
N VAL C 404 -27.73 50.27 12.16
CA VAL C 404 -27.48 51.05 13.36
C VAL C 404 -26.33 50.46 14.16
N ARG C 405 -26.18 49.13 14.11
CA ARG C 405 -25.09 48.48 14.83
C ARG C 405 -23.73 48.80 14.23
N GLN C 406 -23.68 49.21 12.97
CA GLN C 406 -22.40 49.52 12.33
C GLN C 406 -21.82 50.84 12.81
N ILE C 407 -22.63 51.70 13.44
CA ILE C 407 -22.15 52.98 13.95
C ILE C 407 -21.52 52.69 15.31
N ALA C 408 -20.22 52.48 15.30
CA ALA C 408 -19.46 52.15 16.51
C ALA C 408 -18.07 52.74 16.39
N PRO C 409 -17.40 53.01 17.51
CA PRO C 409 -16.04 53.57 17.44
C PRO C 409 -15.04 52.54 16.94
N GLY C 410 -15.07 52.29 15.63
CA GLY C 410 -14.18 51.32 15.02
C GLY C 410 -14.91 50.04 14.61
N GLN C 411 -15.25 49.94 13.33
CA GLN C 411 -15.99 48.79 12.81
C GLN C 411 -16.02 48.91 11.29
N THR C 412 -16.07 47.75 10.63
CA THR C 412 -16.13 47.69 9.18
C THR C 412 -17.55 47.40 8.72
N GLY C 413 -17.81 47.71 7.46
CA GLY C 413 -19.12 47.49 6.89
C GLY C 413 -19.34 48.33 5.65
N ASN C 414 -20.51 48.14 5.04
CA ASN C 414 -20.85 48.89 3.84
C ASN C 414 -21.07 50.37 4.12
N ILE C 415 -21.39 50.73 5.37
CA ILE C 415 -21.61 52.12 5.73
C ILE C 415 -20.60 52.62 6.76
N ALA C 416 -20.03 51.73 7.58
CA ALA C 416 -19.15 52.18 8.66
C ALA C 416 -17.82 52.71 8.13
N ASP C 417 -17.38 52.27 6.96
CA ASP C 417 -16.12 52.71 6.39
C ASP C 417 -16.27 53.33 5.00
N TYR C 418 -17.51 53.55 4.53
CA TYR C 418 -17.74 54.15 3.24
C TYR C 418 -18.50 55.46 3.28
N ASN C 419 -19.22 55.75 4.35
CA ASN C 419 -19.98 56.99 4.46
C ASN C 419 -19.67 57.78 5.71
N TYR C 420 -19.40 57.11 6.84
CA TYR C 420 -19.12 57.81 8.09
C TYR C 420 -18.42 56.83 9.02
N LYS C 421 -17.22 57.20 9.47
CA LYS C 421 -16.41 56.36 10.35
C LYS C 421 -16.09 57.11 11.63
N LEU C 422 -16.11 56.40 12.75
CA LEU C 422 -15.80 56.98 14.05
C LEU C 422 -14.57 56.31 14.63
N PRO C 423 -13.52 57.08 14.97
CA PRO C 423 -12.33 56.47 15.59
C PRO C 423 -12.59 56.01 17.00
N ASP C 424 -11.56 55.51 17.68
CA ASP C 424 -11.70 55.03 19.05
C ASP C 424 -11.48 56.16 20.06
N ASP C 425 -12.18 57.28 19.86
CA ASP C 425 -12.10 58.39 20.82
C ASP C 425 -13.43 59.13 20.94
N PHE C 426 -14.52 58.59 20.39
CA PHE C 426 -15.80 59.30 20.37
C PHE C 426 -16.38 59.36 21.78
N THR C 427 -16.49 60.58 22.32
CA THR C 427 -16.99 60.80 23.67
C THR C 427 -18.44 61.26 23.70
N GLY C 428 -19.14 61.21 22.58
CA GLY C 428 -20.52 61.62 22.50
C GLY C 428 -21.50 60.47 22.67
N CYS C 429 -22.60 60.54 21.94
CA CYS C 429 -23.64 59.52 21.99
C CYS C 429 -24.01 59.11 20.57
N VAL C 430 -24.85 58.08 20.48
CA VAL C 430 -25.27 57.51 19.19
C VAL C 430 -26.79 57.60 19.10
N ILE C 431 -27.34 58.68 19.68
CA ILE C 431 -28.79 58.87 19.73
C ILE C 431 -29.40 58.68 18.36
N ALA C 432 -30.44 57.85 18.30
CA ALA C 432 -31.12 57.55 17.04
C ALA C 432 -32.55 57.13 17.35
N TRP C 433 -33.39 57.19 16.31
CA TRP C 433 -34.80 56.84 16.46
C TRP C 433 -35.36 56.50 15.09
N ASN C 434 -36.42 55.70 15.07
CA ASN C 434 -37.09 55.33 13.84
C ASN C 434 -37.93 56.50 13.32
N SER C 435 -37.89 56.72 12.01
CA SER C 435 -38.63 57.79 11.36
C SER C 435 -39.54 57.25 10.26
N ASN C 436 -40.18 56.12 10.53
CA ASN C 436 -41.12 55.51 9.58
C ASN C 436 -42.55 55.99 9.81
N LYS C 437 -42.72 57.31 9.86
CA LYS C 437 -44.04 57.90 10.05
C LYS C 437 -44.28 59.00 9.04
N LEU C 438 -43.21 59.64 8.57
CA LEU C 438 -43.33 60.72 7.60
C LEU C 438 -42.29 60.65 6.48
N ASP C 439 -41.39 59.67 6.51
CA ASP C 439 -40.37 59.52 5.48
C ASP C 439 -40.55 58.24 4.67
N SER C 440 -41.80 57.83 4.46
CA SER C 440 -42.08 56.61 3.72
C SER C 440 -43.46 56.73 3.07
N LYS C 441 -43.48 56.96 1.77
CA LYS C 441 -44.71 57.01 1.00
C LYS C 441 -44.56 56.14 -0.25
N VAL C 442 -45.68 55.69 -0.78
CA VAL C 442 -45.67 54.80 -1.97
C VAL C 442 -45.68 55.71 -3.18
N SER C 443 -44.49 56.20 -3.54
CA SER C 443 -44.33 56.95 -4.77
C SER C 443 -42.96 56.76 -5.41
N GLY C 444 -42.09 55.92 -4.86
CA GLY C 444 -40.74 55.79 -5.37
C GLY C 444 -39.74 56.59 -4.57
N ASN C 445 -38.93 55.91 -3.76
CA ASN C 445 -37.99 56.58 -2.87
C ASN C 445 -36.60 56.64 -3.50
N TYR C 446 -36.51 57.32 -4.64
CA TYR C 446 -35.24 57.52 -5.33
C TYR C 446 -34.66 58.89 -4.98
N ASN C 447 -34.39 59.08 -3.69
CA ASN C 447 -33.84 60.35 -3.20
C ASN C 447 -32.59 60.12 -2.38
N TYR C 448 -32.55 59.00 -1.65
CA TYR C 448 -31.42 58.68 -0.80
C TYR C 448 -30.38 57.88 -1.57
N LEU C 449 -29.28 57.55 -0.89
CA LEU C 449 -28.20 56.76 -1.46
C LEU C 449 -27.27 56.36 -0.32
N TYR C 450 -26.37 55.41 -0.59
CA TYR C 450 -25.42 54.99 0.42
C TYR C 450 -24.01 54.76 -0.13
N ARG C 451 -23.75 55.09 -1.40
CA ARG C 451 -22.41 55.03 -2.00
C ARG C 451 -21.84 53.61 -1.89
N LEU C 452 -22.49 52.69 -2.58
CA LEU C 452 -22.08 51.29 -2.56
C LEU C 452 -20.66 51.12 -3.11
N PHE C 453 -20.29 51.89 -4.12
CA PHE C 453 -18.99 51.78 -4.75
C PHE C 453 -18.00 52.77 -4.14
N ARG C 454 -16.77 52.31 -3.92
CA ARG C 454 -15.71 53.14 -3.37
C ARG C 454 -14.38 52.48 -3.68
N LYS C 455 -13.31 53.29 -3.59
CA LYS C 455 -11.96 52.81 -3.85
C LYS C 455 -11.29 52.26 -2.60
N SER C 456 -11.47 52.93 -1.47
CA SER C 456 -10.86 52.49 -0.21
C SER C 456 -11.64 53.14 0.93
N ASN C 457 -11.25 52.78 2.15
CA ASN C 457 -11.90 53.34 3.34
C ASN C 457 -11.58 54.82 3.48
N LEU C 458 -12.60 55.62 3.71
CA LEU C 458 -12.42 57.06 3.87
C LEU C 458 -11.88 57.38 5.25
N LYS C 459 -11.32 58.58 5.38
CA LYS C 459 -10.86 59.04 6.68
C LYS C 459 -12.04 59.23 7.61
N PRO C 460 -11.93 58.81 8.88
CA PRO C 460 -13.05 59.01 9.81
C PRO C 460 -13.35 60.49 10.03
N PHE C 461 -14.64 60.79 10.21
CA PHE C 461 -15.13 62.16 10.36
C PHE C 461 -14.77 63.01 9.13
N GLU C 462 -15.20 62.52 7.97
CA GLU C 462 -14.96 63.20 6.70
C GLU C 462 -16.20 63.06 5.83
N ARG C 463 -16.51 64.12 5.09
CA ARG C 463 -17.66 64.15 4.19
C ARG C 463 -17.16 64.36 2.77
N ASP C 464 -17.39 63.36 1.90
CA ASP C 464 -16.95 63.38 0.52
C ASP C 464 -18.17 63.58 -0.36
N ILE C 465 -18.43 64.82 -0.76
CA ILE C 465 -19.57 65.15 -1.62
C ILE C 465 -19.06 65.08 -3.06
N SER C 466 -19.16 63.90 -3.65
CA SER C 466 -18.71 63.66 -5.02
C SER C 466 -19.81 62.96 -5.80
N THR C 467 -19.78 63.16 -7.12
CA THR C 467 -20.76 62.54 -8.00
C THR C 467 -20.15 62.00 -9.28
N GLU C 468 -18.82 61.88 -9.36
CA GLU C 468 -18.18 61.38 -10.56
C GLU C 468 -18.46 59.89 -10.74
N ILE C 469 -18.39 59.44 -11.98
CA ILE C 469 -18.62 58.03 -12.30
C ILE C 469 -17.47 57.20 -11.75
N TYR C 470 -17.81 56.10 -11.07
CA TYR C 470 -16.79 55.22 -10.49
C TYR C 470 -15.96 54.58 -11.59
N GLN C 471 -14.66 54.79 -11.56
CA GLN C 471 -13.73 54.23 -12.54
C GLN C 471 -13.01 53.05 -11.90
N ALA C 472 -13.26 51.86 -12.42
CA ALA C 472 -12.63 50.64 -11.89
C ALA C 472 -11.33 50.31 -12.61
N GLY C 473 -10.46 51.30 -12.73
CA GLY C 473 -9.13 51.12 -13.28
C GLY C 473 -9.06 50.62 -14.71
N ASN C 474 -7.82 50.47 -15.21
CA ASN C 474 -7.50 49.88 -16.51
C ASN C 474 -8.34 50.43 -17.66
N LYS C 475 -8.88 51.64 -17.50
CA LYS C 475 -9.61 52.31 -18.57
C LYS C 475 -9.86 53.77 -18.22
N PRO C 476 -9.59 54.69 -19.14
CA PRO C 476 -9.93 56.10 -18.91
C PRO C 476 -11.41 56.36 -19.18
N CYS C 477 -12.16 56.59 -18.12
CA CYS C 477 -13.61 56.84 -18.21
C CYS C 477 -13.86 58.33 -18.16
N ASN C 478 -13.99 58.95 -19.34
CA ASN C 478 -14.38 60.35 -19.45
C ASN C 478 -15.89 60.54 -19.34
N GLY C 479 -16.60 59.54 -18.83
CA GLY C 479 -18.04 59.55 -18.72
C GLY C 479 -18.69 58.55 -19.65
N VAL C 480 -19.02 57.37 -19.10
CA VAL C 480 -19.66 56.30 -19.85
C VAL C 480 -20.28 55.36 -18.83
N ALA C 481 -21.31 54.63 -19.25
CA ALA C 481 -21.97 53.65 -18.39
C ALA C 481 -22.10 52.32 -19.14
N GLY C 482 -21.02 51.54 -19.14
CA GLY C 482 -21.12 50.15 -19.54
C GLY C 482 -19.87 49.33 -19.31
N PHE C 483 -20.02 48.22 -18.60
CA PHE C 483 -19.05 47.14 -18.52
C PHE C 483 -17.72 47.53 -17.87
N ASN C 484 -17.51 48.82 -17.61
CA ASN C 484 -16.30 49.26 -16.92
C ASN C 484 -16.51 50.35 -15.88
N CYS C 485 -17.56 51.16 -15.99
CA CYS C 485 -17.75 52.31 -15.12
C CYS C 485 -19.24 52.52 -14.91
N TYR C 486 -19.68 52.47 -13.66
CA TYR C 486 -21.09 52.53 -13.32
C TYR C 486 -21.32 53.63 -12.30
N PHE C 487 -22.59 53.85 -11.98
CA PHE C 487 -22.97 54.86 -10.99
C PHE C 487 -22.56 54.39 -9.60
N PRO C 488 -21.64 55.09 -8.92
CA PRO C 488 -21.24 54.66 -7.58
C PRO C 488 -22.30 54.91 -6.50
N LEU C 489 -23.49 55.37 -6.86
CA LEU C 489 -24.56 55.65 -5.91
C LEU C 489 -25.77 54.78 -6.23
N ARG C 490 -26.44 54.31 -5.18
CA ARG C 490 -27.61 53.47 -5.32
C ARG C 490 -28.62 53.84 -4.25
N SER C 491 -29.87 54.04 -4.66
CA SER C 491 -30.91 54.49 -3.75
C SER C 491 -31.46 53.33 -2.93
N TYR C 492 -32.11 53.67 -1.83
CA TYR C 492 -32.74 52.69 -0.97
C TYR C 492 -34.08 52.24 -1.55
N SER C 493 -34.79 51.39 -0.81
CA SER C 493 -36.10 50.90 -1.22
C SER C 493 -37.06 50.96 -0.04
N PHE C 494 -37.07 52.09 0.67
CA PHE C 494 -37.94 52.26 1.82
C PHE C 494 -39.39 52.33 1.38
N ARG C 495 -40.22 51.44 1.91
CA ARG C 495 -41.64 51.39 1.62
C ARG C 495 -42.43 51.32 2.92
N PRO C 496 -43.62 51.92 2.95
CA PRO C 496 -44.41 51.89 4.19
C PRO C 496 -44.86 50.50 4.60
N THR C 497 -45.20 49.65 3.63
CA THR C 497 -45.67 48.31 3.94
C THR C 497 -44.51 47.33 4.12
N TYR C 498 -43.55 47.67 4.97
CA TYR C 498 -42.41 46.83 5.28
C TYR C 498 -42.35 46.59 6.79
N GLY C 499 -41.30 45.89 7.21
CA GLY C 499 -41.07 45.60 8.61
C GLY C 499 -39.85 46.33 9.14
N VAL C 500 -39.70 46.27 10.47
CA VAL C 500 -38.57 46.92 11.12
C VAL C 500 -37.28 46.21 10.73
N GLY C 501 -36.19 46.98 10.65
CA GLY C 501 -34.88 46.50 10.23
C GLY C 501 -34.41 47.12 8.93
N HIS C 502 -35.34 47.45 8.03
CA HIS C 502 -35.02 48.10 6.77
C HIS C 502 -35.80 49.39 6.61
N GLN C 503 -36.08 50.07 7.72
CA GLN C 503 -36.82 51.31 7.76
C GLN C 503 -35.86 52.49 7.90
N PRO C 504 -36.29 53.70 7.52
CA PRO C 504 -35.42 54.87 7.69
C PRO C 504 -35.23 55.24 9.15
N TYR C 505 -34.00 55.08 9.65
CA TYR C 505 -33.65 55.41 11.03
C TYR C 505 -32.74 56.63 11.02
N ARG C 506 -33.21 57.71 11.62
CA ARG C 506 -32.42 58.94 11.72
C ARG C 506 -31.44 58.81 12.87
N VAL C 507 -30.15 58.79 12.54
CA VAL C 507 -29.07 58.65 13.52
C VAL C 507 -28.30 59.96 13.58
N VAL C 508 -28.17 60.51 14.78
CA VAL C 508 -27.48 61.78 15.00
C VAL C 508 -26.46 61.59 16.11
N VAL C 509 -25.20 61.92 15.83
CA VAL C 509 -24.12 61.83 16.80
C VAL C 509 -23.71 63.23 17.22
N LEU C 510 -23.21 63.35 18.44
CA LEU C 510 -22.78 64.62 19.01
C LEU C 510 -21.30 64.50 19.37
N SER C 511 -20.43 64.86 18.43
CA SER C 511 -19.00 64.77 18.66
C SER C 511 -18.53 65.88 19.58
N PHE C 512 -17.77 65.51 20.62
CA PHE C 512 -17.24 66.45 21.58
C PHE C 512 -15.75 66.64 21.36
N GLU C 513 -15.25 67.84 21.68
CA GLU C 513 -13.85 68.15 21.52
C GLU C 513 -13.46 69.20 22.55
N LEU C 514 -12.19 69.14 22.98
CA LEU C 514 -11.64 70.09 23.96
C LEU C 514 -10.25 70.49 23.47
N LEU C 515 -10.19 71.55 22.68
CA LEU C 515 -8.93 72.08 22.18
C LEU C 515 -8.39 73.15 23.12
N HIS C 516 -7.38 73.88 22.69
CA HIS C 516 -6.76 74.93 23.49
C HIS C 516 -7.59 76.22 23.42
N ALA C 517 -8.83 76.11 23.88
CA ALA C 517 -9.77 77.21 23.89
C ALA C 517 -10.72 77.05 25.07
N PRO C 518 -11.15 78.15 25.69
CA PRO C 518 -12.08 78.06 26.80
C PRO C 518 -13.40 77.42 26.38
N ALA C 519 -13.97 76.62 27.28
CA ALA C 519 -15.21 75.92 26.99
C ALA C 519 -16.39 76.88 27.04
N THR C 520 -17.32 76.70 26.09
CA THR C 520 -18.50 77.55 25.98
C THR C 520 -19.74 76.89 26.58
N VAL C 521 -20.09 75.70 26.10
CA VAL C 521 -21.26 74.99 26.57
C VAL C 521 -20.89 74.15 27.79
N CYS C 522 -21.62 74.34 28.88
CA CYS C 522 -21.40 73.59 30.11
C CYS C 522 -22.58 72.70 30.47
N GLY C 523 -23.77 73.27 30.57
CA GLY C 523 -24.95 72.52 30.94
C GLY C 523 -25.94 73.36 31.72
N PRO C 524 -27.04 72.73 32.14
CA PRO C 524 -28.07 73.47 32.88
C PRO C 524 -27.66 73.72 34.32
N LYS C 525 -28.00 74.90 34.82
CA LYS C 525 -27.72 75.28 36.21
C LYS C 525 -29.04 75.63 36.90
N LYS C 526 -29.20 75.12 38.11
CA LYS C 526 -30.43 75.33 38.87
C LYS C 526 -30.26 76.51 39.83
N SER C 527 -31.29 76.73 40.65
CA SER C 527 -31.28 77.81 41.63
C SER C 527 -32.24 77.44 42.75
N THR C 528 -32.15 78.21 43.84
CA THR C 528 -32.98 77.99 45.03
C THR C 528 -33.67 79.28 45.42
N ASN C 529 -34.64 79.15 46.33
CA ASN C 529 -35.39 80.31 46.79
C ASN C 529 -34.51 81.18 47.68
N LEU C 530 -34.70 82.50 47.57
CA LEU C 530 -33.91 83.44 48.35
C LEU C 530 -34.45 83.55 49.77
N VAL C 531 -33.55 83.56 50.74
CA VAL C 531 -33.89 83.70 52.16
C VAL C 531 -33.27 84.99 52.66
N LYS C 532 -34.08 85.84 53.26
CA LYS C 532 -33.66 87.14 53.76
C LYS C 532 -33.66 87.17 55.28
N ASN C 533 -32.71 87.90 55.85
CA ASN C 533 -32.58 88.08 57.29
C ASN C 533 -32.38 86.73 57.99
N LYS C 534 -31.41 85.97 57.50
CA LYS C 534 -31.09 84.66 58.09
C LYS C 534 -29.69 84.26 57.65
N CYS C 535 -28.85 83.88 58.62
CA CYS C 535 -27.50 83.44 58.32
C CYS C 535 -27.55 82.10 57.61
N VAL C 536 -27.22 82.10 56.31
CA VAL C 536 -27.21 80.90 55.48
C VAL C 536 -25.99 80.94 54.57
N ASN C 537 -25.78 79.86 53.85
CA ASN C 537 -24.69 79.76 52.90
C ASN C 537 -25.12 80.28 51.53
N PHE C 538 -24.14 80.77 50.77
CA PHE C 538 -24.40 81.30 49.44
C PHE C 538 -23.28 80.89 48.50
N ASN C 539 -23.65 80.61 47.25
CA ASN C 539 -22.71 80.22 46.20
C ASN C 539 -23.01 81.00 44.92
N PHE C 540 -23.14 82.32 45.06
CA PHE C 540 -23.52 83.18 43.95
C PHE C 540 -22.37 83.27 42.96
N ASN C 541 -22.46 82.51 41.86
CA ASN C 541 -21.48 82.54 40.78
C ASN C 541 -20.07 82.22 41.28
N GLY C 542 -19.94 81.09 41.95
CA GLY C 542 -18.66 80.64 42.44
C GLY C 542 -18.26 81.21 43.78
N LEU C 543 -18.76 82.41 44.09
CA LEU C 543 -18.45 83.07 45.36
C LEU C 543 -19.13 82.31 46.49
N LYS C 544 -18.36 81.53 47.24
CA LYS C 544 -18.88 80.71 48.31
C LYS C 544 -18.63 81.38 49.66
N GLY C 545 -19.52 81.09 50.61
CA GLY C 545 -19.39 81.65 51.94
C GLY C 545 -20.69 81.53 52.70
N THR C 546 -20.74 82.22 53.83
CA THR C 546 -21.92 82.23 54.69
C THR C 546 -22.16 83.65 55.18
N GLY C 547 -23.42 83.96 55.48
CA GLY C 547 -23.77 85.27 55.96
C GLY C 547 -25.27 85.48 55.94
N VAL C 548 -25.66 86.69 56.33
CA VAL C 548 -27.06 87.09 56.40
C VAL C 548 -27.34 87.95 55.18
N LEU C 549 -28.17 87.44 54.27
CA LEU C 549 -28.53 88.18 53.06
C LEU C 549 -29.64 89.18 53.38
N THR C 550 -29.28 90.46 53.44
CA THR C 550 -30.23 91.53 53.72
C THR C 550 -30.35 92.45 52.52
N GLU C 551 -31.30 93.38 52.61
CA GLU C 551 -31.56 94.33 51.53
C GLU C 551 -30.83 95.63 51.82
N SER C 552 -30.01 96.08 50.87
CA SER C 552 -29.26 97.31 50.98
C SER C 552 -29.81 98.36 50.03
N ASN C 553 -29.24 99.56 50.11
CA ASN C 553 -29.64 100.70 49.29
C ASN C 553 -28.47 101.24 48.49
N LYS C 554 -27.61 100.33 48.02
CA LYS C 554 -26.45 100.71 47.23
C LYS C 554 -26.79 100.81 45.76
N LYS C 555 -26.15 101.74 45.06
CA LYS C 555 -26.38 101.96 43.64
C LYS C 555 -25.20 101.35 42.87
N PHE C 556 -25.33 100.07 42.53
CA PHE C 556 -24.29 99.38 41.78
C PHE C 556 -24.29 99.82 40.32
N LEU C 557 -23.14 99.66 39.68
CA LEU C 557 -23.01 99.98 38.28
C LEU C 557 -23.62 98.87 37.42
N PRO C 558 -24.09 99.21 36.21
CA PRO C 558 -24.75 98.20 35.38
C PRO C 558 -23.85 97.06 34.93
N PHE C 559 -22.53 97.20 35.04
CA PHE C 559 -21.61 96.13 34.66
C PHE C 559 -20.99 95.42 35.85
N GLN C 560 -21.02 96.02 37.05
CA GLN C 560 -20.45 95.39 38.22
C GLN C 560 -21.34 94.25 38.72
N GLN C 561 -20.71 93.15 39.12
CA GLN C 561 -21.40 91.98 39.63
C GLN C 561 -21.09 91.71 41.09
N PHE C 562 -19.82 91.67 41.46
CA PHE C 562 -19.43 91.44 42.84
C PHE C 562 -19.18 92.76 43.55
N GLY C 563 -18.67 92.70 44.77
CA GLY C 563 -18.37 93.90 45.54
C GLY C 563 -17.61 93.59 46.82
N ARG C 564 -16.61 94.41 47.12
CA ARG C 564 -15.74 94.20 48.27
C ARG C 564 -15.81 95.43 49.19
N ASP C 565 -14.94 95.42 50.20
CA ASP C 565 -14.89 96.47 51.21
C ASP C 565 -13.52 97.16 51.14
N ILE C 566 -13.26 98.01 52.13
CA ILE C 566 -12.00 98.75 52.18
C ILE C 566 -10.80 97.80 52.22
N ALA C 567 -10.88 96.74 53.04
CA ALA C 567 -9.76 95.82 53.23
C ALA C 567 -10.23 94.38 53.00
N ASP C 568 -10.32 94.00 51.73
CA ASP C 568 -10.41 92.60 51.29
C ASP C 568 -11.47 91.80 52.05
N THR C 569 -12.73 92.19 51.83
CA THR C 569 -13.85 91.44 52.37
C THR C 569 -15.09 91.73 51.54
N THR C 570 -15.74 90.68 51.06
CA THR C 570 -16.96 90.83 50.27
C THR C 570 -18.09 91.36 51.16
N ASP C 571 -18.77 92.41 50.70
CA ASP C 571 -19.84 93.03 51.45
C ASP C 571 -21.21 92.94 50.77
N ALA C 572 -21.26 93.02 49.44
CA ALA C 572 -22.52 92.94 48.72
C ALA C 572 -22.25 92.55 47.28
N VAL C 573 -23.11 91.69 46.73
CA VAL C 573 -22.99 91.24 45.36
C VAL C 573 -24.32 91.47 44.65
N ARG C 574 -24.32 91.21 43.35
CA ARG C 574 -25.52 91.35 42.54
C ARG C 574 -26.24 90.02 42.41
N ASP C 575 -27.57 90.05 42.48
CA ASP C 575 -28.36 88.84 42.36
C ASP C 575 -28.21 88.27 40.95
N PRO C 576 -27.88 86.99 40.80
CA PRO C 576 -27.81 86.41 39.45
C PRO C 576 -29.12 86.47 38.70
N GLN C 577 -30.25 86.53 39.41
CA GLN C 577 -31.56 86.72 38.80
C GLN C 577 -31.78 88.19 38.49
N THR C 578 -33.04 88.57 38.29
CA THR C 578 -33.40 89.96 38.02
C THR C 578 -32.72 90.91 39.00
N LEU C 579 -32.45 92.13 38.52
CA LEU C 579 -31.65 93.09 39.26
C LEU C 579 -32.21 93.35 40.64
N GLU C 580 -31.42 93.04 41.67
CA GLU C 580 -31.78 93.27 43.05
C GLU C 580 -30.51 93.53 43.84
N ILE C 581 -30.52 94.59 44.65
CA ILE C 581 -29.35 95.01 45.42
C ILE C 581 -29.49 94.43 46.82
N LEU C 582 -28.62 93.48 47.16
CA LEU C 582 -28.63 92.83 48.45
C LEU C 582 -27.41 93.27 49.26
N ASP C 583 -27.30 92.73 50.47
CA ASP C 583 -26.18 93.01 51.37
C ASP C 583 -25.76 91.73 52.06
N ILE C 584 -24.47 91.45 52.06
CA ILE C 584 -23.92 90.23 52.64
C ILE C 584 -23.17 90.63 53.91
N THR C 585 -23.78 90.39 55.07
CA THR C 585 -23.12 90.59 56.35
C THR C 585 -22.82 89.23 56.99
N PRO C 586 -21.67 89.10 57.68
CA PRO C 586 -21.29 87.81 58.24
C PRO C 586 -22.32 87.27 59.24
N CYS C 587 -22.14 86.00 59.57
CA CYS C 587 -23.07 85.29 60.44
C CYS C 587 -22.96 85.80 61.87
N SER C 588 -23.75 85.21 62.76
CA SER C 588 -23.76 85.61 64.16
C SER C 588 -22.54 85.04 64.88
N PHE C 589 -21.73 85.92 65.46
CA PHE C 589 -20.54 85.51 66.20
C PHE C 589 -20.28 86.53 67.30
N GLY C 590 -19.63 86.07 68.37
CA GLY C 590 -19.30 86.95 69.47
C GLY C 590 -18.59 86.19 70.57
N GLY C 591 -17.97 86.94 71.46
CA GLY C 591 -17.25 86.39 72.60
C GLY C 591 -18.18 86.21 73.79
N VAL C 592 -18.01 85.08 74.48
CA VAL C 592 -18.83 84.74 75.65
C VAL C 592 -17.99 84.97 76.90
N SER C 593 -18.51 85.77 77.81
CA SER C 593 -17.87 86.05 79.08
C SER C 593 -18.83 85.69 80.22
N VAL C 594 -18.30 85.05 81.26
CA VAL C 594 -19.09 84.59 82.39
C VAL C 594 -18.69 85.41 83.61
N ILE C 595 -19.68 86.03 84.25
CA ILE C 595 -19.47 86.81 85.47
C ILE C 595 -19.79 85.92 86.66
N THR C 596 -18.82 85.77 87.57
CA THR C 596 -18.97 84.91 88.73
C THR C 596 -18.53 85.67 89.96
N PRO C 597 -19.36 85.71 91.01
CA PRO C 597 -18.97 86.41 92.25
C PRO C 597 -17.99 85.63 93.11
N GLY C 598 -17.52 84.48 92.67
CA GLY C 598 -16.60 83.67 93.45
C GLY C 598 -17.24 82.42 94.01
N THR C 599 -16.48 81.32 94.06
CA THR C 599 -17.01 80.06 94.57
C THR C 599 -16.84 80.00 96.09
N ASN C 600 -17.37 81.00 96.80
CA ASN C 600 -17.32 81.02 98.25
C ASN C 600 -18.64 81.41 98.90
N THR C 601 -19.59 81.96 98.16
CA THR C 601 -20.89 82.36 98.68
C THR C 601 -22.06 81.70 97.97
N SER C 602 -21.97 81.54 96.65
CA SER C 602 -23.05 80.95 95.87
C SER C 602 -22.47 80.41 94.57
N ASN C 603 -23.35 79.95 93.69
CA ASN C 603 -22.95 79.40 92.40
C ASN C 603 -23.67 80.06 91.23
N GLN C 604 -24.44 81.12 91.47
CA GLN C 604 -25.16 81.79 90.40
C GLN C 604 -24.18 82.63 89.57
N VAL C 605 -24.24 82.46 88.26
CA VAL C 605 -23.36 83.15 87.34
C VAL C 605 -24.20 83.87 86.28
N ALA C 606 -23.55 84.81 85.59
CA ALA C 606 -24.18 85.57 84.51
C ALA C 606 -23.40 85.36 83.23
N VAL C 607 -24.13 85.25 82.12
CA VAL C 607 -23.54 85.01 80.81
C VAL C 607 -23.74 86.26 79.96
N LEU C 608 -22.65 86.76 79.38
CA LEU C 608 -22.68 87.95 78.54
C LEU C 608 -22.25 87.57 77.13
N TYR C 609 -23.10 87.86 76.15
CA TYR C 609 -22.79 87.62 74.74
C TYR C 609 -22.43 88.96 74.09
N GLN C 610 -21.23 89.04 73.54
CA GLN C 610 -20.74 90.27 72.92
C GLN C 610 -21.18 90.34 71.47
N GLY C 611 -21.66 91.51 71.05
CA GLY C 611 -22.07 91.72 69.68
C GLY C 611 -23.40 91.10 69.34
N VAL C 612 -24.45 91.47 70.08
CA VAL C 612 -25.78 90.95 69.85
C VAL C 612 -26.78 91.89 70.52
N ASN C 613 -27.93 92.07 69.87
CA ASN C 613 -28.99 92.94 70.37
C ASN C 613 -30.08 92.17 71.10
N CYS C 614 -29.72 91.08 71.78
CA CYS C 614 -30.61 90.20 72.52
C CYS C 614 -31.66 89.55 71.63
N THR C 615 -31.53 89.66 70.30
CA THR C 615 -32.51 89.09 69.38
C THR C 615 -31.83 88.24 68.30
N GLU C 616 -30.62 87.76 68.55
CA GLU C 616 -29.91 86.98 67.55
C GLU C 616 -29.22 85.76 68.16
N VAL C 617 -29.41 85.49 69.46
CA VAL C 617 -28.78 84.34 70.10
C VAL C 617 -29.50 83.06 69.70
N ASN C 638 -32.72 87.48 84.05
CA ASN C 638 -33.38 88.39 83.13
C ASN C 638 -32.54 88.59 81.88
N VAL C 639 -33.03 89.45 80.98
CA VAL C 639 -32.35 89.76 79.72
C VAL C 639 -32.18 91.27 79.63
N PHE C 640 -30.92 91.70 79.48
CA PHE C 640 -30.60 93.11 79.38
C PHE C 640 -29.71 93.36 78.18
N GLN C 641 -29.86 94.51 77.56
CA GLN C 641 -29.09 94.91 76.38
C GLN C 641 -28.25 96.13 76.74
N THR C 642 -26.93 95.98 76.66
CA THR C 642 -25.99 97.06 76.94
C THR C 642 -25.12 97.32 75.71
N ARG C 643 -24.20 98.26 75.86
CA ARG C 643 -23.29 98.60 74.78
C ARG C 643 -22.31 97.47 74.48
N ALA C 644 -22.06 96.57 75.42
CA ALA C 644 -21.15 95.46 75.20
C ALA C 644 -21.84 94.25 74.56
N GLY C 645 -23.16 94.18 74.63
CA GLY C 645 -23.89 93.06 74.06
C GLY C 645 -25.18 92.76 74.80
N CYS C 646 -25.43 91.47 75.06
CA CYS C 646 -26.62 91.04 75.78
C CYS C 646 -26.19 90.25 77.01
N LEU C 647 -26.66 90.67 78.17
CA LEU C 647 -26.35 90.02 79.44
C LEU C 647 -27.57 89.24 79.93
N ILE C 648 -27.37 87.98 80.28
CA ILE C 648 -28.44 87.11 80.75
C ILE C 648 -28.02 86.55 82.10
N GLY C 649 -28.87 86.74 83.11
CA GLY C 649 -28.58 86.24 84.44
C GLY C 649 -28.67 87.29 85.51
N ALA C 650 -28.67 88.56 85.11
CA ALA C 650 -28.75 89.67 86.03
C ALA C 650 -29.91 90.59 85.65
N GLU C 651 -30.26 91.49 86.57
CA GLU C 651 -31.32 92.45 86.38
C GLU C 651 -30.79 93.86 86.61
N TYR C 652 -31.20 94.79 85.76
CA TYR C 652 -30.73 96.18 85.82
C TYR C 652 -31.60 96.95 86.81
N VAL C 653 -31.03 97.28 87.96
CA VAL C 653 -31.73 98.07 88.96
C VAL C 653 -31.44 99.54 88.71
N ASN C 654 -32.39 100.41 89.06
CA ASN C 654 -32.24 101.84 88.86
C ASN C 654 -31.41 102.53 89.93
N ASN C 655 -30.78 101.76 90.82
CA ASN C 655 -29.94 102.32 91.87
C ASN C 655 -28.52 102.56 91.33
N SER C 656 -27.61 102.93 92.21
CA SER C 656 -26.22 103.18 91.83
C SER C 656 -25.31 102.88 93.01
N TYR C 657 -24.31 102.04 92.78
CA TYR C 657 -23.33 101.68 93.80
C TYR C 657 -21.95 101.63 93.17
N GLU C 658 -20.95 101.31 93.99
CA GLU C 658 -19.59 101.19 93.49
C GLU C 658 -19.45 99.93 92.64
N CYS C 659 -18.55 100.00 91.67
CA CYS C 659 -18.33 98.87 90.77
C CYS C 659 -17.54 97.77 91.47
N ASP C 660 -17.98 96.53 91.29
CA ASP C 660 -17.31 95.36 91.82
C ASP C 660 -16.69 94.49 90.73
N ILE C 661 -17.43 94.22 89.67
CA ILE C 661 -16.93 93.44 88.54
C ILE C 661 -17.05 94.30 87.28
N PRO C 662 -15.93 94.77 86.72
CA PRO C 662 -16.00 95.63 85.52
C PRO C 662 -16.48 94.84 84.31
N ILE C 663 -17.60 95.30 83.73
CA ILE C 663 -18.16 94.66 82.56
C ILE C 663 -18.09 95.54 81.33
N GLY C 664 -18.13 96.86 81.48
CA GLY C 664 -18.07 97.77 80.35
C GLY C 664 -19.25 98.71 80.28
N ALA C 665 -19.08 99.83 79.57
CA ALA C 665 -20.12 100.85 79.40
C ALA C 665 -20.60 101.40 80.74
N GLY C 666 -19.75 101.33 81.76
CA GLY C 666 -20.11 101.85 83.07
C GLY C 666 -21.20 101.07 83.78
N ILE C 667 -21.39 99.80 83.44
CA ILE C 667 -22.42 98.96 84.04
C ILE C 667 -21.72 97.74 84.63
N CYS C 668 -21.59 97.71 85.96
CA CYS C 668 -20.98 96.59 86.65
C CYS C 668 -22.07 95.75 87.31
N ALA C 669 -21.65 94.67 87.97
CA ALA C 669 -22.57 93.76 88.63
C ALA C 669 -22.03 93.39 90.00
N SER C 670 -22.94 92.97 90.88
CA SER C 670 -22.58 92.55 92.22
C SER C 670 -23.55 91.48 92.68
N TYR C 671 -23.28 90.91 93.85
CA TYR C 671 -24.12 89.87 94.44
C TYR C 671 -24.74 90.43 95.72
N GLN C 672 -25.96 90.95 95.60
CA GLN C 672 -26.65 91.53 96.74
C GLN C 672 -27.98 90.83 96.98
N THR C 673 -28.76 91.32 97.94
CA THR C 673 -30.04 90.73 98.26
C THR C 673 -31.14 91.26 97.34
N SER C 686 -34.03 88.24 97.99
CA SER C 686 -33.30 87.04 97.59
C SER C 686 -31.92 87.41 97.06
N GLN C 687 -30.91 86.63 97.46
CA GLN C 687 -29.54 86.87 97.01
C GLN C 687 -29.40 86.48 95.54
N SER C 688 -29.02 87.44 94.70
CA SER C 688 -28.86 87.19 93.28
C SER C 688 -27.92 88.25 92.70
N ILE C 689 -27.57 88.07 91.43
CA ILE C 689 -26.71 89.00 90.72
C ILE C 689 -27.56 90.14 90.17
N ILE C 690 -27.16 91.38 90.48
CA ILE C 690 -27.87 92.56 90.03
C ILE C 690 -26.94 93.38 89.16
N ALA C 691 -27.54 94.21 88.30
CA ALA C 691 -26.81 95.10 87.41
C ALA C 691 -27.17 96.54 87.74
N TYR C 692 -26.16 97.42 87.72
CA TYR C 692 -26.37 98.81 88.08
C TYR C 692 -25.27 99.66 87.46
N THR C 693 -25.54 100.95 87.34
CA THR C 693 -24.54 101.89 86.85
C THR C 693 -23.54 102.23 87.94
N MET C 694 -22.29 102.42 87.55
CA MET C 694 -21.25 102.74 88.51
C MET C 694 -21.49 104.09 89.17
N SER C 695 -21.02 104.22 90.40
CA SER C 695 -21.14 105.45 91.18
C SER C 695 -19.75 106.09 91.26
N LEU C 696 -19.66 107.34 90.80
CA LEU C 696 -18.39 108.07 90.79
C LEU C 696 -18.03 108.67 92.14
N GLY C 697 -18.72 108.27 93.21
CA GLY C 697 -18.44 108.81 94.52
C GLY C 697 -19.64 109.45 95.19
N ALA C 698 -19.40 110.31 96.16
CA ALA C 698 -20.47 110.99 96.86
C ALA C 698 -20.97 112.18 96.03
N GLU C 699 -21.84 113.01 96.63
CA GLU C 699 -22.41 114.17 95.95
C GLU C 699 -22.33 115.34 96.93
N ASN C 700 -21.23 116.09 96.87
CA ASN C 700 -20.99 117.23 97.74
C ASN C 700 -20.98 118.51 96.93
N SER C 701 -21.59 119.55 97.48
CA SER C 701 -21.67 120.87 96.85
C SER C 701 -20.99 121.89 97.75
N VAL C 702 -19.89 122.46 97.28
CA VAL C 702 -19.16 123.45 98.05
C VAL C 702 -19.89 124.78 97.97
N ALA C 703 -20.15 125.38 99.13
CA ALA C 703 -20.86 126.65 99.22
C ALA C 703 -19.87 127.79 98.99
N TYR C 704 -19.71 128.17 97.72
CA TYR C 704 -18.79 129.26 97.38
C TYR C 704 -19.42 130.60 97.72
N SER C 705 -18.58 131.53 98.17
CA SER C 705 -19.05 132.86 98.53
C SER C 705 -17.87 133.82 98.45
N ASN C 706 -18.19 135.12 98.41
CA ASN C 706 -17.16 136.14 98.34
C ASN C 706 -16.36 136.22 99.64
N ASN C 707 -17.01 135.95 100.78
CA ASN C 707 -16.37 135.98 102.10
C ASN C 707 -16.70 134.67 102.80
N SER C 708 -15.87 133.65 102.57
CA SER C 708 -16.07 132.34 103.18
C SER C 708 -14.77 131.57 103.12
N ILE C 709 -14.30 131.11 104.27
CA ILE C 709 -13.05 130.37 104.38
C ILE C 709 -13.24 129.21 105.35
N ALA C 710 -12.65 128.07 105.03
CA ALA C 710 -12.71 126.88 105.87
C ALA C 710 -11.30 126.60 106.41
N ILE C 711 -11.10 126.86 107.68
CA ILE C 711 -9.81 126.67 108.36
C ILE C 711 -9.92 125.45 109.25
N PRO C 712 -9.00 124.48 109.14
CA PRO C 712 -9.08 123.30 110.01
C PRO C 712 -8.86 123.64 111.47
N THR C 713 -9.55 122.90 112.34
CA THR C 713 -9.43 123.09 113.78
C THR C 713 -8.84 121.88 114.50
N ASN C 714 -8.77 120.72 113.86
CA ASN C 714 -8.21 119.53 114.47
C ASN C 714 -7.49 118.73 113.40
N PHE C 715 -6.47 117.98 113.83
CA PHE C 715 -5.66 117.18 112.94
C PHE C 715 -5.93 115.69 113.12
N THR C 716 -5.84 114.95 112.03
CA THR C 716 -6.11 113.51 112.00
C THR C 716 -5.02 112.79 111.22
N ILE C 717 -3.75 113.07 111.56
CA ILE C 717 -2.62 112.46 110.88
C ILE C 717 -2.74 110.95 110.92
N SER C 718 -2.73 110.33 109.75
CA SER C 718 -2.77 108.88 109.60
C SER C 718 -1.56 108.41 108.81
N VAL C 719 -1.43 107.08 108.68
CA VAL C 719 -0.32 106.46 107.98
C VAL C 719 -0.91 105.55 106.91
N THR C 720 -0.55 105.81 105.65
CA THR C 720 -0.96 104.98 104.53
C THR C 720 0.20 104.10 104.07
N THR C 721 -0.12 103.12 103.22
CA THR C 721 0.86 102.18 102.72
C THR C 721 0.72 102.02 101.22
N GLU C 722 1.85 101.78 100.55
CA GLU C 722 1.88 101.53 99.12
C GLU C 722 2.84 100.38 98.82
N ILE C 723 2.57 99.66 97.73
CA ILE C 723 3.33 98.48 97.35
C ILE C 723 4.00 98.75 96.01
N LEU C 724 5.27 98.39 95.91
CA LEU C 724 6.04 98.57 94.69
C LEU C 724 7.05 97.44 94.50
N PRO C 725 6.95 96.69 93.40
CA PRO C 725 7.96 95.65 93.13
C PRO C 725 9.31 96.26 92.80
N VAL C 726 10.37 95.63 93.29
CA VAL C 726 11.72 96.15 93.12
C VAL C 726 12.56 95.19 92.28
N SER C 727 12.28 93.90 92.37
CA SER C 727 13.10 92.90 91.70
C SER C 727 12.21 91.80 91.13
N MET C 728 12.81 91.00 90.26
CA MET C 728 12.16 89.87 89.61
C MET C 728 13.09 88.67 89.64
N THR C 729 12.51 87.48 89.47
CA THR C 729 13.30 86.26 89.44
C THR C 729 14.22 86.25 88.22
N LYS C 730 15.36 85.57 88.37
CA LYS C 730 16.38 85.49 87.33
C LYS C 730 16.38 84.08 86.76
N THR C 731 15.91 83.93 85.53
CA THR C 731 15.83 82.64 84.87
C THR C 731 16.95 82.49 83.84
N SER C 732 17.14 81.25 83.39
CA SER C 732 18.16 80.94 82.39
C SER C 732 17.72 79.72 81.61
N VAL C 733 17.92 79.74 80.30
CA VAL C 733 17.53 78.65 79.43
C VAL C 733 18.78 77.99 78.87
N ASP C 734 18.57 76.88 78.16
CA ASP C 734 19.67 76.13 77.55
C ASP C 734 19.14 75.35 76.37
N CYS C 735 19.85 75.41 75.24
CA CYS C 735 19.42 74.69 74.04
C CYS C 735 19.68 73.19 74.16
N THR C 736 20.76 72.80 74.85
CA THR C 736 21.10 71.39 74.96
C THR C 736 20.14 70.61 75.85
N MET C 737 19.29 71.29 76.62
CA MET C 737 18.31 70.64 77.47
C MET C 737 16.87 70.91 77.08
N TYR C 738 16.55 72.15 76.68
CA TYR C 738 15.17 72.47 76.33
C TYR C 738 14.87 72.08 74.87
N ILE C 739 15.74 72.47 73.95
CA ILE C 739 15.52 72.14 72.54
C ILE C 739 15.73 70.65 72.29
N CYS C 740 16.83 70.11 72.82
CA CYS C 740 17.16 68.70 72.66
C CYS C 740 17.09 68.00 74.01
N GLY C 741 16.53 66.80 74.02
CA GLY C 741 16.44 66.02 75.24
C GLY C 741 16.92 64.59 75.10
N ASP C 742 17.99 64.25 75.83
CA ASP C 742 18.57 62.91 75.85
C ASP C 742 18.92 62.39 74.47
N SER C 743 19.30 63.29 73.55
CA SER C 743 19.65 62.92 72.19
C SER C 743 21.00 63.52 71.82
N THR C 744 21.56 63.03 70.71
CA THR C 744 22.84 63.49 70.20
C THR C 744 22.76 64.11 68.81
N GLU C 745 21.98 63.51 67.91
CA GLU C 745 21.86 64.06 66.57
C GLU C 745 21.05 65.37 66.57
N CYS C 746 20.23 65.58 67.59
CA CYS C 746 19.46 66.82 67.68
C CYS C 746 20.38 68.03 67.80
N SER C 747 21.37 67.96 68.69
CA SER C 747 22.32 69.05 68.81
C SER C 747 23.16 69.22 67.55
N ASN C 748 23.51 68.11 66.90
CA ASN C 748 24.28 68.19 65.66
C ASN C 748 23.49 68.92 64.57
N LEU C 749 22.19 68.64 64.47
CA LEU C 749 21.36 69.35 63.50
C LEU C 749 21.10 70.79 63.91
N LEU C 750 21.04 71.06 65.22
CA LEU C 750 20.82 72.43 65.69
C LEU C 750 22.05 73.30 65.46
N LEU C 751 23.24 72.70 65.46
CA LEU C 751 24.47 73.48 65.25
C LEU C 751 24.47 74.15 63.87
N GLN C 752 23.78 73.59 62.89
CA GLN C 752 23.73 74.20 61.57
C GLN C 752 22.86 75.46 61.54
N TYR C 753 21.98 75.63 62.51
CA TYR C 753 21.12 76.81 62.57
C TYR C 753 21.94 78.04 62.95
N GLY C 754 21.26 79.18 63.01
CA GLY C 754 21.91 80.43 63.32
C GLY C 754 22.35 80.50 64.79
N SER C 755 22.80 81.70 65.16
CA SER C 755 23.28 81.96 66.51
C SER C 755 22.13 82.33 67.44
N PHE C 756 21.14 81.44 67.50
CA PHE C 756 19.96 81.63 68.33
C PHE C 756 20.13 81.04 69.73
N CYS C 757 21.24 80.36 70.01
CA CYS C 757 21.49 79.78 71.32
C CYS C 757 22.57 80.51 72.09
N THR C 758 23.12 81.60 71.54
CA THR C 758 24.12 82.39 72.23
C THR C 758 23.66 83.83 72.52
N GLN C 759 22.68 84.34 71.79
CA GLN C 759 22.16 85.68 72.05
C GLN C 759 21.07 85.69 73.11
N LEU C 760 20.26 84.63 73.18
CA LEU C 760 19.22 84.57 74.20
C LEU C 760 19.82 84.38 75.59
N LYS C 761 20.88 83.58 75.70
CA LYS C 761 21.57 83.44 76.98
C LYS C 761 22.19 84.76 77.41
N ARG C 762 22.74 85.52 76.46
CA ARG C 762 23.29 86.83 76.78
C ARG C 762 22.20 87.80 77.21
N ALA C 763 21.04 87.73 76.56
CA ALA C 763 19.93 88.59 76.96
C ALA C 763 19.44 88.25 78.37
N LEU C 764 19.37 86.95 78.68
CA LEU C 764 18.97 86.54 80.03
C LEU C 764 20.00 86.96 81.06
N THR C 765 21.29 86.89 80.71
CA THR C 765 22.33 87.36 81.63
C THR C 765 22.22 88.85 81.86
N GLY C 766 21.93 89.62 80.81
CA GLY C 766 21.71 91.04 80.98
C GLY C 766 20.50 91.35 81.83
N ILE C 767 19.43 90.58 81.67
CA ILE C 767 18.24 90.75 82.51
C ILE C 767 18.57 90.45 83.96
N ALA C 768 19.36 89.40 84.21
CA ALA C 768 19.76 89.08 85.57
C ALA C 768 20.62 90.18 86.19
N VAL C 769 21.55 90.73 85.39
CA VAL C 769 22.39 91.82 85.88
C VAL C 769 21.55 93.05 86.19
N GLU C 770 20.54 93.32 85.35
CA GLU C 770 19.64 94.45 85.62
C GLU C 770 18.84 94.23 86.89
N GLN C 771 18.33 93.01 87.09
CA GLN C 771 17.57 92.71 88.30
C GLN C 771 18.44 92.82 89.54
N ASP C 772 19.71 92.41 89.45
CA ASP C 772 20.63 92.57 90.57
C ASP C 772 21.01 94.02 90.78
N LYS C 773 20.95 94.85 89.73
CA LYS C 773 21.26 96.28 89.88
C LYS C 773 20.09 97.06 90.43
N ASN C 774 18.86 96.62 90.16
CA ASN C 774 17.68 97.30 90.68
C ASN C 774 17.60 97.26 92.19
N THR C 775 18.21 96.24 92.82
CA THR C 775 18.24 96.18 94.28
C THR C 775 19.35 97.04 94.87
N GLN C 776 20.37 97.37 94.08
CA GLN C 776 21.46 98.22 94.55
C GLN C 776 21.14 99.71 94.46
N GLU C 777 20.05 100.07 93.80
CA GLU C 777 19.66 101.47 93.65
C GLU C 777 18.45 101.85 94.49
N VAL C 778 17.77 100.88 95.11
CA VAL C 778 16.58 101.14 95.92
C VAL C 778 16.88 100.92 97.41
N PHE C 779 17.39 99.75 97.77
CA PHE C 779 17.69 99.45 99.16
C PHE C 779 19.10 99.86 99.56
N ALA C 780 19.98 100.12 98.59
CA ALA C 780 21.36 100.53 98.85
C ALA C 780 21.52 101.97 98.40
N GLN C 781 21.21 102.91 99.30
CA GLN C 781 21.33 104.33 99.01
C GLN C 781 22.18 105.09 100.02
N VAL C 782 22.72 104.41 101.03
CA VAL C 782 23.57 105.03 102.03
C VAL C 782 24.88 104.25 102.12
N LYS C 783 25.94 104.93 102.51
CA LYS C 783 27.25 104.28 102.62
C LYS C 783 27.36 103.53 103.94
N GLN C 784 27.20 104.23 105.05
CA GLN C 784 27.31 103.61 106.36
C GLN C 784 26.01 102.91 106.75
N ILE C 785 26.15 101.89 107.59
CA ILE C 785 25.02 101.12 108.09
C ILE C 785 24.82 101.51 109.56
N TYR C 786 23.74 102.23 109.82
CA TYR C 786 23.46 102.73 111.16
C TYR C 786 22.70 101.68 111.98
N LYS C 787 22.77 101.83 113.30
CA LYS C 787 22.12 100.92 114.22
C LYS C 787 21.27 101.71 115.22
N THR C 788 20.23 101.05 115.74
CA THR C 788 19.34 101.69 116.68
C THR C 788 19.97 101.71 118.08
N PRO C 789 19.77 102.78 118.84
CA PRO C 789 20.31 102.83 120.20
C PRO C 789 19.59 101.86 121.12
N PRO C 790 20.22 101.44 122.21
CA PRO C 790 19.55 100.51 123.13
C PRO C 790 18.31 101.11 123.78
N ILE C 791 18.43 102.30 124.38
CA ILE C 791 17.29 102.97 124.98
C ILE C 791 16.38 103.49 123.88
N LYS C 792 15.14 103.04 123.87
CA LYS C 792 14.16 103.39 122.84
C LYS C 792 13.08 104.24 123.49
N TYR C 793 13.32 105.56 123.54
CA TYR C 793 12.35 106.53 124.05
C TYR C 793 12.28 107.66 123.01
N PHE C 794 11.41 107.50 122.02
CA PHE C 794 11.29 108.47 120.93
C PHE C 794 10.22 109.52 121.24
N GLY C 795 10.32 110.15 122.40
CA GLY C 795 9.39 111.17 122.82
C GLY C 795 7.98 110.69 123.12
N GLY C 796 7.66 109.42 122.89
CA GLY C 796 6.33 108.91 123.14
C GLY C 796 5.87 107.94 122.07
N PHE C 797 6.56 107.91 120.93
CA PHE C 797 6.20 107.03 119.84
C PHE C 797 6.77 105.63 120.08
N ASN C 798 6.11 104.64 119.50
CA ASN C 798 6.49 103.24 119.63
C ASN C 798 6.70 102.67 118.22
N PHE C 799 7.97 102.52 117.82
CA PHE C 799 8.33 101.97 116.52
C PHE C 799 8.67 100.49 116.60
N SER C 800 8.06 99.77 117.54
CA SER C 800 8.40 98.36 117.72
C SER C 800 7.97 97.51 116.54
N GLN C 801 6.92 97.90 115.83
CA GLN C 801 6.42 97.10 114.73
C GLN C 801 7.23 97.29 113.45
N ILE C 802 8.06 98.33 113.37
CA ILE C 802 8.88 98.56 112.19
C ILE C 802 10.36 98.28 112.44
N LEU C 803 10.83 98.37 113.68
CA LEU C 803 12.22 98.07 113.97
C LEU C 803 12.44 96.57 114.02
N PRO C 804 13.64 96.10 113.66
CA PRO C 804 13.92 94.67 113.70
C PRO C 804 13.91 94.13 115.12
N ASP C 805 13.62 92.83 115.23
CA ASP C 805 13.55 92.18 116.54
C ASP C 805 14.81 91.37 116.77
N PRO C 806 15.56 91.63 117.86
CA PRO C 806 16.80 90.87 118.08
C PRO C 806 16.58 89.44 118.56
N SER C 807 15.38 89.12 119.05
CA SER C 807 15.12 87.76 119.54
C SER C 807 15.11 86.76 118.39
N LYS C 808 14.37 87.07 117.33
CA LYS C 808 14.32 86.18 116.19
C LYS C 808 15.65 86.21 115.42
N PRO C 809 16.07 85.08 114.86
CA PRO C 809 17.38 85.03 114.21
C PRO C 809 17.45 85.77 112.88
N SER C 810 16.32 86.11 112.28
CA SER C 810 16.32 86.82 111.00
C SER C 810 16.40 88.34 111.17
N LYS C 811 16.18 88.85 112.39
CA LYS C 811 16.29 90.28 112.68
C LYS C 811 15.37 91.10 111.77
N ARG C 812 14.08 90.80 111.84
CA ARG C 812 13.06 91.50 111.06
C ARG C 812 12.02 92.11 111.99
N SER C 813 11.09 92.84 111.40
CA SER C 813 10.02 93.50 112.12
C SER C 813 8.71 92.72 111.96
N PRO C 814 7.76 92.89 112.89
CA PRO C 814 6.48 92.17 112.75
C PRO C 814 5.77 92.44 111.44
N ILE C 815 5.88 93.66 110.90
CA ILE C 815 5.28 93.96 109.61
C ILE C 815 5.95 93.14 108.51
N GLU C 816 7.29 93.12 108.50
CA GLU C 816 8.01 92.31 107.51
C GLU C 816 7.76 90.83 107.70
N ASP C 817 7.58 90.38 108.96
CA ASP C 817 7.25 88.98 109.20
C ASP C 817 5.89 88.64 108.64
N LEU C 818 4.92 89.55 108.79
CA LEU C 818 3.59 89.31 108.24
C LEU C 818 3.59 89.39 106.71
N LEU C 819 4.52 90.16 106.14
CA LEU C 819 4.60 90.26 104.69
C LEU C 819 5.17 88.98 104.09
N PHE C 820 6.15 88.37 104.76
CA PHE C 820 6.77 87.13 104.28
C PHE C 820 5.95 85.89 104.61
N ASN C 821 4.69 86.05 105.03
CA ASN C 821 3.83 84.92 105.31
C ASN C 821 2.63 84.84 104.37
N LYS C 822 2.52 85.77 103.41
CA LYS C 822 1.43 85.75 102.45
C LYS C 822 1.91 85.81 101.01
N VAL C 823 3.22 85.84 100.77
CA VAL C 823 3.78 85.92 99.42
C VAL C 823 4.53 84.62 99.16
N THR C 824 4.08 83.86 98.18
CA THR C 824 4.71 82.59 97.83
C THR C 824 5.91 82.82 96.91
N ARG C 844 7.88 65.54 92.53
CA ARG C 844 8.36 66.74 93.22
C ARG C 844 7.38 67.89 93.09
N ASP C 845 7.80 69.07 93.50
CA ASP C 845 6.96 70.26 93.43
C ASP C 845 7.14 70.96 92.09
N LEU C 846 6.45 72.10 91.93
CA LEU C 846 6.53 72.84 90.66
C LEU C 846 7.88 73.54 90.52
N ILE C 847 8.52 73.90 91.63
CA ILE C 847 9.80 74.59 91.57
C ILE C 847 10.87 73.68 90.99
N CYS C 848 10.89 72.40 91.41
CA CYS C 848 11.89 71.47 90.91
C CYS C 848 11.51 70.87 89.56
N ALA C 849 10.21 70.80 89.26
CA ALA C 849 9.79 70.25 87.97
C ALA C 849 10.25 71.13 86.82
N GLN C 850 10.12 72.45 86.95
CA GLN C 850 10.59 73.35 85.92
C GLN C 850 12.12 73.39 85.84
N LYS C 851 12.78 73.07 86.96
CA LYS C 851 14.24 73.05 86.96
C LYS C 851 14.79 71.81 86.27
N PHE C 852 14.07 70.69 86.36
CA PHE C 852 14.51 69.42 85.79
C PHE C 852 14.32 69.34 84.27
N LYS C 853 13.97 70.45 83.63
CA LYS C 853 13.78 70.48 82.18
C LYS C 853 14.81 71.34 81.47
N GLY C 854 15.55 72.18 82.20
CA GLY C 854 16.51 73.08 81.59
C GLY C 854 16.36 74.50 82.06
N LEU C 855 15.13 74.89 82.40
CA LEU C 855 14.87 76.23 82.90
C LEU C 855 15.31 76.33 84.35
N THR C 856 16.44 76.98 84.59
CA THR C 856 16.99 77.14 85.92
C THR C 856 16.75 78.56 86.42
N VAL C 857 16.74 78.71 87.74
CA VAL C 857 16.49 79.99 88.39
C VAL C 857 17.74 80.35 89.19
N LEU C 858 18.40 81.44 88.79
CA LEU C 858 19.60 81.86 89.50
C LEU C 858 19.21 82.52 90.82
N PRO C 859 19.98 82.26 91.89
CA PRO C 859 19.65 82.88 93.18
C PRO C 859 19.99 84.36 93.16
N PRO C 860 19.23 85.17 93.88
CA PRO C 860 19.52 86.62 93.91
C PRO C 860 20.85 86.91 94.57
N LEU C 861 21.38 88.11 94.28
CA LEU C 861 22.66 88.51 94.84
C LEU C 861 22.52 88.97 96.29
N LEU C 862 21.48 89.76 96.59
CA LEU C 862 21.24 90.27 97.93
C LEU C 862 20.22 89.37 98.62
N THR C 863 20.65 88.67 99.66
CA THR C 863 19.76 87.79 100.40
C THR C 863 18.76 88.60 101.22
N ASP C 864 17.83 87.89 101.85
CA ASP C 864 16.82 88.55 102.67
C ASP C 864 17.43 89.24 103.88
N GLU C 865 18.50 88.67 104.42
CA GLU C 865 19.16 89.30 105.58
C GLU C 865 19.77 90.63 105.21
N MET C 866 20.42 90.71 104.04
CA MET C 866 21.01 91.97 103.61
C MET C 866 19.93 93.02 103.34
N ILE C 867 18.81 92.62 102.76
CA ILE C 867 17.72 93.55 102.52
C ILE C 867 17.14 94.04 103.84
N ALA C 868 17.02 93.14 104.82
CA ALA C 868 16.53 93.55 106.14
C ALA C 868 17.48 94.52 106.82
N GLN C 869 18.79 94.26 106.71
CA GLN C 869 19.78 95.17 107.28
C GLN C 869 19.74 96.53 106.59
N TYR C 870 19.56 96.54 105.26
CA TYR C 870 19.45 97.80 104.54
C TYR C 870 18.21 98.58 104.96
N THR C 871 17.08 97.89 105.12
CA THR C 871 15.85 98.57 105.55
C THR C 871 15.98 99.08 106.99
N SER C 872 16.68 98.34 107.86
CA SER C 872 16.88 98.80 109.23
C SER C 872 17.86 99.97 109.29
N ALA C 873 18.83 100.01 108.38
CA ALA C 873 19.77 101.13 108.36
C ALA C 873 19.10 102.42 107.92
N LEU C 874 18.08 102.33 107.07
CA LEU C 874 17.35 103.52 106.66
C LEU C 874 16.44 104.02 107.78
N LEU C 875 15.85 103.11 108.55
CA LEU C 875 15.03 103.51 109.68
C LEU C 875 15.85 104.07 110.83
N ALA C 876 17.09 103.60 110.99
CA ALA C 876 17.97 104.12 112.03
C ALA C 876 18.48 105.53 111.72
N GLY C 877 18.31 106.01 110.50
CA GLY C 877 18.71 107.36 110.16
C GLY C 877 17.51 108.27 109.94
N THR C 878 16.35 107.67 109.67
CA THR C 878 15.13 108.45 109.48
C THR C 878 14.48 108.80 110.81
N ILE C 879 14.54 107.88 111.78
CA ILE C 879 13.93 108.13 113.09
C ILE C 879 14.88 108.91 113.99
N THR C 880 16.14 108.48 114.09
CA THR C 880 17.10 109.19 114.93
C THR C 880 17.46 110.54 114.33
N SER C 881 17.96 110.54 113.10
CA SER C 881 18.32 111.77 112.41
C SER C 881 17.17 112.21 111.51
N GLY C 882 17.40 113.23 110.69
CA GLY C 882 16.39 113.71 109.77
C GLY C 882 16.73 113.41 108.33
N TRP C 883 16.90 114.46 107.51
CA TRP C 883 17.27 114.31 106.11
C TRP C 883 18.73 114.64 105.87
N THR C 884 19.59 114.42 106.88
CA THR C 884 21.01 114.68 106.74
C THR C 884 21.83 113.43 106.45
N PHE C 885 21.29 112.24 106.72
CA PHE C 885 21.99 110.99 106.46
C PHE C 885 21.92 110.56 105.00
N GLY C 886 21.27 111.34 104.14
CA GLY C 886 21.20 111.01 102.74
C GLY C 886 21.90 112.03 101.86
N ALA C 887 22.05 113.25 102.37
CA ALA C 887 22.73 114.31 101.64
C ALA C 887 24.23 114.34 101.97
N GLY C 888 24.56 114.43 103.26
CA GLY C 888 25.93 114.46 103.69
C GLY C 888 26.16 113.63 104.94
N PRO C 889 26.83 114.20 105.93
CA PRO C 889 27.07 113.46 107.17
C PRO C 889 25.80 113.28 107.98
N ALA C 890 25.73 112.14 108.68
CA ALA C 890 24.57 111.80 109.48
C ALA C 890 24.64 112.58 110.79
N LEU C 891 23.78 113.58 110.94
CA LEU C 891 23.75 114.40 112.15
C LEU C 891 22.80 113.76 113.16
N GLN C 892 22.50 114.48 114.24
CA GLN C 892 21.59 114.02 115.27
C GLN C 892 20.61 115.13 115.61
N ILE C 893 19.39 114.74 115.96
CA ILE C 893 18.32 115.68 116.27
C ILE C 893 17.22 114.94 117.02
N PRO C 894 16.67 115.51 118.10
CA PRO C 894 15.57 114.84 118.80
C PRO C 894 14.36 114.66 117.90
N PHE C 895 13.75 113.48 117.99
CA PHE C 895 12.60 113.16 117.14
C PHE C 895 11.41 114.08 117.36
N PRO C 896 11.01 114.43 118.59
CA PRO C 896 9.96 115.45 118.75
C PRO C 896 10.32 116.78 118.12
N MET C 897 11.61 117.15 118.12
CA MET C 897 12.04 118.35 117.42
C MET C 897 12.32 118.08 115.94
N GLN C 898 12.56 116.83 115.57
CA GLN C 898 12.77 116.51 114.16
C GLN C 898 11.45 116.56 113.39
N MET C 899 10.34 116.17 114.02
CA MET C 899 9.04 116.28 113.38
C MET C 899 8.54 117.72 113.29
N ALA C 900 9.10 118.62 114.11
CA ALA C 900 8.69 120.01 114.04
C ALA C 900 9.07 120.63 112.69
N TYR C 901 10.29 120.36 112.22
CA TYR C 901 10.71 120.88 110.92
C TYR C 901 9.93 120.26 109.78
N ARG C 902 9.45 119.03 109.95
CA ARG C 902 8.61 118.40 108.95
C ARG C 902 7.22 119.02 108.92
N PHE C 903 6.66 119.32 110.09
CA PHE C 903 5.37 120.01 110.14
C PHE C 903 5.49 121.43 109.60
N ASN C 904 6.63 122.08 109.80
CA ASN C 904 6.86 123.42 109.30
C ASN C 904 7.19 123.46 107.81
N GLY C 905 7.03 122.35 107.10
CA GLY C 905 7.29 122.31 105.67
C GLY C 905 6.02 122.37 104.84
N ILE C 906 4.87 122.23 105.49
CA ILE C 906 3.57 122.28 104.82
C ILE C 906 2.80 123.53 105.16
N GLY C 907 3.32 124.40 106.04
CA GLY C 907 2.66 125.62 106.43
C GLY C 907 2.30 125.66 107.91
N VAL C 908 2.06 124.50 108.51
CA VAL C 908 1.71 124.45 109.93
C VAL C 908 2.92 124.82 110.76
N THR C 909 2.72 125.74 111.70
CA THR C 909 3.82 126.18 112.56
C THR C 909 4.17 125.10 113.58
N GLN C 910 5.24 125.35 114.32
CA GLN C 910 5.77 124.38 115.28
C GLN C 910 5.15 124.51 116.66
N ASN C 911 4.26 125.48 116.88
CA ASN C 911 3.61 125.65 118.17
C ASN C 911 2.40 124.73 118.35
N VAL C 912 2.18 123.81 117.42
CA VAL C 912 1.09 122.85 117.53
C VAL C 912 1.58 121.46 117.94
N LEU C 913 2.74 121.03 117.47
CA LEU C 913 3.28 119.72 117.82
C LEU C 913 3.81 119.68 119.24
N TYR C 914 4.49 120.74 119.68
CA TYR C 914 5.01 120.79 121.05
C TYR C 914 3.90 120.89 122.10
N GLU C 915 2.69 121.28 121.69
CA GLU C 915 1.58 121.38 122.61
C GLU C 915 0.63 120.19 122.53
N ASN C 916 0.72 119.37 121.48
CA ASN C 916 -0.12 118.20 121.30
C ASN C 916 0.72 116.99 120.96
N GLN C 917 1.85 116.84 121.64
CA GLN C 917 2.74 115.71 121.36
C GLN C 917 2.10 114.39 121.75
N LYS C 918 1.36 114.37 122.87
CA LYS C 918 0.71 113.14 123.30
C LYS C 918 -0.36 112.70 122.31
N LEU C 919 -1.15 113.65 121.80
CA LEU C 919 -2.17 113.31 120.82
C LEU C 919 -1.55 112.82 119.52
N ILE C 920 -0.44 113.45 119.10
CA ILE C 920 0.25 113.01 117.90
C ILE C 920 0.78 111.59 118.08
N ALA C 921 1.36 111.30 119.24
CA ALA C 921 1.88 109.96 119.50
C ALA C 921 0.74 108.93 119.51
N ASN C 922 -0.39 109.27 120.13
CA ASN C 922 -1.52 108.36 120.16
C ASN C 922 -2.07 108.11 118.76
N GLN C 923 -2.18 109.15 117.94
CA GLN C 923 -2.64 108.99 116.57
C GLN C 923 -1.67 108.13 115.76
N PHE C 924 -0.37 108.33 115.95
CA PHE C 924 0.62 107.52 115.23
C PHE C 924 0.53 106.06 115.66
N ASN C 925 0.37 105.81 116.96
CA ASN C 925 0.24 104.43 117.43
C ASN C 925 -1.03 103.78 116.87
N SER C 926 -2.13 104.54 116.83
CA SER C 926 -3.37 103.99 116.28
C SER C 926 -3.22 103.71 114.79
N ALA C 927 -2.53 104.58 114.06
CA ALA C 927 -2.33 104.35 112.64
C ALA C 927 -1.45 103.13 112.40
N ILE C 928 -0.41 102.95 113.22
CA ILE C 928 0.43 101.76 113.09
C ILE C 928 -0.36 100.50 113.40
N GLY C 929 -1.21 100.56 114.43
CA GLY C 929 -2.03 99.40 114.74
C GLY C 929 -3.02 99.07 113.65
N LYS C 930 -3.59 100.08 113.01
CA LYS C 930 -4.50 99.85 111.90
C LYS C 930 -3.78 99.34 110.66
N ILE C 931 -2.55 99.79 110.41
CA ILE C 931 -1.77 99.26 109.29
C ILE C 931 -1.40 97.80 109.56
N GLN C 932 -1.13 97.46 110.82
CA GLN C 932 -0.84 96.08 111.16
C GLN C 932 -2.02 95.17 110.84
N ASP C 933 -3.25 95.66 111.03
CA ASP C 933 -4.43 94.87 110.71
C ASP C 933 -4.80 94.95 109.23
N SER C 934 -4.32 95.98 108.52
CA SER C 934 -4.62 96.08 107.10
C SER C 934 -3.93 94.99 106.30
N LEU C 935 -2.84 94.42 106.82
CA LEU C 935 -2.11 93.33 106.18
C LEU C 935 -2.56 91.97 106.65
N SER C 936 -3.83 91.83 107.04
CA SER C 936 -4.35 90.58 107.58
C SER C 936 -4.64 89.60 106.43
N SER C 937 -5.38 88.54 106.73
CA SER C 937 -5.67 87.49 105.77
C SER C 937 -6.46 87.97 104.55
N THR C 938 -6.87 89.24 104.53
CA THR C 938 -7.54 89.82 103.38
C THR C 938 -6.68 89.64 102.12
N PRO C 939 -7.17 88.90 101.11
CA PRO C 939 -6.32 88.64 99.94
C PRO C 939 -6.00 89.89 99.13
N SER C 940 -6.87 90.90 99.14
CA SER C 940 -6.63 92.09 98.33
C SER C 940 -5.71 93.07 99.06
N ALA C 941 -4.56 92.60 99.52
CA ALA C 941 -3.54 93.46 100.11
C ALA C 941 -2.26 93.48 99.30
N LEU C 942 -1.66 92.31 99.05
CA LEU C 942 -0.46 92.22 98.21
C LEU C 942 -0.87 91.76 96.80
N GLY C 943 -1.61 92.64 96.13
CA GLY C 943 -2.11 92.32 94.81
C GLY C 943 -1.08 92.45 93.71
N LYS C 944 -0.29 93.52 93.75
CA LYS C 944 0.71 93.75 92.70
C LYS C 944 1.99 92.98 92.94
N LEU C 945 2.21 92.44 94.15
CA LEU C 945 3.36 91.58 94.38
C LEU C 945 3.10 90.17 93.89
N GLN C 946 1.91 89.63 94.15
CA GLN C 946 1.57 88.31 93.65
C GLN C 946 1.36 88.30 92.14
N ASP C 947 1.10 89.46 91.53
CA ASP C 947 0.86 89.51 90.08
C ASP C 947 2.10 89.10 89.32
N VAL C 948 3.24 89.72 89.63
CA VAL C 948 4.48 89.39 88.92
C VAL C 948 4.92 87.97 89.22
N VAL C 949 4.66 87.48 90.44
CA VAL C 949 5.01 86.11 90.78
C VAL C 949 4.20 85.12 89.95
N ASN C 950 2.88 85.35 89.85
CA ASN C 950 2.05 84.47 89.03
C ASN C 950 2.42 84.58 87.56
N HIS C 951 2.81 85.77 87.10
CA HIS C 951 3.23 85.93 85.71
C HIS C 951 4.50 85.13 85.43
N ASN C 952 5.50 85.25 86.30
CA ASN C 952 6.73 84.49 86.12
C ASN C 952 6.49 82.99 86.26
N ALA C 953 5.49 82.60 87.05
CA ALA C 953 5.18 81.18 87.19
C ALA C 953 4.51 80.64 85.93
N GLN C 954 3.53 81.38 85.39
CA GLN C 954 2.83 80.92 84.19
C GLN C 954 3.74 81.00 82.96
N ALA C 955 4.72 81.90 82.95
CA ALA C 955 5.66 81.95 81.84
C ALA C 955 6.51 80.69 81.78
N LEU C 956 6.81 80.09 82.93
CA LEU C 956 7.56 78.84 82.94
C LEU C 956 6.64 77.63 82.77
N ASN C 957 5.41 77.71 83.27
CA ASN C 957 4.48 76.58 83.12
C ASN C 957 4.05 76.42 81.67
N THR C 958 3.73 77.52 80.98
CA THR C 958 3.30 77.43 79.59
C THR C 958 4.45 77.13 78.64
N LEU C 959 5.69 77.45 79.04
CA LEU C 959 6.83 77.19 78.16
C LEU C 959 7.17 75.71 78.11
N VAL C 960 6.91 74.97 79.19
CA VAL C 960 7.23 73.54 79.21
C VAL C 960 6.08 72.68 78.72
N LYS C 961 4.85 73.20 78.69
CA LYS C 961 3.72 72.44 78.18
C LYS C 961 3.67 72.40 76.66
N GLN C 962 4.38 73.31 75.98
CA GLN C 962 4.43 73.30 74.53
C GLN C 962 5.39 72.27 73.96
N LEU C 963 6.21 71.64 74.81
CA LEU C 963 7.11 70.60 74.35
C LEU C 963 6.39 69.30 74.03
N SER C 964 5.19 69.10 74.56
CA SER C 964 4.38 67.93 74.28
C SER C 964 3.43 68.13 73.10
N SER C 965 3.50 69.28 72.43
CA SER C 965 2.65 69.60 71.30
C SER C 965 3.45 69.48 70.01
N LYS C 966 2.93 68.71 69.07
CA LYS C 966 3.59 68.52 67.78
C LYS C 966 3.34 69.71 66.87
N PHE C 967 4.40 70.19 66.21
CA PHE C 967 4.32 71.32 65.30
C PHE C 967 4.24 70.88 63.83
N GLY C 968 3.76 69.66 63.58
CA GLY C 968 3.67 69.16 62.22
C GLY C 968 4.38 67.83 62.02
N ALA C 969 4.75 67.19 63.13
CA ALA C 969 5.44 65.90 63.11
C ALA C 969 4.49 64.81 63.59
N ILE C 970 5.00 63.57 63.58
CA ILE C 970 4.21 62.42 64.01
C ILE C 970 4.36 62.13 65.50
N SER C 971 5.24 62.85 66.19
CA SER C 971 5.44 62.63 67.62
C SER C 971 6.08 63.89 68.21
N SER C 972 6.17 63.91 69.54
CA SER C 972 6.76 65.02 70.26
C SER C 972 8.08 64.67 70.94
N VAL C 973 8.23 63.43 71.41
CA VAL C 973 9.46 63.01 72.06
C VAL C 973 10.59 62.98 71.03
N LEU C 974 11.79 63.35 71.46
CA LEU C 974 12.92 63.43 70.54
C LEU C 974 13.30 62.05 70.01
N ASN C 975 13.34 61.05 70.88
CA ASN C 975 13.74 59.70 70.48
C ASN C 975 12.56 58.90 69.92
N ASP C 976 11.85 59.48 68.98
CA ASP C 976 10.75 58.81 68.28
C ASP C 976 10.87 58.92 66.77
N ILE C 977 11.36 60.04 66.24
CA ILE C 977 11.50 60.18 64.79
C ILE C 977 12.75 59.46 64.31
N PHE C 978 13.83 59.47 65.10
CA PHE C 978 15.08 58.82 64.72
C PHE C 978 15.07 57.33 64.99
N SER C 979 13.91 56.73 65.27
CA SER C 979 13.81 55.31 65.54
C SER C 979 12.76 54.60 64.70
N ARG C 980 12.00 55.31 63.87
CA ARG C 980 11.00 54.68 63.03
C ARG C 980 11.00 55.18 61.59
N LEU C 981 11.85 56.13 61.24
CA LEU C 981 11.90 56.70 59.90
C LEU C 981 13.34 56.69 59.39
N ASP C 982 13.48 57.06 58.11
CA ASP C 982 14.76 57.12 57.43
C ASP C 982 15.38 58.52 57.56
N PRO C 983 16.70 58.62 57.47
CA PRO C 983 17.37 59.93 57.61
C PRO C 983 16.84 60.97 56.65
N PRO C 984 16.61 60.66 55.37
CA PRO C 984 16.10 61.70 54.46
C PRO C 984 14.77 62.29 54.91
N GLU C 985 13.96 61.55 55.66
CA GLU C 985 12.74 62.10 56.23
C GLU C 985 12.91 62.53 57.68
N ALA C 986 13.86 61.93 58.40
CA ALA C 986 14.09 62.32 59.80
C ALA C 986 14.69 63.71 59.88
N GLU C 987 15.65 64.03 59.02
CA GLU C 987 16.25 65.36 59.02
C GLU C 987 15.30 66.43 58.51
N VAL C 988 14.13 66.06 58.02
CA VAL C 988 13.13 67.03 57.55
C VAL C 988 11.98 67.18 58.54
N GLN C 989 11.49 66.08 59.09
CA GLN C 989 10.38 66.15 60.03
C GLN C 989 10.81 66.59 61.42
N ILE C 990 12.08 66.41 61.78
CA ILE C 990 12.54 66.85 63.10
C ILE C 990 12.80 68.35 63.10
N ASP C 991 13.09 68.94 61.94
CA ASP C 991 13.32 70.38 61.88
C ASP C 991 12.04 71.16 62.14
N ARG C 992 10.88 70.59 61.81
CA ARG C 992 9.61 71.26 62.08
C ARG C 992 9.33 71.42 63.56
N LEU C 993 9.89 70.54 64.40
CA LEU C 993 9.78 70.68 65.85
C LEU C 993 10.84 71.62 66.42
N ILE C 994 12.06 71.55 65.88
CA ILE C 994 13.12 72.43 66.35
C ILE C 994 12.77 73.89 66.05
N THR C 995 12.21 74.15 64.87
CA THR C 995 11.81 75.51 64.52
C THR C 995 10.73 76.02 65.47
N GLY C 996 9.74 75.18 65.78
CA GLY C 996 8.70 75.58 66.70
C GLY C 996 9.22 75.84 68.10
N ARG C 997 10.14 74.99 68.57
CA ARG C 997 10.74 75.21 69.89
C ARG C 997 11.56 76.49 69.92
N LEU C 998 12.29 76.77 68.84
CA LEU C 998 13.06 78.01 68.78
C LEU C 998 12.13 79.23 68.76
N GLN C 999 11.01 79.15 68.03
CA GLN C 999 10.07 80.27 68.03
C GLN C 999 9.45 80.46 69.41
N SER C 1000 9.12 79.36 70.10
CA SER C 1000 8.58 79.48 71.45
C SER C 1000 9.59 80.08 72.41
N LEU C 1001 10.87 79.69 72.28
CA LEU C 1001 11.90 80.25 73.14
C LEU C 1001 12.11 81.73 72.85
N GLN C 1002 12.03 82.12 71.57
CA GLN C 1002 12.13 83.53 71.21
C GLN C 1002 10.97 84.33 71.77
N THR C 1003 9.76 83.77 71.72
CA THR C 1003 8.60 84.44 72.31
C THR C 1003 8.76 84.59 73.81
N TYR C 1004 9.27 83.55 74.47
CA TYR C 1004 9.52 83.64 75.90
C TYR C 1004 10.57 84.70 76.22
N VAL C 1005 11.62 84.78 75.41
CA VAL C 1005 12.65 85.79 75.63
C VAL C 1005 12.08 87.19 75.44
N THR C 1006 11.21 87.38 74.45
CA THR C 1006 10.59 88.68 74.24
C THR C 1006 9.69 89.05 75.42
N GLN C 1007 8.91 88.09 75.92
CA GLN C 1007 8.06 88.35 77.09
C GLN C 1007 8.93 88.68 78.31
N GLN C 1008 10.04 87.98 78.48
CA GLN C 1008 10.94 88.27 79.60
C GLN C 1008 11.57 89.65 79.46
N LEU C 1009 11.88 90.08 78.23
CA LEU C 1009 12.42 91.42 78.02
C LEU C 1009 11.38 92.48 78.36
N ILE C 1010 10.13 92.27 77.95
CA ILE C 1010 9.07 93.22 78.29
C ILE C 1010 8.87 93.27 79.80
N ARG C 1011 8.87 92.10 80.45
CA ARG C 1011 8.71 92.06 81.90
C ARG C 1011 9.87 92.75 82.60
N ALA C 1012 11.09 92.59 82.09
CA ALA C 1012 12.25 93.23 82.69
C ALA C 1012 12.21 94.74 82.50
N ALA C 1013 11.71 95.20 81.35
CA ALA C 1013 11.54 96.64 81.16
C ALA C 1013 10.51 97.21 82.14
N GLU C 1014 9.40 96.49 82.32
CA GLU C 1014 8.39 96.95 83.28
C GLU C 1014 8.96 96.96 84.70
N ILE C 1015 9.72 95.93 85.06
CA ILE C 1015 10.32 95.87 86.39
C ILE C 1015 11.36 96.98 86.56
N ARG C 1016 12.10 97.32 85.50
CA ARG C 1016 13.06 98.41 85.58
C ARG C 1016 12.34 99.74 85.80
N ALA C 1017 11.25 99.98 85.08
CA ALA C 1017 10.47 101.19 85.31
C ALA C 1017 9.93 101.25 86.74
N SER C 1018 9.39 100.13 87.23
CA SER C 1018 8.86 100.10 88.59
C SER C 1018 9.97 100.33 89.61
N ALA C 1019 11.16 99.79 89.36
CA ALA C 1019 12.26 99.97 90.29
C ALA C 1019 12.78 101.40 90.28
N ASN C 1020 12.81 102.02 89.11
CA ASN C 1020 13.18 103.45 89.04
C ASN C 1020 12.18 104.30 89.80
N LEU C 1021 10.88 104.02 89.64
CA LEU C 1021 9.87 104.76 90.38
C LEU C 1021 10.01 104.54 91.89
N ALA C 1022 10.27 103.29 92.30
CA ALA C 1022 10.43 102.99 93.71
C ALA C 1022 11.66 103.67 94.30
N ALA C 1023 12.76 103.72 93.53
CA ALA C 1023 13.96 104.41 94.00
C ALA C 1023 13.73 105.90 94.12
N THR C 1024 13.02 106.49 93.14
CA THR C 1024 12.69 107.91 93.23
C THR C 1024 11.84 108.20 94.46
N LYS C 1025 10.85 107.36 94.73
CA LYS C 1025 10.00 107.56 95.90
C LYS C 1025 10.80 107.37 97.19
N MET C 1026 11.71 106.39 97.22
CA MET C 1026 12.54 106.17 98.39
C MET C 1026 13.46 107.36 98.65
N SER C 1027 13.98 107.97 97.59
CA SER C 1027 14.90 109.08 97.76
C SER C 1027 14.20 110.40 98.03
N GLU C 1028 12.95 110.56 97.61
CA GLU C 1028 12.24 111.82 97.79
C GLU C 1028 11.27 111.82 98.97
N CYS C 1029 10.89 110.65 99.48
CA CYS C 1029 9.97 110.54 100.60
C CYS C 1029 10.64 110.14 101.90
N VAL C 1030 11.60 109.22 101.85
CA VAL C 1030 12.27 108.75 103.06
C VAL C 1030 13.48 109.62 103.39
N LEU C 1031 14.26 110.01 102.38
CA LEU C 1031 15.45 110.82 102.58
C LEU C 1031 15.14 112.31 102.72
N GLY C 1032 13.90 112.68 102.96
CA GLY C 1032 13.55 114.07 103.11
C GLY C 1032 12.08 114.30 102.82
N GLN C 1033 11.60 115.45 103.27
CA GLN C 1033 10.21 115.83 103.06
C GLN C 1033 10.03 116.40 101.66
N SER C 1034 9.03 115.89 100.94
CA SER C 1034 8.73 116.33 99.58
C SER C 1034 7.41 117.07 99.56
N LYS C 1035 7.35 118.16 98.80
CA LYS C 1035 6.14 118.95 98.64
C LYS C 1035 5.35 118.54 97.39
N ARG C 1036 5.49 117.30 96.96
CA ARG C 1036 4.79 116.78 95.79
C ARG C 1036 3.53 116.06 96.25
N VAL C 1037 2.38 116.48 95.70
CA VAL C 1037 1.10 115.90 96.11
C VAL C 1037 0.98 114.49 95.57
N ASP C 1038 0.56 113.57 96.44
CA ASP C 1038 0.23 112.18 96.11
C ASP C 1038 1.48 111.36 95.80
N PHE C 1039 2.65 112.01 95.73
CA PHE C 1039 3.89 111.29 95.46
C PHE C 1039 4.36 110.51 96.67
N CYS C 1040 4.12 111.02 97.87
CA CYS C 1040 4.48 110.34 99.11
C CYS C 1040 3.24 110.08 99.96
N GLY C 1041 2.17 109.62 99.32
CA GLY C 1041 0.92 109.35 100.00
C GLY C 1041 -0.11 110.43 99.77
N LYS C 1042 -1.37 110.05 99.91
CA LYS C 1042 -2.49 110.97 99.72
C LYS C 1042 -2.57 111.92 100.91
N GLY C 1043 -2.28 113.19 100.69
CA GLY C 1043 -2.29 114.20 101.71
C GLY C 1043 -0.95 114.89 101.81
N TYR C 1044 -0.76 115.64 102.89
CA TYR C 1044 0.49 116.36 103.13
C TYR C 1044 1.53 115.39 103.64
N HIS C 1045 2.59 115.19 102.86
CA HIS C 1045 3.65 114.26 103.24
C HIS C 1045 4.41 114.78 104.46
N LEU C 1046 4.60 113.91 105.44
CA LEU C 1046 5.34 114.25 106.66
C LEU C 1046 6.54 113.34 106.90
N MET C 1047 6.39 112.03 106.69
CA MET C 1047 7.45 111.08 106.96
C MET C 1047 7.10 109.76 106.28
N SER C 1048 8.13 109.04 105.87
CA SER C 1048 7.95 107.75 105.19
C SER C 1048 8.85 106.71 105.83
N PHE C 1049 8.32 105.50 105.97
CA PHE C 1049 9.05 104.38 106.56
C PHE C 1049 9.07 103.22 105.57
N PRO C 1050 10.22 102.87 104.99
CA PRO C 1050 10.28 101.75 104.05
C PRO C 1050 10.35 100.41 104.78
N GLN C 1051 9.75 99.40 104.15
CA GLN C 1051 9.73 98.05 104.68
C GLN C 1051 10.06 97.07 103.56
N SER C 1052 10.82 96.03 103.90
CA SER C 1052 11.21 95.03 102.92
C SER C 1052 10.04 94.12 102.58
N ALA C 1053 10.13 93.50 101.41
CA ALA C 1053 9.09 92.60 100.92
C ALA C 1053 9.71 91.67 99.89
N PRO C 1054 9.15 90.48 99.69
CA PRO C 1054 9.67 89.57 98.65
C PRO C 1054 9.52 90.16 97.26
N HIS C 1055 10.64 90.50 96.63
CA HIS C 1055 10.67 91.11 95.30
C HIS C 1055 9.82 92.39 95.27
N GLY C 1056 9.98 93.21 96.30
CA GLY C 1056 9.23 94.45 96.38
C GLY C 1056 9.59 95.20 97.64
N VAL C 1057 8.99 96.38 97.77
CA VAL C 1057 9.20 97.25 98.91
C VAL C 1057 7.86 97.83 99.34
N VAL C 1058 7.74 98.17 100.62
CA VAL C 1058 6.52 98.72 101.19
C VAL C 1058 6.87 100.02 101.90
N PHE C 1059 6.21 101.10 101.51
CA PHE C 1059 6.42 102.42 102.11
C PHE C 1059 5.28 102.73 103.07
N LEU C 1060 5.63 103.21 104.27
CA LEU C 1060 4.65 103.65 105.25
C LEU C 1060 4.67 105.18 105.27
N HIS C 1061 3.77 105.80 104.52
CA HIS C 1061 3.73 107.25 104.36
C HIS C 1061 2.86 107.87 105.45
N VAL C 1062 3.43 108.85 106.16
CA VAL C 1062 2.70 109.59 107.18
C VAL C 1062 2.11 110.84 106.52
N THR C 1063 0.79 110.94 106.51
CA THR C 1063 0.08 112.01 105.84
C THR C 1063 -0.67 112.87 106.85
N TYR C 1064 -0.71 114.18 106.59
CA TYR C 1064 -1.42 115.13 107.44
C TYR C 1064 -2.83 115.32 106.87
N VAL C 1065 -3.82 114.81 107.58
CA VAL C 1065 -5.21 114.87 107.15
C VAL C 1065 -5.96 115.81 108.08
N PRO C 1066 -6.35 117.00 107.63
CA PRO C 1066 -7.13 117.89 108.49
C PRO C 1066 -8.57 117.39 108.64
N ALA C 1067 -9.21 117.84 109.72
CA ALA C 1067 -10.59 117.46 110.00
C ALA C 1067 -11.20 118.53 110.91
N GLN C 1068 -12.49 118.33 111.23
CA GLN C 1068 -13.25 119.25 112.08
C GLN C 1068 -13.21 120.67 111.53
N GLU C 1069 -13.76 120.82 110.33
CA GLU C 1069 -13.77 122.12 109.65
C GLU C 1069 -14.89 122.99 110.21
N LYS C 1070 -14.80 124.28 109.92
CA LYS C 1070 -15.81 125.25 110.34
C LYS C 1070 -15.69 126.49 109.46
N ASN C 1071 -16.84 127.12 109.22
CA ASN C 1071 -16.90 128.28 108.33
C ASN C 1071 -16.50 129.55 109.06
N PHE C 1072 -15.88 130.47 108.32
CA PHE C 1072 -15.47 131.76 108.85
C PHE C 1072 -15.66 132.83 107.78
N THR C 1073 -15.74 134.08 108.22
CA THR C 1073 -15.84 135.21 107.32
C THR C 1073 -14.45 135.76 107.05
N THR C 1074 -14.04 135.74 105.79
CA THR C 1074 -12.70 136.17 105.39
C THR C 1074 -12.77 137.52 104.70
N ALA C 1075 -11.59 138.09 104.46
CA ALA C 1075 -11.44 139.37 103.79
C ALA C 1075 -10.02 139.48 103.27
N PRO C 1076 -9.81 140.19 102.15
CA PRO C 1076 -8.43 140.33 101.64
C PRO C 1076 -7.50 141.03 102.63
N ALA C 1077 -7.89 142.22 103.10
CA ALA C 1077 -7.09 142.96 104.06
C ALA C 1077 -7.98 143.97 104.77
N ILE C 1078 -7.40 144.65 105.74
CA ILE C 1078 -8.09 145.69 106.49
C ILE C 1078 -7.37 147.02 106.25
N CYS C 1079 -8.06 148.10 106.60
CA CYS C 1079 -7.54 149.46 106.43
C CYS C 1079 -7.48 150.14 107.77
N HIS C 1080 -6.29 150.53 108.20
CA HIS C 1080 -6.07 151.23 109.45
C HIS C 1080 -5.23 152.47 109.20
N ASP C 1081 -5.67 153.60 109.76
CA ASP C 1081 -4.98 154.88 109.62
C ASP C 1081 -4.84 155.28 108.15
N GLY C 1082 -5.80 154.88 107.32
CA GLY C 1082 -5.80 155.22 105.92
C GLY C 1082 -5.03 154.29 105.02
N LYS C 1083 -4.10 153.50 105.56
CA LYS C 1083 -3.29 152.57 104.78
C LYS C 1083 -3.73 151.14 105.04
N ALA C 1084 -3.58 150.29 104.03
CA ALA C 1084 -3.98 148.90 104.13
C ALA C 1084 -2.85 148.07 104.75
N HIS C 1085 -3.23 146.94 105.35
CA HIS C 1085 -2.28 146.02 105.98
C HIS C 1085 -2.55 144.62 105.45
N PHE C 1086 -1.63 144.11 104.63
CA PHE C 1086 -1.78 142.78 104.06
C PHE C 1086 -0.99 141.77 104.87
N PRO C 1087 -1.57 140.59 105.11
CA PRO C 1087 -0.88 139.58 105.93
C PRO C 1087 0.35 139.05 105.21
N ARG C 1088 1.42 138.83 105.97
CA ARG C 1088 2.64 138.25 105.42
C ARG C 1088 2.48 136.76 105.19
N GLU C 1089 2.05 136.03 106.23
CA GLU C 1089 1.84 134.58 106.12
C GLU C 1089 0.67 134.22 107.04
N GLY C 1090 -0.52 134.13 106.47
CA GLY C 1090 -1.69 133.79 107.26
C GLY C 1090 -2.96 134.05 106.48
N VAL C 1091 -4.05 134.23 107.22
CA VAL C 1091 -5.36 134.49 106.62
C VAL C 1091 -6.21 135.22 107.64
N PHE C 1092 -6.95 136.23 107.17
CA PHE C 1092 -7.85 136.98 108.03
C PHE C 1092 -9.20 136.29 108.12
N VAL C 1093 -9.65 136.05 109.36
CA VAL C 1093 -10.93 135.41 109.62
C VAL C 1093 -11.73 136.30 110.55
N SER C 1094 -13.01 135.96 110.72
CA SER C 1094 -13.90 136.72 111.58
C SER C 1094 -14.89 135.76 112.23
N ASN C 1095 -14.93 135.77 113.56
CA ASN C 1095 -15.87 134.94 114.30
C ASN C 1095 -17.25 135.56 114.43
N GLY C 1096 -17.47 136.74 113.84
CA GLY C 1096 -18.76 137.40 113.93
C GLY C 1096 -18.66 138.82 114.43
N THR C 1097 -17.73 139.06 115.36
CA THR C 1097 -17.56 140.39 115.94
C THR C 1097 -16.11 140.86 116.01
N HIS C 1098 -15.13 139.99 115.76
CA HIS C 1098 -13.73 140.38 115.79
C HIS C 1098 -12.99 139.74 114.62
N TRP C 1099 -12.01 140.48 114.09
CA TRP C 1099 -11.19 140.02 112.98
C TRP C 1099 -9.84 139.57 113.51
N PHE C 1100 -9.51 138.30 113.34
CA PHE C 1100 -8.25 137.72 113.79
C PHE C 1100 -7.50 137.16 112.60
N VAL C 1101 -6.24 136.81 112.85
CA VAL C 1101 -5.36 136.22 111.84
C VAL C 1101 -4.99 134.81 112.30
N THR C 1102 -5.25 133.82 111.43
CA THR C 1102 -4.97 132.43 111.73
C THR C 1102 -4.06 131.86 110.65
N GLN C 1103 -3.63 130.62 110.87
CA GLN C 1103 -2.80 129.93 109.89
C GLN C 1103 -3.63 129.45 108.72
N ARG C 1104 -2.96 129.04 107.65
CA ARG C 1104 -3.63 128.58 106.44
C ARG C 1104 -4.01 127.10 106.52
N ASN C 1105 -3.55 126.37 107.53
CA ASN C 1105 -3.87 124.97 107.68
C ASN C 1105 -4.33 124.59 109.08
N PHE C 1106 -4.39 125.54 110.01
CA PHE C 1106 -4.79 125.24 111.38
C PHE C 1106 -5.37 126.50 112.00
N TYR C 1107 -6.41 126.34 112.80
CA TYR C 1107 -7.08 127.47 113.44
C TYR C 1107 -6.28 127.92 114.65
N GLU C 1108 -5.80 129.17 114.61
CA GLU C 1108 -5.05 129.75 115.72
C GLU C 1108 -5.36 131.24 115.78
N PRO C 1109 -6.34 131.63 116.59
CA PRO C 1109 -6.74 133.05 116.63
C PRO C 1109 -5.65 133.91 117.26
N GLN C 1110 -5.21 134.93 116.52
CA GLN C 1110 -4.21 135.87 116.98
C GLN C 1110 -4.65 137.28 116.66
N ILE C 1111 -4.22 138.22 117.51
CA ILE C 1111 -4.55 139.62 117.30
C ILE C 1111 -3.74 140.17 116.13
N ILE C 1112 -4.33 141.13 115.42
CA ILE C 1112 -3.70 141.74 114.25
C ILE C 1112 -2.76 142.83 114.75
N THR C 1113 -1.47 142.52 114.83
CA THR C 1113 -0.45 143.45 115.26
C THR C 1113 0.47 143.81 114.10
N THR C 1114 1.39 144.75 114.37
CA THR C 1114 2.35 145.17 113.36
C THR C 1114 3.56 144.25 113.34
N ASP C 1115 3.31 142.94 113.23
CA ASP C 1115 4.37 141.95 113.14
C ASP C 1115 4.19 140.93 112.02
N ASN C 1116 2.96 140.71 111.55
CA ASN C 1116 2.70 139.76 110.47
C ASN C 1116 1.93 140.40 109.32
N THR C 1117 1.72 141.72 109.36
CA THR C 1117 0.99 142.43 108.32
C THR C 1117 1.84 143.60 107.83
N PHE C 1118 2.07 143.65 106.52
CA PHE C 1118 2.84 144.71 105.91
C PHE C 1118 1.92 145.71 105.21
N VAL C 1119 2.42 146.93 105.03
CA VAL C 1119 1.68 148.01 104.40
C VAL C 1119 2.21 148.21 103.00
N SER C 1120 1.33 148.13 102.00
CA SER C 1120 1.72 148.34 100.61
C SER C 1120 0.49 148.80 99.84
N GLY C 1121 0.42 150.11 99.57
CA GLY C 1121 -0.67 150.69 98.83
C GLY C 1121 -1.70 151.36 99.72
N ASN C 1122 -2.65 152.04 99.09
CA ASN C 1122 -3.70 152.76 99.77
C ASN C 1122 -5.03 152.01 99.64
N CYS C 1123 -6.03 152.48 100.39
CA CYS C 1123 -7.32 151.80 100.49
C CYS C 1123 -8.32 152.37 99.48
N ASP C 1124 -7.94 152.31 98.20
CA ASP C 1124 -8.85 152.73 97.14
C ASP C 1124 -8.75 151.87 95.89
N VAL C 1125 -7.99 150.77 95.92
CA VAL C 1125 -7.84 149.92 94.75
C VAL C 1125 -8.18 148.46 95.02
N VAL C 1126 -8.13 147.98 96.25
CA VAL C 1126 -8.44 146.59 96.57
C VAL C 1126 -9.95 146.47 96.77
N ILE C 1127 -10.55 145.50 96.06
CA ILE C 1127 -11.99 145.27 96.15
C ILE C 1127 -12.26 144.28 97.27
N GLY C 1128 -13.12 144.66 98.20
CA GLY C 1128 -13.47 143.82 99.32
C GLY C 1128 -12.74 144.12 100.62
N ILE C 1129 -12.00 145.22 100.68
CA ILE C 1129 -11.27 145.56 101.90
C ILE C 1129 -12.23 146.04 102.97
N VAL C 1130 -12.00 145.61 104.20
CA VAL C 1130 -12.83 145.99 105.33
C VAL C 1130 -12.10 147.02 106.17
N ASN C 1131 -12.82 147.61 107.13
CA ASN C 1131 -12.28 148.62 108.02
C ASN C 1131 -12.07 148.00 109.40
N ASN C 1132 -10.85 148.14 109.92
CA ASN C 1132 -10.50 147.60 111.24
C ASN C 1132 -9.38 148.46 111.81
N THR C 1133 -8.84 148.04 112.95
CA THR C 1133 -7.77 148.76 113.64
C THR C 1133 -6.63 147.79 113.91
N VAL C 1134 -5.40 148.23 113.61
CA VAL C 1134 -4.21 147.41 113.84
C VAL C 1134 -3.59 147.86 115.16
N TYR C 1135 -3.64 147.00 116.16
CA TYR C 1135 -3.06 147.30 117.47
C TYR C 1135 -1.55 147.12 117.42
N ASP C 1136 -0.82 148.20 117.66
CA ASP C 1136 0.63 148.09 117.66
C ASP C 1136 1.16 148.02 119.08
N PRO C 1137 2.17 147.19 119.34
CA PRO C 1137 2.70 147.07 120.70
C PRO C 1137 3.53 148.26 121.15
N LEU C 1138 3.86 149.18 120.25
CA LEU C 1138 4.72 150.31 120.61
C LEU C 1138 3.96 151.39 121.37
N GLN C 1139 2.68 151.59 121.06
CA GLN C 1139 1.91 152.64 121.71
C GLN C 1139 1.73 152.43 123.21
N PRO C 1140 1.35 151.23 123.70
CA PRO C 1140 1.23 151.08 125.16
C PRO C 1140 2.55 151.24 125.90
N GLU C 1141 3.63 150.66 125.37
CA GLU C 1141 4.92 150.77 126.04
C GLU C 1141 5.55 152.16 125.91
N LEU C 1142 5.11 152.96 124.94
CA LEU C 1142 5.62 154.31 124.78
C LEU C 1142 4.97 155.31 125.72
N ASP C 1143 3.84 154.96 126.34
CA ASP C 1143 3.13 155.85 127.26
C ASP C 1143 3.87 155.87 128.59
N SER C 1144 4.95 156.64 128.63
CA SER C 1144 5.77 156.76 129.83
C SER C 1144 5.08 157.66 130.86
N VAL D 3 15.88 -3.03 43.14
CA VAL D 3 16.48 -4.25 42.62
C VAL D 3 16.39 -5.36 43.66
N LEU D 4 15.73 -6.46 43.30
CA LEU D 4 15.56 -7.60 44.18
C LEU D 4 16.37 -8.78 43.67
N THR D 5 16.39 -9.85 44.47
CA THR D 5 17.14 -11.07 44.14
C THR D 5 16.15 -12.22 44.03
N GLN D 6 16.08 -12.82 42.85
CA GLN D 6 15.23 -13.97 42.58
C GLN D 6 16.01 -15.01 41.79
N PRO D 7 15.72 -16.29 41.99
CA PRO D 7 16.42 -17.33 41.25
C PRO D 7 16.04 -17.30 39.78
N PRO D 8 17.01 -17.46 38.89
CA PRO D 8 16.69 -17.48 37.45
C PRO D 8 15.61 -18.48 37.07
N SER D 9 15.78 -19.74 37.46
CA SER D 9 14.81 -20.78 37.13
C SER D 9 14.73 -21.77 38.29
N ALA D 10 13.69 -22.61 38.25
CA ALA D 10 13.48 -23.62 39.28
C ALA D 10 12.69 -24.76 38.64
N SER D 11 13.38 -25.85 38.32
CA SER D 11 12.75 -27.01 37.69
C SER D 11 13.07 -28.34 38.35
N GLY D 12 14.17 -28.44 39.11
CA GLY D 12 14.49 -29.69 39.76
C GLY D 12 13.53 -29.99 40.89
N SER D 13 13.24 -31.29 41.08
CA SER D 13 12.31 -31.79 42.09
C SER D 13 10.97 -31.07 41.97
N PRO D 14 10.18 -31.37 40.93
CA PRO D 14 8.92 -30.63 40.72
C PRO D 14 7.92 -30.92 41.82
N GLY D 15 7.46 -29.86 42.50
CA GLY D 15 6.42 -29.98 43.48
C GLY D 15 6.80 -30.69 44.76
N GLN D 16 8.09 -30.86 45.03
CA GLN D 16 8.54 -31.52 46.25
C GLN D 16 9.46 -30.66 47.09
N SER D 17 10.40 -29.94 46.48
CA SER D 17 11.30 -29.06 47.21
C SER D 17 11.55 -27.76 46.47
N VAL D 18 10.56 -27.27 45.71
CA VAL D 18 10.74 -26.05 44.95
C VAL D 18 10.88 -24.85 45.88
N THR D 19 9.84 -24.57 46.67
CA THR D 19 9.79 -23.53 47.70
C THR D 19 10.56 -22.26 47.29
N ILE D 20 10.13 -21.70 46.16
CA ILE D 20 10.77 -20.47 45.66
C ILE D 20 10.49 -19.32 46.62
N SER D 21 11.39 -18.34 46.60
CA SER D 21 11.27 -17.15 47.42
C SER D 21 11.95 -15.99 46.68
N CYS D 22 12.18 -14.89 47.40
CA CYS D 22 12.85 -13.72 46.83
C CYS D 22 13.71 -13.09 47.93
N THR D 23 15.01 -13.31 47.85
CA THR D 23 15.95 -12.76 48.82
C THR D 23 16.37 -11.36 48.40
N GLY D 24 17.38 -10.81 49.07
CA GLY D 24 17.84 -9.48 48.77
C GLY D 24 17.13 -8.36 49.49
N THR D 25 16.55 -8.63 50.67
CA THR D 25 15.85 -7.61 51.42
C THR D 25 16.77 -6.94 52.44
N SER D 26 17.49 -7.73 53.24
CA SER D 26 18.43 -7.25 54.24
C SER D 26 17.77 -6.31 55.26
N SER D 27 16.46 -6.42 55.43
CA SER D 27 15.74 -5.59 56.39
C SER D 27 14.53 -6.38 56.88
N ASP D 28 13.58 -5.69 57.51
CA ASP D 28 12.37 -6.30 58.04
C ASP D 28 11.14 -5.91 57.21
N PHE D 29 11.33 -5.82 55.89
CA PHE D 29 10.25 -5.49 54.95
C PHE D 29 9.62 -4.13 55.27
N GLY D 30 10.41 -3.20 55.80
CA GLY D 30 9.93 -1.88 56.11
C GLY D 30 8.90 -1.83 57.22
N GLY D 31 7.68 -1.43 56.88
CA GLY D 31 6.62 -1.33 57.85
C GLY D 31 5.64 -2.49 57.78
N TYR D 32 4.49 -2.26 57.14
CA TYR D 32 3.48 -3.30 56.97
C TYR D 32 4.03 -4.44 56.12
N ASN D 33 4.17 -5.62 56.71
CA ASN D 33 4.72 -6.80 56.03
C ASN D 33 3.62 -7.40 55.14
N SER D 34 3.58 -6.91 53.90
CA SER D 34 2.62 -7.39 52.90
C SER D 34 3.38 -7.72 51.62
N VAL D 35 3.71 -8.99 51.45
CA VAL D 35 4.44 -9.47 50.28
C VAL D 35 3.46 -10.26 49.41
N SER D 36 3.20 -9.75 48.22
CA SER D 36 2.26 -10.39 47.30
C SER D 36 3.00 -11.28 46.31
N TRP D 37 2.26 -12.22 45.72
CA TRP D 37 2.79 -13.15 44.73
C TRP D 37 1.86 -13.18 43.54
N TYR D 38 2.37 -12.81 42.37
CA TYR D 38 1.59 -12.77 41.14
C TYR D 38 2.04 -13.91 40.23
N GLN D 39 1.08 -14.61 39.63
CA GLN D 39 1.34 -15.71 38.70
C GLN D 39 1.19 -15.16 37.29
N GLN D 40 2.30 -14.70 36.73
CA GLN D 40 2.31 -14.13 35.38
C GLN D 40 2.26 -15.28 34.38
N HIS D 41 1.11 -15.44 33.71
CA HIS D 41 0.92 -16.48 32.72
C HIS D 41 0.93 -15.89 31.32
N PRO D 42 1.59 -16.55 30.36
CA PRO D 42 1.60 -16.03 28.99
C PRO D 42 0.20 -16.03 28.39
N GLY D 43 -0.13 -14.92 27.72
CA GLY D 43 -1.46 -14.76 27.16
C GLY D 43 -2.33 -13.83 27.98
N LYS D 44 -3.24 -14.40 28.76
CA LYS D 44 -4.13 -13.61 29.58
C LYS D 44 -3.36 -12.90 30.70
N ALA D 45 -4.05 -11.99 31.37
CA ALA D 45 -3.44 -11.21 32.44
C ALA D 45 -3.15 -12.12 33.65
N PRO D 46 -2.14 -11.77 34.44
CA PRO D 46 -1.84 -12.56 35.64
C PRO D 46 -2.98 -12.53 36.65
N LYS D 47 -2.93 -13.45 37.60
CA LYS D 47 -3.94 -13.59 38.63
C LYS D 47 -3.28 -13.61 40.00
N LEU D 48 -3.93 -12.95 40.96
CA LEU D 48 -3.39 -12.93 42.32
C LEU D 48 -3.44 -14.30 42.95
N MET D 49 -2.39 -14.66 43.68
CA MET D 49 -2.29 -15.92 44.39
C MET D 49 -2.36 -15.76 45.89
N ILE D 50 -1.60 -14.81 46.45
CA ILE D 50 -1.60 -14.55 47.88
C ILE D 50 -1.05 -13.14 48.10
N TYR D 51 -1.60 -12.46 49.11
CA TYR D 51 -1.23 -11.08 49.40
C TYR D 51 -0.45 -10.94 50.72
N GLU D 52 -0.88 -11.63 51.77
CA GLU D 52 -0.20 -11.60 53.06
C GLU D 52 0.61 -12.89 53.23
N VAL D 53 1.19 -13.06 54.42
CA VAL D 53 1.91 -14.29 54.71
C VAL D 53 0.96 -15.46 54.92
N SER D 54 -0.30 -15.19 55.25
CA SER D 54 -1.32 -16.22 55.42
C SER D 54 -2.63 -15.68 54.88
N LYS D 55 -3.72 -16.39 55.19
CA LYS D 55 -5.07 -16.01 54.76
C LYS D 55 -5.15 -15.89 53.24
N ARG D 56 -4.93 -17.02 52.57
CA ARG D 56 -4.98 -17.04 51.13
C ARG D 56 -6.39 -16.70 50.64
N PRO D 57 -6.51 -16.00 49.50
CA PRO D 57 -7.84 -15.63 49.01
C PRO D 57 -8.58 -16.80 48.38
N SER D 58 -9.76 -16.54 47.83
CA SER D 58 -10.56 -17.58 47.19
C SER D 58 -9.88 -18.05 45.92
N GLY D 59 -9.31 -19.26 45.97
CA GLY D 59 -8.63 -19.81 44.82
C GLY D 59 -8.16 -21.24 45.03
N VAL D 60 -6.99 -21.57 44.51
CA VAL D 60 -6.43 -22.92 44.70
C VAL D 60 -5.98 -23.06 46.15
N PRO D 61 -6.38 -24.12 46.84
CA PRO D 61 -6.00 -24.30 48.25
C PRO D 61 -4.73 -25.09 48.50
N ASP D 62 -3.95 -25.39 47.45
CA ASP D 62 -2.72 -26.16 47.58
C ASP D 62 -1.48 -25.27 47.56
N ARG D 63 -1.64 -23.97 47.76
CA ARG D 63 -0.51 -23.04 47.80
C ARG D 63 -0.75 -22.08 48.96
N PHE D 64 -0.12 -22.36 50.09
CA PHE D 64 -0.28 -21.53 51.29
C PHE D 64 1.02 -21.60 52.09
N SER D 65 0.96 -21.16 53.35
CA SER D 65 2.11 -21.18 54.26
C SER D 65 3.27 -20.36 53.70
N GLY D 66 2.99 -19.09 53.43
CA GLY D 66 4.00 -18.18 52.95
C GLY D 66 4.69 -17.41 54.07
N SER D 67 5.30 -18.14 54.99
CA SER D 67 5.95 -17.52 56.13
C SER D 67 7.22 -16.79 55.70
N LYS D 68 7.56 -15.75 56.45
CA LYS D 68 8.76 -14.94 56.18
C LYS D 68 9.92 -15.52 56.97
N SER D 69 10.62 -16.49 56.37
CA SER D 69 11.76 -17.13 57.01
C SER D 69 13.01 -16.30 56.78
N GLY D 70 13.64 -15.87 57.86
CA GLY D 70 14.84 -15.04 57.78
C GLY D 70 14.57 -13.65 57.26
N ASN D 71 15.00 -13.36 56.04
CA ASN D 71 14.80 -12.06 55.41
C ASN D 71 14.10 -12.20 54.07
N THR D 72 13.34 -13.29 53.88
CA THR D 72 12.63 -13.52 52.63
C THR D 72 11.36 -14.30 52.93
N ALA D 73 10.36 -14.14 52.07
CA ALA D 73 9.09 -14.83 52.20
C ALA D 73 9.16 -16.14 51.41
N SER D 74 9.22 -17.25 52.13
CA SER D 74 9.30 -18.58 51.51
C SER D 74 7.89 -19.09 51.27
N LEU D 75 7.39 -18.90 50.05
CA LEU D 75 6.05 -19.35 49.69
C LEU D 75 6.10 -20.85 49.43
N THR D 76 5.45 -21.63 50.30
CA THR D 76 5.42 -23.08 50.16
C THR D 76 4.56 -23.44 48.96
N VAL D 77 5.19 -23.99 47.93
CA VAL D 77 4.51 -24.38 46.70
C VAL D 77 4.53 -25.89 46.47
N SER D 78 5.20 -26.65 47.35
CA SER D 78 5.27 -28.10 47.19
C SER D 78 3.89 -28.72 47.36
N GLY D 79 3.65 -29.77 46.59
CA GLY D 79 2.37 -30.44 46.63
C GLY D 79 1.25 -29.72 45.93
N LEU D 80 1.58 -28.79 45.04
CA LEU D 80 0.54 -28.03 44.32
C LEU D 80 0.02 -28.82 43.12
N GLN D 81 0.89 -29.05 42.13
CA GLN D 81 0.55 -29.79 40.92
C GLN D 81 1.85 -30.09 40.19
N ALA D 82 1.73 -30.74 39.03
CA ALA D 82 2.89 -31.16 38.24
C ALA D 82 2.75 -30.74 36.78
N GLU D 83 1.99 -29.68 36.52
CA GLU D 83 1.82 -29.17 35.16
C GLU D 83 1.50 -27.68 35.25
N ASP D 84 2.48 -26.84 34.96
CA ASP D 84 2.30 -25.40 35.05
C ASP D 84 3.36 -24.72 34.18
N GLU D 85 2.96 -23.65 33.49
CA GLU D 85 3.86 -22.85 32.66
C GLU D 85 3.52 -21.38 32.91
N ALA D 86 4.20 -20.78 33.88
CA ALA D 86 3.96 -19.39 34.25
C ALA D 86 5.22 -18.85 34.94
N ASP D 87 5.14 -17.63 35.45
CA ASP D 87 6.25 -16.98 36.12
C ASP D 87 5.74 -16.35 37.42
N TYR D 88 6.43 -16.65 38.51
CA TYR D 88 6.07 -16.13 39.83
C TYR D 88 6.90 -14.91 40.14
N TYR D 89 6.24 -13.84 40.59
CA TYR D 89 6.90 -12.61 40.98
C TYR D 89 6.46 -12.22 42.39
N CYS D 90 7.42 -11.72 43.18
CA CYS D 90 7.16 -11.30 44.55
C CYS D 90 7.35 -9.79 44.66
N SER D 91 6.66 -9.19 45.63
CA SER D 91 6.70 -7.75 45.85
C SER D 91 7.20 -7.45 47.25
N SER D 92 8.09 -6.47 47.36
CA SER D 92 8.67 -6.07 48.64
C SER D 92 9.17 -4.63 48.50
N TYR D 93 9.97 -4.19 49.46
CA TYR D 93 10.55 -2.85 49.48
C TYR D 93 9.46 -1.78 49.45
N ALA D 94 8.69 -1.77 50.54
CA ALA D 94 7.52 -0.91 50.68
C ALA D 94 7.87 0.51 51.15
N GLY D 95 9.11 0.95 50.97
CA GLY D 95 9.48 2.29 51.38
C GLY D 95 8.68 3.36 50.65
N SER D 96 8.69 4.56 51.24
CA SER D 96 7.91 5.67 50.70
C SER D 96 8.48 6.12 49.36
N ASN D 97 7.64 6.12 48.33
CA ASN D 97 8.01 6.57 46.98
C ASN D 97 9.20 5.77 46.44
N ASN D 98 8.99 4.46 46.32
CA ASN D 98 10.00 3.54 45.80
C ASN D 98 9.33 2.60 44.82
N PHE D 99 9.59 2.79 43.53
CA PHE D 99 8.98 1.98 42.49
C PHE D 99 9.83 0.74 42.25
N ASP D 100 9.51 -0.01 41.18
CA ASP D 100 10.22 -1.23 40.80
C ASP D 100 10.19 -2.24 41.96
N VAL D 101 8.99 -2.45 42.52
CA VAL D 101 8.84 -3.38 43.63
C VAL D 101 8.82 -4.83 43.20
N PHE D 102 8.69 -5.09 41.90
CA PHE D 102 8.67 -6.46 41.41
C PHE D 102 10.07 -7.05 41.37
N GLY D 103 10.15 -8.34 41.02
CA GLY D 103 11.39 -9.05 40.92
C GLY D 103 11.66 -9.51 39.50
N THR D 104 12.81 -10.17 39.35
CA THR D 104 13.21 -10.69 38.04
C THR D 104 12.38 -11.92 37.68
N GLY D 105 12.47 -12.31 36.41
CA GLY D 105 11.73 -13.46 35.91
C GLY D 105 12.23 -14.78 36.46
N THR D 106 11.38 -15.46 37.24
CA THR D 106 11.71 -16.74 37.84
C THR D 106 10.92 -17.82 37.11
N LYS D 107 11.62 -18.72 36.43
CA LYS D 107 10.99 -19.80 35.67
C LYS D 107 10.68 -20.94 36.63
N VAL D 108 9.43 -21.02 37.08
CA VAL D 108 9.00 -22.03 38.04
C VAL D 108 8.22 -23.15 37.36
N THR D 109 8.44 -23.37 36.06
CA THR D 109 7.77 -24.43 35.34
C THR D 109 8.17 -25.80 35.88
N VAL D 110 7.24 -26.49 36.52
CA VAL D 110 7.55 -27.79 37.10
C VAL D 110 7.63 -28.86 36.01
N LEU D 111 6.93 -28.66 34.89
CA LEU D 111 6.92 -29.60 33.79
C LEU D 111 7.49 -29.00 32.50
N GLY D 112 7.09 -27.78 32.16
CA GLY D 112 7.58 -27.14 30.95
C GLY D 112 6.72 -27.41 29.74
N GLY D 113 6.63 -28.67 29.35
CA GLY D 113 5.83 -29.06 28.20
C GLY D 113 4.33 -28.91 28.43
N GLY D 114 3.82 -29.65 29.42
CA GLY D 114 2.40 -29.61 29.74
C GLY D 114 2.13 -29.27 31.18
N GLY D 124 -11.81 -13.58 36.20
CA GLY D 124 -11.41 -12.23 35.84
C GLY D 124 -12.05 -11.75 34.55
N GLY D 125 -12.72 -12.66 33.84
CA GLY D 125 -13.35 -12.33 32.59
C GLY D 125 -14.58 -11.45 32.73
N SER D 126 -15.61 -11.97 33.39
CA SER D 126 -16.86 -11.25 33.57
C SER D 126 -17.04 -10.72 34.99
N GLU D 127 -15.95 -10.58 35.74
CA GLU D 127 -16.03 -10.05 37.11
C GLU D 127 -16.57 -8.63 37.13
N VAL D 128 -15.82 -7.70 36.54
CA VAL D 128 -16.27 -6.31 36.47
C VAL D 128 -16.31 -5.84 35.03
N GLN D 129 -15.15 -5.81 34.37
CA GLN D 129 -15.00 -5.38 32.98
C GLN D 129 -13.54 -5.56 32.58
N LEU D 130 -13.30 -5.56 31.27
CA LEU D 130 -11.93 -5.60 30.74
C LEU D 130 -11.94 -4.99 29.34
N VAL D 131 -11.42 -3.78 29.21
CA VAL D 131 -11.33 -3.09 27.93
C VAL D 131 -10.01 -2.35 27.86
N GLU D 132 -9.53 -2.14 26.63
CA GLU D 132 -8.30 -1.40 26.37
C GLU D 132 -8.51 -0.53 25.15
N SER D 133 -7.42 0.04 24.64
CA SER D 133 -7.47 0.91 23.48
C SER D 133 -7.07 0.21 22.18
N GLY D 134 -6.24 -0.83 22.26
CA GLY D 134 -5.79 -1.52 21.07
C GLY D 134 -4.86 -0.69 20.22
N GLY D 135 -3.68 -0.39 20.76
CA GLY D 135 -2.72 0.44 20.06
C GLY D 135 -1.89 -0.30 19.03
N GLY D 136 -2.51 -0.67 17.92
CA GLY D 136 -1.80 -1.37 16.85
C GLY D 136 -1.03 -0.40 15.98
N LEU D 137 0.25 -0.69 15.77
CA LEU D 137 1.13 0.13 14.94
C LEU D 137 1.18 1.58 15.45
N ILE D 138 1.69 1.73 16.67
CA ILE D 138 1.78 3.05 17.30
C ILE D 138 2.88 3.86 16.64
N GLN D 139 2.53 5.05 16.18
CA GLN D 139 3.53 5.95 15.61
C GLN D 139 4.45 6.46 16.72
N PRO D 140 5.76 6.48 16.49
CA PRO D 140 6.69 6.95 17.53
C PRO D 140 6.45 8.42 17.86
N GLY D 141 6.03 8.66 19.10
CA GLY D 141 5.68 10.00 19.55
C GLY D 141 4.18 10.21 19.63
N GLY D 142 3.73 11.45 19.41
CA GLY D 142 2.31 11.72 19.46
C GLY D 142 1.76 11.61 20.87
N SER D 143 0.48 11.24 20.96
CA SER D 143 -0.19 11.10 22.25
C SER D 143 -1.33 10.09 22.07
N LEU D 144 -1.13 8.89 22.59
CA LEU D 144 -2.12 7.82 22.54
C LEU D 144 -2.70 7.61 23.92
N ARG D 145 -4.02 7.44 23.99
CA ARG D 145 -4.74 7.30 25.25
C ARG D 145 -5.27 5.88 25.39
N LEU D 146 -5.07 5.28 26.55
CA LEU D 146 -5.55 3.94 26.85
C LEU D 146 -6.47 3.99 28.05
N SER D 147 -7.66 3.39 27.90
CA SER D 147 -8.68 3.42 28.94
C SER D 147 -9.04 2.00 29.38
N CYS D 148 -9.55 1.90 30.60
CA CYS D 148 -10.00 0.64 31.20
C CYS D 148 -11.36 0.82 31.85
N ALA D 149 -12.31 1.40 31.10
CA ALA D 149 -13.65 1.66 31.59
C ALA D 149 -14.26 0.42 32.23
N ALA D 150 -14.65 0.56 33.50
CA ALA D 150 -15.20 -0.54 34.29
C ALA D 150 -16.64 -0.19 34.67
N SER D 151 -17.60 -0.99 34.19
CA SER D 151 -19.00 -0.79 34.50
C SER D 151 -19.37 -1.27 35.90
N GLY D 152 -18.45 -1.88 36.63
CA GLY D 152 -18.71 -2.37 37.96
C GLY D 152 -18.15 -1.48 39.04
N PHE D 153 -16.98 -1.84 39.58
CA PHE D 153 -16.34 -1.03 40.61
C PHE D 153 -16.06 0.38 40.08
N THR D 154 -16.13 1.35 40.98
CA THR D 154 -15.93 2.75 40.61
C THR D 154 -14.50 2.96 40.12
N VAL D 155 -14.37 3.64 38.98
CA VAL D 155 -13.08 3.89 38.36
C VAL D 155 -12.55 5.25 38.79
N SER D 156 -13.20 5.85 39.80
CA SER D 156 -12.83 7.18 40.27
C SER D 156 -12.62 7.26 41.78
N SER D 157 -12.86 6.19 42.52
CA SER D 157 -12.70 6.20 43.96
C SER D 157 -11.63 5.25 44.48
N ASN D 158 -11.45 4.09 43.84
CA ASN D 158 -10.46 3.13 44.29
C ASN D 158 -9.06 3.56 43.84
N TYR D 159 -8.05 2.99 44.49
CA TYR D 159 -6.64 3.30 44.21
C TYR D 159 -6.14 2.32 43.16
N MET D 160 -5.95 2.81 41.94
CA MET D 160 -5.47 2.01 40.83
C MET D 160 -4.02 2.37 40.49
N SER D 161 -3.44 1.60 39.58
CA SER D 161 -2.06 1.81 39.17
C SER D 161 -1.89 1.27 37.75
N TRP D 162 -0.70 1.53 37.19
CA TRP D 162 -0.36 1.08 35.85
C TRP D 162 1.01 0.41 35.91
N VAL D 163 1.07 -0.85 35.48
CA VAL D 163 2.30 -1.63 35.46
C VAL D 163 2.48 -2.23 34.08
N ARG D 164 3.66 -2.06 33.50
CA ARG D 164 3.98 -2.60 32.18
C ARG D 164 5.07 -3.66 32.30
N GLN D 165 5.13 -4.54 31.30
CA GLN D 165 6.14 -5.59 31.24
C GLN D 165 6.56 -5.80 29.80
N ALA D 166 7.86 -6.03 29.59
CA ALA D 166 8.42 -6.24 28.27
C ALA D 166 8.88 -7.68 28.11
N PRO D 167 8.93 -8.18 26.86
CA PRO D 167 9.46 -9.53 26.63
C PRO D 167 10.83 -9.75 27.26
N GLY D 168 10.93 -10.73 28.15
CA GLY D 168 12.17 -11.03 28.84
C GLY D 168 12.37 -10.34 30.17
N LYS D 169 12.14 -9.03 30.21
CA LYS D 169 12.30 -8.27 31.43
C LYS D 169 11.07 -8.42 32.32
N GLY D 170 11.27 -8.18 33.62
CA GLY D 170 10.20 -8.30 34.59
C GLY D 170 9.34 -7.05 34.66
N LEU D 171 8.36 -7.10 35.55
CA LEU D 171 7.44 -5.99 35.74
C LEU D 171 8.08 -4.91 36.60
N GLU D 172 7.48 -3.72 36.55
CA GLU D 172 7.96 -2.59 37.34
C GLU D 172 6.85 -1.54 37.42
N TRP D 173 6.86 -0.79 38.52
CA TRP D 173 5.84 0.23 38.74
C TRP D 173 6.03 1.39 37.78
N VAL D 174 4.97 1.77 37.06
CA VAL D 174 5.07 2.79 36.02
C VAL D 174 4.25 4.01 36.42
N SER D 175 3.18 3.81 37.17
CA SER D 175 2.30 4.92 37.51
C SER D 175 1.53 4.57 38.78
N VAL D 176 1.30 5.59 39.61
CA VAL D 176 0.51 5.45 40.83
C VAL D 176 -0.39 6.68 40.95
N ILE D 177 -1.68 6.46 41.17
CA ILE D 177 -2.66 7.53 41.28
C ILE D 177 -3.56 7.24 42.47
N TYR D 178 -3.67 8.21 43.39
CA TYR D 178 -4.51 8.09 44.57
C TYR D 178 -5.95 8.48 44.25
N SER D 179 -6.74 8.78 45.29
CA SER D 179 -8.15 9.07 45.13
C SER D 179 -8.38 10.29 44.23
N GLY D 180 -7.97 11.48 44.69
CA GLY D 180 -8.22 12.68 43.92
C GLY D 180 -7.13 13.74 43.97
N GLY D 181 -6.10 13.52 44.78
CA GLY D 181 -5.12 14.56 45.02
C GLY D 181 -3.67 14.12 44.94
N SER D 182 -3.38 13.15 44.09
CA SER D 182 -2.00 12.70 43.89
C SER D 182 -1.83 12.21 42.46
N THR D 183 -0.75 12.66 41.83
CA THR D 183 -0.41 12.28 40.46
C THR D 183 1.07 11.92 40.37
N TYR D 184 1.53 11.08 41.30
CA TYR D 184 2.92 10.67 41.33
C TYR D 184 3.27 9.85 40.09
N TYR D 185 4.47 10.07 39.57
CA TYR D 185 4.98 9.34 38.42
C TYR D 185 6.20 8.51 38.82
N ALA D 186 6.51 7.52 38.00
CA ALA D 186 7.63 6.64 38.27
C ALA D 186 8.95 7.33 37.93
N ASP D 187 10.05 6.65 38.28
CA ASP D 187 11.38 7.19 38.02
C ASP D 187 11.85 6.92 36.60
N SER D 188 11.22 5.99 35.88
CA SER D 188 11.63 5.71 34.51
C SER D 188 11.29 6.87 33.58
N VAL D 189 10.10 7.45 33.74
CA VAL D 189 9.71 8.57 32.89
C VAL D 189 10.32 9.87 33.39
N LYS D 190 10.40 10.03 34.72
CA LYS D 190 11.04 11.18 35.37
C LYS D 190 10.38 12.50 34.98
N GLY D 191 9.15 12.47 34.48
CA GLY D 191 8.44 13.70 34.18
C GLY D 191 7.80 13.74 32.81
N ARG D 192 8.28 12.91 31.88
CA ARG D 192 7.74 12.91 30.53
C ARG D 192 6.36 12.25 30.45
N PHE D 193 5.86 11.69 31.54
CA PHE D 193 4.55 11.06 31.58
C PHE D 193 3.61 11.92 32.41
N THR D 194 2.46 12.26 31.84
CA THR D 194 1.46 13.10 32.50
C THR D 194 0.15 12.33 32.57
N ILE D 195 -0.28 12.00 33.79
CA ILE D 195 -1.53 11.28 33.99
C ILE D 195 -2.67 12.29 34.04
N SER D 196 -3.74 12.01 33.30
CA SER D 196 -4.91 12.88 33.26
C SER D 196 -6.17 12.02 33.39
N ARG D 197 -6.98 12.31 34.40
CA ARG D 197 -8.19 11.54 34.65
C ARG D 197 -9.32 12.00 33.74
N ASP D 198 -10.09 11.04 33.23
CA ASP D 198 -11.24 11.33 32.40
C ASP D 198 -12.42 11.70 33.30
N ASN D 199 -13.63 11.72 32.73
CA ASN D 199 -14.82 12.01 33.50
C ASN D 199 -14.96 11.07 34.68
N SER D 200 -15.41 11.62 35.81
CA SER D 200 -15.48 10.87 37.06
C SER D 200 -16.53 9.77 37.06
N GLU D 201 -17.38 9.70 36.04
CA GLU D 201 -18.44 8.69 35.99
C GLU D 201 -18.42 7.88 34.70
N ASN D 202 -17.40 8.04 33.85
CA ASN D 202 -17.32 7.29 32.60
C ASN D 202 -16.14 6.32 32.59
N THR D 203 -14.92 6.80 32.79
CA THR D 203 -13.73 5.96 32.74
C THR D 203 -12.55 6.78 33.29
N LEU D 204 -11.35 6.20 33.21
CA LEU D 204 -10.12 6.87 33.60
C LEU D 204 -9.03 6.39 32.64
N TYR D 205 -8.55 7.28 31.80
CA TYR D 205 -7.57 6.95 30.76
C TYR D 205 -6.21 7.55 31.11
N LEU D 206 -5.23 7.20 30.28
CA LEU D 206 -3.84 7.61 30.46
C LEU D 206 -3.41 8.45 29.26
N GLN D 207 -2.13 8.84 29.24
CA GLN D 207 -1.59 9.64 28.16
C GLN D 207 -0.13 9.29 27.95
N MET D 208 0.29 9.21 26.69
CA MET D 208 1.66 8.81 26.37
C MET D 208 2.64 9.98 26.53
N ASN D 209 2.31 11.13 25.92
CA ASN D 209 3.12 12.34 26.01
C ASN D 209 4.54 12.13 25.50
N SER D 210 4.64 11.84 24.20
CA SER D 210 5.90 11.83 23.46
C SER D 210 6.90 10.84 24.09
N LEU D 211 6.55 9.55 23.95
CA LEU D 211 7.37 8.47 24.46
C LEU D 211 8.80 8.54 23.94
N ARG D 212 9.73 7.88 24.63
CA ARG D 212 11.15 7.90 24.27
C ARG D 212 11.62 6.52 23.82
N ALA D 213 10.79 5.84 23.03
CA ALA D 213 11.04 4.51 22.46
C ALA D 213 11.17 3.41 23.51
N GLU D 214 10.95 3.72 24.78
CA GLU D 214 11.00 2.72 25.84
C GLU D 214 9.61 2.26 26.27
N ASP D 215 8.55 2.89 25.78
CA ASP D 215 7.18 2.53 26.12
C ASP D 215 6.61 1.44 25.21
N THR D 216 7.47 0.68 24.53
CA THR D 216 7.02 -0.37 23.63
C THR D 216 6.39 -1.55 24.37
N ALA D 217 6.66 -1.70 25.68
CA ALA D 217 6.12 -2.81 26.43
C ALA D 217 4.60 -2.71 26.54
N VAL D 218 3.97 -3.85 26.77
CA VAL D 218 2.52 -3.92 26.90
C VAL D 218 2.10 -3.34 28.24
N TYR D 219 0.92 -2.75 28.28
CA TYR D 219 0.40 -2.10 29.48
C TYR D 219 -0.62 -3.00 30.18
N TYR D 220 -0.80 -2.74 31.47
CA TYR D 220 -1.79 -3.45 32.28
C TYR D 220 -2.40 -2.47 33.26
N CYS D 221 -3.71 -2.27 33.15
CA CYS D 221 -4.46 -1.35 34.02
C CYS D 221 -5.08 -2.17 35.14
N ALA D 222 -4.46 -2.12 36.31
CA ALA D 222 -4.92 -2.87 37.47
C ALA D 222 -5.86 -2.02 38.31
N ARG D 223 -6.88 -2.67 38.88
CA ARG D 223 -7.86 -1.97 39.71
C ARG D 223 -7.35 -1.69 41.11
N GLY D 224 -6.22 -2.28 41.51
CA GLY D 224 -5.69 -2.06 42.85
C GLY D 224 -4.20 -1.87 42.82
N GLU D 225 -3.67 -1.39 43.94
CA GLU D 225 -2.24 -1.16 44.07
C GLU D 225 -1.48 -2.48 44.11
N ILE D 226 -0.16 -2.39 43.97
CA ILE D 226 0.68 -3.57 43.93
C ILE D 226 1.41 -3.75 45.26
N GLN D 227 2.24 -2.77 45.63
CA GLN D 227 2.97 -2.87 46.89
C GLN D 227 2.07 -2.56 48.08
N PRO D 228 1.32 -1.44 48.09
CA PRO D 228 0.34 -1.24 49.18
C PRO D 228 -1.02 -1.86 48.83
N TYR D 229 -1.00 -3.15 48.54
CA TYR D 229 -2.19 -3.83 48.07
C TYR D 229 -3.18 -4.04 49.21
N TYR D 230 -4.45 -3.74 48.93
CA TYR D 230 -5.55 -3.97 49.86
C TYR D 230 -6.43 -5.09 49.31
N TYR D 231 -7.24 -5.68 50.19
CA TYR D 231 -8.06 -6.81 49.79
C TYR D 231 -8.97 -6.46 48.61
N TYR D 232 -9.69 -5.34 48.72
CA TYR D 232 -10.52 -4.81 47.63
C TYR D 232 -11.56 -5.82 47.16
N GLY D 233 -11.95 -6.74 48.04
CA GLY D 233 -12.92 -7.76 47.68
C GLY D 233 -12.37 -8.85 46.79
N MET D 234 -11.86 -8.45 45.62
CA MET D 234 -11.27 -9.40 44.68
C MET D 234 -10.28 -8.66 43.79
N ASP D 235 -9.28 -9.40 43.32
CA ASP D 235 -8.24 -8.86 42.45
C ASP D 235 -8.58 -9.23 41.01
N VAL D 236 -8.92 -8.24 40.20
CA VAL D 236 -9.29 -8.43 38.80
C VAL D 236 -8.31 -7.64 37.94
N TRP D 237 -7.75 -8.29 36.93
CA TRP D 237 -6.82 -7.68 36.00
C TRP D 237 -7.46 -7.61 34.61
N GLY D 238 -6.68 -7.12 33.66
CA GLY D 238 -7.14 -7.00 32.29
C GLY D 238 -6.02 -7.29 31.31
N GLN D 239 -6.40 -7.83 30.16
CA GLN D 239 -5.43 -8.15 29.13
C GLN D 239 -4.81 -6.88 28.56
N GLY D 240 -3.56 -7.00 28.11
CA GLY D 240 -2.83 -5.87 27.56
C GLY D 240 -2.78 -5.90 26.03
N THR D 241 -2.22 -4.83 25.48
CA THR D 241 -2.07 -4.69 24.04
C THR D 241 -0.62 -4.33 23.71
N THR D 242 -0.19 -4.74 22.53
CA THR D 242 1.19 -4.51 22.08
C THR D 242 1.29 -3.12 21.46
N VAL D 243 2.26 -2.34 21.94
CA VAL D 243 2.45 -0.99 21.40
C VAL D 243 3.03 -1.06 19.99
N THR D 244 4.12 -1.82 19.81
CA THR D 244 4.78 -2.01 18.52
C THR D 244 5.18 -0.66 17.90
N VAL D 245 6.10 0.02 18.60
CA VAL D 245 6.58 1.31 18.13
C VAL D 245 7.40 1.12 16.85
N SER D 246 7.45 2.15 16.03
CA SER D 246 8.16 2.14 14.75
C SER D 246 9.16 3.29 14.69
N SER D 247 9.91 3.47 15.78
CA SER D 247 10.91 4.53 15.85
C SER D 247 12.15 4.17 15.04
N VAL E 3 28.53 29.38 52.64
CA VAL E 3 29.81 29.97 53.02
C VAL E 3 29.87 30.14 54.54
N LEU E 4 30.98 29.70 55.12
CA LEU E 4 31.20 29.79 56.56
C LEU E 4 32.54 30.45 56.83
N THR E 5 32.54 31.45 57.71
CA THR E 5 33.75 32.16 58.08
C THR E 5 34.38 31.52 59.30
N GLN E 6 35.65 31.13 59.20
CA GLN E 6 36.37 30.48 60.28
C GLN E 6 37.83 30.91 60.25
N PRO E 7 38.42 31.18 61.41
CA PRO E 7 39.85 31.51 61.47
C PRO E 7 40.68 30.47 60.75
N PRO E 8 41.54 30.89 59.82
CA PRO E 8 42.36 29.92 59.07
C PRO E 8 43.37 29.21 59.95
N SER E 9 44.10 29.96 60.77
CA SER E 9 45.12 29.39 61.64
C SER E 9 45.20 30.25 62.90
N ALA E 10 44.59 29.79 63.98
CA ALA E 10 44.61 30.48 65.25
C ALA E 10 45.82 30.05 66.07
N SER E 11 45.88 30.48 67.33
CA SER E 11 46.98 30.11 68.23
C SER E 11 46.41 29.87 69.61
N GLY E 12 47.30 29.62 70.57
CA GLY E 12 46.90 29.37 71.94
C GLY E 12 48.04 28.93 72.83
N THR E 13 47.84 29.07 74.14
CA THR E 13 48.84 28.68 75.13
C THR E 13 48.28 27.57 76.02
N PRO E 14 49.13 26.68 76.51
CA PRO E 14 48.65 25.59 77.37
C PRO E 14 48.19 26.12 78.72
N GLY E 15 47.34 25.34 79.36
CA GLY E 15 46.79 25.68 80.66
C GLY E 15 45.46 26.42 80.64
N GLN E 16 45.36 27.46 79.83
CA GLN E 16 44.13 28.23 79.71
C GLN E 16 43.24 27.63 78.62
N ARG E 17 42.18 28.34 78.27
CA ARG E 17 41.23 27.89 77.26
C ARG E 17 41.16 28.88 76.12
N VAL E 18 40.77 28.39 74.94
CA VAL E 18 40.63 29.22 73.75
C VAL E 18 39.18 29.19 73.29
N THR E 19 38.87 29.94 72.23
CA THR E 19 37.51 30.02 71.71
C THR E 19 37.57 30.10 70.19
N ILE E 20 37.14 29.03 69.52
CA ILE E 20 37.08 28.98 68.07
C ILE E 20 35.64 29.29 67.65
N SER E 21 35.47 30.23 66.74
CA SER E 21 34.16 30.67 66.29
C SER E 21 33.97 30.36 64.82
N CYS E 22 32.71 30.30 64.40
CA CYS E 22 32.34 30.05 63.02
C CYS E 22 31.12 30.90 62.69
N SER E 23 31.30 31.91 61.84
CA SER E 23 30.24 32.84 61.49
C SER E 23 29.53 32.36 60.23
N GLY E 24 28.20 32.46 60.25
CA GLY E 24 27.40 32.05 59.11
C GLY E 24 26.08 32.80 59.09
N SER E 25 25.49 32.86 57.91
CA SER E 25 24.22 33.55 57.74
C SER E 25 23.09 32.73 58.35
N SER E 26 21.91 33.34 58.40
CA SER E 26 20.73 32.69 58.95
C SER E 26 20.12 31.66 58.00
N SER E 27 20.67 31.50 56.80
CA SER E 27 20.12 30.53 55.86
C SER E 27 20.65 29.13 56.12
N ASN E 28 21.85 29.01 56.70
CA ASN E 28 22.46 27.72 56.98
C ASN E 28 22.59 27.44 58.47
N ILE E 29 23.09 28.38 59.25
CA ILE E 29 23.23 28.19 60.69
C ILE E 29 21.96 28.57 61.43
N GLY E 30 21.30 29.66 61.01
CA GLY E 30 20.10 30.12 61.69
C GLY E 30 18.93 29.16 61.62
N SER E 31 18.92 28.27 60.63
CA SER E 31 17.82 27.32 60.46
C SER E 31 18.25 25.88 60.69
N ASN E 32 19.51 25.62 61.03
CA ASN E 32 20.00 24.27 61.23
C ASN E 32 20.95 24.28 62.43
N THR E 33 21.68 23.19 62.60
CA THR E 33 22.63 23.03 63.70
C THR E 33 24.04 22.89 63.14
N VAL E 34 24.99 23.53 63.80
CA VAL E 34 26.39 23.46 63.39
C VAL E 34 27.02 22.17 63.91
N ASN E 35 27.94 21.62 63.13
CA ASN E 35 28.64 20.39 63.48
C ASN E 35 30.13 20.67 63.52
N TRP E 36 30.79 20.22 64.58
CA TRP E 36 32.23 20.40 64.77
C TRP E 36 32.92 19.06 64.59
N TYR E 37 33.94 19.04 63.73
CA TYR E 37 34.71 17.84 63.44
C TYR E 37 36.17 18.07 63.78
N GLN E 38 36.81 17.05 64.35
CA GLN E 38 38.22 17.08 64.69
C GLN E 38 38.97 16.06 63.86
N GLN E 39 40.12 16.47 63.31
CA GLN E 39 40.92 15.60 62.46
C GLN E 39 42.38 15.74 62.86
N LEU E 40 42.98 14.63 63.30
CA LEU E 40 44.40 14.63 63.63
C LEU E 40 45.23 14.60 62.34
N PRO E 41 46.40 15.26 62.35
CA PRO E 41 47.23 15.26 61.14
C PRO E 41 47.79 13.89 60.80
N GLY E 42 47.32 13.31 59.70
CA GLY E 42 47.80 12.01 59.27
C GLY E 42 46.75 10.92 59.30
N THR E 43 45.87 10.97 60.30
CA THR E 43 44.83 9.97 60.48
C THR E 43 43.50 10.46 59.94
N ALA E 44 42.51 9.58 59.98
CA ALA E 44 41.17 9.91 59.52
C ALA E 44 40.48 10.84 60.50
N PRO E 45 39.57 11.69 60.03
CA PRO E 45 38.83 12.59 60.93
C PRO E 45 37.91 11.81 61.85
N LYS E 46 37.28 12.54 62.77
CA LYS E 46 36.34 11.96 63.71
C LYS E 46 35.40 13.03 64.21
N LEU E 47 34.18 12.62 64.56
CA LEU E 47 33.18 13.55 65.07
C LEU E 47 33.58 14.06 66.46
N LEU E 48 33.41 15.36 66.66
CA LEU E 48 33.74 16.00 67.93
C LEU E 48 32.49 16.46 68.67
N ILE E 49 31.65 17.29 68.04
CA ILE E 49 30.44 17.81 68.65
C ILE E 49 29.34 17.83 67.59
N TYR E 50 28.21 17.21 67.90
CA TYR E 50 27.06 17.18 67.00
C TYR E 50 25.86 17.82 67.68
N SER E 51 25.05 18.52 66.87
CA SER E 51 23.84 19.20 67.30
C SER E 51 24.11 20.30 68.33
N ASN E 52 25.37 20.65 68.57
CA ASN E 52 25.82 21.72 69.46
C ASN E 52 25.42 21.51 70.92
N ASN E 53 24.81 20.39 71.26
CA ASN E 53 24.40 20.15 72.65
C ASN E 53 24.92 18.82 73.19
N GLN E 54 24.98 17.78 72.37
CA GLN E 54 25.43 16.46 72.80
C GLN E 54 26.83 16.18 72.27
N ARG E 55 27.44 15.14 72.83
CA ARG E 55 28.77 14.70 72.44
C ARG E 55 28.78 13.18 72.32
N PRO E 56 29.59 12.63 71.42
CA PRO E 56 29.66 11.17 71.28
C PRO E 56 30.26 10.52 72.52
N SER E 57 30.21 9.19 72.52
CA SER E 57 30.75 8.44 73.66
C SER E 57 32.27 8.53 73.73
N GLY E 58 32.95 8.62 72.58
CA GLY E 58 34.39 8.72 72.59
C GLY E 58 34.91 10.10 72.96
N VAL E 59 34.14 11.14 72.66
CA VAL E 59 34.54 12.51 72.97
C VAL E 59 34.32 12.78 74.45
N PRO E 60 35.34 13.13 75.21
CA PRO E 60 35.18 13.41 76.63
C PRO E 60 34.53 14.76 76.85
N ASP E 61 34.43 15.15 78.12
CA ASP E 61 33.84 16.43 78.51
C ASP E 61 34.79 17.61 78.34
N ARG E 62 35.93 17.39 77.68
CA ARG E 62 36.91 18.46 77.47
C ARG E 62 36.51 19.42 76.35
N PHE E 63 35.36 19.20 75.72
CA PHE E 63 34.90 20.04 74.62
C PHE E 63 33.46 20.46 74.86
N SER E 64 33.12 21.67 74.40
CA SER E 64 31.78 22.19 74.54
C SER E 64 31.52 23.19 73.42
N GLY E 65 30.26 23.33 73.05
CA GLY E 65 29.87 24.23 71.99
C GLY E 65 28.58 24.95 72.31
N SER E 66 28.40 26.11 71.68
CA SER E 66 27.22 26.94 71.87
C SER E 66 26.77 27.49 70.54
N LYS E 67 25.48 27.82 70.45
CA LYS E 67 24.88 28.36 69.24
C LYS E 67 24.16 29.67 69.56
N SER E 68 24.85 30.56 70.28
CA SER E 68 24.28 31.86 70.63
C SER E 68 24.20 32.72 69.37
N GLY E 69 22.98 32.98 68.91
CA GLY E 69 22.78 33.78 67.72
C GLY E 69 22.92 32.98 66.44
N THR E 70 23.49 33.60 65.40
CA THR E 70 23.68 32.95 64.11
C THR E 70 25.10 32.42 63.92
N SER E 71 25.87 32.30 65.00
CA SER E 71 27.24 31.81 64.92
C SER E 71 27.48 30.78 66.01
N ALA E 72 28.44 29.90 65.77
CA ALA E 72 28.81 28.86 66.71
C ALA E 72 30.13 29.22 67.41
N SER E 73 30.26 28.76 68.66
CA SER E 73 31.43 29.05 69.46
C SER E 73 31.92 27.75 70.11
N LEU E 74 33.19 27.43 69.91
CA LEU E 74 33.81 26.25 70.49
C LEU E 74 34.59 26.64 71.74
N ALA E 75 34.61 25.72 72.71
CA ALA E 75 35.30 25.96 73.97
C ALA E 75 35.99 24.67 74.40
N ILE E 76 37.29 24.77 74.68
CA ILE E 76 38.10 23.63 75.11
C ILE E 76 38.71 24.01 76.46
N SER E 77 38.05 23.60 77.54
CA SER E 77 38.52 23.91 78.88
C SER E 77 39.72 23.03 79.23
N GLY E 78 40.89 23.63 79.34
CA GLY E 78 42.09 22.90 79.69
C GLY E 78 42.67 22.09 78.55
N LEU E 79 43.08 22.78 77.48
CA LEU E 79 43.66 22.10 76.33
C LEU E 79 45.05 21.57 76.67
N GLN E 80 45.51 20.62 75.84
CA GLN E 80 46.82 20.01 76.02
C GLN E 80 47.41 19.75 74.63
N SER E 81 48.50 18.99 74.60
CA SER E 81 49.14 18.66 73.33
C SER E 81 48.30 17.71 72.48
N GLU E 82 47.43 16.92 73.11
CA GLU E 82 46.59 15.99 72.35
C GLU E 82 45.49 16.69 71.58
N ASP E 83 45.14 17.92 71.97
CA ASP E 83 44.09 18.68 71.30
C ASP E 83 44.63 19.48 70.11
N GLU E 84 45.85 19.21 69.66
CA GLU E 84 46.44 19.90 68.51
C GLU E 84 45.96 19.19 67.25
N ALA E 85 44.84 19.66 66.70
CA ALA E 85 44.26 19.07 65.51
C ALA E 85 43.52 20.14 64.74
N ASP E 86 42.97 19.76 63.59
CA ASP E 86 42.22 20.67 62.74
C ASP E 86 40.74 20.60 63.09
N TYR E 87 40.11 21.76 63.21
CA TYR E 87 38.70 21.87 63.56
C TYR E 87 37.93 22.44 62.37
N TYR E 88 36.92 21.72 61.91
CA TYR E 88 36.13 22.10 60.75
C TYR E 88 34.68 22.30 61.18
N CYS E 89 34.04 23.32 60.60
CA CYS E 89 32.64 23.62 60.84
C CYS E 89 31.80 23.18 59.65
N ALA E 90 30.63 22.61 59.94
CA ALA E 90 29.74 22.10 58.90
C ALA E 90 28.31 22.47 59.23
N ALA E 91 27.53 22.78 58.19
CA ALA E 91 26.13 23.14 58.36
C ALA E 91 25.41 22.87 57.05
N TRP E 92 24.15 22.46 57.15
CA TRP E 92 23.32 22.17 55.99
C TRP E 92 22.49 23.40 55.65
N ASP E 93 22.71 23.96 54.45
CA ASP E 93 21.96 25.12 54.02
C ASP E 93 20.61 24.70 53.45
N ASP E 94 19.65 25.64 53.50
CA ASP E 94 18.30 25.36 53.03
C ASP E 94 18.22 25.23 51.51
N SER E 95 19.31 25.50 50.78
CA SER E 95 19.34 25.37 49.34
C SER E 95 19.83 24.00 48.87
N LEU E 96 19.64 22.97 49.69
CA LEU E 96 20.04 21.60 49.37
C LEU E 96 21.54 21.51 49.08
N ASN E 97 22.33 21.84 50.10
CA ASN E 97 23.79 21.78 50.00
C ASN E 97 24.37 21.68 51.40
N TRP E 98 25.60 21.19 51.46
CA TRP E 98 26.34 21.01 52.72
C TRP E 98 27.63 21.80 52.62
N VAL E 99 27.65 22.98 53.22
CA VAL E 99 28.82 23.85 53.21
C VAL E 99 29.72 23.49 54.39
N PHE E 100 31.00 23.28 54.10
CA PHE E 100 31.98 22.93 55.12
C PHE E 100 32.85 24.15 55.45
N GLY E 101 33.62 24.01 56.52
CA GLY E 101 34.50 25.07 56.97
C GLY E 101 35.82 25.07 56.24
N GLY E 102 36.77 25.81 56.79
CA GLY E 102 38.09 25.91 56.20
C GLY E 102 39.17 25.22 57.00
N GLY E 103 39.01 25.19 58.32
CA GLY E 103 39.98 24.57 59.20
C GLY E 103 40.64 25.54 60.15
N THR E 104 40.91 25.09 61.37
CA THR E 104 41.52 25.92 62.41
C THR E 104 42.78 25.24 62.90
N LYS E 105 43.94 25.78 62.52
CA LYS E 105 45.23 25.23 62.94
C LYS E 105 45.50 25.66 64.39
N LEU E 106 44.86 24.94 65.30
CA LEU E 106 45.00 25.20 66.73
C LEU E 106 46.24 24.46 67.25
N THR E 107 47.40 24.94 66.81
CA THR E 107 48.68 24.36 67.18
C THR E 107 49.27 25.07 68.39
N VAL E 108 49.85 24.29 69.29
CA VAL E 108 50.48 24.81 70.51
C VAL E 108 51.80 24.08 70.70
N LEU E 109 52.90 24.82 70.70
CA LEU E 109 54.23 24.24 70.87
C LEU E 109 54.66 24.33 72.34
N GLY E 110 53.85 23.73 73.21
CA GLY E 110 54.12 23.73 74.63
C GLY E 110 53.94 25.09 75.29
N GLU E 125 32.72 -1.27 67.14
CA GLU E 125 33.91 -1.08 66.32
C GLU E 125 33.69 -1.69 64.93
N VAL E 126 33.31 -0.84 63.98
CA VAL E 126 33.06 -1.25 62.60
C VAL E 126 34.00 -0.46 61.70
N GLN E 127 34.71 -1.16 60.82
CA GLN E 127 35.64 -0.53 59.91
C GLN E 127 34.89 -0.03 58.68
N LEU E 128 35.20 1.21 58.26
CA LEU E 128 34.57 1.83 57.10
C LEU E 128 35.62 2.11 56.02
N VAL E 129 36.52 1.15 55.79
CA VAL E 129 37.56 1.33 54.80
C VAL E 129 36.97 1.20 53.40
N GLU E 130 37.46 2.03 52.47
CA GLU E 130 37.01 2.03 51.10
C GLU E 130 38.21 2.06 50.17
N SER E 131 37.96 1.85 48.89
CA SER E 131 39.01 1.87 47.87
C SER E 131 38.37 2.18 46.52
N GLY E 132 39.18 2.14 45.47
CA GLY E 132 38.70 2.40 44.14
C GLY E 132 39.35 3.63 43.51
N GLY E 133 40.54 3.98 43.96
CA GLY E 133 41.25 5.13 43.45
C GLY E 133 42.17 4.80 42.29
N GLY E 134 43.37 5.34 42.31
CA GLY E 134 44.33 5.08 41.25
C GLY E 134 44.27 6.12 40.15
N VAL E 135 45.44 6.35 39.52
CA VAL E 135 45.53 7.31 38.43
C VAL E 135 44.86 6.73 37.19
N VAL E 136 43.99 7.52 36.57
CA VAL E 136 43.25 7.10 35.38
C VAL E 136 43.43 8.15 34.30
N GLN E 137 42.92 7.84 33.11
CA GLN E 137 42.98 8.77 31.99
C GLN E 137 42.07 9.96 32.25
N PRO E 138 42.52 11.18 31.96
CA PRO E 138 41.65 12.35 32.14
C PRO E 138 40.44 12.29 31.23
N GLY E 139 39.41 13.05 31.61
CA GLY E 139 38.15 13.01 30.91
C GLY E 139 37.21 11.97 31.49
N GLY E 140 37.64 10.71 31.47
CA GLY E 140 36.90 9.64 32.08
C GLY E 140 37.40 9.33 33.49
N SER E 141 36.76 8.35 34.10
CA SER E 141 37.09 7.93 35.46
C SER E 141 36.52 6.54 35.69
N LEU E 142 36.65 6.05 36.92
CA LEU E 142 36.15 4.74 37.33
C LEU E 142 35.13 4.93 38.45
N ARG E 143 34.67 3.81 39.01
CA ARG E 143 33.70 3.82 40.09
C ARG E 143 34.40 3.88 41.44
N LEU E 144 33.70 4.45 42.42
CA LEU E 144 34.21 4.56 43.78
C LEU E 144 33.42 3.59 44.67
N SER E 145 34.13 2.61 45.23
CA SER E 145 33.50 1.59 46.04
C SER E 145 33.76 1.84 47.53
N CYS E 146 33.01 1.12 48.36
CA CYS E 146 33.15 1.21 49.80
C CYS E 146 32.57 -0.06 50.41
N ALA E 147 32.92 -0.31 51.68
CA ALA E 147 32.47 -1.53 52.35
C ALA E 147 32.49 -1.30 53.85
N ALA E 148 31.92 -2.25 54.58
CA ALA E 148 31.87 -2.21 56.03
C ALA E 148 31.71 -3.64 56.53
N SER E 149 31.37 -3.79 57.81
CA SER E 149 31.21 -5.12 58.40
C SER E 149 30.11 -5.04 59.47
N GLY E 150 28.88 -5.37 59.05
CA GLY E 150 27.74 -5.44 59.95
C GLY E 150 27.47 -4.17 60.74
N PHE E 151 27.05 -3.10 60.06
CA PHE E 151 26.74 -1.84 60.72
C PHE E 151 25.33 -1.35 60.37
N ARG E 152 24.46 -2.24 59.91
CA ARG E 152 23.06 -1.92 59.59
C ARG E 152 23.00 -0.80 58.54
N PHE E 153 23.49 -1.14 57.35
CA PHE E 153 23.57 -0.19 56.25
C PHE E 153 22.21 0.38 55.89
N ASP E 154 21.14 -0.39 56.12
CA ASP E 154 19.81 0.08 55.75
C ASP E 154 19.32 1.20 56.67
N ASP E 155 19.71 1.16 57.95
CA ASP E 155 19.26 2.14 58.92
C ASP E 155 20.28 3.26 59.14
N HIS E 156 21.17 3.49 58.18
CA HIS E 156 22.17 4.54 58.29
C HIS E 156 22.43 5.14 56.92
N ALA E 157 22.84 6.39 56.91
CA ALA E 157 23.15 7.12 55.69
C ALA E 157 24.67 7.21 55.50
N MET E 158 25.06 7.53 54.28
CA MET E 158 26.48 7.64 53.92
C MET E 158 26.72 8.97 53.22
N HIS E 159 27.87 9.57 53.52
CA HIS E 159 28.27 10.84 52.93
C HIS E 159 29.61 10.68 52.21
N TRP E 160 29.84 11.57 51.25
CA TRP E 160 31.10 11.63 50.50
C TRP E 160 31.75 12.97 50.80
N VAL E 161 32.70 12.97 51.74
CA VAL E 161 33.42 14.17 52.14
C VAL E 161 34.88 13.96 51.76
N ARG E 162 35.27 14.43 50.59
CA ARG E 162 36.64 14.29 50.10
C ARG E 162 37.53 15.36 50.70
N GLN E 163 38.83 15.08 50.71
CA GLN E 163 39.82 15.99 51.27
C GLN E 163 41.05 15.99 50.39
N ALA E 164 41.36 17.13 49.78
CA ALA E 164 42.55 17.26 48.98
C ALA E 164 43.79 17.27 49.87
N PRO E 165 44.93 16.78 49.38
CA PRO E 165 46.15 16.80 50.19
C PRO E 165 46.57 18.22 50.53
N GLY E 166 46.54 18.53 51.83
CA GLY E 166 46.89 19.84 52.31
C GLY E 166 45.74 20.83 52.38
N LYS E 167 44.68 20.62 51.60
CA LYS E 167 43.54 21.53 51.58
C LYS E 167 42.50 21.05 52.59
N GLY E 168 41.32 21.69 52.58
CA GLY E 168 40.25 21.35 53.49
C GLY E 168 39.37 20.25 52.95
N LEU E 169 38.21 20.10 53.59
CA LEU E 169 37.23 19.09 53.23
C LEU E 169 35.98 19.75 52.65
N GLU E 170 35.24 18.98 51.86
CA GLU E 170 34.02 19.47 51.25
C GLU E 170 33.10 18.28 50.96
N TRP E 171 31.79 18.55 50.98
CA TRP E 171 30.78 17.52 50.79
C TRP E 171 30.48 17.35 49.30
N VAL E 172 30.40 16.10 48.86
CA VAL E 172 30.19 15.79 47.44
C VAL E 172 28.74 15.39 47.20
N SER E 173 28.31 14.30 47.83
CA SER E 173 26.96 13.79 47.64
C SER E 173 26.50 13.09 48.92
N VAL E 174 25.21 12.76 48.94
CA VAL E 174 24.59 12.13 50.11
C VAL E 174 23.60 11.08 49.62
N ILE E 175 23.57 9.94 50.32
CA ILE E 175 22.61 8.88 50.06
C ILE E 175 21.90 8.57 51.37
N SER E 176 20.57 8.48 51.32
CA SER E 176 19.78 8.21 52.51
C SER E 176 19.68 6.71 52.75
N GLY E 177 19.31 6.35 53.98
CA GLY E 177 19.16 4.95 54.32
C GLY E 177 18.00 4.28 53.60
N ASP E 178 16.98 5.06 53.23
CA ASP E 178 15.86 4.48 52.49
C ASP E 178 16.25 4.17 51.05
N GLY E 179 17.16 4.94 50.47
CA GLY E 179 17.59 4.72 49.11
C GLY E 179 16.76 5.42 48.05
N GLY E 180 16.11 6.52 48.39
CA GLY E 180 15.27 7.23 47.44
C GLY E 180 15.91 8.48 46.88
N SER E 181 15.51 9.64 47.38
CA SER E 181 16.03 10.91 46.89
C SER E 181 17.47 11.12 47.34
N THR E 182 18.30 11.63 46.44
CA THR E 182 19.69 11.94 46.74
C THR E 182 19.99 13.37 46.31
N TYR E 183 21.05 13.93 46.87
CA TYR E 183 21.46 15.31 46.58
C TYR E 183 22.94 15.35 46.27
N TYR E 184 23.32 16.28 45.39
CA TYR E 184 24.69 16.50 44.99
C TYR E 184 25.10 17.93 45.31
N ALA E 185 26.40 18.21 45.17
CA ALA E 185 26.91 19.54 45.41
C ALA E 185 26.65 20.44 44.21
N ASP E 186 27.13 21.69 44.30
CA ASP E 186 26.92 22.65 43.22
C ASP E 186 27.84 22.41 42.04
N SER E 187 28.94 21.68 42.22
CA SER E 187 29.88 21.42 41.14
C SER E 187 29.84 19.98 40.63
N VAL E 188 29.40 19.02 41.44
CA VAL E 188 29.36 17.62 41.04
C VAL E 188 27.95 17.19 40.62
N LYS E 189 27.04 18.14 40.45
CA LYS E 189 25.67 17.81 40.09
C LYS E 189 25.60 17.43 38.61
N GLY E 190 24.83 16.38 38.32
CA GLY E 190 24.64 15.94 36.95
C GLY E 190 25.61 14.87 36.51
N ARG E 191 26.90 15.16 36.61
CA ARG E 191 27.94 14.25 36.16
C ARG E 191 28.31 13.19 37.19
N PHE E 192 27.54 13.07 38.27
CA PHE E 192 27.76 12.07 39.31
C PHE E 192 26.51 11.23 39.49
N SER E 193 26.71 9.95 39.77
CA SER E 193 25.60 9.01 39.97
C SER E 193 25.94 8.12 41.16
N ILE E 194 25.21 8.30 42.27
CA ILE E 194 25.41 7.53 43.49
C ILE E 194 24.19 6.66 43.72
N SER E 195 24.43 5.40 44.07
CA SER E 195 23.34 4.45 44.31
C SER E 195 23.89 3.30 45.16
N ARG E 196 22.96 2.45 45.59
CA ARG E 196 23.33 1.28 46.40
C ARG E 196 22.79 0.00 45.76
N ASP E 197 22.91 -1.12 46.47
CA ASP E 197 22.45 -2.40 45.96
C ASP E 197 21.91 -3.24 47.12
N ASP E 198 21.20 -4.30 46.78
CA ASP E 198 20.64 -5.20 47.77
C ASP E 198 21.66 -6.18 48.34
N SER E 199 22.92 -6.07 47.94
CA SER E 199 23.97 -6.96 48.42
C SER E 199 24.45 -6.49 49.80
N LYS E 200 25.59 -7.02 50.24
CA LYS E 200 26.13 -6.63 51.54
C LYS E 200 26.52 -5.16 51.55
N ASN E 201 27.02 -4.72 52.71
CA ASN E 201 27.35 -3.32 52.92
C ASN E 201 28.33 -2.83 51.86
N SER E 202 27.87 -1.89 51.04
CA SER E 202 28.67 -1.36 49.94
C SER E 202 28.06 -0.03 49.50
N LEU E 203 28.81 0.67 48.65
CA LEU E 203 28.37 1.96 48.13
C LEU E 203 29.12 2.25 46.84
N TYR E 204 28.39 2.53 45.77
CA TYR E 204 28.96 2.77 44.45
C TYR E 204 28.73 4.22 44.06
N LEU E 205 29.79 4.90 43.64
CA LEU E 205 29.73 6.29 43.19
C LEU E 205 30.42 6.39 41.84
N GLN E 206 29.64 6.70 40.80
CA GLN E 206 30.15 6.83 39.44
C GLN E 206 30.48 8.29 39.16
N MET E 207 31.66 8.54 38.61
CA MET E 207 32.12 9.87 38.27
C MET E 207 32.19 10.03 36.75
N ASN E 208 31.79 11.21 36.27
CA ASN E 208 31.83 11.51 34.85
C ASN E 208 32.30 12.95 34.65
N SER E 209 32.74 13.24 33.43
CA SER E 209 33.23 14.56 33.04
C SER E 209 34.36 15.01 33.97
N LEU E 210 35.45 14.24 33.93
CA LEU E 210 36.61 14.54 34.77
C LEU E 210 37.33 15.78 34.25
N ARG E 211 37.50 16.77 35.14
CA ARG E 211 38.17 18.01 34.79
C ARG E 211 39.53 18.15 35.47
N THR E 212 40.09 17.05 35.95
CA THR E 212 41.41 16.92 36.58
C THR E 212 41.49 17.63 37.93
N GLU E 213 40.46 18.34 38.36
CA GLU E 213 40.43 18.99 39.68
C GLU E 213 39.74 18.10 40.71
N ASP E 214 40.20 16.85 40.83
CA ASP E 214 39.58 15.91 41.76
C ASP E 214 40.61 15.18 42.60
N THR E 215 41.79 15.75 42.82
CA THR E 215 42.81 15.11 43.64
C THR E 215 42.44 15.19 45.11
N ALA E 216 41.79 14.15 45.62
CA ALA E 216 41.35 14.11 47.01
C ALA E 216 41.37 12.67 47.49
N LEU E 217 40.70 12.42 48.62
CA LEU E 217 40.67 11.08 49.22
C LEU E 217 39.30 10.42 49.13
N TYR E 218 38.21 11.19 49.08
CA TYR E 218 36.86 10.65 48.95
C TYR E 218 36.52 9.70 50.10
N TYR E 219 36.48 10.27 51.30
CA TYR E 219 36.16 9.50 52.50
C TYR E 219 34.75 8.91 52.41
N CYS E 220 34.63 7.63 52.73
CA CYS E 220 33.33 6.95 52.80
C CYS E 220 32.76 7.20 54.19
N ALA E 221 32.17 8.38 54.35
CA ALA E 221 31.69 8.82 55.65
C ALA E 221 30.43 8.09 56.06
N LYS E 222 30.38 7.68 57.33
CA LYS E 222 29.22 7.01 57.89
C LYS E 222 28.41 7.99 58.73
N ASP E 223 27.08 7.90 58.60
CA ASP E 223 26.16 8.75 59.33
C ASP E 223 25.28 7.90 60.24
N ARG E 224 24.40 8.57 60.99
CA ARG E 224 23.50 7.90 61.92
C ARG E 224 22.03 8.08 61.59
N SER E 225 21.67 9.09 60.80
CA SER E 225 20.27 9.31 60.46
C SER E 225 19.80 8.30 59.41
N TYR E 226 18.53 8.40 59.04
CA TYR E 226 17.93 7.49 58.05
C TYR E 226 17.63 8.19 56.73
N GLY E 227 16.88 9.30 56.77
CA GLY E 227 16.58 10.04 55.58
C GLY E 227 17.66 11.03 55.23
N PRO E 228 17.42 11.78 54.15
CA PRO E 228 18.40 12.80 53.75
C PRO E 228 18.42 13.94 54.76
N PRO E 229 19.59 14.56 54.98
CA PRO E 229 19.68 15.63 55.97
C PRO E 229 19.01 16.92 55.51
N ASP E 230 17.72 16.85 55.19
CA ASP E 230 16.96 18.04 54.80
C ASP E 230 15.68 18.16 55.62
N VAL E 231 15.15 17.02 56.06
CA VAL E 231 13.93 17.00 56.86
C VAL E 231 14.32 16.88 58.33
N PHE E 232 15.44 16.22 58.61
CA PHE E 232 15.95 16.05 59.97
C PHE E 232 17.07 17.07 60.17
N ASN E 233 16.71 18.25 60.67
CA ASN E 233 17.65 19.35 60.88
C ASN E 233 18.17 19.41 62.30
N TYR E 234 17.98 18.36 63.08
CA TYR E 234 18.49 18.34 64.45
C TYR E 234 19.19 17.03 64.83
N GLU E 235 19.03 15.96 64.04
CA GLU E 235 19.67 14.69 64.31
C GLU E 235 20.81 14.36 63.35
N TYR E 236 20.90 15.09 62.23
CA TYR E 236 21.93 14.79 61.23
C TYR E 236 23.32 15.01 61.81
N GLY E 237 24.21 14.05 61.58
CA GLY E 237 25.57 14.12 62.04
C GLY E 237 26.49 13.32 61.15
N MET E 238 27.51 12.71 61.74
CA MET E 238 28.45 11.89 61.00
C MET E 238 29.20 11.00 61.97
N ASP E 239 29.14 9.68 61.75
CA ASP E 239 29.76 8.72 62.65
C ASP E 239 31.26 8.63 62.35
N VAL E 240 31.91 7.60 62.89
CA VAL E 240 33.35 7.43 62.70
C VAL E 240 33.68 7.31 61.22
N TRP E 241 34.78 7.94 60.82
CA TRP E 241 35.20 7.96 59.43
C TRP E 241 35.86 6.63 59.06
N GLY E 242 36.44 6.56 57.87
CA GLY E 242 37.11 5.36 57.43
C GLY E 242 38.35 5.69 56.63
N GLN E 243 39.27 4.72 56.56
CA GLN E 243 40.51 4.89 55.83
C GLN E 243 40.23 4.93 54.34
N GLY E 244 40.50 6.07 53.70
CA GLY E 244 40.25 6.23 52.29
C GLY E 244 41.49 6.07 51.44
N THR E 245 41.27 5.85 50.15
CA THR E 245 42.35 5.70 49.19
C THR E 245 42.78 7.06 48.64
N THR E 246 44.03 7.13 48.19
CA THR E 246 44.59 8.37 47.64
C THR E 246 44.54 8.29 46.12
N VAL E 247 43.52 8.90 45.54
CA VAL E 247 43.36 8.93 44.08
C VAL E 247 43.94 10.25 43.57
N THR E 248 44.95 10.14 42.70
CA THR E 248 45.62 11.30 42.12
C THR E 248 45.60 11.14 40.60
N VAL E 249 44.66 11.83 39.95
CA VAL E 249 44.56 11.74 38.49
C VAL E 249 45.74 12.44 37.83
N SER E 250 45.99 13.70 38.23
CA SER E 250 47.11 14.50 37.71
C SER E 250 47.09 14.61 36.19
N SER E 251 45.88 14.64 35.62
CA SER E 251 45.69 14.74 34.17
C SER E 251 46.40 13.61 33.41
N VAL F 3 30.23 37.55 -6.31
CA VAL F 3 30.14 37.04 -7.67
C VAL F 3 31.47 37.21 -8.40
N LEU F 4 32.03 36.09 -8.85
CA LEU F 4 33.30 36.08 -9.56
C LEU F 4 33.08 35.71 -11.02
N THR F 5 34.16 35.80 -11.80
CA THR F 5 34.14 35.50 -13.23
C THR F 5 35.06 34.33 -13.51
N GLN F 6 34.49 33.24 -14.02
CA GLN F 6 35.24 32.04 -14.37
C GLN F 6 34.76 31.53 -15.72
N PRO F 7 35.64 30.93 -16.51
CA PRO F 7 35.22 30.40 -17.81
C PRO F 7 34.29 29.21 -17.63
N PRO F 8 33.20 29.16 -18.42
CA PRO F 8 32.28 28.02 -18.32
C PRO F 8 32.96 26.67 -18.44
N SER F 9 33.76 26.47 -19.49
CA SER F 9 34.44 25.20 -19.72
C SER F 9 35.80 25.47 -20.34
N ALA F 10 36.65 24.44 -20.31
CA ALA F 10 38.00 24.54 -20.89
C ALA F 10 38.42 23.14 -21.29
N SER F 11 38.36 22.84 -22.59
CA SER F 11 38.72 21.53 -23.10
C SER F 11 39.66 21.56 -24.30
N GLY F 12 39.73 22.66 -25.04
CA GLY F 12 40.63 22.74 -26.17
C GLY F 12 42.09 22.76 -25.73
N SER F 13 42.95 22.13 -26.53
CA SER F 13 44.38 22.01 -26.26
C SER F 13 44.61 21.43 -24.87
N PRO F 14 44.35 20.14 -24.66
CA PRO F 14 44.47 19.56 -23.32
C PRO F 14 45.92 19.54 -22.84
N GLY F 15 46.15 20.17 -21.69
CA GLY F 15 47.45 20.14 -21.06
C GLY F 15 48.54 20.89 -21.78
N GLN F 16 48.20 21.78 -22.69
CA GLN F 16 49.20 22.57 -23.41
C GLN F 16 49.00 24.07 -23.26
N SER F 17 47.76 24.55 -23.34
CA SER F 17 47.48 25.98 -23.19
C SER F 17 46.19 26.22 -22.39
N VAL F 18 45.89 25.32 -21.44
CA VAL F 18 44.66 25.47 -20.66
C VAL F 18 44.75 26.69 -19.77
N THR F 19 45.70 26.69 -18.83
CA THR F 19 46.03 27.81 -17.92
C THR F 19 44.78 28.57 -17.47
N ILE F 20 43.86 27.81 -16.84
CA ILE F 20 42.63 28.43 -16.34
C ILE F 20 42.95 29.42 -15.23
N SER F 21 42.03 30.37 -15.05
CA SER F 21 42.16 31.40 -14.01
C SER F 21 40.76 31.83 -13.60
N CYS F 22 40.69 32.93 -12.84
CA CYS F 22 39.41 33.47 -12.38
C CYS F 22 39.53 35.00 -12.37
N THR F 23 38.95 35.64 -13.37
CA THR F 23 38.97 37.10 -13.47
C THR F 23 37.80 37.68 -12.68
N GLY F 24 37.56 38.97 -12.85
CA GLY F 24 36.48 39.64 -12.15
C GLY F 24 36.84 40.17 -10.78
N THR F 25 38.12 40.46 -10.52
CA THR F 25 38.54 40.99 -9.24
C THR F 25 38.57 42.53 -9.25
N SER F 26 39.18 43.11 -10.28
CA SER F 26 39.29 44.56 -10.44
C SER F 26 39.97 45.24 -9.27
N SER F 27 40.77 44.51 -8.51
CA SER F 27 41.48 45.07 -7.37
C SER F 27 42.77 44.28 -7.20
N ASP F 28 43.41 44.44 -6.03
CA ASP F 28 44.66 43.76 -5.71
C ASP F 28 44.44 42.66 -4.68
N PHE F 29 43.32 41.95 -4.79
CA PHE F 29 42.97 40.84 -3.90
C PHE F 29 42.90 41.29 -2.44
N GLY F 30 42.51 42.55 -2.22
CA GLY F 30 42.37 43.08 -0.86
C GLY F 30 43.68 43.16 -0.11
N GLY F 31 43.80 42.37 0.96
CA GLY F 31 45.00 42.37 1.78
C GLY F 31 45.90 41.19 1.50
N TYR F 32 45.83 40.17 2.36
CA TYR F 32 46.62 38.96 2.20
C TYR F 32 46.26 38.26 0.89
N ASN F 33 47.22 38.18 -0.04
CA ASN F 33 47.00 37.56 -1.34
C ASN F 33 47.11 36.05 -1.19
N SER F 34 45.98 35.44 -0.82
CA SER F 34 45.89 33.99 -0.63
C SER F 34 44.72 33.48 -1.47
N VAL F 35 45.03 33.02 -2.69
CA VAL F 35 44.04 32.49 -3.61
C VAL F 35 44.23 30.98 -3.66
N SER F 36 43.23 30.24 -3.17
CA SER F 36 43.29 28.79 -3.14
C SER F 36 42.61 28.20 -4.37
N TRP F 37 42.94 26.94 -4.65
CA TRP F 37 42.38 26.21 -5.78
C TRP F 37 41.92 24.84 -5.31
N TYR F 38 40.63 24.56 -5.46
CA TYR F 38 40.03 23.30 -5.04
C TYR F 38 39.68 22.47 -6.26
N GLN F 39 39.96 21.17 -6.19
CA GLN F 39 39.65 20.22 -7.25
C GLN F 39 38.39 19.45 -6.84
N GLN F 40 37.24 19.95 -7.27
CA GLN F 40 35.96 19.33 -6.94
C GLN F 40 35.75 18.13 -7.85
N HIS F 41 35.89 16.94 -7.29
CA HIS F 41 35.70 15.70 -8.04
C HIS F 41 34.38 15.05 -7.66
N PRO F 42 33.64 14.53 -8.64
CA PRO F 42 32.36 13.87 -8.32
C PRO F 42 32.58 12.63 -7.46
N GLY F 43 31.72 12.47 -6.46
CA GLY F 43 31.86 11.38 -5.52
C GLY F 43 32.45 11.81 -4.20
N LYS F 44 33.74 11.53 -4.00
CA LYS F 44 34.41 11.89 -2.77
C LYS F 44 34.54 13.41 -2.64
N ALA F 45 34.93 13.85 -1.45
CA ALA F 45 35.07 15.28 -1.19
C ALA F 45 36.25 15.85 -1.97
N PRO F 46 36.20 17.14 -2.31
CA PRO F 46 37.31 17.76 -3.03
C PRO F 46 38.59 17.76 -2.20
N LYS F 47 39.71 17.99 -2.89
CA LYS F 47 41.02 17.99 -2.27
C LYS F 47 41.75 19.27 -2.65
N LEU F 48 42.46 19.86 -1.68
CA LEU F 48 43.22 21.07 -1.93
C LEU F 48 44.38 20.80 -2.87
N MET F 49 44.61 21.73 -3.79
CA MET F 49 45.71 21.64 -4.74
C MET F 49 46.82 22.64 -4.44
N ILE F 50 46.46 23.90 -4.20
CA ILE F 50 47.44 24.93 -3.88
C ILE F 50 46.71 26.07 -3.17
N TYR F 51 47.37 26.65 -2.18
CA TYR F 51 46.78 27.68 -1.34
C TYR F 51 47.34 29.07 -1.63
N GLU F 52 48.65 29.20 -1.81
CA GLU F 52 49.28 30.47 -2.12
C GLU F 52 49.64 30.52 -3.60
N VAL F 53 50.33 31.59 -4.02
CA VAL F 53 50.78 31.68 -5.39
C VAL F 53 51.93 30.72 -5.67
N SER F 54 52.61 30.26 -4.62
CA SER F 54 53.71 29.30 -4.77
C SER F 54 53.69 28.38 -3.54
N LYS F 55 54.76 27.61 -3.38
CA LYS F 55 54.90 26.68 -2.25
C LYS F 55 53.74 25.69 -2.21
N ARG F 56 53.65 24.88 -3.26
CA ARG F 56 52.59 23.88 -3.35
C ARG F 56 52.73 22.86 -2.23
N PRO F 57 51.60 22.36 -1.70
CA PRO F 57 51.67 21.38 -0.61
C PRO F 57 52.10 20.00 -1.09
N SER F 58 52.11 19.03 -0.17
CA SER F 58 52.50 17.66 -0.51
C SER F 58 51.44 17.04 -1.41
N GLY F 59 51.77 16.88 -2.69
CA GLY F 59 50.85 16.29 -3.64
C GLY F 59 51.45 16.10 -5.01
N VAL F 60 50.65 16.32 -6.05
CA VAL F 60 51.16 16.21 -7.42
C VAL F 60 52.09 17.37 -7.72
N PRO F 61 53.30 17.13 -8.23
CA PRO F 61 54.24 18.22 -8.49
C PRO F 61 54.19 18.79 -9.90
N ASP F 62 53.21 18.40 -10.73
CA ASP F 62 53.10 18.89 -12.09
C ASP F 62 52.10 20.02 -12.22
N ARG F 63 51.72 20.66 -11.11
CA ARG F 63 50.80 21.80 -11.13
C ARG F 63 51.33 22.83 -10.13
N PHE F 64 52.01 23.85 -10.65
CA PHE F 64 52.58 24.89 -9.81
C PHE F 64 52.60 26.19 -10.62
N SER F 65 53.37 27.18 -10.14
CA SER F 65 53.52 28.47 -10.81
C SER F 65 52.18 29.17 -10.96
N GLY F 66 51.53 29.40 -9.82
CA GLY F 66 50.26 30.11 -9.80
C GLY F 66 50.43 31.60 -9.60
N SER F 67 51.15 32.24 -10.52
CA SER F 67 51.40 33.67 -10.41
C SER F 67 50.14 34.48 -10.67
N LYS F 68 50.04 35.63 -10.02
CA LYS F 68 48.89 36.52 -10.15
C LYS F 68 49.17 37.51 -11.29
N SER F 69 48.81 37.12 -12.50
CA SER F 69 49.00 37.96 -13.67
C SER F 69 47.87 38.99 -13.77
N GLY F 70 48.23 40.26 -13.71
CA GLY F 70 47.25 41.32 -13.77
C GLY F 70 46.37 41.39 -12.53
N ASN F 71 45.10 41.03 -12.69
CA ASN F 71 44.15 41.03 -11.57
C ASN F 71 43.53 39.65 -11.38
N THR F 72 44.24 38.61 -11.82
CA THR F 72 43.75 37.25 -11.69
C THR F 72 44.93 36.31 -11.46
N ALA F 73 44.67 35.19 -10.78
CA ALA F 73 45.70 34.19 -10.50
C ALA F 73 45.68 33.16 -11.62
N SER F 74 46.72 33.18 -12.46
CA SER F 74 46.84 32.25 -13.59
C SER F 74 47.56 31.01 -13.10
N LEU F 75 46.80 29.99 -12.71
CA LEU F 75 47.36 28.73 -12.25
C LEU F 75 47.84 27.92 -13.45
N THR F 76 49.16 27.76 -13.57
CA THR F 76 49.73 27.00 -14.67
C THR F 76 49.42 25.52 -14.50
N VAL F 77 48.56 24.98 -15.36
CA VAL F 77 48.16 23.58 -15.31
C VAL F 77 48.66 22.79 -16.50
N SER F 78 49.34 23.44 -17.45
CA SER F 78 49.84 22.75 -18.62
C SER F 78 50.90 21.72 -18.24
N GLY F 79 50.94 20.63 -18.99
CA GLY F 79 51.88 19.56 -18.71
C GLY F 79 51.56 18.72 -17.50
N LEU F 80 50.31 18.74 -17.04
CA LEU F 80 49.92 17.97 -15.86
C LEU F 80 49.62 16.52 -16.24
N GLN F 81 48.58 16.31 -17.02
CA GLN F 81 48.16 14.98 -17.48
C GLN F 81 47.13 15.16 -18.57
N ALA F 82 46.61 14.05 -19.09
CA ALA F 82 45.66 14.07 -20.19
C ALA F 82 44.44 13.19 -19.88
N GLU F 83 44.12 13.03 -18.59
CA GLU F 83 42.95 12.25 -18.19
C GLU F 83 42.49 12.78 -16.83
N ASP F 84 41.42 13.56 -16.83
CA ASP F 84 40.90 14.14 -15.60
C ASP F 84 39.44 14.53 -15.81
N GLU F 85 38.62 14.30 -14.78
CA GLU F 85 37.20 14.66 -14.79
C GLU F 85 36.87 15.26 -13.43
N ALA F 86 37.02 16.58 -13.32
CA ALA F 86 36.77 17.29 -12.06
C ALA F 86 36.43 18.74 -12.40
N ASP F 87 36.29 19.56 -11.37
CA ASP F 87 35.97 20.96 -11.51
C ASP F 87 36.90 21.78 -10.62
N TYR F 88 37.55 22.78 -11.21
CA TYR F 88 38.48 23.64 -10.49
C TYR F 88 37.76 24.91 -10.05
N TYR F 89 37.92 25.26 -8.77
CA TYR F 89 37.35 26.46 -8.20
C TYR F 89 38.44 27.29 -7.54
N CYS F 90 38.35 28.61 -7.69
CA CYS F 90 39.30 29.53 -7.11
C CYS F 90 38.61 30.39 -6.06
N SER F 91 39.40 30.87 -5.10
CA SER F 91 38.89 31.67 -3.99
C SER F 91 39.57 33.04 -4.00
N SER F 92 38.77 34.07 -3.79
CA SER F 92 39.26 35.45 -3.77
C SER F 92 38.27 36.29 -2.98
N TYR F 93 38.40 37.62 -3.09
CA TYR F 93 37.52 38.58 -2.42
C TYR F 93 37.56 38.37 -0.90
N ALA F 94 38.74 38.63 -0.34
CA ALA F 94 39.03 38.39 1.06
C ALA F 94 38.58 39.53 1.97
N GLY F 95 37.63 40.35 1.54
CA GLY F 95 37.14 41.43 2.37
C GLY F 95 36.53 40.93 3.66
N SER F 96 36.42 41.84 4.63
CA SER F 96 35.93 41.52 5.96
C SER F 96 34.47 41.07 5.93
N ASN F 97 34.23 39.82 6.33
CA ASN F 97 32.89 39.23 6.42
C ASN F 97 32.18 39.30 5.06
N ASN F 98 32.77 38.63 4.07
CA ASN F 98 32.21 38.55 2.72
C ASN F 98 32.20 37.09 2.30
N PHE F 99 31.01 36.50 2.22
CA PHE F 99 30.86 35.10 1.87
C PHE F 99 30.84 34.95 0.35
N ASP F 100 30.51 33.74 -0.12
CA ASP F 100 30.46 33.42 -1.55
C ASP F 100 31.79 33.69 -2.23
N VAL F 101 32.88 33.24 -1.59
CA VAL F 101 34.22 33.45 -2.15
C VAL F 101 34.54 32.49 -3.28
N PHE F 102 33.73 31.45 -3.48
CA PHE F 102 33.97 30.49 -4.55
C PHE F 102 33.58 31.08 -5.91
N GLY F 103 33.85 30.32 -6.96
CA GLY F 103 33.52 30.70 -8.31
C GLY F 103 32.52 29.75 -8.96
N THR F 104 32.20 30.08 -10.21
CA THR F 104 31.26 29.26 -10.97
C THR F 104 31.93 27.97 -11.42
N GLY F 105 31.09 27.02 -11.86
CA GLY F 105 31.58 25.73 -12.31
C GLY F 105 32.38 25.81 -13.59
N THR F 106 33.68 25.51 -13.50
CA THR F 106 34.58 25.53 -14.65
C THR F 106 34.90 24.09 -15.03
N LYS F 107 34.48 23.68 -16.23
CA LYS F 107 34.73 22.32 -16.70
C LYS F 107 36.13 22.26 -17.30
N VAL F 108 37.07 21.75 -16.53
CA VAL F 108 38.47 21.67 -16.94
C VAL F 108 38.85 20.26 -17.38
N THR F 109 37.86 19.45 -17.79
CA THR F 109 38.13 18.10 -18.24
C THR F 109 38.99 18.11 -19.51
N VAL F 110 40.24 17.65 -19.39
CA VAL F 110 41.13 17.63 -20.54
C VAL F 110 40.78 16.49 -21.49
N LEU F 111 40.16 15.43 -20.97
CA LEU F 111 39.76 14.29 -21.79
C LEU F 111 38.26 14.07 -21.79
N GLY F 112 37.62 14.14 -20.63
CA GLY F 112 36.18 13.95 -20.55
C GLY F 112 35.79 12.51 -20.29
N GLY F 113 36.12 11.63 -21.24
CA GLY F 113 35.79 10.22 -21.10
C GLY F 113 36.63 9.51 -20.06
N GLY F 114 37.94 9.49 -20.26
CA GLY F 114 38.85 8.84 -19.33
C GLY F 114 39.92 9.76 -18.80
N GLY F 124 43.07 11.59 2.75
CA GLY F 124 41.88 12.17 3.34
C GLY F 124 40.99 11.15 4.03
N GLY F 125 41.23 9.87 3.73
CA GLY F 125 40.42 8.81 4.30
C GLY F 125 40.71 8.54 5.76
N SER F 126 41.93 8.13 6.07
CA SER F 126 42.33 7.80 7.43
C SER F 126 43.23 8.86 8.05
N GLU F 127 43.21 10.08 7.53
CA GLU F 127 44.02 11.16 8.06
C GLU F 127 43.63 11.48 9.51
N VAL F 128 42.41 11.96 9.72
CA VAL F 128 41.94 12.25 11.06
C VAL F 128 40.65 11.48 11.34
N GLN F 129 39.59 11.77 10.57
CA GLN F 129 38.28 11.15 10.71
C GLN F 129 37.37 11.69 9.61
N LEU F 130 36.28 10.98 9.36
CA LEU F 130 35.26 11.44 8.42
C LEU F 130 33.93 10.79 8.79
N VAL F 131 33.02 11.57 9.38
CA VAL F 131 31.70 11.08 9.75
C VAL F 131 30.68 12.17 9.50
N GLU F 132 29.43 11.76 9.27
CA GLU F 132 28.33 12.69 9.05
C GLU F 132 27.10 12.14 9.78
N SER F 133 25.94 12.72 9.50
CA SER F 133 24.69 12.30 10.11
C SER F 133 23.86 11.39 9.22
N GLY F 134 23.99 11.50 7.90
CA GLY F 134 23.20 10.69 6.99
C GLY F 134 21.74 11.07 6.97
N GLY F 135 21.45 12.29 6.50
CA GLY F 135 20.09 12.78 6.48
C GLY F 135 19.26 12.24 5.33
N GLY F 136 18.92 10.95 5.39
CA GLY F 136 18.10 10.35 4.34
C GLY F 136 16.64 10.69 4.53
N LEU F 137 16.02 11.21 3.47
CA LEU F 137 14.60 11.57 3.46
C LEU F 137 14.30 12.60 4.56
N ILE F 138 14.91 13.77 4.43
CA ILE F 138 14.75 14.83 5.41
C ILE F 138 13.35 15.44 5.28
N GLN F 139 12.62 15.46 6.38
CA GLN F 139 11.32 16.10 6.40
C GLN F 139 11.48 17.61 6.27
N PRO F 140 10.67 18.26 5.43
CA PRO F 140 10.80 19.72 5.27
C PRO F 140 10.50 20.45 6.58
N GLY F 141 11.52 21.11 7.11
CA GLY F 141 11.40 21.79 8.39
C GLY F 141 12.08 21.03 9.50
N GLY F 142 11.57 21.16 10.72
CA GLY F 142 12.14 20.45 11.85
C GLY F 142 13.52 20.98 12.20
N SER F 143 14.35 20.09 12.75
CA SER F 143 15.70 20.44 13.17
C SER F 143 16.57 19.19 13.12
N LEU F 144 17.43 19.10 12.11
CA LEU F 144 18.34 17.97 11.95
C LEU F 144 19.76 18.42 12.26
N ARG F 145 20.50 17.58 12.97
CA ARG F 145 21.85 17.91 13.41
C ARG F 145 22.85 17.05 12.65
N LEU F 146 23.90 17.68 12.13
CA LEU F 146 24.96 16.99 11.40
C LEU F 146 26.29 17.26 12.10
N SER F 147 27.03 16.20 12.39
CA SER F 147 28.28 16.29 13.12
C SER F 147 29.43 15.74 12.29
N CYS F 148 30.63 16.15 12.66
CA CYS F 148 31.89 15.72 12.03
C CYS F 148 32.91 15.36 13.08
N ALA F 149 32.51 14.51 14.02
CA ALA F 149 33.37 14.06 15.12
C ALA F 149 34.73 13.59 14.60
N ALA F 150 35.79 14.23 15.10
CA ALA F 150 37.15 13.94 14.67
C ALA F 150 37.93 13.42 15.87
N SER F 151 38.37 12.17 15.81
CA SER F 151 39.17 11.57 16.87
C SER F 151 40.62 12.01 16.85
N GLY F 152 41.03 12.79 15.85
CA GLY F 152 42.39 13.26 15.75
C GLY F 152 42.54 14.71 16.19
N PHE F 153 42.58 15.62 15.21
CA PHE F 153 42.68 17.04 15.50
C PHE F 153 41.50 17.49 16.36
N THR F 154 41.77 18.47 17.22
CA THR F 154 40.74 18.96 18.14
C THR F 154 39.60 19.61 17.36
N VAL F 155 38.37 19.27 17.74
CA VAL F 155 37.18 19.76 17.05
C VAL F 155 36.67 21.01 17.75
N SER F 156 37.43 21.51 18.73
CA SER F 156 37.01 22.65 19.51
C SER F 156 38.03 23.79 19.54
N SER F 157 39.21 23.61 18.95
CA SER F 157 40.23 24.64 18.95
C SER F 157 40.52 25.22 17.57
N ASN F 158 40.47 24.42 16.52
CA ASN F 158 40.76 24.90 15.18
C ASN F 158 39.55 25.65 14.62
N TYR F 159 39.81 26.44 13.58
CA TYR F 159 38.78 27.26 12.93
C TYR F 159 38.21 26.47 11.76
N MET F 160 36.97 26.02 11.89
CA MET F 160 36.28 25.24 10.88
C MET F 160 35.17 26.06 10.24
N SER F 161 34.60 25.50 9.17
CA SER F 161 33.53 26.17 8.44
C SER F 161 32.64 25.11 7.80
N TRP F 162 31.53 25.58 7.22
CA TRP F 162 30.56 24.72 6.55
C TRP F 162 30.27 25.28 5.17
N VAL F 163 30.50 24.48 4.13
CA VAL F 163 30.27 24.88 2.76
C VAL F 163 29.43 23.81 2.08
N ARG F 164 28.36 24.22 1.41
CA ARG F 164 27.48 23.30 0.70
C ARG F 164 27.52 23.58 -0.80
N GLN F 165 27.17 22.57 -1.59
CA GLN F 165 27.13 22.68 -3.03
C GLN F 165 25.94 21.89 -3.56
N ALA F 166 25.26 22.45 -4.55
CA ALA F 166 24.11 21.82 -5.16
C ALA F 166 24.43 21.36 -6.58
N PRO F 167 23.71 20.34 -7.08
CA PRO F 167 23.92 19.91 -8.47
C PRO F 167 23.84 21.06 -9.47
N GLY F 168 24.91 21.27 -10.22
CA GLY F 168 24.97 22.35 -11.20
C GLY F 168 25.55 23.65 -10.69
N LYS F 169 25.10 24.11 -9.52
CA LYS F 169 25.59 25.35 -8.97
C LYS F 169 26.91 25.11 -8.23
N GLY F 170 27.68 26.18 -8.08
CA GLY F 170 28.97 26.12 -7.42
C GLY F 170 28.85 26.19 -5.91
N LEU F 171 30.01 26.12 -5.26
CA LEU F 171 30.08 26.18 -3.81
C LEU F 171 29.90 27.61 -3.32
N GLU F 172 29.60 27.74 -2.03
CA GLU F 172 29.44 29.05 -1.41
C GLU F 172 29.53 28.90 0.09
N TRP F 173 30.02 29.94 0.75
CA TRP F 173 30.21 29.93 2.19
C TRP F 173 28.85 29.97 2.90
N VAL F 174 28.62 29.02 3.80
CA VAL F 174 27.32 28.89 4.46
C VAL F 174 27.45 29.18 5.94
N SER F 175 28.61 28.89 6.53
CA SER F 175 28.79 29.05 7.96
C SER F 175 30.26 29.23 8.28
N VAL F 176 30.54 30.04 9.31
CA VAL F 176 31.89 30.27 9.81
C VAL F 176 31.82 30.35 11.32
N ILE F 177 32.70 29.60 12.00
CA ILE F 177 32.75 29.57 13.45
C ILE F 177 34.20 29.70 13.90
N TYR F 178 34.47 30.65 14.77
CA TYR F 178 35.81 30.90 15.29
C TYR F 178 36.10 30.02 16.50
N SER F 179 37.10 30.40 17.29
CA SER F 179 37.53 29.60 18.43
C SER F 179 36.42 29.40 19.45
N GLY F 180 35.99 30.46 20.12
CA GLY F 180 34.95 30.33 21.12
C GLY F 180 34.01 31.52 21.25
N GLY F 181 34.22 32.57 20.47
CA GLY F 181 33.48 33.79 20.67
C GLY F 181 32.95 34.45 19.41
N SER F 182 32.65 33.65 18.39
CA SER F 182 32.07 34.16 17.16
C SER F 182 31.16 33.11 16.55
N THR F 183 29.96 33.53 16.14
CA THR F 183 28.96 32.65 15.53
C THR F 183 28.39 33.33 14.29
N TYR F 184 29.26 33.85 13.43
CA TYR F 184 28.81 34.53 12.23
C TYR F 184 28.10 33.57 11.29
N TYR F 185 27.03 34.06 10.66
CA TYR F 185 26.26 33.29 9.69
C TYR F 185 26.37 33.94 8.32
N ALA F 186 26.07 33.14 7.28
CA ALA F 186 26.14 33.63 5.92
C ALA F 186 24.96 34.55 5.61
N ASP F 187 25.01 35.19 4.45
CA ASP F 187 23.95 36.09 4.03
C ASP F 187 22.76 35.35 3.43
N SER F 188 22.94 34.09 3.03
CA SER F 188 21.84 33.33 2.46
C SER F 188 20.78 33.01 3.52
N VAL F 189 21.22 32.57 4.70
CA VAL F 189 20.26 32.25 5.76
C VAL F 189 19.74 33.52 6.42
N LYS F 190 20.61 34.52 6.60
CA LYS F 190 20.24 35.83 7.14
C LYS F 190 19.64 35.74 8.54
N GLY F 191 19.88 34.64 9.26
CA GLY F 191 19.40 34.52 10.62
C GLY F 191 18.67 33.24 10.92
N ARG F 192 18.13 32.58 9.89
CA ARG F 192 17.38 31.35 10.10
C ARG F 192 18.27 30.17 10.46
N PHE F 193 19.59 30.34 10.46
CA PHE F 193 20.53 29.29 10.81
C PHE F 193 21.21 29.65 12.13
N THR F 194 21.19 28.72 13.08
CA THR F 194 21.78 28.92 14.41
C THR F 194 22.82 27.83 14.65
N ILE F 195 24.08 28.23 14.72
CA ILE F 195 25.16 27.30 14.98
C ILE F 195 25.30 27.09 16.48
N SER F 196 25.35 25.82 16.90
CA SER F 196 25.48 25.47 18.31
C SER F 196 26.54 24.39 18.45
N ARG F 197 27.58 24.69 19.23
CA ARG F 197 28.68 23.75 19.41
C ARG F 197 28.29 22.67 20.43
N ASP F 198 28.71 21.44 20.15
CA ASP F 198 28.48 20.32 21.04
C ASP F 198 29.53 20.35 22.16
N ASN F 199 29.64 19.25 22.90
CA ASN F 199 30.62 19.14 23.98
C ASN F 199 32.02 19.43 23.44
N SER F 200 32.82 20.15 24.25
CA SER F 200 34.14 20.60 23.83
C SER F 200 35.14 19.47 23.66
N GLU F 201 34.80 18.24 24.06
CA GLU F 201 35.74 17.13 23.95
C GLU F 201 35.15 15.94 23.21
N ASN F 202 33.97 16.07 22.62
CA ASN F 202 33.34 14.98 21.88
C ASN F 202 33.24 15.26 20.40
N THR F 203 32.59 16.35 20.00
CA THR F 203 32.39 16.67 18.59
C THR F 203 31.86 18.10 18.49
N LEU F 204 31.50 18.52 17.28
CA LEU F 204 30.90 19.82 17.03
C LEU F 204 29.89 19.64 15.91
N TYR F 205 28.61 19.80 16.22
CA TYR F 205 27.52 19.57 15.28
C TYR F 205 26.87 20.89 14.89
N LEU F 206 25.94 20.79 13.94
CA LEU F 206 25.23 21.94 13.40
C LEU F 206 23.73 21.79 13.68
N GLN F 207 22.94 22.73 13.16
CA GLN F 207 21.50 22.72 13.38
C GLN F 207 20.81 23.30 12.16
N MET F 208 19.71 22.67 11.74
CA MET F 208 19.01 23.10 10.54
C MET F 208 18.13 24.32 10.82
N ASN F 209 17.31 24.25 11.86
CA ASN F 209 16.44 25.36 12.29
C ASN F 209 15.47 25.77 11.18
N SER F 210 14.58 24.83 10.83
CA SER F 210 13.44 25.10 9.96
C SER F 210 13.89 25.64 8.59
N LEU F 211 14.54 24.76 7.83
CA LEU F 211 15.02 25.08 6.49
C LEU F 211 13.91 25.66 5.62
N ARG F 212 14.29 26.41 4.58
CA ARG F 212 13.35 27.07 3.69
C ARG F 212 13.41 26.48 2.28
N ALA F 213 13.52 25.15 2.19
CA ALA F 213 13.57 24.36 0.96
C ALA F 213 14.80 24.66 0.12
N GLU F 214 15.74 25.48 0.59
CA GLU F 214 16.97 25.76 -0.12
C GLU F 214 18.16 25.00 0.43
N ASP F 215 18.00 24.31 1.56
CA ASP F 215 19.08 23.54 2.18
C ASP F 215 19.17 22.12 1.63
N THR F 216 18.61 21.86 0.45
CA THR F 216 18.63 20.53 -0.14
C THR F 216 20.02 20.11 -0.58
N ALA F 217 20.94 21.06 -0.77
CA ALA F 217 22.28 20.73 -1.21
C ALA F 217 23.03 19.93 -0.16
N VAL F 218 24.03 19.18 -0.62
CA VAL F 218 24.84 18.35 0.27
C VAL F 218 25.79 19.24 1.07
N TYR F 219 26.08 18.85 2.30
CA TYR F 219 26.93 19.61 3.19
C TYR F 219 28.35 19.06 3.20
N TYR F 220 29.29 19.92 3.58
CA TYR F 220 30.69 19.54 3.70
C TYR F 220 31.28 20.25 4.90
N CYS F 221 31.67 19.48 5.92
CA CYS F 221 32.25 20.01 7.15
C CYS F 221 33.76 20.00 7.00
N ALA F 222 34.34 21.15 6.68
CA ALA F 222 35.78 21.27 6.48
C ALA F 222 36.46 21.63 7.79
N ARG F 223 37.66 21.07 7.99
CA ARG F 223 38.42 21.32 9.22
C ARG F 223 39.10 22.68 9.21
N GLY F 224 39.15 23.37 8.08
CA GLY F 224 39.82 24.66 8.00
C GLY F 224 39.00 25.65 7.22
N GLU F 225 39.38 26.92 7.36
CA GLU F 225 38.71 28.00 6.65
C GLU F 225 39.01 27.93 5.16
N ILE F 226 38.20 28.63 4.37
CA ILE F 226 38.32 28.61 2.92
C ILE F 226 39.06 29.84 2.43
N GLN F 227 38.50 31.03 2.68
CA GLN F 227 39.16 32.26 2.23
C GLN F 227 40.34 32.62 3.13
N PRO F 228 40.18 32.66 4.47
CA PRO F 228 41.36 32.85 5.33
C PRO F 228 42.03 31.52 5.68
N TYR F 229 42.39 30.77 4.65
CA TYR F 229 42.92 29.43 4.85
C TYR F 229 44.34 29.49 5.41
N TYR F 230 44.59 28.66 6.42
CA TYR F 230 45.92 28.49 7.00
C TYR F 230 46.43 27.10 6.66
N TYR F 231 47.74 26.91 6.78
CA TYR F 231 48.36 25.65 6.40
C TYR F 231 47.74 24.48 7.16
N TYR F 232 47.63 24.60 8.48
CA TYR F 232 46.96 23.61 9.33
C TYR F 232 47.58 22.21 9.18
N GLY F 233 48.85 22.15 8.78
CA GLY F 233 49.51 20.88 8.58
C GLY F 233 49.07 20.16 7.32
N MET F 234 47.77 19.90 7.20
CA MET F 234 47.22 19.23 6.03
C MET F 234 45.76 19.60 5.88
N ASP F 235 45.29 19.58 4.64
CA ASP F 235 43.89 19.90 4.32
C ASP F 235 43.13 18.59 4.18
N VAL F 236 42.22 18.32 5.11
CA VAL F 236 41.42 17.10 5.11
C VAL F 236 39.95 17.48 5.03
N TRP F 237 39.23 16.85 4.11
CA TRP F 237 37.81 17.08 3.91
C TRP F 237 37.03 15.82 4.31
N GLY F 238 35.72 15.88 4.13
CA GLY F 238 34.86 14.76 4.44
C GLY F 238 33.72 14.66 3.46
N GLN F 239 33.30 13.43 3.19
CA GLN F 239 32.20 13.19 2.27
C GLN F 239 30.90 13.72 2.86
N GLY F 240 30.00 14.14 1.96
CA GLY F 240 28.72 14.70 2.36
C GLY F 240 27.58 13.72 2.21
N THR F 241 26.40 14.17 2.63
CA THR F 241 25.18 13.39 2.56
C THR F 241 24.10 14.19 1.85
N THR F 242 23.20 13.47 1.18
CA THR F 242 22.13 14.11 0.45
C THR F 242 20.95 14.41 1.37
N VAL F 243 20.51 15.67 1.37
CA VAL F 243 19.39 16.06 2.22
C VAL F 243 18.08 15.47 1.69
N THR F 244 17.79 15.71 0.41
CA THR F 244 16.60 15.18 -0.26
C THR F 244 15.32 15.61 0.46
N VAL F 245 15.10 16.93 0.46
CA VAL F 245 13.91 17.48 1.10
C VAL F 245 12.67 17.04 0.33
N SER F 246 11.54 16.99 1.04
CA SER F 246 10.26 16.58 0.46
C SER F 246 9.20 17.64 0.70
N SER F 247 9.57 18.90 0.43
CA SER F 247 8.65 20.02 0.61
C SER F 247 7.60 20.04 -0.50
N VAL G 3 16.56 65.91 11.24
CA VAL G 3 15.99 67.22 10.94
C VAL G 3 17.03 68.31 11.12
N LEU G 4 17.13 69.20 10.13
CA LEU G 4 18.08 70.30 10.16
C LEU G 4 17.36 71.59 9.85
N THR G 5 17.58 72.61 10.69
CA THR G 5 16.95 73.91 10.52
C THR G 5 17.88 74.82 9.71
N GLN G 6 17.37 75.35 8.61
CA GLN G 6 18.14 76.21 7.72
C GLN G 6 17.23 77.28 7.13
N PRO G 7 17.70 78.52 7.05
CA PRO G 7 16.92 79.58 6.42
C PRO G 7 16.45 79.16 5.03
N PRO G 8 15.15 79.27 4.75
CA PRO G 8 14.65 78.85 3.44
C PRO G 8 15.15 79.73 2.30
N SER G 9 15.08 81.05 2.49
CA SER G 9 15.52 81.99 1.45
C SER G 9 16.03 83.24 2.16
N ALA G 10 17.35 83.36 2.26
CA ALA G 10 17.99 84.52 2.87
C ALA G 10 18.23 85.60 1.82
N SER G 11 18.97 86.64 2.18
CA SER G 11 19.28 87.73 1.27
C SER G 11 20.71 88.19 1.52
N GLY G 12 21.12 89.24 0.82
CA GLY G 12 22.46 89.77 0.98
C GLY G 12 22.80 90.86 -0.02
N THR G 13 23.81 91.66 0.29
CA THR G 13 24.26 92.73 -0.59
C THR G 13 25.70 92.48 -1.02
N PRO G 14 26.07 92.91 -2.22
CA PRO G 14 27.44 92.68 -2.69
C PRO G 14 28.44 93.52 -1.91
N GLY G 15 29.68 93.06 -1.92
CA GLY G 15 30.77 93.74 -1.22
C GLY G 15 31.04 93.25 0.18
N GLN G 16 29.99 93.13 1.00
CA GLN G 16 30.12 92.67 2.37
C GLN G 16 30.00 91.15 2.41
N ARG G 17 29.89 90.59 3.62
CA ARG G 17 29.78 89.16 3.83
C ARG G 17 28.49 88.83 4.55
N VAL G 18 28.02 87.60 4.36
CA VAL G 18 26.81 87.11 5.01
C VAL G 18 27.17 85.92 5.89
N THR G 19 26.19 85.37 6.59
CA THR G 19 26.41 84.24 7.50
C THR G 19 25.21 83.31 7.41
N ILE G 20 25.40 82.17 6.75
CA ILE G 20 24.38 81.13 6.66
C ILE G 20 24.59 80.13 7.78
N SER G 21 23.54 79.85 8.54
CA SER G 21 23.61 78.96 9.69
C SER G 21 22.74 77.73 9.45
N CYS G 22 23.05 76.67 10.19
CA CYS G 22 22.30 75.42 10.14
C CYS G 22 22.24 74.84 11.54
N SER G 23 21.04 74.83 12.12
CA SER G 23 20.84 74.34 13.48
C SER G 23 20.44 72.88 13.47
N GLY G 24 21.02 72.11 14.38
CA GLY G 24 20.71 70.69 14.48
C GLY G 24 20.96 70.19 15.89
N SER G 25 20.32 69.07 16.21
CA SER G 25 20.47 68.47 17.52
C SER G 25 21.85 67.82 17.66
N SER G 26 22.16 67.42 18.90
CA SER G 26 23.44 66.77 19.18
C SER G 26 23.49 65.33 18.69
N SER G 27 22.38 64.79 18.18
CA SER G 27 22.38 63.42 17.69
C SER G 27 22.98 63.30 16.30
N ASN G 28 22.92 64.37 15.50
CA ASN G 28 23.45 64.37 14.14
C ASN G 28 24.64 65.29 13.96
N ILE G 29 24.53 66.55 14.40
CA ILE G 29 25.64 67.49 14.27
C ILE G 29 26.60 67.38 15.45
N GLY G 30 26.09 67.19 16.66
CA GLY G 30 26.93 67.12 17.84
C GLY G 30 27.87 65.93 17.86
N SER G 31 27.56 64.88 17.10
CA SER G 31 28.38 63.67 17.07
C SER G 31 29.04 63.42 15.73
N ASN G 32 28.83 64.29 14.74
CA ASN G 32 29.40 64.11 13.41
C ASN G 32 29.86 65.47 12.90
N THR G 33 30.16 65.54 11.61
CA THR G 33 30.62 66.75 10.96
C THR G 33 29.61 67.18 9.90
N VAL G 34 29.36 68.48 9.81
CA VAL G 34 28.43 69.02 8.84
C VAL G 34 29.14 69.19 7.49
N ASN G 35 28.39 69.03 6.41
CA ASN G 35 28.92 69.17 5.06
C ASN G 35 28.09 70.22 4.31
N TRP G 36 28.79 71.14 3.66
CA TRP G 36 28.15 72.22 2.91
C TRP G 36 28.28 71.93 1.42
N TYR G 37 27.17 71.99 0.70
CA TYR G 37 27.14 71.74 -0.73
C TYR G 37 26.59 72.95 -1.46
N GLN G 38 27.18 73.26 -2.61
CA GLN G 38 26.75 74.37 -3.45
C GLN G 38 26.23 73.83 -4.77
N GLN G 39 25.09 74.34 -5.22
CA GLN G 39 24.45 73.91 -6.45
C GLN G 39 23.99 75.12 -7.24
N LEU G 40 24.53 75.29 -8.43
CA LEU G 40 24.10 76.37 -9.31
C LEU G 40 22.76 76.02 -9.95
N PRO G 41 21.91 77.02 -10.19
CA PRO G 41 20.60 76.74 -10.80
C PRO G 41 20.73 76.25 -12.24
N GLY G 42 20.39 74.98 -12.47
CA GLY G 42 20.45 74.42 -13.81
C GLY G 42 21.49 73.33 -13.97
N THR G 43 22.63 73.49 -13.31
CA THR G 43 23.73 72.54 -13.41
C THR G 43 23.73 71.59 -12.20
N ALA G 44 24.62 70.60 -12.27
CA ALA G 44 24.74 69.63 -11.20
C ALA G 44 25.40 70.26 -9.97
N PRO G 45 25.09 69.77 -8.77
CA PRO G 45 25.71 70.31 -7.56
C PRO G 45 27.20 70.00 -7.51
N LYS G 46 27.83 70.49 -6.46
CA LYS G 46 29.26 70.27 -6.24
C LYS G 46 29.58 70.47 -4.77
N LEU G 47 30.64 69.80 -4.32
CA LEU G 47 31.05 69.92 -2.93
C LEU G 47 31.67 71.29 -2.67
N LEU G 48 31.31 71.89 -1.53
CA LEU G 48 31.81 73.20 -1.15
C LEU G 48 32.72 73.12 0.07
N ILE G 49 32.24 72.55 1.18
CA ILE G 49 33.01 72.44 2.41
C ILE G 49 32.73 71.08 3.02
N TYR G 50 33.79 70.33 3.33
CA TYR G 50 33.67 69.03 3.96
C TYR G 50 34.49 69.00 5.24
N SER G 51 33.98 68.24 6.21
CA SER G 51 34.60 68.04 7.53
C SER G 51 34.75 69.32 8.32
N ASN G 52 34.15 70.42 7.86
CA ASN G 52 34.10 71.72 8.53
C ASN G 52 35.48 72.38 8.68
N ASN G 53 36.54 71.76 8.19
CA ASN G 53 37.88 72.33 8.32
C ASN G 53 38.62 72.44 6.99
N GLN G 54 38.44 71.48 6.10
CA GLN G 54 39.15 71.46 4.83
C GLN G 54 38.20 71.84 3.69
N ARG G 55 38.79 72.14 2.54
CA ARG G 55 38.06 72.52 1.33
C ARG G 55 38.67 71.79 0.14
N PRO G 56 37.86 71.46 -0.86
CA PRO G 56 38.40 70.79 -2.05
C PRO G 56 39.36 71.69 -2.82
N SER G 57 40.03 71.09 -3.79
CA SER G 57 40.99 71.85 -4.60
C SER G 57 40.29 72.85 -5.51
N GLY G 58 39.08 72.54 -5.96
CA GLY G 58 38.35 73.46 -6.81
C GLY G 58 37.74 74.63 -6.07
N VAL G 59 37.39 74.44 -4.81
CA VAL G 59 36.81 75.51 -3.99
C VAL G 59 37.91 76.47 -3.55
N PRO G 60 37.81 77.75 -3.90
CA PRO G 60 38.83 78.71 -3.49
C PRO G 60 38.68 79.07 -2.02
N ASP G 61 39.51 80.02 -1.58
CA ASP G 61 39.49 80.50 -0.20
C ASP G 61 38.36 81.48 0.08
N ARG G 62 37.42 81.65 -0.85
CA ARG G 62 36.30 82.56 -0.66
C ARG G 62 35.22 82.00 0.24
N PHE G 63 35.40 80.78 0.77
CA PHE G 63 34.41 80.15 1.62
C PHE G 63 35.07 79.62 2.88
N SER G 64 34.33 79.64 3.98
CA SER G 64 34.82 79.14 5.25
C SER G 64 33.63 78.69 6.10
N GLY G 65 33.88 77.71 6.96
CA GLY G 65 32.83 77.17 7.81
C GLY G 65 33.36 76.89 9.20
N SER G 66 32.43 76.88 10.15
CA SER G 66 32.76 76.62 11.55
C SER G 66 31.69 75.72 12.16
N LYS G 67 32.08 74.99 13.21
CA LYS G 67 31.20 74.07 13.91
C LYS G 67 31.19 74.39 15.40
N SER G 68 31.03 75.66 15.73
CA SER G 68 30.97 76.09 17.12
C SER G 68 29.68 75.59 17.76
N GLY G 69 29.80 74.63 18.68
CA GLY G 69 28.63 74.07 19.32
C GLY G 69 27.96 73.01 18.47
N THR G 70 26.63 72.94 18.58
CA THR G 70 25.83 71.97 17.84
C THR G 70 25.26 72.55 16.56
N SER G 71 25.80 73.67 16.07
CA SER G 71 25.33 74.31 14.85
C SER G 71 26.51 74.66 13.96
N ALA G 72 26.25 74.74 12.66
CA ALA G 72 27.25 75.08 11.67
C ALA G 72 27.01 76.49 11.16
N SER G 73 28.10 77.20 10.85
CA SER G 73 28.03 78.57 10.37
C SER G 73 28.87 78.72 9.12
N LEU G 74 28.27 79.26 8.06
CA LEU G 74 28.96 79.50 6.80
C LEU G 74 29.35 80.96 6.69
N ALA G 75 30.51 81.21 6.08
CA ALA G 75 31.01 82.56 5.91
C ALA G 75 31.60 82.70 4.51
N ILE G 76 31.14 83.71 3.78
CA ILE G 76 31.61 83.98 2.42
C ILE G 76 32.15 85.40 2.41
N SER G 77 33.46 85.54 2.59
CA SER G 77 34.10 86.86 2.63
C SER G 77 34.19 87.42 1.22
N GLY G 78 33.43 88.47 0.95
CA GLY G 78 33.46 89.10 -0.37
C GLY G 78 32.69 88.35 -1.42
N LEU G 79 31.39 88.20 -1.22
CA LEU G 79 30.56 87.49 -2.19
C LEU G 79 30.38 88.32 -3.46
N GLN G 80 29.99 87.64 -4.53
CA GLN G 80 29.78 88.28 -5.82
C GLN G 80 28.58 87.61 -6.49
N SER G 81 28.38 87.92 -7.78
CA SER G 81 27.27 87.33 -8.52
C SER G 81 27.48 85.84 -8.79
N GLU G 82 28.72 85.38 -8.80
CA GLU G 82 28.98 83.96 -9.04
C GLU G 82 28.61 83.09 -7.84
N ASP G 83 28.51 83.67 -6.64
CA ASP G 83 28.15 82.94 -5.45
C ASP G 83 26.64 82.83 -5.24
N GLU G 84 25.85 83.21 -6.25
CA GLU G 84 24.39 83.11 -6.17
C GLU G 84 23.99 81.69 -6.50
N ALA G 85 23.89 80.84 -5.47
CA ALA G 85 23.54 79.45 -5.65
C ALA G 85 22.83 78.96 -4.40
N ASP G 86 22.39 77.70 -4.44
CA ASP G 86 21.69 77.08 -3.32
C ASP G 86 22.69 76.38 -2.42
N TYR G 87 22.54 76.56 -1.11
CA TYR G 87 23.42 75.98 -0.11
C TYR G 87 22.63 74.98 0.72
N TYR G 88 23.09 73.73 0.76
CA TYR G 88 22.42 72.66 1.48
C TYR G 88 23.33 72.12 2.58
N CYS G 89 22.74 71.88 3.74
CA CYS G 89 23.45 71.29 4.87
C CYS G 89 23.14 69.81 4.98
N ALA G 90 24.18 69.01 5.27
CA ALA G 90 24.03 67.57 5.36
C ALA G 90 24.82 67.05 6.54
N ALA G 91 24.28 66.03 7.21
CA ALA G 91 24.93 65.43 8.35
C ALA G 91 24.40 64.02 8.53
N TRP G 92 25.27 63.10 8.97
CA TRP G 92 24.90 61.72 9.19
C TRP G 92 24.46 61.53 10.64
N ASP G 93 23.20 61.18 10.83
CA ASP G 93 22.68 60.97 12.18
C ASP G 93 23.07 59.58 12.68
N ASP G 94 23.13 59.45 14.01
CA ASP G 94 23.53 58.19 14.63
C ASP G 94 22.48 57.09 14.49
N SER G 95 21.31 57.39 13.94
CA SER G 95 20.26 56.41 13.74
C SER G 95 20.32 55.79 12.34
N LEU G 96 21.51 55.75 11.75
CA LEU G 96 21.74 55.16 10.42
C LEU G 96 20.86 55.85 9.36
N ASN G 97 21.09 57.14 9.19
CA ASN G 97 20.37 57.93 8.20
C ASN G 97 21.21 59.15 7.84
N TRP G 98 20.89 59.73 6.69
CA TRP G 98 21.57 60.92 6.17
C TRP G 98 20.53 62.00 5.96
N VAL G 99 20.43 62.93 6.90
CA VAL G 99 19.46 64.02 6.84
C VAL G 99 20.08 65.20 6.11
N PHE G 100 19.36 65.72 5.11
CA PHE G 100 19.83 66.85 4.33
C PHE G 100 19.09 68.13 4.75
N GLY G 101 19.56 69.25 4.23
CA GLY G 101 18.97 70.54 4.51
C GLY G 101 17.80 70.87 3.61
N GLY G 102 17.43 72.13 3.61
CA GLY G 102 16.32 72.60 2.78
C GLY G 102 16.77 73.48 1.63
N GLY G 103 17.84 74.24 1.84
CA GLY G 103 18.35 75.13 0.82
C GLY G 103 18.29 76.58 1.22
N THR G 104 19.28 77.37 0.78
CA THR G 104 19.37 78.79 1.11
C THR G 104 19.46 79.57 -0.19
N LYS G 105 18.37 80.28 -0.53
CA LYS G 105 18.32 81.09 -1.75
C LYS G 105 19.09 82.38 -1.49
N LEU G 106 20.42 82.28 -1.56
CA LEU G 106 21.30 83.43 -1.35
C LEU G 106 21.43 84.20 -2.68
N THR G 107 20.33 84.83 -3.06
CA THR G 107 20.25 85.58 -4.30
C THR G 107 20.62 87.05 -4.05
N VAL G 108 21.39 87.62 -4.97
CA VAL G 108 21.80 89.01 -4.90
C VAL G 108 21.65 89.62 -6.29
N LEU G 109 20.79 90.62 -6.42
CA LEU G 109 20.54 91.29 -7.69
C LEU G 109 21.42 92.54 -7.82
N GLY G 110 22.72 92.32 -7.73
CA GLY G 110 23.68 93.40 -7.84
C GLY G 110 23.68 94.33 -6.64
N GLU G 125 39.66 64.26 -14.17
CA GLU G 125 38.37 64.53 -14.77
C GLU G 125 37.68 63.23 -15.16
N VAL G 126 36.76 62.77 -14.31
CA VAL G 126 36.01 61.54 -14.54
C VAL G 126 34.53 61.88 -14.58
N GLN G 127 33.85 61.42 -15.63
CA GLN G 127 32.42 61.68 -15.78
C GLN G 127 31.63 60.66 -14.99
N LEU G 128 30.62 61.14 -14.27
CA LEU G 128 29.74 60.30 -13.46
C LEU G 128 28.31 60.34 -13.98
N VAL G 129 28.15 60.29 -15.30
CA VAL G 129 26.83 60.34 -15.90
C VAL G 129 26.09 59.03 -15.67
N GLU G 130 24.79 59.11 -15.41
CA GLU G 130 23.95 57.96 -15.19
C GLU G 130 22.66 58.10 -16.00
N SER G 131 21.92 57.00 -16.10
CA SER G 131 20.67 56.98 -16.84
C SER G 131 19.81 55.84 -16.29
N GLY G 132 18.65 55.65 -16.90
CA GLY G 132 17.74 54.61 -16.49
C GLY G 132 16.40 55.13 -15.98
N GLY G 133 16.03 56.33 -16.43
CA GLY G 133 14.77 56.93 -16.02
C GLY G 133 13.62 56.60 -16.95
N GLY G 134 12.83 57.61 -17.28
CA GLY G 134 11.70 57.40 -18.18
C GLY G 134 10.41 57.09 -17.43
N VAL G 135 9.30 57.50 -18.04
CA VAL G 135 7.99 57.26 -17.44
C VAL G 135 7.63 55.79 -17.56
N VAL G 136 7.20 55.20 -16.45
CA VAL G 136 6.84 53.80 -16.39
C VAL G 136 5.45 53.66 -15.77
N GLN G 137 4.95 52.43 -15.79
CA GLN G 137 3.64 52.16 -15.21
C GLN G 137 3.71 52.28 -13.68
N PRO G 138 2.72 52.92 -13.05
CA PRO G 138 2.74 53.02 -11.59
C PRO G 138 2.65 51.64 -10.93
N GLY G 139 3.07 51.60 -9.67
CA GLY G 139 3.17 50.35 -8.95
C GLY G 139 4.53 49.71 -9.11
N GLY G 140 4.90 49.41 -10.35
CA GLY G 140 6.21 48.89 -10.66
C GLY G 140 7.16 49.98 -11.15
N SER G 141 8.38 49.56 -11.46
CA SER G 141 9.41 50.47 -11.92
C SER G 141 10.50 49.66 -12.61
N LEU G 142 11.59 50.33 -12.97
CA LEU G 142 12.74 49.70 -13.62
C LEU G 142 13.98 49.89 -12.76
N ARG G 143 15.13 49.49 -13.28
CA ARG G 143 16.39 49.60 -12.58
C ARG G 143 17.05 50.94 -12.85
N LEU G 144 17.86 51.40 -11.90
CA LEU G 144 18.60 52.64 -12.02
C LEU G 144 20.06 52.32 -12.27
N SER G 145 20.57 52.71 -13.44
CA SER G 145 21.94 52.41 -13.84
C SER G 145 22.83 53.64 -13.65
N CYS G 146 24.14 53.38 -13.67
CA CYS G 146 25.15 54.42 -13.55
C CYS G 146 26.46 53.87 -14.09
N ALA G 147 27.39 54.78 -14.38
CA ALA G 147 28.66 54.39 -14.95
C ALA G 147 29.69 55.50 -14.70
N ALA G 148 30.95 55.18 -14.99
CA ALA G 148 32.05 56.12 -14.85
C ALA G 148 33.14 55.71 -15.82
N SER G 149 34.34 56.28 -15.64
CA SER G 149 35.47 55.97 -16.52
C SER G 149 36.75 56.05 -15.69
N GLY G 150 37.19 54.90 -15.17
CA GLY G 150 38.45 54.81 -14.45
C GLY G 150 38.57 55.73 -13.26
N PHE G 151 37.79 55.48 -12.21
CA PHE G 151 37.85 56.28 -10.99
C PHE G 151 38.03 55.42 -9.74
N ARG G 152 38.51 54.19 -9.90
CA ARG G 152 38.77 53.28 -8.79
C ARG G 152 37.48 53.04 -7.97
N PHE G 153 36.52 52.41 -8.64
CA PHE G 153 35.22 52.15 -8.04
C PHE G 153 35.33 51.33 -6.76
N ASP G 154 36.36 50.50 -6.63
CA ASP G 154 36.50 49.66 -5.45
C ASP G 154 36.87 50.48 -4.22
N ASP G 155 37.71 51.51 -4.39
CA ASP G 155 38.19 52.31 -3.26
C ASP G 155 37.35 53.56 -3.04
N HIS G 156 36.10 53.58 -3.52
CA HIS G 156 35.22 54.71 -3.36
C HIS G 156 33.80 54.23 -3.16
N ALA G 157 33.00 55.06 -2.49
CA ALA G 157 31.60 54.77 -2.23
C ALA G 157 30.70 55.60 -3.14
N MET G 158 29.45 55.18 -3.24
CA MET G 158 28.47 55.85 -4.08
C MET G 158 27.21 56.14 -3.26
N HIS G 159 26.62 57.31 -3.50
CA HIS G 159 25.40 57.73 -2.82
C HIS G 159 24.31 58.02 -3.84
N TRP G 160 23.06 57.91 -3.38
CA TRP G 160 21.89 58.24 -4.18
C TRP G 160 21.20 59.44 -3.54
N VAL G 161 21.44 60.63 -4.09
CA VAL G 161 20.85 61.87 -3.59
C VAL G 161 19.97 62.42 -4.71
N ARG G 162 18.69 62.10 -4.66
CA ARG G 162 17.74 62.56 -5.67
C ARG G 162 17.27 63.98 -5.36
N GLN G 163 16.80 64.66 -6.40
CA GLN G 163 16.35 66.04 -6.28
C GLN G 163 15.10 66.22 -7.13
N ALA G 164 13.98 66.52 -6.47
CA ALA G 164 12.74 66.78 -7.19
C ALA G 164 12.83 68.13 -7.91
N PRO G 165 12.16 68.27 -9.05
CA PRO G 165 12.19 69.56 -9.76
C PRO G 165 11.57 70.66 -8.92
N GLY G 166 12.40 71.65 -8.56
CA GLY G 166 11.97 72.76 -7.74
C GLY G 166 12.12 72.55 -6.25
N LYS G 167 12.17 71.30 -5.79
CA LYS G 167 12.31 71.00 -4.38
C LYS G 167 13.77 70.81 -4.03
N GLY G 168 14.04 70.38 -2.79
CA GLY G 168 15.39 70.16 -2.33
C GLY G 168 15.91 68.76 -2.64
N LEU G 169 16.99 68.40 -1.97
CA LEU G 169 17.64 67.11 -2.15
C LEU G 169 17.47 66.26 -0.89
N GLU G 170 17.57 64.95 -1.07
CA GLU G 170 17.46 64.00 0.04
C GLU G 170 18.22 62.74 -0.31
N TRP G 171 18.71 62.06 0.72
CA TRP G 171 19.51 60.86 0.56
C TRP G 171 18.62 59.63 0.51
N VAL G 172 18.91 58.72 -0.43
CA VAL G 172 18.09 57.53 -0.65
C VAL G 172 18.79 56.31 -0.06
N SER G 173 19.97 55.98 -0.57
CA SER G 173 20.69 54.80 -0.13
C SER G 173 22.18 55.04 -0.28
N VAL G 174 22.97 54.12 0.28
CA VAL G 174 24.42 54.22 0.28
C VAL G 174 25.01 52.83 0.09
N ILE G 175 26.06 52.74 -0.72
CA ILE G 175 26.82 51.51 -0.92
C ILE G 175 28.28 51.80 -0.60
N SER G 176 28.89 50.91 0.18
CA SER G 176 30.28 51.09 0.56
C SER G 176 31.21 50.57 -0.53
N GLY G 177 32.47 51.01 -0.47
CA GLY G 177 33.45 50.55 -1.45
C GLY G 177 33.76 49.08 -1.35
N ASP G 178 33.61 48.50 -0.16
CA ASP G 178 33.84 47.07 0.00
C ASP G 178 32.71 46.25 -0.62
N GLY G 179 31.50 46.77 -0.62
CA GLY G 179 30.37 46.06 -1.18
C GLY G 179 29.63 45.16 -0.23
N GLY G 180 29.68 45.44 1.08
CA GLY G 180 29.02 44.59 2.05
C GLY G 180 27.72 45.18 2.58
N SER G 181 27.76 45.75 3.78
CA SER G 181 26.57 46.31 4.39
C SER G 181 26.16 47.60 3.69
N THR G 182 24.85 47.79 3.55
CA THR G 182 24.29 48.98 2.93
C THR G 182 23.14 49.50 3.80
N TYR G 183 22.85 50.78 3.65
CA TYR G 183 21.80 51.44 4.42
C TYR G 183 20.84 52.16 3.48
N TYR G 184 19.57 52.21 3.89
CA TYR G 184 18.52 52.88 3.15
C TYR G 184 17.90 53.97 4.01
N ALA G 185 17.09 54.81 3.38
CA ALA G 185 16.40 55.89 4.09
C ALA G 185 15.21 55.34 4.86
N ASP G 186 14.51 56.23 5.56
CA ASP G 186 13.36 55.83 6.36
C ASP G 186 12.13 55.53 5.51
N SER G 187 12.09 56.01 4.26
CA SER G 187 10.95 55.79 3.39
C SER G 187 11.21 54.77 2.29
N VAL G 188 12.47 54.61 1.87
CA VAL G 188 12.82 53.69 0.79
C VAL G 188 13.36 52.36 1.33
N LYS G 189 13.21 52.11 2.63
CA LYS G 189 13.73 50.89 3.23
C LYS G 189 12.84 49.70 2.87
N GLY G 190 13.47 48.57 2.54
CA GLY G 190 12.74 47.37 2.22
C GLY G 190 12.44 47.20 0.74
N ARG G 191 11.77 48.18 0.15
CA ARG G 191 11.38 48.12 -1.25
C ARG G 191 12.48 48.55 -2.21
N PHE G 192 13.70 48.73 -1.73
CA PHE G 192 14.84 49.10 -2.56
C PHE G 192 15.96 48.09 -2.39
N SER G 193 16.67 47.83 -3.49
CA SER G 193 17.77 46.88 -3.49
C SER G 193 18.93 47.48 -4.29
N ILE G 194 20.01 47.84 -3.61
CA ILE G 194 21.19 48.42 -4.24
C ILE G 194 22.33 47.42 -4.14
N SER G 195 23.08 47.28 -5.23
CA SER G 195 24.19 46.34 -5.28
C SER G 195 25.11 46.73 -6.42
N ARG G 196 26.26 46.06 -6.48
CA ARG G 196 27.23 46.30 -7.54
C ARG G 196 27.58 45.00 -8.25
N ASP G 197 28.56 45.05 -9.16
CA ASP G 197 28.97 43.88 -9.91
C ASP G 197 30.48 43.91 -10.11
N ASP G 198 31.04 42.76 -10.48
CA ASP G 198 32.47 42.64 -10.73
C ASP G 198 32.88 43.21 -12.09
N SER G 199 31.94 43.78 -12.84
CA SER G 199 32.23 44.37 -14.14
C SER G 199 32.84 45.76 -13.96
N LYS G 200 32.89 46.53 -15.05
CA LYS G 200 33.43 47.87 -14.99
C LYS G 200 32.58 48.77 -14.10
N ASN G 201 33.01 50.03 -13.98
CA ASN G 201 32.36 50.99 -13.09
C ASN G 201 30.88 51.11 -13.42
N SER G 202 30.04 50.70 -12.46
CA SER G 202 28.59 50.71 -12.64
C SER G 202 27.93 50.66 -11.28
N LEU G 203 26.61 50.89 -11.28
CA LEU G 203 25.83 50.88 -10.05
C LEU G 203 24.38 50.59 -10.40
N TYR G 204 23.81 49.57 -9.75
CA TYR G 204 22.43 49.14 -10.02
C TYR G 204 21.60 49.37 -8.76
N LEU G 205 20.46 50.02 -8.94
CA LEU G 205 19.51 50.27 -7.85
C LEU G 205 18.12 49.87 -8.33
N GLN G 206 17.56 48.84 -7.71
CA GLN G 206 16.24 48.35 -8.06
C GLN G 206 15.18 49.02 -7.18
N MET G 207 14.11 49.49 -7.80
CA MET G 207 13.02 50.16 -7.10
C MET G 207 11.77 49.29 -7.16
N ASN G 208 11.06 49.22 -6.03
CA ASN G 208 9.84 48.43 -5.94
C ASN G 208 8.80 49.22 -5.13
N SER G 209 7.54 48.81 -5.29
CA SER G 209 6.41 49.43 -4.61
C SER G 209 6.35 50.94 -4.90
N LEU G 210 6.17 51.26 -6.18
CA LEU G 210 6.13 52.64 -6.61
C LEU G 210 4.83 53.29 -6.15
N ARG G 211 4.95 54.40 -5.41
CA ARG G 211 3.81 55.13 -4.88
C ARG G 211 3.60 56.46 -5.60
N THR G 212 4.21 56.64 -6.76
CA THR G 212 4.11 57.80 -7.64
C THR G 212 4.74 59.05 -7.06
N GLU G 213 5.23 59.01 -5.82
CA GLU G 213 5.92 60.15 -5.21
C GLU G 213 7.43 60.03 -5.38
N ASP G 214 7.89 59.83 -6.62
CA ASP G 214 9.31 59.65 -6.89
C ASP G 214 9.80 60.51 -8.05
N THR G 215 9.14 61.63 -8.32
CA THR G 215 9.57 62.51 -9.40
C THR G 215 10.83 63.28 -8.99
N ALA G 216 11.99 62.75 -9.35
CA ALA G 216 13.26 63.36 -9.00
C ALA G 216 14.28 63.05 -10.09
N LEU G 217 15.56 63.25 -9.78
CA LEU G 217 16.63 63.03 -10.74
C LEU G 217 17.53 61.85 -10.40
N TYR G 218 17.64 61.49 -9.12
CA TYR G 218 18.43 60.35 -8.66
C TYR G 218 19.90 60.47 -9.10
N TYR G 219 20.56 61.48 -8.57
CA TYR G 219 21.96 61.71 -8.88
C TYR G 219 22.82 60.53 -8.43
N CYS G 220 23.68 60.06 -9.33
CA CYS G 220 24.65 59.01 -9.00
C CYS G 220 25.87 59.68 -8.37
N ALA G 221 25.74 59.94 -7.06
CA ALA G 221 26.75 60.71 -6.34
C ALA G 221 27.99 59.87 -6.08
N LYS G 222 29.15 60.49 -6.28
CA LYS G 222 30.43 59.85 -6.02
C LYS G 222 31.00 60.34 -4.69
N ASP G 223 31.56 59.42 -3.92
CA ASP G 223 32.15 59.73 -2.63
C ASP G 223 33.64 59.40 -2.66
N ARG G 224 34.30 59.64 -1.51
CA ARG G 224 35.73 59.39 -1.38
C ARG G 224 36.08 58.33 -0.33
N SER G 225 35.19 58.05 0.61
CA SER G 225 35.47 57.06 1.65
C SER G 225 35.37 55.65 1.08
N TYR G 226 35.67 54.67 1.92
CA TYR G 226 35.62 53.26 1.54
C TYR G 226 34.47 52.51 2.21
N GLY G 227 34.38 52.57 3.53
CA GLY G 227 33.30 51.92 4.23
C GLY G 227 32.06 52.78 4.29
N PRO G 228 31.02 52.25 4.94
CA PRO G 228 29.79 53.02 5.09
C PRO G 228 30.01 54.22 5.98
N PRO G 229 29.33 55.34 5.71
CA PRO G 229 29.54 56.56 6.50
C PRO G 229 28.95 56.47 7.90
N ASP G 230 29.33 55.44 8.65
CA ASP G 230 28.88 55.30 10.03
C ASP G 230 30.07 55.12 10.96
N VAL G 231 31.15 54.53 10.43
CA VAL G 231 32.37 54.34 11.21
C VAL G 231 33.37 55.47 10.98
N PHE G 232 33.35 56.08 9.79
CA PHE G 232 34.24 57.19 9.46
C PHE G 232 33.41 58.48 9.54
N ASN G 233 33.35 59.05 10.74
CA ASN G 233 32.55 60.24 10.99
C ASN G 233 33.34 61.53 10.86
N TYR G 234 34.49 61.49 10.20
CA TYR G 234 35.28 62.68 9.96
C TYR G 234 35.81 62.80 8.54
N GLU G 235 35.77 61.73 7.74
CA GLU G 235 36.23 61.77 6.37
C GLU G 235 35.10 61.66 5.35
N TYR G 236 33.90 61.29 5.79
CA TYR G 236 32.79 61.11 4.86
C TYR G 236 32.44 62.44 4.18
N GLY G 237 32.27 62.40 2.86
CA GLY G 237 31.92 63.58 2.10
C GLY G 237 31.20 63.19 0.84
N MET G 238 31.47 63.92 -0.25
CA MET G 238 30.85 63.62 -1.54
C MET G 238 31.66 64.30 -2.63
N ASP G 239 32.13 63.53 -3.60
CA ASP G 239 32.96 64.05 -4.67
C ASP G 239 32.09 64.71 -5.73
N VAL G 240 32.67 64.99 -6.90
CA VAL G 240 31.94 65.67 -7.97
C VAL G 240 30.72 64.85 -8.37
N TRP G 241 29.61 65.54 -8.62
CA TRP G 241 28.35 64.92 -8.95
C TRP G 241 28.38 64.45 -10.41
N GLY G 242 27.24 64.00 -10.91
CA GLY G 242 27.13 63.55 -12.28
C GLY G 242 25.79 63.94 -12.88
N GLN G 243 25.78 64.08 -14.21
CA GLN G 243 24.57 64.46 -14.93
C GLN G 243 23.57 63.31 -14.88
N GLY G 244 22.43 63.55 -14.24
CA GLY G 244 21.42 62.52 -14.10
C GLY G 244 20.24 62.71 -15.03
N THR G 245 19.46 61.64 -15.20
CA THR G 245 18.28 61.67 -16.04
C THR G 245 17.07 62.14 -15.24
N THR G 246 16.06 62.63 -15.96
CA THR G 246 14.84 63.14 -15.34
C THR G 246 13.76 62.08 -15.47
N VAL G 247 13.54 61.33 -14.40
CA VAL G 247 12.51 60.30 -14.37
C VAL G 247 11.24 60.90 -13.78
N THR G 248 10.16 60.89 -14.57
CA THR G 248 8.86 61.43 -14.16
C THR G 248 7.81 60.36 -14.39
N VAL G 249 7.43 59.65 -13.32
CA VAL G 249 6.43 58.60 -13.44
C VAL G 249 5.06 59.21 -13.72
N SER G 250 4.66 60.20 -12.93
CA SER G 250 3.38 60.90 -13.09
C SER G 250 2.20 59.95 -13.08
N SER G 251 2.30 58.87 -12.30
CA SER G 251 1.25 57.87 -12.19
C SER G 251 0.87 57.27 -13.54
N VAL H 3 -31.36 29.04 6.05
CA VAL H 3 -32.11 27.86 5.61
C VAL H 3 -33.37 28.29 4.86
N LEU H 4 -33.45 27.92 3.59
CA LEU H 4 -34.58 28.24 2.74
C LEU H 4 -35.38 26.98 2.42
N THR H 5 -36.49 27.15 1.72
CA THR H 5 -37.38 26.06 1.34
C THR H 5 -37.47 26.00 -0.18
N GLN H 6 -37.02 24.89 -0.75
CA GLN H 6 -37.06 24.66 -2.18
C GLN H 6 -37.57 23.26 -2.44
N PRO H 7 -38.30 23.05 -3.53
CA PRO H 7 -38.81 21.71 -3.85
C PRO H 7 -37.67 20.77 -4.21
N PRO H 8 -37.70 19.54 -3.70
CA PRO H 8 -36.65 18.57 -4.05
C PRO H 8 -36.44 18.41 -5.55
N SER H 9 -37.50 18.15 -6.30
CA SER H 9 -37.40 17.96 -7.74
C SER H 9 -38.65 18.52 -8.41
N ALA H 10 -38.57 18.66 -9.73
CA ALA H 10 -39.69 19.17 -10.51
C ALA H 10 -39.55 18.61 -11.93
N SER H 11 -40.35 17.59 -12.24
CA SER H 11 -40.33 16.95 -13.55
C SER H 11 -41.68 16.78 -14.19
N GLY H 12 -42.78 16.81 -13.44
CA GLY H 12 -44.10 16.66 -14.04
C GLY H 12 -44.47 17.87 -14.86
N SER H 13 -45.16 17.63 -15.97
CA SER H 13 -45.59 18.66 -16.91
C SER H 13 -44.40 19.50 -17.36
N PRO H 14 -43.50 18.97 -18.19
CA PRO H 14 -42.28 19.70 -18.56
C PRO H 14 -42.61 20.93 -19.39
N GLY H 15 -42.17 22.09 -18.91
CA GLY H 15 -42.31 23.33 -19.65
C GLY H 15 -43.72 23.85 -19.80
N GLN H 16 -44.66 23.36 -19.00
CA GLN H 16 -46.04 23.83 -19.07
C GLN H 16 -46.55 24.40 -17.75
N SER H 17 -46.24 23.74 -16.62
CA SER H 17 -46.68 24.24 -15.32
C SER H 17 -45.59 24.05 -14.26
N VAL H 18 -44.32 24.14 -14.66
CA VAL H 18 -43.22 23.92 -13.71
C VAL H 18 -43.19 25.06 -12.69
N THR H 19 -42.98 26.28 -13.16
CA THR H 19 -43.00 27.53 -12.37
C THR H 19 -42.41 27.33 -10.97
N ILE H 20 -41.16 26.88 -10.93
CA ILE H 20 -40.48 26.67 -9.66
C ILE H 20 -40.26 28.01 -8.95
N SER H 21 -40.14 27.92 -7.62
CA SER H 21 -39.89 29.09 -6.79
C SER H 21 -39.10 28.65 -5.57
N CYS H 22 -39.02 29.52 -4.56
CA CYS H 22 -38.33 29.21 -3.31
C CYS H 22 -39.09 29.89 -2.17
N THR H 23 -39.86 29.10 -1.42
CA THR H 23 -40.63 29.62 -0.31
C THR H 23 -39.77 29.63 0.95
N GLY H 24 -40.38 29.88 2.10
CA GLY H 24 -39.67 29.95 3.35
C GLY H 24 -39.11 31.30 3.71
N THR H 25 -39.70 32.38 3.20
CA THR H 25 -39.23 33.73 3.50
C THR H 25 -39.97 34.34 4.68
N SER H 26 -41.31 34.28 4.66
CA SER H 26 -42.17 34.79 5.72
C SER H 26 -41.94 36.29 5.99
N SER H 27 -41.43 37.01 5.02
CA SER H 27 -41.18 38.45 5.17
C SER H 27 -41.31 39.09 3.79
N ASP H 28 -40.81 40.32 3.67
CA ASP H 28 -40.85 41.07 2.42
C ASP H 28 -39.47 41.17 1.79
N PHE H 29 -38.68 40.10 1.89
CA PHE H 29 -37.34 40.03 1.30
C PHE H 29 -36.41 41.11 1.86
N GLY H 30 -36.63 41.51 3.11
CA GLY H 30 -35.80 42.51 3.75
C GLY H 30 -35.93 43.89 3.15
N GLY H 31 -34.84 44.39 2.56
CA GLY H 31 -34.84 45.71 1.96
C GLY H 31 -34.95 45.67 0.45
N TYR H 32 -33.83 45.84 -0.24
CA TYR H 32 -33.79 45.78 -1.69
C TYR H 32 -34.22 44.41 -2.20
N ASN H 33 -35.36 44.36 -2.90
CA ASN H 33 -35.91 43.10 -3.40
C ASN H 33 -35.17 42.70 -4.67
N SER H 34 -34.06 41.99 -4.47
CA SER H 34 -33.21 41.50 -5.56
C SER H 34 -33.00 40.00 -5.35
N VAL H 35 -33.80 39.18 -6.03
CA VAL H 35 -33.72 37.73 -5.94
C VAL H 35 -33.12 37.23 -7.25
N SER H 36 -31.93 36.64 -7.18
CA SER H 36 -31.25 36.14 -8.36
C SER H 36 -31.51 34.65 -8.54
N TRP H 37 -31.30 34.18 -9.76
CA TRP H 37 -31.50 32.77 -10.12
C TRP H 37 -30.28 32.29 -10.88
N TYR H 38 -29.63 31.26 -10.35
CA TYR H 38 -28.43 30.69 -10.95
C TYR H 38 -28.75 29.31 -11.52
N GLN H 39 -28.25 29.05 -12.73
CA GLN H 39 -28.45 27.78 -13.41
C GLN H 39 -27.17 26.96 -13.21
N GLN H 40 -27.14 26.16 -12.15
CA GLN H 40 -25.98 25.33 -11.84
C GLN H 40 -25.98 24.12 -12.76
N HIS H 41 -25.07 24.11 -13.74
CA HIS H 41 -24.94 23.02 -14.68
C HIS H 41 -23.72 22.18 -14.36
N PRO H 42 -23.83 20.86 -14.44
CA PRO H 42 -22.67 20.00 -14.16
C PRO H 42 -21.56 20.23 -15.19
N GLY H 43 -20.33 20.29 -14.71
CA GLY H 43 -19.19 20.57 -15.56
C GLY H 43 -18.70 22.00 -15.45
N LYS H 44 -19.05 22.83 -16.42
CA LYS H 44 -18.64 24.22 -16.40
C LYS H 44 -19.32 24.99 -15.26
N ALA H 45 -18.85 26.20 -15.03
CA ALA H 45 -19.39 27.03 -13.96
C ALA H 45 -20.81 27.46 -14.30
N PRO H 46 -21.66 27.70 -13.29
CA PRO H 46 -23.02 28.15 -13.56
C PRO H 46 -23.05 29.52 -14.25
N LYS H 47 -24.21 29.85 -14.80
CA LYS H 47 -24.41 31.09 -15.52
C LYS H 47 -25.63 31.81 -14.98
N LEU H 48 -25.53 33.13 -14.88
CA LEU H 48 -26.66 33.93 -14.39
C LEU H 48 -27.80 33.90 -15.38
N MET H 49 -29.03 33.84 -14.87
CA MET H 49 -30.24 33.85 -15.68
C MET H 49 -31.05 35.12 -15.50
N ILE H 50 -31.24 35.56 -14.26
CA ILE H 50 -31.98 36.79 -13.98
C ILE H 50 -31.60 37.25 -12.58
N TYR H 51 -31.54 38.56 -12.39
CA TYR H 51 -31.12 39.17 -11.13
C TYR H 51 -32.26 39.84 -10.39
N GLU H 52 -33.11 40.59 -11.09
CA GLU H 52 -34.25 41.24 -10.48
C GLU H 52 -35.52 40.46 -10.80
N VAL H 53 -36.68 41.02 -10.43
CA VAL H 53 -37.95 40.39 -10.76
C VAL H 53 -38.28 40.55 -12.23
N SER H 54 -37.68 41.53 -12.91
CA SER H 54 -37.87 41.75 -14.33
C SER H 54 -36.54 42.22 -14.92
N LYS H 55 -36.59 42.70 -16.16
CA LYS H 55 -35.41 43.20 -16.88
C LYS H 55 -34.33 42.13 -16.97
N ARG H 56 -34.68 41.06 -17.68
CA ARG H 56 -33.76 39.95 -17.86
C ARG H 56 -32.52 40.40 -18.63
N PRO H 57 -31.34 39.86 -18.30
CA PRO H 57 -30.12 40.28 -19.00
C PRO H 57 -30.02 39.69 -20.40
N SER H 58 -28.90 39.95 -21.07
CA SER H 58 -28.69 39.45 -22.43
C SER H 58 -28.52 37.95 -22.40
N GLY H 59 -29.53 37.22 -22.86
CA GLY H 59 -29.48 35.76 -22.88
C GLY H 59 -30.70 35.14 -23.53
N VAL H 60 -31.16 34.03 -22.99
CA VAL H 60 -32.35 33.36 -23.54
C VAL H 60 -33.58 34.21 -23.20
N PRO H 61 -34.43 34.52 -24.18
CA PRO H 61 -35.61 35.36 -23.91
C PRO H 61 -36.89 34.60 -23.57
N ASP H 62 -36.82 33.28 -23.36
CA ASP H 62 -37.99 32.48 -23.05
C ASP H 62 -38.13 32.19 -21.56
N ARG H 63 -37.41 32.94 -20.71
CA ARG H 63 -37.48 32.79 -19.26
C ARG H 63 -37.53 34.18 -18.65
N PHE H 64 -38.73 34.65 -18.32
CA PHE H 64 -38.92 35.97 -17.74
C PHE H 64 -40.13 35.92 -16.82
N SER H 65 -40.64 37.09 -16.45
CA SER H 65 -41.82 37.22 -15.60
C SER H 65 -41.60 36.55 -14.25
N GLY H 66 -40.55 36.98 -13.56
CA GLY H 66 -40.24 36.45 -12.24
C GLY H 66 -40.85 37.29 -11.14
N SER H 67 -42.18 37.41 -11.15
CA SER H 67 -42.86 38.23 -10.15
C SER H 67 -42.82 37.56 -8.77
N LYS H 68 -42.84 38.39 -7.73
CA LYS H 68 -42.82 37.92 -6.36
C LYS H 68 -44.25 37.71 -5.89
N SER H 69 -44.77 36.51 -6.10
CA SER H 69 -46.13 36.16 -5.71
C SER H 69 -46.14 35.74 -4.25
N GLY H 70 -46.91 36.46 -3.44
CA GLY H 70 -46.99 36.17 -2.02
C GLY H 70 -45.71 36.50 -1.28
N ASN H 71 -44.99 35.47 -0.84
CA ASN H 71 -43.73 35.63 -0.12
C ASN H 71 -42.60 34.88 -0.81
N THR H 72 -42.73 34.64 -2.11
CA THR H 72 -41.73 33.92 -2.87
C THR H 72 -41.71 34.44 -4.30
N ALA H 73 -40.55 34.34 -4.94
CA ALA H 73 -40.39 34.79 -6.33
C ALA H 73 -40.72 33.63 -7.25
N SER H 74 -41.86 33.72 -7.94
CA SER H 74 -42.31 32.68 -8.87
C SER H 74 -41.73 32.96 -10.24
N LEU H 75 -40.59 32.36 -10.54
CA LEU H 75 -39.94 32.54 -11.83
C LEU H 75 -40.66 31.72 -12.89
N THR H 76 -41.33 32.40 -13.81
CA THR H 76 -42.06 31.73 -14.89
C THR H 76 -41.08 31.09 -15.85
N VAL H 77 -41.03 29.76 -15.86
CA VAL H 77 -40.13 29.00 -16.72
C VAL H 77 -40.88 28.22 -17.78
N SER H 78 -42.20 28.26 -17.79
CA SER H 78 -42.98 27.53 -18.77
C SER H 78 -42.73 28.07 -20.17
N GLY H 79 -42.79 27.17 -21.15
CA GLY H 79 -42.54 27.55 -22.53
C GLY H 79 -41.10 27.84 -22.87
N LEU H 80 -40.16 27.36 -22.04
CA LEU H 80 -38.74 27.62 -22.29
C LEU H 80 -38.18 26.62 -23.31
N GLN H 81 -38.16 25.35 -22.95
CA GLN H 81 -37.67 24.27 -23.81
C GLN H 81 -38.07 22.95 -23.18
N ALA H 82 -37.65 21.85 -23.80
CA ALA H 82 -37.99 20.50 -23.35
C ALA H 82 -36.76 19.61 -23.26
N GLU H 83 -35.59 20.21 -23.05
CA GLU H 83 -34.35 19.44 -22.91
C GLU H 83 -33.38 20.27 -22.06
N ASP H 84 -33.24 19.89 -20.80
CA ASP H 84 -32.36 20.62 -19.88
C ASP H 84 -31.98 19.70 -18.73
N GLU H 85 -30.71 19.79 -18.31
CA GLU H 85 -30.19 19.02 -17.18
C GLU H 85 -29.31 19.96 -16.36
N ALA H 86 -29.92 20.63 -15.38
CA ALA H 86 -29.21 21.58 -14.53
C ALA H 86 -29.96 21.70 -13.22
N ASP H 87 -29.51 22.62 -12.36
CA ASP H 87 -30.11 22.86 -11.06
C ASP H 87 -30.30 24.35 -10.87
N TYR H 88 -31.51 24.75 -10.50
CA TYR H 88 -31.84 26.15 -10.30
C TYR H 88 -31.77 26.49 -8.82
N TYR H 89 -31.07 27.58 -8.50
CA TYR H 89 -30.94 28.06 -7.13
C TYR H 89 -31.37 29.52 -7.06
N CYS H 90 -32.07 29.87 -5.98
CA CYS H 90 -32.54 31.23 -5.77
C CYS H 90 -31.83 31.84 -4.57
N SER H 91 -31.74 33.16 -4.56
CA SER H 91 -31.05 33.91 -3.52
C SER H 91 -32.02 34.87 -2.84
N SER H 92 -31.99 34.89 -1.52
CA SER H 92 -32.86 35.74 -0.72
C SER H 92 -32.20 35.95 0.64
N TYR H 93 -32.98 36.47 1.59
CA TYR H 93 -32.52 36.72 2.96
C TYR H 93 -31.31 37.66 2.96
N ALA H 94 -31.58 38.89 2.52
CA ALA H 94 -30.55 39.91 2.34
C ALA H 94 -30.23 40.67 3.63
N GLY H 95 -30.52 40.09 4.79
CA GLY H 95 -30.20 40.74 6.05
C GLY H 95 -28.72 41.01 6.21
N SER H 96 -28.40 41.93 7.11
CA SER H 96 -27.02 42.36 7.33
C SER H 96 -26.20 41.21 7.93
N ASN H 97 -25.12 40.84 7.25
CA ASN H 97 -24.19 39.81 7.71
C ASN H 97 -24.92 38.48 7.93
N ASN H 98 -25.50 37.97 6.84
CA ASN H 98 -26.22 36.69 6.85
C ASN H 98 -25.80 35.89 5.63
N PHE H 99 -25.02 34.85 5.85
CA PHE H 99 -24.52 34.00 4.77
C PHE H 99 -25.54 32.91 4.47
N ASP H 100 -25.14 31.94 3.64
CA ASP H 100 -25.99 30.81 3.25
C ASP H 100 -27.28 31.30 2.61
N VAL H 101 -27.15 32.23 1.66
CA VAL H 101 -28.30 32.78 0.97
C VAL H 101 -28.86 31.87 -0.11
N PHE H 102 -28.11 30.83 -0.49
CA PHE H 102 -28.58 29.91 -1.52
C PHE H 102 -29.61 28.94 -0.95
N GLY H 103 -30.19 28.15 -1.84
CA GLY H 103 -31.18 27.16 -1.48
C GLY H 103 -30.70 25.74 -1.72
N THR H 104 -31.59 24.80 -1.43
CA THR H 104 -31.28 23.39 -1.61
C THR H 104 -31.29 23.03 -3.10
N GLY H 105 -30.80 21.83 -3.40
CA GLY H 105 -30.74 21.36 -4.76
C GLY H 105 -32.12 21.05 -5.31
N THR H 106 -32.54 21.78 -6.34
CA THR H 106 -33.85 21.60 -6.97
C THR H 106 -33.62 20.99 -8.35
N LYS H 107 -34.10 19.76 -8.54
CA LYS H 107 -33.94 19.06 -9.82
C LYS H 107 -35.05 19.52 -10.76
N VAL H 108 -34.71 20.45 -11.65
CA VAL H 108 -35.68 21.02 -12.58
C VAL H 108 -35.51 20.42 -13.99
N THR H 109 -34.95 19.22 -14.09
CA THR H 109 -34.77 18.57 -15.38
C THR H 109 -36.12 18.26 -16.01
N VAL H 110 -36.44 18.94 -17.12
CA VAL H 110 -37.72 18.73 -17.78
C VAL H 110 -37.71 17.42 -18.55
N LEU H 111 -36.55 16.95 -18.99
CA LEU H 111 -36.41 15.71 -19.73
C LEU H 111 -35.56 14.68 -19.01
N GLY H 112 -34.42 15.09 -18.46
CA GLY H 112 -33.54 14.17 -17.76
C GLY H 112 -32.49 13.54 -18.65
N GLY H 113 -32.95 12.77 -19.64
CA GLY H 113 -32.03 12.12 -20.56
C GLY H 113 -31.34 13.09 -21.49
N GLY H 114 -32.11 13.80 -22.31
CA GLY H 114 -31.56 14.76 -23.25
C GLY H 114 -32.06 16.18 -23.02
N GLY H 124 -18.71 33.37 -21.17
CA GLY H 124 -17.97 33.30 -19.92
C GLY H 124 -16.54 32.82 -20.10
N GLY H 125 -16.27 32.21 -21.25
CA GLY H 125 -14.95 31.68 -21.53
C GLY H 125 -13.91 32.75 -21.78
N SER H 126 -14.09 33.52 -22.85
CA SER H 126 -13.14 34.58 -23.23
C SER H 126 -13.63 35.97 -22.86
N GLU H 127 -14.58 36.08 -21.94
CA GLU H 127 -15.10 37.38 -21.53
C GLU H 127 -14.00 38.22 -20.87
N VAL H 128 -13.48 37.76 -19.74
CA VAL H 128 -12.40 38.47 -19.06
C VAL H 128 -11.21 37.52 -18.87
N GLN H 129 -11.40 36.47 -18.08
CA GLN H 129 -10.38 35.48 -17.76
C GLN H 129 -11.01 34.40 -16.89
N LEU H 130 -10.34 33.25 -16.83
CA LEU H 130 -10.75 32.17 -15.92
C LEU H 130 -9.53 31.31 -15.61
N VAL H 131 -8.99 31.44 -14.39
CA VAL H 131 -7.85 30.66 -13.96
C VAL H 131 -8.06 30.26 -12.50
N GLU H 132 -7.44 29.14 -12.11
CA GLU H 132 -7.50 28.65 -10.74
C GLU H 132 -6.12 28.12 -10.38
N SER H 133 -6.04 27.42 -9.24
CA SER H 133 -4.79 26.87 -8.75
C SER H 133 -4.60 25.40 -9.09
N GLY H 134 -5.70 24.65 -9.24
CA GLY H 134 -5.60 23.23 -9.53
C GLY H 134 -5.07 22.42 -8.37
N GLY H 135 -5.83 22.37 -7.28
CA GLY H 135 -5.39 21.67 -6.08
C GLY H 135 -5.54 20.17 -6.16
N GLY H 136 -4.71 19.52 -6.98
CA GLY H 136 -4.77 18.08 -7.10
C GLY H 136 -4.08 17.40 -5.91
N LEU H 137 -4.81 16.51 -5.25
CA LEU H 137 -4.30 15.75 -4.10
C LEU H 137 -3.82 16.68 -3.00
N ILE H 138 -4.77 17.45 -2.45
CA ILE H 138 -4.45 18.40 -1.40
C ILE H 138 -4.17 17.66 -0.10
N GLN H 139 -3.02 17.94 0.49
CA GLN H 139 -2.69 17.36 1.79
C GLN H 139 -3.57 17.97 2.86
N PRO H 140 -4.12 17.16 3.77
CA PRO H 140 -5.00 17.70 4.83
C PRO H 140 -4.23 18.66 5.73
N GLY H 141 -4.64 19.93 5.71
CA GLY H 141 -3.95 20.96 6.45
C GLY H 141 -3.10 21.84 5.57
N GLY H 142 -2.01 22.37 6.13
CA GLY H 142 -1.12 23.20 5.34
C GLY H 142 -1.77 24.54 4.99
N SER H 143 -1.35 25.09 3.85
CA SER H 143 -1.87 26.37 3.37
C SER H 143 -1.74 26.40 1.86
N LEU H 144 -2.86 26.25 1.17
CA LEU H 144 -2.92 26.28 -0.29
C LEU H 144 -3.59 27.57 -0.74
N ARG H 145 -3.03 28.18 -1.79
CA ARG H 145 -3.51 29.47 -2.29
C ARG H 145 -4.15 29.27 -3.66
N LEU H 146 -5.34 29.84 -3.83
CA LEU H 146 -6.08 29.77 -5.08
C LEU H 146 -6.32 31.17 -5.60
N SER H 147 -5.96 31.42 -6.86
CA SER H 147 -6.05 32.74 -7.46
C SER H 147 -6.96 32.70 -8.68
N CYS H 148 -7.50 33.87 -9.02
CA CYS H 148 -8.38 34.05 -10.17
C CYS H 148 -7.95 35.29 -10.96
N ALA H 149 -6.66 35.36 -11.29
CA ALA H 149 -6.09 36.48 -12.03
C ALA H 149 -6.91 36.80 -13.27
N ALA H 150 -7.39 38.05 -13.34
CA ALA H 150 -8.23 38.52 -14.44
C ALA H 150 -7.50 39.64 -15.16
N SER H 151 -7.17 39.40 -16.44
CA SER H 151 -6.51 40.41 -17.25
C SER H 151 -7.46 41.49 -17.75
N GLY H 152 -8.75 41.36 -17.48
CA GLY H 152 -9.73 42.35 -17.92
C GLY H 152 -10.17 43.27 -16.80
N PHE H 153 -11.31 42.97 -16.21
CA PHE H 153 -11.82 43.76 -15.09
C PHE H 153 -10.80 43.77 -13.95
N THR H 154 -10.77 44.90 -13.23
CA THR H 154 -9.81 45.06 -12.14
C THR H 154 -10.10 44.06 -11.02
N VAL H 155 -9.05 43.38 -10.56
CA VAL H 155 -9.18 42.35 -9.53
C VAL H 155 -8.94 42.97 -8.16
N SER H 156 -8.91 44.30 -8.10
CA SER H 156 -8.63 45.00 -6.86
C SER H 156 -9.63 46.10 -6.53
N SER H 157 -10.58 46.40 -7.42
CA SER H 157 -11.56 47.45 -7.18
C SER H 157 -12.99 46.94 -7.08
N ASN H 158 -13.35 45.92 -7.86
CA ASN H 158 -14.71 45.40 -7.83
C ASN H 158 -14.91 44.51 -6.61
N TYR H 159 -16.18 44.31 -6.25
CA TYR H 159 -16.55 43.51 -5.09
C TYR H 159 -16.72 42.06 -5.51
N MET H 160 -15.82 41.20 -5.06
CA MET H 160 -15.83 39.79 -5.39
C MET H 160 -16.18 38.96 -4.15
N SER H 161 -16.38 37.66 -4.36
CA SER H 161 -16.72 36.75 -3.29
C SER H 161 -16.28 35.35 -3.66
N TRP H 162 -16.40 34.43 -2.70
CA TRP H 162 -16.03 33.03 -2.89
C TRP H 162 -17.17 32.15 -2.42
N VAL H 163 -17.65 31.28 -3.30
CA VAL H 163 -18.73 30.36 -3.00
C VAL H 163 -18.31 28.96 -3.41
N ARG H 164 -18.47 28.00 -2.51
CA ARG H 164 -18.12 26.61 -2.77
C ARG H 164 -19.37 25.74 -2.75
N GLN H 165 -19.30 24.59 -3.41
CA GLN H 165 -20.38 23.63 -3.45
C GLN H 165 -19.81 22.22 -3.42
N ALA H 166 -20.48 21.33 -2.69
CA ALA H 166 -20.06 19.95 -2.55
C ALA H 166 -21.04 19.02 -3.27
N PRO H 167 -20.56 17.83 -3.68
CA PRO H 167 -21.47 16.85 -4.29
C PRO H 167 -22.70 16.58 -3.45
N GLY H 168 -23.87 16.82 -4.03
CA GLY H 168 -25.14 16.62 -3.33
C GLY H 168 -25.68 17.84 -2.60
N LYS H 169 -24.83 18.51 -1.84
CA LYS H 169 -25.25 19.69 -1.10
C LYS H 169 -25.25 20.92 -2.00
N GLY H 170 -26.03 21.92 -1.60
CA GLY H 170 -26.14 23.14 -2.35
C GLY H 170 -25.01 24.11 -2.06
N LEU H 171 -25.08 25.27 -2.72
CA LEU H 171 -24.07 26.30 -2.55
C LEU H 171 -24.32 27.09 -1.26
N GLU H 172 -23.28 27.80 -0.82
CA GLU H 172 -23.37 28.63 0.38
C GLU H 172 -22.25 29.65 0.35
N TRP H 173 -22.50 30.80 0.97
CA TRP H 173 -21.52 31.88 1.01
C TRP H 173 -20.37 31.51 1.92
N VAL H 174 -19.14 31.62 1.40
CA VAL H 174 -17.96 31.18 2.13
C VAL H 174 -17.07 32.36 2.46
N SER H 175 -17.07 33.38 1.61
CA SER H 175 -16.19 34.52 1.80
C SER H 175 -16.77 35.74 1.11
N VAL H 176 -16.58 36.91 1.73
CA VAL H 176 -16.99 38.19 1.17
C VAL H 176 -15.88 39.20 1.43
N ILE H 177 -15.47 39.91 0.39
CA ILE H 177 -14.40 40.90 0.49
C ILE H 177 -14.82 42.15 -0.27
N TYR H 178 -14.81 43.29 0.42
CA TYR H 178 -15.18 44.56 -0.19
C TYR H 178 -14.00 45.21 -0.89
N SER H 179 -14.09 46.52 -1.14
CA SER H 179 -13.08 47.22 -1.92
C SER H 179 -11.72 47.19 -1.25
N GLY H 180 -11.57 47.83 -0.10
CA GLY H 180 -10.27 47.93 0.53
C GLY H 180 -10.20 47.65 2.02
N GLY H 181 -11.33 47.73 2.72
CA GLY H 181 -11.30 47.70 4.17
C GLY H 181 -12.30 46.79 4.84
N SER H 182 -12.63 45.67 4.21
CA SER H 182 -13.54 44.70 4.80
C SER H 182 -13.07 43.29 4.45
N THR H 183 -12.96 42.44 5.48
CA THR H 183 -12.51 41.06 5.33
C THR H 183 -13.43 40.13 6.10
N TYR H 184 -14.74 40.31 5.92
CA TYR H 184 -15.72 39.49 6.64
C TYR H 184 -15.62 38.04 6.19
N TYR H 185 -15.75 37.13 7.16
CA TYR H 185 -15.71 35.70 6.90
C TYR H 185 -17.07 35.08 7.20
N ALA H 186 -17.30 33.91 6.62
CA ALA H 186 -18.57 33.22 6.79
C ALA H 186 -18.64 32.56 8.16
N ASP H 187 -19.82 32.02 8.48
CA ASP H 187 -20.04 31.36 9.76
C ASP H 187 -19.52 29.92 9.77
N SER H 188 -19.28 29.34 8.60
CA SER H 188 -18.78 27.96 8.55
C SER H 188 -17.36 27.87 9.09
N VAL H 189 -16.49 28.78 8.65
CA VAL H 189 -15.11 28.77 9.13
C VAL H 189 -15.00 29.40 10.52
N LYS H 190 -15.81 30.42 10.80
CA LYS H 190 -15.90 31.09 12.10
C LYS H 190 -14.58 31.71 12.53
N GLY H 191 -13.61 31.85 11.64
CA GLY H 191 -12.35 32.48 11.98
C GLY H 191 -11.12 31.76 11.49
N ARG H 192 -11.25 30.45 11.22
CA ARG H 192 -10.11 29.67 10.76
C ARG H 192 -9.70 30.00 9.33
N PHE H 193 -10.44 30.86 8.64
CA PHE H 193 -10.13 31.25 7.27
C PHE H 193 -9.67 32.70 7.28
N THR H 194 -8.50 32.95 6.68
CA THR H 194 -7.91 34.28 6.62
C THR H 194 -7.71 34.67 5.16
N ILE H 195 -8.45 35.69 4.72
CA ILE H 195 -8.33 36.19 3.35
C ILE H 195 -7.19 37.20 3.28
N SER H 196 -6.33 37.04 2.28
CA SER H 196 -5.19 37.93 2.08
C SER H 196 -5.13 38.32 0.61
N ARG H 197 -5.20 39.61 0.33
CA ARG H 197 -5.17 40.10 -1.04
C ARG H 197 -3.73 40.13 -1.56
N ASP H 198 -3.57 39.72 -2.82
CA ASP H 198 -2.27 39.76 -3.48
C ASP H 198 -1.99 41.18 -3.96
N ASN H 199 -0.99 41.34 -4.82
CA ASN H 199 -0.64 42.64 -5.37
C ASN H 199 -1.85 43.28 -6.04
N SER H 200 -1.96 44.61 -5.89
CA SER H 200 -3.14 45.33 -6.36
C SER H 200 -3.24 45.39 -7.89
N GLU H 201 -2.19 44.98 -8.61
CA GLU H 201 -2.20 45.07 -10.07
C GLU H 201 -1.87 43.73 -10.74
N ASN H 202 -1.78 42.64 -9.98
CA ASN H 202 -1.48 41.33 -10.56
C ASN H 202 -2.66 40.37 -10.44
N THR H 203 -3.15 40.11 -9.24
CA THR H 203 -4.22 39.14 -9.01
C THR H 203 -4.72 39.30 -7.57
N LEU H 204 -5.61 38.41 -7.17
CA LEU H 204 -6.11 38.35 -5.80
C LEU H 204 -6.35 36.89 -5.46
N TYR H 205 -5.57 36.36 -4.52
CA TYR H 205 -5.63 34.95 -4.16
C TYR H 205 -6.22 34.77 -2.77
N LEU H 206 -6.42 33.52 -2.39
CA LEU H 206 -7.02 33.14 -1.12
C LEU H 206 -6.00 32.33 -0.31
N GLN H 207 -6.44 31.83 0.85
CA GLN H 207 -5.58 31.06 1.72
C GLN H 207 -6.42 30.02 2.47
N MET H 208 -5.89 28.81 2.57
CA MET H 208 -6.64 27.72 3.20
C MET H 208 -6.60 27.82 4.72
N ASN H 209 -5.40 27.97 5.29
CA ASN H 209 -5.20 28.15 6.74
C ASN H 209 -5.75 26.96 7.52
N SER H 210 -5.13 25.80 7.29
CA SER H 210 -5.33 24.59 8.09
C SER H 210 -6.81 24.17 8.09
N LEU H 211 -7.25 23.73 6.92
CA LEU H 211 -8.63 23.26 6.73
C LEU H 211 -9.00 22.20 7.76
N ARG H 212 -10.30 22.04 8.01
CA ARG H 212 -10.82 21.11 9.00
C ARG H 212 -11.61 19.98 8.34
N ALA H 213 -11.11 19.47 7.22
CA ALA H 213 -11.67 18.38 6.43
C ALA H 213 -13.02 18.72 5.82
N GLU H 214 -13.52 19.94 5.98
CA GLU H 214 -14.77 20.37 5.37
C GLU H 214 -14.55 21.23 4.13
N ASP H 215 -13.31 21.57 3.82
CA ASP H 215 -12.99 22.38 2.65
C ASP H 215 -12.74 21.53 1.40
N THR H 216 -13.23 20.30 1.38
CA THR H 216 -13.03 19.41 0.24
C THR H 216 -13.85 19.83 -0.97
N ALA H 217 -14.90 20.64 -0.78
CA ALA H 217 -15.75 21.05 -1.89
C ALA H 217 -14.98 21.93 -2.86
N VAL H 218 -15.44 21.93 -4.12
CA VAL H 218 -14.81 22.73 -5.16
C VAL H 218 -15.11 24.20 -4.93
N TYR H 219 -14.17 25.05 -5.31
CA TYR H 219 -14.29 26.49 -5.11
C TYR H 219 -14.71 27.19 -6.39
N TYR H 220 -15.29 28.38 -6.23
CA TYR H 220 -15.69 29.21 -7.36
C TYR H 220 -15.42 30.65 -7.01
N CYS H 221 -14.53 31.30 -7.75
CA CYS H 221 -14.16 32.69 -7.53
C CYS H 221 -14.98 33.56 -8.48
N ALA H 222 -16.03 34.19 -7.95
CA ALA H 222 -16.92 35.03 -8.73
C ALA H 222 -16.46 36.47 -8.69
N ARG H 223 -16.62 37.17 -9.81
CA ARG H 223 -16.22 38.57 -9.90
C ARG H 223 -17.22 39.52 -9.26
N GLY H 224 -18.42 39.04 -8.91
CA GLY H 224 -19.42 39.88 -8.31
C GLY H 224 -20.08 39.22 -7.12
N GLU H 225 -20.80 40.03 -6.35
CA GLU H 225 -21.51 39.54 -5.17
C GLU H 225 -22.67 38.65 -5.59
N ILE H 226 -23.20 37.91 -4.61
CA ILE H 226 -24.29 36.98 -4.86
C ILE H 226 -25.61 37.56 -4.38
N GLN H 227 -25.71 37.84 -3.08
CA GLN H 227 -26.95 38.39 -2.54
C GLN H 227 -27.07 39.89 -2.86
N PRO H 228 -26.03 40.72 -2.58
CA PRO H 228 -26.09 42.12 -3.05
C PRO H 228 -25.52 42.27 -4.46
N TYR H 229 -26.09 41.52 -5.39
CA TYR H 229 -25.57 41.48 -6.75
C TYR H 229 -25.88 42.77 -7.50
N TYR H 230 -24.86 43.30 -8.18
CA TYR H 230 -25.00 44.46 -9.04
C TYR H 230 -24.83 44.02 -10.49
N TYR H 231 -25.30 44.87 -11.41
CA TYR H 231 -25.29 44.52 -12.82
C TYR H 231 -23.87 44.19 -13.29
N TYR H 232 -22.92 45.08 -13.01
CA TYR H 232 -21.50 44.86 -13.32
C TYR H 232 -21.26 44.59 -14.80
N GLY H 233 -22.15 45.08 -15.66
CA GLY H 233 -22.03 44.86 -17.09
C GLY H 233 -22.39 43.45 -17.51
N MET H 234 -21.69 42.46 -16.96
CA MET H 234 -21.95 41.06 -17.28
C MET H 234 -21.50 40.20 -16.11
N ASP H 235 -22.15 39.05 -15.97
CA ASP H 235 -21.83 38.09 -14.91
C ASP H 235 -20.94 37.00 -15.52
N VAL H 236 -19.68 36.96 -15.10
CA VAL H 236 -18.71 35.99 -15.58
C VAL H 236 -18.24 35.15 -14.41
N TRP H 237 -18.27 33.83 -14.58
CA TRP H 237 -17.82 32.88 -13.57
C TRP H 237 -16.56 32.16 -14.06
N GLY H 238 -16.09 31.23 -13.24
CA GLY H 238 -14.92 30.45 -13.58
C GLY H 238 -15.06 29.02 -13.09
N GLN H 239 -14.50 28.11 -13.87
CA GLN H 239 -14.55 26.69 -13.51
C GLN H 239 -13.74 26.44 -12.24
N GLY H 240 -14.19 25.47 -11.45
CA GLY H 240 -13.55 25.13 -10.20
C GLY H 240 -12.63 23.92 -10.31
N THR H 241 -11.94 23.64 -9.21
CA THR H 241 -11.03 22.52 -9.11
C THR H 241 -11.39 21.68 -7.89
N THR H 242 -11.10 20.38 -7.98
CA THR H 242 -11.41 19.46 -6.90
C THR H 242 -10.29 19.47 -5.86
N VAL H 243 -10.66 19.66 -4.60
CA VAL H 243 -9.66 19.67 -3.53
C VAL H 243 -9.12 18.26 -3.29
N THR H 244 -10.01 17.30 -3.08
CA THR H 244 -9.66 15.89 -2.87
C THR H 244 -8.71 15.74 -1.67
N VAL H 245 -9.24 16.10 -0.49
CA VAL H 245 -8.45 15.99 0.73
C VAL H 245 -8.20 14.53 1.05
N SER H 246 -7.12 14.27 1.80
CA SER H 246 -6.72 12.92 2.19
C SER H 246 -6.58 12.84 3.71
N SER H 247 -7.56 13.37 4.42
CA SER H 247 -7.54 13.35 5.88
C SER H 247 -7.88 11.96 6.40
N VAL I 3 -25.18 43.09 38.74
CA VAL I 3 -25.74 43.01 40.09
C VAL I 3 -26.64 44.22 40.36
N LEU I 4 -27.83 43.96 40.88
CA LEU I 4 -28.80 45.00 41.19
C LEU I 4 -29.26 44.83 42.62
N THR I 5 -29.25 45.92 43.39
CA THR I 5 -29.69 45.91 44.77
C THR I 5 -31.15 46.29 44.85
N GLN I 6 -31.97 45.42 45.45
CA GLN I 6 -33.39 45.63 45.58
C GLN I 6 -33.88 45.08 46.90
N PRO I 7 -34.76 45.79 47.60
CA PRO I 7 -35.35 45.28 48.84
C PRO I 7 -35.93 43.89 48.64
N PRO I 8 -35.54 42.92 49.47
CA PRO I 8 -36.06 41.56 49.31
C PRO I 8 -37.55 41.45 49.57
N SER I 9 -38.01 42.02 50.68
CA SER I 9 -39.43 41.96 51.05
C SER I 9 -39.76 43.24 51.81
N ALA I 10 -40.38 44.19 51.13
CA ALA I 10 -40.79 45.44 51.75
C ALA I 10 -42.19 45.31 52.34
N SER I 11 -42.77 46.42 52.77
CA SER I 11 -44.11 46.44 53.34
C SER I 11 -44.83 47.69 52.87
N GLY I 12 -46.05 47.89 53.38
CA GLY I 12 -46.84 49.05 53.01
C GLY I 12 -48.25 49.01 53.56
N THR I 13 -48.89 50.17 53.63
CA THR I 13 -50.26 50.28 54.12
C THR I 13 -51.17 50.81 53.01
N PRO I 14 -52.44 50.40 52.99
CA PRO I 14 -53.35 50.88 51.95
C PRO I 14 -53.67 52.36 52.11
N GLY I 15 -54.07 52.95 51.01
CA GLY I 15 -54.41 54.38 50.97
C GLY I 15 -53.28 55.30 50.57
N GLN I 16 -52.11 55.14 51.19
CA GLN I 16 -50.95 55.97 50.88
C GLN I 16 -50.15 55.32 49.76
N ARG I 17 -48.95 55.85 49.50
CA ARG I 17 -48.08 55.36 48.45
C ARG I 17 -46.75 54.91 49.04
N VAL I 18 -46.09 54.00 48.32
CA VAL I 18 -44.78 53.49 48.73
C VAL I 18 -43.76 53.84 47.65
N THR I 19 -42.50 53.47 47.90
CA THR I 19 -41.41 53.78 46.97
C THR I 19 -40.45 52.60 46.93
N ILE I 20 -40.46 51.86 45.84
CA ILE I 20 -39.54 50.74 45.63
C ILE I 20 -38.35 51.25 44.83
N SER I 21 -37.14 50.99 45.33
CA SER I 21 -35.93 51.46 44.70
C SER I 21 -35.08 50.29 44.22
N CYS I 22 -34.20 50.58 43.26
CA CYS I 22 -33.29 49.58 42.70
C CYS I 22 -31.96 50.26 42.43
N SER I 23 -30.95 49.90 43.20
CA SER I 23 -29.62 50.50 43.10
C SER I 23 -28.74 49.67 42.18
N GLY I 24 -27.99 50.35 41.32
CA GLY I 24 -27.09 49.68 40.40
C GLY I 24 -25.95 50.59 40.01
N SER I 25 -24.87 49.97 39.53
CA SER I 25 -23.69 50.72 39.12
C SER I 25 -23.96 51.44 37.79
N SER I 26 -23.02 52.31 37.42
CA SER I 26 -23.13 53.06 36.18
C SER I 26 -22.83 52.22 34.95
N SER I 27 -22.45 50.96 35.11
CA SER I 27 -22.15 50.10 33.97
C SER I 27 -23.41 49.50 33.36
N ASN I 28 -24.47 49.33 34.17
CA ASN I 28 -25.72 48.74 33.71
C ASN I 28 -26.88 49.73 33.71
N ILE I 29 -27.07 50.47 34.80
CA ILE I 29 -28.15 51.44 34.88
C ILE I 29 -27.71 52.80 34.35
N GLY I 30 -26.48 53.21 34.64
CA GLY I 30 -26.00 54.51 34.19
C GLY I 30 -25.89 54.66 32.69
N SER I 31 -25.82 53.56 31.95
CA SER I 31 -25.67 53.59 30.51
C SER I 31 -26.87 53.01 29.77
N ASN I 32 -27.90 52.55 30.49
CA ASN I 32 -29.07 51.95 29.87
C ASN I 32 -30.31 52.41 30.63
N THR I 33 -31.43 51.75 30.37
CA THR I 33 -32.71 52.08 31.00
C THR I 33 -33.19 50.89 31.82
N VAL I 34 -33.72 51.18 33.00
CA VAL I 34 -34.24 50.15 33.89
C VAL I 34 -35.64 49.75 33.44
N ASN I 35 -35.96 48.46 33.60
CA ASN I 35 -37.26 47.92 33.25
C ASN I 35 -37.90 47.30 34.48
N TRP I 36 -39.15 47.69 34.75
CA TRP I 36 -39.90 47.18 35.90
C TRP I 36 -40.93 46.16 35.42
N TYR I 37 -40.94 44.99 36.05
CA TYR I 37 -41.85 43.92 35.72
C TYR I 37 -42.70 43.55 36.93
N GLN I 38 -43.97 43.28 36.70
CA GLN I 38 -44.91 42.88 37.73
C GLN I 38 -45.38 41.45 37.46
N GLN I 39 -45.39 40.63 38.51
CA GLN I 39 -45.78 39.23 38.39
C GLN I 39 -46.70 38.88 39.54
N LEU I 40 -47.93 38.48 39.22
CA LEU I 40 -48.87 38.04 40.24
C LEU I 40 -48.51 36.63 40.70
N PRO I 41 -48.73 36.31 41.98
CA PRO I 41 -48.41 34.97 42.47
C PRO I 41 -49.29 33.89 41.86
N GLY I 42 -48.69 33.04 41.04
CA GLY I 42 -49.43 31.96 40.42
C GLY I 42 -49.54 32.06 38.90
N THR I 43 -49.69 33.30 38.41
CA THR I 43 -49.85 33.54 36.99
C THR I 43 -48.54 33.97 36.36
N ALA I 44 -48.57 34.14 35.04
CA ALA I 44 -47.38 34.54 34.31
C ALA I 44 -47.10 36.03 34.54
N PRO I 45 -45.83 36.44 34.47
CA PRO I 45 -45.48 37.85 34.65
C PRO I 45 -46.03 38.71 33.51
N LYS I 46 -45.83 40.02 33.66
CA LYS I 46 -46.27 40.97 32.65
C LYS I 46 -45.45 42.24 32.80
N LEU I 47 -45.30 42.97 31.69
CA LEU I 47 -44.55 44.21 31.70
C LEU I 47 -45.32 45.30 32.44
N LEU I 48 -44.61 46.06 33.26
CA LEU I 48 -45.20 47.14 34.04
C LEU I 48 -44.73 48.51 33.56
N ILE I 49 -43.42 48.74 33.52
CA ILE I 49 -42.85 50.01 33.08
C ILE I 49 -41.61 49.73 32.26
N TYR I 50 -41.56 50.28 31.05
CA TYR I 50 -40.42 50.12 30.16
C TYR I 50 -39.82 51.48 29.85
N SER I 51 -38.49 51.52 29.75
CA SER I 51 -37.69 52.71 29.45
C SER I 51 -37.86 53.81 30.48
N ASN I 52 -38.52 53.54 31.61
CA ASN I 52 -38.70 54.44 32.74
C ASN I 52 -39.49 55.70 32.40
N ASN I 53 -40.01 55.82 31.18
CA ASN I 53 -40.77 57.00 30.80
C ASN I 53 -42.14 56.69 30.24
N GLN I 54 -42.29 55.59 29.51
CA GLN I 54 -43.56 55.20 28.92
C GLN I 54 -44.11 53.96 29.63
N ARG I 55 -45.39 53.71 29.41
CA ARG I 55 -46.10 52.58 29.99
C ARG I 55 -46.93 51.89 28.92
N PRO I 56 -47.10 50.58 29.01
CA PRO I 56 -47.92 49.87 28.02
C PRO I 56 -49.37 50.30 28.07
N SER I 57 -50.14 49.84 27.08
CA SER I 57 -51.55 50.19 27.01
C SER I 57 -52.35 49.53 28.12
N GLY I 58 -51.96 48.33 28.55
CA GLY I 58 -52.68 47.65 29.61
C GLY I 58 -52.38 48.20 30.99
N VAL I 59 -51.18 48.74 31.20
CA VAL I 59 -50.79 49.30 32.49
C VAL I 59 -51.46 50.66 32.66
N PRO I 60 -52.26 50.85 33.70
CA PRO I 60 -52.92 52.15 33.91
C PRO I 60 -51.93 53.18 34.44
N ASP I 61 -52.46 54.37 34.74
CA ASP I 61 -51.66 55.46 35.27
C ASP I 61 -51.36 55.33 36.75
N ARG I 62 -51.67 54.18 37.36
CA ARG I 62 -51.41 53.95 38.77
C ARG I 62 -49.95 53.66 39.07
N PHE I 63 -49.08 53.63 38.06
CA PHE I 63 -47.67 53.33 38.25
C PHE I 63 -46.82 54.40 37.58
N SER I 64 -45.65 54.65 38.15
CA SER I 64 -44.72 55.63 37.61
C SER I 64 -43.30 55.28 38.07
N GLY I 65 -42.34 55.65 37.25
CA GLY I 65 -40.95 55.37 37.55
C GLY I 65 -40.06 56.52 37.15
N SER I 66 -38.88 56.57 37.79
CA SER I 66 -37.91 57.62 37.53
C SER I 66 -36.51 57.02 37.50
N LYS I 67 -35.58 57.73 36.87
CA LYS I 67 -34.19 57.31 36.75
C LYS I 67 -33.26 58.41 37.25
N SER I 68 -33.58 58.96 38.43
CA SER I 68 -32.77 60.01 39.03
C SER I 68 -31.43 59.43 39.48
N GLY I 69 -30.36 59.81 38.80
CA GLY I 69 -29.05 59.30 39.14
C GLY I 69 -28.80 57.92 38.54
N THR I 70 -28.06 57.10 39.29
CA THR I 70 -27.73 55.75 38.87
C THR I 70 -28.65 54.69 39.46
N SER I 71 -29.80 55.10 40.00
CA SER I 71 -30.75 54.18 40.60
C SER I 71 -32.16 54.50 40.11
N ALA I 72 -33.01 53.48 40.10
CA ALA I 72 -34.39 53.63 39.69
C ALA I 72 -35.31 53.67 40.91
N SER I 73 -36.43 54.39 40.77
CA SER I 73 -37.39 54.55 41.85
C SER I 73 -38.79 54.31 41.31
N LEU I 74 -39.53 53.43 41.97
CA LEU I 74 -40.90 53.12 41.60
C LEU I 74 -41.87 53.86 42.52
N ALA I 75 -43.00 54.26 41.94
CA ALA I 75 -44.02 55.00 42.69
C ALA I 75 -45.39 54.50 42.28
N ILE I 76 -46.20 54.11 43.26
CA ILE I 76 -47.54 53.60 43.04
C ILE I 76 -48.49 54.50 43.84
N SER I 77 -49.06 55.50 43.17
CA SER I 77 -49.97 56.43 43.83
C SER I 77 -51.32 55.76 44.06
N GLY I 78 -51.65 55.51 45.33
CA GLY I 78 -52.92 54.90 45.66
C GLY I 78 -52.96 53.41 45.41
N LEU I 79 -52.11 52.66 46.10
CA LEU I 79 -52.09 51.21 45.94
C LEU I 79 -53.32 50.57 46.57
N GLN I 80 -53.61 49.34 46.16
CA GLN I 80 -54.75 48.59 46.67
C GLN I 80 -54.34 47.13 46.79
N SER I 81 -55.32 46.26 47.02
CA SER I 81 -55.05 44.84 47.15
C SER I 81 -54.64 44.20 45.83
N GLU I 82 -55.04 44.78 44.70
CA GLU I 82 -54.68 44.24 43.40
C GLU I 82 -53.20 44.46 43.07
N ASP I 83 -52.55 45.43 43.71
CA ASP I 83 -51.15 45.72 43.47
C ASP I 83 -50.21 44.86 44.31
N GLU I 84 -50.73 43.81 44.94
CA GLU I 84 -49.92 42.91 45.76
C GLU I 84 -49.29 41.88 44.84
N ALA I 85 -48.08 42.19 44.35
CA ALA I 85 -47.38 41.31 43.42
C ALA I 85 -45.88 41.51 43.62
N ASP I 86 -45.09 40.73 42.87
CA ASP I 86 -43.65 40.81 42.93
C ASP I 86 -43.15 41.78 41.87
N TYR I 87 -42.20 42.63 42.26
CA TYR I 87 -41.63 43.64 41.38
C TYR I 87 -40.15 43.31 41.15
N TYR I 88 -39.77 43.16 39.88
CA TYR I 88 -38.41 42.81 39.51
C TYR I 88 -37.80 43.92 38.66
N CYS I 89 -36.53 44.21 38.92
CA CYS I 89 -35.77 45.19 38.17
C CYS I 89 -34.84 44.51 37.19
N ALA I 90 -34.76 45.04 35.97
CA ALA I 90 -33.94 44.45 34.92
C ALA I 90 -33.21 45.56 34.17
N ALA I 91 -31.96 45.27 33.78
CA ALA I 91 -31.16 46.23 33.05
C ALA I 91 -30.10 45.47 32.24
N TRP I 92 -29.77 45.99 31.07
CA TRP I 92 -28.78 45.37 30.20
C TRP I 92 -27.42 46.01 30.48
N ASP I 93 -26.48 45.19 30.94
CA ASP I 93 -25.14 45.67 31.22
C ASP I 93 -24.32 45.74 29.94
N ASP I 94 -23.32 46.63 29.95
CA ASP I 94 -22.47 46.84 28.78
C ASP I 94 -21.53 45.67 28.51
N SER I 95 -21.51 44.64 29.37
CA SER I 95 -20.67 43.47 29.17
C SER I 95 -21.42 42.33 28.51
N LEU I 96 -22.43 42.65 27.69
CA LEU I 96 -23.23 41.67 26.96
C LEU I 96 -23.88 40.68 27.91
N ASN I 97 -24.74 41.20 28.78
CA ASN I 97 -25.47 40.37 29.73
C ASN I 97 -26.71 41.13 30.19
N TRP I 98 -27.66 40.38 30.73
CA TRP I 98 -28.94 40.92 31.21
C TRP I 98 -29.08 40.52 32.67
N VAL I 99 -28.81 41.46 33.57
CA VAL I 99 -28.89 41.21 35.01
C VAL I 99 -30.30 41.56 35.48
N PHE I 100 -30.91 40.64 36.22
CA PHE I 100 -32.25 40.82 36.75
C PHE I 100 -32.19 41.14 38.24
N GLY I 101 -33.35 41.50 38.78
CA GLY I 101 -33.47 41.84 40.20
C GLY I 101 -33.69 40.62 41.06
N GLY I 102 -34.11 40.89 42.30
CA GLY I 102 -34.37 39.82 43.25
C GLY I 102 -35.84 39.64 43.56
N GLY I 103 -36.60 40.74 43.54
CA GLY I 103 -38.01 40.69 43.83
C GLY I 103 -38.39 41.49 45.06
N THR I 104 -39.55 42.14 45.02
CA THR I 104 -40.05 42.96 46.12
C THR I 104 -41.41 42.44 46.55
N LYS I 105 -41.46 41.80 47.72
CA LYS I 105 -42.72 41.28 48.26
C LYS I 105 -43.53 42.43 48.84
N LEU I 106 -44.17 43.17 47.95
CA LEU I 106 -45.01 44.31 48.33
C LEU I 106 -46.40 43.79 48.72
N THR I 107 -46.44 43.09 49.85
CA THR I 107 -47.67 42.51 50.36
C THR I 107 -48.34 43.45 51.34
N VAL I 108 -49.67 43.53 51.25
CA VAL I 108 -50.47 44.37 52.13
C VAL I 108 -51.70 43.56 52.54
N LEU I 109 -51.85 43.33 53.85
CA LEU I 109 -53.00 42.57 54.37
C LEU I 109 -54.11 43.52 54.80
N GLY I 110 -54.59 44.30 53.84
CA GLY I 110 -55.66 45.25 54.10
C GLY I 110 -55.23 46.43 54.96
N GLU I 125 -54.30 40.09 20.93
CA GLU I 125 -54.27 38.95 21.83
C GLU I 125 -53.61 37.76 21.13
N VAL I 126 -52.33 37.55 21.43
CA VAL I 126 -51.56 36.45 20.86
C VAL I 126 -51.01 35.61 22.00
N GLN I 127 -51.24 34.29 21.93
CA GLN I 127 -50.76 33.38 22.96
C GLN I 127 -49.32 33.01 22.70
N LEU I 128 -48.51 33.03 23.76
CA LEU I 128 -47.09 32.69 23.69
C LEU I 128 -46.79 31.45 24.52
N VAL I 129 -47.67 30.44 24.44
CA VAL I 129 -47.48 29.22 25.21
C VAL I 129 -46.35 28.40 24.62
N GLU I 130 -45.55 27.78 25.49
CA GLU I 130 -44.44 26.94 25.07
C GLU I 130 -44.47 25.64 25.88
N SER I 131 -43.66 24.69 25.44
CA SER I 131 -43.56 23.39 26.11
C SER I 131 -42.20 22.77 25.76
N GLY I 132 -42.00 21.55 26.22
CA GLY I 132 -40.76 20.84 25.97
C GLY I 132 -39.98 20.52 27.23
N GLY I 133 -40.68 20.45 28.36
CA GLY I 133 -40.05 20.16 29.62
C GLY I 133 -40.01 18.68 29.95
N GLY I 134 -40.33 18.34 31.19
CA GLY I 134 -40.34 16.94 31.60
C GLY I 134 -39.01 16.52 32.22
N VAL I 135 -39.10 15.56 33.14
CA VAL I 135 -37.91 15.05 33.80
C VAL I 135 -37.13 14.16 32.82
N VAL I 136 -35.83 14.39 32.75
CA VAL I 136 -34.94 13.65 31.85
C VAL I 136 -33.75 13.15 32.65
N GLN I 137 -32.90 12.37 31.97
CA GLN I 137 -31.70 11.84 32.60
C GLN I 137 -30.70 12.96 32.81
N PRO I 138 -30.04 13.02 33.98
CA PRO I 138 -29.03 14.06 34.21
C PRO I 138 -27.85 13.92 33.25
N GLY I 139 -27.12 15.01 33.09
CA GLY I 139 -26.05 15.06 32.12
C GLY I 139 -26.53 15.57 30.78
N GLY I 140 -27.48 14.85 30.18
CA GLY I 140 -28.11 15.26 28.95
C GLY I 140 -29.44 15.95 29.19
N SER I 141 -30.07 16.36 28.09
CA SER I 141 -31.35 17.05 28.14
C SER I 141 -32.00 16.97 26.76
N LEU I 142 -33.11 17.67 26.60
CA LEU I 142 -33.85 17.72 25.35
C LEU I 142 -33.91 19.17 24.86
N ARG I 143 -34.67 19.39 23.79
CA ARG I 143 -34.82 20.71 23.21
C ARG I 143 -35.98 21.45 23.85
N LEU I 144 -35.91 22.78 23.84
CA LEU I 144 -36.95 23.64 24.37
C LEU I 144 -37.67 24.32 23.22
N SER I 145 -38.96 24.02 23.06
CA SER I 145 -39.76 24.54 21.96
C SER I 145 -40.65 25.67 22.43
N CYS I 146 -41.18 26.41 21.46
CA CYS I 146 -42.10 27.51 21.72
C CYS I 146 -42.91 27.76 20.45
N ALA I 147 -44.03 28.45 20.61
CA ALA I 147 -44.91 28.71 19.48
C ALA I 147 -45.76 29.95 19.78
N ALA I 148 -46.45 30.42 18.74
CA ALA I 148 -47.32 31.57 18.85
C ALA I 148 -48.38 31.48 17.75
N SER I 149 -49.10 32.57 17.52
CA SER I 149 -50.15 32.57 16.50
C SER I 149 -50.21 33.97 15.89
N GLY I 150 -49.50 34.16 14.77
CA GLY I 150 -49.55 35.40 14.02
C GLY I 150 -49.17 36.64 14.79
N PHE I 151 -47.89 36.74 15.17
CA PHE I 151 -47.40 37.91 15.90
C PHE I 151 -46.17 38.52 15.24
N ARG I 152 -45.93 38.23 13.95
CA ARG I 152 -44.82 38.79 13.19
C ARG I 152 -43.48 38.45 13.86
N PHE I 153 -43.20 37.14 13.87
CA PHE I 153 -41.98 36.64 14.52
C PHE I 153 -40.72 37.25 13.92
N ASP I 154 -40.77 37.64 12.64
CA ASP I 154 -39.58 38.18 12.00
C ASP I 154 -39.24 39.58 12.53
N ASP I 155 -40.25 40.36 12.90
CA ASP I 155 -40.06 41.73 13.36
C ASP I 155 -40.08 41.85 14.88
N HIS I 156 -39.82 40.76 15.59
CA HIS I 156 -39.80 40.78 17.05
C HIS I 156 -38.73 39.82 17.56
N ALA I 157 -38.22 40.12 18.74
CA ALA I 157 -37.20 39.30 19.39
C ALA I 157 -37.81 38.46 20.49
N MET I 158 -37.07 37.43 20.90
CA MET I 158 -37.52 36.52 21.94
C MET I 158 -36.44 36.37 23.01
N HIS I 159 -36.88 36.27 24.26
CA HIS I 159 -35.97 36.12 25.39
C HIS I 159 -36.32 34.85 26.16
N TRP I 160 -35.33 34.33 26.86
CA TRP I 160 -35.49 33.17 27.74
C TRP I 160 -35.24 33.61 29.17
N VAL I 161 -36.31 33.87 29.91
CA VAL I 161 -36.23 34.30 31.30
C VAL I 161 -36.88 33.21 32.13
N ARG I 162 -36.07 32.29 32.66
CA ARG I 162 -36.57 31.20 33.46
C ARG I 162 -36.78 31.66 34.90
N GLN I 163 -37.64 30.91 35.62
CA GLN I 163 -37.98 31.23 36.99
C GLN I 163 -38.07 29.95 37.79
N ALA I 164 -37.18 29.78 38.77
CA ALA I 164 -37.23 28.61 39.63
C ALA I 164 -38.43 28.72 40.57
N PRO I 165 -39.00 27.57 40.98
CA PRO I 165 -40.13 27.61 41.91
C PRO I 165 -39.74 28.24 43.23
N GLY I 166 -40.37 29.38 43.54
CA GLY I 166 -40.11 30.11 44.75
C GLY I 166 -38.97 31.12 44.65
N LYS I 167 -38.05 30.94 43.72
CA LYS I 167 -36.92 31.83 43.56
C LYS I 167 -37.28 32.94 42.56
N GLY I 168 -36.29 33.76 42.20
CA GLY I 168 -36.49 34.84 41.27
C GLY I 168 -36.32 34.43 39.83
N LEU I 169 -36.22 35.43 38.96
CA LEU I 169 -36.06 35.22 37.53
C LEU I 169 -34.66 35.63 37.10
N GLU I 170 -34.22 35.09 35.96
CA GLU I 170 -32.91 35.39 35.42
C GLU I 170 -32.93 35.15 33.92
N TRP I 171 -32.10 35.90 33.20
CA TRP I 171 -32.05 35.83 31.74
C TRP I 171 -31.06 34.77 31.29
N VAL I 172 -31.47 33.97 30.31
CA VAL I 172 -30.68 32.85 29.83
C VAL I 172 -30.01 33.21 28.51
N SER I 173 -30.81 33.50 27.48
CA SER I 173 -30.27 33.80 26.17
C SER I 173 -31.21 34.75 25.45
N VAL I 174 -30.76 35.25 24.30
CA VAL I 174 -31.52 36.22 23.51
C VAL I 174 -31.32 35.89 22.03
N ILE I 175 -32.40 36.05 21.26
CA ILE I 175 -32.36 35.90 19.81
C ILE I 175 -32.97 37.15 19.18
N SER I 176 -32.31 37.71 18.19
CA SER I 176 -32.77 38.91 17.52
C SER I 176 -33.77 38.55 16.42
N GLY I 177 -34.54 39.55 15.99
CA GLY I 177 -35.49 39.34 14.93
C GLY I 177 -34.84 39.07 13.59
N ASP I 178 -33.63 39.58 13.38
CA ASP I 178 -32.92 39.32 12.13
C ASP I 178 -32.40 37.89 12.08
N GLY I 179 -32.06 37.31 13.23
CA GLY I 179 -31.54 35.96 13.27
C GLY I 179 -30.05 35.82 13.10
N GLY I 180 -29.28 36.84 13.47
CA GLY I 180 -27.84 36.79 13.32
C GLY I 180 -27.11 36.53 14.62
N SER I 181 -26.54 37.57 15.21
CA SER I 181 -25.77 37.42 16.44
C SER I 181 -26.70 37.16 17.63
N THR I 182 -26.25 36.29 18.53
CA THR I 182 -26.99 35.96 19.74
C THR I 182 -26.05 36.01 20.92
N TYR I 183 -26.63 36.24 22.11
CA TYR I 183 -25.87 36.35 23.35
C TYR I 183 -26.43 35.39 24.38
N TYR I 184 -25.54 34.89 25.23
CA TYR I 184 -25.89 33.97 26.31
C TYR I 184 -25.47 34.58 27.65
N ALA I 185 -25.91 33.93 28.73
CA ALA I 185 -25.57 34.39 30.06
C ALA I 185 -24.16 33.94 30.44
N ASP I 186 -23.75 34.26 31.66
CA ASP I 186 -22.41 33.92 32.12
C ASP I 186 -22.29 32.45 32.52
N SER I 187 -23.41 31.76 32.77
CA SER I 187 -23.39 30.36 33.17
C SER I 187 -23.86 29.41 32.07
N VAL I 188 -24.67 29.87 31.13
CA VAL I 188 -25.20 29.02 30.07
C VAL I 188 -24.46 29.21 28.76
N LYS I 189 -23.32 29.90 28.78
CA LYS I 189 -22.57 30.16 27.57
C LYS I 189 -21.83 28.90 27.12
N GLY I 190 -21.87 28.65 25.81
CA GLY I 190 -21.17 27.50 25.24
C GLY I 190 -22.02 26.26 25.13
N ARG I 191 -22.59 25.81 26.24
CA ARG I 191 -23.38 24.59 26.28
C ARG I 191 -24.84 24.80 25.86
N PHE I 192 -25.17 25.97 25.33
CA PHE I 192 -26.52 26.28 24.86
C PHE I 192 -26.47 26.71 23.41
N SER I 193 -27.49 26.32 22.64
CA SER I 193 -27.58 26.67 21.22
C SER I 193 -29.01 27.07 20.92
N ILE I 194 -29.22 28.35 20.63
CA ILE I 194 -30.54 28.90 20.31
C ILE I 194 -30.55 29.30 18.85
N SER I 195 -31.63 28.98 18.15
CA SER I 195 -31.76 29.30 16.74
C SER I 195 -33.24 29.25 16.36
N ARG I 196 -33.52 29.68 15.13
CA ARG I 196 -34.89 29.67 14.62
C ARG I 196 -34.94 28.92 13.29
N ASP I 197 -36.09 28.95 12.63
CA ASP I 197 -36.27 28.26 11.36
C ASP I 197 -37.20 29.10 10.47
N ASP I 198 -37.24 28.74 9.18
CA ASP I 198 -38.08 29.44 8.22
C ASP I 198 -39.54 29.01 8.29
N SER I 199 -39.90 28.14 9.23
CA SER I 199 -41.26 27.66 9.37
C SER I 199 -42.09 28.71 10.13
N LYS I 200 -43.27 28.31 10.60
CA LYS I 200 -44.15 29.20 11.34
C LYS I 200 -43.52 29.62 12.66
N ASN I 201 -44.23 30.47 13.41
CA ASN I 201 -43.71 31.01 14.67
C ASN I 201 -43.27 29.90 15.61
N SER I 202 -41.97 29.84 15.87
CA SER I 202 -41.39 28.81 16.73
C SER I 202 -40.05 29.29 17.25
N LEU I 203 -39.52 28.55 18.21
CA LEU I 203 -38.23 28.87 18.81
C LEU I 203 -37.65 27.61 19.42
N TYR I 204 -36.43 27.25 19.01
CA TYR I 204 -35.77 26.04 19.47
C TYR I 204 -34.55 26.42 20.30
N LEU I 205 -34.44 25.84 21.49
CA LEU I 205 -33.31 26.06 22.39
C LEU I 205 -32.78 24.71 22.84
N GLN I 206 -31.53 24.42 22.50
CA GLN I 206 -30.88 23.16 22.85
C GLN I 206 -30.03 23.36 24.11
N MET I 207 -30.14 22.42 25.04
CA MET I 207 -29.39 22.46 26.29
C MET I 207 -28.39 21.31 26.33
N ASN I 208 -27.20 21.60 26.84
CA ASN I 208 -26.16 20.59 26.97
C ASN I 208 -25.45 20.76 28.30
N SER I 209 -24.74 19.71 28.72
CA SER I 209 -24.00 19.69 29.97
C SER I 209 -24.90 20.02 31.16
N LEU I 210 -25.90 19.17 31.36
CA LEU I 210 -26.86 19.37 32.44
C LEU I 210 -26.20 19.11 33.79
N ARG I 211 -26.22 20.12 34.66
CA ARG I 211 -25.63 20.02 35.99
C ARG I 211 -26.68 19.94 37.09
N THR I 212 -27.91 19.60 36.72
CA THR I 212 -29.06 19.39 37.60
C THR I 212 -29.55 20.66 38.28
N GLU I 213 -28.86 21.78 38.10
CA GLU I 213 -29.30 23.07 38.65
C GLU I 213 -30.10 23.87 37.63
N ASP I 214 -31.14 23.25 37.07
CA ASP I 214 -31.95 23.90 36.05
C ASP I 214 -33.44 23.76 36.32
N THR I 215 -33.85 23.60 37.57
CA THR I 215 -35.26 23.48 37.91
C THR I 215 -35.94 24.84 37.81
N ALA I 216 -36.54 25.13 36.65
CA ALA I 216 -37.18 26.41 36.42
C ALA I 216 -38.33 26.20 35.43
N LEU I 217 -38.84 27.29 34.87
CA LEU I 217 -39.96 27.25 33.94
C LEU I 217 -39.59 27.59 32.51
N TYR I 218 -38.54 28.38 32.30
CA TYR I 218 -38.07 28.75 30.97
C TYR I 218 -39.16 29.43 30.15
N TYR I 219 -39.56 30.61 30.62
CA TYR I 219 -40.59 31.38 29.94
C TYR I 219 -40.13 31.78 28.54
N CYS I 220 -41.01 31.58 27.55
CA CYS I 220 -40.75 32.01 26.18
C CYS I 220 -41.19 33.47 26.06
N ALA I 221 -40.29 34.35 26.49
CA ALA I 221 -40.61 35.77 26.59
C ALA I 221 -40.63 36.42 25.20
N LYS I 222 -41.66 37.23 24.96
CA LYS I 222 -41.79 37.98 23.71
C LYS I 222 -41.32 39.41 23.91
N ASP I 223 -40.60 39.92 22.91
CA ASP I 223 -40.09 41.29 22.94
C ASP I 223 -40.70 42.08 21.78
N ARG I 224 -40.33 43.36 21.72
CA ARG I 224 -40.82 44.26 20.68
C ARG I 224 -39.75 44.79 19.74
N SER I 225 -38.48 44.76 20.14
CA SER I 225 -37.40 45.26 19.30
C SER I 225 -37.10 44.27 18.17
N TYR I 226 -36.17 44.66 17.31
CA TYR I 226 -35.76 43.84 16.17
C TYR I 226 -34.36 43.25 16.34
N GLY I 227 -33.37 44.09 16.61
CA GLY I 227 -32.02 43.63 16.82
C GLY I 227 -31.78 43.20 18.25
N PRO I 228 -30.55 42.79 18.54
CA PRO I 228 -30.20 42.41 19.90
C PRO I 228 -30.20 43.60 20.81
N PRO I 229 -30.61 43.43 22.08
CA PRO I 229 -30.66 44.58 23.01
C PRO I 229 -29.29 45.07 23.44
N ASP I 230 -28.43 45.40 22.49
CA ASP I 230 -27.12 45.95 22.80
C ASP I 230 -26.89 47.26 22.04
N VAL I 231 -27.53 47.39 20.89
CA VAL I 231 -27.42 48.61 20.08
C VAL I 231 -28.62 49.50 20.37
N PHE I 232 -29.76 48.89 20.70
CA PHE I 232 -30.98 49.62 21.04
C PHE I 232 -31.10 49.65 22.56
N ASN I 233 -30.51 50.68 23.17
CA ASN I 233 -30.49 50.82 24.61
C ASN I 233 -31.59 51.72 25.14
N TYR I 234 -32.61 52.01 24.33
CA TYR I 234 -33.74 52.81 24.77
C TYR I 234 -35.09 52.25 24.36
N GLU I 235 -35.13 51.29 23.44
CA GLU I 235 -36.37 50.67 23.00
C GLU I 235 -36.53 49.24 23.50
N TYR I 236 -35.48 48.62 24.00
CA TYR I 236 -35.55 47.23 24.43
C TYR I 236 -36.51 47.09 25.60
N GLY I 237 -37.38 46.09 25.51
CA GLY I 237 -38.35 45.81 26.57
C GLY I 237 -38.74 44.35 26.57
N MET I 238 -40.00 44.08 26.88
CA MET I 238 -40.50 42.71 26.89
C MET I 238 -42.01 42.75 26.84
N ASP I 239 -42.60 42.09 25.84
CA ASP I 239 -44.03 42.09 25.65
C ASP I 239 -44.68 41.08 26.60
N VAL I 240 -45.96 40.76 26.34
CA VAL I 240 -46.69 39.84 27.20
C VAL I 240 -45.99 38.48 27.24
N TRP I 241 -45.98 37.87 28.41
CA TRP I 241 -45.30 36.60 28.63
C TRP I 241 -46.16 35.46 28.09
N GLY I 242 -45.77 34.23 28.39
CA GLY I 242 -46.51 33.06 27.95
C GLY I 242 -46.47 31.97 29.00
N GLN I 243 -47.48 31.12 28.97
CA GLN I 243 -47.58 30.01 29.93
C GLN I 243 -46.51 28.98 29.62
N GLY I 244 -45.58 28.79 30.56
CA GLY I 244 -44.50 27.86 30.37
C GLY I 244 -44.70 26.54 31.10
N THR I 245 -43.93 25.55 30.68
CA THR I 245 -43.98 24.22 31.29
C THR I 245 -43.05 24.15 32.49
N THR I 246 -43.34 23.22 33.39
CA THR I 246 -42.56 23.03 34.61
C THR I 246 -41.62 21.84 34.40
N VAL I 247 -40.37 22.14 34.08
CA VAL I 247 -39.35 21.12 33.87
C VAL I 247 -38.57 20.94 35.18
N THR I 248 -38.61 19.74 35.74
CA THR I 248 -37.92 19.41 36.98
C THR I 248 -37.06 18.17 36.74
N VAL I 249 -35.77 18.38 36.50
CA VAL I 249 -34.86 17.26 36.27
C VAL I 249 -34.66 16.46 37.55
N SER I 250 -34.34 17.15 38.65
CA SER I 250 -34.15 16.54 39.97
C SER I 250 -33.11 15.42 39.93
N SER I 251 -32.08 15.58 39.08
CA SER I 251 -31.01 14.59 38.93
C SER I 251 -31.54 13.21 38.56
N LEU J 24 -69.47 -60.12 -56.02
CA LEU J 24 -68.85 -60.45 -57.29
C LEU J 24 -68.03 -61.74 -57.18
N PRO J 25 -68.64 -62.87 -57.52
CA PRO J 25 -67.93 -64.15 -57.45
C PRO J 25 -66.93 -64.28 -58.59
N PRO J 26 -65.64 -64.44 -58.27
CA PRO J 26 -64.64 -64.59 -59.33
C PRO J 26 -64.65 -65.99 -59.91
N ALA J 27 -64.81 -66.07 -61.24
CA ALA J 27 -64.82 -67.34 -61.94
C ALA J 27 -63.40 -67.68 -62.40
N TYR J 28 -63.26 -68.71 -63.22
CA TYR J 28 -61.96 -69.13 -63.71
C TYR J 28 -62.10 -69.67 -65.13
N THR J 29 -61.07 -69.43 -65.94
CA THR J 29 -60.99 -69.89 -67.32
C THR J 29 -59.73 -70.73 -67.49
N ASN J 30 -59.45 -71.10 -68.74
CA ASN J 30 -58.32 -71.95 -69.07
C ASN J 30 -57.29 -71.17 -69.88
N SER J 31 -56.05 -71.68 -69.87
CA SER J 31 -54.90 -71.05 -70.49
C SER J 31 -54.11 -72.07 -71.30
N PHE J 32 -54.80 -72.80 -72.17
CA PHE J 32 -54.24 -73.93 -72.91
C PHE J 32 -52.85 -73.65 -73.48
N THR J 33 -52.76 -72.73 -74.43
CA THR J 33 -51.50 -72.42 -75.10
C THR J 33 -51.33 -70.91 -75.26
N ARG J 34 -51.64 -70.16 -74.20
CA ARG J 34 -51.52 -68.71 -74.21
C ARG J 34 -50.76 -68.26 -72.97
N GLY J 35 -49.88 -67.27 -73.15
CA GLY J 35 -49.10 -66.76 -72.04
C GLY J 35 -47.61 -66.91 -72.22
N VAL J 36 -47.16 -66.95 -73.47
CA VAL J 36 -45.75 -67.09 -73.81
C VAL J 36 -45.32 -65.87 -74.61
N TYR J 37 -44.17 -65.30 -74.24
CA TYR J 37 -43.61 -64.13 -74.90
C TYR J 37 -42.14 -64.39 -75.21
N TYR J 38 -41.48 -63.39 -75.78
CA TYR J 38 -40.05 -63.49 -76.09
C TYR J 38 -39.22 -63.15 -74.84
N PRO J 39 -38.47 -64.11 -74.31
CA PRO J 39 -37.65 -63.82 -73.12
C PRO J 39 -36.49 -62.89 -73.42
N ASP J 40 -35.81 -63.12 -74.53
CA ASP J 40 -34.66 -62.31 -74.94
C ASP J 40 -34.88 -61.78 -76.35
N LYS J 41 -34.26 -60.64 -76.63
CA LYS J 41 -34.37 -59.99 -77.94
C LYS J 41 -33.24 -60.44 -78.86
N VAL J 42 -33.18 -61.74 -79.11
CA VAL J 42 -32.15 -62.36 -79.93
C VAL J 42 -32.83 -63.15 -81.03
N PHE J 43 -32.35 -62.97 -82.26
CA PHE J 43 -32.93 -63.67 -83.41
C PHE J 43 -32.49 -65.12 -83.42
N ARG J 44 -33.46 -66.02 -83.56
CA ARG J 44 -33.19 -67.46 -83.64
C ARG J 44 -34.08 -68.08 -84.71
N SER J 45 -33.50 -68.97 -85.50
CA SER J 45 -34.21 -69.60 -86.62
C SER J 45 -33.89 -71.09 -86.64
N SER J 46 -34.95 -71.90 -86.71
CA SER J 46 -34.83 -73.37 -86.85
C SER J 46 -34.00 -73.98 -85.72
N VAL J 47 -34.12 -73.44 -84.51
CA VAL J 47 -33.42 -73.96 -83.34
C VAL J 47 -34.45 -74.20 -82.24
N LEU J 48 -34.02 -74.96 -81.23
CA LEU J 48 -34.84 -75.31 -80.07
C LEU J 48 -34.17 -74.75 -78.83
N HIS J 49 -34.64 -73.58 -78.38
CA HIS J 49 -34.06 -72.91 -77.23
C HIS J 49 -34.92 -73.13 -75.99
N SER J 50 -34.25 -73.29 -74.85
CA SER J 50 -34.91 -73.46 -73.56
C SER J 50 -34.56 -72.26 -72.67
N THR J 51 -35.59 -71.60 -72.16
CA THR J 51 -35.42 -70.41 -71.34
C THR J 51 -35.95 -70.65 -69.93
N GLN J 52 -35.46 -69.86 -68.99
CA GLN J 52 -35.87 -69.92 -67.59
C GLN J 52 -36.18 -68.50 -67.13
N ASP J 53 -37.46 -68.15 -67.14
CA ASP J 53 -37.89 -66.81 -66.74
C ASP J 53 -39.35 -66.90 -66.31
N LEU J 54 -39.92 -65.75 -65.94
CA LEU J 54 -41.31 -65.70 -65.51
C LEU J 54 -42.24 -65.85 -66.71
N PHE J 55 -43.04 -66.91 -66.70
CA PHE J 55 -44.01 -67.16 -67.76
C PHE J 55 -45.31 -67.65 -67.15
N LEU J 56 -46.36 -67.63 -67.95
CA LEU J 56 -47.67 -68.08 -67.50
C LEU J 56 -47.81 -69.59 -67.69
N PRO J 57 -47.96 -70.36 -66.62
CA PRO J 57 -48.14 -71.81 -66.79
C PRO J 57 -49.44 -72.14 -67.50
N PHE J 58 -49.37 -73.12 -68.40
CA PHE J 58 -50.55 -73.54 -69.13
C PHE J 58 -51.54 -74.24 -68.21
N PHE J 59 -52.82 -74.20 -68.60
CA PHE J 59 -53.91 -74.83 -67.84
C PHE J 59 -53.95 -74.29 -66.41
N SER J 60 -53.91 -72.96 -66.30
CA SER J 60 -53.93 -72.27 -65.02
C SER J 60 -55.30 -71.66 -64.77
N ASN J 61 -55.48 -71.09 -63.58
CA ASN J 61 -56.73 -70.46 -63.18
C ASN J 61 -56.59 -68.96 -63.38
N VAL J 62 -57.37 -68.41 -64.31
CA VAL J 62 -57.37 -66.98 -64.61
C VAL J 62 -58.76 -66.43 -64.33
N THR J 63 -58.81 -65.31 -63.61
CA THR J 63 -60.09 -64.74 -63.19
C THR J 63 -60.92 -64.31 -64.39
N TRP J 64 -62.24 -64.40 -64.23
CA TRP J 64 -63.18 -64.09 -65.31
C TRP J 64 -64.04 -62.89 -64.95
N PHE J 65 -63.42 -61.84 -64.41
CA PHE J 65 -64.14 -60.63 -64.04
C PHE J 65 -64.88 -60.05 -65.25
N HIS J 66 -66.18 -59.81 -65.09
CA HIS J 66 -67.01 -59.26 -66.14
C HIS J 66 -67.24 -57.77 -65.89
N VAL J 67 -67.10 -56.98 -66.94
CA VAL J 67 -67.16 -55.52 -66.82
C VAL J 67 -68.52 -55.03 -67.30
N ILE J 68 -69.54 -55.90 -67.22
CA ILE J 68 -70.87 -55.52 -67.70
C ILE J 68 -71.47 -54.42 -66.84
N PHE J 77 -70.34 -53.40 -63.23
CA PHE J 77 -69.28 -52.66 -62.56
C PHE J 77 -68.32 -53.61 -61.85
N ASP J 78 -67.02 -53.36 -61.95
CA ASP J 78 -66.02 -54.16 -61.25
C ASP J 78 -64.69 -53.43 -61.27
N ASN J 79 -64.07 -53.31 -60.10
CA ASN J 79 -62.75 -52.68 -60.00
C ASN J 79 -62.04 -53.10 -58.71
N PRO J 80 -61.66 -54.37 -58.59
CA PRO J 80 -60.94 -54.80 -57.38
C PRO J 80 -59.44 -54.51 -57.47
N VAL J 81 -58.81 -54.52 -56.31
CA VAL J 81 -57.37 -54.26 -56.20
C VAL J 81 -56.69 -55.62 -56.09
N LEU J 82 -56.23 -56.13 -57.23
CA LEU J 82 -55.55 -57.42 -57.27
C LEU J 82 -54.05 -57.24 -57.04
N PRO J 83 -53.39 -58.24 -56.47
CA PRO J 83 -51.96 -58.11 -56.20
C PRO J 83 -51.12 -58.15 -57.47
N PHE J 84 -49.87 -57.74 -57.32
CA PHE J 84 -48.89 -57.67 -58.41
C PHE J 84 -47.57 -58.30 -57.96
N ASN J 85 -47.66 -59.52 -57.40
CA ASN J 85 -46.49 -60.18 -56.85
C ASN J 85 -45.39 -60.35 -57.90
N ASP J 86 -45.67 -61.10 -58.96
CA ASP J 86 -44.67 -61.32 -60.00
C ASP J 86 -45.41 -61.59 -61.31
N GLY J 87 -45.52 -60.56 -62.15
CA GLY J 87 -46.10 -60.71 -63.47
C GLY J 87 -47.60 -60.88 -63.49
N VAL J 88 -48.23 -60.43 -64.58
CA VAL J 88 -49.67 -60.57 -64.79
C VAL J 88 -49.91 -60.90 -66.26
N TYR J 89 -51.16 -61.26 -66.56
CA TYR J 89 -51.62 -61.58 -67.91
C TYR J 89 -52.88 -60.79 -68.23
N PHE J 90 -52.83 -59.47 -67.97
CA PHE J 90 -53.99 -58.62 -68.14
C PHE J 90 -54.45 -58.60 -69.59
N ALA J 91 -55.71 -58.98 -69.81
CA ALA J 91 -56.33 -58.90 -71.12
C ALA J 91 -57.22 -57.67 -71.21
N SER J 92 -57.37 -57.14 -72.42
CA SER J 92 -58.12 -55.91 -72.66
C SER J 92 -59.18 -56.14 -73.73
N ILE J 93 -59.96 -57.21 -73.58
CA ILE J 93 -61.03 -57.51 -74.51
C ILE J 93 -62.08 -56.40 -74.43
N GLU J 94 -62.22 -55.64 -75.51
CA GLU J 94 -63.17 -54.53 -75.58
C GLU J 94 -63.73 -54.49 -77.00
N LYS J 95 -64.53 -53.46 -77.29
CA LYS J 95 -65.07 -53.25 -78.62
C LYS J 95 -64.52 -51.99 -79.27
N SER J 96 -64.73 -50.83 -78.66
CA SER J 96 -64.15 -49.59 -79.17
C SER J 96 -63.20 -48.92 -78.19
N ASN J 97 -63.68 -48.57 -76.98
CA ASN J 97 -62.86 -47.81 -76.05
C ASN J 97 -63.08 -48.19 -74.58
N ILE J 98 -63.40 -49.45 -74.28
CA ILE J 98 -63.78 -49.80 -72.91
C ILE J 98 -62.57 -49.76 -71.99
N ILE J 99 -61.49 -50.46 -72.35
CA ILE J 99 -60.29 -50.53 -71.53
C ILE J 99 -59.21 -49.72 -72.24
N ARG J 100 -58.83 -48.59 -71.65
CA ARG J 100 -57.84 -47.69 -72.25
C ARG J 100 -56.87 -47.19 -71.19
N GLY J 101 -56.40 -48.06 -70.32
CA GLY J 101 -55.41 -47.67 -69.33
C GLY J 101 -55.37 -48.60 -68.15
N TRP J 102 -54.25 -48.57 -67.44
CA TRP J 102 -54.05 -49.34 -66.23
C TRP J 102 -53.33 -48.47 -65.20
N ILE J 103 -53.24 -48.99 -63.98
CA ILE J 103 -52.58 -48.27 -62.88
C ILE J 103 -51.92 -49.29 -61.97
N PHE J 104 -50.78 -48.89 -61.40
CA PHE J 104 -50.00 -49.74 -60.52
C PHE J 104 -49.67 -48.99 -59.24
N GLY J 105 -49.15 -49.72 -58.26
CA GLY J 105 -48.78 -49.14 -56.99
C GLY J 105 -48.82 -50.16 -55.89
N THR J 106 -48.01 -49.90 -54.86
CA THR J 106 -47.92 -50.79 -53.71
C THR J 106 -48.58 -50.24 -52.46
N THR J 107 -48.77 -48.93 -52.36
CA THR J 107 -49.40 -48.30 -51.21
C THR J 107 -50.72 -47.63 -51.55
N LEU J 108 -50.75 -46.84 -52.64
CA LEU J 108 -51.96 -46.15 -53.09
C LEU J 108 -52.50 -45.20 -52.02
N ASP J 109 -51.62 -44.67 -51.17
CA ASP J 109 -51.99 -43.72 -50.13
C ASP J 109 -51.00 -42.57 -50.07
N SER J 110 -50.61 -42.07 -51.25
CA SER J 110 -49.66 -40.96 -51.36
C SER J 110 -48.33 -41.26 -50.69
N LYS J 111 -47.91 -42.53 -50.73
CA LYS J 111 -46.65 -42.96 -50.14
C LYS J 111 -45.61 -43.36 -51.16
N THR J 112 -46.01 -44.06 -52.22
CA THR J 112 -45.11 -44.48 -53.29
C THR J 112 -45.61 -43.95 -54.63
N GLN J 113 -44.73 -44.00 -55.63
CA GLN J 113 -45.08 -43.52 -56.95
C GLN J 113 -45.99 -44.52 -57.67
N SER J 114 -46.86 -43.98 -58.51
CA SER J 114 -47.79 -44.80 -59.29
C SER J 114 -47.32 -44.90 -60.74
N LEU J 115 -48.12 -45.60 -61.55
CA LEU J 115 -47.80 -45.78 -62.97
C LEU J 115 -49.12 -45.82 -63.73
N LEU J 116 -49.51 -44.68 -64.29
CA LEU J 116 -50.71 -44.59 -65.11
C LEU J 116 -50.36 -44.88 -66.57
N ILE J 117 -51.13 -45.78 -67.19
CA ILE J 117 -50.86 -46.23 -68.55
C ILE J 117 -52.07 -45.91 -69.42
N VAL J 118 -52.72 -44.78 -69.12
CA VAL J 118 -53.92 -44.35 -69.83
C VAL J 118 -53.67 -44.34 -71.34
N ASN J 119 -54.70 -44.68 -72.11
CA ASN J 119 -54.63 -44.83 -73.56
C ASN J 119 -55.67 -43.97 -74.24
N ASN J 120 -55.74 -42.69 -73.85
CA ASN J 120 -56.73 -41.77 -74.39
C ASN J 120 -56.37 -41.43 -75.84
N ALA J 121 -57.15 -40.51 -76.42
CA ALA J 121 -56.99 -40.14 -77.82
C ALA J 121 -55.60 -39.61 -78.09
N THR J 122 -54.85 -40.32 -78.94
CA THR J 122 -53.49 -39.99 -79.36
C THR J 122 -52.64 -39.41 -78.21
N ASN J 123 -52.69 -40.08 -77.07
CA ASN J 123 -51.82 -39.75 -75.95
C ASN J 123 -51.67 -40.97 -75.06
N VAL J 124 -50.42 -41.39 -74.84
CA VAL J 124 -50.10 -42.53 -73.99
C VAL J 124 -49.08 -42.08 -72.95
N VAL J 125 -49.12 -40.78 -72.62
CA VAL J 125 -48.15 -40.20 -71.70
C VAL J 125 -48.25 -40.91 -70.36
N ILE J 126 -47.16 -41.55 -69.95
CA ILE J 126 -47.08 -42.29 -68.70
C ILE J 126 -46.46 -41.40 -67.64
N LYS J 127 -47.08 -41.35 -66.47
CA LYS J 127 -46.62 -40.53 -65.36
C LYS J 127 -46.23 -41.43 -64.19
N VAL J 128 -45.10 -41.12 -63.56
CA VAL J 128 -44.57 -41.91 -62.45
C VAL J 128 -44.57 -41.04 -61.20
N CYS J 129 -45.55 -40.14 -61.09
CA CYS J 129 -45.64 -39.25 -59.95
C CYS J 129 -46.14 -40.03 -58.72
N GLU J 130 -46.12 -39.35 -57.58
CA GLU J 130 -46.57 -39.93 -56.31
C GLU J 130 -47.77 -39.14 -55.82
N PHE J 131 -48.93 -39.80 -55.78
CA PHE J 131 -50.17 -39.13 -55.38
C PHE J 131 -51.22 -40.19 -55.08
N GLN J 132 -52.14 -39.84 -54.18
CA GLN J 132 -53.30 -40.69 -53.89
C GLN J 132 -54.49 -40.13 -54.66
N PHE J 133 -54.77 -40.73 -55.81
CA PHE J 133 -55.81 -40.21 -56.71
C PHE J 133 -57.19 -40.25 -56.07
N CYS J 134 -57.70 -41.46 -55.81
CA CYS J 134 -59.02 -41.65 -55.22
C CYS J 134 -59.18 -43.12 -54.88
N ASN J 135 -60.38 -43.49 -54.43
CA ASN J 135 -60.70 -44.87 -54.11
C ASN J 135 -61.39 -45.60 -55.26
N ASP J 136 -61.69 -44.91 -56.35
CA ASP J 136 -62.34 -45.53 -57.51
C ASP J 136 -61.98 -44.72 -58.75
N PRO J 137 -60.85 -45.04 -59.39
CA PRO J 137 -60.44 -44.26 -60.57
C PRO J 137 -61.30 -44.54 -61.79
N PHE J 138 -62.47 -43.91 -61.86
CA PHE J 138 -63.36 -44.07 -63.00
C PHE J 138 -63.01 -43.04 -64.07
N LEU J 139 -63.13 -43.46 -65.33
CA LEU J 139 -62.83 -42.59 -66.46
C LEU J 139 -63.60 -43.00 -67.70
N GLU J 151 -59.57 -37.05 -69.12
CA GLU J 151 -59.86 -35.90 -68.27
C GLU J 151 -59.06 -35.96 -66.97
N PHE J 152 -59.17 -34.91 -66.17
CA PHE J 152 -58.45 -34.82 -64.89
C PHE J 152 -59.21 -35.46 -63.74
N ARG J 153 -60.27 -36.22 -64.01
CA ARG J 153 -61.02 -36.90 -62.96
C ARG J 153 -60.30 -38.11 -62.39
N VAL J 154 -59.18 -38.52 -62.99
CA VAL J 154 -58.45 -39.68 -62.49
C VAL J 154 -57.78 -39.36 -61.16
N TYR J 155 -56.93 -38.33 -61.16
CA TYR J 155 -56.18 -37.92 -59.98
C TYR J 155 -56.77 -36.62 -59.42
N SER J 156 -56.25 -36.20 -58.27
CA SER J 156 -56.71 -34.99 -57.61
C SER J 156 -55.59 -34.10 -57.09
N SER J 157 -54.32 -34.51 -57.23
CA SER J 157 -53.20 -33.72 -56.76
C SER J 157 -51.97 -34.10 -57.58
N ALA J 158 -50.86 -33.43 -57.28
CA ALA J 158 -49.59 -33.68 -57.97
C ALA J 158 -48.45 -33.56 -56.98
N ASN J 159 -47.26 -33.94 -57.42
CA ASN J 159 -46.06 -33.90 -56.59
C ASN J 159 -44.85 -33.84 -57.51
N ASN J 160 -43.66 -34.07 -56.95
CA ASN J 160 -42.44 -34.07 -57.73
C ASN J 160 -42.30 -35.35 -58.53
N CYS J 161 -42.83 -35.35 -59.76
CA CYS J 161 -42.77 -36.54 -60.61
C CYS J 161 -41.34 -36.79 -61.07
N THR J 162 -40.79 -37.94 -60.70
CA THR J 162 -39.40 -38.25 -61.00
C THR J 162 -39.20 -38.78 -62.42
N PHE J 163 -40.26 -39.15 -63.13
CA PHE J 163 -40.13 -39.69 -64.47
C PHE J 163 -41.45 -39.52 -65.21
N GLU J 164 -41.35 -39.30 -66.52
CA GLU J 164 -42.53 -39.16 -67.37
C GLU J 164 -42.12 -39.48 -68.80
N TYR J 165 -42.91 -40.31 -69.48
CA TYR J 165 -42.61 -40.69 -70.86
C TYR J 165 -43.54 -39.95 -71.80
N VAL J 166 -42.99 -39.54 -72.96
CA VAL J 166 -43.71 -38.69 -73.89
C VAL J 166 -43.81 -39.38 -75.26
N SER J 167 -43.88 -40.71 -75.26
CA SER J 167 -44.01 -41.45 -76.50
C SER J 167 -45.29 -41.07 -77.23
N GLN J 168 -45.18 -40.83 -78.53
CA GLN J 168 -46.32 -40.41 -79.35
C GLN J 168 -47.26 -41.58 -79.69
N PRO J 169 -46.77 -42.71 -80.21
CA PRO J 169 -47.69 -43.80 -80.58
C PRO J 169 -48.35 -44.40 -79.33
N PHE J 170 -49.68 -44.47 -79.37
CA PHE J 170 -50.43 -45.01 -78.24
C PHE J 170 -50.19 -46.51 -78.11
N LEU J 171 -50.14 -46.98 -76.86
CA LEU J 171 -49.92 -48.40 -76.58
C LEU J 171 -51.28 -49.07 -76.39
N MET J 172 -51.87 -49.47 -77.52
CA MET J 172 -53.17 -50.12 -77.51
C MET J 172 -53.37 -50.96 -78.77
N GLN J 178 -67.71 -55.53 -88.31
CA GLN J 178 -67.80 -56.94 -88.66
C GLN J 178 -68.90 -57.64 -87.86
N GLY J 179 -69.36 -58.78 -88.37
CA GLY J 179 -70.43 -59.53 -87.72
C GLY J 179 -69.96 -60.28 -86.48
N ASN J 180 -68.86 -61.02 -86.61
CA ASN J 180 -68.36 -61.82 -85.50
C ASN J 180 -66.86 -61.68 -85.28
N PHE J 181 -66.20 -60.73 -85.93
CA PHE J 181 -64.76 -60.53 -85.78
C PHE J 181 -64.52 -59.45 -84.73
N LYS J 182 -64.23 -59.87 -83.51
CA LYS J 182 -63.94 -58.96 -82.42
C LYS J 182 -62.44 -58.68 -82.36
N ASN J 183 -61.99 -58.05 -81.28
CA ASN J 183 -60.59 -57.71 -81.10
C ASN J 183 -60.07 -58.36 -79.82
N LEU J 184 -59.13 -59.28 -79.96
CA LEU J 184 -58.51 -59.96 -78.83
C LEU J 184 -57.10 -59.41 -78.62
N ARG J 185 -56.82 -58.95 -77.41
CA ARG J 185 -55.52 -58.37 -77.09
C ARG J 185 -55.13 -58.75 -75.67
N GLU J 186 -53.85 -59.06 -75.48
CA GLU J 186 -53.32 -59.41 -74.18
C GLU J 186 -52.06 -58.58 -73.89
N PHE J 187 -51.79 -58.37 -72.61
CA PHE J 187 -50.65 -57.57 -72.18
C PHE J 187 -49.93 -58.29 -71.05
N VAL J 188 -48.68 -58.67 -71.29
CA VAL J 188 -47.87 -59.35 -70.28
C VAL J 188 -46.94 -58.31 -69.64
N PHE J 189 -47.03 -58.19 -68.32
CA PHE J 189 -46.21 -57.26 -67.57
C PHE J 189 -45.33 -58.02 -66.57
N LYS J 190 -44.25 -57.38 -66.14
CA LYS J 190 -43.35 -57.93 -65.14
C LYS J 190 -42.88 -56.83 -64.21
N ASN J 191 -42.16 -57.22 -63.17
CA ASN J 191 -41.65 -56.32 -62.15
C ASN J 191 -40.12 -56.37 -62.10
N ILE J 192 -39.48 -56.37 -63.27
CA ILE J 192 -38.03 -56.40 -63.33
C ILE J 192 -37.46 -55.07 -62.86
N ASP J 193 -36.37 -55.12 -62.11
CA ASP J 193 -35.75 -53.90 -61.60
C ASP J 193 -35.19 -53.05 -62.73
N GLY J 194 -34.79 -53.68 -63.85
CA GLY J 194 -34.26 -52.95 -64.98
C GLY J 194 -35.30 -52.13 -65.69
N TYR J 195 -36.28 -52.80 -66.31
CA TYR J 195 -37.36 -52.13 -67.02
C TYR J 195 -38.67 -52.81 -66.66
N PHE J 196 -39.78 -52.24 -67.15
CA PHE J 196 -41.10 -52.78 -66.84
C PHE J 196 -41.47 -53.95 -67.75
N LYS J 197 -40.85 -54.06 -68.93
CA LYS J 197 -41.07 -55.16 -69.86
C LYS J 197 -42.54 -55.25 -70.26
N ILE J 198 -43.01 -54.22 -70.94
CA ILE J 198 -44.38 -54.16 -71.42
C ILE J 198 -44.49 -54.94 -72.73
N TYR J 199 -45.35 -55.96 -72.75
CA TYR J 199 -45.60 -56.77 -73.92
C TYR J 199 -47.02 -56.52 -74.42
N SER J 200 -47.20 -56.70 -75.73
CA SER J 200 -48.49 -56.46 -76.36
C SER J 200 -48.61 -57.29 -77.62
N LYS J 201 -49.85 -57.69 -77.93
CA LYS J 201 -50.15 -58.44 -79.14
C LYS J 201 -51.64 -58.36 -79.40
N HIS J 202 -52.02 -58.00 -80.63
CA HIS J 202 -53.40 -57.87 -81.02
C HIS J 202 -53.71 -58.80 -82.19
N THR J 203 -54.86 -59.46 -82.13
CA THR J 203 -55.29 -60.38 -83.18
C THR J 203 -56.80 -60.54 -83.08
N PRO J 204 -57.50 -60.59 -84.21
CA PRO J 204 -58.96 -60.76 -84.16
C PRO J 204 -59.35 -62.23 -84.06
N ILE J 205 -60.49 -62.48 -83.42
CA ILE J 205 -61.02 -63.83 -83.29
C ILE J 205 -61.78 -64.19 -84.57
N ILE J 206 -62.09 -65.48 -84.74
CA ILE J 206 -62.75 -65.96 -85.94
C ILE J 206 -64.19 -66.33 -85.63
N VAL J 207 -64.39 -67.06 -84.53
CA VAL J 207 -65.71 -67.56 -84.16
C VAL J 207 -66.34 -66.59 -83.16
N ARG J 208 -67.66 -66.69 -83.01
CA ARG J 208 -68.43 -65.82 -82.13
C ARG J 208 -68.80 -66.52 -80.82
N GLU J 209 -67.89 -67.34 -80.30
CA GLU J 209 -68.12 -68.00 -79.02
C GLU J 209 -68.18 -66.97 -77.90
N PRO J 210 -68.78 -67.32 -76.77
CA PRO J 210 -68.81 -66.39 -75.62
C PRO J 210 -67.41 -66.06 -75.13
N GLU J 211 -67.35 -65.08 -74.22
CA GLU J 211 -66.08 -64.58 -73.71
C GLU J 211 -65.26 -65.68 -73.05
N ASP J 212 -64.15 -66.04 -73.67
CA ASP J 212 -63.25 -67.09 -73.20
C ASP J 212 -62.00 -67.07 -74.06
N LEU J 213 -60.88 -67.44 -73.46
CA LEU J 213 -59.62 -67.49 -74.18
C LEU J 213 -59.68 -68.58 -75.24
N PRO J 214 -59.56 -68.24 -76.53
CA PRO J 214 -59.67 -69.25 -77.58
C PRO J 214 -58.42 -70.13 -77.64
N GLN J 215 -58.51 -71.15 -78.48
CA GLN J 215 -57.41 -72.09 -78.68
C GLN J 215 -56.47 -71.54 -79.75
N GLY J 216 -55.23 -71.27 -79.36
CA GLY J 216 -54.24 -70.75 -80.28
C GLY J 216 -53.06 -70.17 -79.55
N PHE J 217 -51.96 -70.05 -80.27
CA PHE J 217 -50.71 -69.52 -79.74
C PHE J 217 -50.42 -68.16 -80.34
N SER J 218 -49.97 -67.23 -79.51
CA SER J 218 -49.66 -65.88 -79.97
C SER J 218 -48.62 -65.29 -79.03
N ALA J 219 -47.40 -65.11 -79.53
CA ALA J 219 -46.34 -64.52 -78.71
C ALA J 219 -46.53 -63.01 -78.59
N LEU J 220 -45.76 -62.40 -77.69
CA LEU J 220 -45.81 -60.97 -77.46
C LEU J 220 -44.41 -60.39 -77.53
N GLU J 221 -44.26 -59.26 -78.22
CA GLU J 221 -42.98 -58.60 -78.38
C GLU J 221 -42.93 -57.31 -77.57
N PRO J 222 -41.75 -56.93 -77.06
CA PRO J 222 -41.65 -55.70 -76.29
C PRO J 222 -41.84 -54.47 -77.16
N LEU J 223 -42.46 -53.46 -76.57
CA LEU J 223 -42.69 -52.18 -77.24
C LEU J 223 -41.93 -51.04 -76.59
N VAL J 224 -42.10 -50.84 -75.28
CA VAL J 224 -41.40 -49.79 -74.55
C VAL J 224 -40.76 -50.40 -73.31
N ASP J 225 -39.71 -49.74 -72.84
CA ASP J 225 -38.96 -50.17 -71.67
C ASP J 225 -38.75 -48.96 -70.76
N LEU J 226 -39.50 -48.92 -69.66
CA LEU J 226 -39.41 -47.81 -68.71
C LEU J 226 -38.22 -48.00 -67.79
N PRO J 227 -37.22 -47.12 -67.84
CA PRO J 227 -36.04 -47.27 -66.99
C PRO J 227 -36.26 -46.87 -65.54
N ILE J 228 -37.48 -46.52 -65.15
CA ILE J 228 -37.76 -46.13 -63.77
C ILE J 228 -38.09 -47.38 -62.96
N GLY J 229 -37.48 -47.49 -61.78
CA GLY J 229 -37.71 -48.62 -60.89
C GLY J 229 -38.52 -48.18 -59.68
N ILE J 230 -39.50 -49.00 -59.31
CA ILE J 230 -40.37 -48.70 -58.18
C ILE J 230 -40.98 -50.01 -57.70
N ASN J 231 -41.06 -50.17 -56.39
CA ASN J 231 -41.66 -51.37 -55.81
C ASN J 231 -43.16 -51.34 -56.04
N ILE J 232 -43.68 -52.44 -56.61
CA ILE J 232 -45.10 -52.56 -56.92
C ILE J 232 -45.58 -53.91 -56.42
N THR J 233 -46.66 -53.91 -55.63
CA THR J 233 -47.25 -55.13 -55.11
C THR J 233 -48.71 -55.33 -55.51
N ARG J 234 -49.38 -54.29 -55.98
CA ARG J 234 -50.77 -54.40 -56.42
C ARG J 234 -50.95 -53.53 -57.67
N PHE J 235 -52.15 -53.61 -58.24
CA PHE J 235 -52.49 -52.80 -59.41
C PHE J 235 -54.00 -52.56 -59.41
N GLN J 236 -54.43 -51.64 -60.28
CA GLN J 236 -55.84 -51.28 -60.39
C GLN J 236 -56.12 -50.93 -61.84
N THR J 237 -57.10 -51.61 -62.43
CA THR J 237 -57.43 -51.37 -63.83
C THR J 237 -58.15 -50.03 -63.99
N LEU J 238 -57.99 -49.43 -65.16
CA LEU J 238 -58.61 -48.15 -65.48
C LEU J 238 -59.53 -48.36 -66.68
N LEU J 239 -60.82 -48.53 -66.41
CA LEU J 239 -61.82 -48.76 -67.45
C LEU J 239 -62.63 -47.49 -67.70
N ALA J 240 -63.06 -47.31 -68.94
CA ALA J 240 -63.88 -46.16 -69.31
C ALA J 240 -65.31 -46.38 -68.83
N LEU J 241 -65.83 -45.42 -68.06
CA LEU J 241 -67.17 -45.53 -67.51
C LEU J 241 -68.21 -45.59 -68.63
N HIS J 242 -68.34 -44.49 -69.39
CA HIS J 242 -69.20 -44.43 -70.57
C HIS J 242 -70.62 -44.92 -70.28
N ARG J 243 -71.27 -44.27 -69.30
CA ARG J 243 -72.64 -44.62 -68.97
C ARG J 243 -73.63 -43.86 -69.85
N SER J 244 -73.48 -42.54 -69.92
CA SER J 244 -74.36 -41.67 -70.72
C SER J 244 -75.83 -41.86 -70.35
N GLY J 258 -72.38 -59.66 -71.68
CA GLY J 258 -72.54 -58.28 -71.27
C GLY J 258 -71.88 -57.29 -72.19
N ALA J 259 -70.87 -56.59 -71.68
CA ALA J 259 -70.13 -55.60 -72.45
C ALA J 259 -68.69 -56.00 -72.70
N ALA J 260 -67.94 -56.30 -71.64
CA ALA J 260 -66.54 -56.69 -71.77
C ALA J 260 -66.14 -57.48 -70.54
N ALA J 261 -64.99 -58.16 -70.65
CA ALA J 261 -64.42 -58.91 -69.54
C ALA J 261 -62.92 -58.95 -69.69
N TYR J 262 -62.22 -58.61 -68.62
CA TYR J 262 -60.76 -58.59 -68.61
C TYR J 262 -60.25 -59.75 -67.76
N TYR J 263 -59.23 -60.44 -68.26
CA TYR J 263 -58.63 -61.56 -67.56
C TYR J 263 -57.33 -61.14 -66.91
N VAL J 264 -57.02 -61.76 -65.77
CA VAL J 264 -55.84 -61.42 -64.99
C VAL J 264 -55.19 -62.71 -64.51
N GLY J 265 -53.92 -62.93 -64.86
CA GLY J 265 -53.18 -64.09 -64.45
C GLY J 265 -51.97 -63.74 -63.60
N TYR J 266 -51.17 -64.77 -63.32
CA TYR J 266 -49.96 -64.61 -62.53
C TYR J 266 -48.87 -65.48 -63.12
N LEU J 267 -47.69 -64.89 -63.32
CA LEU J 267 -46.56 -65.63 -63.88
C LEU J 267 -45.87 -66.43 -62.78
N GLN J 268 -45.24 -67.53 -63.20
CA GLN J 268 -44.52 -68.42 -62.30
C GLN J 268 -43.20 -68.83 -62.95
N PRO J 269 -42.13 -68.95 -62.16
CA PRO J 269 -40.84 -69.39 -62.71
C PRO J 269 -40.93 -70.83 -63.19
N ARG J 270 -40.83 -71.02 -64.50
CA ARG J 270 -40.92 -72.34 -65.12
C ARG J 270 -39.86 -72.47 -66.21
N THR J 271 -39.78 -73.65 -66.79
CA THR J 271 -38.83 -73.96 -67.86
C THR J 271 -39.64 -74.26 -69.12
N PHE J 272 -39.52 -73.40 -70.12
CA PHE J 272 -40.23 -73.55 -71.39
C PHE J 272 -39.25 -73.86 -72.52
N LEU J 273 -39.75 -74.60 -73.51
CA LEU J 273 -38.98 -74.94 -74.70
C LEU J 273 -39.64 -74.27 -75.90
N LEU J 274 -38.95 -73.31 -76.50
CA LEU J 274 -39.48 -72.52 -77.59
C LEU J 274 -38.96 -73.03 -78.92
N LYS J 275 -39.87 -73.18 -79.88
CA LYS J 275 -39.54 -73.59 -81.24
C LYS J 275 -39.62 -72.38 -82.16
N TYR J 276 -38.47 -71.95 -82.67
CA TYR J 276 -38.41 -70.81 -83.56
C TYR J 276 -38.59 -71.25 -85.01
N ASN J 277 -39.34 -70.45 -85.77
CA ASN J 277 -39.62 -70.75 -87.16
C ASN J 277 -38.48 -70.24 -88.04
N GLU J 278 -38.58 -70.48 -89.35
CA GLU J 278 -37.54 -70.03 -90.27
C GLU J 278 -37.53 -68.51 -90.39
N ASN J 279 -38.66 -67.85 -90.11
CA ASN J 279 -38.71 -66.39 -90.14
C ASN J 279 -38.21 -65.76 -88.85
N GLY J 280 -38.21 -66.51 -87.75
CA GLY J 280 -37.75 -66.00 -86.47
C GLY J 280 -38.82 -65.83 -85.41
N THR J 281 -40.01 -66.39 -85.61
CA THR J 281 -41.10 -66.28 -84.65
C THR J 281 -41.28 -67.59 -83.90
N ILE J 282 -41.92 -67.50 -82.74
CA ILE J 282 -42.18 -68.66 -81.88
C ILE J 282 -43.46 -69.32 -82.36
N THR J 283 -43.38 -70.61 -82.69
CA THR J 283 -44.55 -71.34 -83.16
C THR J 283 -45.36 -71.90 -82.01
N ASP J 284 -44.69 -72.56 -81.07
CA ASP J 284 -45.38 -73.16 -79.92
C ASP J 284 -44.39 -73.26 -78.76
N ALA J 285 -44.93 -73.59 -77.59
CA ALA J 285 -44.13 -73.71 -76.37
C ALA J 285 -44.58 -74.94 -75.59
N VAL J 286 -43.68 -75.44 -74.75
CA VAL J 286 -43.92 -76.63 -73.94
C VAL J 286 -43.46 -76.37 -72.52
N ASP J 287 -44.34 -76.63 -71.56
CA ASP J 287 -44.04 -76.45 -70.14
C ASP J 287 -44.01 -77.82 -69.47
N CYS J 288 -42.90 -78.09 -68.76
CA CYS J 288 -42.69 -79.41 -68.18
C CYS J 288 -43.65 -79.69 -67.03
N ALA J 289 -44.12 -78.64 -66.34
CA ALA J 289 -44.97 -78.83 -65.17
C ALA J 289 -46.36 -79.34 -65.53
N LEU J 290 -46.73 -79.31 -66.81
CA LEU J 290 -48.05 -79.78 -67.21
C LEU J 290 -48.22 -81.28 -66.95
N ASP J 291 -47.40 -82.09 -67.59
CA ASP J 291 -47.50 -83.54 -67.48
C ASP J 291 -46.12 -84.14 -67.66
N PRO J 292 -45.91 -85.38 -67.20
CA PRO J 292 -44.60 -86.03 -67.43
C PRO J 292 -44.24 -86.19 -68.90
N LEU J 293 -45.21 -86.10 -69.81
CA LEU J 293 -44.90 -86.16 -71.23
C LEU J 293 -44.06 -84.96 -71.65
N SER J 294 -44.36 -83.78 -71.11
CA SER J 294 -43.59 -82.59 -71.44
C SER J 294 -42.22 -82.59 -70.76
N GLU J 295 -42.09 -83.31 -69.64
CA GLU J 295 -40.81 -83.37 -68.96
C GLU J 295 -39.78 -84.13 -69.79
N THR J 296 -40.22 -85.11 -70.58
CA THR J 296 -39.31 -85.80 -71.50
C THR J 296 -38.82 -84.85 -72.58
N LYS J 297 -39.69 -83.99 -73.10
CA LYS J 297 -39.27 -82.99 -74.08
C LYS J 297 -38.47 -81.88 -73.43
N CYS J 298 -38.52 -81.73 -72.11
CA CYS J 298 -37.70 -80.74 -71.43
C CYS J 298 -36.29 -81.26 -71.17
N THR J 299 -36.18 -82.50 -70.68
CA THR J 299 -34.86 -83.07 -70.42
C THR J 299 -34.11 -83.39 -71.71
N LEU J 300 -34.83 -83.61 -72.81
CA LEU J 300 -34.24 -83.86 -74.13
C LEU J 300 -34.87 -82.88 -75.11
N LYS J 301 -34.05 -82.01 -75.69
CA LYS J 301 -34.57 -80.94 -76.56
C LYS J 301 -35.17 -81.56 -77.81
N SER J 302 -36.49 -81.61 -77.86
CA SER J 302 -37.23 -82.17 -78.99
C SER J 302 -38.72 -81.88 -78.76
N PHE J 303 -39.49 -81.98 -79.84
CA PHE J 303 -40.93 -81.82 -79.77
C PHE J 303 -41.68 -83.08 -80.21
N THR J 304 -40.98 -84.13 -80.63
CA THR J 304 -41.59 -85.40 -80.98
C THR J 304 -40.67 -86.51 -80.46
N VAL J 305 -40.93 -86.96 -79.23
CA VAL J 305 -40.08 -87.97 -78.62
C VAL J 305 -40.33 -89.33 -79.27
N GLU J 306 -39.31 -90.19 -79.23
CA GLU J 306 -39.40 -91.51 -79.79
C GLU J 306 -40.00 -92.49 -78.77
N LYS J 307 -40.38 -93.67 -79.28
CA LYS J 307 -40.98 -94.69 -78.42
C LYS J 307 -39.92 -95.33 -77.54
N GLY J 308 -40.14 -95.31 -76.24
CA GLY J 308 -39.20 -95.90 -75.31
C GLY J 308 -39.37 -95.30 -73.93
N ILE J 309 -38.40 -95.60 -73.07
CA ILE J 309 -38.36 -95.14 -71.69
C ILE J 309 -37.20 -94.17 -71.54
N TYR J 310 -37.44 -93.04 -70.88
CA TYR J 310 -36.44 -92.01 -70.71
C TYR J 310 -36.44 -91.51 -69.26
N GLN J 311 -35.26 -91.21 -68.74
CA GLN J 311 -35.14 -90.67 -67.39
C GLN J 311 -35.33 -89.16 -67.42
N THR J 312 -36.15 -88.65 -66.49
CA THR J 312 -36.48 -87.23 -66.45
C THR J 312 -35.93 -86.54 -65.21
N SER J 313 -36.25 -87.05 -64.02
CA SER J 313 -35.82 -86.41 -62.78
C SER J 313 -35.65 -87.51 -61.72
N ASN J 314 -35.56 -87.09 -60.46
CA ASN J 314 -35.34 -88.00 -59.33
C ASN J 314 -36.45 -87.78 -58.32
N PHE J 315 -37.12 -88.87 -57.91
CA PHE J 315 -38.18 -88.78 -56.93
C PHE J 315 -37.61 -88.49 -55.54
N ARG J 316 -38.25 -87.59 -54.81
CA ARG J 316 -37.82 -87.24 -53.47
C ARG J 316 -38.96 -86.56 -52.72
N VAL J 317 -39.14 -86.94 -51.46
CA VAL J 317 -40.13 -86.34 -50.58
C VAL J 317 -39.43 -85.57 -49.49
N GLN J 318 -39.90 -84.35 -49.22
CA GLN J 318 -39.28 -83.52 -48.18
C GLN J 318 -39.97 -83.76 -46.85
N PRO J 319 -39.21 -83.82 -45.76
CA PRO J 319 -39.81 -84.03 -44.44
C PRO J 319 -40.66 -82.85 -44.01
N THR J 320 -41.48 -83.08 -42.98
CA THR J 320 -42.37 -82.06 -42.46
C THR J 320 -42.37 -82.04 -40.94
N GLU J 321 -41.29 -82.46 -40.32
CA GLU J 321 -41.18 -82.46 -38.86
C GLU J 321 -39.70 -82.44 -38.48
N SER J 322 -39.46 -82.19 -37.20
CA SER J 322 -38.10 -82.12 -36.67
C SER J 322 -38.08 -82.76 -35.30
N ILE J 323 -37.24 -83.78 -35.13
CA ILE J 323 -37.09 -84.51 -33.87
C ILE J 323 -35.85 -84.00 -33.17
N VAL J 324 -36.02 -83.42 -31.99
CA VAL J 324 -34.92 -82.86 -31.22
C VAL J 324 -34.84 -83.54 -29.85
N ARG J 325 -35.19 -84.82 -29.80
CA ARG J 325 -35.18 -85.56 -28.54
C ARG J 325 -33.79 -85.57 -27.93
N PHE J 326 -33.70 -85.05 -26.71
CA PHE J 326 -32.46 -84.97 -25.95
C PHE J 326 -32.48 -85.95 -24.79
N PRO J 327 -31.33 -86.26 -24.19
CA PRO J 327 -31.32 -87.20 -23.06
C PRO J 327 -32.19 -86.72 -21.91
N ASN J 328 -32.60 -87.69 -21.07
CA ASN J 328 -33.54 -87.43 -20.00
C ASN J 328 -32.89 -86.61 -18.89
N ILE J 329 -33.67 -86.36 -17.84
CA ILE J 329 -33.18 -85.58 -16.71
C ILE J 329 -32.06 -86.33 -15.99
N THR J 330 -31.25 -85.59 -15.26
CA THR J 330 -30.11 -86.14 -14.54
C THR J 330 -29.95 -85.37 -13.23
N ASN J 331 -28.79 -85.50 -12.60
CA ASN J 331 -28.51 -84.82 -11.34
C ASN J 331 -28.72 -83.32 -11.46
N LEU J 332 -29.67 -82.78 -10.70
CA LEU J 332 -30.01 -81.37 -10.76
C LEU J 332 -29.00 -80.55 -9.95
N CYS J 333 -29.25 -79.25 -9.88
CA CYS J 333 -28.43 -78.32 -9.10
C CYS J 333 -29.00 -78.14 -7.70
N PRO J 334 -28.15 -77.93 -6.70
CA PRO J 334 -28.64 -77.74 -5.32
C PRO J 334 -29.12 -76.33 -5.07
N PHE J 335 -29.35 -75.55 -6.13
CA PHE J 335 -29.83 -74.18 -5.97
C PHE J 335 -31.16 -74.13 -5.25
N ASP J 336 -31.97 -75.19 -5.37
CA ASP J 336 -33.24 -75.24 -4.65
C ASP J 336 -33.02 -75.24 -3.14
N GLU J 337 -31.98 -75.92 -2.67
CA GLU J 337 -31.65 -75.92 -1.24
C GLU J 337 -30.81 -74.72 -0.84
N VAL J 338 -30.08 -74.11 -1.78
CA VAL J 338 -29.26 -72.94 -1.48
C VAL J 338 -30.12 -71.72 -1.21
N PHE J 339 -31.12 -71.46 -2.06
CA PHE J 339 -32.00 -70.32 -1.91
C PHE J 339 -33.12 -70.56 -0.90
N ASN J 340 -33.03 -71.60 -0.08
CA ASN J 340 -34.06 -71.91 0.91
C ASN J 340 -33.35 -72.34 2.20
N ALA J 341 -33.18 -71.39 3.11
CA ALA J 341 -32.53 -71.65 4.40
C ALA J 341 -32.89 -70.52 5.35
N THR J 342 -32.30 -70.56 6.54
CA THR J 342 -32.50 -69.52 7.55
C THR J 342 -31.27 -68.67 7.77
N ARG J 343 -30.12 -69.29 8.06
CA ARG J 343 -28.85 -68.60 8.19
C ARG J 343 -28.04 -68.89 6.94
N PHE J 344 -27.85 -67.87 6.10
CA PHE J 344 -27.20 -68.07 4.80
C PHE J 344 -25.69 -67.88 4.89
N ALA J 345 -25.24 -66.68 5.25
CA ALA J 345 -23.82 -66.37 5.30
C ALA J 345 -23.58 -64.98 5.87
N SER J 346 -22.32 -64.59 5.99
CA SER J 346 -21.93 -63.25 6.41
C SER J 346 -20.97 -62.67 5.39
N VAL J 347 -20.70 -61.37 5.53
CA VAL J 347 -19.83 -60.70 4.56
C VAL J 347 -18.36 -61.01 4.79
N TYR J 348 -17.98 -61.41 6.00
CA TYR J 348 -16.58 -61.75 6.28
C TYR J 348 -16.27 -63.22 6.01
N ALA J 349 -17.27 -64.09 6.17
CA ALA J 349 -17.12 -65.53 5.90
C ALA J 349 -18.28 -65.93 4.98
N TRP J 350 -18.07 -65.78 3.67
CA TRP J 350 -19.07 -66.11 2.68
C TRP J 350 -18.73 -67.44 2.02
N ASN J 351 -19.77 -68.21 1.70
CA ASN J 351 -19.58 -69.52 1.11
C ASN J 351 -18.99 -69.42 -0.29
N ARG J 352 -18.27 -70.46 -0.68
CA ARG J 352 -17.64 -70.57 -2.00
C ARG J 352 -18.02 -71.89 -2.65
N LYS J 353 -19.31 -72.21 -2.60
CA LYS J 353 -19.80 -73.49 -3.13
C LYS J 353 -19.56 -73.56 -4.64
N ARG J 354 -18.74 -74.52 -5.05
CA ARG J 354 -18.46 -74.75 -6.47
C ARG J 354 -19.46 -75.77 -6.99
N ILE J 355 -20.42 -75.29 -7.78
CA ILE J 355 -21.51 -76.11 -8.29
C ILE J 355 -21.23 -76.45 -9.75
N SER J 356 -21.42 -77.73 -10.09
CA SER J 356 -21.22 -78.20 -11.46
C SER J 356 -22.00 -79.49 -11.64
N ASN J 357 -21.96 -80.02 -12.86
CA ASN J 357 -22.62 -81.27 -13.22
C ASN J 357 -24.12 -81.20 -12.94
N CYS J 358 -24.79 -80.28 -13.63
CA CYS J 358 -26.22 -80.09 -13.49
C CYS J 358 -26.75 -79.38 -14.72
N VAL J 359 -28.07 -79.40 -14.86
CA VAL J 359 -28.75 -78.68 -15.95
C VAL J 359 -29.27 -77.39 -15.34
N ALA J 360 -28.46 -76.34 -15.44
CA ALA J 360 -28.79 -75.04 -14.85
C ALA J 360 -29.90 -74.39 -15.66
N ASP J 361 -31.14 -74.49 -15.17
CA ASP J 361 -32.30 -73.88 -15.82
C ASP J 361 -32.60 -72.57 -15.10
N TYR J 362 -32.08 -71.47 -15.65
CA TYR J 362 -32.25 -70.17 -15.02
C TYR J 362 -33.68 -69.67 -15.11
N SER J 363 -34.50 -70.25 -15.98
CA SER J 363 -35.90 -69.84 -16.07
C SER J 363 -36.68 -70.22 -14.82
N VAL J 364 -36.24 -71.27 -14.12
CA VAL J 364 -36.93 -71.68 -12.90
C VAL J 364 -36.68 -70.68 -11.77
N LEU J 365 -35.53 -69.99 -11.81
CA LEU J 365 -35.19 -69.03 -10.76
C LEU J 365 -36.11 -67.83 -10.73
N TYR J 366 -36.91 -67.60 -11.78
CA TYR J 366 -37.85 -66.50 -11.80
C TYR J 366 -39.14 -66.80 -11.06
N ASN J 367 -39.27 -67.99 -10.47
CA ASN J 367 -40.49 -68.35 -9.75
C ASN J 367 -40.20 -69.07 -8.44
N LEU J 368 -38.95 -69.16 -8.01
CA LEU J 368 -38.63 -69.84 -6.75
C LEU J 368 -39.00 -68.97 -5.56
N ALA J 369 -38.42 -67.79 -5.48
CA ALA J 369 -38.67 -66.86 -4.39
C ALA J 369 -38.91 -65.46 -4.95
N PRO J 370 -39.68 -64.63 -4.24
CA PRO J 370 -39.94 -63.27 -4.72
C PRO J 370 -38.70 -62.39 -4.65
N PHE J 371 -37.77 -62.58 -5.60
CA PHE J 371 -36.56 -61.80 -5.64
C PHE J 371 -36.88 -60.33 -5.93
N PHE J 372 -35.96 -59.45 -5.52
CA PHE J 372 -36.09 -58.02 -5.74
C PHE J 372 -35.01 -57.45 -6.65
N THR J 373 -34.10 -58.30 -7.15
CA THR J 373 -33.04 -57.84 -8.03
C THR J 373 -32.60 -59.01 -8.91
N PHE J 374 -32.63 -58.80 -10.22
CA PHE J 374 -32.22 -59.82 -11.18
C PHE J 374 -31.36 -59.20 -12.28
N LYS J 375 -30.40 -58.38 -11.90
CA LYS J 375 -29.51 -57.73 -12.85
C LYS J 375 -28.35 -58.66 -13.16
N CYS J 376 -28.14 -58.95 -14.45
CA CYS J 376 -27.03 -59.77 -14.91
C CYS J 376 -26.15 -58.92 -15.82
N TYR J 377 -24.87 -58.79 -15.45
CA TYR J 377 -23.97 -57.90 -16.18
C TYR J 377 -23.46 -58.53 -17.46
N GLY J 378 -23.13 -59.82 -17.44
CA GLY J 378 -22.49 -60.45 -18.57
C GLY J 378 -23.36 -60.61 -19.81
N VAL J 379 -24.38 -61.46 -19.71
CA VAL J 379 -25.25 -61.77 -20.84
C VAL J 379 -26.70 -61.66 -20.39
N SER J 380 -27.61 -61.95 -21.31
CA SER J 380 -29.06 -61.96 -21.15
C SER J 380 -29.53 -63.31 -20.60
N PRO J 381 -30.55 -63.32 -19.75
CA PRO J 381 -31.04 -64.61 -19.22
C PRO J 381 -31.61 -65.53 -20.29
N THR J 382 -32.10 -64.99 -21.40
CA THR J 382 -32.61 -65.82 -22.47
C THR J 382 -31.48 -66.59 -23.16
N LYS J 383 -30.36 -65.92 -23.41
CA LYS J 383 -29.22 -66.56 -24.04
C LYS J 383 -28.33 -67.30 -23.04
N LEU J 384 -28.56 -67.11 -21.74
CA LEU J 384 -27.74 -67.79 -20.74
C LEU J 384 -28.02 -69.28 -20.69
N ASN J 385 -29.25 -69.69 -21.05
CA ASN J 385 -29.62 -71.10 -21.05
C ASN J 385 -29.06 -71.87 -22.23
N ASP J 386 -28.33 -71.22 -23.13
CA ASP J 386 -27.76 -71.87 -24.30
C ASP J 386 -26.24 -71.74 -24.34
N LEU J 387 -25.61 -71.48 -23.19
CA LEU J 387 -24.17 -71.33 -23.10
C LEU J 387 -23.65 -72.26 -22.02
N CYS J 388 -22.69 -73.11 -22.36
CA CYS J 388 -22.12 -74.04 -21.41
C CYS J 388 -21.10 -73.34 -20.52
N PHE J 389 -20.90 -73.90 -19.32
CA PHE J 389 -19.94 -73.36 -18.37
C PHE J 389 -19.27 -74.51 -17.64
N THR J 390 -18.09 -74.23 -17.08
CA THR J 390 -17.34 -75.24 -16.36
C THR J 390 -17.83 -75.39 -14.92
N ASN J 391 -17.81 -74.29 -14.16
CA ASN J 391 -18.26 -74.31 -12.78
C ASN J 391 -18.65 -72.89 -12.38
N VAL J 392 -19.69 -72.79 -11.56
CA VAL J 392 -20.21 -71.51 -11.09
C VAL J 392 -19.83 -71.34 -9.62
N TYR J 393 -19.32 -70.16 -9.28
CA TYR J 393 -18.92 -69.84 -7.91
C TYR J 393 -20.06 -69.07 -7.25
N ALA J 394 -20.75 -69.72 -6.31
CA ALA J 394 -21.85 -69.11 -5.58
C ALA J 394 -21.32 -68.46 -4.31
N ASP J 395 -21.47 -67.14 -4.21
CA ASP J 395 -21.02 -66.37 -3.06
C ASP J 395 -22.21 -65.59 -2.52
N SER J 396 -22.62 -65.92 -1.30
CA SER J 396 -23.77 -65.28 -0.66
C SER J 396 -23.33 -64.49 0.57
N PHE J 397 -24.07 -63.43 0.86
CA PHE J 397 -23.80 -62.59 2.02
C PHE J 397 -25.05 -61.78 2.33
N VAL J 398 -25.05 -61.13 3.48
CA VAL J 398 -26.19 -60.34 3.95
C VAL J 398 -25.72 -58.92 4.20
N ILE J 399 -26.36 -57.95 3.55
CA ILE J 399 -26.05 -56.54 3.71
C ILE J 399 -27.36 -55.78 3.90
N ARG J 400 -27.24 -54.46 4.12
CA ARG J 400 -28.40 -53.61 4.29
C ARG J 400 -28.99 -53.24 2.94
N GLY J 401 -30.10 -52.51 2.96
CA GLY J 401 -30.73 -52.09 1.73
C GLY J 401 -29.97 -50.98 1.02
N ASP J 402 -29.31 -50.10 1.78
CA ASP J 402 -28.52 -49.03 1.21
C ASP J 402 -27.15 -49.49 0.72
N GLU J 403 -26.80 -50.76 0.94
CA GLU J 403 -25.52 -51.30 0.51
C GLU J 403 -25.61 -52.19 -0.71
N VAL J 404 -26.82 -52.45 -1.22
CA VAL J 404 -26.96 -53.28 -2.42
C VAL J 404 -26.39 -52.56 -3.63
N ARG J 405 -26.49 -51.23 -3.67
CA ARG J 405 -25.93 -50.47 -4.78
C ARG J 405 -24.41 -50.52 -4.81
N GLN J 406 -23.76 -50.82 -3.68
CA GLN J 406 -22.31 -50.89 -3.64
C GLN J 406 -21.77 -52.15 -4.30
N ILE J 407 -22.62 -53.16 -4.51
CA ILE J 407 -22.21 -54.41 -5.16
C ILE J 407 -22.24 -54.16 -6.66
N ALA J 408 -21.09 -53.82 -7.23
CA ALA J 408 -20.97 -53.49 -8.63
C ALA J 408 -19.57 -53.87 -9.10
N PRO J 409 -19.40 -54.15 -10.40
CA PRO J 409 -18.05 -54.50 -10.89
C PRO J 409 -17.11 -53.31 -10.88
N GLY J 410 -16.62 -52.95 -9.69
CA GLY J 410 -15.73 -51.82 -9.53
C GLY J 410 -16.42 -50.64 -8.88
N GLN J 411 -16.20 -50.47 -7.58
CA GLN J 411 -16.82 -49.41 -6.80
C GLN J 411 -16.18 -49.39 -5.41
N THR J 412 -16.15 -48.20 -4.80
CA THR J 412 -15.59 -48.02 -3.47
C THR J 412 -16.71 -47.90 -2.45
N GLY J 413 -16.35 -48.10 -1.19
CA GLY J 413 -17.32 -48.01 -0.11
C GLY J 413 -16.85 -48.80 1.09
N ASN J 414 -17.66 -48.72 2.15
CA ASN J 414 -17.35 -49.43 3.39
C ASN J 414 -17.47 -50.94 3.24
N ILE J 415 -18.23 -51.42 2.24
CA ILE J 415 -18.40 -52.84 2.02
C ILE J 415 -17.84 -53.31 0.68
N ALA J 416 -17.80 -52.45 -0.33
CA ALA J 416 -17.39 -52.89 -1.66
C ALA J 416 -15.90 -53.22 -1.73
N ASP J 417 -15.08 -52.58 -0.90
CA ASP J 417 -13.64 -52.82 -0.91
C ASP J 417 -13.10 -53.33 0.42
N TYR J 418 -13.99 -53.70 1.36
CA TYR J 418 -13.58 -54.22 2.65
C TYR J 418 -14.07 -55.63 2.93
N ASN J 419 -15.11 -56.09 2.26
CA ASN J 419 -15.65 -57.43 2.51
C ASN J 419 -15.75 -58.27 1.25
N TYR J 420 -16.09 -57.68 0.11
CA TYR J 420 -16.24 -58.43 -1.12
C TYR J 420 -16.16 -57.46 -2.29
N LYS J 421 -15.20 -57.68 -3.19
CA LYS J 421 -14.97 -56.82 -4.34
C LYS J 421 -15.09 -57.62 -5.63
N LEU J 422 -15.75 -57.04 -6.62
CA LEU J 422 -15.93 -57.67 -7.92
C LEU J 422 -15.17 -56.89 -8.99
N PRO J 423 -14.25 -57.53 -9.70
CA PRO J 423 -13.52 -56.82 -10.77
C PRO J 423 -14.42 -56.50 -11.96
N ASP J 424 -13.86 -55.86 -12.98
CA ASP J 424 -14.62 -55.50 -14.17
C ASP J 424 -14.67 -56.64 -15.19
N ASP J 425 -15.06 -57.83 -14.72
CA ASP J 425 -15.21 -58.96 -15.62
C ASP J 425 -16.34 -59.90 -15.19
N PHE J 426 -17.18 -59.49 -14.25
CA PHE J 426 -18.23 -60.35 -13.72
C PHE J 426 -19.29 -60.61 -14.80
N THR J 427 -19.46 -61.87 -15.16
CA THR J 427 -20.40 -62.26 -16.21
C THR J 427 -21.64 -62.96 -15.66
N GLY J 428 -21.83 -62.96 -14.35
CA GLY J 428 -22.97 -63.61 -13.72
C GLY J 428 -24.11 -62.62 -13.47
N CYS J 429 -24.75 -62.77 -12.31
CA CYS J 429 -25.86 -61.92 -11.91
C CYS J 429 -25.66 -61.47 -10.47
N VAL J 430 -26.50 -60.54 -10.04
CA VAL J 430 -26.40 -59.95 -8.70
C VAL J 430 -27.72 -60.22 -7.97
N ILE J 431 -28.32 -61.38 -8.26
CA ILE J 431 -29.62 -61.76 -7.70
C ILE J 431 -29.61 -61.56 -6.19
N ALA J 432 -30.65 -60.89 -5.68
CA ALA J 432 -30.77 -60.61 -4.27
C ALA J 432 -32.25 -60.42 -3.92
N TRP J 433 -32.55 -60.54 -2.63
CA TRP J 433 -33.92 -60.39 -2.16
C TRP J 433 -33.91 -60.04 -0.68
N ASN J 434 -34.96 -59.36 -0.25
CA ASN J 434 -35.09 -59.00 1.15
C ASN J 434 -35.49 -60.21 1.98
N SER J 435 -34.90 -60.34 3.17
CA SER J 435 -35.16 -61.45 4.07
C SER J 435 -35.59 -60.94 5.45
N ASN J 436 -36.45 -59.93 5.47
CA ASN J 436 -36.96 -59.38 6.72
C ASN J 436 -38.25 -60.06 7.14
N LYS J 437 -38.23 -61.39 7.18
CA LYS J 437 -39.40 -62.16 7.59
C LYS J 437 -39.00 -63.22 8.62
N LEU J 438 -37.75 -63.67 8.57
CA LEU J 438 -37.26 -64.68 9.49
C LEU J 438 -35.90 -64.38 10.09
N ASP J 439 -35.23 -63.32 9.66
CA ASP J 439 -33.91 -62.95 10.16
C ASP J 439 -33.95 -61.66 10.97
N SER J 440 -35.05 -61.40 11.66
CA SER J 440 -35.18 -60.18 12.45
C SER J 440 -36.15 -60.44 13.60
N LYS J 441 -35.62 -60.52 14.81
CA LYS J 441 -36.41 -60.67 16.01
C LYS J 441 -35.91 -59.68 17.06
N VAL J 442 -36.78 -59.35 18.01
CA VAL J 442 -36.44 -58.37 19.05
C VAL J 442 -35.79 -59.16 20.18
N SER J 443 -34.51 -59.42 20.03
CA SER J 443 -33.72 -60.02 21.10
C SER J 443 -32.27 -59.58 21.11
N GLY J 444 -31.85 -58.67 20.23
CA GLY J 444 -30.46 -58.28 20.13
C GLY J 444 -29.74 -59.01 19.01
N ASN J 445 -29.48 -58.31 17.92
CA ASN J 445 -28.87 -58.91 16.73
C ASN J 445 -27.36 -58.71 16.75
N TYR J 446 -26.73 -59.30 17.75
CA TYR J 446 -25.27 -59.28 17.87
C TYR J 446 -24.67 -60.58 17.34
N ASN J 447 -24.91 -60.82 16.06
CA ASN J 447 -24.42 -62.02 15.39
C ASN J 447 -23.64 -61.72 14.11
N TYR J 448 -24.03 -60.68 13.38
CA TYR J 448 -23.36 -60.34 12.13
C TYR J 448 -22.25 -59.32 12.38
N LEU J 449 -21.60 -58.89 11.29
CA LEU J 449 -20.54 -57.91 11.34
C LEU J 449 -20.24 -57.48 9.91
N TYR J 450 -19.49 -56.39 9.77
CA TYR J 450 -19.13 -55.91 8.44
C TYR J 450 -17.68 -55.43 8.35
N ARG J 451 -16.87 -55.62 9.39
CA ARG J 451 -15.44 -55.29 9.38
C ARG J 451 -15.22 -53.81 9.03
N LEU J 452 -15.69 -52.96 9.95
CA LEU J 452 -15.57 -51.52 9.76
C LEU J 452 -14.12 -51.07 9.68
N PHE J 453 -13.22 -51.74 10.40
CA PHE J 453 -11.81 -51.37 10.44
C PHE J 453 -11.02 -52.26 9.50
N ARG J 454 -10.07 -51.64 8.78
CA ARG J 454 -9.21 -52.37 7.85
C ARG J 454 -7.98 -51.53 7.57
N LYS J 455 -6.96 -52.17 7.01
CA LYS J 455 -5.73 -51.49 6.66
C LYS J 455 -5.73 -50.96 5.24
N SER J 456 -6.23 -51.75 4.30
CA SER J 456 -6.28 -51.34 2.89
C SER J 456 -7.35 -52.17 2.18
N ASN J 457 -7.51 -51.90 0.90
CA ASN J 457 -8.49 -52.64 0.09
C ASN J 457 -8.01 -54.07 -0.13
N LEU J 458 -8.91 -55.03 0.05
CA LEU J 458 -8.58 -56.42 -0.14
C LEU J 458 -8.60 -56.78 -1.64
N LYS J 459 -7.97 -57.89 -1.96
CA LYS J 459 -8.00 -58.40 -3.33
C LYS J 459 -9.42 -58.82 -3.67
N PRO J 460 -9.90 -58.51 -4.89
CA PRO J 460 -11.25 -58.93 -5.27
C PRO J 460 -11.38 -60.44 -5.30
N PHE J 461 -12.56 -60.92 -4.89
CA PHE J 461 -12.84 -62.36 -4.78
C PHE J 461 -11.87 -63.03 -3.81
N GLU J 462 -11.85 -62.52 -2.58
CA GLU J 462 -11.01 -63.05 -1.51
C GLU J 462 -11.79 -63.01 -0.21
N ARG J 463 -11.58 -64.04 0.62
CA ARG J 463 -12.24 -64.15 1.92
C ARG J 463 -11.18 -64.15 3.01
N ASP J 464 -11.22 -63.15 3.89
CA ASP J 464 -10.26 -62.99 4.97
C ASP J 464 -10.98 -63.31 6.27
N ILE J 465 -10.84 -64.55 6.73
CA ILE J 465 -11.46 -65.00 7.98
C ILE J 465 -10.43 -64.78 9.08
N SER J 466 -10.47 -63.60 9.68
CA SER J 466 -9.54 -63.23 10.74
C SER J 466 -10.31 -62.59 11.88
N THR J 467 -9.73 -62.65 13.08
CA THR J 467 -10.35 -62.07 14.26
C THR J 467 -9.35 -61.34 15.15
N GLU J 468 -8.16 -61.03 14.64
CA GLU J 468 -7.15 -60.33 15.44
C GLU J 468 -7.58 -58.89 15.72
N ILE J 469 -7.05 -58.33 16.80
CA ILE J 469 -7.37 -56.96 17.17
C ILE J 469 -6.69 -56.01 16.19
N TYR J 470 -7.43 -55.00 15.75
CA TYR J 470 -6.90 -54.03 14.80
C TYR J 470 -5.80 -53.20 15.44
N GLN J 471 -4.61 -53.23 14.86
CA GLN J 471 -3.46 -52.49 15.36
C GLN J 471 -3.26 -51.25 14.49
N ALA J 472 -3.47 -50.08 15.07
CA ALA J 472 -3.34 -48.82 14.34
C ALA J 472 -1.92 -48.25 14.45
N GLY J 473 -0.93 -49.10 14.18
CA GLY J 473 0.46 -48.68 14.13
C GLY J 473 1.04 -48.09 15.40
N ASN J 474 2.33 -47.74 15.34
CA ASN J 474 3.08 -47.03 16.39
C ASN J 474 2.88 -47.63 17.78
N LYS J 475 2.50 -48.91 17.87
CA LYS J 475 2.38 -49.59 19.14
C LYS J 475 2.24 -51.09 18.93
N PRO J 476 3.00 -51.93 19.65
CA PRO J 476 2.81 -53.38 19.57
C PRO J 476 1.63 -53.81 20.43
N CYS J 477 0.54 -54.21 19.77
CA CYS J 477 -0.68 -54.64 20.47
C CYS J 477 -0.68 -56.17 20.53
N ASN J 478 -0.23 -56.71 21.66
CA ASN J 478 -0.32 -58.14 21.94
C ASN J 478 -1.68 -58.55 22.47
N GLY J 479 -2.68 -57.68 22.31
CA GLY J 479 -4.01 -57.90 22.81
C GLY J 479 -4.36 -56.95 23.93
N VAL J 480 -5.07 -55.87 23.58
CA VAL J 480 -5.50 -54.85 24.52
C VAL J 480 -6.62 -54.07 23.86
N ALA J 481 -7.49 -53.46 24.67
CA ALA J 481 -8.58 -52.64 24.17
C ALA J 481 -8.58 -51.30 24.90
N GLY J 482 -7.75 -50.38 24.44
CA GLY J 482 -7.87 -48.99 24.84
C GLY J 482 -6.97 -48.03 24.11
N PHE J 483 -7.57 -47.00 23.52
CA PHE J 483 -6.89 -45.80 23.03
C PHE J 483 -5.93 -46.06 21.88
N ASN J 484 -5.65 -47.32 21.56
CA ASN J 484 -4.78 -47.63 20.43
C ASN J 484 -5.24 -48.81 19.59
N CYS J 485 -6.03 -49.74 20.11
CA CYS J 485 -6.38 -50.97 19.40
C CYS J 485 -7.77 -51.38 19.83
N TYR J 486 -8.70 -51.47 18.88
CA TYR J 486 -10.10 -51.74 19.15
C TYR J 486 -10.54 -52.96 18.34
N PHE J 487 -11.78 -53.37 18.57
CA PHE J 487 -12.35 -54.50 17.84
C PHE J 487 -12.63 -54.10 16.40
N PRO J 488 -11.96 -54.68 15.40
CA PRO J 488 -12.24 -54.31 14.01
C PRO J 488 -13.57 -54.82 13.48
N LEU J 489 -14.40 -55.44 14.30
CA LEU J 489 -15.70 -55.95 13.89
C LEU J 489 -16.80 -55.26 14.67
N ARG J 490 -17.88 -54.93 13.97
CA ARG J 490 -19.02 -54.26 14.58
C ARG J 490 -20.31 -54.86 14.03
N SER J 491 -21.23 -55.22 14.93
CA SER J 491 -22.46 -55.88 14.53
C SER J 491 -23.49 -54.87 14.02
N TYR J 492 -24.47 -55.38 13.30
CA TYR J 492 -25.55 -54.56 12.78
C TYR J 492 -26.58 -54.27 13.88
N SER J 493 -27.66 -53.59 13.51
CA SER J 493 -28.75 -53.26 14.41
C SER J 493 -30.09 -53.53 13.74
N PHE J 494 -30.21 -54.70 13.11
CA PHE J 494 -31.44 -55.07 12.41
C PHE J 494 -32.55 -55.33 13.42
N ARG J 495 -33.65 -54.60 13.27
CA ARG J 495 -34.82 -54.75 14.12
C ARG J 495 -36.07 -54.87 13.27
N PRO J 496 -37.05 -55.66 13.71
CA PRO J 496 -38.27 -55.84 12.91
C PRO J 496 -39.05 -54.54 12.73
N THR J 497 -39.12 -53.70 13.76
CA THR J 497 -39.89 -52.46 13.67
C THR J 497 -39.07 -51.35 13.02
N TYR J 498 -38.52 -51.62 11.85
CA TYR J 498 -37.76 -50.64 11.07
C TYR J 498 -38.38 -50.51 9.69
N GLY J 499 -37.72 -49.73 8.83
CA GLY J 499 -38.15 -49.52 7.47
C GLY J 499 -37.15 -50.09 6.47
N VAL J 500 -37.57 -50.10 5.21
CA VAL J 500 -36.72 -50.61 4.13
C VAL J 500 -35.53 -49.68 3.96
N GLY J 501 -34.39 -50.27 3.56
CA GLY J 501 -33.14 -49.56 3.40
C GLY J 501 -32.07 -49.97 4.41
N HIS J 502 -32.49 -50.42 5.59
CA HIS J 502 -31.58 -50.90 6.62
C HIS J 502 -31.98 -52.29 7.10
N GLN J 503 -32.58 -53.08 6.23
CA GLN J 503 -33.02 -54.43 6.52
C GLN J 503 -32.03 -55.45 6.01
N PRO J 504 -32.04 -56.68 6.56
CA PRO J 504 -31.14 -57.72 6.05
C PRO J 504 -31.52 -58.18 4.65
N TYR J 505 -30.66 -57.87 3.68
CA TYR J 505 -30.86 -58.26 2.29
C TYR J 505 -29.86 -59.35 1.93
N ARG J 506 -30.37 -60.52 1.55
CA ARG J 506 -29.53 -61.64 1.15
C ARG J 506 -29.11 -61.44 -0.30
N VAL J 507 -27.82 -61.20 -0.52
CA VAL J 507 -27.27 -60.98 -1.86
C VAL J 507 -26.37 -62.16 -2.20
N VAL J 508 -26.62 -62.78 -3.35
CA VAL J 508 -25.86 -63.93 -3.81
C VAL J 508 -25.45 -63.70 -5.25
N VAL J 509 -24.14 -63.81 -5.52
CA VAL J 509 -23.60 -63.65 -6.85
C VAL J 509 -23.19 -65.02 -7.38
N LEU J 510 -23.19 -65.15 -8.71
CA LEU J 510 -22.85 -66.39 -9.39
C LEU J 510 -21.71 -66.10 -10.37
N SER J 511 -20.48 -66.25 -9.89
CA SER J 511 -19.32 -65.97 -10.73
C SER J 511 -19.11 -67.10 -11.73
N PHE J 512 -18.89 -66.74 -12.99
CA PHE J 512 -18.66 -67.69 -14.06
C PHE J 512 -17.19 -67.66 -14.47
N GLU J 513 -16.71 -68.80 -14.98
CA GLU J 513 -15.33 -68.93 -15.41
C GLU J 513 -15.25 -69.96 -16.52
N LEU J 514 -14.30 -69.77 -17.43
CA LEU J 514 -14.06 -70.69 -18.55
C LEU J 514 -12.56 -70.87 -18.69
N LEU J 515 -12.03 -71.89 -18.01
CA LEU J 515 -10.62 -72.21 -18.07
C LEU J 515 -10.38 -73.26 -19.15
N HIS J 516 -9.18 -73.84 -19.18
CA HIS J 516 -8.82 -74.85 -20.16
C HIS J 516 -9.32 -76.24 -19.72
N ALA J 517 -10.63 -76.31 -19.49
CA ALA J 517 -11.29 -77.54 -19.06
C ALA J 517 -12.64 -77.65 -19.75
N PRO J 518 -13.09 -78.86 -20.06
CA PRO J 518 -14.39 -79.03 -20.70
C PRO J 518 -15.52 -78.53 -19.80
N ALA J 519 -16.51 -77.89 -20.41
CA ALA J 519 -17.62 -77.33 -19.67
C ALA J 519 -18.57 -78.44 -19.19
N THR J 520 -19.05 -78.30 -17.96
CA THR J 520 -19.95 -79.29 -17.37
C THR J 520 -21.41 -78.84 -17.42
N VAL J 521 -21.71 -77.67 -16.86
CA VAL J 521 -23.08 -77.16 -16.84
C VAL J 521 -23.35 -76.38 -18.11
N CYS J 522 -24.44 -76.73 -18.80
CA CYS J 522 -24.85 -76.05 -20.02
C CYS J 522 -26.20 -75.37 -19.89
N GLY J 523 -27.23 -76.09 -19.44
CA GLY J 523 -28.55 -75.54 -19.31
C GLY J 523 -29.64 -76.56 -19.56
N PRO J 524 -30.89 -76.11 -19.62
CA PRO J 524 -32.00 -77.03 -19.84
C PRO J 524 -32.02 -77.55 -21.27
N LYS J 525 -32.84 -78.59 -21.48
CA LYS J 525 -32.97 -79.20 -22.79
C LYS J 525 -34.44 -79.32 -23.19
N LYS J 526 -34.71 -79.94 -24.33
CA LYS J 526 -36.07 -80.13 -24.82
C LYS J 526 -36.16 -81.44 -25.57
N SER J 527 -37.40 -81.88 -25.81
CA SER J 527 -37.64 -83.11 -26.53
C SER J 527 -39.02 -83.06 -27.18
N THR J 528 -39.21 -83.88 -28.20
CA THR J 528 -40.47 -83.95 -28.92
C THR J 528 -40.90 -85.42 -29.03
N ASN J 529 -42.02 -85.63 -29.72
CA ASN J 529 -42.53 -86.97 -29.92
C ASN J 529 -41.72 -87.70 -30.99
N LEU J 530 -41.68 -89.02 -30.87
CA LEU J 530 -40.92 -89.87 -31.77
C LEU J 530 -41.89 -90.65 -32.66
N VAL J 531 -41.76 -90.48 -33.97
CA VAL J 531 -42.55 -91.24 -34.93
C VAL J 531 -41.73 -92.42 -35.44
N LYS J 532 -42.42 -93.41 -36.00
CA LYS J 532 -41.77 -94.62 -36.48
C LYS J 532 -41.84 -94.74 -38.01
N ASN J 533 -43.04 -94.78 -38.58
CA ASN J 533 -43.19 -94.91 -40.03
C ASN J 533 -43.45 -93.55 -40.66
N LYS J 534 -42.38 -92.76 -40.75
CA LYS J 534 -42.47 -91.42 -41.32
C LYS J 534 -41.07 -90.89 -41.54
N CYS J 535 -40.82 -90.37 -42.76
CA CYS J 535 -39.54 -89.74 -43.08
C CYS J 535 -39.54 -88.31 -42.51
N VAL J 536 -38.73 -88.09 -41.48
CA VAL J 536 -38.63 -86.81 -40.80
C VAL J 536 -37.17 -86.52 -40.50
N ASN J 537 -36.92 -85.38 -39.86
CA ASN J 537 -35.57 -84.99 -39.45
C ASN J 537 -35.35 -85.38 -37.99
N PHE J 538 -34.12 -85.78 -37.66
CA PHE J 538 -33.77 -86.19 -36.32
C PHE J 538 -32.49 -85.48 -35.87
N ASN J 539 -32.41 -85.21 -34.58
CA ASN J 539 -31.29 -84.52 -33.96
C ASN J 539 -30.88 -85.23 -32.67
N PHE J 540 -30.69 -86.55 -32.75
CA PHE J 540 -30.36 -87.36 -31.59
C PHE J 540 -28.94 -87.06 -31.15
N ASN J 541 -28.79 -86.25 -30.10
CA ASN J 541 -27.50 -85.93 -29.49
C ASN J 541 -26.55 -85.32 -30.51
N GLY J 542 -27.01 -84.30 -31.21
CA GLY J 542 -26.23 -83.57 -32.19
C GLY J 542 -26.22 -84.21 -33.57
N LEU J 543 -26.47 -85.51 -33.65
CA LEU J 543 -26.48 -86.21 -34.94
C LEU J 543 -27.70 -85.76 -35.73
N LYS J 544 -27.47 -84.91 -36.73
CA LYS J 544 -28.55 -84.36 -37.55
C LYS J 544 -28.58 -85.07 -38.89
N GLY J 545 -29.78 -85.47 -39.31
CA GLY J 545 -29.92 -86.15 -40.57
C GLY J 545 -31.38 -86.26 -40.97
N THR J 546 -31.60 -86.90 -42.12
CA THR J 546 -32.94 -87.10 -42.66
C THR J 546 -33.19 -88.58 -42.86
N GLY J 547 -34.47 -88.94 -42.92
CA GLY J 547 -34.88 -90.30 -43.17
C GLY J 547 -35.85 -90.82 -42.13
N VAL J 548 -36.36 -92.01 -42.42
CA VAL J 548 -37.33 -92.65 -41.52
C VAL J 548 -36.59 -93.26 -40.33
N LEU J 549 -37.26 -93.28 -39.18
CA LEU J 549 -36.71 -93.83 -37.94
C LEU J 549 -37.58 -95.03 -37.54
N THR J 550 -37.22 -96.20 -38.05
CA THR J 550 -37.97 -97.42 -37.76
C THR J 550 -37.35 -98.15 -36.56
N GLU J 551 -38.05 -99.19 -36.12
CA GLU J 551 -37.60 -99.98 -34.98
C GLU J 551 -36.73 -101.14 -35.46
N SER J 552 -35.62 -101.36 -34.78
CA SER J 552 -34.67 -102.41 -35.12
C SER J 552 -34.67 -103.49 -34.05
N ASN J 553 -34.00 -104.60 -34.36
CA ASN J 553 -33.85 -105.73 -33.45
C ASN J 553 -32.37 -106.05 -33.24
N LYS J 554 -31.57 -105.01 -33.02
CA LYS J 554 -30.13 -105.18 -32.89
C LYS J 554 -29.79 -105.63 -31.47
N LYS J 555 -28.49 -105.61 -31.14
CA LYS J 555 -27.98 -106.06 -29.85
C LYS J 555 -27.05 -105.00 -29.26
N PHE J 556 -27.52 -103.75 -29.24
CA PHE J 556 -26.73 -102.63 -28.75
C PHE J 556 -26.27 -102.87 -27.32
N LEU J 557 -24.97 -102.73 -27.10
CA LEU J 557 -24.38 -102.87 -25.78
C LEU J 557 -24.62 -101.60 -24.96
N PRO J 558 -24.57 -101.70 -23.63
CA PRO J 558 -24.83 -100.52 -22.79
C PRO J 558 -23.89 -99.36 -23.05
N PHE J 559 -22.67 -99.60 -23.54
CA PHE J 559 -21.72 -98.53 -23.82
C PHE J 559 -21.69 -98.15 -25.30
N GLN J 560 -22.35 -98.91 -26.17
CA GLN J 560 -22.39 -98.60 -27.60
C GLN J 560 -23.68 -97.83 -27.88
N GLN J 561 -23.56 -96.50 -28.02
CA GLN J 561 -24.72 -95.65 -28.25
C GLN J 561 -24.93 -95.38 -29.73
N PHE J 562 -23.93 -94.83 -30.41
CA PHE J 562 -24.04 -94.51 -31.82
C PHE J 562 -23.80 -95.78 -32.64
N GLY J 563 -23.90 -95.65 -33.96
CA GLY J 563 -23.72 -96.80 -34.83
C GLY J 563 -23.59 -96.44 -36.30
N ARG J 564 -22.60 -97.00 -36.98
CA ARG J 564 -22.37 -96.77 -38.40
C ARG J 564 -22.58 -98.08 -39.16
N ASP J 565 -22.37 -98.00 -40.48
CA ASP J 565 -22.57 -99.14 -41.37
C ASP J 565 -21.23 -99.48 -42.05
N ILE J 566 -21.31 -100.36 -43.05
CA ILE J 566 -20.11 -100.78 -43.78
C ILE J 566 -19.44 -99.57 -44.44
N ALA J 567 -20.24 -98.64 -44.97
CA ALA J 567 -19.73 -97.45 -45.62
C ALA J 567 -19.60 -96.27 -44.66
N ASP J 568 -19.50 -96.55 -43.37
CA ASP J 568 -19.37 -95.52 -42.34
C ASP J 568 -20.54 -94.53 -42.39
N THR J 569 -21.75 -95.09 -42.50
CA THR J 569 -22.97 -94.30 -42.55
C THR J 569 -23.87 -94.67 -41.37
N THR J 570 -24.45 -93.65 -40.74
CA THR J 570 -25.30 -93.86 -39.58
C THR J 570 -26.53 -94.69 -39.96
N ASP J 571 -26.63 -95.89 -39.39
CA ASP J 571 -27.73 -96.80 -39.65
C ASP J 571 -28.63 -97.01 -38.45
N ALA J 572 -28.07 -97.06 -37.24
CA ALA J 572 -28.86 -97.25 -36.03
C ALA J 572 -28.21 -96.47 -34.90
N VAL J 573 -29.05 -96.04 -33.95
CA VAL J 573 -28.58 -95.24 -32.82
C VAL J 573 -29.51 -95.51 -31.63
N ARG J 574 -28.96 -95.34 -30.44
CA ARG J 574 -29.74 -95.49 -29.22
C ARG J 574 -30.50 -94.19 -28.92
N ASP J 575 -31.76 -94.34 -28.56
CA ASP J 575 -32.59 -93.17 -28.26
C ASP J 575 -32.06 -92.48 -27.00
N PRO J 576 -31.88 -91.15 -27.03
CA PRO J 576 -31.43 -90.45 -25.82
C PRO J 576 -32.40 -90.61 -24.65
N GLN J 577 -33.67 -90.92 -24.90
CA GLN J 577 -34.63 -91.22 -23.86
C GLN J 577 -34.45 -92.65 -23.37
N THR J 578 -35.46 -93.20 -22.70
CA THR J 578 -35.43 -94.57 -22.20
C THR J 578 -34.89 -95.53 -23.25
N LEU J 579 -34.17 -96.55 -22.77
CA LEU J 579 -33.45 -97.47 -23.64
C LEU J 579 -34.37 -98.10 -24.68
N GLU J 580 -34.06 -97.84 -25.96
CA GLU J 580 -34.80 -98.42 -27.06
C GLU J 580 -33.90 -98.39 -28.29
N ILE J 581 -33.98 -99.45 -29.10
CA ILE J 581 -33.16 -99.59 -30.30
C ILE J 581 -34.00 -99.18 -31.50
N LEU J 582 -33.41 -98.39 -32.39
CA LEU J 582 -34.07 -97.90 -33.58
C LEU J 582 -33.24 -98.24 -34.82
N ASP J 583 -33.80 -97.91 -35.98
CA ASP J 583 -33.13 -98.15 -37.26
C ASP J 583 -33.33 -96.91 -38.12
N ILE J 584 -32.22 -96.27 -38.50
CA ILE J 584 -32.24 -95.04 -39.29
C ILE J 584 -32.15 -95.43 -40.76
N THR J 585 -33.28 -95.34 -41.46
CA THR J 585 -33.34 -95.57 -42.90
C THR J 585 -33.69 -94.25 -43.61
N PRO J 586 -33.05 -93.98 -44.76
CA PRO J 586 -33.26 -92.69 -45.41
C PRO J 586 -34.66 -92.50 -45.96
N CYS J 587 -34.92 -91.33 -46.53
CA CYS J 587 -36.23 -90.99 -47.05
C CYS J 587 -36.49 -91.74 -48.36
N SER J 588 -37.62 -91.43 -48.99
CA SER J 588 -37.99 -92.09 -50.24
C SER J 588 -37.27 -91.44 -51.41
N PHE J 589 -36.65 -92.27 -52.25
CA PHE J 589 -35.95 -91.80 -53.44
C PHE J 589 -35.88 -92.95 -54.44
N GLY J 590 -35.09 -92.78 -55.50
CA GLY J 590 -34.90 -93.81 -56.49
C GLY J 590 -34.96 -93.31 -57.91
N GLY J 591 -35.74 -92.27 -58.15
CA GLY J 591 -35.89 -91.70 -59.46
C GLY J 591 -37.20 -92.08 -60.12
N VAL J 592 -37.55 -91.33 -61.16
CA VAL J 592 -38.77 -91.54 -61.92
C VAL J 592 -38.41 -91.88 -63.36
N SER J 593 -39.26 -92.67 -64.01
CA SER J 593 -39.07 -93.06 -65.40
C SER J 593 -40.39 -92.90 -66.14
N VAL J 594 -40.38 -92.10 -67.20
CA VAL J 594 -41.58 -91.83 -67.99
C VAL J 594 -41.55 -92.71 -69.23
N ILE J 595 -42.60 -93.50 -69.41
CA ILE J 595 -42.74 -94.37 -70.58
C ILE J 595 -43.67 -93.68 -71.56
N THR J 596 -43.19 -93.48 -72.79
CA THR J 596 -43.96 -92.78 -73.82
C THR J 596 -43.88 -93.56 -75.12
N PRO J 597 -45.03 -93.92 -75.71
CA PRO J 597 -45.01 -94.60 -77.02
C PRO J 597 -44.63 -93.69 -78.18
N GLY J 598 -44.37 -92.42 -77.94
CA GLY J 598 -44.01 -91.49 -78.99
C GLY J 598 -45.08 -90.44 -79.17
N THR J 599 -44.66 -89.21 -79.44
CA THR J 599 -45.58 -88.09 -79.65
C THR J 599 -46.01 -88.02 -81.10
N ASN J 600 -46.55 -89.12 -81.63
CA ASN J 600 -47.02 -89.17 -83.00
C ASN J 600 -48.40 -89.78 -83.17
N THR J 601 -48.87 -90.60 -82.23
CA THR J 601 -50.18 -91.23 -82.33
C THR J 601 -51.00 -91.15 -81.04
N SER J 602 -50.39 -90.81 -79.91
CA SER J 602 -51.12 -90.74 -78.65
C SER J 602 -50.36 -89.84 -77.70
N ASN J 603 -51.09 -89.32 -76.70
CA ASN J 603 -50.52 -88.46 -75.68
C ASN J 603 -50.55 -89.08 -74.29
N GLN J 604 -50.82 -90.38 -74.19
CA GLN J 604 -50.88 -91.07 -72.91
C GLN J 604 -49.51 -91.62 -72.56
N VAL J 605 -49.05 -91.34 -71.33
CA VAL J 605 -47.75 -91.77 -70.85
C VAL J 605 -47.93 -92.49 -69.52
N ALA J 606 -46.87 -93.17 -69.10
CA ALA J 606 -46.85 -93.90 -67.84
C ALA J 606 -45.63 -93.47 -67.03
N VAL J 607 -45.80 -93.47 -65.71
CA VAL J 607 -44.75 -93.08 -64.78
C VAL J 607 -44.28 -94.31 -64.02
N LEU J 608 -42.96 -94.46 -63.90
CA LEU J 608 -42.34 -95.59 -63.22
C LEU J 608 -41.46 -95.06 -62.10
N TYR J 609 -41.88 -95.27 -60.87
CA TYR J 609 -41.12 -94.84 -59.71
C TYR J 609 -40.15 -95.94 -59.30
N GLN J 610 -38.86 -95.68 -59.42
CA GLN J 610 -37.84 -96.66 -59.09
C GLN J 610 -37.63 -96.73 -57.59
N GLY J 611 -37.55 -97.95 -57.06
CA GLY J 611 -37.33 -98.14 -55.63
C GLY J 611 -38.51 -97.76 -54.77
N VAL J 612 -39.73 -97.99 -55.24
CA VAL J 612 -40.95 -97.66 -54.51
C VAL J 612 -41.83 -98.90 -54.47
N ASN J 613 -42.37 -99.21 -53.28
CA ASN J 613 -43.25 -100.35 -53.08
C ASN J 613 -44.73 -99.99 -53.22
N CYS J 614 -45.04 -98.99 -54.05
CA CYS J 614 -46.40 -98.49 -54.24
C CYS J 614 -47.05 -98.01 -52.94
N THR J 615 -46.23 -97.66 -51.94
CA THR J 615 -46.73 -97.16 -50.67
C THR J 615 -46.13 -95.81 -50.29
N GLU J 616 -45.45 -95.15 -51.21
CA GLU J 616 -44.82 -93.86 -50.95
C GLU J 616 -45.30 -92.75 -51.87
N VAL J 617 -45.71 -93.08 -53.10
CA VAL J 617 -46.19 -92.11 -54.07
C VAL J 617 -45.15 -91.02 -54.34
N ASN J 638 -53.33 -97.49 -63.67
CA ASN J 638 -53.59 -98.19 -62.40
C ASN J 638 -52.34 -98.23 -61.54
N VAL J 639 -52.26 -99.22 -60.66
CA VAL J 639 -51.13 -99.40 -59.76
C VAL J 639 -50.58 -100.81 -59.93
N PHE J 640 -49.30 -100.91 -60.24
CA PHE J 640 -48.63 -102.19 -60.44
C PHE J 640 -47.29 -102.17 -59.71
N GLN J 641 -47.08 -103.15 -58.84
CA GLN J 641 -45.84 -103.27 -58.09
C GLN J 641 -44.98 -104.36 -58.74
N THR J 642 -43.81 -103.98 -59.23
CA THR J 642 -42.87 -104.90 -59.86
C THR J 642 -41.53 -104.85 -59.12
N ARG J 643 -40.59 -105.68 -59.57
CA ARG J 643 -39.27 -105.72 -58.96
C ARG J 643 -38.46 -104.46 -59.24
N ALA J 644 -38.84 -103.67 -60.25
CA ALA J 644 -38.14 -102.44 -60.55
C ALA J 644 -38.69 -101.24 -59.81
N GLY J 645 -39.87 -101.35 -59.22
CA GLY J 645 -40.47 -100.25 -58.48
C GLY J 645 -41.99 -100.27 -58.53
N CYS J 646 -42.60 -99.11 -58.73
CA CYS J 646 -44.05 -98.99 -58.82
C CYS J 646 -44.40 -98.31 -60.13
N LEU J 647 -45.22 -98.96 -60.94
CA LEU J 647 -45.64 -98.44 -62.23
C LEU J 647 -47.06 -97.91 -62.11
N ILE J 648 -47.26 -96.67 -62.56
CA ILE J 648 -48.56 -96.01 -62.51
C ILE J 648 -48.89 -95.51 -63.90
N GLY J 649 -50.04 -95.93 -64.43
CA GLY J 649 -50.47 -95.51 -65.76
C GLY J 649 -50.63 -96.65 -66.73
N ALA J 650 -50.52 -97.89 -66.24
CA ALA J 650 -50.65 -99.07 -67.06
C ALA J 650 -51.48 -100.11 -66.31
N GLU J 651 -51.68 -101.26 -66.94
CA GLU J 651 -52.44 -102.35 -66.35
C GLU J 651 -51.78 -103.67 -66.70
N TYR J 652 -51.94 -104.66 -65.82
CA TYR J 652 -51.32 -105.97 -65.99
C TYR J 652 -52.30 -106.89 -66.71
N VAL J 653 -51.97 -107.24 -67.95
CA VAL J 653 -52.76 -108.18 -68.74
C VAL J 653 -52.08 -109.54 -68.70
N ASN J 654 -52.87 -110.61 -68.69
CA ASN J 654 -52.35 -111.97 -68.61
C ASN J 654 -51.96 -112.53 -69.98
N ASN J 655 -51.79 -111.70 -70.98
CA ASN J 655 -51.39 -112.14 -72.31
C ASN J 655 -49.87 -112.10 -72.42
N SER J 656 -49.36 -112.37 -73.62
CA SER J 656 -47.92 -112.37 -73.87
C SER J 656 -47.65 -111.96 -75.30
N TYR J 657 -46.82 -110.93 -75.49
CA TYR J 657 -46.45 -110.44 -76.80
C TYR J 657 -44.96 -110.14 -76.81
N GLU J 658 -44.49 -109.58 -77.91
CA GLU J 658 -43.08 -109.19 -78.01
C GLU J 658 -42.81 -107.95 -77.18
N CYS J 659 -41.62 -107.89 -76.60
CA CYS J 659 -41.22 -106.77 -75.75
C CYS J 659 -41.04 -105.53 -76.62
N ASP J 660 -41.95 -104.58 -76.50
CA ASP J 660 -41.88 -103.33 -77.26
C ASP J 660 -41.12 -102.25 -76.50
N ILE J 661 -41.51 -102.00 -75.26
CA ILE J 661 -40.82 -101.04 -74.41
C ILE J 661 -40.30 -101.77 -73.18
N PRO J 662 -38.98 -101.96 -73.06
CA PRO J 662 -38.45 -102.71 -71.90
C PRO J 662 -38.55 -101.92 -70.61
N ILE J 663 -39.45 -102.34 -69.72
CA ILE J 663 -39.58 -101.68 -68.43
C ILE J 663 -38.48 -102.13 -67.48
N GLY J 664 -38.34 -103.43 -67.29
CA GLY J 664 -37.32 -104.00 -66.43
C GLY J 664 -37.86 -105.17 -65.65
N ALA J 665 -36.94 -106.04 -65.23
CA ALA J 665 -37.26 -107.25 -64.45
C ALA J 665 -38.26 -108.14 -65.19
N GLY J 666 -38.11 -108.23 -66.51
CA GLY J 666 -38.97 -109.05 -67.32
C GLY J 666 -40.29 -108.42 -67.70
N ILE J 667 -40.56 -107.19 -67.28
CA ILE J 667 -41.80 -106.50 -67.58
C ILE J 667 -41.58 -105.64 -68.82
N CYS J 668 -42.55 -105.65 -69.74
CA CYS J 668 -42.49 -104.88 -70.96
C CYS J 668 -43.81 -104.17 -71.18
N ALA J 669 -43.77 -103.11 -71.98
CA ALA J 669 -44.94 -102.30 -72.26
C ALA J 669 -45.12 -102.14 -73.76
N SER J 670 -46.37 -101.93 -74.18
CA SER J 670 -46.69 -101.75 -75.59
C SER J 670 -48.03 -101.05 -75.69
N TYR J 671 -48.13 -100.10 -76.63
CA TYR J 671 -49.37 -99.36 -76.85
C TYR J 671 -50.26 -100.18 -77.78
N GLN J 672 -51.15 -100.96 -77.21
CA GLN J 672 -52.05 -101.83 -77.95
C GLN J 672 -53.49 -101.47 -77.64
N THR J 673 -54.42 -102.18 -78.27
CA THR J 673 -55.84 -101.96 -78.07
C THR J 673 -56.32 -102.55 -76.75
N SER J 686 -60.77 -98.65 -77.50
CA SER J 686 -59.95 -98.23 -76.38
C SER J 686 -58.48 -98.55 -76.63
N GLN J 687 -57.62 -97.55 -76.48
CA GLN J 687 -56.18 -97.69 -76.69
C GLN J 687 -55.46 -97.23 -75.43
N SER J 688 -54.80 -98.17 -74.76
CA SER J 688 -54.07 -97.88 -73.53
C SER J 688 -52.74 -98.62 -73.54
N ILE J 689 -51.87 -98.25 -72.60
CA ILE J 689 -50.56 -98.87 -72.48
C ILE J 689 -50.69 -100.07 -71.54
N ILE J 690 -50.48 -101.26 -72.07
CA ILE J 690 -50.57 -102.49 -71.30
C ILE J 690 -49.18 -102.88 -70.83
N ALA J 691 -49.10 -103.46 -69.63
CA ALA J 691 -47.85 -103.93 -69.05
C ALA J 691 -47.97 -105.43 -68.81
N TYR J 692 -47.23 -106.22 -69.58
CA TYR J 692 -47.29 -107.67 -69.51
C TYR J 692 -45.87 -108.23 -69.38
N THR J 693 -45.77 -109.55 -69.40
CA THR J 693 -44.50 -110.26 -69.36
C THR J 693 -44.12 -110.68 -70.77
N MET J 694 -42.91 -110.34 -71.19
CA MET J 694 -42.47 -110.66 -72.53
C MET J 694 -42.36 -112.17 -72.73
N SER J 695 -42.72 -112.62 -73.93
CA SER J 695 -42.65 -114.02 -74.29
C SER J 695 -41.35 -114.29 -75.05
N LEU J 696 -40.64 -115.34 -74.66
CA LEU J 696 -39.37 -115.67 -75.29
C LEU J 696 -39.53 -116.25 -76.68
N GLY J 697 -40.75 -116.55 -77.11
CA GLY J 697 -41.02 -117.09 -78.42
C GLY J 697 -42.11 -118.13 -78.35
N ALA J 698 -42.32 -118.82 -79.47
CA ALA J 698 -43.34 -119.85 -79.52
C ALA J 698 -42.90 -121.09 -78.75
N GLU J 699 -43.85 -121.97 -78.47
CA GLU J 699 -43.62 -123.20 -77.73
C GLU J 699 -43.83 -124.37 -78.69
N ASN J 700 -42.76 -124.74 -79.38
CA ASN J 700 -42.78 -125.85 -80.33
C ASN J 700 -42.23 -127.11 -79.68
N SER J 701 -42.81 -128.25 -80.02
CA SER J 701 -42.42 -129.55 -79.48
C SER J 701 -42.04 -130.45 -80.64
N VAL J 702 -40.73 -130.62 -80.85
CA VAL J 702 -40.24 -131.48 -81.93
C VAL J 702 -40.27 -132.93 -81.45
N ALA J 703 -40.76 -133.82 -82.31
CA ALA J 703 -40.84 -135.23 -81.96
C ALA J 703 -39.44 -135.83 -81.82
N TYR J 704 -39.33 -136.81 -80.93
CA TYR J 704 -38.06 -137.48 -80.63
C TYR J 704 -38.25 -139.00 -80.65
N SER J 705 -38.87 -139.51 -81.70
CA SER J 705 -39.07 -140.94 -81.84
C SER J 705 -37.72 -141.64 -82.01
N ASN J 706 -37.73 -142.96 -81.78
CA ASN J 706 -36.50 -143.74 -81.88
C ASN J 706 -35.99 -143.80 -83.31
N ASN J 707 -36.89 -143.86 -84.29
CA ASN J 707 -36.52 -143.92 -85.70
C ASN J 707 -37.39 -142.92 -86.46
N SER J 708 -36.91 -141.69 -86.57
CA SER J 708 -37.64 -140.63 -87.27
C SER J 708 -36.67 -139.50 -87.60
N ILE J 709 -36.65 -139.09 -88.86
CA ILE J 709 -35.78 -138.01 -89.32
C ILE J 709 -36.61 -137.08 -90.22
N ALA J 710 -36.31 -135.79 -90.15
CA ALA J 710 -36.99 -134.79 -90.96
C ALA J 710 -36.09 -134.38 -92.11
N ILE J 711 -36.44 -134.80 -93.32
CA ILE J 711 -35.68 -134.47 -94.52
C ILE J 711 -36.42 -133.37 -95.28
N PRO J 712 -35.78 -132.25 -95.57
CA PRO J 712 -36.46 -131.17 -96.30
C PRO J 712 -36.68 -131.53 -97.76
N THR J 713 -37.80 -131.05 -98.30
CA THR J 713 -38.16 -131.30 -99.69
C THR J 713 -38.17 -130.04 -100.54
N ASN J 714 -37.90 -128.87 -99.97
CA ASN J 714 -37.89 -127.62 -100.71
C ASN J 714 -36.77 -126.75 -100.18
N PHE J 715 -36.31 -125.83 -101.03
CA PHE J 715 -35.24 -124.90 -100.71
C PHE J 715 -35.72 -123.47 -100.87
N THR J 716 -35.24 -122.59 -99.99
CA THR J 716 -35.58 -121.17 -100.02
C THR J 716 -34.30 -120.36 -99.93
N ILE J 717 -34.00 -119.63 -101.00
CA ILE J 717 -32.80 -118.80 -101.04
C ILE J 717 -33.16 -117.42 -100.48
N SER J 718 -32.62 -117.10 -99.32
CA SER J 718 -32.89 -115.84 -98.64
C SER J 718 -31.67 -114.94 -98.69
N VAL J 719 -31.92 -113.64 -98.64
CA VAL J 719 -30.88 -112.62 -98.66
C VAL J 719 -31.10 -111.71 -97.46
N THR J 720 -30.25 -111.83 -96.45
CA THR J 720 -30.35 -111.02 -95.25
C THR J 720 -29.49 -109.77 -95.41
N THR J 721 -29.33 -109.01 -94.33
CA THR J 721 -28.53 -107.79 -94.36
C THR J 721 -27.98 -107.53 -92.97
N GLU J 722 -26.74 -107.04 -92.91
CA GLU J 722 -26.08 -106.73 -91.65
C GLU J 722 -25.34 -105.41 -91.79
N ILE J 723 -25.56 -104.51 -90.83
CA ILE J 723 -24.95 -103.19 -90.84
C ILE J 723 -23.79 -103.18 -89.86
N LEU J 724 -22.60 -102.80 -90.34
CA LEU J 724 -21.40 -102.75 -89.53
C LEU J 724 -20.68 -101.43 -89.79
N PRO J 725 -20.45 -100.61 -88.76
CA PRO J 725 -19.71 -99.36 -88.98
C PRO J 725 -18.26 -99.63 -89.36
N VAL J 726 -17.68 -98.68 -90.10
CA VAL J 726 -16.29 -98.77 -90.52
C VAL J 726 -15.42 -97.74 -89.83
N SER J 727 -15.84 -96.47 -89.84
CA SER J 727 -15.03 -95.41 -89.26
C SER J 727 -15.95 -94.27 -88.83
N MET J 728 -15.38 -93.36 -88.04
CA MET J 728 -16.07 -92.17 -87.59
C MET J 728 -15.62 -90.96 -88.41
N THR J 729 -16.07 -89.78 -88.03
CA THR J 729 -15.65 -88.54 -88.65
C THR J 729 -14.38 -88.04 -87.97
N LYS J 730 -13.33 -87.81 -88.75
CA LYS J 730 -12.07 -87.34 -88.19
C LYS J 730 -12.20 -85.90 -87.73
N THR J 731 -11.82 -85.64 -86.49
CA THR J 731 -11.91 -84.31 -85.91
C THR J 731 -10.56 -83.91 -85.32
N SER J 732 -10.38 -82.60 -85.15
CA SER J 732 -9.17 -82.05 -84.57
C SER J 732 -9.50 -80.71 -83.93
N VAL J 733 -9.27 -80.61 -82.62
CA VAL J 733 -9.62 -79.41 -81.87
C VAL J 733 -8.47 -78.42 -81.95
N ASP J 734 -8.79 -77.14 -81.73
CA ASP J 734 -7.79 -76.07 -81.71
C ASP J 734 -7.51 -75.76 -80.24
N CYS J 735 -6.37 -76.23 -79.75
CA CYS J 735 -6.00 -76.04 -78.35
C CYS J 735 -5.69 -74.60 -78.00
N THR J 736 -5.57 -73.72 -79.01
CA THR J 736 -5.35 -72.30 -78.77
C THR J 736 -6.56 -71.44 -79.06
N MET J 737 -7.62 -71.99 -79.64
CA MET J 737 -8.84 -71.26 -79.93
C MET J 737 -10.01 -71.67 -79.04
N TYR J 738 -10.19 -72.97 -78.81
CA TYR J 738 -11.25 -73.42 -77.93
C TYR J 738 -11.01 -72.97 -76.49
N ILE J 739 -9.75 -72.97 -76.05
CA ILE J 739 -9.43 -72.55 -74.69
C ILE J 739 -9.51 -71.04 -74.57
N CYS J 740 -9.00 -70.32 -75.56
CA CYS J 740 -8.98 -68.85 -75.56
C CYS J 740 -9.64 -68.36 -76.84
N GLY J 741 -10.80 -67.73 -76.70
CA GLY J 741 -11.48 -67.15 -77.84
C GLY J 741 -11.39 -65.64 -77.86
N ASP J 742 -10.57 -65.11 -78.78
CA ASP J 742 -10.31 -63.66 -78.87
C ASP J 742 -9.80 -63.12 -77.53
N SER J 743 -8.93 -63.89 -76.88
CA SER J 743 -8.49 -63.63 -75.51
C SER J 743 -6.97 -63.80 -75.42
N THR J 744 -6.24 -63.09 -76.29
CA THR J 744 -4.79 -63.21 -76.42
C THR J 744 -4.05 -63.34 -75.10
N GLU J 745 -4.54 -62.67 -74.05
CA GLU J 745 -3.93 -62.81 -72.72
C GLU J 745 -4.09 -64.24 -72.20
N CYS J 746 -5.23 -64.87 -72.48
CA CYS J 746 -5.41 -66.27 -72.11
C CYS J 746 -4.39 -67.16 -72.81
N SER J 747 -4.17 -66.92 -74.11
CA SER J 747 -3.19 -67.71 -74.84
C SER J 747 -1.77 -67.45 -74.33
N ASN J 748 -1.50 -66.22 -73.87
CA ASN J 748 -0.19 -65.93 -73.31
C ASN J 748 0.03 -66.65 -71.99
N LEU J 749 -0.97 -66.64 -71.11
CA LEU J 749 -0.85 -67.33 -69.83
C LEU J 749 -0.92 -68.84 -69.98
N LEU J 750 -1.47 -69.34 -71.09
CA LEU J 750 -1.50 -70.78 -71.31
C LEU J 750 -0.08 -71.36 -71.42
N LEU J 751 0.85 -70.60 -71.99
CA LEU J 751 2.23 -71.08 -72.10
C LEU J 751 2.87 -71.27 -70.72
N GLN J 752 2.49 -70.43 -69.75
CA GLN J 752 2.99 -70.58 -68.40
C GLN J 752 2.17 -71.56 -67.57
N TYR J 753 0.93 -71.84 -67.96
CA TYR J 753 0.07 -72.79 -67.27
C TYR J 753 0.47 -74.24 -67.53
N GLY J 754 1.33 -74.49 -68.50
CA GLY J 754 1.78 -75.82 -68.82
C GLY J 754 1.65 -76.13 -70.30
N SER J 755 2.47 -77.09 -70.74
CA SER J 755 2.48 -77.51 -72.14
C SER J 755 1.53 -78.69 -72.36
N PHE J 756 0.28 -78.48 -71.98
CA PHE J 756 -0.75 -79.50 -72.13
C PHE J 756 -1.35 -79.56 -73.53
N CYS J 757 -1.01 -78.61 -74.39
CA CYS J 757 -1.53 -78.57 -75.75
C CYS J 757 -0.67 -79.36 -76.73
N THR J 758 0.06 -80.36 -76.25
CA THR J 758 0.93 -81.18 -77.09
C THR J 758 0.44 -82.61 -77.23
N GLN J 759 0.05 -83.26 -76.13
CA GLN J 759 -0.38 -84.65 -76.20
C GLN J 759 -1.78 -84.79 -76.79
N LEU J 760 -2.64 -83.78 -76.64
CA LEU J 760 -4.01 -83.90 -77.12
C LEU J 760 -4.07 -83.86 -78.64
N LYS J 761 -3.36 -82.91 -79.26
CA LYS J 761 -3.33 -82.84 -80.72
C LYS J 761 -2.66 -84.08 -81.31
N ARG J 762 -1.63 -84.60 -80.65
CA ARG J 762 -0.98 -85.82 -81.11
C ARG J 762 -1.91 -87.02 -80.99
N ALA J 763 -2.69 -87.09 -79.91
CA ALA J 763 -3.67 -88.16 -79.77
C ALA J 763 -4.75 -88.07 -80.84
N LEU J 764 -5.18 -86.85 -81.17
CA LEU J 764 -6.17 -86.68 -82.23
C LEU J 764 -5.60 -87.09 -83.58
N THR J 765 -4.34 -86.75 -83.85
CA THR J 765 -3.70 -87.18 -85.09
C THR J 765 -3.58 -88.70 -85.14
N GLY J 766 -3.26 -89.32 -84.01
CA GLY J 766 -3.22 -90.77 -83.97
C GLY J 766 -4.58 -91.40 -84.22
N ILE J 767 -5.64 -90.80 -83.67
CA ILE J 767 -6.99 -91.28 -83.93
C ILE J 767 -7.33 -91.15 -85.40
N ALA J 768 -6.94 -90.04 -86.02
CA ALA J 768 -7.19 -89.86 -87.46
C ALA J 768 -6.45 -90.90 -88.28
N VAL J 769 -5.19 -91.17 -87.95
CA VAL J 769 -4.43 -92.19 -88.67
C VAL J 769 -5.05 -93.56 -88.46
N GLU J 770 -5.54 -93.83 -87.25
CA GLU J 770 -6.20 -95.10 -86.98
C GLU J 770 -7.47 -95.25 -87.82
N GLN J 771 -8.26 -94.19 -87.93
CA GLN J 771 -9.48 -94.26 -88.74
C GLN J 771 -9.14 -94.42 -90.22
N ASP J 772 -8.07 -93.77 -90.68
CA ASP J 772 -7.64 -93.94 -92.06
C ASP J 772 -7.21 -95.39 -92.33
N LYS J 773 -6.47 -95.97 -91.38
CA LYS J 773 -6.04 -97.37 -91.53
C LYS J 773 -7.25 -98.30 -91.51
N ASN J 774 -8.25 -98.00 -90.68
CA ASN J 774 -9.46 -98.82 -90.64
C ASN J 774 -10.21 -98.73 -91.96
N THR J 775 -10.29 -97.54 -92.54
CA THR J 775 -10.92 -97.39 -93.86
C THR J 775 -10.12 -98.12 -94.93
N GLN J 776 -8.80 -98.21 -94.77
CA GLN J 776 -7.97 -98.86 -95.77
C GLN J 776 -7.97 -100.38 -95.62
N GLU J 777 -8.07 -100.90 -94.40
CA GLU J 777 -8.00 -102.33 -94.17
C GLU J 777 -9.31 -103.06 -94.44
N VAL J 778 -10.40 -102.34 -94.70
CA VAL J 778 -11.70 -102.97 -94.91
C VAL J 778 -12.00 -103.03 -96.41
N PHE J 779 -11.99 -101.87 -97.08
CA PHE J 779 -12.34 -101.83 -98.50
C PHE J 779 -11.15 -102.18 -99.38
N ALA J 780 -10.00 -101.58 -99.13
CA ALA J 780 -8.80 -101.81 -99.93
C ALA J 780 -8.15 -103.13 -99.50
N GLN J 781 -8.71 -104.23 -100.02
CA GLN J 781 -8.18 -105.56 -99.75
C GLN J 781 -7.72 -106.28 -101.01
N VAL J 782 -7.87 -105.68 -102.18
CA VAL J 782 -7.45 -106.28 -103.45
C VAL J 782 -6.61 -105.27 -104.21
N LYS J 783 -5.66 -105.78 -104.99
CA LYS J 783 -4.78 -104.90 -105.77
C LYS J 783 -5.44 -104.51 -107.10
N GLN J 784 -5.81 -105.50 -107.91
CA GLN J 784 -6.42 -105.23 -109.20
C GLN J 784 -7.86 -104.78 -109.04
N ILE J 785 -8.26 -103.78 -109.83
CA ILE J 785 -9.62 -103.26 -109.83
C ILE J 785 -10.36 -103.92 -110.98
N TYR J 786 -11.24 -104.86 -110.65
CA TYR J 786 -12.00 -105.57 -111.65
C TYR J 786 -13.22 -104.76 -112.10
N LYS J 787 -13.65 -105.01 -113.34
CA LYS J 787 -14.80 -104.32 -113.90
C LYS J 787 -15.81 -105.35 -114.40
N THR J 788 -17.08 -104.96 -114.38
CA THR J 788 -18.14 -105.86 -114.82
C THR J 788 -18.18 -105.94 -116.34
N PRO J 789 -18.45 -107.11 -116.90
CA PRO J 789 -18.54 -107.25 -118.35
C PRO J 789 -19.71 -106.46 -118.91
N PRO J 790 -19.66 -106.08 -120.19
CA PRO J 790 -20.79 -105.33 -120.77
C PRO J 790 -22.06 -106.15 -120.86
N ILE J 791 -21.96 -107.46 -121.06
CA ILE J 791 -23.14 -108.33 -121.14
C ILE J 791 -23.59 -108.65 -119.71
N LYS J 792 -24.76 -108.15 -119.33
CA LYS J 792 -25.29 -108.37 -117.99
C LYS J 792 -26.20 -109.61 -117.96
N TYR J 793 -25.61 -110.74 -118.35
CA TYR J 793 -26.28 -112.05 -118.32
C TYR J 793 -25.36 -113.01 -117.59
N PHE J 794 -25.47 -113.03 -116.27
CA PHE J 794 -24.62 -113.88 -115.43
C PHE J 794 -25.37 -115.17 -115.06
N GLY J 795 -25.66 -115.97 -116.10
CA GLY J 795 -26.35 -117.23 -115.93
C GLY J 795 -27.86 -117.14 -115.86
N GLY J 796 -28.41 -115.98 -115.53
CA GLY J 796 -29.85 -115.83 -115.44
C GLY J 796 -30.29 -115.02 -114.25
N PHE J 797 -29.34 -114.56 -113.44
CA PHE J 797 -29.62 -113.75 -112.27
C PHE J 797 -29.53 -112.27 -112.61
N ASN J 798 -30.46 -111.47 -112.09
CA ASN J 798 -30.52 -110.05 -112.38
C ASN J 798 -29.78 -109.29 -111.29
N PHE J 799 -28.62 -108.73 -111.64
CA PHE J 799 -27.82 -107.93 -110.71
C PHE J 799 -27.95 -106.44 -110.98
N SER J 800 -29.11 -105.99 -111.46
CA SER J 800 -29.30 -104.58 -111.78
C SER J 800 -29.54 -103.71 -110.55
N GLN J 801 -29.44 -104.27 -109.34
CA GLN J 801 -29.65 -103.50 -108.12
C GLN J 801 -28.40 -103.37 -107.26
N ILE J 802 -27.42 -104.26 -107.40
CA ILE J 802 -26.19 -104.18 -106.63
C ILE J 802 -25.01 -103.68 -107.45
N LEU J 803 -25.03 -103.88 -108.77
CA LEU J 803 -23.95 -103.37 -109.61
C LEU J 803 -24.11 -101.86 -109.81
N PRO J 804 -23.00 -101.14 -109.97
CA PRO J 804 -23.10 -99.69 -110.18
C PRO J 804 -23.74 -99.36 -111.52
N ASP J 805 -24.52 -98.27 -111.53
CA ASP J 805 -25.23 -97.85 -112.72
C ASP J 805 -24.43 -96.78 -113.45
N PRO J 806 -24.20 -96.93 -114.77
CA PRO J 806 -23.43 -95.92 -115.49
C PRO J 806 -24.22 -94.66 -115.83
N SER J 807 -25.54 -94.68 -115.76
CA SER J 807 -26.38 -93.54 -116.12
C SER J 807 -26.60 -92.60 -114.93
N LYS J 808 -25.50 -92.17 -114.31
CA LYS J 808 -25.56 -91.25 -113.18
C LYS J 808 -24.17 -90.68 -112.96
N PRO J 809 -24.05 -89.45 -112.45
CA PRO J 809 -22.72 -88.87 -112.24
C PRO J 809 -21.96 -89.47 -111.07
N SER J 810 -22.67 -90.00 -110.06
CA SER J 810 -22.00 -90.56 -108.90
C SER J 810 -21.56 -92.01 -109.11
N LYS J 811 -22.22 -92.74 -110.00
CA LYS J 811 -21.88 -94.12 -110.32
C LYS J 811 -21.92 -95.01 -109.08
N ARG J 812 -23.11 -95.12 -108.50
CA ARG J 812 -23.34 -95.96 -107.33
C ARG J 812 -24.56 -96.83 -107.57
N SER J 813 -24.65 -97.91 -106.78
CA SER J 813 -25.78 -98.82 -106.87
C SER J 813 -27.05 -98.15 -106.36
N PRO J 814 -28.21 -98.53 -106.90
CA PRO J 814 -29.47 -97.97 -106.37
C PRO J 814 -29.66 -98.22 -104.89
N ILE J 815 -29.26 -99.39 -104.39
CA ILE J 815 -29.30 -99.63 -102.95
C ILE J 815 -28.35 -98.69 -102.23
N GLU J 816 -27.17 -98.46 -102.80
CA GLU J 816 -26.25 -97.47 -102.24
C GLU J 816 -26.83 -96.07 -102.32
N ASP J 817 -27.60 -95.79 -103.37
CA ASP J 817 -28.26 -94.49 -103.47
C ASP J 817 -29.28 -94.30 -102.36
N LEU J 818 -30.06 -95.36 -102.08
CA LEU J 818 -31.02 -95.28 -100.98
C LEU J 818 -30.31 -95.18 -99.63
N LEU J 819 -29.15 -95.81 -99.49
CA LEU J 819 -28.41 -95.75 -98.23
C LEU J 819 -27.83 -94.35 -98.01
N PHE J 820 -27.23 -93.76 -99.04
CA PHE J 820 -26.65 -92.42 -98.91
C PHE J 820 -27.69 -91.33 -98.81
N ASN J 821 -28.93 -91.59 -99.25
CA ASN J 821 -30.01 -90.62 -99.14
C ASN J 821 -30.88 -90.84 -97.92
N LYS J 822 -30.46 -91.71 -97.00
CA LYS J 822 -31.19 -91.98 -95.77
C LYS J 822 -30.43 -91.65 -94.51
N VAL J 823 -29.10 -91.84 -94.50
CA VAL J 823 -28.28 -91.55 -93.34
C VAL J 823 -27.93 -90.07 -93.36
N THR J 824 -28.51 -89.30 -92.45
CA THR J 824 -28.26 -87.87 -92.37
C THR J 824 -26.89 -87.58 -91.78
N ARG J 844 -27.10 -70.23 -89.23
CA ARG J 844 -25.92 -71.00 -89.63
C ARG J 844 -26.10 -72.47 -89.28
N ASP J 845 -25.60 -73.34 -90.15
CA ASP J 845 -25.73 -74.77 -89.95
C ASP J 845 -24.86 -75.23 -88.78
N LEU J 846 -25.01 -76.51 -88.42
CA LEU J 846 -24.30 -77.06 -87.27
C LEU J 846 -22.84 -77.34 -87.59
N ILE J 847 -22.56 -77.88 -88.77
CA ILE J 847 -21.18 -78.22 -89.13
C ILE J 847 -20.32 -76.96 -89.21
N CYS J 848 -20.85 -75.90 -89.83
CA CYS J 848 -20.10 -74.65 -89.93
C CYS J 848 -19.90 -74.02 -88.56
N ALA J 849 -20.89 -74.11 -87.68
CA ALA J 849 -20.73 -73.60 -86.32
C ALA J 849 -19.65 -74.36 -85.56
N GLN J 850 -19.66 -75.69 -85.67
CA GLN J 850 -18.63 -76.50 -85.02
C GLN J 850 -17.24 -76.18 -85.58
N LYS J 851 -17.15 -75.93 -86.89
CA LYS J 851 -15.88 -75.54 -87.48
C LYS J 851 -15.42 -74.18 -86.98
N PHE J 852 -16.35 -73.23 -86.82
CA PHE J 852 -16.03 -71.92 -86.28
C PHE J 852 -15.63 -71.97 -84.80
N LYS J 853 -16.15 -72.92 -84.04
CA LYS J 853 -15.81 -73.06 -82.63
C LYS J 853 -14.44 -73.66 -82.40
N GLY J 854 -13.69 -73.97 -83.46
CA GLY J 854 -12.38 -74.58 -83.38
C GLY J 854 -12.40 -76.07 -83.65
N LEU J 855 -13.55 -76.71 -83.50
CA LEU J 855 -13.66 -78.15 -83.75
C LEU J 855 -13.69 -78.40 -85.25
N THR J 856 -12.52 -78.63 -85.83
CA THR J 856 -12.40 -78.87 -87.26
C THR J 856 -12.76 -80.31 -87.60
N VAL J 857 -13.23 -80.51 -88.82
CA VAL J 857 -13.65 -81.82 -89.30
C VAL J 857 -12.75 -82.17 -90.48
N LEU J 858 -11.78 -83.04 -90.26
CA LEU J 858 -10.88 -83.44 -91.33
C LEU J 858 -11.61 -84.37 -92.30
N PRO J 859 -11.50 -84.12 -93.61
CA PRO J 859 -12.17 -84.99 -94.57
C PRO J 859 -11.47 -86.33 -94.67
N PRO J 860 -12.22 -87.41 -94.88
CA PRO J 860 -11.59 -88.73 -94.98
C PRO J 860 -10.70 -88.83 -96.21
N LEU J 861 -9.73 -89.74 -96.14
CA LEU J 861 -8.81 -89.95 -97.25
C LEU J 861 -9.52 -90.56 -98.44
N LEU J 862 -10.13 -91.73 -98.25
CA LEU J 862 -10.85 -92.41 -99.32
C LEU J 862 -12.23 -91.78 -99.47
N THR J 863 -12.46 -91.11 -100.60
CA THR J 863 -13.74 -90.47 -100.85
C THR J 863 -14.81 -91.51 -101.17
N ASP J 864 -16.04 -91.04 -101.36
CA ASP J 864 -17.14 -91.95 -101.67
C ASP J 864 -16.95 -92.62 -103.03
N GLU J 865 -16.34 -91.92 -103.99
CA GLU J 865 -16.13 -92.51 -105.31
C GLU J 865 -15.14 -93.67 -105.24
N MET J 866 -14.07 -93.53 -104.46
CA MET J 866 -13.11 -94.61 -104.33
C MET J 866 -13.72 -95.82 -103.62
N ILE J 867 -14.56 -95.58 -102.61
CA ILE J 867 -15.22 -96.68 -101.92
C ILE J 867 -16.20 -97.38 -102.86
N ALA J 868 -16.92 -96.60 -103.69
CA ALA J 868 -17.82 -97.21 -104.66
C ALA J 868 -17.07 -98.03 -105.68
N GLN J 869 -15.92 -97.54 -106.15
CA GLN J 869 -15.10 -98.31 -107.09
C GLN J 869 -14.57 -99.58 -106.46
N TYR J 870 -14.17 -99.51 -105.18
CA TYR J 870 -13.70 -100.70 -104.47
C TYR J 870 -14.82 -101.73 -104.35
N THR J 871 -16.03 -101.28 -104.00
CA THR J 871 -17.16 -102.20 -103.88
C THR J 871 -17.51 -102.82 -105.22
N SER J 872 -17.45 -102.03 -106.30
CA SER J 872 -17.74 -102.55 -107.62
C SER J 872 -16.69 -103.57 -108.04
N ALA J 873 -15.41 -103.31 -107.74
CA ALA J 873 -14.37 -104.27 -108.06
C ALA J 873 -14.53 -105.56 -107.27
N LEU J 874 -14.88 -105.45 -105.99
CA LEU J 874 -15.12 -106.66 -105.19
C LEU J 874 -16.30 -107.45 -105.73
N LEU J 875 -17.37 -106.76 -106.14
CA LEU J 875 -18.53 -107.44 -106.69
C LEU J 875 -18.17 -108.14 -108.01
N ALA J 876 -17.41 -107.46 -108.87
CA ALA J 876 -17.01 -108.07 -110.13
C ALA J 876 -16.11 -109.28 -109.89
N GLY J 877 -15.21 -109.20 -108.91
CA GLY J 877 -14.37 -110.34 -108.60
C GLY J 877 -15.14 -111.50 -107.98
N THR J 878 -16.20 -111.20 -107.23
CA THR J 878 -17.02 -112.26 -106.66
C THR J 878 -17.87 -112.93 -107.73
N ILE J 879 -18.33 -112.15 -108.71
CA ILE J 879 -19.19 -112.71 -109.75
C ILE J 879 -18.37 -113.48 -110.78
N THR J 880 -17.41 -112.81 -111.41
CA THR J 880 -16.67 -113.39 -112.53
C THR J 880 -15.56 -114.34 -112.10
N SER J 881 -15.12 -114.29 -110.85
CA SER J 881 -14.03 -115.14 -110.38
C SER J 881 -14.40 -115.98 -109.16
N GLY J 882 -15.28 -115.50 -108.30
CA GLY J 882 -15.67 -116.26 -107.12
C GLY J 882 -14.75 -115.98 -105.94
N TRP J 883 -14.04 -117.01 -105.49
CA TRP J 883 -13.11 -116.89 -104.37
C TRP J 883 -11.66 -117.08 -104.79
N THR J 884 -11.37 -117.07 -106.08
CA THR J 884 -10.00 -117.27 -106.56
C THR J 884 -9.21 -115.99 -106.60
N PHE J 885 -9.86 -114.84 -106.79
CA PHE J 885 -9.15 -113.56 -106.85
C PHE J 885 -8.67 -113.07 -105.49
N GLY J 886 -9.21 -113.61 -104.40
CA GLY J 886 -8.80 -113.19 -103.07
C GLY J 886 -7.55 -113.91 -102.60
N ALA J 887 -7.39 -115.17 -103.03
CA ALA J 887 -6.22 -115.95 -102.66
C ALA J 887 -5.05 -115.78 -103.63
N GLY J 888 -5.32 -115.32 -104.85
CA GLY J 888 -4.28 -115.13 -105.83
C GLY J 888 -4.81 -114.45 -107.09
N PRO J 889 -4.36 -114.92 -108.24
CA PRO J 889 -4.82 -114.34 -109.50
C PRO J 889 -6.26 -114.70 -109.79
N ALA J 890 -6.93 -113.83 -110.55
CA ALA J 890 -8.33 -114.05 -110.90
C ALA J 890 -8.45 -115.18 -111.91
N LEU J 891 -9.42 -116.07 -111.66
CA LEU J 891 -9.69 -117.21 -112.53
C LEU J 891 -11.14 -117.12 -113.01
N GLN J 892 -11.33 -117.10 -114.32
CA GLN J 892 -12.66 -117.01 -114.88
C GLN J 892 -13.44 -118.30 -114.61
N ILE J 893 -14.72 -118.15 -114.31
CA ILE J 893 -15.59 -119.29 -114.00
C ILE J 893 -17.04 -118.86 -114.21
N PRO J 894 -17.86 -119.66 -114.90
CA PRO J 894 -19.27 -119.31 -115.08
C PRO J 894 -19.99 -119.23 -113.75
N PHE J 895 -21.01 -118.35 -113.70
CA PHE J 895 -21.77 -118.18 -112.47
C PHE J 895 -22.55 -119.42 -112.05
N PRO J 896 -23.19 -120.18 -112.95
CA PRO J 896 -23.81 -121.44 -112.49
C PRO J 896 -22.81 -122.41 -111.89
N MET J 897 -21.60 -122.51 -112.45
CA MET J 897 -20.60 -123.40 -111.89
C MET J 897 -20.14 -122.90 -110.52
N GLN J 898 -20.03 -121.59 -110.34
CA GLN J 898 -19.69 -121.04 -109.04
C GLN J 898 -20.78 -121.34 -108.02
N MET J 899 -22.04 -121.20 -108.42
CA MET J 899 -23.14 -121.51 -107.51
C MET J 899 -23.15 -123.00 -107.15
N ALA J 900 -22.86 -123.86 -108.12
CA ALA J 900 -22.81 -125.29 -107.84
C ALA J 900 -21.67 -125.63 -106.88
N TYR J 901 -20.49 -125.03 -107.08
CA TYR J 901 -19.36 -125.28 -106.19
C TYR J 901 -19.59 -124.71 -104.81
N ARG J 902 -20.38 -123.63 -104.69
CA ARG J 902 -20.71 -123.10 -103.37
C ARG J 902 -21.76 -123.96 -102.68
N PHE J 903 -22.71 -124.52 -103.43
CA PHE J 903 -23.68 -125.43 -102.84
C PHE J 903 -23.04 -126.73 -102.42
N ASN J 904 -22.01 -127.19 -103.14
CA ASN J 904 -21.32 -128.42 -102.79
C ASN J 904 -20.49 -128.29 -101.51
N GLY J 905 -20.41 -127.09 -100.93
CA GLY J 905 -19.65 -126.90 -99.71
C GLY J 905 -20.47 -127.12 -98.46
N ILE J 906 -21.76 -126.80 -98.51
CA ILE J 906 -22.62 -126.97 -97.35
C ILE J 906 -23.13 -128.41 -97.21
N GLY J 907 -23.00 -129.22 -98.26
CA GLY J 907 -23.43 -130.60 -98.19
C GLY J 907 -24.34 -131.00 -99.33
N VAL J 908 -25.09 -130.05 -99.88
CA VAL J 908 -26.00 -130.33 -100.98
C VAL J 908 -25.19 -130.55 -102.26
N THR J 909 -25.52 -131.63 -102.97
CA THR J 909 -24.84 -131.92 -104.23
C THR J 909 -25.26 -130.92 -105.30
N GLN J 910 -24.47 -130.89 -106.38
CA GLN J 910 -24.70 -129.95 -107.48
C GLN J 910 -25.75 -130.43 -108.46
N ASN J 911 -26.42 -131.55 -108.20
CA ASN J 911 -27.46 -132.03 -109.08
C ASN J 911 -28.81 -131.39 -108.81
N VAL J 912 -28.88 -130.42 -107.91
CA VAL J 912 -30.12 -129.71 -107.60
C VAL J 912 -30.18 -128.36 -108.30
N LEU J 913 -29.03 -127.67 -108.40
CA LEU J 913 -29.00 -126.37 -109.06
C LEU J 913 -29.25 -126.51 -110.56
N TYR J 914 -28.56 -127.45 -111.21
CA TYR J 914 -28.71 -127.61 -112.66
C TYR J 914 -30.09 -128.12 -113.05
N GLU J 915 -30.84 -128.70 -112.10
CA GLU J 915 -32.20 -129.15 -112.35
C GLU J 915 -33.25 -128.16 -111.86
N ASN J 916 -32.87 -127.16 -111.08
CA ASN J 916 -33.79 -126.15 -110.57
C ASN J 916 -33.18 -124.76 -110.67
N GLN J 917 -32.50 -124.48 -111.79
CA GLN J 917 -31.84 -123.20 -111.95
C GLN J 917 -32.85 -122.07 -112.10
N LYS J 918 -33.97 -122.32 -112.78
CA LYS J 918 -34.97 -121.28 -112.99
C LYS J 918 -35.62 -120.87 -111.67
N LEU J 919 -35.93 -121.84 -110.81
CA LEU J 919 -36.54 -121.51 -109.53
C LEU J 919 -35.59 -120.70 -108.65
N ILE J 920 -34.32 -121.09 -108.60
CA ILE J 920 -33.34 -120.35 -107.81
C ILE J 920 -33.15 -118.94 -108.37
N ALA J 921 -33.14 -118.81 -109.70
CA ALA J 921 -33.02 -117.50 -110.31
C ALA J 921 -34.22 -116.61 -109.98
N ASN J 922 -35.43 -117.19 -110.02
CA ASN J 922 -36.62 -116.41 -109.70
C ASN J 922 -36.65 -116.03 -108.22
N GLN J 923 -36.15 -116.90 -107.35
CA GLN J 923 -36.11 -116.57 -105.92
C GLN J 923 -35.03 -115.53 -105.61
N PHE J 924 -33.94 -115.53 -106.37
CA PHE J 924 -32.88 -114.55 -106.15
C PHE J 924 -33.27 -113.19 -106.71
N ASN J 925 -33.95 -113.17 -107.86
CA ASN J 925 -34.40 -111.90 -108.43
C ASN J 925 -35.56 -111.29 -107.66
N SER J 926 -36.22 -112.07 -106.80
CA SER J 926 -37.31 -111.57 -105.97
C SER J 926 -36.88 -111.29 -104.54
N ALA J 927 -35.64 -111.61 -104.18
CA ALA J 927 -35.12 -111.35 -102.84
C ALA J 927 -34.29 -110.08 -102.76
N ILE J 928 -33.53 -109.76 -103.81
CA ILE J 928 -32.76 -108.52 -103.82
C ILE J 928 -33.69 -107.32 -103.92
N GLY J 929 -34.80 -107.45 -104.64
CA GLY J 929 -35.73 -106.35 -104.79
C GLY J 929 -36.44 -105.99 -103.50
N LYS J 930 -36.69 -106.99 -102.64
CA LYS J 930 -37.37 -106.73 -101.38
C LYS J 930 -36.47 -106.02 -100.37
N ILE J 931 -35.14 -106.07 -100.57
CA ILE J 931 -34.23 -105.41 -99.64
C ILE J 931 -34.43 -103.89 -99.69
N GLN J 932 -34.58 -103.33 -100.89
CA GLN J 932 -34.83 -101.90 -101.01
C GLN J 932 -36.15 -101.50 -100.36
N ASP J 933 -37.19 -102.31 -100.57
CA ASP J 933 -38.49 -102.02 -99.97
C ASP J 933 -38.43 -102.10 -98.44
N SER J 934 -37.66 -103.06 -97.91
CA SER J 934 -37.53 -103.17 -96.47
C SER J 934 -36.73 -102.01 -95.89
N LEU J 935 -35.70 -101.56 -96.60
CA LEU J 935 -34.90 -100.44 -96.11
C LEU J 935 -35.67 -99.12 -96.22
N SER J 936 -36.59 -99.02 -97.19
CA SER J 936 -37.35 -97.78 -97.35
C SER J 936 -38.55 -97.73 -96.41
N SER J 937 -39.21 -98.86 -96.18
CA SER J 937 -40.40 -98.87 -95.34
C SER J 937 -40.05 -98.75 -93.86
N THR J 938 -38.98 -99.41 -93.43
CA THR J 938 -38.58 -99.37 -92.04
C THR J 938 -38.09 -97.98 -91.65
N PRO J 939 -38.70 -97.31 -90.68
CA PRO J 939 -38.21 -95.98 -90.30
C PRO J 939 -36.82 -96.00 -89.71
N SER J 940 -36.50 -97.01 -88.91
CA SER J 940 -35.19 -97.14 -88.26
C SER J 940 -34.51 -98.39 -88.80
N ALA J 941 -33.79 -98.23 -89.91
CA ALA J 941 -33.06 -99.32 -90.54
C ALA J 941 -31.55 -99.26 -90.29
N LEU J 942 -30.95 -98.07 -90.43
CA LEU J 942 -29.52 -97.90 -90.17
C LEU J 942 -29.36 -97.43 -88.72
N GLY J 943 -29.43 -98.40 -87.81
CA GLY J 943 -29.36 -98.12 -86.39
C GLY J 943 -28.02 -97.58 -85.94
N LYS J 944 -26.95 -98.35 -86.13
CA LYS J 944 -25.63 -97.93 -85.68
C LYS J 944 -25.09 -96.77 -86.50
N LEU J 945 -25.43 -96.71 -87.80
CA LEU J 945 -24.97 -95.61 -88.64
C LEU J 945 -25.51 -94.27 -88.15
N GLN J 946 -26.75 -94.25 -87.66
CA GLN J 946 -27.30 -93.04 -87.06
C GLN J 946 -26.84 -92.85 -85.63
N ASP J 947 -26.59 -93.95 -84.91
CA ASP J 947 -26.17 -93.84 -83.52
C ASP J 947 -24.79 -93.21 -83.41
N VAL J 948 -23.86 -93.60 -84.28
CA VAL J 948 -22.51 -93.04 -84.22
C VAL J 948 -22.55 -91.55 -84.58
N VAL J 949 -23.40 -91.16 -85.54
CA VAL J 949 -23.51 -89.76 -85.92
C VAL J 949 -24.11 -88.96 -84.77
N ASN J 950 -25.14 -89.50 -84.11
CA ASN J 950 -25.72 -88.80 -82.97
C ASN J 950 -24.72 -88.66 -81.83
N HIS J 951 -23.91 -89.70 -81.58
CA HIS J 951 -22.91 -89.64 -80.54
C HIS J 951 -21.84 -88.59 -80.86
N ASN J 952 -21.40 -88.55 -82.12
CA ASN J 952 -20.43 -87.53 -82.52
C ASN J 952 -21.00 -86.12 -82.39
N ALA J 953 -22.26 -85.95 -82.79
CA ALA J 953 -22.89 -84.64 -82.67
C ALA J 953 -23.02 -84.22 -81.22
N GLN J 954 -23.40 -85.15 -80.34
CA GLN J 954 -23.51 -84.83 -78.92
C GLN J 954 -22.15 -84.49 -78.33
N ALA J 955 -21.11 -85.23 -78.72
CA ALA J 955 -19.77 -84.96 -78.18
C ALA J 955 -19.25 -83.61 -78.67
N LEU J 956 -19.59 -83.24 -79.90
CA LEU J 956 -19.15 -81.94 -80.43
C LEU J 956 -19.98 -80.79 -79.90
N ASN J 957 -21.24 -81.02 -79.52
CA ASN J 957 -22.09 -79.96 -79.01
C ASN J 957 -21.91 -79.72 -77.52
N THR J 958 -21.67 -80.77 -76.73
CA THR J 958 -21.50 -80.59 -75.29
C THR J 958 -20.22 -79.83 -74.98
N LEU J 959 -19.16 -80.09 -75.73
CA LEU J 959 -17.89 -79.39 -75.51
C LEU J 959 -18.03 -77.89 -75.74
N VAL J 960 -18.92 -77.49 -76.65
CA VAL J 960 -19.15 -76.07 -76.89
C VAL J 960 -20.14 -75.51 -75.89
N LYS J 961 -21.14 -76.30 -75.50
CA LYS J 961 -22.14 -75.83 -74.54
C LYS J 961 -21.54 -75.61 -73.16
N GLN J 962 -20.51 -76.38 -72.81
CA GLN J 962 -19.86 -76.23 -71.51
C GLN J 962 -18.94 -75.01 -71.46
N LEU J 963 -18.93 -74.16 -72.49
CA LEU J 963 -18.15 -72.93 -72.47
C LEU J 963 -18.90 -71.76 -71.87
N SER J 964 -20.23 -71.77 -71.90
CA SER J 964 -21.04 -70.69 -71.36
C SER J 964 -21.52 -70.97 -69.94
N SER J 965 -20.72 -71.70 -69.16
CA SER J 965 -21.06 -72.05 -67.79
C SER J 965 -19.93 -71.58 -66.88
N LYS J 966 -20.27 -70.79 -65.87
CA LYS J 966 -19.28 -70.24 -64.94
C LYS J 966 -18.70 -71.36 -64.09
N PHE J 967 -17.41 -71.62 -64.25
CA PHE J 967 -16.71 -72.62 -63.45
C PHE J 967 -16.15 -72.04 -62.15
N GLY J 968 -16.64 -70.89 -61.73
CA GLY J 968 -16.15 -70.25 -60.52
C GLY J 968 -15.96 -68.75 -60.69
N ALA J 969 -15.92 -68.30 -61.94
CA ALA J 969 -15.74 -66.89 -62.23
C ALA J 969 -17.07 -66.15 -62.16
N ILE J 970 -17.02 -64.83 -62.35
CA ILE J 970 -18.24 -64.02 -62.31
C ILE J 970 -19.04 -64.11 -63.60
N SER J 971 -18.41 -64.46 -64.71
CA SER J 971 -19.11 -64.56 -65.98
C SER J 971 -18.35 -65.55 -66.88
N SER J 972 -18.89 -65.78 -68.06
CA SER J 972 -18.28 -66.70 -69.02
C SER J 972 -17.40 -66.00 -70.03
N VAL J 973 -17.72 -64.75 -70.38
CA VAL J 973 -16.92 -64.01 -71.35
C VAL J 973 -15.58 -63.63 -70.72
N LEU J 974 -14.48 -63.94 -71.41
CA LEU J 974 -13.16 -63.63 -70.89
C LEU J 974 -12.87 -62.14 -70.96
N ASN J 975 -13.38 -61.45 -72.00
CA ASN J 975 -13.14 -60.02 -72.12
C ASN J 975 -13.84 -59.24 -71.02
N ASP J 976 -15.05 -59.66 -70.66
CA ASP J 976 -15.77 -58.99 -69.57
C ASP J 976 -15.07 -59.17 -68.24
N ILE J 977 -14.37 -60.29 -68.05
CA ILE J 977 -13.63 -60.51 -66.81
C ILE J 977 -12.32 -59.71 -66.83
N PHE J 978 -11.64 -59.67 -67.97
CA PHE J 978 -10.38 -58.93 -68.05
C PHE J 978 -10.60 -57.42 -68.05
N SER J 979 -11.82 -56.98 -68.36
CA SER J 979 -12.09 -55.55 -68.41
C SER J 979 -12.60 -55.03 -67.07
N ARG J 980 -13.71 -55.59 -66.59
CA ARG J 980 -14.35 -55.09 -65.36
C ARG J 980 -13.84 -55.85 -64.13
N LEU J 981 -12.53 -55.89 -63.96
CA LEU J 981 -11.89 -56.53 -62.81
C LEU J 981 -10.41 -56.19 -62.82
N ASP J 982 -9.81 -56.20 -61.64
CA ASP J 982 -8.39 -55.96 -61.52
C ASP J 982 -7.60 -57.23 -61.83
N PRO J 983 -6.36 -57.09 -62.31
CA PRO J 983 -5.57 -58.26 -62.70
C PRO J 983 -5.40 -59.27 -61.57
N PRO J 984 -5.00 -58.85 -60.35
CA PRO J 984 -4.70 -59.88 -59.32
C PRO J 984 -5.91 -60.71 -58.94
N GLU J 985 -7.12 -60.16 -58.98
CA GLU J 985 -8.31 -60.95 -58.68
C GLU J 985 -8.75 -61.77 -59.89
N ALA J 986 -8.64 -61.20 -61.09
CA ALA J 986 -9.03 -61.92 -62.29
C ALA J 986 -8.10 -63.08 -62.61
N GLU J 987 -6.88 -63.08 -62.07
CA GLU J 987 -5.95 -64.17 -62.32
C GLU J 987 -6.44 -65.49 -61.74
N VAL J 988 -7.18 -65.46 -60.64
CA VAL J 988 -7.73 -66.68 -60.07
C VAL J 988 -8.94 -67.16 -60.87
N GLN J 989 -9.78 -66.23 -61.33
CA GLN J 989 -10.94 -66.61 -62.12
C GLN J 989 -10.53 -67.20 -63.46
N ILE J 990 -9.55 -66.60 -64.13
CA ILE J 990 -9.11 -67.12 -65.41
C ILE J 990 -8.43 -68.48 -65.23
N ASP J 991 -7.73 -68.66 -64.10
CA ASP J 991 -7.13 -69.96 -63.83
C ASP J 991 -8.18 -71.03 -63.60
N ARG J 992 -9.22 -70.71 -62.83
CA ARG J 992 -10.31 -71.66 -62.65
C ARG J 992 -11.01 -71.99 -63.97
N LEU J 993 -11.24 -70.99 -64.80
CA LEU J 993 -11.88 -71.23 -66.09
C LEU J 993 -11.03 -72.08 -67.01
N ILE J 994 -9.72 -71.80 -67.09
CA ILE J 994 -8.86 -72.60 -67.96
C ILE J 994 -8.70 -74.01 -67.41
N THR J 995 -8.71 -74.18 -66.08
CA THR J 995 -8.67 -75.52 -65.51
C THR J 995 -9.92 -76.31 -65.86
N GLY J 996 -11.10 -75.66 -65.74
CA GLY J 996 -12.33 -76.33 -66.13
C GLY J 996 -12.36 -76.69 -67.60
N ARG J 997 -11.88 -75.79 -68.45
CA ARG J 997 -11.88 -76.05 -69.89
C ARG J 997 -10.90 -77.17 -70.24
N LEU J 998 -9.74 -77.21 -69.59
CA LEU J 998 -8.80 -78.30 -69.83
C LEU J 998 -9.36 -79.63 -69.34
N GLN J 999 -10.08 -79.62 -68.22
CA GLN J 999 -10.71 -80.84 -67.73
C GLN J 999 -11.78 -81.32 -68.72
N SER J 1000 -12.59 -80.40 -69.24
CA SER J 1000 -13.60 -80.77 -70.23
C SER J 1000 -12.95 -81.32 -71.50
N LEU J 1001 -11.85 -80.71 -71.93
CA LEU J 1001 -11.16 -81.19 -73.13
C LEU J 1001 -10.55 -82.56 -72.89
N GLN J 1002 -10.02 -82.81 -71.69
CA GLN J 1002 -9.49 -84.12 -71.36
C GLN J 1002 -10.60 -85.17 -71.35
N THR J 1003 -11.77 -84.82 -70.80
CA THR J 1003 -12.90 -85.74 -70.82
C THR J 1003 -13.33 -86.04 -72.25
N TYR J 1004 -13.35 -85.01 -73.12
CA TYR J 1004 -13.70 -85.23 -74.51
C TYR J 1004 -12.68 -86.13 -75.20
N VAL J 1005 -11.39 -85.93 -74.90
CA VAL J 1005 -10.35 -86.77 -75.50
C VAL J 1005 -10.49 -88.21 -75.06
N THR J 1006 -10.80 -88.42 -73.77
CA THR J 1006 -10.99 -89.79 -73.28
C THR J 1006 -12.20 -90.45 -73.93
N GLN J 1007 -13.30 -89.72 -74.06
CA GLN J 1007 -14.48 -90.26 -74.74
C GLN J 1007 -14.16 -90.59 -76.20
N GLN J 1008 -13.41 -89.71 -76.87
CA GLN J 1008 -13.04 -89.97 -78.26
C GLN J 1008 -12.13 -91.18 -78.38
N LEU J 1009 -11.23 -91.37 -77.41
CA LEU J 1009 -10.38 -92.55 -77.43
C LEU J 1009 -11.18 -93.83 -77.24
N ILE J 1010 -12.13 -93.83 -76.31
CA ILE J 1010 -12.97 -95.01 -76.11
C ILE J 1010 -13.80 -95.30 -77.36
N ARG J 1011 -14.38 -94.26 -77.95
CA ARG J 1011 -15.17 -94.44 -79.16
C ARG J 1011 -14.31 -94.91 -80.32
N ALA J 1012 -13.07 -94.43 -80.41
CA ALA J 1012 -12.18 -94.88 -81.48
C ALA J 1012 -11.76 -96.33 -81.29
N ALA J 1013 -11.57 -96.76 -80.03
CA ALA J 1013 -11.30 -98.17 -79.79
C ALA J 1013 -12.49 -99.04 -80.19
N GLU J 1014 -13.70 -98.60 -79.84
CA GLU J 1014 -14.89 -99.35 -80.24
C GLU J 1014 -15.03 -99.40 -81.75
N ILE J 1015 -14.75 -98.28 -82.43
CA ILE J 1015 -14.83 -98.24 -83.89
C ILE J 1015 -13.76 -99.12 -84.51
N ARG J 1016 -12.57 -99.17 -83.91
CA ARG J 1016 -11.52 -100.07 -84.42
C ARG J 1016 -11.93 -101.52 -84.28
N ALA J 1017 -12.53 -101.89 -83.14
CA ALA J 1017 -13.02 -103.26 -82.97
C ALA J 1017 -14.09 -103.59 -84.01
N SER J 1018 -15.04 -102.66 -84.21
CA SER J 1018 -16.09 -102.90 -85.19
C SER J 1018 -15.53 -103.00 -86.60
N ALA J 1019 -14.52 -102.20 -86.92
CA ALA J 1019 -13.93 -102.23 -88.25
C ALA J 1019 -13.15 -103.52 -88.48
N ASN J 1020 -12.44 -103.99 -87.45
CA ASN J 1020 -11.76 -105.28 -87.56
C ASN J 1020 -12.76 -106.41 -87.76
N LEU J 1021 -13.87 -106.37 -87.03
CA LEU J 1021 -14.91 -107.39 -87.20
C LEU J 1021 -15.49 -107.35 -88.61
N ALA J 1022 -15.76 -106.13 -89.12
CA ALA J 1022 -16.32 -106.01 -90.46
C ALA J 1022 -15.33 -106.47 -91.52
N ALA J 1023 -14.05 -106.16 -91.34
CA ALA J 1023 -13.04 -106.61 -92.29
C ALA J 1023 -12.90 -108.12 -92.28
N THR J 1024 -12.93 -108.73 -91.09
CA THR J 1024 -12.89 -110.19 -91.02
C THR J 1024 -14.11 -110.81 -91.69
N LYS J 1025 -15.28 -110.23 -91.47
CA LYS J 1025 -16.50 -110.75 -92.09
C LYS J 1025 -16.44 -110.63 -93.61
N MET J 1026 -15.93 -109.49 -94.11
CA MET J 1026 -15.82 -109.32 -95.55
C MET J 1026 -14.78 -110.25 -96.16
N SER J 1027 -13.70 -110.53 -95.43
CA SER J 1027 -12.67 -111.41 -95.95
C SER J 1027 -13.06 -112.88 -95.88
N GLU J 1028 -13.96 -113.25 -94.96
CA GLU J 1028 -14.37 -114.64 -94.82
C GLU J 1028 -15.65 -114.98 -95.56
N CYS J 1029 -16.53 -114.01 -95.80
CA CYS J 1029 -17.80 -114.26 -96.47
C CYS J 1029 -17.78 -113.90 -97.95
N VAL J 1030 -17.07 -112.85 -98.33
CA VAL J 1030 -17.03 -112.43 -99.73
C VAL J 1030 -15.87 -113.08 -100.47
N LEU J 1031 -14.71 -113.19 -99.83
CA LEU J 1031 -13.54 -113.81 -100.44
C LEU J 1031 -13.50 -115.32 -100.30
N GLY J 1032 -14.64 -115.94 -100.02
CA GLY J 1032 -14.69 -117.39 -99.86
C GLY J 1032 -15.97 -117.81 -99.18
N GLN J 1033 -16.18 -119.12 -99.18
CA GLN J 1033 -17.36 -119.72 -98.57
C GLN J 1033 -17.03 -120.14 -97.14
N SER J 1034 -17.50 -119.37 -96.17
CA SER J 1034 -17.26 -119.66 -94.77
C SER J 1034 -18.33 -120.60 -94.23
N LYS J 1035 -17.91 -121.56 -93.43
CA LYS J 1035 -18.81 -122.52 -92.81
C LYS J 1035 -19.17 -122.16 -91.38
N ARG J 1036 -18.77 -121.00 -90.90
CA ARG J 1036 -19.10 -120.57 -89.54
C ARG J 1036 -20.58 -120.23 -89.46
N VAL J 1037 -21.25 -120.77 -88.45
CA VAL J 1037 -22.69 -120.57 -88.31
C VAL J 1037 -22.97 -119.15 -87.83
N ASP J 1038 -23.98 -118.52 -88.44
CA ASP J 1038 -24.48 -117.20 -88.08
C ASP J 1038 -23.48 -116.09 -88.41
N PHE J 1039 -22.29 -116.47 -88.86
CA PHE J 1039 -21.27 -115.48 -89.19
C PHE J 1039 -21.64 -114.70 -90.45
N CYS J 1040 -21.83 -115.42 -91.56
CA CYS J 1040 -22.26 -114.81 -92.82
C CYS J 1040 -23.78 -114.86 -92.95
N GLY J 1041 -24.45 -114.28 -91.96
CA GLY J 1041 -25.89 -114.29 -91.90
C GLY J 1041 -26.45 -115.59 -91.34
N LYS J 1042 -27.72 -115.53 -90.96
CA LYS J 1042 -28.39 -116.70 -90.40
C LYS J 1042 -28.68 -117.71 -91.50
N GLY J 1043 -28.20 -118.93 -91.31
CA GLY J 1043 -28.39 -120.00 -92.28
C GLY J 1043 -27.10 -120.39 -92.97
N TYR J 1044 -27.22 -121.36 -93.86
CA TYR J 1044 -26.07 -121.85 -94.61
C TYR J 1044 -25.55 -120.77 -95.56
N HIS J 1045 -24.32 -120.33 -95.34
CA HIS J 1045 -23.75 -119.25 -96.14
C HIS J 1045 -23.52 -119.71 -97.58
N LEU J 1046 -24.00 -118.91 -98.53
CA LEU J 1046 -23.79 -119.17 -99.95
C LEU J 1046 -22.96 -118.08 -100.62
N MET J 1047 -23.38 -116.82 -100.50
CA MET J 1047 -22.67 -115.70 -101.12
C MET J 1047 -22.75 -114.50 -100.19
N SER J 1048 -22.06 -113.43 -100.57
CA SER J 1048 -22.06 -112.18 -99.82
C SER J 1048 -21.64 -111.05 -100.75
N PHE J 1049 -22.39 -109.95 -100.71
CA PHE J 1049 -22.13 -108.80 -101.57
C PHE J 1049 -21.97 -107.55 -100.73
N PRO J 1050 -20.75 -107.02 -100.60
CA PRO J 1050 -20.57 -105.79 -99.82
C PRO J 1050 -20.96 -104.55 -100.61
N GLN J 1051 -21.43 -103.54 -99.88
CA GLN J 1051 -21.85 -102.28 -100.48
C GLN J 1051 -21.35 -101.13 -99.61
N SER J 1052 -21.29 -99.95 -100.21
CA SER J 1052 -20.83 -98.76 -99.53
C SER J 1052 -21.95 -98.16 -98.68
N ALA J 1053 -21.56 -97.38 -97.69
CA ALA J 1053 -22.50 -96.72 -96.78
C ALA J 1053 -21.77 -95.59 -96.07
N PRO J 1054 -22.49 -94.53 -95.69
CA PRO J 1054 -21.85 -93.43 -94.96
C PRO J 1054 -21.32 -93.87 -93.61
N HIS J 1055 -19.99 -93.87 -93.47
CA HIS J 1055 -19.31 -94.27 -92.23
C HIS J 1055 -19.75 -95.68 -91.80
N GLY J 1056 -19.75 -96.59 -92.77
CA GLY J 1056 -20.13 -97.97 -92.48
C GLY J 1056 -20.14 -98.78 -93.75
N VAL J 1057 -20.38 -100.08 -93.57
CA VAL J 1057 -20.46 -101.02 -94.69
C VAL J 1057 -21.72 -101.86 -94.51
N VAL J 1058 -22.35 -102.20 -95.63
CA VAL J 1058 -23.59 -102.99 -95.65
C VAL J 1058 -23.32 -104.27 -96.40
N PHE J 1059 -23.68 -105.40 -95.80
CA PHE J 1059 -23.48 -106.72 -96.39
C PHE J 1059 -24.80 -107.30 -96.86
N LEU J 1060 -24.74 -108.16 -97.88
CA LEU J 1060 -25.93 -108.78 -98.44
C LEU J 1060 -25.77 -110.30 -98.48
N HIS J 1061 -25.39 -110.89 -97.35
CA HIS J 1061 -25.15 -112.33 -97.27
C HIS J 1061 -26.34 -113.13 -97.77
N VAL J 1062 -26.12 -113.91 -98.82
CA VAL J 1062 -27.14 -114.81 -99.35
C VAL J 1062 -27.03 -116.13 -98.62
N THR J 1063 -28.09 -116.53 -97.93
CA THR J 1063 -28.09 -117.72 -97.10
C THR J 1063 -29.01 -118.78 -97.69
N TYR J 1064 -28.87 -120.00 -97.18
CA TYR J 1064 -29.68 -121.14 -97.60
C TYR J 1064 -30.53 -121.60 -96.43
N VAL J 1065 -31.84 -121.63 -96.63
CA VAL J 1065 -32.79 -122.01 -95.59
C VAL J 1065 -33.69 -123.11 -96.16
N PRO J 1066 -33.63 -124.33 -95.64
CA PRO J 1066 -34.54 -125.38 -96.12
C PRO J 1066 -35.98 -125.10 -95.73
N ALA J 1067 -36.89 -125.82 -96.38
CA ALA J 1067 -38.31 -125.66 -96.14
C ALA J 1067 -39.04 -126.92 -96.59
N GLN J 1068 -40.28 -127.05 -96.12
CA GLN J 1068 -41.16 -128.17 -96.46
C GLN J 1068 -40.51 -129.51 -96.11
N GLU J 1069 -40.27 -129.69 -94.81
CA GLU J 1069 -39.67 -130.92 -94.33
C GLU J 1069 -40.72 -132.03 -94.25
N LYS J 1070 -40.24 -133.28 -94.26
CA LYS J 1070 -41.09 -134.44 -94.19
C LYS J 1070 -40.43 -135.50 -93.32
N ASN J 1071 -41.24 -136.21 -92.54
CA ASN J 1071 -40.74 -137.23 -91.63
C ASN J 1071 -40.60 -138.57 -92.35
N PHE J 1072 -39.53 -139.30 -92.02
CA PHE J 1072 -39.27 -140.60 -92.60
C PHE J 1072 -38.79 -141.55 -91.51
N THR J 1073 -38.79 -142.84 -91.83
CA THR J 1073 -38.33 -143.88 -90.92
C THR J 1073 -36.86 -144.16 -91.24
N THR J 1074 -35.97 -143.67 -90.38
CA THR J 1074 -34.54 -143.83 -90.59
C THR J 1074 -34.01 -145.03 -89.83
N ALA J 1075 -32.74 -145.34 -90.04
CA ALA J 1075 -32.07 -146.45 -89.37
C ALA J 1075 -30.58 -146.19 -89.36
N PRO J 1076 -29.85 -146.59 -88.31
CA PRO J 1076 -28.39 -146.36 -88.31
C PRO J 1076 -27.68 -147.07 -89.46
N ALA J 1077 -28.02 -148.33 -89.73
CA ALA J 1077 -27.41 -149.07 -90.80
C ALA J 1077 -28.36 -150.18 -91.26
N ILE J 1078 -28.04 -150.77 -92.39
CA ILE J 1078 -28.81 -151.88 -92.93
C ILE J 1078 -27.98 -153.15 -92.84
N CYS J 1079 -28.68 -154.29 -92.86
CA CYS J 1079 -28.05 -155.60 -92.72
C CYS J 1079 -28.21 -156.38 -94.01
N HIS J 1080 -27.09 -156.88 -94.54
CA HIS J 1080 -27.10 -157.71 -95.73
C HIS J 1080 -27.26 -159.18 -95.32
N ASP J 1081 -27.04 -160.10 -96.26
CA ASP J 1081 -27.19 -161.52 -95.96
C ASP J 1081 -26.15 -161.98 -94.94
N GLY J 1082 -24.94 -161.42 -94.99
CA GLY J 1082 -23.89 -161.84 -94.08
C GLY J 1082 -23.03 -160.70 -93.56
N LYS J 1083 -23.38 -159.47 -93.93
CA LYS J 1083 -22.61 -158.30 -93.50
C LYS J 1083 -23.56 -157.12 -93.34
N ALA J 1084 -22.99 -155.96 -93.03
CA ALA J 1084 -23.74 -154.73 -92.87
C ALA J 1084 -23.20 -153.66 -93.82
N HIS J 1085 -23.97 -152.59 -93.97
CA HIS J 1085 -23.60 -151.48 -94.83
C HIS J 1085 -23.95 -150.17 -94.15
N PHE J 1086 -23.02 -149.22 -94.18
CA PHE J 1086 -23.21 -147.91 -93.58
C PHE J 1086 -23.25 -146.83 -94.66
N PRO J 1087 -24.08 -145.80 -94.49
CA PRO J 1087 -24.12 -144.73 -95.49
C PRO J 1087 -22.81 -143.95 -95.52
N ARG J 1088 -22.19 -143.90 -96.70
CA ARG J 1088 -20.94 -143.17 -96.86
C ARG J 1088 -21.17 -141.68 -96.74
N GLU J 1089 -22.06 -141.12 -97.57
CA GLU J 1089 -22.41 -139.71 -97.54
C GLU J 1089 -23.92 -139.60 -97.80
N GLY J 1090 -24.68 -139.56 -96.72
CA GLY J 1090 -26.12 -139.46 -96.81
C GLY J 1090 -26.77 -140.08 -95.60
N VAL J 1091 -28.04 -140.46 -95.77
CA VAL J 1091 -28.81 -141.06 -94.69
C VAL J 1091 -29.79 -142.06 -95.31
N PHE J 1092 -30.01 -143.17 -94.61
CA PHE J 1092 -30.96 -144.19 -95.04
C PHE J 1092 -32.34 -143.83 -94.52
N VAL J 1093 -33.27 -143.57 -95.45
CA VAL J 1093 -34.65 -143.24 -95.11
C VAL J 1093 -35.56 -144.33 -95.66
N SER J 1094 -36.83 -144.26 -95.27
CA SER J 1094 -37.82 -145.22 -95.72
C SER J 1094 -39.19 -144.55 -95.80
N ASN J 1095 -39.95 -144.89 -96.84
CA ASN J 1095 -41.29 -144.37 -97.03
C ASN J 1095 -42.36 -145.38 -96.59
N GLY J 1096 -42.07 -146.17 -95.59
CA GLY J 1096 -43.00 -147.18 -95.09
C GLY J 1096 -42.86 -148.55 -95.72
N THR J 1097 -42.79 -148.61 -97.04
CA THR J 1097 -42.69 -149.88 -97.75
C THR J 1097 -41.23 -150.26 -98.05
N HIS J 1098 -40.52 -149.40 -98.77
CA HIS J 1098 -39.15 -149.66 -99.18
C HIS J 1098 -38.19 -148.72 -98.47
N TRP J 1099 -36.90 -148.97 -98.67
CA TRP J 1099 -35.84 -148.16 -98.10
C TRP J 1099 -35.03 -147.50 -99.21
N PHE J 1100 -34.58 -146.27 -98.95
CA PHE J 1100 -33.80 -145.51 -99.91
C PHE J 1100 -32.74 -144.72 -99.18
N VAL J 1101 -31.80 -144.16 -99.95
CA VAL J 1101 -30.71 -143.35 -99.42
C VAL J 1101 -30.83 -141.95 -100.02
N THR J 1102 -30.89 -140.94 -99.17
CA THR J 1102 -31.02 -139.55 -99.57
C THR J 1102 -29.86 -138.73 -99.02
N GLN J 1103 -29.88 -137.43 -99.29
CA GLN J 1103 -28.85 -136.53 -98.81
C GLN J 1103 -29.17 -136.09 -97.39
N ARG J 1104 -28.38 -135.18 -96.85
CA ARG J 1104 -28.58 -134.68 -95.48
C ARG J 1104 -29.33 -133.36 -95.43
N ASN J 1105 -29.40 -132.62 -96.54
CA ASN J 1105 -30.07 -131.32 -96.57
C ASN J 1105 -31.05 -131.19 -97.74
N PHE J 1106 -31.30 -132.26 -98.49
CA PHE J 1106 -32.21 -132.20 -99.62
C PHE J 1106 -32.73 -133.61 -99.91
N TYR J 1107 -34.03 -133.69 -100.19
CA TYR J 1107 -34.66 -134.97 -100.47
C TYR J 1107 -34.29 -135.43 -101.88
N GLU J 1108 -33.65 -136.59 -101.97
CA GLU J 1108 -33.27 -137.17 -103.27
C GLU J 1108 -33.25 -138.68 -103.12
N PRO J 1109 -34.36 -139.34 -103.43
CA PRO J 1109 -34.41 -140.81 -103.29
C PRO J 1109 -33.53 -141.50 -104.32
N GLN J 1110 -32.64 -142.36 -103.84
CA GLN J 1110 -31.74 -143.12 -104.70
C GLN J 1110 -31.75 -144.58 -104.26
N ILE J 1111 -31.53 -145.47 -105.24
CA ILE J 1111 -31.50 -146.90 -104.95
C ILE J 1111 -30.25 -147.24 -104.13
N ILE J 1112 -30.37 -148.28 -103.32
CA ILE J 1112 -29.28 -148.73 -102.46
C ILE J 1112 -28.39 -149.65 -103.27
N THR J 1113 -27.21 -149.16 -103.65
CA THR J 1113 -26.24 -149.92 -104.41
C THR J 1113 -24.91 -149.94 -103.68
N THR J 1114 -23.98 -150.76 -104.18
CA THR J 1114 -22.66 -150.87 -103.58
C THR J 1114 -21.72 -149.80 -104.14
N ASP J 1115 -22.15 -148.54 -104.09
CA ASP J 1115 -21.32 -147.43 -104.55
C ASP J 1115 -21.28 -146.32 -103.51
N ASN J 1116 -22.32 -146.24 -102.68
CA ASN J 1116 -22.41 -145.24 -101.62
C ASN J 1116 -22.41 -145.88 -100.23
N THR J 1117 -21.99 -147.14 -100.13
CA THR J 1117 -21.94 -147.84 -98.85
C THR J 1117 -20.59 -148.54 -98.71
N PHE J 1118 -20.21 -148.78 -97.45
CA PHE J 1118 -18.96 -149.48 -97.14
C PHE J 1118 -19.23 -150.52 -96.07
N VAL J 1119 -18.65 -151.70 -96.23
CA VAL J 1119 -18.85 -152.80 -95.31
C VAL J 1119 -17.92 -152.65 -94.12
N SER J 1120 -18.48 -152.84 -92.92
CA SER J 1120 -17.69 -152.75 -91.68
C SER J 1120 -18.38 -153.63 -90.64
N GLY J 1121 -17.80 -154.80 -90.39
CA GLY J 1121 -18.39 -155.71 -89.43
C GLY J 1121 -19.65 -156.38 -89.96
N ASN J 1122 -20.34 -157.07 -89.05
CA ASN J 1122 -21.58 -157.76 -89.34
C ASN J 1122 -22.68 -157.25 -88.42
N CYS J 1123 -23.86 -157.86 -88.54
CA CYS J 1123 -25.05 -157.41 -87.82
C CYS J 1123 -25.13 -158.09 -86.46
N ASP J 1124 -24.18 -157.74 -85.59
CA ASP J 1124 -24.15 -158.29 -84.24
C ASP J 1124 -23.86 -157.25 -83.16
N VAL J 1125 -23.37 -156.06 -83.48
CA VAL J 1125 -23.00 -155.07 -82.48
C VAL J 1125 -23.85 -153.81 -82.59
N VAL J 1126 -24.15 -153.36 -83.82
CA VAL J 1126 -24.93 -152.14 -84.00
C VAL J 1126 -26.35 -152.36 -83.51
N ILE J 1127 -26.82 -151.45 -82.65
CA ILE J 1127 -28.15 -151.53 -82.08
C ILE J 1127 -29.11 -150.75 -82.96
N GLY J 1128 -30.20 -151.38 -83.36
CA GLY J 1128 -31.19 -150.74 -84.21
C GLY J 1128 -31.00 -150.94 -85.70
N ILE J 1129 -30.23 -151.95 -86.10
CA ILE J 1129 -29.99 -152.20 -87.51
C ILE J 1129 -31.15 -153.00 -88.10
N VAL J 1130 -31.60 -152.60 -89.28
CA VAL J 1130 -32.72 -153.25 -89.94
C VAL J 1130 -32.19 -154.12 -91.08
N ASN J 1131 -33.02 -155.08 -91.49
CA ASN J 1131 -32.66 -155.99 -92.56
C ASN J 1131 -33.12 -155.43 -93.90
N ASN J 1132 -32.25 -155.52 -94.89
CA ASN J 1132 -32.54 -155.02 -96.24
C ASN J 1132 -31.76 -155.87 -97.23
N THR J 1133 -31.94 -155.58 -98.51
CA THR J 1133 -31.27 -156.31 -99.60
C THR J 1133 -30.65 -155.28 -100.54
N VAL J 1134 -29.32 -155.12 -100.45
CA VAL J 1134 -28.64 -154.18 -101.33
C VAL J 1134 -28.60 -154.72 -102.75
N TYR J 1135 -28.43 -153.81 -103.71
CA TYR J 1135 -28.39 -154.14 -105.12
C TYR J 1135 -26.96 -154.03 -105.63
N ASP J 1136 -26.56 -154.97 -106.49
CA ASP J 1136 -25.23 -155.00 -107.06
C ASP J 1136 -25.28 -154.58 -108.52
N PRO J 1137 -24.50 -153.56 -108.92
CA PRO J 1137 -24.53 -153.11 -110.31
C PRO J 1137 -24.04 -154.15 -111.31
N LEU J 1138 -23.22 -155.11 -110.87
CA LEU J 1138 -22.70 -156.12 -111.78
C LEU J 1138 -23.68 -157.25 -112.02
N GLN J 1139 -24.67 -157.42 -111.14
CA GLN J 1139 -25.65 -158.50 -111.30
C GLN J 1139 -26.44 -158.39 -112.60
N PRO J 1140 -27.02 -157.25 -112.97
CA PRO J 1140 -27.73 -157.19 -114.26
C PRO J 1140 -26.81 -157.22 -115.45
N GLU J 1141 -25.58 -156.71 -115.31
CA GLU J 1141 -24.65 -156.70 -116.44
C GLU J 1141 -24.12 -158.10 -116.73
N LEU J 1142 -23.87 -158.90 -115.69
CA LEU J 1142 -23.36 -160.26 -115.86
C LEU J 1142 -24.51 -161.23 -116.12
N ASP J 1143 -25.17 -161.02 -117.27
CA ASP J 1143 -26.29 -161.84 -117.69
C ASP J 1143 -25.86 -162.99 -118.60
N SER J 1144 -24.59 -163.40 -118.54
CA SER J 1144 -24.09 -164.48 -119.38
C SER J 1144 -24.58 -165.84 -118.87
N LEU K 24 29.96 -43.15 -94.83
CA LEU K 24 30.10 -44.38 -95.60
C LEU K 24 28.74 -45.01 -95.87
N PRO K 25 28.58 -45.60 -97.05
CA PRO K 25 27.36 -46.35 -97.37
C PRO K 25 27.44 -47.78 -96.89
N PRO K 26 27.04 -48.07 -95.66
CA PRO K 26 27.26 -49.41 -95.10
C PRO K 26 26.48 -50.47 -95.87
N ALA K 27 27.21 -51.49 -96.33
CA ALA K 27 26.60 -52.57 -97.08
C ALA K 27 25.96 -53.57 -96.11
N TYR K 28 25.49 -54.71 -96.64
CA TYR K 28 24.86 -55.72 -95.82
C TYR K 28 25.20 -57.10 -96.39
N THR K 29 25.38 -58.07 -95.50
CA THR K 29 25.71 -59.43 -95.89
C THR K 29 24.70 -60.40 -95.29
N ASN K 30 24.66 -61.60 -95.85
CA ASN K 30 23.76 -62.65 -95.38
C ASN K 30 24.46 -63.44 -94.28
N SER K 31 23.97 -63.31 -93.05
CA SER K 31 24.57 -64.00 -91.92
C SER K 31 24.11 -65.46 -91.90
N PHE K 32 25.06 -66.37 -92.04
CA PHE K 32 24.76 -67.80 -92.03
C PHE K 32 24.62 -68.27 -90.58
N THR K 33 24.57 -69.59 -90.39
CA THR K 33 24.38 -70.17 -89.06
C THR K 33 25.65 -69.97 -88.25
N ARG K 34 25.64 -68.94 -87.40
CA ARG K 34 26.79 -68.61 -86.56
C ARG K 34 26.37 -67.68 -85.42
N GLY K 35 26.76 -68.03 -84.19
CA GLY K 35 26.45 -67.19 -83.05
C GLY K 35 25.56 -67.88 -82.02
N VAL K 36 25.48 -69.21 -82.09
CA VAL K 36 24.68 -70.00 -81.16
C VAL K 36 25.56 -70.30 -79.95
N TYR K 37 25.34 -69.54 -78.88
CA TYR K 37 26.11 -69.68 -77.66
C TYR K 37 25.40 -70.60 -76.67
N TYR K 38 26.12 -70.98 -75.62
CA TYR K 38 25.53 -71.79 -74.56
C TYR K 38 24.64 -70.93 -73.68
N PRO K 39 23.35 -71.26 -73.55
CA PRO K 39 22.47 -70.46 -72.68
C PRO K 39 22.84 -70.57 -71.21
N ASP K 40 23.19 -71.77 -70.78
CA ASP K 40 23.59 -72.00 -69.39
C ASP K 40 24.77 -72.95 -69.31
N LYS K 41 25.16 -73.32 -68.10
CA LYS K 41 26.27 -74.25 -67.86
C LYS K 41 25.69 -75.55 -67.33
N VAL K 42 25.29 -76.43 -68.24
CA VAL K 42 24.71 -77.73 -67.91
C VAL K 42 25.27 -78.76 -68.88
N PHE K 43 25.87 -79.83 -68.32
CA PHE K 43 26.44 -80.87 -69.16
C PHE K 43 25.33 -81.74 -69.77
N ARG K 44 25.38 -81.91 -71.09
CA ARG K 44 24.42 -82.71 -71.81
C ARG K 44 25.15 -83.54 -72.86
N SER K 45 24.75 -84.81 -72.98
CA SER K 45 25.41 -85.74 -73.90
C SER K 45 24.35 -86.43 -74.76
N SER K 46 24.39 -86.16 -76.06
CA SER K 46 23.52 -86.82 -77.04
C SER K 46 22.04 -86.63 -76.71
N VAL K 47 21.64 -85.36 -76.55
CA VAL K 47 20.26 -85.00 -76.30
C VAL K 47 19.89 -83.84 -77.23
N LEU K 48 18.64 -83.41 -77.15
CA LEU K 48 18.12 -82.29 -77.93
C LEU K 48 17.38 -81.35 -77.00
N HIS K 49 18.01 -80.23 -76.66
CA HIS K 49 17.44 -79.24 -75.76
C HIS K 49 16.91 -78.06 -76.56
N SER K 50 15.63 -77.75 -76.40
CA SER K 50 14.98 -76.63 -77.08
C SER K 50 15.03 -75.43 -76.14
N THR K 51 15.94 -74.50 -76.42
CA THR K 51 16.15 -73.33 -75.58
C THR K 51 15.38 -72.14 -76.13
N GLN K 52 15.01 -71.23 -75.23
CA GLN K 52 14.30 -70.01 -75.57
C GLN K 52 15.02 -68.83 -74.94
N ASP K 53 15.81 -68.12 -75.75
CA ASP K 53 16.58 -66.98 -75.27
C ASP K 53 16.91 -66.09 -76.46
N LEU K 54 17.76 -65.09 -76.25
CA LEU K 54 18.13 -64.15 -77.30
C LEU K 54 19.25 -64.76 -78.13
N PHE K 55 18.96 -65.09 -79.39
CA PHE K 55 19.93 -65.65 -80.31
C PHE K 55 19.87 -64.89 -81.63
N LEU K 56 20.86 -65.15 -82.48
CA LEU K 56 20.92 -64.49 -83.79
C LEU K 56 20.11 -65.30 -84.79
N PRO K 57 19.10 -64.71 -85.43
CA PRO K 57 18.32 -65.45 -86.42
C PRO K 57 19.17 -65.82 -87.64
N PHE K 58 18.99 -67.06 -88.10
CA PHE K 58 19.74 -67.53 -89.26
C PHE K 58 19.23 -66.87 -90.53
N PHE K 59 20.16 -66.69 -91.48
CA PHE K 59 19.85 -66.06 -92.78
C PHE K 59 19.27 -64.67 -92.58
N SER K 60 19.99 -63.83 -91.84
CA SER K 60 19.59 -62.46 -91.55
C SER K 60 20.54 -61.48 -92.24
N ASN K 61 20.27 -60.20 -92.05
CA ASN K 61 21.08 -59.13 -92.64
C ASN K 61 21.95 -58.48 -91.57
N VAL K 62 23.25 -58.41 -91.84
CA VAL K 62 24.22 -57.81 -90.94
C VAL K 62 25.00 -56.77 -91.72
N THR K 63 25.19 -55.59 -91.13
CA THR K 63 25.91 -54.51 -91.80
C THR K 63 27.35 -54.91 -92.08
N TRP K 64 27.94 -54.28 -93.09
CA TRP K 64 29.28 -54.59 -93.57
C TRP K 64 30.24 -53.43 -93.40
N PHE K 65 30.21 -52.80 -92.22
CA PHE K 65 31.12 -51.69 -91.92
C PHE K 65 32.57 -52.13 -92.08
N HIS K 66 33.27 -51.46 -93.00
CA HIS K 66 34.66 -51.78 -93.29
C HIS K 66 35.57 -50.82 -92.53
N VAL K 67 36.63 -51.38 -91.94
CA VAL K 67 37.54 -50.60 -91.10
C VAL K 67 38.80 -50.27 -91.88
N ILE K 68 38.69 -50.24 -93.21
CA ILE K 68 39.85 -50.01 -94.06
C ILE K 68 40.42 -48.61 -93.82
N PHE K 77 38.36 -45.49 -92.34
CA PHE K 77 37.86 -44.89 -91.10
C PHE K 77 36.37 -45.15 -90.94
N ASP K 78 35.96 -45.61 -89.75
CA ASP K 78 34.55 -45.83 -89.48
C ASP K 78 34.35 -45.91 -87.97
N ASN K 79 33.35 -45.20 -87.46
CA ASN K 79 33.02 -45.23 -86.04
C ASN K 79 31.57 -44.77 -85.83
N PRO K 80 30.58 -45.54 -86.25
CA PRO K 80 29.19 -45.12 -86.07
C PRO K 80 28.68 -45.46 -84.68
N VAL K 81 27.45 -45.02 -84.42
CA VAL K 81 26.76 -45.29 -83.16
C VAL K 81 25.70 -46.36 -83.43
N LEU K 82 25.84 -47.51 -82.77
CA LEU K 82 24.92 -48.60 -83.01
C LEU K 82 23.93 -48.74 -81.86
N PRO K 83 22.64 -48.94 -82.17
CA PRO K 83 21.64 -49.11 -81.12
C PRO K 83 21.72 -50.50 -80.50
N PHE K 84 21.79 -50.55 -79.18
CA PHE K 84 21.83 -51.81 -78.44
C PHE K 84 20.46 -52.00 -77.79
N ASN K 85 19.59 -52.72 -78.49
CA ASN K 85 18.23 -52.93 -77.99
C ASN K 85 18.20 -54.02 -76.93
N ASP K 86 18.60 -55.25 -77.30
CA ASP K 86 18.63 -56.35 -76.36
C ASP K 86 19.84 -57.26 -76.51
N GLY K 87 20.74 -56.98 -77.44
CA GLY K 87 21.91 -57.81 -77.67
C GLY K 87 22.35 -57.74 -79.11
N VAL K 88 23.67 -57.78 -79.31
CA VAL K 88 24.28 -57.71 -80.63
C VAL K 88 25.25 -58.86 -80.81
N TYR K 89 25.60 -59.13 -82.07
CA TYR K 89 26.55 -60.17 -82.43
C TYR K 89 27.75 -59.49 -83.08
N PHE K 90 28.81 -59.28 -82.30
CA PHE K 90 30.01 -58.61 -82.77
C PHE K 90 31.00 -59.62 -83.33
N ALA K 91 31.64 -59.25 -84.43
CA ALA K 91 32.65 -60.08 -85.06
C ALA K 91 33.91 -59.27 -85.31
N SER K 92 35.02 -59.95 -85.55
CA SER K 92 36.29 -59.28 -85.79
C SER K 92 37.20 -60.21 -86.58
N ILE K 93 37.68 -59.72 -87.73
CA ILE K 93 38.59 -60.48 -88.58
C ILE K 93 39.92 -59.73 -88.65
N GLU K 94 40.29 -59.07 -87.55
CA GLU K 94 41.53 -58.33 -87.50
C GLU K 94 42.73 -59.25 -87.69
N LYS K 95 43.87 -58.66 -88.02
CA LYS K 95 45.09 -59.43 -88.27
C LYS K 95 45.86 -59.66 -86.97
N SER K 96 46.38 -58.58 -86.38
CA SER K 96 47.06 -58.68 -85.09
C SER K 96 46.36 -57.87 -84.01
N ASN K 97 46.21 -56.55 -84.20
CA ASN K 97 45.62 -55.69 -83.18
C ASN K 97 44.73 -54.61 -83.80
N ILE K 98 44.08 -54.91 -84.93
CA ILE K 98 43.30 -53.89 -85.61
C ILE K 98 42.08 -53.50 -84.79
N ILE K 99 41.21 -54.47 -84.50
CA ILE K 99 39.96 -54.22 -83.78
C ILE K 99 40.16 -54.66 -82.34
N ARG K 100 40.26 -53.68 -81.44
CA ARG K 100 40.42 -53.93 -80.01
C ARG K 100 39.67 -52.88 -79.23
N GLY K 101 38.84 -53.31 -78.29
CA GLY K 101 38.15 -52.41 -77.39
C GLY K 101 36.65 -52.37 -77.64
N TRP K 102 35.92 -51.90 -76.64
CA TRP K 102 34.48 -51.75 -76.71
C TRP K 102 34.07 -50.53 -75.90
N ILE K 103 33.14 -49.76 -76.44
CA ILE K 103 32.73 -48.49 -75.84
C ILE K 103 31.24 -48.53 -75.52
N PHE K 104 30.75 -49.71 -75.13
CA PHE K 104 29.34 -49.86 -74.75
C PHE K 104 28.93 -48.81 -73.72
N GLY K 105 27.71 -48.31 -73.88
CA GLY K 105 27.21 -47.30 -72.95
C GLY K 105 25.78 -46.97 -73.30
N THR K 106 25.18 -46.13 -72.45
CA THR K 106 23.80 -45.70 -72.63
C THR K 106 23.72 -44.37 -73.39
N THR K 107 24.38 -43.33 -72.86
CA THR K 107 24.37 -42.02 -73.48
C THR K 107 25.77 -41.50 -73.81
N LEU K 108 26.83 -42.17 -73.36
CA LEU K 108 28.21 -41.75 -73.59
C LEU K 108 28.43 -40.32 -73.09
N ASP K 109 27.84 -40.00 -71.94
CA ASP K 109 27.94 -38.69 -71.33
C ASP K 109 28.50 -38.82 -69.92
N SER K 110 28.80 -37.67 -69.31
CA SER K 110 29.32 -37.64 -67.95
C SER K 110 28.25 -37.83 -66.89
N LYS K 111 26.97 -37.70 -67.25
CA LYS K 111 25.90 -37.87 -66.26
C LYS K 111 25.73 -39.33 -65.90
N THR K 112 25.57 -40.20 -66.90
CA THR K 112 25.41 -41.63 -66.68
C THR K 112 26.75 -42.35 -66.84
N GLN K 113 26.76 -43.61 -66.43
CA GLN K 113 27.96 -44.43 -66.51
C GLN K 113 28.12 -44.98 -67.93
N SER K 114 29.22 -45.69 -68.16
CA SER K 114 29.51 -46.27 -69.46
C SER K 114 30.41 -47.49 -69.25
N LEU K 115 30.92 -48.03 -70.36
CA LEU K 115 31.80 -49.19 -70.32
C LEU K 115 32.88 -49.02 -71.38
N LEU K 116 34.13 -49.19 -70.97
CA LEU K 116 35.29 -48.95 -71.82
C LEU K 116 36.24 -50.15 -71.79
N ILE K 117 35.68 -51.35 -71.97
CA ILE K 117 36.48 -52.58 -71.98
C ILE K 117 37.39 -52.56 -73.21
N VAL K 118 38.68 -52.44 -72.98
CA VAL K 118 39.68 -52.40 -74.04
C VAL K 118 40.62 -53.60 -73.89
N ASN K 119 41.43 -53.81 -74.92
CA ASN K 119 42.40 -54.90 -74.96
C ASN K 119 43.78 -54.30 -75.16
N ASN K 120 44.47 -54.02 -74.05
CA ASN K 120 45.81 -53.46 -74.09
C ASN K 120 46.83 -54.57 -74.19
N ALA K 121 48.11 -54.25 -73.98
CA ALA K 121 49.19 -55.22 -74.10
C ALA K 121 49.04 -56.36 -73.10
N THR K 122 48.74 -57.56 -73.62
CA THR K 122 48.54 -58.80 -72.86
C THR K 122 47.83 -58.56 -71.53
N ASN K 123 46.74 -57.80 -71.60
CA ASN K 123 45.86 -57.58 -70.45
C ASN K 123 44.57 -56.96 -70.95
N VAL K 124 43.52 -57.07 -70.14
CA VAL K 124 42.21 -56.51 -70.45
C VAL K 124 41.74 -55.73 -69.23
N VAL K 125 41.44 -54.45 -69.42
CA VAL K 125 40.96 -53.58 -68.36
C VAL K 125 39.46 -53.41 -68.52
N ILE K 126 38.71 -53.77 -67.48
CA ILE K 126 37.25 -53.70 -67.48
C ILE K 126 36.84 -52.76 -66.37
N LYS K 127 36.36 -51.57 -66.74
CA LYS K 127 35.89 -50.57 -65.79
C LYS K 127 34.56 -50.02 -66.24
N VAL K 128 33.65 -49.82 -65.29
CA VAL K 128 32.34 -49.26 -65.57
C VAL K 128 32.27 -47.77 -65.18
N CYS K 129 33.42 -47.10 -65.13
CA CYS K 129 33.46 -45.70 -64.73
C CYS K 129 32.75 -44.82 -65.77
N GLU K 130 32.39 -43.62 -65.33
CA GLU K 130 31.65 -42.68 -66.18
C GLU K 130 32.60 -41.71 -66.88
N PHE K 131 33.52 -42.28 -67.67
CA PHE K 131 34.42 -41.49 -68.50
C PHE K 131 33.71 -41.21 -69.83
N GLN K 132 33.27 -39.96 -70.01
CA GLN K 132 32.49 -39.61 -71.19
C GLN K 132 33.28 -39.78 -72.48
N PHE K 133 34.28 -38.92 -72.69
CA PHE K 133 35.12 -38.89 -73.89
C PHE K 133 36.15 -37.78 -73.67
N CYS K 134 37.15 -37.74 -74.55
CA CYS K 134 38.08 -36.61 -74.58
C CYS K 134 38.01 -35.85 -75.89
N ASN K 135 38.35 -36.48 -77.01
CA ASN K 135 38.15 -35.85 -78.31
C ASN K 135 37.45 -36.76 -79.31
N ASP K 136 37.75 -38.06 -79.29
CA ASP K 136 37.25 -39.01 -80.27
C ASP K 136 37.58 -40.43 -79.81
N PRO K 137 36.74 -41.42 -80.12
CA PRO K 137 37.06 -42.80 -79.74
C PRO K 137 38.18 -43.39 -80.56
N PHE K 138 39.42 -43.05 -80.21
CA PHE K 138 40.60 -43.56 -80.90
C PHE K 138 41.68 -43.89 -79.88
N LEU K 139 42.57 -44.80 -80.27
CA LEU K 139 43.69 -45.18 -79.41
C LEU K 139 44.87 -45.68 -80.24
N GLU K 151 48.53 -46.30 -75.45
CA GLU K 151 48.15 -45.01 -74.90
C GLU K 151 46.64 -44.93 -74.66
N PHE K 152 46.26 -44.28 -73.56
CA PHE K 152 44.85 -44.14 -73.19
C PHE K 152 44.29 -42.81 -73.71
N ARG K 153 44.34 -42.66 -75.03
CA ARG K 153 43.82 -41.47 -75.69
C ARG K 153 42.32 -41.56 -75.99
N VAL K 154 41.63 -42.53 -75.39
CA VAL K 154 40.19 -42.65 -75.62
C VAL K 154 39.42 -41.64 -74.78
N TYR K 155 39.86 -41.43 -73.54
CA TYR K 155 39.17 -40.51 -72.63
C TYR K 155 40.21 -39.77 -71.80
N SER K 156 39.82 -38.58 -71.32
CA SER K 156 40.68 -37.76 -70.47
C SER K 156 39.76 -36.99 -69.51
N SER K 157 39.54 -37.56 -68.33
CA SER K 157 38.70 -36.96 -67.30
C SER K 157 38.92 -37.74 -66.01
N ALA K 158 38.16 -37.39 -64.98
CA ALA K 158 38.27 -38.05 -63.68
C ALA K 158 36.93 -37.93 -62.96
N ASN K 159 36.30 -39.07 -62.68
CA ASN K 159 35.02 -39.10 -61.97
C ASN K 159 35.04 -40.30 -61.03
N ASN K 160 33.87 -40.61 -60.47
CA ASN K 160 33.74 -41.74 -59.57
C ASN K 160 33.43 -43.02 -60.36
N CYS K 161 34.06 -44.11 -59.96
CA CYS K 161 33.89 -45.40 -60.62
C CYS K 161 33.16 -46.37 -59.70
N THR K 162 32.80 -47.52 -60.25
CA THR K 162 32.09 -48.56 -59.51
C THR K 162 32.71 -49.95 -59.63
N PHE K 163 33.63 -50.17 -60.56
CA PHE K 163 34.23 -51.49 -60.74
C PHE K 163 35.56 -51.32 -61.45
N GLU K 164 36.57 -52.05 -60.96
CA GLU K 164 37.93 -52.01 -61.51
C GLU K 164 38.47 -53.43 -61.69
N TYR K 165 37.64 -54.31 -62.26
CA TYR K 165 38.01 -55.71 -62.46
C TYR K 165 38.96 -55.78 -63.66
N VAL K 166 40.25 -55.66 -63.36
CA VAL K 166 41.30 -55.73 -64.38
C VAL K 166 41.57 -57.22 -64.65
N SER K 167 41.06 -57.72 -65.78
CA SER K 167 41.22 -59.11 -66.14
C SER K 167 42.63 -59.33 -66.68
N GLN K 168 43.41 -60.17 -65.99
CA GLN K 168 44.78 -60.44 -66.44
C GLN K 168 44.82 -61.25 -67.73
N PRO K 169 44.11 -62.36 -67.89
CA PRO K 169 44.17 -63.09 -69.17
C PRO K 169 43.49 -62.30 -70.27
N PHE K 170 44.23 -62.03 -71.34
CA PHE K 170 43.70 -61.27 -72.47
C PHE K 170 42.65 -62.08 -73.22
N LEU K 171 41.67 -61.38 -73.79
CA LEU K 171 40.60 -62.02 -74.54
C LEU K 171 40.95 -62.27 -76.00
N MET K 172 42.04 -61.69 -76.49
CA MET K 172 42.45 -61.88 -77.88
C MET K 172 43.83 -62.52 -77.97
N GLN K 178 52.22 -68.72 -91.02
CA GLN K 178 50.82 -68.67 -91.44
C GLN K 178 50.54 -67.38 -92.21
N GLY K 179 50.90 -67.37 -93.49
CA GLY K 179 50.68 -66.21 -94.32
C GLY K 179 49.23 -65.95 -94.63
N ASN K 180 48.60 -66.85 -95.38
CA ASN K 180 47.18 -66.72 -95.75
C ASN K 180 46.27 -67.40 -94.74
N PHE K 181 46.44 -67.05 -93.47
CA PHE K 181 45.64 -67.62 -92.38
C PHE K 181 45.21 -66.47 -91.47
N LYS K 182 43.99 -65.98 -91.67
CA LYS K 182 43.45 -64.90 -90.85
C LYS K 182 42.90 -65.49 -89.55
N ASN K 183 42.26 -64.65 -88.74
CA ASN K 183 41.69 -65.07 -87.46
C ASN K 183 40.37 -64.37 -87.25
N LEU K 184 39.31 -65.16 -87.05
CA LEU K 184 37.97 -64.64 -86.81
C LEU K 184 37.64 -64.71 -85.33
N ARG K 185 37.17 -63.59 -84.78
CA ARG K 185 36.79 -63.50 -83.37
C ARG K 185 35.38 -62.95 -83.28
N GLU K 186 34.45 -63.77 -82.80
CA GLU K 186 33.06 -63.38 -82.63
C GLU K 186 32.76 -63.18 -81.15
N PHE K 187 31.92 -62.18 -80.87
CA PHE K 187 31.56 -61.84 -79.49
C PHE K 187 30.06 -61.59 -79.42
N VAL K 188 29.36 -62.39 -78.62
CA VAL K 188 27.93 -62.23 -78.42
C VAL K 188 27.72 -61.45 -77.12
N PHE K 189 27.26 -60.21 -77.25
CA PHE K 189 26.99 -59.37 -76.09
C PHE K 189 25.52 -59.46 -75.72
N LYS K 190 25.23 -59.94 -74.51
CA LYS K 190 23.87 -60.04 -74.01
C LYS K 190 23.82 -59.50 -72.59
N ASN K 191 22.87 -58.62 -72.34
CA ASN K 191 22.71 -57.98 -71.04
C ASN K 191 21.39 -58.39 -70.43
N ILE K 192 21.41 -58.75 -69.15
CA ILE K 192 20.20 -59.08 -68.40
C ILE K 192 20.09 -58.15 -67.19
N ASP K 193 19.07 -58.36 -66.37
CA ASP K 193 18.76 -57.41 -65.31
C ASP K 193 19.92 -57.24 -64.32
N GLY K 194 20.79 -58.24 -64.20
CA GLY K 194 21.86 -58.13 -63.22
C GLY K 194 23.20 -58.69 -63.66
N TYR K 195 23.38 -58.93 -64.95
CA TYR K 195 24.63 -59.48 -65.46
C TYR K 195 24.89 -58.97 -66.86
N PHE K 196 26.13 -58.51 -67.10
CA PHE K 196 26.56 -58.11 -68.44
C PHE K 196 27.42 -59.25 -69.00
N LYS K 197 26.74 -60.31 -69.45
CA LYS K 197 27.44 -61.48 -69.96
C LYS K 197 28.05 -61.20 -71.33
N ILE K 198 29.28 -61.67 -71.53
CA ILE K 198 30.00 -61.48 -72.78
C ILE K 198 30.57 -62.84 -73.19
N TYR K 199 30.21 -63.29 -74.39
CA TYR K 199 30.73 -64.54 -74.95
C TYR K 199 31.85 -64.24 -75.94
N SER K 200 32.64 -65.27 -76.23
CA SER K 200 33.78 -65.11 -77.11
C SER K 200 34.20 -66.47 -77.66
N LYS K 201 34.82 -66.45 -78.84
CA LYS K 201 35.34 -67.66 -79.46
C LYS K 201 36.32 -67.25 -80.55
N HIS K 202 37.45 -67.95 -80.62
CA HIS K 202 38.51 -67.66 -81.59
C HIS K 202 38.60 -68.84 -82.55
N THR K 203 38.31 -68.60 -83.82
CA THR K 203 38.35 -69.63 -84.85
C THR K 203 39.37 -69.26 -85.92
N PRO K 204 40.43 -70.06 -86.11
CA PRO K 204 41.41 -69.74 -87.15
C PRO K 204 40.97 -70.17 -88.54
N ILE K 205 40.20 -69.30 -89.22
CA ILE K 205 39.73 -69.62 -90.55
C ILE K 205 40.93 -69.79 -91.50
N ILE K 206 40.72 -70.58 -92.56
CA ILE K 206 41.78 -70.94 -93.48
C ILE K 206 41.53 -70.40 -94.88
N VAL K 207 40.28 -70.42 -95.34
CA VAL K 207 39.98 -70.01 -96.70
C VAL K 207 40.31 -68.54 -96.89
N ARG K 208 40.94 -68.22 -98.03
CA ARG K 208 41.34 -66.87 -98.37
C ARG K 208 40.35 -66.20 -99.31
N GLU K 209 39.07 -66.53 -99.21
CA GLU K 209 38.04 -65.93 -100.03
C GLU K 209 37.87 -64.46 -99.63
N PRO K 210 37.16 -63.67 -100.43
CA PRO K 210 36.81 -62.31 -100.02
C PRO K 210 36.12 -62.30 -98.66
N GLU K 211 36.29 -61.19 -97.94
CA GLU K 211 35.86 -61.09 -96.55
C GLU K 211 34.36 -61.33 -96.38
N ASP K 212 34.01 -62.44 -95.73
CA ASP K 212 32.63 -62.82 -95.53
C ASP K 212 32.58 -63.88 -94.43
N LEU K 213 31.41 -64.03 -93.82
CA LEU K 213 31.24 -65.03 -92.78
C LEU K 213 31.44 -66.42 -93.36
N PRO K 214 32.29 -67.26 -92.76
CA PRO K 214 32.55 -68.59 -93.31
C PRO K 214 31.39 -69.55 -93.11
N GLN K 215 31.54 -70.78 -93.60
CA GLN K 215 30.52 -71.81 -93.48
C GLN K 215 30.95 -72.81 -92.42
N GLY K 216 30.16 -72.91 -91.35
CA GLY K 216 30.46 -73.84 -90.28
C GLY K 216 29.94 -73.40 -88.94
N PHE K 217 29.42 -74.35 -88.15
CA PHE K 217 28.91 -74.04 -86.83
C PHE K 217 30.05 -73.82 -85.85
N SER K 218 29.90 -72.83 -84.98
CA SER K 218 30.93 -72.52 -84.00
C SER K 218 30.27 -71.82 -82.82
N ALA K 219 30.17 -72.52 -81.69
CA ALA K 219 29.61 -71.93 -80.49
C ALA K 219 30.64 -71.02 -79.81
N LEU K 220 30.18 -70.33 -78.76
CA LEU K 220 31.03 -69.42 -78.00
C LEU K 220 31.08 -69.86 -76.55
N GLU K 221 32.25 -69.67 -75.93
CA GLU K 221 32.45 -70.06 -74.54
C GLU K 221 32.48 -68.84 -73.65
N PRO K 222 31.70 -68.82 -72.56
CA PRO K 222 31.73 -67.66 -71.66
C PRO K 222 33.05 -67.58 -70.92
N LEU K 223 33.54 -66.36 -70.76
CA LEU K 223 34.79 -66.11 -70.05
C LEU K 223 34.65 -65.09 -68.93
N VAL K 224 33.79 -64.08 -69.09
CA VAL K 224 33.59 -63.05 -68.10
C VAL K 224 32.11 -62.98 -67.75
N ASP K 225 31.81 -62.76 -66.47
CA ASP K 225 30.46 -62.72 -65.95
C ASP K 225 30.28 -61.51 -65.02
N LEU K 226 30.68 -60.34 -65.50
CA LEU K 226 30.61 -59.11 -64.73
C LEU K 226 29.19 -58.88 -64.22
N PRO K 227 28.96 -58.89 -62.90
CA PRO K 227 27.62 -58.68 -62.36
C PRO K 227 27.19 -57.23 -62.24
N ILE K 228 27.90 -56.30 -62.88
CA ILE K 228 27.54 -54.89 -62.79
C ILE K 228 26.22 -54.65 -63.50
N GLY K 229 25.33 -53.91 -62.86
CA GLY K 229 24.04 -53.61 -63.45
C GLY K 229 23.92 -52.18 -63.91
N ILE K 230 23.82 -51.99 -65.24
CA ILE K 230 23.71 -50.65 -65.82
C ILE K 230 23.04 -50.80 -67.18
N ASN K 231 22.12 -49.88 -67.46
CA ASN K 231 21.41 -49.90 -68.73
C ASN K 231 22.34 -49.50 -69.87
N ILE K 232 22.37 -50.32 -70.92
CA ILE K 232 23.21 -50.08 -72.08
C ILE K 232 22.31 -50.06 -73.32
N THR K 233 22.40 -48.99 -74.10
CA THR K 233 21.58 -48.85 -75.31
C THR K 233 22.36 -48.44 -76.54
N ARG K 234 23.62 -48.04 -76.42
CA ARG K 234 24.41 -47.58 -77.56
C ARG K 234 25.70 -48.37 -77.65
N PHE K 235 26.09 -48.71 -78.88
CA PHE K 235 27.32 -49.44 -79.16
C PHE K 235 28.24 -48.56 -79.99
N GLN K 236 29.45 -48.33 -79.48
CA GLN K 236 30.46 -47.54 -80.17
C GLN K 236 31.71 -48.39 -80.33
N THR K 237 32.27 -48.39 -81.53
CA THR K 237 33.46 -49.17 -81.84
C THR K 237 34.66 -48.25 -82.06
N LEU K 238 35.84 -48.85 -82.06
CA LEU K 238 37.09 -48.11 -82.24
C LEU K 238 38.17 -49.08 -82.69
N LEU K 239 39.18 -48.53 -83.37
CA LEU K 239 40.29 -49.31 -83.89
C LEU K 239 41.61 -48.70 -83.43
N ALA K 240 42.63 -49.55 -83.37
CA ALA K 240 43.99 -49.11 -83.01
C ALA K 240 44.58 -48.39 -84.21
N LEU K 241 44.49 -47.06 -84.21
CA LEU K 241 44.96 -46.25 -85.33
C LEU K 241 46.46 -46.40 -85.55
N HIS K 242 47.26 -45.96 -84.57
CA HIS K 242 48.72 -46.08 -84.60
C HIS K 242 49.29 -45.48 -85.88
N ARG K 243 49.11 -44.17 -86.03
CA ARG K 243 49.66 -43.46 -87.18
C ARG K 243 51.17 -43.28 -87.05
N SER K 244 51.62 -42.79 -85.89
CA SER K 244 53.04 -42.56 -85.62
C SER K 244 53.68 -41.66 -86.67
N GLY K 258 41.91 -53.39 -97.98
CA GLY K 258 41.00 -53.97 -97.00
C GLY K 258 41.70 -54.64 -95.85
N ALA K 259 41.87 -53.90 -94.74
CA ALA K 259 42.54 -54.45 -93.57
C ALA K 259 41.62 -55.39 -92.80
N ALA K 260 40.48 -54.89 -92.34
CA ALA K 260 39.53 -55.70 -91.58
C ALA K 260 38.17 -55.03 -91.63
N ALA K 261 37.15 -55.81 -91.28
CA ALA K 261 35.78 -55.31 -91.23
C ALA K 261 35.01 -56.10 -90.18
N TYR K 262 34.37 -55.39 -89.26
CA TYR K 262 33.64 -56.01 -88.16
C TYR K 262 32.17 -56.16 -88.53
N TYR K 263 31.58 -57.28 -88.14
CA TYR K 263 30.16 -57.55 -88.35
C TYR K 263 29.41 -57.39 -87.03
N VAL K 264 28.30 -56.66 -87.07
CA VAL K 264 27.50 -56.37 -85.89
C VAL K 264 26.06 -56.76 -86.19
N GLY K 265 25.60 -57.88 -85.62
CA GLY K 265 24.25 -58.35 -85.80
C GLY K 265 23.33 -57.86 -84.70
N TYR K 266 22.14 -58.46 -84.65
CA TYR K 266 21.14 -58.11 -83.65
C TYR K 266 20.42 -59.39 -83.22
N LEU K 267 20.31 -59.58 -81.91
CA LEU K 267 19.65 -60.75 -81.35
C LEU K 267 18.14 -60.54 -81.28
N GLN K 268 17.41 -61.63 -81.44
CA GLN K 268 15.95 -61.63 -81.40
C GLN K 268 15.48 -62.81 -80.58
N PRO K 269 14.37 -62.66 -79.84
CA PRO K 269 13.82 -63.77 -79.05
C PRO K 269 13.23 -64.84 -79.95
N ARG K 270 13.93 -65.97 -80.07
CA ARG K 270 13.49 -67.08 -80.89
C ARG K 270 13.78 -68.40 -80.17
N THR K 271 13.30 -69.49 -80.75
CA THR K 271 13.48 -70.82 -80.21
C THR K 271 14.50 -71.57 -81.06
N PHE K 272 15.42 -72.26 -80.40
CA PHE K 272 16.46 -73.03 -81.08
C PHE K 272 16.61 -74.39 -80.41
N LEU K 273 16.69 -75.44 -81.22
CA LEU K 273 16.90 -76.80 -80.76
C LEU K 273 18.38 -77.14 -80.90
N LEU K 274 19.03 -77.42 -79.77
CA LEU K 274 20.47 -77.64 -79.73
C LEU K 274 20.78 -79.12 -79.69
N LYS K 275 21.82 -79.53 -80.42
CA LYS K 275 22.30 -80.90 -80.41
C LYS K 275 23.65 -80.94 -79.70
N TYR K 276 23.71 -81.70 -78.61
CA TYR K 276 24.92 -81.83 -77.81
C TYR K 276 25.66 -83.11 -78.18
N ASN K 277 26.99 -83.00 -78.28
CA ASN K 277 27.82 -84.14 -78.61
C ASN K 277 28.06 -85.01 -77.38
N GLU K 278 28.65 -86.19 -77.59
CA GLU K 278 28.95 -87.08 -76.48
C GLU K 278 30.00 -86.49 -75.55
N ASN K 279 30.84 -85.59 -76.06
CA ASN K 279 31.83 -84.93 -75.21
C ASN K 279 31.19 -83.86 -74.33
N GLY K 280 30.16 -83.19 -74.83
CA GLY K 280 29.48 -82.16 -74.05
C GLY K 280 29.38 -80.83 -74.78
N THR K 281 29.77 -80.80 -76.05
CA THR K 281 29.76 -79.59 -76.86
C THR K 281 28.61 -79.64 -77.87
N ILE K 282 28.24 -78.48 -78.36
CA ILE K 282 27.17 -78.36 -79.34
C ILE K 282 27.77 -78.48 -80.74
N THR K 283 27.22 -79.38 -81.54
CA THR K 283 27.70 -79.60 -82.90
C THR K 283 27.00 -78.72 -83.92
N ASP K 284 25.70 -78.49 -83.75
CA ASP K 284 24.93 -77.66 -84.67
C ASP K 284 23.66 -77.20 -83.97
N ALA K 285 22.95 -76.29 -84.63
CA ALA K 285 21.70 -75.76 -84.11
C ALA K 285 20.79 -75.43 -85.27
N VAL K 286 19.49 -75.61 -85.05
CA VAL K 286 18.46 -75.36 -86.06
C VAL K 286 17.43 -74.40 -85.48
N ASP K 287 17.10 -73.35 -86.24
CA ASP K 287 16.10 -72.40 -85.81
C ASP K 287 14.70 -73.04 -85.90
N CYS K 288 13.71 -72.31 -85.38
CA CYS K 288 12.33 -72.77 -85.39
C CYS K 288 11.40 -71.93 -86.25
N ALA K 289 11.73 -70.66 -86.50
CA ALA K 289 10.97 -69.83 -87.43
C ALA K 289 11.94 -69.35 -88.50
N LEU K 290 12.15 -70.19 -89.51
CA LEU K 290 12.92 -69.81 -90.69
C LEU K 290 12.35 -70.36 -92.00
N ASP K 291 11.60 -71.45 -91.96
CA ASP K 291 11.08 -72.11 -93.16
C ASP K 291 10.10 -73.20 -92.70
N PRO K 292 9.22 -73.65 -93.59
CA PRO K 292 8.26 -74.71 -93.20
C PRO K 292 8.91 -75.98 -92.72
N LEU K 293 10.20 -76.22 -93.02
CA LEU K 293 10.86 -77.43 -92.57
C LEU K 293 11.38 -77.27 -91.13
N SER K 294 11.80 -76.06 -90.76
CA SER K 294 12.33 -75.85 -89.42
C SER K 294 11.26 -76.01 -88.34
N GLU K 295 10.02 -75.61 -88.63
CA GLU K 295 8.94 -75.79 -87.66
C GLU K 295 8.66 -77.26 -87.42
N THR K 296 8.75 -78.08 -88.48
CA THR K 296 8.57 -79.52 -88.30
C THR K 296 9.72 -80.13 -87.50
N LYS K 297 10.93 -79.62 -87.70
CA LYS K 297 12.09 -80.10 -86.95
C LYS K 297 12.12 -79.60 -85.51
N CYS K 298 11.35 -78.55 -85.18
CA CYS K 298 11.27 -78.09 -83.81
C CYS K 298 10.09 -78.69 -83.05
N THR K 299 8.97 -78.94 -83.74
CA THR K 299 7.83 -79.56 -83.07
C THR K 299 8.08 -81.01 -82.70
N LEU K 300 9.09 -81.63 -83.30
CA LEU K 300 9.47 -83.01 -83.00
C LEU K 300 10.94 -83.03 -82.62
N LYS K 301 11.27 -83.72 -81.54
CA LYS K 301 12.65 -83.76 -81.05
C LYS K 301 13.51 -84.68 -81.91
N SER K 302 13.72 -84.30 -83.16
CA SER K 302 14.54 -85.08 -84.08
C SER K 302 14.91 -84.25 -85.31
N PHE K 303 16.20 -84.22 -85.65
CA PHE K 303 16.65 -83.51 -86.84
C PHE K 303 16.47 -84.32 -88.12
N THR K 304 16.09 -85.58 -88.02
CA THR K 304 15.84 -86.44 -89.18
C THR K 304 14.34 -86.71 -89.25
N VAL K 305 13.65 -85.91 -90.05
CA VAL K 305 12.20 -86.02 -90.20
C VAL K 305 11.91 -87.13 -91.22
N GLU K 306 11.02 -88.05 -90.84
CA GLU K 306 10.65 -89.13 -91.73
C GLU K 306 9.75 -88.63 -92.86
N LYS K 307 9.52 -89.50 -93.83
CA LYS K 307 8.69 -89.16 -94.98
C LYS K 307 7.21 -89.20 -94.58
N GLY K 308 6.52 -88.09 -94.75
CA GLY K 308 5.12 -88.02 -94.42
C GLY K 308 4.70 -86.58 -94.16
N ILE K 309 3.46 -86.45 -93.67
CA ILE K 309 2.87 -85.16 -93.36
C ILE K 309 2.73 -85.05 -91.85
N TYR K 310 3.13 -83.90 -91.30
CA TYR K 310 3.08 -83.66 -89.86
C TYR K 310 2.33 -82.36 -89.59
N GLN K 311 1.53 -82.36 -88.53
CA GLN K 311 0.73 -81.20 -88.16
C GLN K 311 1.57 -80.27 -87.28
N THR K 312 1.88 -79.09 -87.80
CA THR K 312 2.65 -78.10 -87.05
C THR K 312 1.69 -77.19 -86.29
N SER K 313 2.20 -76.07 -85.77
CA SER K 313 1.36 -75.14 -85.02
C SER K 313 0.30 -74.51 -85.92
N ASN K 314 -0.76 -74.01 -85.30
CA ASN K 314 -1.87 -73.42 -86.01
C ASN K 314 -1.58 -71.95 -86.32
N PHE K 315 -2.24 -71.43 -87.36
CA PHE K 315 -2.11 -70.05 -87.76
C PHE K 315 -3.42 -69.31 -87.52
N ARG K 316 -3.32 -68.00 -87.31
CA ARG K 316 -4.49 -67.18 -87.05
C ARG K 316 -4.26 -65.80 -87.65
N VAL K 317 -5.14 -65.39 -88.56
CA VAL K 317 -5.02 -64.08 -89.19
C VAL K 317 -5.49 -63.02 -88.20
N GLN K 318 -4.56 -62.16 -87.78
CA GLN K 318 -4.91 -61.10 -86.84
C GLN K 318 -5.63 -59.97 -87.56
N PRO K 319 -6.64 -59.37 -86.92
CA PRO K 319 -7.35 -58.26 -87.56
C PRO K 319 -6.46 -57.04 -87.72
N THR K 320 -6.88 -56.16 -88.62
CA THR K 320 -6.16 -54.94 -88.93
C THR K 320 -6.92 -53.69 -88.48
N GLU K 321 -8.16 -53.53 -88.91
CA GLU K 321 -8.98 -52.38 -88.56
C GLU K 321 -9.90 -52.73 -87.38
N SER K 322 -10.48 -51.68 -86.80
CA SER K 322 -11.38 -51.84 -85.65
C SER K 322 -12.40 -50.72 -85.71
N ILE K 323 -13.67 -51.08 -85.91
CA ILE K 323 -14.77 -50.12 -86.01
C ILE K 323 -15.65 -50.25 -84.77
N VAL K 324 -16.16 -49.12 -84.29
CA VAL K 324 -17.03 -49.07 -83.13
C VAL K 324 -18.27 -48.27 -83.56
N ARG K 325 -19.33 -48.97 -83.94
CA ARG K 325 -20.55 -48.33 -84.41
C ARG K 325 -21.61 -48.38 -83.31
N PHE K 326 -22.10 -47.22 -82.93
CA PHE K 326 -23.14 -47.06 -81.92
C PHE K 326 -24.44 -46.60 -82.55
N PRO K 327 -25.57 -46.73 -81.86
CA PRO K 327 -26.83 -46.22 -82.41
C PRO K 327 -26.76 -44.73 -82.71
N ASN K 328 -27.70 -44.28 -83.55
CA ASN K 328 -27.71 -42.89 -83.99
C ASN K 328 -27.94 -41.95 -82.81
N ILE K 329 -27.42 -40.74 -82.94
CA ILE K 329 -27.54 -39.73 -81.89
C ILE K 329 -28.88 -39.02 -82.04
N THR K 330 -29.72 -39.12 -81.01
CA THR K 330 -31.02 -38.48 -81.00
C THR K 330 -31.41 -38.19 -79.55
N ASN K 331 -32.60 -37.62 -79.38
CA ASN K 331 -33.13 -37.25 -78.06
C ASN K 331 -32.16 -36.32 -77.34
N LEU K 332 -31.98 -35.14 -77.92
CA LEU K 332 -31.08 -34.14 -77.36
C LEU K 332 -31.65 -33.59 -76.05
N CYS K 333 -30.80 -32.86 -75.32
CA CYS K 333 -31.19 -32.30 -74.04
C CYS K 333 -31.63 -30.85 -74.21
N PRO K 334 -32.51 -30.36 -73.32
CA PRO K 334 -32.97 -28.97 -73.43
C PRO K 334 -31.98 -27.97 -72.85
N PHE K 335 -30.73 -28.41 -72.64
CA PHE K 335 -29.71 -27.51 -72.11
C PHE K 335 -29.46 -26.33 -73.05
N ASP K 336 -29.68 -26.53 -74.36
CA ASP K 336 -29.54 -25.42 -75.30
C ASP K 336 -30.57 -24.33 -75.04
N GLU K 337 -31.78 -24.71 -74.63
CA GLU K 337 -32.81 -23.74 -74.29
C GLU K 337 -32.70 -23.22 -72.86
N VAL K 338 -32.07 -23.98 -71.96
CA VAL K 338 -31.92 -23.55 -70.58
C VAL K 338 -30.90 -22.43 -70.46
N PHE K 339 -29.76 -22.56 -71.14
CA PHE K 339 -28.70 -21.55 -71.08
C PHE K 339 -28.93 -20.37 -72.01
N ASN K 340 -30.16 -20.17 -72.51
CA ASN K 340 -30.47 -19.07 -73.41
C ASN K 340 -31.85 -18.53 -73.03
N ALA K 341 -31.88 -17.44 -72.30
CA ALA K 341 -33.13 -16.81 -71.86
C ALA K 341 -32.82 -15.38 -71.42
N THR K 342 -33.84 -14.69 -70.91
CA THR K 342 -33.71 -13.32 -70.41
C THR K 342 -33.85 -13.24 -68.90
N ARG K 343 -34.95 -13.77 -68.36
CA ARG K 343 -35.17 -13.85 -66.92
C ARG K 343 -35.04 -15.31 -66.52
N PHE K 344 -33.97 -15.64 -65.78
CA PHE K 344 -33.67 -17.03 -65.46
C PHE K 344 -34.29 -17.45 -64.13
N ALA K 345 -33.88 -16.81 -63.04
CA ALA K 345 -34.35 -17.15 -61.71
C ALA K 345 -33.84 -16.18 -60.66
N SER K 346 -34.23 -16.38 -59.40
CA SER K 346 -33.74 -15.61 -58.27
C SER K 346 -33.17 -16.56 -57.23
N VAL K 347 -32.54 -15.99 -56.21
CA VAL K 347 -31.91 -16.81 -55.18
C VAL K 347 -32.92 -17.39 -54.18
N TYR K 348 -34.07 -16.74 -54.00
CA TYR K 348 -35.09 -17.25 -53.10
C TYR K 348 -36.08 -18.18 -53.79
N ALA K 349 -36.23 -18.06 -55.11
CA ALA K 349 -37.10 -18.92 -55.90
C ALA K 349 -36.31 -19.36 -57.13
N TRP K 350 -35.58 -20.47 -56.98
CA TRP K 350 -34.75 -21.02 -58.05
C TRP K 350 -35.39 -22.27 -58.64
N ASN K 351 -35.23 -22.43 -59.94
CA ASN K 351 -35.83 -23.57 -60.64
C ASN K 351 -35.20 -24.88 -60.19
N ARG K 352 -35.99 -25.95 -60.29
CA ARG K 352 -35.56 -27.30 -59.94
C ARG K 352 -35.83 -28.25 -61.09
N LYS K 353 -35.44 -27.84 -62.30
CA LYS K 353 -35.71 -28.62 -63.50
C LYS K 353 -35.01 -29.96 -63.43
N ARG K 354 -35.79 -31.03 -63.34
CA ARG K 354 -35.26 -32.40 -63.31
C ARG K 354 -35.25 -32.93 -64.74
N ILE K 355 -34.07 -32.94 -65.35
CA ILE K 355 -33.89 -33.34 -66.74
C ILE K 355 -33.28 -34.74 -66.77
N SER K 356 -33.80 -35.59 -67.63
CA SER K 356 -33.31 -36.95 -67.80
C SER K 356 -33.69 -37.44 -69.18
N ASN K 357 -33.21 -38.65 -69.52
CA ASN K 357 -33.50 -39.28 -70.80
C ASN K 357 -33.06 -38.41 -71.97
N CYS K 358 -31.76 -38.16 -72.02
CA CYS K 358 -31.17 -37.34 -73.08
C CYS K 358 -29.70 -37.74 -73.24
N VAL K 359 -29.02 -37.09 -74.18
CA VAL K 359 -27.60 -37.30 -74.39
C VAL K 359 -26.83 -36.09 -73.88
N ALA K 360 -26.37 -36.16 -72.63
CA ALA K 360 -25.68 -35.04 -72.01
C ALA K 360 -24.28 -34.92 -72.61
N ASP K 361 -24.11 -33.98 -73.54
CA ASP K 361 -22.82 -33.73 -74.19
C ASP K 361 -22.25 -32.45 -73.58
N TYR K 362 -21.42 -32.64 -72.55
CA TYR K 362 -20.82 -31.49 -71.85
C TYR K 362 -19.78 -30.77 -72.70
N SER K 363 -19.29 -31.41 -73.77
CA SER K 363 -18.32 -30.74 -74.65
C SER K 363 -18.95 -29.58 -75.40
N VAL K 364 -20.25 -29.64 -75.67
CA VAL K 364 -20.92 -28.55 -76.36
C VAL K 364 -21.04 -27.33 -75.47
N LEU K 365 -21.12 -27.53 -74.15
CA LEU K 365 -21.27 -26.41 -73.22
C LEU K 365 -20.04 -25.50 -73.22
N TYR K 366 -18.91 -25.96 -73.73
CA TYR K 366 -17.71 -25.14 -73.82
C TYR K 366 -17.74 -24.15 -74.96
N ASN K 367 -18.81 -24.14 -75.76
CA ASN K 367 -18.90 -23.21 -76.89
C ASN K 367 -20.28 -22.59 -77.03
N LEU K 368 -21.20 -22.83 -76.09
CA LEU K 368 -22.54 -22.24 -76.18
C LEU K 368 -22.49 -20.74 -75.85
N ALA K 369 -22.05 -20.41 -74.65
CA ALA K 369 -21.96 -19.03 -74.20
C ALA K 369 -20.59 -18.77 -73.58
N PRO K 370 -20.11 -17.53 -73.63
CA PRO K 370 -18.80 -17.22 -73.04
C PRO K 370 -18.82 -17.30 -71.51
N PHE K 371 -18.80 -18.53 -70.99
CA PHE K 371 -18.81 -18.73 -69.55
C PHE K 371 -17.52 -18.21 -68.93
N PHE K 372 -17.61 -17.83 -67.66
CA PHE K 372 -16.46 -17.33 -66.91
C PHE K 372 -16.06 -18.24 -65.75
N THR K 373 -16.76 -19.36 -65.57
CA THR K 373 -16.46 -20.29 -64.50
C THR K 373 -16.91 -21.68 -64.92
N PHE K 374 -15.99 -22.64 -64.92
CA PHE K 374 -16.29 -24.02 -65.30
C PHE K 374 -15.62 -24.98 -64.33
N LYS K 375 -15.72 -24.69 -63.04
CA LYS K 375 -15.14 -25.53 -62.00
C LYS K 375 -16.11 -26.65 -61.65
N CYS K 376 -15.61 -27.88 -61.62
CA CYS K 376 -16.40 -29.05 -61.25
C CYS K 376 -15.71 -29.75 -60.07
N TYR K 377 -16.44 -29.93 -58.98
CA TYR K 377 -15.85 -30.49 -57.77
C TYR K 377 -15.78 -32.01 -57.81
N GLY K 378 -16.81 -32.65 -58.36
CA GLY K 378 -16.89 -34.11 -58.32
C GLY K 378 -15.87 -34.83 -59.17
N VAL K 379 -15.99 -34.72 -60.50
CA VAL K 379 -15.14 -35.42 -61.44
C VAL K 379 -14.64 -34.43 -62.48
N SER K 380 -13.87 -34.94 -63.44
CA SER K 380 -13.28 -34.23 -64.57
C SER K 380 -14.27 -34.18 -65.73
N PRO K 381 -14.31 -33.07 -66.47
CA PRO K 381 -15.23 -33.01 -67.62
C PRO K 381 -14.93 -34.03 -68.71
N THR K 382 -13.67 -34.45 -68.84
CA THR K 382 -13.35 -35.47 -69.83
C THR K 382 -13.93 -36.82 -69.44
N LYS K 383 -13.85 -37.18 -68.16
CA LYS K 383 -14.42 -38.43 -67.68
C LYS K 383 -15.91 -38.32 -67.38
N LEU K 384 -16.47 -37.12 -67.35
CA LEU K 384 -17.89 -36.96 -67.07
C LEU K 384 -18.75 -37.46 -68.24
N ASN K 385 -18.20 -37.43 -69.45
CA ASN K 385 -18.93 -37.87 -70.64
C ASN K 385 -19.02 -39.39 -70.75
N ASP K 386 -18.44 -40.13 -69.81
CA ASP K 386 -18.47 -41.59 -69.84
C ASP K 386 -19.04 -42.19 -68.56
N LEU K 387 -19.86 -41.43 -67.84
CA LEU K 387 -20.46 -41.88 -66.59
C LEU K 387 -21.98 -41.70 -66.68
N CYS K 388 -22.72 -42.77 -66.40
CA CYS K 388 -24.17 -42.71 -66.45
C CYS K 388 -24.73 -42.06 -65.18
N PHE K 389 -25.89 -41.42 -65.33
CA PHE K 389 -26.57 -40.77 -64.22
C PHE K 389 -28.07 -40.97 -64.37
N THR K 390 -28.77 -40.84 -63.25
CA THR K 390 -30.22 -41.00 -63.25
C THR K 390 -30.94 -39.73 -63.68
N ASN K 391 -30.68 -38.63 -62.97
CA ASN K 391 -31.31 -37.35 -63.28
C ASN K 391 -30.44 -36.23 -62.74
N VAL K 392 -30.38 -35.12 -63.47
CA VAL K 392 -29.60 -33.95 -63.10
C VAL K 392 -30.56 -32.87 -62.61
N TYR K 393 -30.22 -32.26 -61.48
CA TYR K 393 -31.01 -31.18 -60.90
C TYR K 393 -30.40 -29.85 -61.31
N ALA K 394 -31.09 -29.11 -62.18
CA ALA K 394 -30.62 -27.82 -62.66
C ALA K 394 -31.18 -26.72 -61.76
N ASP K 395 -30.28 -26.04 -61.05
CA ASP K 395 -30.65 -24.95 -60.14
C ASP K 395 -29.88 -23.71 -60.54
N SER K 396 -30.60 -22.67 -60.97
CA SER K 396 -29.99 -21.43 -61.43
C SER K 396 -30.42 -20.27 -60.53
N PHE K 397 -29.55 -19.29 -60.41
CA PHE K 397 -29.82 -18.08 -59.63
C PHE K 397 -28.89 -16.98 -60.11
N VAL K 398 -29.13 -15.77 -59.63
CA VAL K 398 -28.37 -14.59 -60.02
C VAL K 398 -27.79 -13.95 -58.76
N ILE K 399 -26.47 -13.79 -58.74
CA ILE K 399 -25.76 -13.14 -57.62
C ILE K 399 -24.74 -12.17 -58.20
N ARG K 400 -24.07 -11.46 -57.31
CA ARG K 400 -23.05 -10.51 -57.72
C ARG K 400 -21.74 -11.23 -58.04
N GLY K 401 -20.73 -10.46 -58.46
CA GLY K 401 -19.45 -11.05 -58.78
C GLY K 401 -18.67 -11.49 -57.56
N ASP K 402 -18.78 -10.73 -56.47
CA ASP K 402 -18.07 -11.06 -55.23
C ASP K 402 -18.77 -12.16 -54.44
N GLU K 403 -19.95 -12.60 -54.87
CA GLU K 403 -20.68 -13.66 -54.19
C GLU K 403 -20.53 -15.02 -54.86
N VAL K 404 -19.85 -15.08 -56.01
CA VAL K 404 -19.63 -16.37 -56.68
C VAL K 404 -18.72 -17.25 -55.85
N ARG K 405 -17.75 -16.65 -55.14
CA ARG K 405 -16.85 -17.42 -54.30
C ARG K 405 -17.56 -18.08 -53.13
N GLN K 406 -18.72 -17.57 -52.72
CA GLN K 406 -19.46 -18.16 -51.61
C GLN K 406 -20.14 -19.47 -52.00
N ILE K 407 -20.27 -19.74 -53.30
CA ILE K 407 -20.90 -20.99 -53.77
C ILE K 407 -19.82 -22.05 -53.75
N ALA K 408 -19.76 -22.79 -52.65
CA ALA K 408 -18.74 -23.81 -52.44
C ALA K 408 -19.34 -24.92 -51.58
N PRO K 409 -18.81 -26.14 -51.66
CA PRO K 409 -19.35 -27.23 -50.83
C PRO K 409 -19.00 -27.04 -49.36
N GLY K 410 -19.71 -26.11 -48.71
CA GLY K 410 -19.47 -25.81 -47.31
C GLY K 410 -18.77 -24.48 -47.11
N GLN K 411 -19.54 -23.45 -46.78
CA GLN K 411 -19.02 -22.10 -46.59
C GLN K 411 -20.13 -21.23 -46.04
N THR K 412 -19.74 -20.24 -45.24
CA THR K 412 -20.68 -19.30 -44.65
C THR K 412 -20.68 -17.99 -45.42
N GLY K 413 -21.75 -17.23 -45.25
CA GLY K 413 -21.88 -15.96 -45.94
C GLY K 413 -23.33 -15.50 -45.98
N ASN K 414 -23.51 -14.29 -46.51
CA ASN K 414 -24.85 -13.73 -46.63
C ASN K 414 -25.72 -14.47 -47.64
N ILE K 415 -25.10 -15.18 -48.59
CA ILE K 415 -25.85 -15.93 -49.59
C ILE K 415 -25.61 -17.43 -49.48
N ALA K 416 -24.46 -17.86 -48.94
CA ALA K 416 -24.14 -19.29 -48.92
C ALA K 416 -25.02 -20.06 -47.95
N ASP K 417 -25.43 -19.43 -46.85
CA ASP K 417 -26.25 -20.11 -45.85
C ASP K 417 -27.62 -19.47 -45.66
N TYR K 418 -28.01 -18.54 -46.54
CA TYR K 418 -29.31 -17.90 -46.46
C TYR K 418 -30.18 -18.11 -47.67
N ASN K 419 -29.63 -18.45 -48.82
CA ASN K 419 -30.41 -18.63 -50.04
C ASN K 419 -30.18 -19.99 -50.70
N TYR K 420 -28.96 -20.50 -50.68
CA TYR K 420 -28.66 -21.78 -51.32
C TYR K 420 -27.36 -22.31 -50.74
N LYS K 421 -27.41 -23.51 -50.16
CA LYS K 421 -26.26 -24.13 -49.53
C LYS K 421 -25.97 -25.47 -50.18
N LEU K 422 -24.69 -25.78 -50.35
CA LEU K 422 -24.26 -27.04 -50.93
C LEU K 422 -23.47 -27.84 -49.91
N PRO K 423 -23.87 -29.08 -49.61
CA PRO K 423 -23.10 -29.90 -48.66
C PRO K 423 -21.77 -30.34 -49.22
N ASP K 424 -21.02 -31.15 -48.47
CA ASP K 424 -19.73 -31.64 -48.92
C ASP K 424 -19.86 -32.94 -49.70
N ASP K 425 -20.76 -32.94 -50.69
CA ASP K 425 -20.91 -34.11 -51.56
C ASP K 425 -21.28 -33.72 -52.99
N PHE K 426 -21.19 -32.45 -53.35
CA PHE K 426 -21.63 -31.98 -54.66
C PHE K 426 -20.69 -32.52 -55.74
N THR K 427 -21.23 -33.33 -56.64
CA THR K 427 -20.45 -33.95 -57.71
C THR K 427 -20.63 -33.26 -59.05
N GLY K 428 -21.35 -32.15 -59.09
CA GLY K 428 -21.58 -31.41 -60.32
C GLY K 428 -20.55 -30.34 -60.58
N CYS K 429 -21.01 -29.22 -61.14
CA CYS K 429 -20.15 -28.10 -61.48
C CYS K 429 -20.79 -26.80 -60.96
N VAL K 430 -20.04 -25.72 -61.06
CA VAL K 430 -20.46 -24.42 -60.57
C VAL K 430 -20.48 -23.43 -61.75
N ILE K 431 -20.82 -23.95 -62.93
CA ILE K 431 -20.82 -23.16 -64.16
C ILE K 431 -21.57 -21.86 -63.96
N ALA K 432 -20.95 -20.76 -64.36
CA ALA K 432 -21.56 -19.43 -64.22
C ALA K 432 -20.96 -18.51 -65.27
N TRP K 433 -21.67 -17.40 -65.51
CA TRP K 433 -21.22 -16.42 -66.50
C TRP K 433 -21.86 -15.07 -66.19
N ASN K 434 -21.19 -14.02 -66.61
CA ASN K 434 -21.71 -12.67 -66.42
C ASN K 434 -22.85 -12.40 -67.38
N SER K 435 -23.89 -11.74 -66.87
CA SER K 435 -25.08 -11.40 -67.65
C SER K 435 -25.36 -9.90 -67.61
N ASN K 436 -24.30 -9.10 -67.69
CA ASN K 436 -24.43 -7.64 -67.69
C ASN K 436 -24.53 -7.09 -69.11
N LYS K 437 -25.45 -7.64 -69.89
CA LYS K 437 -25.66 -7.19 -71.26
C LYS K 437 -27.13 -6.95 -71.53
N LEU K 438 -28.00 -7.68 -70.82
CA LEU K 438 -29.43 -7.55 -71.00
C LEU K 438 -30.21 -7.47 -69.69
N ASP K 439 -29.55 -7.64 -68.54
CA ASP K 439 -30.22 -7.60 -67.24
C ASP K 439 -29.81 -6.38 -66.43
N SER K 440 -29.55 -5.25 -67.11
CA SER K 440 -29.13 -4.04 -66.41
C SER K 440 -29.54 -2.84 -67.27
N LYS K 441 -30.62 -2.18 -66.88
CA LYS K 441 -31.08 -0.96 -67.52
C LYS K 441 -31.29 0.12 -66.45
N VAL K 442 -31.25 1.37 -66.89
CA VAL K 442 -31.40 2.50 -65.95
C VAL K 442 -32.89 2.78 -65.85
N SER K 443 -33.57 2.00 -65.02
CA SER K 443 -34.97 2.27 -64.70
C SER K 443 -35.36 1.86 -63.29
N GLY K 444 -34.43 1.40 -62.46
CA GLY K 444 -34.76 0.92 -61.13
C GLY K 444 -34.88 -0.58 -61.08
N ASN K 445 -33.89 -1.26 -60.50
CA ASN K 445 -33.85 -2.72 -60.46
C ASN K 445 -34.41 -3.24 -59.14
N TYR K 446 -35.68 -2.93 -58.90
CA TYR K 446 -36.37 -3.41 -57.72
C TYR K 446 -37.21 -4.65 -58.05
N ASN K 447 -36.52 -5.70 -58.49
CA ASN K 447 -37.17 -6.94 -58.87
C ASN K 447 -36.53 -8.14 -58.15
N TYR K 448 -35.22 -8.07 -57.94
CA TYR K 448 -34.49 -9.14 -57.29
C TYR K 448 -34.49 -8.94 -55.78
N LEU K 449 -33.87 -9.89 -55.08
CA LEU K 449 -33.74 -9.85 -53.62
C LEU K 449 -32.74 -10.93 -53.22
N TYR K 450 -32.30 -10.87 -51.96
CA TYR K 450 -31.37 -11.88 -51.46
C TYR K 450 -31.66 -12.32 -50.04
N ARG K 451 -32.78 -11.89 -49.44
CA ARG K 451 -33.23 -12.33 -48.12
C ARG K 451 -32.14 -12.05 -47.06
N LEU K 452 -31.90 -10.76 -46.85
CA LEU K 452 -30.89 -10.34 -45.89
C LEU K 452 -31.22 -10.81 -44.48
N PHE K 453 -32.50 -10.83 -44.12
CA PHE K 453 -32.92 -11.21 -42.78
C PHE K 453 -33.30 -12.69 -42.74
N ARG K 454 -32.90 -13.37 -41.68
CA ARG K 454 -33.20 -14.78 -41.49
C ARG K 454 -33.03 -15.12 -40.02
N LYS K 455 -33.65 -16.23 -39.61
CA LYS K 455 -33.56 -16.70 -38.24
C LYS K 455 -32.36 -17.61 -38.01
N SER K 456 -32.09 -18.52 -38.95
CA SER K 456 -30.97 -19.44 -38.84
C SER K 456 -30.61 -19.94 -40.23
N ASN K 457 -29.57 -20.76 -40.29
CA ASN K 457 -29.13 -21.32 -41.56
C ASN K 457 -30.16 -22.33 -42.08
N LEU K 458 -30.47 -22.22 -43.36
CA LEU K 458 -31.42 -23.13 -43.99
C LEU K 458 -30.75 -24.45 -44.33
N LYS K 459 -31.57 -25.49 -44.47
CA LYS K 459 -31.07 -26.78 -44.89
C LYS K 459 -30.51 -26.68 -46.30
N PRO K 460 -29.36 -27.30 -46.57
CA PRO K 460 -28.80 -27.24 -47.93
C PRO K 460 -29.72 -27.92 -48.94
N PHE K 461 -29.74 -27.37 -50.15
CA PHE K 461 -30.62 -27.83 -51.23
C PHE K 461 -32.09 -27.74 -50.82
N GLU K 462 -32.48 -26.53 -50.40
CA GLU K 462 -33.84 -26.25 -49.99
C GLU K 462 -34.25 -24.87 -50.49
N ARG K 463 -35.51 -24.74 -50.90
CA ARG K 463 -36.05 -23.48 -51.40
C ARG K 463 -37.17 -23.03 -50.49
N ASP K 464 -37.03 -21.85 -49.90
CA ASP K 464 -38.00 -21.29 -48.96
C ASP K 464 -38.64 -20.08 -49.63
N ILE K 465 -39.80 -20.31 -50.25
CA ILE K 465 -40.55 -19.23 -50.92
C ILE K 465 -41.51 -18.66 -49.89
N SER K 466 -41.04 -17.67 -49.14
CA SER K 466 -41.83 -17.03 -48.10
C SER K 466 -41.79 -15.51 -48.27
N THR K 467 -42.84 -14.85 -47.78
CA THR K 467 -42.92 -13.40 -47.87
C THR K 467 -43.43 -12.77 -46.59
N GLU K 468 -43.48 -13.50 -45.47
CA GLU K 468 -43.97 -12.94 -44.22
C GLU K 468 -42.97 -11.94 -43.66
N ILE K 469 -43.48 -11.02 -42.84
CA ILE K 469 -42.63 -10.01 -42.23
C ILE K 469 -41.73 -10.66 -41.19
N TYR K 470 -40.45 -10.30 -41.20
CA TYR K 470 -39.49 -10.86 -40.26
C TYR K 470 -39.83 -10.41 -38.85
N GLN K 471 -40.04 -11.37 -37.95
CA GLN K 471 -40.38 -11.10 -36.55
C GLN K 471 -39.13 -11.31 -35.71
N ALA K 472 -38.63 -10.22 -35.12
CA ALA K 472 -37.42 -10.29 -34.30
C ALA K 472 -37.76 -10.53 -32.82
N GLY K 473 -38.59 -11.53 -32.56
CA GLY K 473 -38.91 -11.96 -31.22
C GLY K 473 -39.56 -10.92 -30.33
N ASN K 474 -39.87 -11.34 -29.09
CA ASN K 474 -40.37 -10.50 -27.99
C ASN K 474 -41.52 -9.57 -28.42
N LYS K 475 -42.24 -9.93 -29.49
CA LYS K 475 -43.42 -9.18 -29.91
C LYS K 475 -44.20 -9.97 -30.95
N PRO K 476 -45.52 -10.08 -30.81
CA PRO K 476 -46.35 -10.71 -31.85
C PRO K 476 -46.61 -9.75 -32.98
N CYS K 477 -45.99 -10.00 -34.13
CA CYS K 477 -46.13 -9.14 -35.31
C CYS K 477 -47.15 -9.77 -36.25
N ASN K 478 -48.40 -9.31 -36.16
CA ASN K 478 -49.46 -9.69 -37.08
C ASN K 478 -49.42 -8.88 -38.38
N GLY K 479 -48.29 -8.23 -38.65
CA GLY K 479 -48.11 -7.39 -39.82
C GLY K 479 -47.98 -5.93 -39.43
N VAL K 480 -46.74 -5.46 -39.35
CA VAL K 480 -46.43 -4.07 -39.00
C VAL K 480 -45.00 -3.81 -39.45
N ALA K 481 -44.70 -2.54 -39.73
CA ALA K 481 -43.34 -2.15 -40.14
C ALA K 481 -42.90 -0.96 -39.30
N GLY K 482 -42.42 -1.23 -38.10
CA GLY K 482 -41.69 -0.23 -37.34
C GLY K 482 -41.03 -0.75 -36.07
N PHE K 483 -39.73 -0.52 -35.95
CA PHE K 483 -38.96 -0.64 -34.72
C PHE K 483 -38.90 -2.06 -34.15
N ASN K 484 -39.67 -2.99 -34.72
CA ASN K 484 -39.61 -4.39 -34.29
C ASN K 484 -39.66 -5.41 -35.41
N CYS K 485 -40.23 -5.08 -36.57
CA CYS K 485 -40.44 -6.05 -37.64
C CYS K 485 -40.33 -5.33 -38.96
N TYR K 486 -39.41 -5.78 -39.82
CA TYR K 486 -39.11 -5.12 -41.08
C TYR K 486 -39.22 -6.12 -42.21
N PHE K 487 -39.08 -5.62 -43.44
CA PHE K 487 -39.13 -6.46 -44.63
C PHE K 487 -37.87 -7.32 -44.70
N PRO K 488 -37.97 -8.65 -44.60
CA PRO K 488 -36.76 -9.49 -44.69
C PRO K 488 -36.18 -9.58 -46.08
N LEU K 489 -36.72 -8.86 -47.06
CA LEU K 489 -36.23 -8.89 -48.43
C LEU K 489 -35.71 -7.51 -48.82
N ARG K 490 -34.60 -7.49 -49.56
CA ARG K 490 -34.00 -6.25 -50.01
C ARG K 490 -33.45 -6.46 -51.41
N SER K 491 -33.77 -5.53 -52.31
CA SER K 491 -33.36 -5.66 -53.71
C SER K 491 -31.90 -5.26 -53.88
N TYR K 492 -31.35 -5.65 -55.03
CA TYR K 492 -29.97 -5.31 -55.38
C TYR K 492 -29.91 -3.88 -55.90
N SER K 493 -28.73 -3.48 -56.38
CA SER K 493 -28.51 -2.14 -56.94
C SER K 493 -27.72 -2.25 -58.24
N PHE K 494 -28.14 -3.19 -59.10
CA PHE K 494 -27.45 -3.40 -60.37
C PHE K 494 -27.69 -2.21 -61.30
N ARG K 495 -26.60 -1.57 -61.73
CA ARG K 495 -26.67 -0.46 -62.65
C ARG K 495 -25.70 -0.68 -63.80
N PRO K 496 -26.06 -0.24 -65.01
CA PRO K 496 -25.15 -0.46 -66.16
C PRO K 496 -23.82 0.25 -66.01
N THR K 497 -23.81 1.45 -65.45
CA THR K 497 -22.58 2.24 -65.30
C THR K 497 -21.85 1.90 -64.00
N TYR K 498 -21.61 0.60 -63.79
CA TYR K 498 -20.88 0.11 -62.63
C TYR K 498 -19.68 -0.73 -63.11
N GLY K 499 -18.99 -1.34 -62.15
CA GLY K 499 -17.86 -2.19 -62.44
C GLY K 499 -18.15 -3.65 -62.13
N VAL K 500 -17.22 -4.50 -62.52
CA VAL K 500 -17.35 -5.93 -62.28
C VAL K 500 -17.25 -6.21 -60.78
N GLY K 501 -17.94 -7.25 -60.33
CA GLY K 501 -17.98 -7.59 -58.92
C GLY K 501 -19.36 -7.40 -58.32
N HIS K 502 -20.08 -6.39 -58.81
CA HIS K 502 -21.45 -6.11 -58.38
C HIS K 502 -22.41 -6.15 -59.55
N GLN K 503 -22.14 -7.01 -60.53
CA GLN K 503 -22.94 -7.19 -61.72
C GLN K 503 -23.79 -8.45 -61.60
N PRO K 504 -24.88 -8.55 -62.38
CA PRO K 504 -25.69 -9.77 -62.34
C PRO K 504 -24.96 -10.97 -62.96
N TYR K 505 -24.56 -11.92 -62.12
CA TYR K 505 -23.88 -13.13 -62.56
C TYR K 505 -24.84 -14.31 -62.41
N ARG K 506 -25.19 -14.94 -63.53
CA ARG K 506 -26.07 -16.10 -63.52
C ARG K 506 -25.25 -17.34 -63.18
N VAL K 507 -25.57 -17.97 -62.05
CA VAL K 507 -24.87 -19.16 -61.58
C VAL K 507 -25.85 -20.33 -61.64
N VAL K 508 -25.45 -21.40 -62.31
CA VAL K 508 -26.27 -22.59 -62.48
C VAL K 508 -25.46 -23.81 -62.03
N VAL K 509 -26.03 -24.62 -61.16
CA VAL K 509 -25.40 -25.83 -60.67
C VAL K 509 -26.15 -27.04 -61.23
N LEU K 510 -25.43 -28.14 -61.40
CA LEU K 510 -25.98 -29.38 -61.94
C LEU K 510 -25.77 -30.47 -60.89
N SER K 511 -26.75 -30.63 -60.00
CA SER K 511 -26.66 -31.64 -58.95
C SER K 511 -26.89 -33.03 -59.54
N PHE K 512 -26.01 -33.96 -59.18
CA PHE K 512 -26.10 -35.34 -59.64
C PHE K 512 -26.50 -36.25 -58.49
N GLU K 513 -27.14 -37.36 -58.83
CA GLU K 513 -27.59 -38.33 -57.84
C GLU K 513 -27.64 -39.71 -58.46
N LEU K 514 -27.38 -40.73 -57.64
CA LEU K 514 -27.40 -42.13 -58.07
C LEU K 514 -28.12 -42.94 -56.99
N LEU K 515 -29.44 -43.07 -57.15
CA LEU K 515 -30.25 -43.84 -56.23
C LEU K 515 -30.37 -45.28 -56.71
N HIS K 516 -31.26 -46.06 -56.10
CA HIS K 516 -31.48 -47.45 -56.48
C HIS K 516 -32.44 -47.54 -57.66
N ALA K 517 -32.04 -46.91 -58.76
CA ALA K 517 -32.81 -46.87 -59.99
C ALA K 517 -31.88 -46.90 -61.18
N PRO K 518 -32.29 -47.52 -62.28
CA PRO K 518 -31.44 -47.54 -63.48
C PRO K 518 -31.18 -46.14 -64.00
N ALA K 519 -29.93 -45.90 -64.40
CA ALA K 519 -29.54 -44.58 -64.89
C ALA K 519 -30.12 -44.33 -66.28
N THR K 520 -30.56 -43.10 -66.52
CA THR K 520 -31.15 -42.73 -67.79
C THR K 520 -30.12 -42.12 -68.74
N VAL K 521 -29.48 -41.04 -68.32
CA VAL K 521 -28.49 -40.34 -69.14
C VAL K 521 -27.12 -40.95 -68.88
N CYS K 522 -26.32 -41.07 -69.92
CA CYS K 522 -24.96 -41.58 -69.82
C CYS K 522 -23.92 -40.66 -70.46
N GLY K 523 -24.26 -40.01 -71.57
CA GLY K 523 -23.34 -39.12 -72.23
C GLY K 523 -23.29 -39.34 -73.73
N PRO K 524 -22.32 -38.71 -74.40
CA PRO K 524 -22.21 -38.85 -75.85
C PRO K 524 -21.75 -40.24 -76.28
N LYS K 525 -21.78 -40.50 -77.58
CA LYS K 525 -21.35 -41.77 -78.16
C LYS K 525 -20.41 -41.49 -79.32
N LYS K 526 -19.91 -42.56 -79.92
CA LYS K 526 -19.00 -42.46 -81.06
C LYS K 526 -19.42 -43.44 -82.14
N SER K 527 -19.03 -43.13 -83.37
CA SER K 527 -19.36 -43.98 -84.51
C SER K 527 -18.29 -43.83 -85.57
N THR K 528 -18.06 -44.91 -86.31
CA THR K 528 -17.08 -44.92 -87.38
C THR K 528 -17.70 -45.38 -88.69
N ASN K 529 -16.88 -45.57 -89.72
CA ASN K 529 -17.37 -46.01 -91.01
C ASN K 529 -17.62 -47.52 -91.01
N LEU K 530 -18.36 -47.97 -92.02
CA LEU K 530 -18.70 -49.38 -92.18
C LEU K 530 -17.74 -50.00 -93.19
N VAL K 531 -16.79 -50.79 -92.70
CA VAL K 531 -15.83 -51.43 -93.59
C VAL K 531 -16.49 -52.61 -94.30
N LYS K 532 -15.86 -53.02 -95.40
CA LYS K 532 -16.35 -54.15 -96.18
C LYS K 532 -15.99 -55.46 -95.49
N ASN K 533 -16.34 -56.58 -96.13
CA ASN K 533 -16.03 -57.90 -95.60
C ASN K 533 -14.53 -58.12 -95.51
N LYS K 534 -13.99 -58.19 -94.30
CA LYS K 534 -12.56 -58.34 -94.09
C LYS K 534 -12.34 -58.77 -92.65
N CYS K 535 -11.15 -59.35 -92.41
CA CYS K 535 -10.77 -59.77 -91.06
C CYS K 535 -10.45 -58.55 -90.20
N VAL K 536 -11.45 -58.04 -89.49
CA VAL K 536 -11.34 -56.82 -88.70
C VAL K 536 -12.08 -57.01 -87.39
N ASN K 537 -12.08 -55.97 -86.56
CA ASN K 537 -12.75 -55.99 -85.27
C ASN K 537 -14.11 -55.31 -85.37
N PHE K 538 -15.02 -55.68 -84.47
CA PHE K 538 -16.33 -55.07 -84.38
C PHE K 538 -16.69 -54.86 -82.91
N ASN K 539 -17.36 -53.74 -82.63
CA ASN K 539 -17.77 -53.39 -81.27
C ASN K 539 -19.21 -52.92 -81.27
N PHE K 540 -20.09 -53.66 -81.93
CA PHE K 540 -21.49 -53.28 -82.05
C PHE K 540 -22.19 -53.45 -80.70
N ASN K 541 -22.55 -52.33 -80.07
CA ASN K 541 -23.27 -52.31 -78.80
C ASN K 541 -22.51 -53.06 -77.71
N GLY K 542 -21.18 -52.99 -77.74
CA GLY K 542 -20.35 -53.65 -76.74
C GLY K 542 -19.98 -55.08 -77.06
N LEU K 543 -20.49 -55.65 -78.15
CA LEU K 543 -20.19 -57.03 -78.52
C LEU K 543 -18.78 -57.06 -79.12
N LYS K 544 -17.79 -57.10 -78.23
CA LYS K 544 -16.40 -57.12 -78.66
C LYS K 544 -16.04 -58.49 -79.24
N GLY K 545 -15.33 -58.47 -80.35
CA GLY K 545 -14.92 -59.71 -80.99
C GLY K 545 -14.28 -59.43 -82.33
N THR K 546 -13.80 -60.50 -82.95
CA THR K 546 -13.18 -60.44 -84.26
C THR K 546 -13.95 -61.31 -85.25
N GLY K 547 -13.81 -60.99 -86.52
CA GLY K 547 -14.46 -61.75 -87.57
C GLY K 547 -14.61 -60.92 -88.82
N VAL K 548 -15.51 -61.37 -89.69
CA VAL K 548 -15.78 -60.74 -90.98
C VAL K 548 -17.25 -60.32 -91.02
N LEU K 549 -17.49 -59.10 -91.48
CA LEU K 549 -18.84 -58.54 -91.56
C LEU K 549 -19.29 -58.61 -93.02
N THR K 550 -20.12 -59.59 -93.33
CA THR K 550 -20.67 -59.79 -94.67
C THR K 550 -22.16 -59.51 -94.68
N GLU K 551 -22.71 -59.39 -95.88
CA GLU K 551 -24.13 -59.10 -96.06
C GLU K 551 -24.94 -60.37 -95.82
N SER K 552 -25.94 -60.27 -94.95
CA SER K 552 -26.81 -61.39 -94.63
C SER K 552 -28.16 -61.23 -95.33
N ASN K 553 -28.82 -62.37 -95.57
CA ASN K 553 -30.13 -62.39 -96.22
C ASN K 553 -31.23 -62.84 -95.25
N LYS K 554 -30.94 -62.85 -93.96
CA LYS K 554 -31.94 -63.25 -92.97
C LYS K 554 -32.98 -62.16 -92.76
N LYS K 555 -34.20 -62.57 -92.47
CA LYS K 555 -35.31 -61.65 -92.25
C LYS K 555 -35.50 -61.48 -90.75
N PHE K 556 -34.84 -60.47 -90.19
CA PHE K 556 -34.94 -60.20 -88.76
C PHE K 556 -36.28 -59.56 -88.42
N LEU K 557 -36.73 -59.80 -87.20
CA LEU K 557 -37.98 -59.20 -86.75
C LEU K 557 -37.79 -57.70 -86.51
N PRO K 558 -38.85 -56.91 -86.63
CA PRO K 558 -38.73 -55.46 -86.40
C PRO K 558 -38.37 -55.09 -84.96
N PHE K 559 -38.31 -56.05 -84.04
CA PHE K 559 -37.95 -55.77 -82.66
C PHE K 559 -36.72 -56.51 -82.17
N GLN K 560 -36.26 -57.54 -82.87
CA GLN K 560 -35.06 -58.26 -82.47
C GLN K 560 -33.83 -57.66 -83.15
N GLN K 561 -32.87 -57.24 -82.34
CA GLN K 561 -31.64 -56.64 -82.86
C GLN K 561 -30.52 -57.67 -82.97
N PHE K 562 -30.24 -58.39 -81.89
CA PHE K 562 -29.16 -59.36 -81.87
C PHE K 562 -29.59 -60.65 -82.59
N GLY K 563 -28.66 -61.59 -82.67
CA GLY K 563 -28.92 -62.88 -83.30
C GLY K 563 -27.83 -63.89 -83.02
N ARG K 564 -28.20 -65.09 -82.60
CA ARG K 564 -27.22 -66.09 -82.21
C ARG K 564 -27.50 -67.44 -82.87
N ASP K 565 -26.77 -68.47 -82.43
CA ASP K 565 -26.91 -69.81 -82.97
C ASP K 565 -27.19 -70.79 -81.83
N ILE K 566 -27.08 -72.09 -82.10
CA ILE K 566 -27.28 -73.11 -81.07
C ILE K 566 -26.32 -72.92 -79.90
N ALA K 567 -25.20 -72.26 -80.12
CA ALA K 567 -24.24 -71.94 -79.07
C ALA K 567 -24.41 -70.49 -78.63
N ASP K 568 -23.66 -70.12 -77.61
CA ASP K 568 -23.75 -68.76 -77.03
C ASP K 568 -22.75 -67.82 -77.72
N THR K 569 -22.96 -67.66 -79.03
CA THR K 569 -22.14 -66.77 -79.84
C THR K 569 -23.03 -66.02 -80.82
N THR K 570 -22.73 -64.74 -81.01
CA THR K 570 -23.52 -63.91 -81.93
C THR K 570 -23.23 -64.32 -83.36
N ASP K 571 -24.31 -64.57 -84.12
CA ASP K 571 -24.21 -64.96 -85.52
C ASP K 571 -24.41 -63.80 -86.48
N ALA K 572 -25.41 -62.96 -86.23
CA ALA K 572 -25.67 -61.81 -87.08
C ALA K 572 -26.37 -60.73 -86.26
N VAL K 573 -26.10 -59.48 -86.59
CA VAL K 573 -26.67 -58.33 -85.89
C VAL K 573 -26.95 -57.22 -86.90
N ARG K 574 -27.96 -56.42 -86.60
CA ARG K 574 -28.34 -55.29 -87.45
C ARG K 574 -27.67 -54.02 -86.95
N ASP K 575 -27.39 -53.12 -87.88
CA ASP K 575 -26.75 -51.85 -87.54
C ASP K 575 -27.74 -50.96 -86.80
N PRO K 576 -27.48 -50.58 -85.56
CA PRO K 576 -28.46 -49.79 -84.79
C PRO K 576 -28.53 -48.32 -85.16
N GLN K 577 -27.81 -47.87 -86.19
CA GLN K 577 -27.84 -46.48 -86.58
C GLN K 577 -28.20 -46.25 -88.04
N THR K 578 -28.28 -47.30 -88.86
CA THR K 578 -28.69 -47.15 -90.25
C THR K 578 -29.64 -48.25 -90.73
N LEU K 579 -30.07 -49.14 -89.85
CA LEU K 579 -31.01 -50.22 -90.18
C LEU K 579 -30.46 -51.10 -91.32
N GLU K 580 -29.32 -51.72 -91.05
CA GLU K 580 -28.67 -52.60 -92.00
C GLU K 580 -28.21 -53.87 -91.29
N ILE K 581 -28.63 -55.01 -91.80
CA ILE K 581 -28.29 -56.30 -91.21
C ILE K 581 -26.99 -56.81 -91.82
N LEU K 582 -26.18 -57.49 -91.00
CA LEU K 582 -24.90 -58.01 -91.43
C LEU K 582 -24.63 -59.33 -90.72
N ASP K 583 -24.13 -60.31 -91.47
CA ASP K 583 -23.77 -61.59 -90.89
C ASP K 583 -22.38 -61.52 -90.29
N ILE K 584 -22.23 -62.01 -89.06
CA ILE K 584 -20.95 -62.02 -88.35
C ILE K 584 -20.37 -63.42 -88.42
N THR K 585 -19.30 -63.58 -89.21
CA THR K 585 -18.59 -64.83 -89.32
C THR K 585 -17.18 -64.66 -88.80
N PRO K 586 -16.66 -65.62 -88.03
CA PRO K 586 -15.30 -65.48 -87.49
C PRO K 586 -14.26 -65.39 -88.60
N CYS K 587 -13.16 -64.70 -88.30
CA CYS K 587 -12.08 -64.53 -89.27
C CYS K 587 -11.39 -65.86 -89.54
N SER K 588 -10.64 -65.89 -90.63
CA SER K 588 -10.04 -67.14 -91.10
C SER K 588 -8.96 -67.63 -90.13
N PHE K 589 -8.94 -68.94 -89.92
CA PHE K 589 -7.94 -69.57 -89.07
C PHE K 589 -7.89 -71.06 -89.43
N GLY K 590 -6.91 -71.75 -88.87
CA GLY K 590 -6.77 -73.17 -89.13
C GLY K 590 -5.38 -73.66 -88.75
N GLY K 591 -5.06 -74.86 -89.21
CA GLY K 591 -3.77 -75.46 -88.94
C GLY K 591 -2.82 -75.36 -90.12
N VAL K 592 -1.55 -75.61 -89.83
CA VAL K 592 -0.48 -75.54 -90.83
C VAL K 592 0.14 -76.92 -90.93
N SER K 593 -0.15 -77.63 -92.01
CA SER K 593 0.42 -78.95 -92.26
C SER K 593 1.61 -78.84 -93.22
N VAL K 594 2.71 -79.51 -92.86
CA VAL K 594 3.94 -79.48 -93.64
C VAL K 594 4.21 -80.88 -94.17
N ILE K 595 4.38 -80.97 -95.48
CA ILE K 595 4.67 -82.25 -96.15
C ILE K 595 6.16 -82.31 -96.42
N THR K 596 6.83 -83.28 -95.79
CA THR K 596 8.28 -83.44 -95.93
C THR K 596 8.57 -84.83 -96.47
N PRO K 597 9.19 -84.97 -97.64
CA PRO K 597 9.53 -86.31 -98.15
C PRO K 597 10.65 -86.99 -97.39
N GLY K 598 11.19 -86.37 -96.35
CA GLY K 598 12.28 -86.96 -95.59
C GLY K 598 13.55 -86.14 -95.64
N THR K 599 14.19 -85.94 -94.49
CA THR K 599 15.42 -85.16 -94.42
C THR K 599 16.63 -86.05 -94.67
N ASN K 600 16.62 -86.79 -95.78
CA ASN K 600 17.73 -87.66 -96.14
C ASN K 600 18.16 -87.52 -97.59
N THR K 601 17.31 -87.02 -98.49
CA THR K 601 17.64 -86.85 -99.89
C THR K 601 17.43 -85.44 -100.40
N SER K 602 16.55 -84.66 -99.79
CA SER K 602 16.28 -83.30 -100.23
C SER K 602 15.76 -82.49 -99.04
N ASN K 603 15.53 -81.20 -99.27
CA ASN K 603 15.04 -80.30 -98.24
C ASN K 603 13.79 -79.53 -98.67
N GLN K 604 13.20 -79.88 -99.81
CA GLN K 604 12.01 -79.19 -100.28
C GLN K 604 10.78 -79.70 -99.54
N VAL K 605 9.96 -78.77 -99.05
CA VAL K 605 8.77 -79.10 -98.29
C VAL K 605 7.58 -78.32 -98.87
N ALA K 606 6.38 -78.81 -98.57
CA ALA K 606 5.15 -78.20 -99.01
C ALA K 606 4.33 -77.75 -97.79
N VAL K 607 3.50 -76.74 -98.01
CA VAL K 607 2.66 -76.17 -96.95
C VAL K 607 1.21 -76.46 -97.28
N LEU K 608 0.44 -76.84 -96.25
CA LEU K 608 -0.98 -77.16 -96.40
C LEU K 608 -1.77 -76.37 -95.37
N TYR K 609 -2.58 -75.42 -95.84
CA TYR K 609 -3.44 -74.62 -94.98
C TYR K 609 -4.84 -75.23 -94.99
N GLN K 610 -5.24 -75.81 -93.86
CA GLN K 610 -6.54 -76.46 -93.76
C GLN K 610 -7.65 -75.42 -93.66
N GLY K 611 -8.72 -75.63 -94.43
CA GLY K 611 -9.85 -74.71 -94.40
C GLY K 611 -9.59 -73.36 -95.03
N VAL K 612 -8.76 -73.31 -96.06
CA VAL K 612 -8.44 -72.07 -96.75
C VAL K 612 -8.72 -72.25 -98.23
N ASN K 613 -9.38 -71.25 -98.83
CA ASN K 613 -9.74 -71.26 -100.24
C ASN K 613 -8.65 -70.63 -101.11
N CYS K 614 -7.40 -70.63 -100.65
CA CYS K 614 -6.26 -70.04 -101.35
C CYS K 614 -6.45 -68.55 -101.62
N THR K 615 -7.35 -67.89 -100.90
CA THR K 615 -7.63 -66.49 -101.10
C THR K 615 -7.52 -65.65 -99.84
N GLU K 616 -7.31 -66.27 -98.68
CA GLU K 616 -7.22 -65.55 -97.41
C GLU K 616 -6.06 -66.09 -96.59
N VAL K 617 -4.91 -66.31 -97.24
CA VAL K 617 -3.73 -66.82 -96.56
C VAL K 617 -3.04 -65.71 -95.78
N ASN K 638 3.52 -73.69 -106.15
CA ASN K 638 2.32 -73.29 -106.88
C ASN K 638 1.13 -73.14 -105.93
N VAL K 639 -0.06 -72.98 -106.50
CA VAL K 639 -1.30 -72.83 -105.74
C VAL K 639 -2.25 -73.93 -106.15
N PHE K 640 -2.71 -74.70 -105.17
CA PHE K 640 -3.63 -75.81 -105.40
C PHE K 640 -4.76 -75.73 -104.38
N GLN K 641 -6.00 -75.69 -104.86
CA GLN K 641 -7.18 -75.64 -104.02
C GLN K 641 -7.90 -76.99 -104.10
N THR K 642 -7.85 -77.76 -103.02
CA THR K 642 -8.50 -79.06 -102.93
C THR K 642 -9.69 -78.97 -101.98
N ARG K 643 -10.32 -80.12 -101.74
CA ARG K 643 -11.45 -80.20 -100.83
C ARG K 643 -11.04 -80.25 -99.37
N ALA K 644 -9.73 -80.23 -99.07
CA ALA K 644 -9.25 -80.25 -97.70
C ALA K 644 -8.57 -78.95 -97.27
N GLY K 645 -8.22 -78.09 -98.21
CA GLY K 645 -7.57 -76.83 -97.90
C GLY K 645 -6.76 -76.35 -99.08
N CYS K 646 -5.84 -75.43 -98.80
CA CYS K 646 -4.96 -74.87 -99.82
C CYS K 646 -3.58 -75.49 -99.69
N LEU K 647 -3.03 -75.94 -100.81
CA LEU K 647 -1.72 -76.57 -100.87
C LEU K 647 -0.77 -75.66 -101.63
N ILE K 648 0.27 -75.18 -100.94
CA ILE K 648 1.26 -74.28 -101.52
C ILE K 648 2.60 -75.01 -101.53
N GLY K 649 3.20 -75.13 -102.70
CA GLY K 649 4.50 -75.77 -102.85
C GLY K 649 4.51 -76.97 -103.77
N ALA K 650 3.36 -77.44 -104.24
CA ALA K 650 3.30 -78.59 -105.13
C ALA K 650 2.43 -78.26 -106.34
N GLU K 651 2.42 -79.18 -107.30
CA GLU K 651 1.64 -79.03 -108.52
C GLU K 651 0.85 -80.31 -108.77
N TYR K 652 -0.33 -80.17 -109.36
CA TYR K 652 -1.22 -81.29 -109.63
C TYR K 652 -0.89 -81.85 -111.01
N VAL K 653 -0.29 -83.04 -111.03
CA VAL K 653 0.01 -83.71 -112.29
C VAL K 653 -1.21 -84.51 -112.74
N ASN K 654 -1.35 -84.66 -114.05
CA ASN K 654 -2.48 -85.38 -114.65
C ASN K 654 -2.30 -86.89 -114.64
N ASN K 655 -1.32 -87.40 -113.89
CA ASN K 655 -1.07 -88.83 -113.82
C ASN K 655 -1.79 -89.41 -112.59
N SER K 656 -1.54 -90.69 -112.31
CA SER K 656 -2.18 -91.35 -111.17
C SER K 656 -1.24 -92.45 -110.69
N TYR K 657 -0.52 -92.19 -109.61
CA TYR K 657 0.38 -93.15 -108.99
C TYR K 657 -0.17 -93.59 -107.64
N GLU K 658 0.58 -94.44 -106.95
CA GLU K 658 0.18 -94.90 -105.63
C GLU K 658 0.32 -93.78 -104.61
N CYS K 659 -0.55 -93.81 -103.60
CA CYS K 659 -0.52 -92.80 -102.56
C CYS K 659 0.66 -93.02 -101.63
N ASP K 660 1.56 -92.04 -101.56
CA ASP K 660 2.73 -92.10 -100.70
C ASP K 660 2.57 -91.26 -99.44
N ILE K 661 2.19 -90.00 -99.58
CA ILE K 661 1.95 -89.11 -98.46
C ILE K 661 0.49 -88.66 -98.52
N PRO K 662 -0.38 -89.22 -97.67
CA PRO K 662 -1.80 -88.88 -97.74
C PRO K 662 -2.05 -87.44 -97.29
N ILE K 663 -2.72 -86.67 -98.16
CA ILE K 663 -3.10 -85.30 -97.86
C ILE K 663 -4.55 -85.20 -97.42
N GLY K 664 -5.46 -85.78 -98.19
CA GLY K 664 -6.88 -85.74 -97.89
C GLY K 664 -7.69 -85.59 -99.16
N ALA K 665 -8.96 -85.98 -99.07
CA ALA K 665 -9.91 -85.87 -100.19
C ALA K 665 -9.42 -86.65 -101.41
N GLY K 666 -8.78 -87.79 -101.16
CA GLY K 666 -8.31 -88.65 -102.24
C GLY K 666 -7.05 -88.20 -102.94
N ILE K 667 -6.45 -87.09 -102.52
CA ILE K 667 -5.24 -86.57 -103.13
C ILE K 667 -4.05 -86.85 -102.21
N CYS K 668 -2.96 -87.33 -102.77
CA CYS K 668 -1.72 -87.59 -102.04
C CYS K 668 -0.57 -86.88 -102.74
N ALA K 669 0.62 -87.01 -102.16
CA ALA K 669 1.81 -86.36 -102.70
C ALA K 669 2.99 -87.33 -102.65
N SER K 670 4.01 -87.02 -103.44
CA SER K 670 5.23 -87.82 -103.49
C SER K 670 6.37 -86.92 -103.96
N TYR K 671 7.57 -87.50 -104.01
CA TYR K 671 8.76 -86.78 -104.44
C TYR K 671 9.33 -87.51 -105.65
N GLN K 672 8.95 -87.06 -106.85
CA GLN K 672 9.41 -87.67 -108.10
C GLN K 672 9.97 -86.59 -109.01
N THR K 673 10.54 -87.02 -110.13
CA THR K 673 11.10 -86.10 -111.10
C THR K 673 10.01 -85.35 -111.86
N SER K 686 14.09 -82.69 -113.04
CA SER K 686 14.03 -81.86 -111.86
C SER K 686 13.17 -82.49 -110.78
N GLN K 687 13.78 -82.85 -109.66
CA GLN K 687 13.06 -83.47 -108.56
C GLN K 687 12.24 -82.42 -107.81
N SER K 688 10.96 -82.71 -107.62
CA SER K 688 10.07 -81.79 -106.93
C SER K 688 8.90 -82.57 -106.34
N ILE K 689 8.13 -81.90 -105.50
CA ILE K 689 6.95 -82.50 -104.86
C ILE K 689 5.76 -82.32 -105.79
N ILE K 690 5.13 -83.43 -106.15
CA ILE K 690 3.99 -83.42 -107.06
C ILE K 690 2.76 -83.94 -106.31
N ALA K 691 1.58 -83.54 -106.80
CA ALA K 691 0.32 -83.97 -106.23
C ALA K 691 -0.50 -84.69 -107.31
N TYR K 692 -1.22 -85.73 -106.89
CA TYR K 692 -1.98 -86.53 -107.84
C TYR K 692 -3.06 -87.30 -107.07
N THR K 693 -4.05 -87.77 -107.81
CA THR K 693 -5.10 -88.58 -107.23
C THR K 693 -4.61 -90.00 -107.02
N MET K 694 -5.16 -90.68 -106.02
CA MET K 694 -4.76 -92.03 -105.69
C MET K 694 -5.09 -92.98 -106.85
N SER K 695 -4.33 -94.07 -106.92
CA SER K 695 -4.51 -95.11 -107.94
C SER K 695 -4.90 -96.40 -107.21
N LEU K 696 -6.15 -96.83 -107.40
CA LEU K 696 -6.65 -98.02 -106.73
C LEU K 696 -6.11 -99.31 -107.32
N GLY K 697 -5.34 -99.25 -108.39
CA GLY K 697 -4.78 -100.42 -109.03
C GLY K 697 -5.03 -100.43 -110.53
N ALA K 698 -4.34 -101.35 -111.19
CA ALA K 698 -4.46 -101.50 -112.63
C ALA K 698 -5.78 -102.19 -112.99
N GLU K 699 -6.11 -102.13 -114.28
CA GLU K 699 -7.34 -102.74 -114.79
C GLU K 699 -7.07 -104.18 -115.17
N ASN K 700 -7.83 -105.10 -114.56
CA ASN K 700 -7.70 -106.53 -114.80
C ASN K 700 -9.07 -107.16 -115.02
N SER K 701 -9.87 -106.52 -115.88
CA SER K 701 -11.21 -107.03 -116.18
C SER K 701 -11.13 -108.40 -116.83
N VAL K 702 -11.71 -109.39 -116.18
CA VAL K 702 -11.69 -110.76 -116.68
C VAL K 702 -12.73 -110.91 -117.78
N ALA K 703 -12.35 -111.59 -118.86
CA ALA K 703 -13.23 -111.80 -120.00
C ALA K 703 -14.21 -112.92 -119.65
N TYR K 704 -15.26 -112.55 -118.93
CA TYR K 704 -16.28 -113.50 -118.53
C TYR K 704 -17.12 -113.92 -119.72
N SER K 705 -17.54 -115.18 -119.71
CA SER K 705 -18.36 -115.73 -120.79
C SER K 705 -19.25 -116.81 -120.21
N ASN K 706 -20.11 -117.39 -121.07
CA ASN K 706 -21.01 -118.44 -120.61
C ASN K 706 -20.27 -119.73 -120.29
N ASN K 707 -19.11 -119.97 -120.93
CA ASN K 707 -18.32 -121.17 -120.69
C ASN K 707 -16.85 -120.80 -120.85
N SER K 708 -16.20 -120.52 -119.73
CA SER K 708 -14.79 -120.15 -119.73
C SER K 708 -14.22 -120.43 -118.35
N ILE K 709 -13.32 -121.40 -118.26
CA ILE K 709 -12.69 -121.78 -117.00
C ILE K 709 -11.19 -121.52 -117.09
N ALA K 710 -10.60 -121.12 -115.96
CA ALA K 710 -9.17 -120.84 -115.88
C ALA K 710 -8.59 -121.70 -114.75
N ILE K 711 -8.01 -122.83 -115.12
CA ILE K 711 -7.39 -123.75 -114.17
C ILE K 711 -5.88 -123.51 -114.18
N PRO K 712 -5.25 -123.30 -113.03
CA PRO K 712 -3.80 -123.07 -113.01
C PRO K 712 -3.02 -124.34 -113.33
N THR K 713 -1.77 -124.13 -113.74
CA THR K 713 -0.90 -125.23 -114.13
C THR K 713 0.41 -125.27 -113.36
N ASN K 714 0.65 -124.32 -112.46
CA ASN K 714 1.90 -124.29 -111.70
C ASN K 714 1.63 -123.68 -110.33
N PHE K 715 2.35 -124.17 -109.33
CA PHE K 715 2.23 -123.70 -107.96
C PHE K 715 3.37 -122.76 -107.61
N THR K 716 3.05 -121.75 -106.81
CA THR K 716 4.00 -120.71 -106.41
C THR K 716 3.90 -120.46 -104.90
N ILE K 717 3.97 -121.54 -104.12
CA ILE K 717 3.90 -121.47 -102.66
C ILE K 717 4.94 -120.48 -102.13
N SER K 718 4.48 -119.48 -101.40
CA SER K 718 5.35 -118.47 -100.80
C SER K 718 5.10 -118.43 -99.30
N VAL K 719 5.91 -117.62 -98.62
CA VAL K 719 5.83 -117.46 -97.17
C VAL K 719 5.66 -115.98 -96.87
N THR K 720 4.59 -115.64 -96.15
CA THR K 720 4.31 -114.26 -95.74
C THR K 720 4.56 -114.11 -94.26
N THR K 721 4.64 -112.85 -93.82
CA THR K 721 4.91 -112.52 -92.43
C THR K 721 3.77 -111.68 -91.86
N GLU K 722 3.55 -111.84 -90.56
CA GLU K 722 2.51 -111.08 -89.84
C GLU K 722 2.99 -110.85 -88.43
N ILE K 723 3.01 -109.58 -88.01
CA ILE K 723 3.53 -109.18 -86.71
C ILE K 723 2.37 -108.77 -85.82
N LEU K 724 2.42 -109.19 -84.55
CA LEU K 724 1.38 -108.87 -83.58
C LEU K 724 2.00 -108.69 -82.19
N PRO K 725 1.84 -107.52 -81.57
CA PRO K 725 2.35 -107.34 -80.20
C PRO K 725 1.55 -108.16 -79.20
N VAL K 726 2.27 -108.76 -78.24
CA VAL K 726 1.65 -109.63 -77.26
C VAL K 726 1.96 -109.13 -75.85
N SER K 727 3.09 -108.45 -75.69
CA SER K 727 3.57 -108.01 -74.39
C SER K 727 3.53 -106.48 -74.30
N MET K 728 3.90 -105.97 -73.13
CA MET K 728 3.88 -104.54 -72.87
C MET K 728 4.77 -104.25 -71.67
N THR K 729 5.42 -103.08 -71.70
CA THR K 729 6.27 -102.66 -70.59
C THR K 729 5.41 -102.41 -69.36
N LYS K 730 5.64 -103.20 -68.31
CA LYS K 730 4.88 -103.08 -67.06
C LYS K 730 5.48 -101.95 -66.23
N THR K 731 4.70 -100.88 -66.04
CA THR K 731 5.13 -99.73 -65.27
C THR K 731 4.40 -99.67 -63.93
N SER K 732 4.93 -98.85 -63.03
CA SER K 732 4.33 -98.67 -61.71
C SER K 732 4.85 -97.36 -61.13
N VAL K 733 3.95 -96.59 -60.52
CA VAL K 733 4.28 -95.29 -59.95
C VAL K 733 4.12 -95.35 -58.44
N ASP K 734 4.63 -94.31 -57.78
CA ASP K 734 4.56 -94.19 -56.33
C ASP K 734 4.17 -92.76 -55.98
N CYS K 735 3.13 -92.61 -55.16
CA CYS K 735 2.66 -91.29 -54.78
C CYS K 735 3.62 -90.60 -53.80
N THR K 736 4.30 -91.38 -52.96
CA THR K 736 5.16 -90.79 -51.94
C THR K 736 6.45 -90.22 -52.51
N MET K 737 6.74 -90.45 -53.78
CA MET K 737 7.96 -89.92 -54.40
C MET K 737 7.68 -89.09 -55.65
N TYR K 738 6.73 -89.50 -56.49
CA TYR K 738 6.43 -88.74 -57.70
C TYR K 738 5.65 -87.47 -57.37
N ILE K 739 4.62 -87.58 -56.54
CA ILE K 739 3.81 -86.42 -56.19
C ILE K 739 4.58 -85.48 -55.27
N CYS K 740 5.28 -86.04 -54.28
CA CYS K 740 6.04 -85.26 -53.31
C CYS K 740 7.49 -85.67 -53.37
N GLY K 741 8.37 -84.74 -53.71
CA GLY K 741 9.79 -85.00 -53.74
C GLY K 741 10.55 -84.37 -52.59
N ASP K 742 10.92 -85.18 -51.60
CA ASP K 742 11.68 -84.74 -50.43
C ASP K 742 10.97 -83.58 -49.72
N SER K 743 9.74 -83.85 -49.30
CA SER K 743 8.94 -82.85 -48.60
C SER K 743 8.00 -83.55 -47.62
N THR K 744 7.99 -83.05 -46.38
CA THR K 744 7.10 -83.60 -45.36
C THR K 744 5.74 -82.93 -45.35
N GLU K 745 5.69 -81.62 -45.61
CA GLU K 745 4.40 -80.93 -45.68
C GLU K 745 3.57 -81.44 -46.85
N CYS K 746 4.24 -81.72 -47.98
CA CYS K 746 3.53 -82.31 -49.12
C CYS K 746 2.99 -83.68 -48.77
N SER K 747 3.75 -84.48 -48.04
CA SER K 747 3.27 -85.80 -47.63
C SER K 747 2.08 -85.69 -46.68
N ASN K 748 2.13 -84.75 -45.75
CA ASN K 748 0.99 -84.55 -44.85
C ASN K 748 -0.24 -84.08 -45.60
N LEU K 749 -0.06 -83.19 -46.59
CA LEU K 749 -1.19 -82.74 -47.39
C LEU K 749 -1.76 -83.89 -48.22
N LEU K 750 -0.91 -84.76 -48.76
CA LEU K 750 -1.39 -85.90 -49.52
C LEU K 750 -2.15 -86.88 -48.62
N LEU K 751 -1.67 -87.08 -47.39
CA LEU K 751 -2.36 -87.96 -46.46
C LEU K 751 -3.71 -87.38 -46.05
N GLN K 752 -3.77 -86.06 -45.82
CA GLN K 752 -5.03 -85.42 -45.46
C GLN K 752 -5.99 -85.31 -46.64
N TYR K 753 -5.48 -85.38 -47.87
CA TYR K 753 -6.30 -85.28 -49.07
C TYR K 753 -7.14 -86.52 -49.32
N GLY K 754 -6.96 -87.59 -48.55
CA GLY K 754 -7.70 -88.81 -48.70
C GLY K 754 -6.86 -89.93 -49.29
N SER K 755 -7.47 -91.11 -49.34
CA SER K 755 -6.81 -92.31 -49.85
C SER K 755 -7.05 -92.48 -51.35
N PHE K 756 -6.74 -91.43 -52.13
CA PHE K 756 -6.91 -91.50 -53.57
C PHE K 756 -5.85 -92.33 -54.26
N CYS K 757 -4.68 -92.51 -53.62
CA CYS K 757 -3.61 -93.31 -54.20
C CYS K 757 -3.81 -94.78 -53.88
N THR K 758 -5.00 -95.31 -54.18
CA THR K 758 -5.30 -96.71 -53.97
C THR K 758 -5.90 -97.31 -55.23
N GLN K 759 -6.57 -96.48 -56.02
CA GLN K 759 -7.16 -96.95 -57.28
C GLN K 759 -6.11 -97.05 -58.38
N LEU K 760 -5.17 -96.11 -58.43
CA LEU K 760 -4.18 -96.10 -59.49
C LEU K 760 -3.19 -97.25 -59.33
N LYS K 761 -2.73 -97.49 -58.11
CA LYS K 761 -1.82 -98.62 -57.88
C LYS K 761 -2.51 -99.94 -58.16
N ARG K 762 -3.79 -100.06 -57.79
CA ARG K 762 -4.53 -101.29 -58.08
C ARG K 762 -4.72 -101.47 -59.58
N ALA K 763 -4.98 -100.38 -60.31
CA ALA K 763 -5.10 -100.47 -61.76
C ALA K 763 -3.78 -100.88 -62.40
N LEU K 764 -2.66 -100.34 -61.91
CA LEU K 764 -1.35 -100.72 -62.44
C LEU K 764 -1.05 -102.19 -62.14
N THR K 765 -1.41 -102.66 -60.94
CA THR K 765 -1.22 -104.07 -60.62
C THR K 765 -2.07 -104.96 -61.53
N GLY K 766 -3.31 -104.54 -61.79
CA GLY K 766 -4.15 -105.30 -62.71
C GLY K 766 -3.59 -105.33 -64.12
N ILE K 767 -3.05 -104.20 -64.58
CA ILE K 767 -2.42 -104.15 -65.90
C ILE K 767 -1.23 -105.09 -65.95
N ALA K 768 -0.42 -105.11 -64.88
CA ALA K 768 0.75 -105.99 -64.85
C ALA K 768 0.32 -107.45 -64.86
N VAL K 769 -0.71 -107.80 -64.09
CA VAL K 769 -1.20 -109.18 -64.09
C VAL K 769 -1.74 -109.56 -65.47
N GLU K 770 -2.45 -108.64 -66.11
CA GLU K 770 -2.98 -108.92 -67.44
C GLU K 770 -1.86 -109.13 -68.45
N GLN K 771 -0.82 -108.30 -68.38
CA GLN K 771 0.30 -108.46 -69.31
C GLN K 771 1.10 -109.73 -69.04
N ASP K 772 1.19 -110.14 -67.78
CA ASP K 772 1.85 -111.41 -67.48
C ASP K 772 1.02 -112.60 -67.93
N LYS K 773 -0.32 -112.47 -67.90
CA LYS K 773 -1.18 -113.55 -68.35
C LYS K 773 -1.23 -113.64 -69.87
N ASN K 774 -1.15 -112.50 -70.56
CA ASN K 774 -1.20 -112.51 -72.03
C ASN K 774 0.00 -113.23 -72.63
N THR K 775 1.17 -113.15 -71.98
CA THR K 775 2.35 -113.84 -72.47
C THR K 775 2.27 -115.35 -72.29
N GLN K 776 1.32 -115.84 -71.50
CA GLN K 776 1.16 -117.27 -71.25
C GLN K 776 0.02 -117.87 -72.08
N GLU K 777 -1.08 -117.14 -72.27
CA GLU K 777 -2.20 -117.66 -73.04
C GLU K 777 -1.92 -117.70 -74.54
N VAL K 778 -0.82 -117.11 -74.99
CA VAL K 778 -0.47 -117.10 -76.41
C VAL K 778 0.63 -118.12 -76.68
N PHE K 779 1.75 -117.97 -75.97
CA PHE K 779 2.89 -118.86 -76.19
C PHE K 779 2.69 -120.20 -75.49
N ALA K 780 2.44 -120.19 -74.18
CA ALA K 780 2.32 -121.41 -73.40
C ALA K 780 0.93 -122.02 -73.64
N GLN K 781 0.83 -122.72 -74.79
CA GLN K 781 -0.40 -123.42 -75.14
C GLN K 781 -0.27 -124.94 -75.11
N VAL K 782 0.95 -125.46 -75.20
CA VAL K 782 1.19 -126.90 -75.17
C VAL K 782 1.64 -127.29 -73.77
N LYS K 783 1.34 -128.53 -73.39
CA LYS K 783 1.71 -129.02 -72.07
C LYS K 783 3.18 -129.45 -72.02
N GLN K 784 3.55 -130.41 -72.87
CA GLN K 784 4.91 -130.93 -72.89
C GLN K 784 5.78 -130.11 -73.84
N ILE K 785 7.07 -130.10 -73.56
CA ILE K 785 8.06 -129.38 -74.36
C ILE K 785 8.75 -130.38 -75.27
N TYR K 786 8.63 -130.18 -76.58
CA TYR K 786 9.23 -131.06 -77.57
C TYR K 786 10.58 -130.51 -78.04
N LYS K 787 11.43 -131.41 -78.50
CA LYS K 787 12.75 -131.07 -78.98
C LYS K 787 12.95 -131.60 -80.40
N THR K 788 13.76 -130.88 -81.18
CA THR K 788 14.02 -131.29 -82.54
C THR K 788 14.96 -132.50 -82.56
N PRO K 789 14.75 -133.44 -83.47
CA PRO K 789 15.64 -134.61 -83.55
C PRO K 789 17.02 -134.21 -84.04
N PRO K 790 18.05 -135.00 -83.74
CA PRO K 790 19.40 -134.66 -84.20
C PRO K 790 19.53 -134.71 -85.71
N ILE K 791 18.96 -135.74 -86.33
CA ILE K 791 18.98 -135.86 -87.78
C ILE K 791 18.03 -134.83 -88.37
N LYS K 792 18.59 -133.76 -88.96
CA LYS K 792 17.80 -132.68 -89.52
C LYS K 792 17.57 -132.89 -91.01
N TYR K 793 16.86 -133.97 -91.33
CA TYR K 793 16.49 -134.31 -92.69
C TYR K 793 14.97 -134.49 -92.71
N PHE K 794 14.25 -133.39 -92.90
CA PHE K 794 12.78 -133.41 -92.90
C PHE K 794 12.26 -133.45 -94.34
N GLY K 795 12.56 -134.55 -95.02
CA GLY K 795 12.12 -134.77 -96.38
C GLY K 795 12.90 -134.03 -97.45
N GLY K 796 13.62 -132.98 -97.09
CA GLY K 796 14.38 -132.21 -98.07
C GLY K 796 14.31 -130.72 -97.84
N PHE K 797 13.54 -130.31 -96.83
CA PHE K 797 13.40 -128.91 -96.48
C PHE K 797 14.51 -128.48 -95.54
N ASN K 798 14.95 -127.24 -95.69
CA ASN K 798 16.05 -126.68 -94.90
C ASN K 798 15.47 -125.73 -93.85
N PHE K 799 15.44 -126.19 -92.59
CA PHE K 799 14.97 -125.39 -91.47
C PHE K 799 16.11 -124.86 -90.62
N SER K 800 17.25 -124.55 -91.24
CA SER K 800 18.42 -124.05 -90.52
C SER K 800 18.33 -122.56 -90.19
N GLN K 801 17.15 -121.95 -90.35
CA GLN K 801 16.97 -120.53 -90.05
C GLN K 801 15.88 -120.25 -89.03
N ILE K 802 14.94 -121.17 -88.82
CA ILE K 802 13.90 -120.97 -87.82
C ILE K 802 14.11 -121.82 -86.58
N LEU K 803 14.77 -122.97 -86.70
CA LEU K 803 15.05 -123.80 -85.53
C LEU K 803 16.15 -123.15 -84.69
N PRO K 804 16.11 -123.35 -83.38
CA PRO K 804 17.12 -122.73 -82.51
C PRO K 804 18.52 -123.24 -82.83
N ASP K 805 19.42 -122.31 -83.13
CA ASP K 805 20.79 -122.66 -83.49
C ASP K 805 21.61 -122.90 -82.23
N PRO K 806 22.29 -124.04 -82.11
CA PRO K 806 23.07 -124.31 -80.89
C PRO K 806 24.33 -123.48 -80.77
N SER K 807 24.82 -122.90 -81.86
CA SER K 807 26.05 -122.10 -81.84
C SER K 807 25.77 -120.64 -81.49
N LYS K 808 25.06 -120.42 -80.39
CA LYS K 808 24.80 -119.09 -79.87
C LYS K 808 24.36 -119.22 -78.41
N PRO K 809 24.60 -118.20 -77.58
CA PRO K 809 24.32 -118.34 -76.15
C PRO K 809 22.86 -118.63 -75.81
N SER K 810 21.95 -117.75 -76.21
CA SER K 810 20.56 -117.83 -75.73
C SER K 810 19.65 -118.62 -76.68
N LYS K 811 20.12 -119.78 -77.12
CA LYS K 811 19.30 -120.81 -77.79
C LYS K 811 18.24 -120.22 -78.72
N ARG K 812 18.70 -119.43 -79.69
CA ARG K 812 17.80 -118.82 -80.67
C ARG K 812 18.27 -119.16 -82.08
N SER K 813 17.53 -118.64 -83.06
CA SER K 813 17.78 -118.85 -84.48
C SER K 813 18.28 -117.55 -85.12
N PRO K 814 18.95 -117.65 -86.27
CA PRO K 814 19.42 -116.41 -86.94
C PRO K 814 18.31 -115.42 -87.25
N ILE K 815 17.12 -115.91 -87.62
CA ILE K 815 16.00 -115.01 -87.86
C ILE K 815 15.59 -114.31 -86.57
N GLU K 816 15.51 -115.06 -85.47
CA GLU K 816 15.19 -114.45 -84.18
C GLU K 816 16.30 -113.51 -83.72
N ASP K 817 17.56 -113.85 -84.02
CA ASP K 817 18.66 -112.96 -83.66
C ASP K 817 18.59 -111.66 -84.44
N LEU K 818 18.16 -111.71 -85.70
CA LEU K 818 18.03 -110.49 -86.49
C LEU K 818 16.81 -109.69 -86.08
N LEU K 819 15.73 -110.35 -85.67
CA LEU K 819 14.52 -109.64 -85.27
C LEU K 819 14.64 -109.06 -83.87
N PHE K 820 15.47 -109.65 -83.01
CA PHE K 820 15.63 -109.13 -81.66
C PHE K 820 16.46 -107.84 -81.65
N ASN K 821 17.56 -107.82 -82.39
CA ASN K 821 18.42 -106.63 -82.46
C ASN K 821 17.97 -105.68 -83.55
N LYS K 822 16.68 -105.33 -83.53
CA LYS K 822 16.13 -104.37 -84.48
C LYS K 822 15.31 -103.32 -83.74
N VAL K 823 14.61 -103.75 -82.69
CA VAL K 823 13.77 -102.85 -81.90
C VAL K 823 14.62 -102.30 -80.76
N THR K 824 14.91 -101.01 -80.82
CA THR K 824 15.71 -100.35 -79.78
C THR K 824 14.86 -100.07 -78.55
N ARG K 844 23.68 -91.22 -68.02
CA ARG K 844 22.61 -92.14 -67.68
C ARG K 844 21.57 -92.19 -68.80
N ASP K 845 21.13 -93.41 -69.14
CA ASP K 845 20.14 -93.58 -70.19
C ASP K 845 18.77 -93.10 -69.72
N LEU K 846 17.80 -93.17 -70.63
CA LEU K 846 16.46 -92.68 -70.32
C LEU K 846 15.70 -93.63 -69.40
N ILE K 847 15.90 -94.94 -69.55
CA ILE K 847 15.17 -95.91 -68.74
C ILE K 847 15.53 -95.76 -67.27
N CYS K 848 16.83 -95.71 -66.97
CA CYS K 848 17.26 -95.57 -65.58
C CYS K 848 16.88 -94.20 -65.02
N ALA K 849 16.89 -93.16 -65.86
CA ALA K 849 16.48 -91.84 -65.40
C ALA K 849 15.00 -91.82 -65.03
N GLN K 850 14.16 -92.45 -65.85
CA GLN K 850 12.75 -92.55 -65.53
C GLN K 850 12.50 -93.41 -64.30
N LYS K 851 13.31 -94.46 -64.12
CA LYS K 851 13.18 -95.29 -62.93
C LYS K 851 13.58 -94.54 -61.67
N PHE K 852 14.58 -93.66 -61.77
CA PHE K 852 15.02 -92.88 -60.62
C PHE K 852 13.98 -91.84 -60.18
N LYS K 853 13.02 -91.51 -61.02
CA LYS K 853 11.99 -90.54 -60.68
C LYS K 853 10.73 -91.18 -60.12
N GLY K 854 10.53 -92.48 -60.35
CA GLY K 854 9.36 -93.20 -59.89
C GLY K 854 8.75 -94.09 -60.96
N LEU K 855 9.08 -93.85 -62.23
CA LEU K 855 8.57 -94.63 -63.35
C LEU K 855 9.45 -95.87 -63.53
N THR K 856 9.32 -96.80 -62.59
CA THR K 856 10.11 -98.03 -62.59
C THR K 856 9.41 -99.10 -63.40
N VAL K 857 10.20 -99.94 -64.07
CA VAL K 857 9.69 -101.00 -64.92
C VAL K 857 9.80 -102.33 -64.17
N LEU K 858 8.69 -103.04 -64.08
CA LEU K 858 8.70 -104.35 -63.42
C LEU K 858 9.19 -105.42 -64.39
N PRO K 859 10.00 -106.37 -63.93
CA PRO K 859 10.51 -107.41 -64.82
C PRO K 859 9.41 -108.40 -65.20
N PRO K 860 9.34 -108.77 -66.47
CA PRO K 860 8.32 -109.74 -66.89
C PRO K 860 8.57 -111.12 -66.29
N LEU K 861 7.49 -111.90 -66.22
CA LEU K 861 7.59 -113.25 -65.67
C LEU K 861 8.35 -114.17 -66.64
N LEU K 862 7.85 -114.31 -67.86
CA LEU K 862 8.50 -115.14 -68.86
C LEU K 862 9.69 -114.39 -69.46
N THR K 863 10.88 -114.92 -69.27
CA THR K 863 12.09 -114.30 -69.80
C THR K 863 12.20 -114.59 -71.30
N ASP K 864 13.24 -114.03 -71.94
CA ASP K 864 13.44 -114.23 -73.36
C ASP K 864 13.82 -115.68 -73.66
N GLU K 865 14.61 -116.31 -72.77
CA GLU K 865 15.00 -117.70 -72.99
C GLU K 865 13.79 -118.62 -72.92
N MET K 866 12.85 -118.35 -72.01
CA MET K 866 11.65 -119.19 -71.91
C MET K 866 10.76 -119.02 -73.13
N ILE K 867 10.64 -117.79 -73.65
CA ILE K 867 9.86 -117.59 -74.87
C ILE K 867 10.52 -118.29 -76.04
N ALA K 868 11.85 -118.24 -76.12
CA ALA K 868 12.56 -118.93 -77.19
C ALA K 868 12.36 -120.44 -77.09
N GLN K 869 12.39 -120.98 -75.87
CA GLN K 869 12.15 -122.41 -75.69
C GLN K 869 10.73 -122.80 -76.07
N TYR K 870 9.75 -121.94 -75.73
CA TYR K 870 8.37 -122.20 -76.11
C TYR K 870 8.21 -122.19 -77.63
N THR K 871 8.84 -121.23 -78.30
CA THR K 871 8.78 -121.20 -79.75
C THR K 871 9.45 -122.42 -80.39
N SER K 872 10.58 -122.84 -79.82
CA SER K 872 11.25 -124.03 -80.33
C SER K 872 10.39 -125.28 -80.14
N ALA K 873 9.72 -125.38 -78.99
CA ALA K 873 8.83 -126.52 -78.76
C ALA K 873 7.64 -126.50 -79.72
N LEU K 874 7.10 -125.30 -79.99
CA LEU K 874 6.01 -125.20 -80.95
C LEU K 874 6.45 -125.60 -82.35
N LEU K 875 7.65 -125.17 -82.75
CA LEU K 875 8.17 -125.55 -84.07
C LEU K 875 8.42 -127.05 -84.14
N ALA K 876 8.94 -127.64 -83.06
CA ALA K 876 9.17 -129.08 -83.04
C ALA K 876 7.86 -129.85 -83.14
N GLY K 877 6.83 -129.38 -82.44
CA GLY K 877 5.53 -130.04 -82.52
C GLY K 877 4.87 -129.86 -83.87
N THR K 878 5.12 -128.73 -84.54
CA THR K 878 4.56 -128.51 -85.87
C THR K 878 5.28 -129.35 -86.92
N ILE K 879 6.58 -129.56 -86.76
CA ILE K 879 7.34 -130.31 -87.76
C ILE K 879 7.17 -131.81 -87.55
N THR K 880 7.39 -132.29 -86.33
CA THR K 880 7.33 -133.72 -86.07
C THR K 880 5.89 -134.21 -85.90
N SER K 881 5.19 -133.66 -84.91
CA SER K 881 3.82 -134.10 -84.65
C SER K 881 2.83 -133.56 -85.67
N GLY K 882 3.05 -132.35 -86.16
CA GLY K 882 2.18 -131.76 -87.18
C GLY K 882 1.04 -130.95 -86.54
N TRP K 883 -0.19 -131.42 -86.71
CA TRP K 883 -1.37 -130.75 -86.18
C TRP K 883 -2.07 -131.57 -85.11
N THR K 884 -1.41 -132.59 -84.57
CA THR K 884 -1.99 -133.46 -83.55
C THR K 884 -1.51 -133.15 -82.14
N PHE K 885 -0.46 -132.34 -81.99
CA PHE K 885 0.05 -131.99 -80.68
C PHE K 885 -0.75 -130.87 -80.02
N GLY K 886 -1.65 -130.22 -80.74
CA GLY K 886 -2.46 -129.16 -80.17
C GLY K 886 -3.84 -129.64 -79.78
N ALA K 887 -4.15 -130.89 -80.13
CA ALA K 887 -5.44 -131.49 -79.81
C ALA K 887 -5.31 -132.72 -78.93
N GLY K 888 -4.12 -133.01 -78.43
CA GLY K 888 -3.89 -134.16 -77.59
C GLY K 888 -2.45 -134.61 -77.59
N PRO K 889 -2.22 -135.91 -77.63
CA PRO K 889 -0.85 -136.43 -77.65
C PRO K 889 -0.18 -136.24 -79.00
N ALA K 890 1.15 -136.15 -78.97
CA ALA K 890 1.91 -135.97 -80.19
C ALA K 890 1.91 -137.27 -81.00
N LEU K 891 1.69 -137.14 -82.30
CA LEU K 891 1.65 -138.28 -83.22
C LEU K 891 2.73 -138.09 -84.27
N GLN K 892 3.69 -139.02 -84.29
CA GLN K 892 4.77 -138.94 -85.27
C GLN K 892 4.22 -139.12 -86.69
N ILE K 893 4.73 -138.32 -87.61
CA ILE K 893 4.30 -138.34 -89.00
C ILE K 893 5.37 -137.69 -89.87
N PRO K 894 5.73 -138.28 -91.01
CA PRO K 894 6.72 -137.66 -91.88
C PRO K 894 6.25 -136.30 -92.39
N PHE K 895 7.20 -135.38 -92.52
CA PHE K 895 6.92 -134.02 -92.97
C PHE K 895 6.42 -133.98 -94.41
N PRO K 896 6.98 -134.78 -95.34
CA PRO K 896 6.35 -134.84 -96.68
C PRO K 896 4.92 -135.30 -96.64
N MET K 897 4.62 -136.37 -95.90
CA MET K 897 3.23 -136.81 -95.77
C MET K 897 2.39 -135.79 -95.01
N GLN K 898 3.00 -135.07 -94.07
CA GLN K 898 2.27 -134.03 -93.35
C GLN K 898 1.82 -132.93 -94.30
N MET K 899 2.72 -132.45 -95.17
CA MET K 899 2.33 -131.44 -96.14
C MET K 899 1.42 -132.00 -97.22
N ALA K 900 1.51 -133.30 -97.52
CA ALA K 900 0.59 -133.90 -98.48
C ALA K 900 -0.82 -133.99 -97.94
N TYR K 901 -0.96 -134.24 -96.63
CA TYR K 901 -2.28 -134.27 -96.02
C TYR K 901 -2.87 -132.89 -95.80
N ARG K 902 -2.04 -131.84 -95.82
CA ARG K 902 -2.54 -130.48 -95.68
C ARG K 902 -3.08 -129.92 -96.99
N PHE K 903 -2.68 -130.48 -98.13
CA PHE K 903 -3.22 -130.01 -99.40
C PHE K 903 -4.67 -130.43 -99.59
N ASN K 904 -5.10 -131.48 -98.90
CA ASN K 904 -6.46 -131.98 -99.04
C ASN K 904 -7.51 -131.06 -98.42
N GLY K 905 -7.10 -129.93 -97.85
CA GLY K 905 -8.05 -128.98 -97.29
C GLY K 905 -8.35 -127.83 -98.23
N ILE K 906 -7.59 -127.73 -99.32
CA ILE K 906 -7.78 -126.68 -100.30
C ILE K 906 -8.17 -127.23 -101.67
N GLY K 907 -8.24 -128.56 -101.84
CA GLY K 907 -8.63 -129.19 -103.08
C GLY K 907 -7.51 -129.93 -103.77
N VAL K 908 -6.26 -129.48 -103.61
CA VAL K 908 -5.14 -130.13 -104.26
C VAL K 908 -4.90 -131.49 -103.64
N THR K 909 -4.81 -132.52 -104.48
CA THR K 909 -4.57 -133.87 -103.99
C THR K 909 -3.09 -134.05 -103.61
N GLN K 910 -2.79 -135.22 -103.06
CA GLN K 910 -1.43 -135.51 -102.60
C GLN K 910 -0.50 -135.98 -103.71
N ASN K 911 -1.05 -136.40 -104.85
CA ASN K 911 -0.21 -136.85 -105.96
C ASN K 911 0.61 -135.73 -106.57
N VAL K 912 0.20 -134.47 -106.41
CA VAL K 912 1.01 -133.36 -106.88
C VAL K 912 2.27 -133.21 -106.03
N LEU K 913 2.11 -133.30 -104.71
CA LEU K 913 3.27 -133.23 -103.82
C LEU K 913 4.17 -134.46 -104.00
N TYR K 914 3.56 -135.65 -104.08
CA TYR K 914 4.32 -136.88 -104.20
C TYR K 914 5.05 -136.98 -105.53
N GLU K 915 4.90 -135.97 -106.39
CA GLU K 915 5.64 -135.89 -107.64
C GLU K 915 6.52 -134.65 -107.75
N ASN K 916 6.19 -133.56 -107.05
CA ASN K 916 6.98 -132.33 -107.12
C ASN K 916 7.47 -131.89 -105.74
N GLN K 917 7.73 -132.84 -104.86
CA GLN K 917 8.32 -132.51 -103.56
C GLN K 917 9.62 -131.75 -103.69
N LYS K 918 10.43 -132.08 -104.70
CA LYS K 918 11.70 -131.38 -104.90
C LYS K 918 11.47 -129.91 -105.21
N LEU K 919 10.57 -129.62 -106.15
CA LEU K 919 10.28 -128.24 -106.49
C LEU K 919 9.62 -127.51 -105.33
N ILE K 920 8.79 -128.21 -104.56
CA ILE K 920 8.14 -127.59 -103.40
C ILE K 920 9.19 -127.20 -102.37
N ALA K 921 10.16 -128.08 -102.10
CA ALA K 921 11.22 -127.77 -101.16
C ALA K 921 12.10 -126.63 -101.67
N ASN K 922 12.38 -126.62 -102.97
CA ASN K 922 13.17 -125.52 -103.54
C ASN K 922 12.45 -124.19 -103.37
N GLN K 923 11.15 -124.16 -103.66
CA GLN K 923 10.37 -122.93 -103.51
C GLN K 923 10.28 -122.51 -102.06
N PHE K 924 10.15 -123.47 -101.14
CA PHE K 924 10.11 -123.14 -99.72
C PHE K 924 11.43 -122.54 -99.25
N ASN K 925 12.55 -123.13 -99.66
CA ASN K 925 13.85 -122.58 -99.30
C ASN K 925 14.05 -121.19 -99.90
N SER K 926 13.62 -120.99 -101.15
CA SER K 926 13.74 -119.67 -101.76
C SER K 926 12.90 -118.64 -101.04
N ALA K 927 11.69 -119.02 -100.62
CA ALA K 927 10.82 -118.09 -99.89
C ALA K 927 11.41 -117.77 -98.53
N ILE K 928 11.98 -118.76 -97.84
CA ILE K 928 12.60 -118.50 -96.54
C ILE K 928 13.80 -117.57 -96.70
N GLY K 929 14.60 -117.79 -97.75
CA GLY K 929 15.73 -116.90 -98.00
C GLY K 929 15.29 -115.48 -98.33
N LYS K 930 14.24 -115.35 -99.13
CA LYS K 930 13.73 -114.01 -99.46
C LYS K 930 13.17 -113.32 -98.22
N ILE K 931 12.52 -114.06 -97.33
CA ILE K 931 12.01 -113.47 -96.09
C ILE K 931 13.17 -113.02 -95.21
N GLN K 932 14.20 -113.85 -95.10
CA GLN K 932 15.36 -113.49 -94.29
C GLN K 932 16.08 -112.27 -94.86
N ASP K 933 16.10 -112.14 -96.19
CA ASP K 933 16.73 -110.97 -96.80
C ASP K 933 15.87 -109.72 -96.60
N SER K 934 14.55 -109.87 -96.68
CA SER K 934 13.66 -108.73 -96.50
C SER K 934 13.62 -108.26 -95.05
N LEU K 935 13.87 -109.16 -94.09
CA LEU K 935 13.91 -108.74 -92.70
C LEU K 935 15.11 -107.85 -92.41
N SER K 936 16.19 -107.98 -93.20
CA SER K 936 17.36 -107.13 -93.03
C SER K 936 17.21 -105.77 -93.69
N SER K 937 16.20 -105.59 -94.53
CA SER K 937 15.97 -104.31 -95.19
C SER K 937 14.54 -103.84 -94.94
N THR K 938 14.11 -102.79 -95.66
CA THR K 938 12.79 -102.20 -95.53
C THR K 938 12.49 -101.85 -94.07
N PRO K 939 13.12 -100.81 -93.52
CA PRO K 939 12.91 -100.49 -92.10
C PRO K 939 11.47 -100.26 -91.72
N SER K 940 10.59 -99.95 -92.67
CA SER K 940 9.17 -99.78 -92.39
C SER K 940 8.43 -101.11 -92.41
N ALA K 941 8.95 -102.10 -91.68
CA ALA K 941 8.33 -103.42 -91.58
C ALA K 941 7.92 -103.74 -90.15
N LEU K 942 8.83 -103.62 -89.20
CA LEU K 942 8.52 -103.85 -87.78
C LEU K 942 8.09 -102.55 -87.10
N GLY K 943 7.09 -101.89 -87.66
CA GLY K 943 6.62 -100.63 -87.14
C GLY K 943 5.63 -100.77 -86.01
N LYS K 944 4.80 -101.82 -86.07
CA LYS K 944 3.79 -102.02 -85.03
C LYS K 944 4.40 -102.49 -83.71
N LEU K 945 5.61 -103.06 -83.75
CA LEU K 945 6.30 -103.38 -82.49
C LEU K 945 6.94 -102.14 -81.88
N GLN K 946 7.52 -101.27 -82.72
CA GLN K 946 8.09 -100.02 -82.23
C GLN K 946 7.02 -99.02 -81.83
N ASP K 947 5.78 -99.20 -82.30
CA ASP K 947 4.72 -98.25 -82.01
C ASP K 947 4.41 -98.20 -80.51
N VAL K 948 4.20 -99.36 -79.89
CA VAL K 948 3.89 -99.40 -78.47
C VAL K 948 5.07 -98.92 -77.63
N VAL K 949 6.29 -99.23 -78.08
CA VAL K 949 7.47 -98.80 -77.35
C VAL K 949 7.59 -97.28 -77.39
N ASN K 950 7.39 -96.67 -78.57
CA ASN K 950 7.44 -95.22 -78.69
C ASN K 950 6.31 -94.57 -77.91
N HIS K 951 5.13 -95.20 -77.89
CA HIS K 951 4.02 -94.64 -77.11
C HIS K 951 4.34 -94.66 -75.62
N ASN K 952 4.88 -95.77 -75.12
CA ASN K 952 5.25 -95.84 -73.71
C ASN K 952 6.34 -94.83 -73.38
N ALA K 953 7.33 -94.69 -74.26
CA ALA K 953 8.40 -93.72 -74.03
C ALA K 953 7.86 -92.30 -73.99
N GLN K 954 6.96 -91.97 -74.92
CA GLN K 954 6.38 -90.62 -74.94
C GLN K 954 5.52 -90.39 -73.70
N ALA K 955 4.77 -91.40 -73.26
CA ALA K 955 3.96 -91.26 -72.06
C ALA K 955 4.83 -91.01 -70.83
N LEU K 956 5.92 -91.78 -70.70
CA LEU K 956 6.82 -91.59 -69.57
C LEU K 956 7.50 -90.22 -69.63
N ASN K 957 7.91 -89.79 -70.82
CA ASN K 957 8.54 -88.47 -70.96
C ASN K 957 7.57 -87.36 -70.59
N THR K 958 6.31 -87.46 -71.02
CA THR K 958 5.32 -86.46 -70.66
C THR K 958 5.04 -86.46 -69.17
N LEU K 959 4.95 -87.66 -68.56
CA LEU K 959 4.65 -87.74 -67.14
C LEU K 959 5.81 -87.24 -66.29
N VAL K 960 7.04 -87.36 -66.78
CA VAL K 960 8.19 -86.85 -66.05
C VAL K 960 8.46 -85.37 -66.35
N LYS K 961 7.96 -84.86 -67.48
CA LYS K 961 8.14 -83.44 -67.80
C LYS K 961 7.05 -82.57 -67.17
N GLN K 962 5.86 -83.13 -66.96
CA GLN K 962 4.78 -82.37 -66.34
C GLN K 962 5.06 -82.00 -64.88
N LEU K 963 6.12 -82.55 -64.28
CA LEU K 963 6.50 -82.15 -62.94
C LEU K 963 7.12 -80.76 -62.89
N SER K 964 7.67 -80.29 -64.01
CA SER K 964 8.24 -78.95 -64.09
C SER K 964 7.28 -77.94 -64.71
N SER K 965 6.07 -78.36 -65.05
CA SER K 965 5.05 -77.48 -65.62
C SER K 965 4.24 -76.88 -64.48
N LYS K 966 4.22 -75.54 -64.42
CA LYS K 966 3.54 -74.85 -63.34
C LYS K 966 2.04 -74.85 -63.58
N PHE K 967 1.30 -75.50 -62.68
CA PHE K 967 -0.16 -75.47 -62.69
C PHE K 967 -0.71 -74.26 -61.94
N GLY K 968 0.12 -73.25 -61.72
CA GLY K 968 -0.26 -72.07 -60.96
C GLY K 968 0.48 -72.00 -59.64
N ALA K 969 1.56 -71.21 -59.60
CA ALA K 969 2.42 -71.10 -58.43
C ALA K 969 3.48 -70.05 -58.65
N ILE K 970 4.34 -69.82 -57.64
CA ILE K 970 5.44 -68.89 -57.80
C ILE K 970 6.64 -69.54 -58.48
N SER K 971 6.76 -70.86 -58.41
CA SER K 971 7.88 -71.58 -59.00
C SER K 971 7.49 -73.05 -59.16
N SER K 972 8.46 -73.88 -59.51
CA SER K 972 8.23 -75.31 -59.69
C SER K 972 8.86 -76.15 -58.59
N VAL K 973 9.62 -75.54 -57.68
CA VAL K 973 10.28 -76.26 -56.60
C VAL K 973 9.43 -76.15 -55.35
N LEU K 974 9.16 -77.28 -54.69
CA LEU K 974 8.36 -77.27 -53.47
C LEU K 974 9.10 -76.58 -52.33
N ASN K 975 10.43 -76.68 -52.30
CA ASN K 975 11.19 -76.03 -51.23
C ASN K 975 11.10 -74.52 -51.34
N ASP K 976 11.10 -73.98 -52.56
CA ASP K 976 10.97 -72.53 -52.74
C ASP K 976 9.60 -72.04 -52.31
N ILE K 977 8.56 -72.86 -52.50
CA ILE K 977 7.22 -72.47 -52.07
C ILE K 977 7.08 -72.58 -50.56
N PHE K 978 7.71 -73.59 -49.96
CA PHE K 978 7.60 -73.78 -48.52
C PHE K 978 8.45 -72.76 -47.75
N SER K 979 9.54 -72.29 -48.36
CA SER K 979 10.45 -71.37 -47.67
C SER K 979 10.12 -69.91 -47.97
N ARG K 980 10.11 -69.54 -49.24
CA ARG K 980 9.92 -68.14 -49.64
C ARG K 980 8.44 -67.82 -49.81
N LEU K 981 7.69 -68.08 -48.75
CA LEU K 981 6.25 -67.79 -48.69
C LEU K 981 5.82 -67.91 -47.24
N ASP K 982 4.54 -67.62 -47.00
CA ASP K 982 3.91 -67.74 -45.69
C ASP K 982 2.92 -68.90 -45.69
N PRO K 983 2.67 -69.52 -44.54
CA PRO K 983 1.81 -70.71 -44.48
C PRO K 983 0.42 -70.47 -45.09
N PRO K 984 -0.28 -69.38 -44.74
CA PRO K 984 -1.64 -69.22 -45.29
C PRO K 984 -1.68 -69.13 -46.80
N GLU K 985 -0.61 -68.67 -47.44
CA GLU K 985 -0.55 -68.65 -48.90
C GLU K 985 0.17 -69.88 -49.46
N ALA K 986 1.13 -70.43 -48.73
CA ALA K 986 1.84 -71.62 -49.21
C ALA K 986 0.90 -72.83 -49.27
N GLU K 987 0.03 -72.97 -48.28
CA GLU K 987 -0.91 -74.09 -48.27
C GLU K 987 -1.90 -74.02 -49.43
N VAL K 988 -2.14 -72.82 -49.98
CA VAL K 988 -3.01 -72.69 -51.14
C VAL K 988 -2.23 -72.84 -52.44
N GLN K 989 -0.98 -72.36 -52.46
CA GLN K 989 -0.17 -72.48 -53.68
C GLN K 989 0.26 -73.93 -53.92
N ILE K 990 0.46 -74.70 -52.85
CA ILE K 990 0.87 -76.09 -53.03
C ILE K 990 -0.30 -76.96 -53.47
N ASP K 991 -1.54 -76.56 -53.17
CA ASP K 991 -2.69 -77.35 -53.58
C ASP K 991 -2.90 -77.31 -55.09
N ARG K 992 -2.58 -76.17 -55.72
CA ARG K 992 -2.72 -76.08 -57.17
C ARG K 992 -1.80 -77.05 -57.89
N LEU K 993 -0.67 -77.40 -57.29
CA LEU K 993 0.23 -78.40 -57.86
C LEU K 993 -0.13 -79.81 -57.41
N ILE K 994 -0.56 -79.98 -56.16
CA ILE K 994 -0.95 -81.31 -55.68
C ILE K 994 -2.20 -81.81 -56.39
N THR K 995 -3.05 -80.93 -56.91
CA THR K 995 -4.18 -81.36 -57.71
C THR K 995 -3.79 -81.60 -59.16
N GLY K 996 -2.93 -80.76 -59.72
CA GLY K 996 -2.51 -80.94 -61.10
C GLY K 996 -1.72 -82.22 -61.30
N ARG K 997 -0.82 -82.54 -60.36
CA ARG K 997 -0.05 -83.77 -60.48
C ARG K 997 -0.95 -85.00 -60.37
N LEU K 998 -1.92 -84.96 -59.46
CA LEU K 998 -2.85 -86.08 -59.34
C LEU K 998 -3.70 -86.23 -60.59
N GLN K 999 -4.14 -85.11 -61.18
CA GLN K 999 -4.90 -85.18 -62.42
C GLN K 999 -4.07 -85.75 -63.56
N SER K 1000 -2.80 -85.33 -63.64
CA SER K 1000 -1.92 -85.86 -64.68
C SER K 1000 -1.68 -87.36 -64.49
N LEU K 1001 -1.52 -87.79 -63.24
CA LEU K 1001 -1.34 -89.21 -62.98
C LEU K 1001 -2.60 -90.00 -63.31
N GLN K 1002 -3.77 -89.43 -63.03
CA GLN K 1002 -5.02 -90.09 -63.40
C GLN K 1002 -5.15 -90.21 -64.91
N THR K 1003 -4.79 -89.15 -65.63
CA THR K 1003 -4.81 -89.21 -67.09
C THR K 1003 -3.85 -90.27 -67.62
N TYR K 1004 -2.66 -90.35 -67.03
CA TYR K 1004 -1.69 -91.37 -67.43
C TYR K 1004 -2.23 -92.76 -67.16
N VAL K 1005 -2.89 -92.96 -66.01
CA VAL K 1005 -3.46 -94.26 -65.69
C VAL K 1005 -4.57 -94.62 -66.67
N THR K 1006 -5.39 -93.64 -67.05
CA THR K 1006 -6.44 -93.90 -68.02
C THR K 1006 -5.86 -94.29 -69.38
N GLN K 1007 -4.83 -93.57 -69.83
CA GLN K 1007 -4.18 -93.93 -71.08
C GLN K 1007 -3.56 -95.31 -71.01
N GLN K 1008 -2.94 -95.65 -69.87
CA GLN K 1008 -2.36 -96.98 -69.70
C GLN K 1008 -3.44 -98.06 -69.74
N LEU K 1009 -4.61 -97.79 -69.15
CA LEU K 1009 -5.70 -98.75 -69.19
C LEU K 1009 -6.21 -98.95 -70.61
N ILE K 1010 -6.37 -97.86 -71.37
CA ILE K 1010 -6.82 -97.97 -72.75
C ILE K 1010 -5.83 -98.77 -73.58
N ARG K 1011 -4.54 -98.45 -73.42
CA ARG K 1011 -3.50 -99.17 -74.16
C ARG K 1011 -3.44 -100.64 -73.74
N ALA K 1012 -3.66 -100.93 -72.46
CA ALA K 1012 -3.65 -102.32 -72.01
C ALA K 1012 -4.84 -103.09 -72.57
N ALA K 1013 -6.00 -102.44 -72.68
CA ALA K 1013 -7.15 -103.09 -73.31
C ALA K 1013 -6.87 -103.36 -74.78
N GLU K 1014 -6.29 -102.39 -75.48
CA GLU K 1014 -5.94 -102.62 -76.89
C GLU K 1014 -4.95 -103.76 -77.05
N ILE K 1015 -3.93 -103.80 -76.19
CA ILE K 1015 -2.93 -104.87 -76.28
C ILE K 1015 -3.53 -106.21 -75.87
N ARG K 1016 -4.51 -106.21 -74.96
CA ARG K 1016 -5.19 -107.45 -74.62
C ARG K 1016 -5.99 -107.98 -75.81
N ALA K 1017 -6.69 -107.09 -76.51
CA ALA K 1017 -7.39 -107.51 -77.72
C ALA K 1017 -6.43 -108.05 -78.76
N SER K 1018 -5.29 -107.36 -78.96
CA SER K 1018 -4.29 -107.82 -79.91
C SER K 1018 -3.72 -109.17 -79.51
N ALA K 1019 -3.50 -109.39 -78.22
CA ALA K 1019 -2.95 -110.66 -77.76
C ALA K 1019 -3.97 -111.79 -77.90
N ASN K 1020 -5.25 -111.49 -77.66
CA ASN K 1020 -6.29 -112.49 -77.91
C ASN K 1020 -6.36 -112.86 -79.38
N LEU K 1021 -6.25 -111.87 -80.27
CA LEU K 1021 -6.24 -112.15 -81.70
C LEU K 1021 -5.02 -112.99 -82.08
N ALA K 1022 -3.85 -112.67 -81.51
CA ALA K 1022 -2.64 -113.43 -81.80
C ALA K 1022 -2.76 -114.87 -81.29
N ALA K 1023 -3.35 -115.05 -80.11
CA ALA K 1023 -3.55 -116.40 -79.59
C ALA K 1023 -4.51 -117.19 -80.47
N THR K 1024 -5.60 -116.56 -80.92
CA THR K 1024 -6.52 -117.24 -81.82
C THR K 1024 -5.81 -117.63 -83.12
N LYS K 1025 -4.99 -116.74 -83.68
CA LYS K 1025 -4.28 -117.05 -84.90
C LYS K 1025 -3.28 -118.19 -84.69
N MET K 1026 -2.54 -118.17 -83.58
CA MET K 1026 -1.57 -119.22 -83.32
C MET K 1026 -2.25 -120.56 -83.05
N SER K 1027 -3.46 -120.54 -82.49
CA SER K 1027 -4.18 -121.77 -82.23
C SER K 1027 -4.91 -122.31 -83.45
N GLU K 1028 -5.21 -121.44 -84.43
CA GLU K 1028 -5.92 -121.88 -85.63
C GLU K 1028 -5.02 -122.06 -86.84
N CYS K 1029 -3.85 -121.42 -86.87
CA CYS K 1029 -2.94 -121.53 -88.00
C CYS K 1029 -1.78 -122.49 -87.74
N VAL K 1030 -1.24 -122.49 -86.51
CA VAL K 1030 -0.12 -123.35 -86.19
C VAL K 1030 -0.57 -124.72 -85.69
N LEU K 1031 -1.57 -124.76 -84.82
CA LEU K 1031 -2.07 -126.00 -84.27
C LEU K 1031 -2.97 -126.78 -85.23
N GLY K 1032 -3.07 -126.34 -86.48
CA GLY K 1032 -3.90 -127.03 -87.45
C GLY K 1032 -4.10 -126.18 -88.68
N GLN K 1033 -4.70 -126.80 -89.69
CA GLN K 1033 -4.99 -126.14 -90.95
C GLN K 1033 -6.33 -125.43 -90.87
N SER K 1034 -6.33 -124.12 -91.10
CA SER K 1034 -7.54 -123.31 -91.06
C SER K 1034 -7.95 -122.96 -92.49
N LYS K 1035 -9.24 -123.10 -92.78
CA LYS K 1035 -9.79 -122.79 -94.10
C LYS K 1035 -10.41 -121.40 -94.14
N ARG K 1036 -9.89 -120.47 -93.34
CA ARG K 1036 -10.39 -119.10 -93.29
C ARG K 1036 -9.53 -118.22 -94.18
N VAL K 1037 -10.19 -117.47 -95.06
CA VAL K 1037 -9.48 -116.63 -96.01
C VAL K 1037 -8.86 -115.42 -95.30
N ASP K 1038 -7.62 -115.11 -95.65
CA ASP K 1038 -6.89 -113.94 -95.17
C ASP K 1038 -6.52 -114.04 -93.69
N PHE K 1039 -6.99 -115.11 -93.02
CA PHE K 1039 -6.70 -115.27 -91.61
C PHE K 1039 -5.26 -115.74 -91.41
N CYS K 1040 -4.91 -116.88 -91.99
CA CYS K 1040 -3.54 -117.41 -91.92
C CYS K 1040 -2.80 -117.01 -93.19
N GLY K 1041 -2.42 -115.74 -93.25
CA GLY K 1041 -1.74 -115.22 -94.42
C GLY K 1041 -2.68 -115.00 -95.60
N LYS K 1042 -2.10 -114.52 -96.69
CA LYS K 1042 -2.84 -114.23 -97.92
C LYS K 1042 -2.73 -115.44 -98.84
N GLY K 1043 -3.84 -116.13 -99.05
CA GLY K 1043 -3.91 -117.28 -99.91
C GLY K 1043 -4.36 -118.52 -99.16
N TYR K 1044 -4.24 -119.67 -99.82
CA TYR K 1044 -4.62 -120.95 -99.23
C TYR K 1044 -3.62 -121.31 -98.13
N HIS K 1045 -4.08 -121.34 -96.89
CA HIS K 1045 -3.19 -121.61 -95.76
C HIS K 1045 -2.69 -123.06 -95.82
N LEU K 1046 -1.37 -123.21 -95.69
CA LEU K 1046 -0.75 -124.53 -95.64
C LEU K 1046 -0.09 -124.79 -94.28
N MET K 1047 0.82 -123.92 -93.86
CA MET K 1047 1.52 -124.06 -92.58
C MET K 1047 1.73 -122.69 -91.96
N SER K 1048 2.14 -122.69 -90.71
CA SER K 1048 2.44 -121.46 -89.99
C SER K 1048 3.49 -121.75 -88.92
N PHE K 1049 4.55 -120.95 -88.91
CA PHE K 1049 5.65 -121.14 -87.97
C PHE K 1049 5.77 -119.91 -87.07
N PRO K 1050 5.51 -120.04 -85.77
CA PRO K 1050 5.65 -118.88 -84.88
C PRO K 1050 7.10 -118.62 -84.51
N GLN K 1051 7.38 -117.34 -84.25
CA GLN K 1051 8.72 -116.90 -83.89
C GLN K 1051 8.64 -115.88 -82.77
N SER K 1052 9.62 -115.91 -81.87
CA SER K 1052 9.67 -114.95 -80.78
C SER K 1052 10.03 -113.56 -81.30
N ALA K 1053 9.65 -112.54 -80.53
CA ALA K 1053 9.91 -111.16 -80.88
C ALA K 1053 9.85 -110.31 -79.63
N PRO K 1054 10.63 -109.23 -79.55
CA PRO K 1054 10.57 -108.36 -78.37
C PRO K 1054 9.20 -107.70 -78.21
N HIS K 1055 8.49 -108.08 -77.15
CA HIS K 1055 7.14 -107.56 -76.87
C HIS K 1055 6.20 -107.82 -78.05
N GLY K 1056 6.29 -109.01 -78.63
CA GLY K 1056 5.44 -109.35 -79.74
C GLY K 1056 5.71 -110.77 -80.21
N VAL K 1057 5.16 -111.08 -81.39
CA VAL K 1057 5.31 -112.39 -82.00
C VAL K 1057 5.37 -112.21 -83.51
N VAL K 1058 6.07 -113.13 -84.17
CA VAL K 1058 6.27 -113.09 -85.62
C VAL K 1058 5.75 -114.40 -86.19
N PHE K 1059 4.72 -114.31 -87.04
CA PHE K 1059 4.17 -115.48 -87.70
C PHE K 1059 4.70 -115.59 -89.12
N LEU K 1060 5.02 -116.81 -89.53
CA LEU K 1060 5.43 -117.11 -90.91
C LEU K 1060 4.40 -118.05 -91.52
N HIS K 1061 3.42 -117.49 -92.21
CA HIS K 1061 2.32 -118.25 -92.79
C HIS K 1061 2.74 -118.73 -94.18
N VAL K 1062 2.80 -120.04 -94.35
CA VAL K 1062 3.08 -120.66 -95.64
C VAL K 1062 1.77 -120.80 -96.39
N THR K 1063 1.63 -120.07 -97.50
CA THR K 1063 0.39 -120.03 -98.26
C THR K 1063 0.60 -120.64 -99.64
N TYR K 1064 -0.50 -121.12 -100.22
CA TYR K 1064 -0.52 -121.70 -101.55
C TYR K 1064 -1.06 -120.68 -102.53
N VAL K 1065 -0.26 -120.32 -103.52
CA VAL K 1065 -0.64 -119.33 -104.52
C VAL K 1065 -0.58 -119.94 -105.92
N PRO K 1066 -1.72 -120.20 -106.56
CA PRO K 1066 -1.68 -120.73 -107.92
C PRO K 1066 -1.20 -119.68 -108.91
N ALA K 1067 -0.71 -120.17 -110.05
CA ALA K 1067 -0.21 -119.30 -111.10
C ALA K 1067 -0.20 -120.06 -112.41
N GLN K 1068 0.12 -119.34 -113.49
CA GLN K 1068 0.18 -119.90 -114.84
C GLN K 1068 -1.13 -120.58 -115.22
N GLU K 1069 -2.20 -119.79 -115.23
CA GLU K 1069 -3.51 -120.30 -115.59
C GLU K 1069 -3.68 -120.35 -117.11
N LYS K 1070 -4.52 -121.27 -117.56
CA LYS K 1070 -4.80 -121.44 -118.97
C LYS K 1070 -6.31 -121.55 -119.19
N ASN K 1071 -6.80 -120.92 -120.25
CA ASN K 1071 -8.22 -120.92 -120.55
C ASN K 1071 -8.64 -122.20 -121.25
N PHE K 1072 -9.79 -122.75 -120.85
CA PHE K 1072 -10.32 -123.95 -121.45
C PHE K 1072 -11.84 -123.84 -121.54
N THR K 1073 -12.42 -124.61 -122.44
CA THR K 1073 -13.87 -124.66 -122.59
C THR K 1073 -14.47 -125.58 -121.54
N THR K 1074 -15.43 -125.07 -120.77
CA THR K 1074 -16.06 -125.82 -119.70
C THR K 1074 -17.54 -126.04 -120.02
N ALA K 1075 -18.15 -126.96 -119.27
CA ALA K 1075 -19.55 -127.29 -119.43
C ALA K 1075 -20.09 -127.72 -118.08
N PRO K 1076 -21.35 -127.40 -117.76
CA PRO K 1076 -21.91 -127.84 -116.46
C PRO K 1076 -21.96 -129.35 -116.32
N ALA K 1077 -22.37 -130.07 -117.36
CA ALA K 1077 -22.44 -131.52 -117.31
C ALA K 1077 -22.30 -132.07 -118.72
N ILE K 1078 -22.24 -133.40 -118.80
CA ILE K 1078 -22.16 -134.10 -120.08
C ILE K 1078 -23.38 -135.00 -120.20
N CYS K 1079 -23.76 -135.27 -121.45
CA CYS K 1079 -24.94 -136.05 -121.77
C CYS K 1079 -24.51 -137.35 -122.45
N HIS K 1080 -24.78 -138.48 -121.80
CA HIS K 1080 -24.50 -139.79 -122.37
C HIS K 1080 -25.72 -140.25 -123.18
N ASP K 1081 -25.73 -141.52 -123.58
CA ASP K 1081 -26.84 -142.07 -124.37
C ASP K 1081 -28.06 -142.24 -123.47
N GLY K 1082 -28.81 -141.14 -123.32
CA GLY K 1082 -30.00 -141.14 -122.50
C GLY K 1082 -29.78 -140.84 -121.03
N LYS K 1083 -28.53 -140.72 -120.59
CA LYS K 1083 -28.22 -140.46 -119.19
C LYS K 1083 -27.37 -139.19 -119.08
N ALA K 1084 -27.50 -138.52 -117.95
CA ALA K 1084 -26.76 -137.28 -117.67
C ALA K 1084 -25.81 -137.52 -116.51
N HIS K 1085 -24.53 -137.23 -116.72
CA HIS K 1085 -23.50 -137.42 -115.70
C HIS K 1085 -23.02 -136.07 -115.20
N PHE K 1086 -22.92 -135.93 -113.87
CA PHE K 1086 -22.45 -134.72 -113.23
C PHE K 1086 -21.14 -134.98 -112.49
N PRO K 1087 -20.21 -134.01 -112.49
CA PRO K 1087 -18.95 -134.20 -111.78
C PRO K 1087 -19.17 -134.31 -110.28
N ARG K 1088 -18.25 -135.03 -109.62
CA ARG K 1088 -18.29 -135.23 -108.18
C ARG K 1088 -17.28 -134.36 -107.46
N GLU K 1089 -16.00 -134.46 -107.83
CA GLU K 1089 -14.94 -133.67 -107.23
C GLU K 1089 -13.99 -133.14 -108.29
N GLY K 1090 -14.54 -132.66 -109.40
CA GLY K 1090 -13.72 -132.15 -110.47
C GLY K 1090 -14.48 -131.16 -111.33
N VAL K 1091 -13.81 -130.72 -112.39
CA VAL K 1091 -14.37 -129.76 -113.33
C VAL K 1091 -14.15 -130.27 -114.75
N PHE K 1092 -15.20 -130.22 -115.57
CA PHE K 1092 -15.11 -130.66 -116.95
C PHE K 1092 -14.43 -129.59 -117.79
N VAL K 1093 -13.37 -129.98 -118.51
CA VAL K 1093 -12.64 -129.07 -119.39
C VAL K 1093 -12.65 -129.66 -120.80
N SER K 1094 -12.28 -128.82 -121.77
CA SER K 1094 -12.23 -129.22 -123.16
C SER K 1094 -11.07 -128.52 -123.84
N ASN K 1095 -10.14 -129.32 -124.38
CA ASN K 1095 -8.99 -128.78 -125.10
C ASN K 1095 -9.29 -128.67 -126.59
N GLY K 1096 -10.39 -128.01 -126.93
CA GLY K 1096 -10.80 -127.85 -128.30
C GLY K 1096 -11.70 -128.96 -128.81
N THR K 1097 -11.15 -130.16 -128.99
CA THR K 1097 -11.89 -131.30 -129.51
C THR K 1097 -12.30 -132.27 -128.40
N HIS K 1098 -11.33 -132.76 -127.64
CA HIS K 1098 -11.62 -133.75 -126.61
C HIS K 1098 -12.10 -133.08 -125.33
N TRP K 1099 -12.62 -133.91 -124.42
CA TRP K 1099 -13.10 -133.47 -123.12
C TRP K 1099 -12.43 -134.27 -122.02
N PHE K 1100 -12.08 -133.60 -120.93
CA PHE K 1100 -11.45 -134.23 -119.79
C PHE K 1100 -11.98 -133.60 -118.50
N VAL K 1101 -11.55 -134.15 -117.38
CA VAL K 1101 -11.93 -133.67 -116.06
C VAL K 1101 -10.66 -133.39 -115.27
N THR K 1102 -10.54 -132.16 -114.76
CA THR K 1102 -9.39 -131.72 -113.98
C THR K 1102 -9.85 -131.32 -112.58
N GLN K 1103 -8.90 -130.81 -111.79
CA GLN K 1103 -9.20 -130.36 -110.44
C GLN K 1103 -9.53 -128.87 -110.45
N ARG K 1104 -9.99 -128.39 -109.31
CA ARG K 1104 -10.37 -126.99 -109.16
C ARG K 1104 -9.21 -126.09 -108.78
N ASN K 1105 -8.04 -126.65 -108.48
CA ASN K 1105 -6.87 -125.86 -108.12
C ASN K 1105 -5.59 -126.30 -108.79
N PHE K 1106 -5.63 -127.32 -109.65
CA PHE K 1106 -4.43 -127.80 -110.32
C PHE K 1106 -4.85 -128.55 -111.58
N TYR K 1107 -4.18 -128.26 -112.69
CA TYR K 1107 -4.51 -128.89 -113.97
C TYR K 1107 -4.02 -130.33 -113.97
N GLU K 1108 -4.94 -131.27 -114.23
CA GLU K 1108 -4.61 -132.68 -114.28
C GLU K 1108 -5.58 -133.37 -115.22
N PRO K 1109 -5.19 -133.59 -116.47
CA PRO K 1109 -6.11 -134.19 -117.45
C PRO K 1109 -6.36 -135.66 -117.12
N GLN K 1110 -7.65 -136.01 -117.01
CA GLN K 1110 -8.05 -137.38 -116.74
C GLN K 1110 -9.22 -137.75 -117.64
N ILE K 1111 -9.21 -138.97 -118.16
CA ILE K 1111 -10.28 -139.43 -119.04
C ILE K 1111 -11.55 -139.62 -118.23
N ILE K 1112 -12.69 -139.38 -118.87
CA ILE K 1112 -13.98 -139.51 -118.19
C ILE K 1112 -14.31 -140.98 -118.03
N THR K 1113 -14.48 -141.41 -116.78
CA THR K 1113 -14.80 -142.80 -116.47
C THR K 1113 -15.94 -142.83 -115.46
N THR K 1114 -16.54 -144.01 -115.29
CA THR K 1114 -17.64 -144.18 -114.34
C THR K 1114 -17.12 -144.37 -112.93
N ASP K 1115 -16.25 -143.47 -112.47
CA ASP K 1115 -15.73 -143.52 -111.11
C ASP K 1115 -15.72 -142.17 -110.42
N ASN K 1116 -15.87 -141.05 -111.13
CA ASN K 1116 -15.90 -139.72 -110.51
C ASN K 1116 -17.10 -138.90 -110.99
N THR K 1117 -18.08 -139.52 -111.64
CA THR K 1117 -19.26 -138.83 -112.14
C THR K 1117 -20.49 -139.65 -111.77
N PHE K 1118 -21.49 -138.99 -111.20
CA PHE K 1118 -22.74 -139.62 -110.81
C PHE K 1118 -23.86 -139.23 -111.76
N VAL K 1119 -24.85 -140.11 -111.88
CA VAL K 1119 -25.99 -139.90 -112.77
C VAL K 1119 -27.16 -139.39 -111.96
N SER K 1120 -27.82 -138.34 -112.45
CA SER K 1120 -28.98 -137.77 -111.79
C SER K 1120 -29.86 -137.12 -112.84
N GLY K 1121 -30.93 -137.80 -113.23
CA GLY K 1121 -31.83 -137.28 -114.23
C GLY K 1121 -31.32 -137.52 -115.65
N ASN K 1122 -31.95 -136.82 -116.58
CA ASN K 1122 -31.60 -136.91 -118.00
C ASN K 1122 -31.31 -135.52 -118.55
N CYS K 1123 -31.05 -135.45 -119.85
CA CYS K 1123 -30.64 -134.20 -120.50
C CYS K 1123 -31.87 -133.46 -121.03
N ASP K 1124 -32.63 -132.90 -120.09
CA ASP K 1124 -33.83 -132.14 -120.43
C ASP K 1124 -33.96 -130.81 -119.69
N VAL K 1125 -33.33 -130.64 -118.52
CA VAL K 1125 -33.48 -129.44 -117.72
C VAL K 1125 -32.19 -128.63 -117.66
N VAL K 1126 -31.04 -129.31 -117.66
CA VAL K 1126 -29.76 -128.60 -117.55
C VAL K 1126 -29.51 -127.83 -118.83
N ILE K 1127 -29.20 -126.54 -118.69
CA ILE K 1127 -28.95 -125.66 -119.82
C ILE K 1127 -27.44 -125.60 -120.06
N GLY K 1128 -27.03 -125.83 -121.30
CA GLY K 1128 -25.63 -125.81 -121.66
C GLY K 1128 -24.90 -127.13 -121.55
N ILE K 1129 -25.63 -128.25 -121.56
CA ILE K 1129 -25.00 -129.56 -121.43
C ILE K 1129 -24.54 -130.04 -122.80
N VAL K 1130 -23.35 -130.64 -122.84
CA VAL K 1130 -22.77 -131.13 -124.08
C VAL K 1130 -23.05 -132.62 -124.21
N ASN K 1131 -22.92 -133.14 -125.42
CA ASN K 1131 -23.15 -134.55 -125.73
C ASN K 1131 -21.79 -135.21 -125.94
N ASN K 1132 -21.27 -135.85 -124.90
CA ASN K 1132 -20.00 -136.54 -124.95
C ASN K 1132 -20.18 -137.95 -124.41
N THR K 1133 -19.24 -138.84 -124.76
CA THR K 1133 -19.29 -140.23 -124.36
C THR K 1133 -18.41 -140.46 -123.14
N VAL K 1134 -18.76 -141.48 -122.36
CA VAL K 1134 -18.04 -141.83 -121.15
C VAL K 1134 -17.46 -143.23 -121.29
N TYR K 1135 -16.46 -143.52 -120.46
CA TYR K 1135 -15.81 -144.81 -120.44
C TYR K 1135 -16.26 -145.59 -119.20
N ASP K 1136 -16.34 -146.91 -119.35
CA ASP K 1136 -16.73 -147.78 -118.24
C ASP K 1136 -15.82 -149.00 -118.21
N PRO K 1137 -15.15 -149.26 -117.07
CA PRO K 1137 -14.19 -150.38 -116.97
C PRO K 1137 -14.86 -151.74 -116.79
N LEU K 1138 -15.87 -152.01 -117.59
CA LEU K 1138 -16.53 -153.32 -117.59
C LEU K 1138 -16.62 -153.93 -118.98
N GLN K 1139 -16.83 -153.12 -120.03
CA GLN K 1139 -16.91 -153.68 -121.37
C GLN K 1139 -15.57 -154.21 -121.86
N PRO K 1140 -14.45 -153.47 -121.78
CA PRO K 1140 -13.18 -154.06 -122.22
C PRO K 1140 -12.68 -155.17 -121.32
N GLU K 1141 -13.03 -155.13 -120.03
CA GLU K 1141 -12.60 -156.19 -119.11
C GLU K 1141 -13.33 -157.49 -119.39
N LEU K 1142 -14.65 -157.42 -119.50
CA LEU K 1142 -15.47 -158.61 -119.77
C LEU K 1142 -15.68 -158.79 -121.27
N ASP K 1143 -14.56 -158.94 -121.99
CA ASP K 1143 -14.60 -159.12 -123.42
C ASP K 1143 -13.65 -160.20 -123.92
N SER K 1144 -12.97 -160.92 -123.04
CA SER K 1144 -12.04 -161.96 -123.45
C SER K 1144 -12.09 -163.16 -122.51
N PRO L 26 13.23 -105.29 -10.98
CA PRO L 26 12.27 -105.38 -12.09
C PRO L 26 12.25 -106.77 -12.74
N ALA L 27 11.41 -106.94 -13.75
CA ALA L 27 11.30 -108.20 -14.47
C ALA L 27 10.93 -107.91 -15.91
N TYR L 28 10.52 -108.95 -16.64
CA TYR L 28 10.17 -108.80 -18.05
C TYR L 28 9.20 -109.89 -18.44
N THR L 29 8.12 -109.50 -19.12
CA THR L 29 7.15 -110.44 -19.67
C THR L 29 6.84 -110.01 -21.10
N ASN L 30 5.87 -110.67 -21.72
CA ASN L 30 5.53 -110.41 -23.12
C ASN L 30 4.07 -109.98 -23.23
N SER L 31 3.74 -109.42 -24.39
CA SER L 31 2.43 -108.86 -24.68
C SER L 31 1.78 -109.55 -25.87
N PHE L 32 1.77 -110.88 -25.87
CA PHE L 32 1.37 -111.69 -27.03
C PHE L 32 0.13 -111.14 -27.74
N THR L 33 -1.01 -111.13 -27.05
CA THR L 33 -2.25 -110.61 -27.64
C THR L 33 -3.12 -110.05 -26.52
N ARG L 34 -2.99 -108.75 -26.28
CA ARG L 34 -3.77 -108.06 -25.26
C ARG L 34 -3.53 -106.56 -25.41
N GLY L 35 -4.33 -105.78 -24.69
CA GLY L 35 -4.20 -104.34 -24.71
C GLY L 35 -4.99 -103.64 -25.79
N VAL L 36 -6.09 -104.23 -26.26
CA VAL L 36 -6.93 -103.66 -27.31
C VAL L 36 -8.25 -103.26 -26.67
N TYR L 37 -8.47 -101.95 -26.53
CA TYR L 37 -9.69 -101.43 -25.95
C TYR L 37 -10.71 -101.10 -27.03
N TYR L 38 -11.91 -100.73 -26.61
CA TYR L 38 -12.94 -100.34 -27.55
C TYR L 38 -12.71 -98.90 -28.02
N PRO L 39 -12.87 -98.63 -29.31
CA PRO L 39 -12.76 -97.25 -29.80
C PRO L 39 -13.98 -96.42 -29.42
N ASP L 40 -14.10 -95.23 -30.02
CA ASP L 40 -15.27 -94.39 -29.81
C ASP L 40 -16.56 -95.19 -29.98
N LYS L 41 -17.61 -94.74 -29.32
CA LYS L 41 -18.85 -95.51 -29.24
C LYS L 41 -19.58 -95.53 -30.57
N VAL L 42 -19.34 -96.57 -31.37
CA VAL L 42 -19.99 -96.77 -32.65
C VAL L 42 -20.33 -98.25 -32.79
N PHE L 43 -21.60 -98.56 -33.00
CA PHE L 43 -22.03 -99.95 -33.16
C PHE L 43 -21.62 -100.47 -34.53
N ARG L 44 -20.87 -101.57 -34.54
CA ARG L 44 -20.42 -102.21 -35.77
C ARG L 44 -20.64 -103.71 -35.65
N SER L 45 -21.23 -104.31 -36.70
CA SER L 45 -21.55 -105.73 -36.71
C SER L 45 -20.93 -106.36 -37.96
N SER L 46 -19.96 -107.23 -37.75
CA SER L 46 -19.28 -107.97 -38.83
C SER L 46 -18.70 -107.02 -39.87
N VAL L 47 -17.84 -106.12 -39.39
CA VAL L 47 -17.17 -105.15 -40.24
C VAL L 47 -15.66 -105.34 -40.10
N LEU L 48 -14.92 -104.69 -41.00
CA LEU L 48 -13.45 -104.71 -41.00
C LEU L 48 -12.98 -103.27 -40.96
N HIS L 49 -12.84 -102.73 -39.75
CA HIS L 49 -12.48 -101.33 -39.55
C HIS L 49 -11.07 -101.20 -39.00
N SER L 50 -10.38 -100.15 -39.44
CA SER L 50 -9.03 -99.84 -38.97
C SER L 50 -8.97 -98.37 -38.61
N THR L 51 -8.56 -98.09 -37.37
CA THR L 51 -8.53 -96.72 -36.85
C THR L 51 -7.14 -96.42 -36.31
N GLN L 52 -6.81 -95.13 -36.26
CA GLN L 52 -5.52 -94.66 -35.73
C GLN L 52 -5.75 -94.07 -34.35
N ASP L 53 -5.28 -94.77 -33.32
CA ASP L 53 -5.43 -94.32 -31.95
C ASP L 53 -4.21 -94.77 -31.15
N LEU L 54 -4.27 -94.60 -29.83
CA LEU L 54 -3.17 -94.95 -28.94
C LEU L 54 -3.40 -96.35 -28.40
N PHE L 55 -2.89 -97.35 -29.10
CA PHE L 55 -3.00 -98.74 -28.70
C PHE L 55 -1.64 -99.30 -28.30
N LEU L 56 -1.65 -100.54 -27.82
CA LEU L 56 -0.43 -101.20 -27.39
C LEU L 56 0.05 -102.15 -28.47
N PRO L 57 1.28 -101.99 -28.99
CA PRO L 57 1.78 -102.92 -30.01
C PRO L 57 1.98 -104.31 -29.44
N PHE L 58 1.71 -105.32 -30.27
CA PHE L 58 1.89 -106.70 -29.86
C PHE L 58 3.37 -107.05 -29.82
N PHE L 59 3.70 -108.03 -28.96
CA PHE L 59 5.08 -108.47 -28.75
C PHE L 59 5.97 -107.29 -28.34
N SER L 60 5.54 -106.57 -27.32
CA SER L 60 6.25 -105.39 -26.82
C SER L 60 6.96 -105.74 -25.51
N ASN L 61 7.67 -104.75 -24.98
CA ASN L 61 8.42 -104.90 -23.73
C ASN L 61 7.61 -104.33 -22.57
N VAL L 62 7.53 -105.09 -21.48
CA VAL L 62 6.77 -104.69 -20.31
C VAL L 62 7.75 -104.44 -19.17
N THR L 63 7.22 -103.91 -18.06
CA THR L 63 8.00 -103.54 -16.88
C THR L 63 7.43 -104.20 -15.64
N TRP L 64 7.23 -105.52 -15.73
CA TRP L 64 6.69 -106.30 -14.62
C TRP L 64 7.48 -106.07 -13.34
N PHE L 65 6.80 -105.64 -12.29
CA PHE L 65 7.37 -105.42 -10.98
C PHE L 65 6.70 -106.34 -9.97
N HIS L 66 7.47 -106.80 -8.98
CA HIS L 66 6.97 -107.69 -7.94
C HIS L 66 6.81 -106.88 -6.66
N VAL L 67 5.57 -106.64 -6.26
CA VAL L 67 5.27 -105.81 -5.10
C VAL L 67 4.91 -106.67 -3.88
N ILE L 68 5.39 -107.92 -3.84
CA ILE L 68 5.09 -108.78 -2.70
C ILE L 68 5.69 -108.20 -1.42
N PHE L 77 8.21 -105.08 -1.42
CA PHE L 77 8.23 -103.64 -1.58
C PHE L 77 8.64 -103.24 -2.99
N ASP L 78 7.73 -102.59 -3.73
CA ASP L 78 8.05 -102.12 -5.08
C ASP L 78 7.10 -100.98 -5.40
N ASN L 79 7.60 -99.74 -5.30
CA ASN L 79 6.81 -98.55 -5.57
C ASN L 79 7.66 -97.52 -6.30
N PRO L 80 7.90 -97.72 -7.59
CA PRO L 80 8.67 -96.76 -8.37
C PRO L 80 7.79 -95.70 -9.02
N VAL L 81 8.43 -94.59 -9.38
CA VAL L 81 7.77 -93.49 -10.06
C VAL L 81 8.05 -93.64 -11.56
N LEU L 82 7.03 -94.07 -12.31
CA LEU L 82 7.25 -94.29 -13.73
C LEU L 82 6.78 -93.09 -14.54
N PRO L 83 7.54 -92.67 -15.55
CA PRO L 83 7.15 -91.51 -16.37
C PRO L 83 5.97 -91.86 -17.26
N PHE L 84 4.91 -91.04 -17.16
CA PHE L 84 3.73 -91.25 -17.99
C PHE L 84 3.91 -90.55 -19.33
N ASN L 85 3.72 -91.30 -20.41
CA ASN L 85 3.92 -90.81 -21.78
C ASN L 85 2.66 -91.03 -22.61
N ASP L 86 1.51 -90.63 -22.06
CA ASP L 86 0.22 -90.77 -22.72
C ASP L 86 -0.10 -92.23 -23.03
N GLY L 87 -0.07 -93.05 -21.98
CA GLY L 87 -0.35 -94.46 -22.11
C GLY L 87 0.11 -95.29 -20.93
N VAL L 88 -0.68 -96.29 -20.55
CA VAL L 88 -0.35 -97.17 -19.44
C VAL L 88 -1.10 -98.48 -19.64
N TYR L 89 -0.57 -99.56 -19.07
CA TYR L 89 -1.14 -100.89 -19.18
C TYR L 89 -1.25 -101.54 -17.81
N PHE L 90 -1.77 -100.78 -16.84
CA PHE L 90 -1.93 -101.26 -15.47
C PHE L 90 -2.88 -102.46 -15.45
N ALA L 91 -2.34 -103.64 -15.20
CA ALA L 91 -3.08 -104.90 -15.24
C ALA L 91 -2.75 -105.75 -14.01
N SER L 92 -2.87 -105.15 -12.83
CA SER L 92 -2.56 -105.85 -11.59
C SER L 92 -3.42 -107.10 -11.44
N ILE L 93 -2.88 -108.08 -10.73
CA ILE L 93 -3.58 -109.33 -10.44
C ILE L 93 -3.64 -109.44 -8.91
N GLU L 94 -4.72 -108.94 -8.32
CA GLU L 94 -4.92 -108.97 -6.88
C GLU L 94 -5.93 -110.06 -6.53
N LYS L 95 -6.11 -110.29 -5.23
CA LYS L 95 -7.09 -111.25 -4.74
C LYS L 95 -8.25 -110.56 -4.02
N SER L 96 -7.97 -109.82 -2.96
CA SER L 96 -9.01 -109.03 -2.29
C SER L 96 -8.72 -107.54 -2.32
N ASN L 97 -7.58 -107.10 -1.77
CA ASN L 97 -7.27 -105.67 -1.71
C ASN L 97 -5.78 -105.40 -1.86
N ILE L 98 -5.07 -106.21 -2.66
CA ILE L 98 -3.62 -106.10 -2.75
C ILE L 98 -3.23 -104.72 -3.28
N ILE L 99 -3.66 -104.40 -4.50
CA ILE L 99 -3.35 -103.12 -5.13
C ILE L 99 -4.64 -102.33 -5.29
N ARG L 100 -4.63 -101.09 -4.78
CA ARG L 100 -5.81 -100.22 -4.84
C ARG L 100 -5.32 -98.78 -4.89
N GLY L 101 -5.43 -98.17 -6.06
CA GLY L 101 -5.02 -96.78 -6.22
C GLY L 101 -4.25 -96.54 -7.51
N TRP L 102 -4.66 -95.52 -8.26
CA TRP L 102 -4.01 -95.17 -9.53
C TRP L 102 -3.80 -93.66 -9.59
N ILE L 103 -3.25 -93.09 -8.52
CA ILE L 103 -3.03 -91.65 -8.47
C ILE L 103 -1.93 -91.27 -9.46
N PHE L 104 -2.20 -90.25 -10.26
CA PHE L 104 -1.25 -89.73 -11.25
C PHE L 104 -0.66 -88.41 -10.76
N GLY L 105 0.17 -87.81 -11.61
CA GLY L 105 0.78 -86.54 -11.28
C GLY L 105 2.28 -86.51 -11.58
N THR L 106 2.82 -85.31 -11.83
CA THR L 106 4.22 -85.15 -12.19
C THR L 106 5.10 -84.84 -10.98
N THR L 107 4.85 -83.73 -10.29
CA THR L 107 5.64 -83.30 -9.14
C THR L 107 4.73 -83.35 -7.92
N LEU L 108 4.80 -84.46 -7.19
CA LEU L 108 3.88 -84.70 -6.08
C LEU L 108 4.40 -84.10 -4.77
N ASP L 109 4.79 -82.83 -4.79
CA ASP L 109 5.19 -82.16 -3.56
C ASP L 109 4.28 -80.99 -3.20
N SER L 110 4.19 -79.97 -4.05
CA SER L 110 3.31 -78.85 -3.76
C SER L 110 2.64 -78.23 -4.97
N LYS L 111 2.84 -78.76 -6.19
CA LYS L 111 2.41 -78.06 -7.39
C LYS L 111 1.76 -78.98 -8.43
N THR L 112 1.09 -80.05 -8.01
CA THR L 112 0.41 -80.94 -8.92
C THR L 112 -0.92 -81.38 -8.32
N GLN L 113 -1.97 -81.32 -9.13
CA GLN L 113 -3.27 -81.80 -8.70
C GLN L 113 -3.26 -83.33 -8.57
N SER L 114 -4.11 -83.82 -7.66
CA SER L 114 -4.20 -85.26 -7.40
C SER L 114 -5.24 -85.90 -8.31
N LEU L 115 -5.03 -87.19 -8.56
CA LEU L 115 -5.92 -87.96 -9.44
C LEU L 115 -6.22 -89.32 -8.80
N LEU L 116 -6.68 -89.29 -7.55
CA LEU L 116 -7.01 -90.52 -6.84
C LEU L 116 -8.14 -91.27 -7.56
N ILE L 117 -7.90 -92.55 -7.85
CA ILE L 117 -8.91 -93.40 -8.47
C ILE L 117 -9.21 -94.56 -7.53
N VAL L 118 -9.10 -94.31 -6.22
CA VAL L 118 -9.33 -95.35 -5.22
C VAL L 118 -10.77 -95.84 -5.34
N ASN L 119 -10.95 -97.15 -5.13
CA ASN L 119 -12.24 -97.81 -5.31
C ASN L 119 -12.53 -98.73 -4.12
N ASN L 120 -12.50 -98.17 -2.92
CA ASN L 120 -12.80 -98.93 -1.72
C ASN L 120 -14.25 -99.38 -1.70
N ALA L 121 -14.63 -100.16 -0.68
CA ALA L 121 -15.97 -100.76 -0.65
C ALA L 121 -17.07 -99.70 -0.60
N THR L 122 -16.79 -98.53 -0.03
CA THR L 122 -17.80 -97.48 0.10
C THR L 122 -18.29 -97.00 -1.27
N ASN L 123 -17.41 -96.36 -2.03
CA ASN L 123 -17.73 -95.83 -3.36
C ASN L 123 -16.42 -95.40 -4.01
N VAL L 124 -16.52 -94.80 -5.20
CA VAL L 124 -15.33 -94.32 -5.88
C VAL L 124 -14.85 -93.03 -5.23
N VAL L 125 -13.53 -92.83 -5.24
CA VAL L 125 -12.92 -91.67 -4.58
C VAL L 125 -12.25 -90.79 -5.63
N ILE L 126 -12.81 -90.77 -6.84
CA ILE L 126 -12.28 -89.90 -7.90
C ILE L 126 -12.39 -88.46 -7.45
N LYS L 127 -11.24 -87.79 -7.36
CA LYS L 127 -11.21 -86.40 -6.89
C LYS L 127 -9.95 -85.73 -7.44
N VAL L 128 -10.13 -84.60 -8.11
CA VAL L 128 -9.00 -83.86 -8.66
C VAL L 128 -8.66 -82.64 -7.79
N CYS L 129 -9.06 -82.67 -6.52
CA CYS L 129 -8.83 -81.56 -5.61
C CYS L 129 -7.34 -81.26 -5.47
N GLU L 130 -6.97 -80.00 -5.71
CA GLU L 130 -5.60 -79.57 -5.55
C GLU L 130 -5.30 -79.35 -4.07
N PHE L 131 -4.31 -80.07 -3.55
CA PHE L 131 -3.96 -79.98 -2.14
C PHE L 131 -2.49 -80.36 -1.98
N GLN L 132 -2.05 -80.45 -0.73
CA GLN L 132 -0.68 -80.84 -0.41
C GLN L 132 -0.48 -82.30 -0.80
N PHE L 133 0.30 -82.52 -1.86
CA PHE L 133 0.51 -83.88 -2.37
C PHE L 133 1.51 -84.61 -1.49
N CYS L 134 1.09 -85.73 -0.91
CA CYS L 134 1.94 -86.51 -0.04
C CYS L 134 2.91 -87.37 -0.84
N ASN L 135 3.86 -87.97 -0.13
CA ASN L 135 4.88 -88.84 -0.72
C ASN L 135 4.86 -90.24 -0.13
N ASP L 136 3.84 -90.58 0.67
CA ASP L 136 3.76 -91.89 1.28
C ASP L 136 2.98 -92.83 0.38
N PRO L 137 3.60 -93.88 -0.17
CA PRO L 137 2.87 -94.80 -1.05
C PRO L 137 2.01 -95.80 -0.30
N PHE L 138 2.14 -95.91 1.00
CA PHE L 138 1.35 -96.86 1.79
C PHE L 138 0.07 -96.22 2.29
N LEU L 139 -0.99 -97.03 2.34
CA LEU L 139 -2.28 -96.57 2.83
C LEU L 139 -2.43 -96.84 4.33
N GLU L 151 -6.45 -97.01 6.64
CA GLU L 151 -7.45 -95.99 6.42
C GLU L 151 -6.92 -94.87 5.53
N PHE L 152 -7.57 -93.71 5.58
CA PHE L 152 -7.18 -92.56 4.76
C PHE L 152 -5.94 -91.91 5.36
N ARG L 153 -4.81 -92.64 5.24
CA ARG L 153 -3.55 -92.17 5.80
C ARG L 153 -2.82 -91.21 4.87
N VAL L 154 -3.06 -91.29 3.56
CA VAL L 154 -2.38 -90.40 2.63
C VAL L 154 -2.93 -88.98 2.70
N TYR L 155 -4.09 -88.79 3.33
CA TYR L 155 -4.66 -87.46 3.49
C TYR L 155 -3.81 -86.65 4.45
N SER L 156 -3.32 -85.50 3.98
CA SER L 156 -2.48 -84.62 4.79
C SER L 156 -3.16 -83.29 5.10
N SER L 157 -3.58 -82.56 4.07
CA SER L 157 -4.22 -81.26 4.28
C SER L 157 -5.04 -80.92 3.03
N ALA L 158 -6.35 -80.78 3.20
CA ALA L 158 -7.23 -80.50 2.07
C ALA L 158 -7.24 -79.01 1.78
N ASN L 159 -6.83 -78.64 0.56
CA ASN L 159 -6.85 -77.26 0.11
C ASN L 159 -8.05 -77.05 -0.81
N ASN L 160 -8.10 -75.87 -1.44
CA ASN L 160 -9.21 -75.56 -2.33
C ASN L 160 -9.24 -76.50 -3.52
N CYS L 161 -10.42 -77.03 -3.82
CA CYS L 161 -10.59 -77.99 -4.89
C CYS L 161 -10.96 -77.30 -6.19
N THR L 162 -11.09 -78.09 -7.26
CA THR L 162 -11.49 -77.56 -8.56
C THR L 162 -12.65 -78.36 -9.14
N PHE L 163 -12.70 -79.65 -8.83
CA PHE L 163 -13.73 -80.54 -9.36
C PHE L 163 -13.74 -81.83 -8.54
N GLU L 164 -14.90 -82.45 -8.46
CA GLU L 164 -15.06 -83.70 -7.73
C GLU L 164 -16.02 -84.60 -8.50
N TYR L 165 -15.99 -85.90 -8.16
CA TYR L 165 -16.84 -86.88 -8.82
C TYR L 165 -17.07 -88.03 -7.87
N VAL L 166 -18.28 -88.12 -7.32
CA VAL L 166 -18.66 -89.20 -6.41
C VAL L 166 -19.53 -90.16 -7.20
N SER L 167 -18.96 -91.30 -7.58
CA SER L 167 -19.65 -92.30 -8.39
C SER L 167 -20.07 -93.48 -7.52
N GLN L 168 -21.31 -93.93 -7.70
CA GLN L 168 -21.82 -95.09 -7.00
C GLN L 168 -21.36 -96.42 -7.63
N PRO L 169 -21.37 -96.56 -8.97
CA PRO L 169 -20.90 -97.82 -9.55
C PRO L 169 -19.39 -97.99 -9.44
N PHE L 170 -18.93 -98.47 -8.28
CA PHE L 170 -17.51 -98.68 -8.05
C PHE L 170 -16.90 -99.57 -9.13
N LEU L 171 -15.68 -99.23 -9.54
CA LEU L 171 -15.03 -99.95 -10.63
C LEU L 171 -14.58 -101.34 -10.19
N MET L 172 -14.04 -101.46 -8.99
CA MET L 172 -13.57 -102.74 -8.47
C MET L 172 -14.76 -103.63 -8.10
N GLN L 178 -15.42 -117.26 -5.93
CA GLN L 178 -15.14 -118.58 -6.49
C GLN L 178 -14.45 -119.46 -5.44
N GLY L 179 -13.32 -119.00 -4.92
CA GLY L 179 -12.65 -119.69 -3.84
C GLY L 179 -11.14 -119.79 -3.99
N ASN L 180 -10.64 -119.96 -5.22
CA ASN L 180 -9.21 -119.98 -5.44
C ASN L 180 -8.75 -119.18 -6.66
N PHE L 181 -9.65 -118.76 -7.54
CA PHE L 181 -9.27 -118.00 -8.72
C PHE L 181 -9.25 -116.51 -8.41
N LYS L 182 -8.24 -115.82 -8.91
CA LYS L 182 -8.08 -114.39 -8.69
C LYS L 182 -8.89 -113.62 -9.74
N ASN L 183 -8.68 -112.31 -9.81
CA ASN L 183 -9.38 -111.48 -10.79
C ASN L 183 -8.40 -110.48 -11.39
N LEU L 184 -8.54 -110.24 -12.69
CA LEU L 184 -7.68 -109.31 -13.40
C LEU L 184 -8.22 -107.89 -13.29
N ARG L 185 -7.32 -106.91 -13.34
CA ARG L 185 -7.64 -105.52 -13.08
C ARG L 185 -7.17 -104.64 -14.24
N GLU L 186 -7.52 -105.03 -15.47
CA GLU L 186 -7.18 -104.25 -16.64
C GLU L 186 -7.77 -102.85 -16.56
N PHE L 187 -6.92 -101.84 -16.41
CA PHE L 187 -7.35 -100.46 -16.24
C PHE L 187 -6.49 -99.54 -17.11
N VAL L 188 -6.36 -99.89 -18.39
CA VAL L 188 -5.61 -99.06 -19.33
C VAL L 188 -6.18 -97.65 -19.34
N PHE L 189 -5.34 -96.68 -18.97
CA PHE L 189 -5.74 -95.28 -18.90
C PHE L 189 -5.03 -94.48 -19.99
N LYS L 190 -5.65 -93.36 -20.36
CA LYS L 190 -5.08 -92.46 -21.35
C LYS L 190 -5.68 -91.08 -21.16
N ASN L 191 -4.91 -90.06 -21.55
CA ASN L 191 -5.32 -88.67 -21.44
C ASN L 191 -5.22 -88.01 -22.80
N ILE L 192 -6.31 -87.37 -23.23
CA ILE L 192 -6.37 -86.71 -24.52
C ILE L 192 -6.57 -85.21 -24.27
N ASP L 193 -6.61 -84.42 -25.35
CA ASP L 193 -6.82 -82.99 -25.22
C ASP L 193 -8.19 -82.64 -24.65
N GLY L 194 -9.13 -83.59 -24.68
CA GLY L 194 -10.46 -83.35 -24.15
C GLY L 194 -10.69 -83.96 -22.79
N TYR L 195 -11.38 -85.10 -22.75
CA TYR L 195 -11.70 -85.77 -21.50
C TYR L 195 -10.61 -86.80 -21.17
N PHE L 196 -10.86 -87.63 -20.16
CA PHE L 196 -9.92 -88.67 -19.74
C PHE L 196 -10.61 -90.02 -19.90
N LYS L 197 -10.13 -90.82 -20.84
CA LYS L 197 -10.74 -92.11 -21.12
C LYS L 197 -10.26 -93.15 -20.11
N ILE L 198 -11.18 -93.94 -19.58
CA ILE L 198 -10.89 -94.99 -18.63
C ILE L 198 -11.57 -96.26 -19.09
N TYR L 199 -10.79 -97.32 -19.29
CA TYR L 199 -11.30 -98.61 -19.76
C TYR L 199 -11.07 -99.68 -18.71
N SER L 200 -12.01 -100.62 -18.65
CA SER L 200 -11.93 -101.72 -17.70
C SER L 200 -12.83 -102.85 -18.16
N LYS L 201 -12.44 -104.08 -17.86
CA LYS L 201 -13.20 -105.26 -18.25
C LYS L 201 -12.71 -106.45 -17.46
N HIS L 202 -13.66 -107.26 -16.96
CA HIS L 202 -13.33 -108.46 -16.20
C HIS L 202 -13.24 -109.65 -17.15
N THR L 203 -12.18 -110.44 -17.01
CA THR L 203 -11.91 -111.56 -17.89
C THR L 203 -11.46 -112.75 -17.04
N PRO L 204 -11.80 -113.98 -17.47
CA PRO L 204 -11.37 -115.16 -16.71
C PRO L 204 -9.87 -115.29 -16.68
N ILE L 205 -9.32 -115.32 -15.46
CA ILE L 205 -7.88 -115.36 -15.24
C ILE L 205 -7.55 -116.61 -14.41
N ILE L 206 -8.23 -117.72 -14.72
CA ILE L 206 -8.06 -119.00 -14.04
C ILE L 206 -6.58 -119.35 -13.94
N VAL L 207 -6.24 -120.10 -12.88
CA VAL L 207 -4.84 -120.38 -12.57
C VAL L 207 -4.13 -120.95 -13.80
N ARG L 208 -2.87 -120.56 -13.96
CA ARG L 208 -2.08 -120.92 -15.13
C ARG L 208 -0.61 -121.00 -14.71
N GLU L 209 0.28 -120.99 -15.70
CA GLU L 209 1.72 -120.99 -15.50
C GLU L 209 2.15 -119.80 -14.63
N PRO L 210 3.40 -119.79 -14.11
CA PRO L 210 3.85 -118.66 -13.27
C PRO L 210 3.51 -117.28 -13.80
N GLU L 211 3.45 -116.31 -12.89
CA GLU L 211 2.88 -114.99 -13.17
C GLU L 211 3.44 -114.38 -14.45
N ASP L 212 2.55 -114.13 -15.41
CA ASP L 212 2.89 -113.51 -16.67
C ASP L 212 1.59 -113.08 -17.35
N LEU L 213 1.73 -112.28 -18.39
CA LEU L 213 0.56 -111.83 -19.14
C LEU L 213 -0.03 -113.02 -19.91
N PRO L 214 -1.28 -113.41 -19.65
CA PRO L 214 -1.84 -114.58 -20.32
C PRO L 214 -2.07 -114.33 -21.80
N GLN L 215 -2.09 -115.43 -22.56
CA GLN L 215 -2.31 -115.38 -24.00
C GLN L 215 -3.80 -115.50 -24.27
N GLY L 216 -4.45 -114.37 -24.54
CA GLY L 216 -5.87 -114.34 -24.80
C GLY L 216 -6.40 -112.95 -25.06
N PHE L 217 -7.23 -112.80 -26.08
CA PHE L 217 -7.76 -111.49 -26.44
C PHE L 217 -8.91 -111.11 -25.53
N SER L 218 -8.93 -109.84 -25.13
CA SER L 218 -9.99 -109.34 -24.25
C SER L 218 -10.12 -107.84 -24.46
N ALA L 219 -11.26 -107.41 -25.00
CA ALA L 219 -11.49 -106.00 -25.26
C ALA L 219 -11.78 -105.25 -23.96
N LEU L 220 -11.61 -103.93 -24.02
CA LEU L 220 -11.82 -103.06 -22.87
C LEU L 220 -12.81 -101.97 -23.25
N GLU L 221 -13.91 -101.86 -22.49
CA GLU L 221 -14.92 -100.86 -22.79
C GLU L 221 -14.78 -99.66 -21.85
N PRO L 222 -15.09 -98.45 -22.33
CA PRO L 222 -15.00 -97.27 -21.47
C PRO L 222 -16.13 -97.21 -20.46
N LEU L 223 -15.80 -96.76 -19.25
CA LEU L 223 -16.76 -96.64 -18.17
C LEU L 223 -17.08 -95.20 -17.81
N VAL L 224 -16.07 -94.38 -17.57
CA VAL L 224 -16.26 -92.98 -17.21
C VAL L 224 -15.49 -92.10 -18.18
N ASP L 225 -15.96 -90.86 -18.32
CA ASP L 225 -15.39 -89.88 -19.25
C ASP L 225 -15.22 -88.53 -18.54
N LEU L 226 -14.64 -88.57 -17.34
CA LEU L 226 -14.50 -87.35 -16.55
C LEU L 226 -13.53 -86.39 -17.24
N PRO L 227 -13.81 -85.08 -17.20
CA PRO L 227 -12.89 -84.12 -17.82
C PRO L 227 -11.62 -83.96 -17.01
N ILE L 228 -10.56 -83.49 -17.69
CA ILE L 228 -9.28 -83.25 -17.05
C ILE L 228 -8.49 -82.28 -17.93
N GLY L 229 -7.63 -81.49 -17.31
CA GLY L 229 -6.81 -80.53 -18.04
C GLY L 229 -5.42 -80.37 -17.48
N ILE L 230 -4.98 -81.33 -16.68
CA ILE L 230 -3.67 -81.25 -16.05
C ILE L 230 -2.59 -81.74 -17.02
N ASN L 231 -1.37 -81.25 -16.81
CA ASN L 231 -0.21 -81.66 -17.60
C ASN L 231 0.42 -82.87 -16.90
N ILE L 232 -0.11 -84.04 -17.21
CA ILE L 232 0.31 -85.28 -16.57
C ILE L 232 1.46 -85.89 -17.35
N THR L 233 2.58 -86.14 -16.65
CA THR L 233 3.75 -86.74 -17.28
C THR L 233 4.37 -87.85 -16.45
N ARG L 234 3.87 -88.14 -15.25
CA ARG L 234 4.43 -89.16 -14.38
C ARG L 234 3.30 -89.88 -13.66
N PHE L 235 3.64 -91.00 -13.03
CA PHE L 235 2.66 -91.82 -12.33
C PHE L 235 3.33 -92.54 -11.16
N GLN L 236 2.61 -92.64 -10.04
CA GLN L 236 3.08 -93.34 -8.85
C GLN L 236 1.98 -94.25 -8.34
N THR L 237 2.33 -95.51 -8.10
CA THR L 237 1.37 -96.49 -7.61
C THR L 237 1.30 -96.44 -6.08
N LEU L 238 0.34 -97.18 -5.52
CA LEU L 238 0.14 -97.22 -4.09
C LEU L 238 -0.65 -98.47 -3.73
N LEU L 239 -0.28 -99.10 -2.61
CA LEU L 239 -0.94 -100.29 -2.12
C LEU L 239 -1.46 -100.04 -0.70
N ALA L 240 -2.25 -100.98 -0.20
CA ALA L 240 -2.81 -100.87 1.14
C ALA L 240 -1.75 -101.17 2.19
N ALA L 259 1.82 -111.95 -3.84
CA ALA L 259 1.42 -112.40 -5.16
C ALA L 259 1.01 -111.21 -6.04
N ALA L 260 1.92 -110.26 -6.19
CA ALA L 260 1.66 -109.06 -6.99
C ALA L 260 2.13 -109.27 -8.43
N ALA L 261 1.40 -108.67 -9.35
CA ALA L 261 1.68 -108.76 -10.79
C ALA L 261 1.62 -107.39 -11.44
N TYR L 262 2.33 -106.43 -10.83
CA TYR L 262 2.39 -105.06 -11.33
C TYR L 262 2.85 -105.03 -12.78
N TYR L 263 1.96 -104.60 -13.67
CA TYR L 263 2.23 -104.53 -15.10
C TYR L 263 2.06 -103.10 -15.57
N VAL L 264 3.05 -102.59 -16.31
CA VAL L 264 2.99 -101.25 -16.90
C VAL L 264 3.55 -101.32 -18.30
N GLY L 265 2.75 -100.94 -19.30
CA GLY L 265 3.18 -100.93 -20.67
C GLY L 265 2.80 -99.65 -21.38
N TYR L 266 3.79 -98.93 -21.89
CA TYR L 266 3.54 -97.66 -22.55
C TYR L 266 2.90 -97.88 -23.93
N LEU L 267 1.94 -97.03 -24.27
CA LEU L 267 1.25 -97.13 -25.54
C LEU L 267 2.08 -96.46 -26.64
N GLN L 268 1.60 -96.56 -27.88
CA GLN L 268 2.28 -96.00 -29.04
C GLN L 268 1.27 -95.76 -30.14
N PRO L 269 1.28 -94.60 -30.79
CA PRO L 269 0.30 -94.35 -31.86
C PRO L 269 0.52 -95.20 -33.10
N ARG L 270 -0.34 -96.19 -33.31
CA ARG L 270 -0.26 -97.07 -34.46
C ARG L 270 -1.66 -97.34 -34.97
N THR L 271 -1.74 -97.99 -36.13
CA THR L 271 -3.01 -98.33 -36.77
C THR L 271 -3.32 -99.79 -36.47
N PHE L 272 -4.54 -100.07 -36.02
CA PHE L 272 -4.97 -101.42 -35.71
C PHE L 272 -6.26 -101.75 -36.45
N LEU L 273 -6.28 -102.92 -37.09
CA LEU L 273 -7.44 -103.41 -37.82
C LEU L 273 -8.27 -104.27 -36.87
N LEU L 274 -9.45 -103.77 -36.51
CA LEU L 274 -10.32 -104.42 -35.54
C LEU L 274 -11.52 -105.05 -36.25
N LYS L 275 -11.78 -106.32 -35.98
CA LYS L 275 -12.92 -107.02 -36.52
C LYS L 275 -14.01 -107.13 -35.47
N TYR L 276 -15.25 -106.93 -35.90
CA TYR L 276 -16.41 -107.00 -35.01
C TYR L 276 -17.19 -108.28 -35.27
N ASN L 277 -17.80 -108.80 -34.21
CA ASN L 277 -18.61 -110.00 -34.28
C ASN L 277 -20.08 -109.62 -34.49
N GLU L 278 -20.92 -110.64 -34.68
CA GLU L 278 -22.34 -110.41 -34.88
C GLU L 278 -23.02 -109.85 -33.64
N ASN L 279 -22.42 -110.01 -32.46
CA ASN L 279 -22.94 -109.45 -31.23
C ASN L 279 -22.34 -108.09 -30.91
N GLY L 280 -21.52 -107.54 -31.80
CA GLY L 280 -20.90 -106.24 -31.57
C GLY L 280 -19.76 -106.28 -30.58
N THR L 281 -18.74 -107.07 -30.87
CA THR L 281 -17.58 -107.18 -29.99
C THR L 281 -16.35 -107.50 -30.83
N ILE L 282 -15.20 -107.12 -30.30
CA ILE L 282 -13.92 -107.32 -30.99
C ILE L 282 -13.34 -108.66 -30.57
N THR L 283 -12.92 -109.46 -31.56
CA THR L 283 -12.37 -110.78 -31.32
C THR L 283 -10.87 -110.86 -31.54
N ASP L 284 -10.34 -110.13 -32.52
CA ASP L 284 -8.92 -110.15 -32.82
C ASP L 284 -8.48 -108.75 -33.26
N ALA L 285 -7.20 -108.62 -33.59
CA ALA L 285 -6.65 -107.33 -33.99
C ALA L 285 -5.39 -107.56 -34.82
N VAL L 286 -5.03 -106.55 -35.60
CA VAL L 286 -3.84 -106.57 -36.44
C VAL L 286 -2.98 -105.37 -36.08
N ASP L 287 -1.68 -105.62 -35.88
CA ASP L 287 -0.78 -104.53 -35.47
C ASP L 287 -0.48 -103.58 -36.62
N CYS L 288 -0.50 -104.09 -37.85
CA CYS L 288 -0.26 -103.36 -39.09
C CYS L 288 1.20 -102.93 -39.23
N ALA L 289 2.05 -103.14 -38.23
CA ALA L 289 3.45 -102.77 -38.31
C ALA L 289 4.41 -103.80 -37.74
N LEU L 290 3.94 -104.81 -37.01
CA LEU L 290 4.84 -105.74 -36.34
C LEU L 290 5.54 -106.65 -37.34
N ASP L 291 4.79 -107.45 -38.08
CA ASP L 291 5.31 -108.39 -39.04
C ASP L 291 4.79 -108.09 -40.43
N PRO L 292 5.50 -108.52 -41.48
CA PRO L 292 5.03 -108.28 -42.84
C PRO L 292 3.65 -108.87 -43.12
N LEU L 293 3.26 -109.94 -42.43
CA LEU L 293 1.93 -110.50 -42.60
C LEU L 293 0.87 -109.53 -42.10
N SER L 294 1.14 -108.85 -40.99
CA SER L 294 0.20 -107.84 -40.49
C SER L 294 0.08 -106.68 -41.46
N GLU L 295 1.20 -106.27 -42.07
CA GLU L 295 1.15 -105.20 -43.06
C GLU L 295 0.40 -105.63 -44.32
N THR L 296 0.52 -106.90 -44.70
CA THR L 296 -0.21 -107.40 -45.86
C THR L 296 -1.71 -107.45 -45.58
N LYS L 297 -2.09 -107.97 -44.41
CA LYS L 297 -3.50 -107.96 -44.03
C LYS L 297 -4.03 -106.56 -43.77
N CYS L 298 -3.14 -105.60 -43.53
CA CYS L 298 -3.57 -104.24 -43.22
C CYS L 298 -3.97 -103.47 -44.46
N THR L 299 -3.15 -103.54 -45.52
CA THR L 299 -3.43 -102.86 -46.77
C THR L 299 -4.40 -103.61 -47.65
N LEU L 300 -4.90 -104.76 -47.20
CA LEU L 300 -5.86 -105.55 -47.96
C LEU L 300 -7.27 -105.49 -47.38
N LYS L 301 -7.45 -104.95 -46.18
CA LYS L 301 -8.76 -104.85 -45.52
C LYS L 301 -9.38 -106.24 -45.36
N SER L 302 -8.60 -107.17 -44.83
CA SER L 302 -9.05 -108.54 -44.60
C SER L 302 -8.16 -109.18 -43.57
N PHE L 303 -8.69 -110.21 -42.89
CA PHE L 303 -7.96 -110.96 -41.89
C PHE L 303 -7.46 -112.30 -42.41
N THR L 304 -7.74 -112.63 -43.67
CA THR L 304 -7.27 -113.89 -44.28
C THR L 304 -6.79 -113.55 -45.69
N VAL L 305 -5.48 -113.34 -45.83
CA VAL L 305 -4.90 -113.02 -47.12
C VAL L 305 -4.73 -114.29 -47.93
N GLU L 306 -5.11 -114.24 -49.20
CA GLU L 306 -5.03 -115.39 -50.09
C GLU L 306 -3.58 -115.63 -50.51
N LYS L 307 -3.35 -116.74 -51.21
CA LYS L 307 -2.01 -117.06 -51.67
C LYS L 307 -1.65 -116.22 -52.88
N GLY L 308 -0.42 -115.71 -52.88
CA GLY L 308 0.08 -114.90 -53.96
C GLY L 308 0.98 -113.80 -53.43
N ILE L 309 1.28 -112.84 -54.29
CA ILE L 309 2.14 -111.71 -53.96
C ILE L 309 1.28 -110.46 -53.88
N TYR L 310 1.48 -109.67 -52.82
CA TYR L 310 0.72 -108.45 -52.60
C TYR L 310 1.67 -107.31 -52.27
N GLN L 311 1.37 -106.13 -52.80
CA GLN L 311 2.23 -104.97 -52.59
C GLN L 311 2.03 -104.39 -51.20
N THR L 312 3.02 -103.64 -50.74
CA THR L 312 2.99 -103.01 -49.43
C THR L 312 3.55 -101.59 -49.58
N SER L 313 3.88 -100.96 -48.45
CA SER L 313 4.41 -99.60 -48.47
C SER L 313 5.78 -99.57 -49.15
N ASN L 314 6.18 -98.36 -49.54
CA ASN L 314 7.44 -98.14 -50.23
C ASN L 314 8.51 -97.73 -49.21
N PHE L 315 9.60 -98.49 -49.17
CA PHE L 315 10.69 -98.21 -48.27
C PHE L 315 11.69 -97.25 -48.91
N ARG L 316 12.36 -96.46 -48.06
CA ARG L 316 13.34 -95.50 -48.55
C ARG L 316 14.32 -95.21 -47.43
N VAL L 317 15.61 -95.47 -47.67
CA VAL L 317 16.63 -95.20 -46.67
C VAL L 317 16.82 -93.70 -46.51
N GLN L 318 16.88 -93.24 -45.25
CA GLN L 318 17.06 -91.82 -45.01
C GLN L 318 18.55 -91.50 -44.83
N PRO L 319 18.99 -90.32 -45.28
CA PRO L 319 20.39 -89.94 -45.10
C PRO L 319 20.73 -89.74 -43.63
N THR L 320 22.03 -89.64 -43.38
CA THR L 320 22.55 -89.46 -42.03
C THR L 320 23.11 -88.06 -41.80
N GLU L 321 24.04 -87.61 -42.63
CA GLU L 321 24.62 -86.29 -42.54
C GLU L 321 24.29 -85.49 -43.80
N SER L 322 24.67 -84.22 -43.79
CA SER L 322 24.42 -83.31 -44.91
C SER L 322 25.72 -82.61 -45.26
N ILE L 323 26.21 -82.84 -46.47
CA ILE L 323 27.45 -82.24 -46.95
C ILE L 323 27.11 -80.94 -47.67
N VAL L 324 27.68 -79.83 -47.21
CA VAL L 324 27.46 -78.51 -47.80
C VAL L 324 28.82 -78.00 -48.25
N ARG L 325 29.13 -78.17 -49.54
CA ARG L 325 30.38 -77.74 -50.11
C ARG L 325 30.15 -76.47 -50.94
N PHE L 326 30.75 -75.38 -50.50
CA PHE L 326 30.68 -74.08 -51.16
C PHE L 326 31.96 -73.81 -51.93
N PRO L 327 31.94 -72.89 -52.90
CA PRO L 327 33.14 -72.61 -53.69
C PRO L 327 34.30 -72.15 -52.82
N ASN L 328 35.50 -72.27 -53.38
CA ASN L 328 36.72 -71.94 -52.65
C ASN L 328 36.75 -70.45 -52.31
N ILE L 329 37.60 -70.12 -51.32
CA ILE L 329 37.73 -68.74 -50.85
C ILE L 329 38.31 -67.91 -51.99
N THR L 330 37.57 -66.87 -52.40
CA THR L 330 38.00 -65.98 -53.47
C THR L 330 39.02 -64.98 -52.92
N ASN L 331 39.32 -63.96 -53.71
CA ASN L 331 40.27 -62.92 -53.29
C ASN L 331 39.76 -62.22 -52.04
N LEU L 332 40.64 -62.11 -51.04
CA LEU L 332 40.26 -61.52 -49.77
C LEU L 332 40.16 -59.99 -49.91
N CYS L 333 39.74 -59.36 -48.83
CA CYS L 333 39.60 -57.91 -48.75
C CYS L 333 40.92 -57.26 -48.30
N PRO L 334 41.17 -56.01 -48.69
CA PRO L 334 42.42 -55.35 -48.30
C PRO L 334 42.39 -54.81 -46.88
N PHE L 335 41.42 -55.26 -46.09
CA PHE L 335 41.33 -54.81 -44.70
C PHE L 335 42.57 -55.20 -43.90
N ASP L 336 43.25 -56.26 -44.30
CA ASP L 336 44.48 -56.64 -43.62
C ASP L 336 45.56 -55.57 -43.77
N GLU L 337 45.60 -54.90 -44.93
CA GLU L 337 46.55 -53.82 -45.15
C GLU L 337 46.01 -52.47 -44.69
N VAL L 338 44.69 -52.28 -44.66
CA VAL L 338 44.11 -51.02 -44.23
C VAL L 338 44.19 -50.84 -42.72
N PHE L 339 43.88 -51.89 -41.97
CA PHE L 339 43.90 -51.84 -40.51
C PHE L 339 45.32 -51.98 -39.93
N ASN L 340 46.36 -51.87 -40.76
CA ASN L 340 47.74 -51.98 -40.29
C ASN L 340 48.58 -51.01 -41.11
N ALA L 341 48.89 -49.85 -40.53
CA ALA L 341 49.69 -48.83 -41.18
C ALA L 341 50.22 -47.89 -40.11
N THR L 342 50.86 -46.80 -40.54
CA THR L 342 51.39 -45.78 -39.66
C THR L 342 50.61 -44.48 -39.72
N ARG L 343 50.44 -43.91 -40.91
CA ARG L 343 49.64 -42.71 -41.14
C ARG L 343 48.35 -43.16 -41.82
N PHE L 344 47.24 -43.07 -41.09
CA PHE L 344 45.97 -43.60 -41.60
C PHE L 344 45.18 -42.54 -42.37
N ALA L 345 44.80 -41.45 -41.70
CA ALA L 345 43.99 -40.40 -42.31
C ALA L 345 43.82 -39.22 -41.36
N SER L 346 43.10 -38.20 -41.82
CA SER L 346 42.74 -37.05 -41.00
C SER L 346 41.23 -36.83 -41.07
N VAL L 347 40.74 -35.88 -40.27
CA VAL L 347 39.31 -35.66 -40.21
C VAL L 347 38.84 -34.79 -41.37
N TYR L 348 39.70 -33.93 -41.91
CA TYR L 348 39.34 -33.09 -43.04
C TYR L 348 39.61 -33.75 -44.38
N ALA L 349 40.46 -34.77 -44.42
CA ALA L 349 40.75 -35.52 -45.64
C ALA L 349 40.78 -37.01 -45.25
N TRP L 350 39.62 -37.65 -45.33
CA TRP L 350 39.46 -39.05 -44.96
C TRP L 350 39.28 -39.90 -46.22
N ASN L 351 39.82 -41.11 -46.18
CA ASN L 351 39.75 -42.01 -47.32
C ASN L 351 38.32 -42.45 -47.58
N ARG L 352 38.04 -42.75 -48.85
CA ARG L 352 36.74 -43.22 -49.30
C ARG L 352 36.90 -44.44 -50.19
N LYS L 353 37.71 -45.39 -49.72
CA LYS L 353 37.99 -46.59 -50.49
C LYS L 353 36.73 -47.42 -50.69
N ARG L 354 36.32 -47.57 -51.94
CA ARG L 354 35.15 -48.39 -52.30
C ARG L 354 35.62 -49.82 -52.50
N ILE L 355 35.37 -50.67 -51.51
CA ILE L 355 35.85 -52.04 -51.50
C ILE L 355 34.70 -52.98 -51.87
N SER L 356 34.97 -53.92 -52.77
CA SER L 356 33.96 -54.88 -53.19
C SER L 356 34.69 -56.11 -53.73
N ASN L 357 33.91 -57.14 -54.08
CA ASN L 357 34.42 -58.38 -54.65
C ASN L 357 35.44 -59.04 -53.71
N CYS L 358 34.95 -59.40 -52.53
CA CYS L 358 35.77 -60.08 -51.54
C CYS L 358 34.85 -60.85 -50.60
N VAL L 359 35.45 -61.75 -49.82
CA VAL L 359 34.73 -62.52 -48.82
C VAL L 359 34.99 -61.82 -47.49
N ALA L 360 34.10 -60.90 -47.14
CA ALA L 360 34.24 -60.11 -45.93
C ALA L 360 33.93 -60.98 -44.72
N ASP L 361 34.98 -61.48 -44.06
CA ASP L 361 34.83 -62.31 -42.86
C ASP L 361 35.02 -61.39 -41.65
N TYR L 362 33.90 -60.93 -41.10
CA TYR L 362 33.95 -60.01 -39.96
C TYR L 362 34.45 -60.69 -38.70
N SER L 363 34.44 -62.02 -38.65
CA SER L 363 34.97 -62.71 -37.47
C SER L 363 36.47 -62.56 -37.35
N VAL L 364 37.17 -62.35 -38.47
CA VAL L 364 38.62 -62.17 -38.42
C VAL L 364 38.98 -60.82 -37.78
N LEU L 365 38.11 -59.81 -37.94
CA LEU L 365 38.38 -58.50 -37.38
C LEU L 365 38.43 -58.50 -35.86
N TYR L 366 37.90 -59.53 -35.21
CA TYR L 366 37.94 -59.65 -33.76
C TYR L 366 39.29 -60.12 -33.25
N ASN L 367 40.24 -60.41 -34.12
CA ASN L 367 41.55 -60.89 -33.69
C ASN L 367 42.70 -60.25 -34.46
N LEU L 368 42.44 -59.27 -35.33
CA LEU L 368 43.52 -58.62 -36.06
C LEU L 368 44.31 -57.69 -35.15
N ALA L 369 43.65 -56.70 -34.56
CA ALA L 369 44.28 -55.74 -33.67
C ALA L 369 43.45 -55.60 -32.40
N PRO L 370 44.08 -55.25 -31.28
CA PRO L 370 43.32 -55.08 -30.03
C PRO L 370 42.41 -53.87 -30.07
N PHE L 371 41.29 -53.99 -30.77
CA PHE L 371 40.33 -52.89 -30.87
C PHE L 371 39.72 -52.58 -29.51
N PHE L 372 39.28 -51.33 -29.36
CA PHE L 372 38.64 -50.88 -28.13
C PHE L 372 37.18 -50.49 -28.33
N THR L 373 36.64 -50.63 -29.54
CA THR L 373 35.25 -50.28 -29.81
C THR L 373 34.77 -51.11 -31.00
N PHE L 374 33.70 -51.88 -30.82
CA PHE L 374 33.16 -52.72 -31.87
C PHE L 374 31.64 -52.62 -31.87
N LYS L 375 31.12 -51.39 -31.77
CA LYS L 375 29.68 -51.16 -31.77
C LYS L 375 29.18 -51.06 -33.21
N CYS L 376 28.09 -51.75 -33.50
CA CYS L 376 27.45 -51.72 -34.81
C CYS L 376 25.98 -51.33 -34.64
N TYR L 377 25.56 -50.29 -35.36
CA TYR L 377 24.22 -49.75 -35.20
C TYR L 377 23.18 -50.48 -36.03
N GLY L 378 23.53 -50.92 -37.22
CA GLY L 378 22.57 -51.51 -38.14
C GLY L 378 22.08 -52.89 -37.74
N VAL L 379 22.98 -53.87 -37.78
CA VAL L 379 22.64 -55.26 -37.51
C VAL L 379 23.65 -55.84 -36.53
N SER L 380 23.50 -57.12 -36.23
CA SER L 380 24.36 -57.90 -35.33
C SER L 380 25.48 -58.55 -36.12
N PRO L 381 26.68 -58.64 -35.55
CA PRO L 381 27.79 -59.28 -36.28
C PRO L 381 27.58 -60.76 -36.54
N THR L 382 26.74 -61.43 -35.77
CA THR L 382 26.47 -62.85 -36.02
C THR L 382 25.70 -63.04 -37.31
N LYS L 383 24.69 -62.19 -37.56
CA LYS L 383 23.91 -62.25 -38.79
C LYS L 383 24.53 -61.44 -39.93
N LEU L 384 25.56 -60.66 -39.65
CA LEU L 384 26.19 -59.85 -40.71
C LEU L 384 26.96 -60.72 -41.69
N ASN L 385 27.47 -61.87 -41.24
CA ASN L 385 28.22 -62.77 -42.11
C ASN L 385 27.34 -63.54 -43.09
N ASP L 386 26.02 -63.36 -43.04
CA ASP L 386 25.10 -64.05 -43.94
C ASP L 386 24.25 -63.08 -44.75
N LEU L 387 24.71 -61.84 -44.92
CA LEU L 387 23.98 -60.82 -45.68
C LEU L 387 24.90 -60.28 -46.76
N CYS L 388 24.41 -60.28 -48.00
CA CYS L 388 25.18 -59.78 -49.12
C CYS L 388 25.10 -58.26 -49.19
N PHE L 389 26.14 -57.65 -49.76
CA PHE L 389 26.20 -56.20 -49.92
C PHE L 389 26.84 -55.88 -51.27
N THR L 390 26.58 -54.67 -51.74
CA THR L 390 27.12 -54.24 -53.03
C THR L 390 28.54 -53.72 -52.88
N ASN L 391 28.75 -52.71 -52.03
CA ASN L 391 30.06 -52.13 -51.82
C ASN L 391 30.09 -51.46 -50.45
N VAL L 392 31.22 -51.59 -49.76
CA VAL L 392 31.41 -51.02 -48.44
C VAL L 392 32.31 -49.79 -48.57
N TYR L 393 31.91 -48.70 -47.92
CA TYR L 393 32.66 -47.45 -47.93
C TYR L 393 33.48 -47.37 -46.65
N ALA L 394 34.79 -47.52 -46.77
CA ALA L 394 35.70 -47.45 -45.63
C ALA L 394 36.15 -46.02 -45.43
N ASP L 395 35.78 -45.42 -44.30
CA ASP L 395 36.15 -44.05 -43.96
C ASP L 395 36.87 -44.05 -42.63
N SER L 396 38.14 -43.66 -42.63
CA SER L 396 38.97 -43.66 -41.44
C SER L 396 39.39 -42.23 -41.08
N PHE L 397 39.60 -41.99 -39.79
CA PHE L 397 40.06 -40.70 -39.31
C PHE L 397 40.63 -40.90 -37.91
N VAL L 398 41.28 -39.86 -37.39
CA VAL L 398 41.94 -39.89 -36.09
C VAL L 398 41.37 -38.76 -35.24
N ILE L 399 40.81 -39.10 -34.08
CA ILE L 399 40.28 -38.15 -33.14
C ILE L 399 40.78 -38.49 -31.75
N ARG L 400 40.42 -37.65 -30.78
CA ARG L 400 40.81 -37.87 -29.39
C ARG L 400 39.91 -38.91 -28.75
N GLY L 401 40.22 -39.25 -27.50
CA GLY L 401 39.42 -40.22 -26.78
C GLY L 401 38.06 -39.68 -26.36
N ASP L 402 37.99 -38.39 -26.03
CA ASP L 402 36.74 -37.76 -25.63
C ASP L 402 35.85 -37.42 -26.81
N GLU L 403 36.31 -37.65 -28.04
CA GLU L 403 35.53 -37.37 -29.23
C GLU L 403 34.97 -38.61 -29.89
N VAL L 404 35.27 -39.81 -29.37
CA VAL L 404 34.72 -41.03 -29.94
C VAL L 404 33.22 -41.10 -29.73
N ARG L 405 32.73 -40.53 -28.64
CA ARG L 405 31.29 -40.53 -28.37
C ARG L 405 30.52 -39.63 -29.34
N GLN L 406 31.20 -38.66 -29.98
CA GLN L 406 30.53 -37.78 -30.91
C GLN L 406 30.21 -38.46 -32.23
N ILE L 407 30.85 -39.59 -32.53
CA ILE L 407 30.60 -40.33 -33.77
C ILE L 407 29.35 -41.17 -33.52
N ALA L 408 28.20 -40.62 -33.88
CA ALA L 408 26.91 -41.27 -33.65
C ALA L 408 25.99 -40.89 -34.79
N PRO L 409 24.98 -41.72 -35.08
CA PRO L 409 24.03 -41.36 -36.15
C PRO L 409 23.13 -40.20 -35.76
N GLY L 410 23.69 -39.00 -35.77
CA GLY L 410 22.95 -37.80 -35.41
C GLY L 410 23.36 -37.26 -34.05
N GLN L 411 24.21 -36.24 -34.05
CA GLN L 411 24.73 -35.63 -32.83
C GLN L 411 25.49 -34.37 -33.20
N THR L 412 25.49 -33.41 -32.29
CA THR L 412 26.19 -32.14 -32.48
C THR L 412 27.52 -32.16 -31.72
N GLY L 413 28.41 -31.27 -32.14
CA GLY L 413 29.71 -31.17 -31.50
C GLY L 413 30.70 -30.48 -32.40
N ASN L 414 31.91 -30.31 -31.87
CA ASN L 414 32.98 -29.67 -32.63
C ASN L 414 33.47 -30.52 -33.78
N ILE L 415 33.27 -31.83 -33.73
CA ILE L 415 33.71 -32.73 -34.80
C ILE L 415 32.55 -33.45 -35.46
N ALA L 416 31.42 -33.65 -34.76
CA ALA L 416 30.33 -34.44 -35.32
C ALA L 416 29.63 -33.71 -36.47
N ASP L 417 29.67 -32.38 -36.49
CA ASP L 417 29.01 -31.61 -37.54
C ASP L 417 29.96 -30.70 -38.29
N TYR L 418 31.27 -30.80 -38.05
CA TYR L 418 32.26 -29.99 -38.74
C TYR L 418 33.25 -30.78 -39.57
N ASN L 419 33.43 -32.06 -39.30
CA ASN L 419 34.39 -32.87 -40.05
C ASN L 419 33.78 -34.12 -40.64
N TYR L 420 32.85 -34.76 -39.93
CA TYR L 420 32.23 -35.99 -40.43
C TYR L 420 30.91 -36.20 -39.68
N LYS L 421 29.81 -36.28 -40.43
CA LYS L 421 28.48 -36.45 -39.87
C LYS L 421 27.84 -37.71 -40.42
N LEU L 422 27.11 -38.43 -39.56
CA LEU L 422 26.42 -39.65 -39.95
C LEU L 422 24.93 -39.47 -39.78
N PRO L 423 24.13 -39.66 -40.85
CA PRO L 423 22.67 -39.55 -40.71
C PRO L 423 22.08 -40.70 -39.90
N ASP L 424 20.76 -40.73 -39.77
CA ASP L 424 20.09 -41.79 -39.02
C ASP L 424 19.75 -42.98 -39.92
N ASP L 425 20.77 -43.47 -40.65
CA ASP L 425 20.60 -44.66 -41.47
C ASP L 425 21.87 -45.51 -41.54
N PHE L 426 22.86 -45.23 -40.69
CA PHE L 426 24.14 -45.93 -40.77
C PHE L 426 23.98 -47.37 -40.31
N THR L 427 24.18 -48.31 -41.22
CA THR L 427 24.03 -49.74 -40.94
C THR L 427 25.36 -50.45 -40.73
N GLY L 428 26.46 -49.71 -40.61
CA GLY L 428 27.77 -50.28 -40.41
C GLY L 428 28.16 -50.36 -38.95
N CYS L 429 29.44 -50.13 -38.68
CA CYS L 429 29.98 -50.17 -37.33
C CYS L 429 30.84 -48.94 -37.10
N VAL L 430 31.28 -48.77 -35.84
CA VAL L 430 32.05 -47.61 -35.43
C VAL L 430 33.39 -48.11 -34.88
N ILE L 431 33.90 -49.20 -35.48
CA ILE L 431 35.13 -49.83 -35.03
C ILE L 431 36.24 -48.79 -34.86
N ALA L 432 36.89 -48.81 -33.70
CA ALA L 432 37.95 -47.86 -33.40
C ALA L 432 38.89 -48.47 -32.37
N TRP L 433 40.10 -47.93 -32.31
CA TRP L 433 41.09 -48.42 -31.36
C TRP L 433 42.11 -47.32 -31.10
N ASN L 434 42.76 -47.39 -29.93
CA ASN L 434 43.79 -46.42 -29.59
C ASN L 434 45.07 -46.72 -30.35
N SER L 435 45.73 -45.67 -30.81
CA SER L 435 46.96 -45.77 -31.58
C SER L 435 48.08 -44.96 -30.94
N ASN L 436 48.17 -45.02 -29.61
CA ASN L 436 49.22 -44.31 -28.87
C ASN L 436 50.43 -45.20 -28.66
N LYS L 437 50.94 -45.78 -29.75
CA LYS L 437 52.12 -46.63 -29.68
C LYS L 437 53.12 -46.25 -30.76
N LEU L 438 52.61 -45.69 -31.87
CA LEU L 438 53.47 -45.30 -32.98
C LEU L 438 53.12 -43.93 -33.56
N ASP L 439 52.09 -43.25 -33.05
CA ASP L 439 51.67 -41.95 -33.54
C ASP L 439 51.84 -40.85 -32.49
N SER L 440 52.86 -40.97 -31.65
CA SER L 440 53.10 -39.99 -30.60
C SER L 440 54.59 -39.97 -30.28
N LYS L 441 55.29 -38.94 -30.73
CA LYS L 441 56.70 -38.73 -30.43
C LYS L 441 56.89 -37.28 -29.99
N VAL L 442 57.95 -37.05 -29.21
CA VAL L 442 58.23 -35.72 -28.67
C VAL L 442 59.08 -35.01 -29.71
N SER L 443 58.42 -34.45 -30.71
CA SER L 443 59.09 -33.60 -31.69
C SER L 443 58.21 -32.50 -32.24
N GLY L 444 56.97 -32.35 -31.76
CA GLY L 444 56.06 -31.37 -32.32
C GLY L 444 55.06 -31.99 -33.28
N ASN L 445 53.83 -32.17 -32.83
CA ASN L 445 52.79 -32.83 -33.62
C ASN L 445 51.93 -31.80 -34.34
N TYR L 446 52.58 -31.02 -35.20
CA TYR L 446 51.87 -30.03 -36.02
C TYR L 446 51.61 -30.58 -37.42
N ASN L 447 50.84 -31.67 -37.48
CA ASN L 447 50.52 -32.33 -38.74
C ASN L 447 49.02 -32.51 -38.88
N TYR L 448 48.33 -32.76 -37.78
CA TYR L 448 46.89 -32.98 -37.80
C TYR L 448 46.15 -31.66 -37.67
N LEU L 449 44.82 -31.74 -37.71
CA LEU L 449 43.95 -30.58 -37.57
C LEU L 449 42.53 -31.09 -37.39
N TYR L 450 41.63 -30.18 -36.99
CA TYR L 450 40.23 -30.56 -36.81
C TYR L 450 39.26 -29.50 -37.32
N ARG L 451 39.73 -28.44 -37.97
CA ARG L 451 38.89 -27.42 -38.60
C ARG L 451 37.94 -26.79 -37.56
N LEU L 452 38.56 -26.09 -36.60
CA LEU L 452 37.81 -25.44 -35.53
C LEU L 452 36.83 -24.41 -36.08
N PHE L 453 37.19 -23.71 -37.15
CA PHE L 453 36.37 -22.67 -37.73
C PHE L 453 35.54 -23.21 -38.89
N ARG L 454 34.28 -22.78 -38.95
CA ARG L 454 33.37 -23.20 -40.02
C ARG L 454 32.21 -22.21 -40.07
N LYS L 455 31.53 -22.20 -41.22
CA LYS L 455 30.39 -21.32 -41.41
C LYS L 455 29.08 -21.96 -40.95
N SER L 456 28.88 -23.24 -41.26
CA SER L 456 27.67 -23.95 -40.86
C SER L 456 27.97 -25.45 -40.88
N ASN L 457 26.97 -26.23 -40.50
CA ASN L 457 27.11 -27.69 -40.48
C ASN L 457 27.22 -28.22 -41.90
N LEU L 458 28.20 -29.10 -42.13
CA LEU L 458 28.40 -29.68 -43.45
C LEU L 458 27.38 -30.80 -43.69
N LYS L 459 27.21 -31.14 -44.96
CA LYS L 459 26.35 -32.25 -45.31
C LYS L 459 26.96 -33.56 -44.81
N PRO L 460 26.16 -34.46 -44.24
CA PRO L 460 26.72 -35.72 -43.76
C PRO L 460 27.29 -36.55 -44.90
N PHE L 461 28.37 -37.28 -44.60
CA PHE L 461 29.10 -38.08 -45.58
C PHE L 461 29.62 -37.20 -46.72
N GLU L 462 30.38 -36.18 -46.34
CA GLU L 462 30.98 -35.26 -47.28
C GLU L 462 32.38 -34.89 -46.80
N ARG L 463 33.31 -34.74 -47.75
CA ARG L 463 34.69 -34.38 -47.46
C ARG L 463 35.00 -33.05 -48.11
N ASP L 464 35.34 -32.06 -47.31
CA ASP L 464 35.63 -30.70 -47.78
C ASP L 464 37.13 -30.47 -47.61
N ILE L 465 37.87 -30.66 -48.69
CA ILE L 465 39.33 -30.45 -48.69
C ILE L 465 39.55 -29.00 -49.13
N SER L 466 39.58 -28.10 -48.16
CA SER L 466 39.77 -26.68 -48.41
C SER L 466 40.83 -26.13 -47.47
N THR L 467 41.48 -25.05 -47.92
CA THR L 467 42.51 -24.41 -47.12
C THR L 467 42.42 -22.88 -47.16
N GLU L 468 41.31 -22.32 -47.64
CA GLU L 468 41.17 -20.88 -47.70
C GLU L 468 41.04 -20.28 -46.31
N ILE L 469 41.44 -19.01 -46.18
CA ILE L 469 41.37 -18.32 -44.89
C ILE L 469 39.90 -18.08 -44.54
N TYR L 470 39.55 -18.38 -43.29
CA TYR L 470 38.19 -18.20 -42.82
C TYR L 470 37.83 -16.72 -42.82
N GLN L 471 36.79 -16.36 -43.58
CA GLN L 471 36.31 -14.99 -43.68
C GLN L 471 35.05 -14.85 -42.82
N ALA L 472 35.15 -14.08 -41.74
CA ALA L 472 34.03 -13.89 -40.82
C ALA L 472 33.19 -12.67 -41.21
N GLY L 473 32.80 -12.61 -42.49
CA GLY L 473 31.90 -11.60 -42.98
C GLY L 473 32.37 -10.15 -42.85
N ASN L 474 31.54 -9.23 -43.33
CA ASN L 474 31.71 -7.78 -43.20
C ASN L 474 33.11 -7.30 -43.57
N LYS L 475 33.85 -8.06 -44.37
CA LYS L 475 35.16 -7.64 -44.87
C LYS L 475 35.61 -8.57 -45.99
N PRO L 476 36.09 -8.02 -47.10
CA PRO L 476 36.67 -8.86 -48.16
C PRO L 476 38.10 -9.25 -47.83
N CYS L 477 38.31 -10.52 -47.49
CA CYS L 477 39.62 -11.04 -47.12
C CYS L 477 40.24 -11.72 -48.33
N ASN L 478 41.08 -10.98 -49.05
CA ASN L 478 41.87 -11.53 -50.15
C ASN L 478 43.14 -12.23 -49.67
N GLY L 479 43.19 -12.55 -48.38
CA GLY L 479 44.35 -13.17 -47.76
C GLY L 479 45.04 -12.24 -46.79
N VAL L 480 44.72 -12.39 -45.51
CA VAL L 480 45.30 -11.58 -44.43
C VAL L 480 45.07 -12.33 -43.13
N ALA L 481 45.92 -12.07 -42.14
CA ALA L 481 45.78 -12.68 -40.82
C ALA L 481 45.85 -11.60 -39.75
N GLY L 482 44.72 -10.92 -39.52
CA GLY L 482 44.59 -10.10 -38.33
C GLY L 482 43.20 -9.55 -38.10
N PHE L 483 42.66 -9.81 -36.90
CA PHE L 483 41.50 -9.13 -36.34
C PHE L 483 40.21 -9.37 -37.11
N ASN L 484 40.28 -10.00 -38.29
CA ASN L 484 39.07 -10.32 -39.04
C ASN L 484 39.10 -11.70 -39.70
N CYS L 485 40.26 -12.28 -39.99
CA CYS L 485 40.34 -13.52 -40.75
C CYS L 485 41.56 -14.30 -40.28
N TYR L 486 41.33 -15.51 -39.79
CA TYR L 486 42.37 -16.32 -39.17
C TYR L 486 42.41 -17.68 -39.85
N PHE L 487 43.39 -18.48 -39.44
CA PHE L 487 43.55 -19.84 -39.97
C PHE L 487 42.41 -20.71 -39.46
N PRO L 488 41.53 -21.21 -40.33
CA PRO L 488 40.43 -22.07 -39.85
C PRO L 488 40.87 -23.46 -39.42
N LEU L 489 42.17 -23.75 -39.41
CA LEU L 489 42.68 -25.05 -38.99
C LEU L 489 43.59 -24.90 -37.78
N ARG L 490 43.51 -25.87 -36.87
CA ARG L 490 44.31 -25.86 -35.67
C ARG L 490 44.76 -27.28 -35.36
N SER L 491 46.05 -27.45 -35.08
CA SER L 491 46.61 -28.77 -34.86
C SER L 491 46.34 -29.23 -33.43
N TYR L 492 46.47 -30.55 -33.23
CA TYR L 492 46.29 -31.14 -31.91
C TYR L 492 47.54 -30.95 -31.07
N SER L 493 47.54 -31.55 -29.88
CA SER L 493 48.67 -31.50 -28.97
C SER L 493 48.95 -32.88 -28.39
N PHE L 494 48.97 -33.88 -29.28
CA PHE L 494 49.21 -35.26 -28.86
C PHE L 494 50.64 -35.42 -28.39
N ARG L 495 50.82 -35.87 -27.15
CA ARG L 495 52.14 -36.11 -26.58
C ARG L 495 52.17 -37.47 -25.92
N PRO L 496 53.31 -38.15 -25.96
CA PRO L 496 53.38 -39.50 -25.35
C PRO L 496 53.17 -39.50 -23.85
N THR L 497 53.65 -38.48 -23.14
CA THR L 497 53.53 -38.43 -21.69
C THR L 497 52.21 -37.81 -21.27
N TYR L 498 51.10 -38.32 -21.80
CA TYR L 498 49.75 -37.88 -21.45
C TYR L 498 48.93 -39.08 -20.97
N GLY L 499 47.65 -38.82 -20.72
CA GLY L 499 46.73 -39.85 -20.30
C GLY L 499 45.68 -40.14 -21.35
N VAL L 500 44.91 -41.20 -21.10
CA VAL L 500 43.84 -41.59 -22.02
C VAL L 500 42.75 -40.53 -22.02
N GLY L 501 42.10 -40.36 -23.17
CA GLY L 501 41.07 -39.35 -23.37
C GLY L 501 41.46 -38.29 -24.38
N HIS L 502 42.75 -37.95 -24.45
CA HIS L 502 43.27 -36.99 -25.41
C HIS L 502 44.37 -37.60 -26.27
N GLN L 503 44.28 -38.89 -26.52
CA GLN L 503 45.24 -39.64 -27.33
C GLN L 503 44.72 -39.84 -28.74
N PRO L 504 45.60 -40.09 -29.71
CA PRO L 504 45.13 -40.35 -31.07
C PRO L 504 44.39 -41.67 -31.19
N TYR L 505 43.09 -41.61 -31.45
CA TYR L 505 42.25 -42.80 -31.61
C TYR L 505 41.87 -42.92 -33.08
N ARG L 506 42.30 -44.01 -33.72
CA ARG L 506 41.96 -44.26 -35.11
C ARG L 506 40.54 -44.84 -35.19
N VAL L 507 39.63 -44.08 -35.79
CA VAL L 507 38.23 -44.49 -35.93
C VAL L 507 37.95 -44.73 -37.40
N VAL L 508 37.46 -45.93 -37.72
CA VAL L 508 37.16 -46.32 -39.08
C VAL L 508 35.73 -46.87 -39.14
N VAL L 509 34.91 -46.30 -40.01
CA VAL L 509 33.53 -46.73 -40.19
C VAL L 509 33.41 -47.46 -41.52
N LEU L 510 32.44 -48.36 -41.60
CA LEU L 510 32.19 -49.17 -42.79
C LEU L 510 30.76 -48.93 -43.23
N SER L 511 30.57 -47.93 -44.10
CA SER L 511 29.23 -47.59 -44.56
C SER L 511 28.74 -48.62 -45.56
N PHE L 512 27.51 -49.09 -45.36
CA PHE L 512 26.88 -50.07 -46.23
C PHE L 512 25.79 -49.40 -47.06
N GLU L 513 25.59 -49.92 -48.27
CA GLU L 513 24.57 -49.39 -49.17
C GLU L 513 24.07 -50.51 -50.07
N LEU L 514 22.80 -50.41 -50.46
CA LEU L 514 22.16 -51.40 -51.34
C LEU L 514 21.34 -50.63 -52.38
N LEU L 515 21.96 -50.33 -53.51
CA LEU L 515 21.30 -49.63 -54.60
C LEU L 515 20.72 -50.66 -55.57
N HIS L 516 20.27 -50.19 -56.74
CA HIS L 516 19.69 -51.06 -57.76
C HIS L 516 20.78 -51.76 -58.56
N ALA L 517 21.62 -52.49 -57.85
CA ALA L 517 22.74 -53.23 -58.42
C ALA L 517 22.91 -54.54 -57.66
N PRO L 518 23.30 -55.61 -58.36
CA PRO L 518 23.51 -56.89 -57.66
C PRO L 518 24.62 -56.78 -56.62
N ALA L 519 24.43 -57.48 -55.51
CA ALA L 519 25.39 -57.44 -54.41
C ALA L 519 26.63 -58.25 -54.76
N THR L 520 27.80 -57.71 -54.40
CA THR L 520 29.08 -58.35 -54.69
C THR L 520 29.63 -59.08 -53.47
N VAL L 521 29.81 -58.37 -52.36
CA VAL L 521 30.37 -58.95 -51.14
C VAL L 521 29.22 -59.55 -50.32
N CYS L 522 29.38 -60.82 -49.94
CA CYS L 522 28.39 -61.51 -49.12
C CYS L 522 28.96 -61.94 -47.77
N GLY L 523 30.09 -62.64 -47.76
CA GLY L 523 30.69 -63.10 -46.53
C GLY L 523 31.40 -64.42 -46.71
N PRO L 524 31.97 -64.95 -45.63
CA PRO L 524 32.71 -66.21 -45.71
C PRO L 524 31.77 -67.40 -45.80
N LYS L 525 32.15 -68.37 -46.62
CA LYS L 525 31.40 -69.61 -46.79
C LYS L 525 32.27 -70.79 -46.40
N LYS L 526 31.70 -71.70 -45.61
CA LYS L 526 32.44 -72.86 -45.13
C LYS L 526 32.21 -74.06 -46.04
N SER L 527 32.75 -75.21 -45.63
CA SER L 527 32.60 -76.45 -46.40
C SER L 527 32.76 -77.61 -45.43
N THR L 528 32.39 -78.80 -45.93
CA THR L 528 32.46 -80.03 -45.14
C THR L 528 33.23 -81.09 -45.90
N ASN L 529 33.55 -82.18 -45.20
CA ASN L 529 34.27 -83.27 -45.82
C ASN L 529 33.37 -84.03 -46.79
N LEU L 530 33.98 -84.50 -47.89
CA LEU L 530 33.22 -85.22 -48.91
C LEU L 530 33.03 -86.67 -48.51
N VAL L 531 31.84 -87.19 -48.73
CA VAL L 531 31.49 -88.57 -48.45
C VAL L 531 31.13 -89.26 -49.77
N LYS L 532 31.78 -90.39 -50.04
CA LYS L 532 31.58 -91.12 -51.28
C LYS L 532 30.89 -92.45 -51.00
N ASN L 533 30.05 -92.88 -51.95
CA ASN L 533 29.33 -94.14 -51.87
C ASN L 533 28.44 -94.20 -50.63
N LYS L 534 27.65 -93.15 -50.44
CA LYS L 534 26.73 -93.08 -49.31
C LYS L 534 25.65 -92.05 -49.62
N CYS L 535 24.39 -92.44 -49.45
CA CYS L 535 23.26 -91.54 -49.69
C CYS L 535 23.24 -90.45 -48.63
N VAL L 536 23.58 -89.22 -49.03
CA VAL L 536 23.62 -88.06 -48.14
C VAL L 536 23.04 -86.87 -48.87
N ASN L 537 22.89 -85.77 -48.13
CA ASN L 537 22.38 -84.53 -48.70
C ASN L 537 23.53 -83.70 -49.24
N PHE L 538 23.22 -82.87 -50.25
CA PHE L 538 24.20 -82.00 -50.87
C PHE L 538 23.58 -80.66 -51.18
N ASN L 539 24.38 -79.60 -51.02
CA ASN L 539 23.97 -78.22 -51.30
C ASN L 539 25.04 -77.52 -52.12
N PHE L 540 25.48 -78.17 -53.19
CA PHE L 540 26.57 -77.66 -54.02
C PHE L 540 26.09 -76.44 -54.80
N ASN L 541 26.45 -75.26 -54.32
CA ASN L 541 26.14 -74.00 -54.99
C ASN L 541 24.64 -73.83 -55.19
N GLY L 542 23.90 -73.92 -54.10
CA GLY L 542 22.46 -73.72 -54.15
C GLY L 542 21.67 -74.94 -54.55
N LEU L 543 22.29 -75.83 -55.32
CA LEU L 543 21.61 -77.04 -55.79
C LEU L 543 21.43 -77.98 -54.59
N LYS L 544 20.21 -78.04 -54.08
CA LYS L 544 19.89 -78.86 -52.92
C LYS L 544 19.27 -80.18 -53.36
N GLY L 545 19.47 -81.21 -52.54
CA GLY L 545 18.93 -82.51 -52.83
C GLY L 545 19.63 -83.58 -52.02
N THR L 546 19.35 -84.83 -52.39
CA THR L 546 19.94 -85.98 -51.72
C THR L 546 20.33 -87.02 -52.78
N GLY L 547 21.31 -87.83 -52.43
CA GLY L 547 21.76 -88.87 -53.34
C GLY L 547 23.09 -89.46 -52.90
N VAL L 548 23.58 -90.37 -53.73
CA VAL L 548 24.83 -91.08 -53.46
C VAL L 548 25.90 -90.44 -54.35
N LEU L 549 26.86 -89.76 -53.72
CA LEU L 549 27.93 -89.12 -54.46
C LEU L 549 28.99 -90.16 -54.82
N THR L 550 29.04 -90.53 -56.10
CA THR L 550 30.01 -91.50 -56.59
C THR L 550 30.94 -90.83 -57.60
N GLU L 551 31.97 -91.59 -58.00
CA GLU L 551 32.96 -91.10 -58.94
C GLU L 551 32.62 -91.58 -60.34
N SER L 552 32.49 -90.64 -61.28
CA SER L 552 32.18 -90.93 -62.67
C SER L 552 33.40 -90.66 -63.55
N ASN L 553 33.23 -90.93 -64.84
CA ASN L 553 34.28 -90.76 -65.84
C ASN L 553 33.82 -89.83 -66.95
N LYS L 554 33.05 -88.80 -66.61
CA LYS L 554 32.54 -87.85 -67.58
C LYS L 554 33.55 -86.73 -67.82
N LYS L 555 33.61 -86.26 -69.06
CA LYS L 555 34.53 -85.20 -69.46
C LYS L 555 33.74 -83.90 -69.56
N PHE L 556 33.65 -83.18 -68.44
CA PHE L 556 32.92 -81.92 -68.41
C PHE L 556 33.74 -80.82 -69.08
N LEU L 557 33.03 -79.79 -69.55
CA LEU L 557 33.68 -78.65 -70.17
C LEU L 557 34.27 -77.73 -69.10
N PRO L 558 35.31 -76.98 -69.44
CA PRO L 558 35.97 -76.13 -68.42
C PRO L 558 35.09 -75.02 -67.88
N PHE L 559 33.97 -74.69 -68.55
CA PHE L 559 33.08 -73.65 -68.07
C PHE L 559 31.80 -74.18 -67.45
N GLN L 560 31.43 -75.43 -67.73
CA GLN L 560 30.21 -76.00 -67.18
C GLN L 560 30.40 -76.34 -65.70
N GLN L 561 29.38 -76.02 -64.90
CA GLN L 561 29.39 -76.28 -63.47
C GLN L 561 28.36 -77.32 -63.06
N PHE L 562 27.12 -77.18 -63.51
CA PHE L 562 26.06 -78.13 -63.19
C PHE L 562 25.92 -79.15 -64.33
N GLY L 563 24.90 -80.00 -64.23
CA GLY L 563 24.66 -81.01 -65.25
C GLY L 563 23.34 -81.72 -65.06
N ARG L 564 22.61 -81.94 -66.15
CA ARG L 564 21.29 -82.56 -66.11
C ARG L 564 21.28 -83.80 -66.99
N ASP L 565 20.09 -84.38 -67.16
CA ASP L 565 19.88 -85.59 -67.92
C ASP L 565 18.97 -85.30 -69.12
N ILE L 566 18.54 -86.37 -69.79
CA ILE L 566 17.68 -86.24 -70.96
C ILE L 566 16.39 -85.51 -70.60
N ALA L 567 15.75 -85.87 -69.49
CA ALA L 567 14.46 -85.30 -69.11
C ALA L 567 14.51 -84.79 -67.67
N ASP L 568 15.06 -83.57 -67.51
CA ASP L 568 14.91 -82.75 -66.31
C ASP L 568 15.22 -83.53 -65.02
N THR L 569 16.49 -83.91 -64.88
CA THR L 569 16.97 -84.51 -63.65
C THR L 569 18.48 -84.32 -63.55
N THR L 570 18.93 -83.78 -62.43
CA THR L 570 20.37 -83.58 -62.22
C THR L 570 21.05 -84.92 -62.04
N ASP L 571 22.12 -85.14 -62.80
CA ASP L 571 22.86 -86.39 -62.76
C ASP L 571 24.29 -86.25 -62.24
N ALA L 572 24.97 -85.15 -62.54
CA ALA L 572 26.33 -84.96 -62.08
C ALA L 572 26.66 -83.47 -62.11
N VAL L 573 27.38 -83.01 -61.09
CA VAL L 573 27.79 -81.61 -60.98
C VAL L 573 29.29 -81.55 -60.78
N ARG L 574 29.82 -80.34 -60.82
CA ARG L 574 31.24 -80.10 -60.62
C ARG L 574 31.52 -79.75 -59.15
N ASP L 575 32.58 -80.31 -58.62
CA ASP L 575 32.95 -80.04 -57.23
C ASP L 575 33.37 -78.59 -57.08
N PRO L 576 32.82 -77.84 -56.12
CA PRO L 576 33.24 -76.46 -55.92
C PRO L 576 34.73 -76.33 -55.58
N GLN L 577 35.32 -77.37 -55.02
CA GLN L 577 36.76 -77.41 -54.76
C GLN L 577 37.53 -77.74 -56.03
N THR L 578 38.78 -78.17 -55.88
CA THR L 578 39.61 -78.56 -57.00
C THR L 578 38.86 -79.50 -57.95
N LEU L 579 39.21 -79.43 -59.23
CA LEU L 579 38.49 -80.13 -60.29
C LEU L 579 38.39 -81.62 -60.01
N GLU L 580 37.17 -82.10 -59.87
CA GLU L 580 36.90 -83.52 -59.66
C GLU L 580 35.54 -83.85 -60.24
N ILE L 581 35.46 -84.94 -60.98
CA ILE L 581 34.25 -85.35 -61.68
C ILE L 581 33.53 -86.37 -60.80
N LEU L 582 32.34 -86.00 -60.33
CA LEU L 582 31.52 -86.86 -59.49
C LEU L 582 30.26 -87.28 -60.23
N ASP L 583 29.42 -88.07 -59.54
CA ASP L 583 28.16 -88.54 -60.09
C ASP L 583 27.12 -88.53 -58.99
N ILE L 584 25.95 -87.96 -59.27
CA ILE L 584 24.87 -87.84 -58.31
C ILE L 584 23.77 -88.81 -58.72
N THR L 585 23.67 -89.94 -58.03
CA THR L 585 22.59 -90.89 -58.22
C THR L 585 21.65 -90.86 -57.02
N PRO L 586 20.34 -90.98 -57.25
CA PRO L 586 19.39 -90.86 -56.14
C PRO L 586 19.61 -91.88 -55.05
N CYS L 587 18.95 -91.64 -53.92
CA CYS L 587 19.12 -92.48 -52.73
C CYS L 587 18.50 -93.86 -52.94
N SER L 588 18.58 -94.69 -51.92
CA SER L 588 18.04 -96.05 -52.00
C SER L 588 16.53 -96.02 -51.86
N PHE L 589 15.82 -96.50 -52.89
CA PHE L 589 14.37 -96.56 -52.88
C PHE L 589 13.93 -97.80 -53.65
N GLY L 590 12.73 -98.27 -53.32
CA GLY L 590 12.17 -99.43 -54.01
C GLY L 590 10.85 -99.83 -53.40
N GLY L 591 10.14 -100.68 -54.12
CA GLY L 591 8.85 -101.18 -53.69
C GLY L 591 9.02 -102.47 -52.90
N VAL L 592 8.21 -102.61 -51.86
CA VAL L 592 8.24 -103.79 -50.98
C VAL L 592 7.03 -104.65 -51.30
N SER L 593 7.29 -105.91 -51.62
CA SER L 593 6.24 -106.89 -51.88
C SER L 593 6.40 -108.08 -50.95
N VAL L 594 5.30 -108.56 -50.40
CA VAL L 594 5.29 -109.66 -49.44
C VAL L 594 4.64 -110.87 -50.09
N ILE L 595 5.37 -111.98 -50.13
CA ILE L 595 4.88 -113.23 -50.67
C ILE L 595 4.32 -114.05 -49.50
N THR L 596 3.03 -114.39 -49.58
CA THR L 596 2.36 -115.12 -48.51
C THR L 596 1.62 -116.31 -49.13
N PRO L 597 1.84 -117.52 -48.63
CA PRO L 597 1.12 -118.69 -49.15
C PRO L 597 -0.31 -118.79 -48.68
N GLY L 598 -0.81 -117.82 -47.91
CA GLY L 598 -2.17 -117.86 -47.42
C GLY L 598 -2.25 -118.16 -45.93
N THR L 599 -3.20 -117.54 -45.25
CA THR L 599 -3.37 -117.75 -43.81
C THR L 599 -4.27 -118.96 -43.55
N ASN L 600 -3.85 -120.12 -44.06
CA ASN L 600 -4.60 -121.36 -43.85
C ASN L 600 -3.73 -122.52 -43.40
N THR L 601 -2.43 -122.51 -43.67
CA THR L 601 -1.53 -123.58 -43.28
C THR L 601 -0.40 -123.10 -42.37
N SER L 602 0.11 -121.89 -42.58
CA SER L 602 1.20 -121.37 -41.78
C SER L 602 1.14 -119.84 -41.84
N ASN L 603 2.15 -119.20 -41.24
CA ASN L 603 2.23 -117.75 -41.20
C ASN L 603 3.57 -117.22 -41.70
N GLN L 604 4.43 -118.09 -42.25
CA GLN L 604 5.73 -117.65 -42.75
C GLN L 604 5.56 -116.89 -44.05
N VAL L 605 6.19 -115.72 -44.13
CA VAL L 605 6.10 -114.86 -45.30
C VAL L 605 7.50 -114.51 -45.78
N ALA L 606 7.58 -114.03 -47.02
CA ALA L 606 8.83 -113.62 -47.63
C ALA L 606 8.74 -112.15 -48.03
N VAL L 607 9.84 -111.43 -47.86
CA VAL L 607 9.91 -110.00 -48.15
C VAL L 607 10.83 -109.81 -49.36
N LEU L 608 10.33 -109.09 -50.37
CA LEU L 608 11.06 -108.81 -51.59
C LEU L 608 11.26 -107.30 -51.72
N TYR L 609 12.51 -106.87 -51.79
CA TYR L 609 12.84 -105.47 -52.00
C TYR L 609 13.23 -105.27 -53.46
N GLN L 610 12.50 -104.41 -54.15
CA GLN L 610 12.73 -104.15 -55.58
C GLN L 610 13.80 -103.08 -55.75
N GLY L 611 14.72 -103.32 -56.68
CA GLY L 611 15.76 -102.36 -56.98
C GLY L 611 16.87 -102.31 -55.95
N VAL L 612 17.49 -103.45 -55.69
CA VAL L 612 18.58 -103.54 -54.71
C VAL L 612 19.37 -104.81 -54.99
N ASN L 613 20.68 -104.73 -54.82
CA ASN L 613 21.58 -105.85 -55.05
C ASN L 613 21.93 -106.60 -53.75
N CYS L 614 21.00 -106.65 -52.81
CA CYS L 614 21.15 -107.29 -51.51
C CYS L 614 22.26 -106.67 -50.67
N THR L 615 22.81 -105.53 -51.08
CA THR L 615 23.89 -104.88 -50.36
C THR L 615 23.61 -103.39 -50.11
N GLU L 616 22.34 -102.98 -50.17
CA GLU L 616 21.99 -101.59 -49.97
C GLU L 616 20.74 -101.41 -49.09
N VAL L 617 20.20 -102.49 -48.55
CA VAL L 617 19.02 -102.39 -47.69
C VAL L 617 19.39 -101.79 -46.35
N ASN L 638 16.79 -117.02 -45.98
CA ASN L 638 18.04 -116.80 -46.69
C ASN L 638 18.00 -115.49 -47.48
N VAL L 639 19.08 -115.21 -48.20
CA VAL L 639 19.19 -113.99 -49.01
C VAL L 639 19.50 -114.40 -50.44
N PHE L 640 18.64 -113.98 -51.37
CA PHE L 640 18.80 -114.29 -52.78
C PHE L 640 18.68 -113.02 -53.60
N GLN L 641 19.45 -112.95 -54.69
CA GLN L 641 19.46 -111.80 -55.58
C GLN L 641 18.96 -112.23 -56.95
N THR L 642 17.83 -111.68 -57.37
CA THR L 642 17.25 -111.96 -58.68
C THR L 642 17.16 -110.67 -59.48
N ARG L 643 16.60 -110.77 -60.69
CA ARG L 643 16.43 -109.61 -61.54
C ARG L 643 15.40 -108.63 -61.01
N ALA L 644 14.49 -109.07 -60.15
CA ALA L 644 13.49 -108.19 -59.58
C ALA L 644 13.98 -107.45 -58.34
N GLY L 645 15.06 -107.92 -57.71
CA GLY L 645 15.60 -107.28 -56.53
C GLY L 645 16.25 -108.25 -55.58
N CYS L 646 15.97 -108.11 -54.28
CA CYS L 646 16.52 -108.99 -53.25
C CYS L 646 15.37 -109.63 -52.49
N LEU L 647 15.36 -110.95 -52.42
CA LEU L 647 14.32 -111.70 -51.72
C LEU L 647 14.90 -112.26 -50.43
N ILE L 648 14.20 -112.01 -49.32
CA ILE L 648 14.62 -112.47 -48.01
C ILE L 648 13.48 -113.28 -47.40
N GLY L 649 13.77 -114.53 -47.04
CA GLY L 649 12.79 -115.40 -46.43
C GLY L 649 12.66 -116.74 -47.12
N ALA L 650 13.21 -116.85 -48.32
CA ALA L 650 13.16 -118.08 -49.10
C ALA L 650 14.57 -118.49 -49.50
N GLU L 651 14.68 -119.73 -49.98
CA GLU L 651 15.95 -120.29 -50.45
C GLU L 651 15.79 -120.80 -51.87
N TYR L 652 16.82 -120.59 -52.68
CA TYR L 652 16.80 -120.98 -54.08
C TYR L 652 17.27 -122.42 -54.21
N VAL L 653 16.34 -123.33 -54.49
CA VAL L 653 16.65 -124.73 -54.69
C VAL L 653 16.95 -124.96 -56.17
N ASN L 654 17.84 -125.92 -56.45
CA ASN L 654 18.24 -126.22 -57.83
C ASN L 654 17.24 -127.11 -58.56
N ASN L 655 16.07 -127.36 -57.98
CA ASN L 655 15.06 -128.18 -58.63
C ASN L 655 14.21 -127.30 -59.54
N SER L 656 13.13 -127.87 -60.08
CA SER L 656 12.24 -127.14 -60.97
C SER L 656 10.83 -127.72 -60.85
N TYR L 657 9.86 -126.85 -60.57
CA TYR L 657 8.46 -127.24 -60.45
C TYR L 657 7.60 -126.17 -61.12
N GLU L 658 6.29 -126.39 -61.06
CA GLU L 658 5.34 -125.42 -61.61
C GLU L 658 5.29 -124.17 -60.74
N CYS L 659 5.02 -123.03 -61.39
CA CYS L 659 4.93 -121.77 -60.68
C CYS L 659 3.62 -121.67 -59.91
N ASP L 660 3.71 -121.21 -58.66
CA ASP L 660 2.55 -121.00 -57.82
C ASP L 660 2.30 -119.53 -57.51
N ILE L 661 3.35 -118.80 -57.15
CA ILE L 661 3.24 -117.36 -56.88
C ILE L 661 4.18 -116.62 -57.84
N PRO L 662 3.65 -115.91 -58.83
CA PRO L 662 4.53 -115.22 -59.79
C PRO L 662 5.25 -114.06 -59.13
N ILE L 663 6.59 -114.12 -59.16
CA ILE L 663 7.42 -113.07 -58.57
C ILE L 663 8.20 -112.29 -59.61
N GLY L 664 8.57 -112.92 -60.73
CA GLY L 664 9.32 -112.23 -61.76
C GLY L 664 10.61 -112.94 -62.13
N ALA L 665 11.12 -112.66 -63.32
CA ALA L 665 12.37 -113.25 -63.83
C ALA L 665 12.29 -114.78 -63.87
N GLY L 666 11.09 -115.32 -63.98
CA GLY L 666 10.92 -116.76 -64.04
C GLY L 666 11.25 -117.50 -62.76
N ILE L 667 11.21 -116.82 -61.62
CA ILE L 667 11.53 -117.43 -60.33
C ILE L 667 10.31 -117.25 -59.43
N CYS L 668 9.55 -118.31 -59.23
CA CYS L 668 8.38 -118.28 -58.36
C CYS L 668 8.72 -118.92 -57.02
N ALA L 669 7.73 -118.94 -56.13
CA ALA L 669 7.91 -119.50 -54.79
C ALA L 669 6.68 -120.32 -54.43
N SER L 670 6.88 -121.26 -53.50
CA SER L 670 5.81 -122.12 -53.03
C SER L 670 6.08 -122.49 -51.58
N TYR L 671 5.15 -123.24 -50.99
CA TYR L 671 5.26 -123.70 -49.61
C TYR L 671 5.37 -125.22 -49.62
N GLN L 672 6.60 -125.73 -49.56
CA GLN L 672 6.83 -127.17 -49.59
C GLN L 672 7.61 -127.60 -48.35
N THR L 673 7.97 -128.88 -48.29
CA THR L 673 8.71 -129.41 -47.15
C THR L 673 10.21 -129.20 -47.33
N SER L 686 11.63 -129.58 -43.33
CA SER L 686 10.83 -128.58 -42.64
C SER L 686 10.01 -127.76 -43.63
N GLN L 687 8.77 -127.47 -43.26
CA GLN L 687 7.89 -126.69 -44.12
C GLN L 687 8.33 -125.23 -44.13
N SER L 688 8.70 -124.73 -45.31
CA SER L 688 9.15 -123.35 -45.45
C SER L 688 8.96 -122.93 -46.90
N ILE L 689 9.20 -121.65 -47.16
CA ILE L 689 9.08 -121.07 -48.48
C ILE L 689 10.37 -121.31 -49.25
N ILE L 690 10.25 -121.90 -50.44
CA ILE L 690 11.39 -122.20 -51.29
C ILE L 690 11.25 -121.43 -52.60
N ALA L 691 12.38 -121.22 -53.26
CA ALA L 691 12.44 -120.53 -54.55
C ALA L 691 13.02 -121.46 -55.60
N TYR L 692 12.43 -121.44 -56.79
CA TYR L 692 12.86 -122.32 -57.86
C TYR L 692 12.47 -121.71 -59.20
N THR L 693 13.15 -122.16 -60.25
CA THR L 693 12.83 -121.72 -61.60
C THR L 693 11.58 -122.43 -62.10
N MET L 694 10.78 -121.70 -62.88
CA MET L 694 9.54 -122.26 -63.40
C MET L 694 9.82 -123.42 -64.37
N SER L 695 8.89 -124.36 -64.44
CA SER L 695 8.97 -125.50 -65.32
C SER L 695 7.97 -125.32 -66.45
N LEU L 696 8.46 -125.35 -67.69
CA LEU L 696 7.60 -125.15 -68.86
C LEU L 696 6.86 -126.42 -69.27
N GLY L 697 6.83 -127.44 -68.42
CA GLY L 697 6.14 -128.67 -68.76
C GLY L 697 7.02 -129.90 -68.64
N ALA L 698 6.64 -130.97 -69.33
CA ALA L 698 7.41 -132.21 -69.30
C ALA L 698 8.57 -132.12 -70.29
N GLU L 699 9.25 -133.24 -70.52
CA GLU L 699 10.40 -133.30 -71.42
C GLU L 699 10.21 -134.53 -72.31
N ASN L 700 9.55 -134.33 -73.46
CA ASN L 700 9.26 -135.41 -74.40
C ASN L 700 9.99 -135.15 -75.71
N SER L 701 10.55 -136.21 -76.28
CA SER L 701 11.28 -136.14 -77.54
C SER L 701 10.59 -137.04 -78.56
N VAL L 702 10.06 -136.44 -79.62
CA VAL L 702 9.38 -137.19 -80.67
C VAL L 702 10.43 -137.87 -81.55
N ALA L 703 10.30 -139.18 -81.72
CA ALA L 703 11.25 -139.95 -82.54
C ALA L 703 10.84 -139.83 -84.00
N TYR L 704 11.40 -138.82 -84.67
CA TYR L 704 11.11 -138.60 -86.08
C TYR L 704 11.85 -139.60 -86.94
N SER L 705 11.21 -140.05 -88.02
CA SER L 705 11.82 -141.01 -88.93
C SER L 705 11.15 -140.88 -90.29
N ASN L 706 11.81 -141.44 -91.31
CA ASN L 706 11.27 -141.39 -92.66
C ASN L 706 10.04 -142.28 -92.80
N ASN L 707 9.99 -143.39 -92.06
CA ASN L 707 8.87 -144.33 -92.11
C ASN L 707 8.40 -144.59 -90.67
N SER L 708 7.51 -143.72 -90.18
CA SER L 708 6.98 -143.86 -88.83
C SER L 708 5.71 -143.04 -88.73
N ILE L 709 4.63 -143.69 -88.28
CA ILE L 709 3.33 -143.04 -88.14
C ILE L 709 2.69 -143.52 -86.85
N ALA L 710 2.01 -142.61 -86.15
CA ALA L 710 1.32 -142.91 -84.91
C ALA L 710 -0.18 -142.79 -85.16
N ILE L 711 -0.86 -143.92 -85.23
CA ILE L 711 -2.30 -143.98 -85.47
C ILE L 711 -2.98 -144.36 -84.17
N PRO L 712 -3.95 -143.59 -83.69
CA PRO L 712 -4.63 -143.95 -82.43
C PRO L 712 -5.42 -145.23 -82.56
N THR L 713 -5.51 -145.96 -81.45
CA THR L 713 -6.25 -147.21 -81.39
C THR L 713 -7.43 -147.18 -80.42
N ASN L 714 -7.51 -146.19 -79.54
CA ASN L 714 -8.61 -146.08 -78.60
C ASN L 714 -8.95 -144.62 -78.40
N PHE L 715 -10.20 -144.36 -78.06
CA PHE L 715 -10.71 -143.01 -77.87
C PHE L 715 -11.02 -142.74 -76.40
N THR L 716 -10.78 -141.50 -75.98
CA THR L 716 -10.97 -141.06 -74.60
C THR L 716 -11.71 -139.73 -74.57
N ILE L 717 -12.84 -139.67 -75.28
CA ILE L 717 -13.63 -138.45 -75.35
C ILE L 717 -14.00 -137.99 -73.95
N SER L 718 -13.64 -136.74 -73.63
CA SER L 718 -13.96 -136.12 -72.36
C SER L 718 -14.71 -134.82 -72.61
N VAL L 719 -15.14 -134.18 -71.52
CA VAL L 719 -15.90 -132.95 -71.57
C VAL L 719 -15.18 -131.91 -70.73
N THR L 720 -14.85 -130.77 -71.34
CA THR L 720 -14.23 -129.66 -70.64
C THR L 720 -15.22 -128.52 -70.45
N THR L 721 -14.83 -127.55 -69.64
CA THR L 721 -15.69 -126.41 -69.32
C THR L 721 -14.91 -125.11 -69.44
N GLU L 722 -15.59 -124.05 -69.82
CA GLU L 722 -15.03 -122.71 -69.91
C GLU L 722 -16.02 -121.70 -69.36
N ILE L 723 -15.49 -120.59 -68.85
CA ILE L 723 -16.28 -119.55 -68.21
C ILE L 723 -16.14 -118.26 -69.00
N LEU L 724 -17.28 -117.59 -69.24
CA LEU L 724 -17.29 -116.34 -69.98
C LEU L 724 -18.36 -115.40 -69.44
N PRO L 725 -18.00 -114.21 -68.97
CA PRO L 725 -19.01 -113.25 -68.52
C PRO L 725 -19.81 -112.72 -69.69
N VAL L 726 -21.12 -112.54 -69.46
CA VAL L 726 -22.03 -112.10 -70.53
C VAL L 726 -22.62 -110.74 -70.20
N SER L 727 -22.78 -110.44 -68.91
CA SER L 727 -23.45 -109.22 -68.50
C SER L 727 -22.77 -108.64 -67.27
N MET L 728 -23.05 -107.37 -67.01
CA MET L 728 -22.53 -106.64 -65.87
C MET L 728 -23.66 -105.88 -65.19
N THR L 729 -23.45 -105.54 -63.92
CA THR L 729 -24.44 -104.79 -63.17
C THR L 729 -24.64 -103.39 -63.77
N LYS L 730 -25.86 -102.89 -63.64
CA LYS L 730 -26.25 -101.60 -64.21
C LYS L 730 -26.38 -100.59 -63.06
N THR L 731 -25.45 -99.65 -63.00
CA THR L 731 -25.43 -98.63 -61.95
C THR L 731 -25.94 -97.30 -62.49
N SER L 732 -26.25 -96.40 -61.56
CA SER L 732 -26.72 -95.06 -61.91
C SER L 732 -26.35 -94.10 -60.79
N VAL L 733 -25.91 -92.90 -61.17
CA VAL L 733 -25.50 -91.89 -60.21
C VAL L 733 -26.49 -90.73 -60.27
N ASP L 734 -26.32 -89.78 -59.35
CA ASP L 734 -27.18 -88.62 -59.27
C ASP L 734 -26.43 -87.49 -58.57
N CYS L 735 -26.49 -86.29 -59.15
CA CYS L 735 -25.80 -85.15 -58.56
C CYS L 735 -26.53 -84.60 -57.34
N THR L 736 -27.86 -84.70 -57.32
CA THR L 736 -28.61 -84.15 -56.20
C THR L 736 -28.47 -84.97 -54.93
N MET L 737 -27.90 -86.16 -55.00
CA MET L 737 -27.69 -87.02 -53.83
C MET L 737 -26.23 -87.30 -53.53
N TYR L 738 -25.42 -87.54 -54.56
CA TYR L 738 -24.01 -87.84 -54.34
C TYR L 738 -23.19 -86.57 -54.15
N ILE L 739 -23.36 -85.59 -55.04
CA ILE L 739 -22.60 -84.35 -54.93
C ILE L 739 -23.09 -83.52 -53.75
N CYS L 740 -24.41 -83.37 -53.63
CA CYS L 740 -25.02 -82.60 -52.57
C CYS L 740 -25.81 -83.52 -51.66
N GLY L 741 -25.67 -83.32 -50.34
CA GLY L 741 -26.39 -84.12 -49.38
C GLY L 741 -27.11 -83.30 -48.32
N ASP L 742 -28.44 -83.39 -48.29
CA ASP L 742 -29.29 -82.72 -47.32
C ASP L 742 -29.06 -81.21 -47.29
N SER L 743 -28.72 -80.62 -48.43
CA SER L 743 -28.46 -79.18 -48.52
C SER L 743 -29.26 -78.59 -49.68
N THR L 744 -29.33 -77.26 -49.71
CA THR L 744 -30.06 -76.53 -50.73
C THR L 744 -29.17 -75.60 -51.54
N GLU L 745 -28.25 -74.88 -50.90
CA GLU L 745 -27.37 -73.98 -51.63
C GLU L 745 -26.34 -74.75 -52.46
N CYS L 746 -26.07 -76.01 -52.09
CA CYS L 746 -25.13 -76.82 -52.85
C CYS L 746 -25.60 -77.03 -54.28
N SER L 747 -26.87 -77.41 -54.45
CA SER L 747 -27.41 -77.58 -55.80
C SER L 747 -27.46 -76.26 -56.55
N ASN L 748 -27.78 -75.16 -55.85
CA ASN L 748 -27.80 -73.86 -56.51
C ASN L 748 -26.42 -73.47 -57.03
N LEU L 749 -25.37 -73.76 -56.26
CA LEU L 749 -24.02 -73.47 -56.73
C LEU L 749 -23.57 -74.44 -57.81
N LEU L 750 -24.06 -75.69 -57.76
CA LEU L 750 -23.70 -76.66 -58.77
C LEU L 750 -24.36 -76.36 -60.11
N LEU L 751 -25.53 -75.72 -60.09
CA LEU L 751 -26.21 -75.38 -61.34
C LEU L 751 -25.38 -74.44 -62.21
N GLN L 752 -24.51 -73.63 -61.60
CA GLN L 752 -23.66 -72.73 -62.38
C GLN L 752 -22.58 -73.47 -63.15
N TYR L 753 -22.24 -74.70 -62.74
CA TYR L 753 -21.21 -75.46 -63.42
C TYR L 753 -21.72 -75.93 -64.78
N GLY L 754 -20.86 -76.64 -65.51
CA GLY L 754 -21.20 -77.13 -66.83
C GLY L 754 -22.21 -78.25 -66.78
N SER L 755 -22.42 -78.85 -67.95
CA SER L 755 -23.37 -79.95 -68.12
C SER L 755 -22.73 -81.29 -67.76
N PHE L 756 -22.20 -81.35 -66.54
CA PHE L 756 -21.54 -82.55 -66.03
C PHE L 756 -22.50 -83.48 -65.31
N CYS L 757 -23.77 -83.09 -65.14
CA CYS L 757 -24.76 -83.92 -64.47
C CYS L 757 -25.82 -84.46 -65.42
N THR L 758 -25.71 -84.19 -66.72
CA THR L 758 -26.63 -84.72 -67.72
C THR L 758 -25.98 -85.63 -68.74
N GLN L 759 -24.66 -85.56 -68.92
CA GLN L 759 -23.96 -86.46 -69.83
C GLN L 759 -23.54 -87.76 -69.16
N LEU L 760 -23.21 -87.72 -67.87
CA LEU L 760 -22.83 -88.94 -67.17
C LEU L 760 -24.03 -89.86 -66.99
N LYS L 761 -25.20 -89.29 -66.70
CA LYS L 761 -26.42 -90.09 -66.61
C LYS L 761 -26.75 -90.73 -67.96
N ARG L 762 -26.55 -90.00 -69.05
CA ARG L 762 -26.78 -90.56 -70.37
C ARG L 762 -25.78 -91.66 -70.69
N ALA L 763 -24.53 -91.49 -70.28
CA ALA L 763 -23.53 -92.54 -70.49
C ALA L 763 -23.87 -93.79 -69.69
N LEU L 764 -24.34 -93.62 -68.46
CA LEU L 764 -24.74 -94.77 -67.65
C LEU L 764 -25.98 -95.46 -68.24
N THR L 765 -26.91 -94.66 -68.78
CA THR L 765 -28.07 -95.25 -69.44
C THR L 765 -27.65 -96.05 -70.68
N GLY L 766 -26.70 -95.52 -71.44
CA GLY L 766 -26.19 -96.26 -72.58
C GLY L 766 -25.49 -97.54 -72.17
N ILE L 767 -24.74 -97.49 -71.07
CA ILE L 767 -24.08 -98.70 -70.55
C ILE L 767 -25.14 -99.72 -70.15
N ALA L 768 -26.21 -99.27 -69.51
CA ALA L 768 -27.28 -100.18 -69.10
C ALA L 768 -27.96 -100.80 -70.31
N VAL L 769 -28.20 -100.01 -71.36
CA VAL L 769 -28.82 -100.53 -72.57
C VAL L 769 -27.89 -101.54 -73.24
N GLU L 770 -26.59 -101.27 -73.23
CA GLU L 770 -25.63 -102.22 -73.80
C GLU L 770 -25.61 -103.52 -73.01
N GLN L 771 -25.66 -103.43 -71.68
CA GLN L 771 -25.67 -104.64 -70.86
C GLN L 771 -26.95 -105.44 -71.06
N ASP L 772 -28.08 -104.75 -71.26
CA ASP L 772 -29.33 -105.44 -71.56
C ASP L 772 -29.32 -106.01 -72.97
N LYS L 773 -28.52 -105.46 -73.88
CA LYS L 773 -28.44 -105.98 -75.24
C LYS L 773 -27.49 -107.17 -75.33
N ASN L 774 -26.45 -107.21 -74.49
CA ASN L 774 -25.51 -108.31 -74.50
C ASN L 774 -26.16 -109.64 -74.11
N THR L 775 -27.27 -109.59 -73.35
CA THR L 775 -27.98 -110.81 -73.01
C THR L 775 -28.92 -111.26 -74.12
N GLN L 776 -29.30 -110.38 -75.03
CA GLN L 776 -30.17 -110.73 -76.15
C GLN L 776 -29.39 -111.30 -77.33
N GLU L 777 -28.07 -111.24 -77.31
CA GLU L 777 -27.25 -111.75 -78.41
C GLU L 777 -26.51 -113.04 -78.06
N VAL L 778 -26.52 -113.46 -76.80
CA VAL L 778 -25.84 -114.68 -76.37
C VAL L 778 -26.84 -115.78 -76.02
N PHE L 779 -27.78 -115.49 -75.13
CA PHE L 779 -28.78 -116.48 -74.72
C PHE L 779 -30.02 -116.48 -75.60
N ALA L 780 -30.21 -115.43 -76.39
CA ALA L 780 -31.38 -115.30 -77.28
C ALA L 780 -30.88 -115.38 -78.72
N GLN L 781 -30.79 -116.60 -79.25
CA GLN L 781 -30.35 -116.82 -80.61
C GLN L 781 -31.32 -117.66 -81.43
N VAL L 782 -32.44 -118.08 -80.85
CA VAL L 782 -33.46 -118.85 -81.56
C VAL L 782 -34.80 -118.17 -81.38
N LYS L 783 -35.68 -118.32 -82.36
CA LYS L 783 -37.01 -117.70 -82.29
C LYS L 783 -37.93 -118.53 -81.40
N GLN L 784 -38.12 -119.79 -81.74
CA GLN L 784 -39.01 -120.66 -80.97
C GLN L 784 -38.31 -121.21 -79.73
N ILE L 785 -39.11 -121.52 -78.72
CA ILE L 785 -38.61 -122.08 -77.47
C ILE L 785 -39.01 -123.56 -77.45
N TYR L 786 -38.03 -124.43 -77.59
CA TYR L 786 -38.27 -125.87 -77.64
C TYR L 786 -38.33 -126.45 -76.24
N LYS L 787 -38.96 -127.62 -76.13
CA LYS L 787 -39.12 -128.32 -74.87
C LYS L 787 -38.65 -129.75 -75.00
N THR L 788 -38.21 -130.33 -73.88
CA THR L 788 -37.73 -131.70 -73.89
C THR L 788 -38.90 -132.68 -73.89
N PRO L 789 -38.78 -133.80 -74.62
CA PRO L 789 -39.86 -134.79 -74.63
C PRO L 789 -39.97 -135.49 -73.29
N PRO L 790 -41.14 -136.06 -72.98
CA PRO L 790 -41.28 -136.76 -71.69
C PRO L 790 -40.39 -137.99 -71.57
N ILE L 791 -40.42 -138.88 -72.57
CA ILE L 791 -39.56 -140.05 -72.56
C ILE L 791 -38.14 -139.61 -72.86
N LYS L 792 -37.23 -139.87 -71.92
CA LYS L 792 -35.83 -139.46 -72.04
C LYS L 792 -34.98 -140.71 -72.21
N TYR L 793 -34.83 -141.15 -73.46
CA TYR L 793 -33.98 -142.28 -73.83
C TYR L 793 -33.11 -141.82 -75.00
N PHE L 794 -31.97 -141.23 -74.69
CA PHE L 794 -31.08 -140.67 -75.71
C PHE L 794 -30.02 -141.69 -76.14
N GLY L 795 -30.47 -142.89 -76.52
CA GLY L 795 -29.59 -143.94 -76.96
C GLY L 795 -28.70 -144.54 -75.91
N GLY L 796 -28.68 -143.99 -74.70
CA GLY L 796 -27.81 -144.50 -73.64
C GLY L 796 -27.20 -143.40 -72.80
N PHE L 797 -27.26 -142.17 -73.30
CA PHE L 797 -26.70 -141.03 -72.59
C PHE L 797 -27.69 -140.53 -71.54
N ASN L 798 -27.15 -139.90 -70.51
CA ASN L 798 -27.93 -139.36 -69.39
C ASN L 798 -27.64 -137.87 -69.27
N PHE L 799 -28.57 -137.04 -69.73
CA PHE L 799 -28.46 -135.59 -69.66
C PHE L 799 -29.24 -135.01 -68.49
N SER L 800 -29.36 -135.76 -67.39
CA SER L 800 -30.17 -135.30 -66.26
C SER L 800 -29.51 -134.12 -65.55
N GLN L 801 -28.18 -134.04 -65.59
CA GLN L 801 -27.48 -132.97 -64.88
C GLN L 801 -27.50 -131.64 -65.63
N ILE L 802 -27.87 -131.65 -66.92
CA ILE L 802 -27.92 -130.42 -67.70
C ILE L 802 -29.36 -130.00 -68.02
N LEU L 803 -30.30 -130.94 -68.08
CA LEU L 803 -31.68 -130.57 -68.34
C LEU L 803 -32.34 -130.00 -67.10
N PRO L 804 -33.30 -129.09 -67.27
CA PRO L 804 -33.97 -128.51 -66.09
C PRO L 804 -34.79 -129.54 -65.34
N ASP L 805 -34.99 -129.29 -64.06
CA ASP L 805 -35.74 -130.19 -63.19
C ASP L 805 -37.14 -129.64 -62.96
N PRO L 806 -38.19 -130.39 -63.28
CA PRO L 806 -39.55 -129.86 -63.10
C PRO L 806 -40.02 -129.81 -61.66
N SER L 807 -39.36 -130.54 -60.76
CA SER L 807 -39.79 -130.55 -59.36
C SER L 807 -39.53 -129.19 -58.70
N LYS L 808 -38.32 -128.66 -58.87
CA LYS L 808 -38.00 -127.37 -58.28
C LYS L 808 -38.73 -126.25 -59.01
N PRO L 809 -39.15 -125.21 -58.29
CA PRO L 809 -39.95 -124.15 -58.93
C PRO L 809 -39.15 -123.25 -59.86
N SER L 810 -37.83 -123.32 -59.86
CA SER L 810 -37.02 -122.48 -60.73
C SER L 810 -36.70 -123.13 -62.06
N LYS L 811 -36.96 -124.44 -62.20
CA LYS L 811 -36.75 -125.17 -63.46
C LYS L 811 -35.31 -125.02 -63.96
N ARG L 812 -34.37 -125.44 -63.12
CA ARG L 812 -32.96 -125.40 -63.43
C ARG L 812 -32.35 -126.80 -63.34
N SER L 813 -31.08 -126.89 -63.68
CA SER L 813 -30.33 -128.14 -63.66
C SER L 813 -29.39 -128.17 -62.45
N PRO L 814 -28.98 -129.37 -62.02
CA PRO L 814 -28.05 -129.44 -60.87
C PRO L 814 -26.77 -128.66 -61.09
N ILE L 815 -26.25 -128.61 -62.32
CA ILE L 815 -25.07 -127.81 -62.59
C ILE L 815 -25.36 -126.32 -62.37
N GLU L 816 -26.50 -125.84 -62.89
CA GLU L 816 -26.87 -124.45 -62.68
C GLU L 816 -27.16 -124.16 -61.21
N ASP L 817 -27.72 -125.14 -60.49
CA ASP L 817 -27.95 -124.95 -59.06
C ASP L 817 -26.62 -124.84 -58.31
N LEU L 818 -25.63 -125.64 -58.69
CA LEU L 818 -24.32 -125.56 -58.05
C LEU L 818 -23.59 -124.28 -58.45
N LEU L 819 -23.87 -123.74 -59.63
CA LEU L 819 -23.23 -122.49 -60.03
C LEU L 819 -23.80 -121.30 -59.29
N PHE L 820 -25.11 -121.31 -59.02
CA PHE L 820 -25.77 -120.21 -58.31
C PHE L 820 -25.60 -120.29 -56.80
N ASN L 821 -24.69 -121.13 -56.30
CA ASN L 821 -24.42 -121.24 -54.88
C ASN L 821 -23.02 -120.83 -54.50
N LYS L 822 -22.19 -120.42 -55.46
CA LYS L 822 -20.83 -119.98 -55.19
C LYS L 822 -20.50 -118.60 -55.76
N VAL L 823 -21.47 -117.95 -56.40
CA VAL L 823 -21.27 -116.63 -56.99
C VAL L 823 -22.18 -115.65 -56.26
N THR L 824 -21.58 -114.68 -55.59
CA THR L 824 -22.34 -113.67 -54.86
C THR L 824 -22.78 -112.54 -55.77
N ARG L 844 -27.31 -101.83 -41.88
CA ARG L 844 -27.73 -102.70 -42.97
C ARG L 844 -26.52 -103.37 -43.63
N ASP L 845 -26.76 -104.01 -44.76
CA ASP L 845 -25.70 -104.69 -45.50
C ASP L 845 -25.02 -103.71 -46.46
N LEU L 846 -24.04 -104.21 -47.21
CA LEU L 846 -23.32 -103.37 -48.14
C LEU L 846 -24.16 -103.02 -49.36
N ILE L 847 -25.12 -103.87 -49.73
CA ILE L 847 -25.96 -103.60 -50.89
C ILE L 847 -26.85 -102.40 -50.64
N CYS L 848 -27.43 -102.29 -49.44
CA CYS L 848 -28.29 -101.16 -49.13
C CYS L 848 -27.50 -99.92 -48.72
N ALA L 849 -26.29 -100.11 -48.18
CA ALA L 849 -25.49 -98.96 -47.79
C ALA L 849 -25.08 -98.12 -48.99
N GLN L 850 -24.70 -98.79 -50.09
CA GLN L 850 -24.35 -98.06 -51.30
C GLN L 850 -25.59 -97.48 -51.98
N LYS L 851 -26.76 -98.08 -51.75
CA LYS L 851 -27.99 -97.56 -52.35
C LYS L 851 -28.49 -96.32 -51.62
N PHE L 852 -28.27 -96.24 -50.30
CA PHE L 852 -28.74 -95.13 -49.50
C PHE L 852 -27.89 -93.87 -49.64
N LYS L 853 -26.96 -93.85 -50.59
CA LYS L 853 -26.12 -92.69 -50.82
C LYS L 853 -26.36 -92.04 -52.18
N GLY L 854 -27.07 -92.71 -53.09
CA GLY L 854 -27.32 -92.17 -54.41
C GLY L 854 -26.99 -93.16 -55.50
N LEU L 855 -26.02 -94.03 -55.25
CA LEU L 855 -25.63 -95.04 -56.24
C LEU L 855 -26.65 -96.18 -56.22
N THR L 856 -27.53 -96.19 -57.21
CA THR L 856 -28.57 -97.20 -57.32
C THR L 856 -28.18 -98.23 -58.37
N VAL L 857 -28.79 -99.41 -58.26
CA VAL L 857 -28.52 -100.53 -59.17
C VAL L 857 -29.83 -100.90 -59.84
N LEU L 858 -29.91 -100.69 -61.14
CA LEU L 858 -31.12 -101.03 -61.87
C LEU L 858 -31.23 -102.54 -62.06
N PRO L 859 -32.44 -103.10 -61.96
CA PRO L 859 -32.58 -104.54 -62.14
C PRO L 859 -32.41 -104.92 -63.60
N PRO L 860 -31.86 -106.09 -63.88
CA PRO L 860 -31.68 -106.52 -65.28
C PRO L 860 -33.02 -106.74 -65.97
N LEU L 861 -32.97 -106.75 -67.30
CA LEU L 861 -34.18 -106.94 -68.09
C LEU L 861 -34.59 -108.41 -68.13
N LEU L 862 -33.63 -109.31 -68.33
CA LEU L 862 -33.88 -110.75 -68.39
C LEU L 862 -33.60 -111.35 -67.01
N THR L 863 -34.65 -111.84 -66.36
CA THR L 863 -34.50 -112.46 -65.05
C THR L 863 -33.83 -113.83 -65.17
N ASP L 864 -33.59 -114.45 -64.02
CA ASP L 864 -32.96 -115.76 -64.01
C ASP L 864 -33.84 -116.82 -64.65
N GLU L 865 -35.16 -116.69 -64.51
CA GLU L 865 -36.07 -117.67 -65.11
C GLU L 865 -36.02 -117.62 -66.63
N MET L 866 -35.98 -116.42 -67.21
CA MET L 866 -35.90 -116.31 -68.66
C MET L 866 -34.56 -116.83 -69.18
N ILE L 867 -33.48 -116.58 -68.46
CA ILE L 867 -32.18 -117.10 -68.87
C ILE L 867 -32.17 -118.62 -68.79
N ALA L 868 -32.78 -119.19 -67.75
CA ALA L 868 -32.87 -120.64 -67.64
C ALA L 868 -33.70 -121.23 -68.78
N GLN L 869 -34.81 -120.58 -69.13
CA GLN L 869 -35.63 -121.06 -70.24
C GLN L 869 -34.87 -120.96 -71.56
N TYR L 870 -34.09 -119.89 -71.75
CA TYR L 870 -33.29 -119.76 -72.96
C TYR L 870 -32.22 -120.84 -73.04
N THR L 871 -31.58 -121.15 -71.91
CA THR L 871 -30.57 -122.20 -71.90
C THR L 871 -31.18 -123.58 -72.12
N SER L 872 -32.40 -123.81 -71.60
CA SER L 872 -33.06 -125.09 -71.82
C SER L 872 -33.57 -125.22 -73.24
N ALA L 873 -33.92 -124.11 -73.90
CA ALA L 873 -34.37 -124.17 -75.27
C ALA L 873 -33.22 -124.52 -76.22
N LEU L 874 -32.00 -124.12 -75.89
CA LEU L 874 -30.85 -124.49 -76.72
C LEU L 874 -30.47 -125.96 -76.51
N LEU L 875 -30.68 -126.48 -75.31
CA LEU L 875 -30.39 -127.90 -75.06
C LEU L 875 -31.45 -128.81 -75.69
N ALA L 876 -32.69 -128.34 -75.79
CA ALA L 876 -33.73 -129.13 -76.43
C ALA L 876 -33.60 -129.17 -77.95
N GLY L 877 -32.73 -128.36 -78.53
CA GLY L 877 -32.49 -128.39 -79.95
C GLY L 877 -31.15 -128.97 -80.32
N THR L 878 -30.20 -128.94 -79.36
CA THR L 878 -28.89 -129.51 -79.60
C THR L 878 -28.86 -131.01 -79.35
N ILE L 879 -29.64 -131.49 -78.39
CA ILE L 879 -29.69 -132.91 -78.07
C ILE L 879 -30.68 -133.64 -78.98
N THR L 880 -31.89 -133.10 -79.10
CA THR L 880 -32.89 -133.73 -79.96
C THR L 880 -32.52 -133.59 -81.43
N SER L 881 -32.36 -132.35 -81.89
CA SER L 881 -32.00 -132.07 -83.27
C SER L 881 -30.48 -131.88 -83.35
N GLY L 882 -30.01 -131.44 -84.52
CA GLY L 882 -28.59 -131.19 -84.72
C GLY L 882 -28.27 -129.72 -84.87
N TRP L 883 -27.75 -129.34 -86.02
CA TRP L 883 -27.42 -127.95 -86.32
C TRP L 883 -28.44 -127.30 -87.26
N THR L 884 -29.70 -127.76 -87.21
CA THR L 884 -30.74 -127.22 -88.05
C THR L 884 -31.65 -126.23 -87.33
N PHE L 885 -31.64 -126.20 -86.00
CA PHE L 885 -32.46 -125.29 -85.23
C PHE L 885 -31.84 -123.90 -85.09
N GLY L 886 -30.69 -123.67 -85.71
CA GLY L 886 -30.05 -122.37 -85.66
C GLY L 886 -29.94 -121.73 -87.03
N ALA L 887 -29.96 -122.56 -88.08
CA ALA L 887 -29.89 -122.07 -89.46
C ALA L 887 -31.29 -121.83 -90.03
N GLY L 888 -32.13 -122.86 -90.02
CA GLY L 888 -33.47 -122.74 -90.53
C GLY L 888 -34.49 -123.46 -89.65
N PRO L 889 -35.34 -124.28 -90.25
CA PRO L 889 -36.34 -125.01 -89.47
C PRO L 889 -35.71 -126.10 -88.64
N ALA L 890 -36.30 -126.32 -87.46
CA ALA L 890 -35.80 -127.33 -86.53
C ALA L 890 -36.25 -128.71 -86.99
N LEU L 891 -35.31 -129.50 -87.50
CA LEU L 891 -35.60 -130.85 -87.98
C LEU L 891 -35.49 -131.82 -86.80
N GLN L 892 -35.55 -133.12 -87.11
CA GLN L 892 -35.40 -134.16 -86.11
C GLN L 892 -34.42 -135.21 -86.62
N ILE L 893 -33.67 -135.80 -85.69
CA ILE L 893 -32.66 -136.80 -86.00
C ILE L 893 -32.30 -137.57 -84.74
N PRO L 894 -32.18 -138.89 -84.79
CA PRO L 894 -31.80 -139.64 -83.59
C PRO L 894 -30.41 -139.23 -83.11
N PHE L 895 -30.27 -139.14 -81.79
CA PHE L 895 -29.01 -138.70 -81.20
C PHE L 895 -27.84 -139.64 -81.47
N PRO L 896 -27.99 -140.97 -81.38
CA PRO L 896 -26.88 -141.85 -81.82
C PRO L 896 -26.51 -141.63 -83.27
N MET L 897 -27.46 -141.31 -84.13
CA MET L 897 -27.16 -140.97 -85.52
C MET L 897 -26.77 -139.51 -85.69
N GLN L 898 -27.16 -138.65 -84.75
CA GLN L 898 -26.76 -137.25 -84.83
C GLN L 898 -25.29 -137.07 -84.45
N MET L 899 -24.79 -137.86 -83.51
CA MET L 899 -23.38 -137.80 -83.16
C MET L 899 -22.49 -138.40 -84.24
N ALA L 900 -23.04 -139.27 -85.10
CA ALA L 900 -22.24 -139.84 -86.17
C ALA L 900 -21.78 -138.78 -87.16
N TYR L 901 -22.68 -137.86 -87.53
CA TYR L 901 -22.31 -136.79 -88.46
C TYR L 901 -21.33 -135.82 -87.82
N ARG L 902 -21.33 -135.71 -86.49
CA ARG L 902 -20.36 -134.87 -85.80
C ARG L 902 -18.99 -135.55 -85.75
N PHE L 903 -18.98 -136.87 -85.53
CA PHE L 903 -17.72 -137.60 -85.56
C PHE L 903 -17.13 -137.63 -86.97
N ASN L 904 -17.98 -137.63 -87.99
CA ASN L 904 -17.54 -137.63 -89.37
C ASN L 904 -17.09 -136.26 -89.85
N GLY L 905 -16.92 -135.29 -88.95
CA GLY L 905 -16.47 -133.97 -89.33
C GLY L 905 -15.01 -133.72 -89.00
N ILE L 906 -14.41 -134.64 -88.24
CA ILE L 906 -13.01 -134.54 -87.85
C ILE L 906 -12.12 -135.56 -88.54
N GLY L 907 -12.71 -136.45 -89.36
CA GLY L 907 -11.96 -137.47 -90.07
C GLY L 907 -12.36 -138.88 -89.69
N VAL L 908 -12.82 -139.08 -88.46
CA VAL L 908 -13.22 -140.41 -88.00
C VAL L 908 -14.51 -140.80 -88.70
N THR L 909 -14.53 -142.01 -89.27
CA THR L 909 -15.73 -142.50 -89.94
C THR L 909 -16.79 -142.89 -88.92
N GLN L 910 -17.98 -143.22 -89.43
CA GLN L 910 -19.13 -143.52 -88.60
C GLN L 910 -19.22 -144.99 -88.20
N ASN L 911 -18.26 -145.82 -88.59
CA ASN L 911 -18.27 -147.23 -88.22
C ASN L 911 -17.64 -147.47 -86.85
N VAL L 912 -17.29 -146.42 -86.12
CA VAL L 912 -16.73 -146.55 -84.79
C VAL L 912 -17.74 -146.24 -83.69
N LEU L 913 -18.66 -145.29 -83.92
CA LEU L 913 -19.67 -144.93 -82.93
C LEU L 913 -20.78 -145.96 -82.84
N TYR L 914 -21.23 -146.50 -83.97
CA TYR L 914 -22.29 -147.50 -83.97
C TYR L 914 -21.84 -148.83 -83.38
N GLU L 915 -20.53 -149.06 -83.29
CA GLU L 915 -20.00 -150.29 -82.72
C GLU L 915 -19.53 -150.13 -81.29
N ASN L 916 -19.36 -148.90 -80.81
CA ASN L 916 -18.92 -148.62 -79.44
C ASN L 916 -19.82 -147.57 -78.80
N GLN L 917 -21.13 -147.71 -78.99
CA GLN L 917 -22.06 -146.73 -78.43
C GLN L 917 -22.11 -146.81 -76.92
N LYS L 918 -22.03 -148.02 -76.36
CA LYS L 918 -22.05 -148.16 -74.91
C LYS L 918 -20.81 -147.54 -74.27
N LEU L 919 -19.65 -147.74 -74.88
CA LEU L 919 -18.43 -147.14 -74.35
C LEU L 919 -18.47 -145.63 -74.44
N ILE L 920 -19.00 -145.10 -75.54
CA ILE L 920 -19.14 -143.64 -75.68
C ILE L 920 -20.08 -143.09 -74.62
N ALA L 921 -21.19 -143.78 -74.38
CA ALA L 921 -22.14 -143.33 -73.36
C ALA L 921 -21.51 -143.37 -71.98
N ASN L 922 -20.75 -144.42 -71.67
CA ASN L 922 -20.10 -144.52 -70.36
C ASN L 922 -19.05 -143.42 -70.20
N GLN L 923 -18.27 -143.15 -71.25
CA GLN L 923 -17.28 -142.07 -71.17
C GLN L 923 -17.94 -140.71 -70.99
N PHE L 924 -19.07 -140.49 -71.68
CA PHE L 924 -19.77 -139.22 -71.53
C PHE L 924 -20.34 -139.07 -70.13
N ASN L 925 -20.89 -140.15 -69.57
CA ASN L 925 -21.40 -140.10 -68.20
C ASN L 925 -20.28 -139.84 -67.21
N SER L 926 -19.12 -140.47 -67.41
CA SER L 926 -17.99 -140.24 -66.51
C SER L 926 -17.49 -138.81 -66.62
N ALA L 927 -17.47 -138.26 -67.84
CA ALA L 927 -17.04 -136.87 -68.01
C ALA L 927 -18.02 -135.90 -67.34
N ILE L 928 -19.32 -136.17 -67.47
CA ILE L 928 -20.31 -135.32 -66.81
C ILE L 928 -20.17 -135.41 -65.29
N GLY L 929 -19.93 -136.62 -64.78
CA GLY L 929 -19.73 -136.78 -63.34
C GLY L 929 -18.49 -136.06 -62.84
N LYS L 930 -17.41 -136.08 -63.63
CA LYS L 930 -16.20 -135.35 -63.25
C LYS L 930 -16.38 -133.84 -63.35
N ILE L 931 -17.16 -133.37 -64.32
CA ILE L 931 -17.44 -131.93 -64.41
C ILE L 931 -18.30 -131.49 -63.24
N GLN L 932 -19.21 -132.35 -62.80
CA GLN L 932 -20.04 -132.03 -61.63
C GLN L 932 -19.18 -131.86 -60.39
N ASP L 933 -18.12 -132.66 -60.25
CA ASP L 933 -17.22 -132.53 -59.12
C ASP L 933 -16.19 -131.42 -59.31
N SER L 934 -15.93 -131.00 -60.54
CA SER L 934 -14.99 -129.91 -60.77
C SER L 934 -15.54 -128.58 -60.26
N LEU L 935 -16.86 -128.47 -60.12
CA LEU L 935 -17.50 -127.26 -59.61
C LEU L 935 -17.75 -127.33 -58.11
N SER L 936 -16.91 -128.05 -57.37
CA SER L 936 -17.09 -128.23 -55.94
C SER L 936 -16.63 -126.98 -55.19
N SER L 937 -16.47 -127.11 -53.87
CA SER L 937 -16.10 -125.98 -53.02
C SER L 937 -14.72 -125.42 -53.33
N THR L 938 -13.99 -125.98 -54.29
CA THR L 938 -12.71 -125.46 -54.70
C THR L 938 -12.84 -124.01 -55.14
N PRO L 939 -12.16 -123.06 -54.49
CA PRO L 939 -12.35 -121.65 -54.84
C PRO L 939 -11.89 -121.31 -56.26
N SER L 940 -10.88 -122.01 -56.78
CA SER L 940 -10.35 -121.70 -58.10
C SER L 940 -11.18 -122.35 -59.21
N ALA L 941 -12.49 -122.17 -59.18
CA ALA L 941 -13.37 -122.66 -60.23
C ALA L 941 -14.05 -121.52 -60.97
N LEU L 942 -14.78 -120.65 -60.28
CA LEU L 942 -15.39 -119.47 -60.90
C LEU L 942 -14.52 -118.24 -60.63
N GLY L 943 -13.33 -118.26 -61.22
CA GLY L 943 -12.37 -117.22 -61.01
C GLY L 943 -12.66 -115.93 -61.76
N LYS L 944 -13.08 -116.06 -63.02
CA LYS L 944 -13.36 -114.88 -63.84
C LYS L 944 -14.78 -114.35 -63.66
N LEU L 945 -15.65 -115.12 -63.00
CA LEU L 945 -16.98 -114.59 -62.69
C LEU L 945 -16.96 -113.74 -61.43
N GLN L 946 -16.22 -114.17 -60.41
CA GLN L 946 -16.09 -113.37 -59.20
C GLN L 946 -15.22 -112.14 -59.41
N ASP L 947 -14.38 -112.13 -60.45
CA ASP L 947 -13.50 -111.00 -60.68
C ASP L 947 -14.28 -109.73 -61.00
N VAL L 948 -15.21 -109.82 -61.97
CA VAL L 948 -16.00 -108.66 -62.33
C VAL L 948 -16.93 -108.24 -61.19
N VAL L 949 -17.42 -109.21 -60.41
CA VAL L 949 -18.27 -108.87 -59.27
C VAL L 949 -17.48 -108.09 -58.23
N ASN L 950 -16.28 -108.56 -57.88
CA ASN L 950 -15.45 -107.83 -56.93
C ASN L 950 -15.04 -106.47 -57.47
N HIS L 951 -14.81 -106.36 -58.78
CA HIS L 951 -14.46 -105.07 -59.37
C HIS L 951 -15.62 -104.09 -59.26
N ASN L 952 -16.83 -104.53 -59.61
CA ASN L 952 -17.99 -103.66 -59.49
C ASN L 952 -18.30 -103.33 -58.04
N ALA L 953 -17.95 -104.22 -57.11
CA ALA L 953 -18.16 -103.94 -55.69
C ALA L 953 -17.17 -102.90 -55.18
N GLN L 954 -15.88 -103.05 -55.55
CA GLN L 954 -14.88 -102.10 -55.08
C GLN L 954 -15.03 -100.74 -55.77
N ALA L 955 -15.57 -100.72 -56.98
CA ALA L 955 -15.83 -99.44 -57.64
C ALA L 955 -16.87 -98.62 -56.90
N LEU L 956 -17.84 -99.30 -56.26
CA LEU L 956 -18.84 -98.59 -55.46
C LEU L 956 -18.35 -98.33 -54.05
N ASN L 957 -17.53 -99.23 -53.49
CA ASN L 957 -17.00 -99.04 -52.14
C ASN L 957 -16.02 -97.86 -52.10
N THR L 958 -15.12 -97.78 -53.07
CA THR L 958 -14.13 -96.71 -53.09
C THR L 958 -14.72 -95.37 -53.49
N LEU L 959 -15.86 -95.38 -54.22
CA LEU L 959 -16.47 -94.13 -54.64
C LEU L 959 -17.17 -93.42 -53.48
N VAL L 960 -17.67 -94.17 -52.51
CA VAL L 960 -18.37 -93.58 -51.37
C VAL L 960 -17.43 -93.24 -50.21
N LYS L 961 -16.24 -93.85 -50.17
CA LYS L 961 -15.27 -93.54 -49.11
C LYS L 961 -14.54 -92.23 -49.36
N GLN L 962 -14.55 -91.71 -50.60
CA GLN L 962 -13.91 -90.44 -50.90
C GLN L 962 -14.76 -89.25 -50.50
N LEU L 963 -16.02 -89.46 -50.12
CA LEU L 963 -16.87 -88.36 -49.67
C LEU L 963 -16.50 -87.87 -48.28
N SER L 964 -15.80 -88.69 -47.50
CA SER L 964 -15.34 -88.30 -46.17
C SER L 964 -13.94 -87.71 -46.18
N SER L 965 -13.34 -87.53 -47.37
CA SER L 965 -12.01 -86.96 -47.51
C SER L 965 -12.11 -85.53 -48.02
N LYS L 966 -11.47 -84.61 -47.30
CA LYS L 966 -11.50 -83.21 -47.69
C LYS L 966 -10.52 -82.94 -48.84
N PHE L 967 -10.97 -82.14 -49.80
CA PHE L 967 -10.16 -81.78 -50.95
C PHE L 967 -9.55 -80.39 -50.82
N GLY L 968 -9.37 -79.90 -49.61
CA GLY L 968 -8.81 -78.58 -49.38
C GLY L 968 -9.70 -77.68 -48.54
N ALA L 969 -10.71 -78.27 -47.91
CA ALA L 969 -11.64 -77.55 -47.06
C ALA L 969 -11.40 -77.91 -45.60
N ILE L 970 -12.17 -77.27 -44.71
CA ILE L 970 -12.03 -77.51 -43.27
C ILE L 970 -12.96 -78.62 -42.79
N SER L 971 -13.79 -79.18 -43.65
CA SER L 971 -14.71 -80.24 -43.27
C SER L 971 -15.13 -80.99 -44.52
N SER L 972 -15.85 -82.10 -44.31
CA SER L 972 -16.34 -82.93 -45.40
C SER L 972 -17.86 -82.92 -45.53
N VAL L 973 -18.59 -82.85 -44.41
CA VAL L 973 -20.04 -82.82 -44.45
C VAL L 973 -20.50 -81.51 -45.08
N LEU L 974 -21.59 -81.58 -45.85
CA LEU L 974 -22.06 -80.40 -46.57
C LEU L 974 -22.53 -79.31 -45.61
N ASN L 975 -23.27 -79.69 -44.57
CA ASN L 975 -23.81 -78.72 -43.62
C ASN L 975 -22.80 -78.38 -42.52
N ASP L 976 -21.59 -78.02 -42.93
CA ASP L 976 -20.56 -77.58 -42.00
C ASP L 976 -19.92 -76.25 -42.41
N ILE L 977 -19.75 -76.02 -43.71
CA ILE L 977 -19.15 -74.77 -44.16
C ILE L 977 -20.18 -73.65 -44.17
N PHE L 978 -21.43 -73.95 -44.47
CA PHE L 978 -22.49 -72.95 -44.52
C PHE L 978 -23.06 -72.61 -43.14
N SER L 979 -22.37 -73.01 -42.06
CA SER L 979 -22.85 -72.75 -40.72
C SER L 979 -21.78 -72.13 -39.81
N ARG L 980 -20.55 -71.96 -40.29
CA ARG L 980 -19.50 -71.39 -39.48
C ARG L 980 -18.67 -70.34 -40.21
N LEU L 981 -18.94 -70.07 -41.48
CA LEU L 981 -18.18 -69.11 -42.26
C LEU L 981 -19.13 -68.15 -42.97
N ASP L 982 -18.54 -67.14 -43.61
CA ASP L 982 -19.27 -66.12 -44.35
C ASP L 982 -19.44 -66.52 -45.81
N PRO L 983 -20.46 -66.01 -46.48
CA PRO L 983 -20.71 -66.36 -47.89
C PRO L 983 -19.51 -66.10 -48.78
N PRO L 984 -18.81 -64.97 -48.66
CA PRO L 984 -17.65 -64.76 -49.55
C PRO L 984 -16.58 -65.82 -49.42
N GLU L 985 -16.48 -66.51 -48.28
CA GLU L 985 -15.58 -67.64 -48.14
C GLU L 985 -16.28 -68.98 -48.30
N ALA L 986 -17.59 -69.04 -48.02
CA ALA L 986 -18.32 -70.30 -48.17
C ALA L 986 -18.46 -70.67 -49.64
N GLU L 987 -18.73 -69.68 -50.51
CA GLU L 987 -18.84 -69.95 -51.93
C GLU L 987 -17.49 -70.25 -52.58
N VAL L 988 -16.39 -70.12 -51.85
CA VAL L 988 -15.07 -70.41 -52.37
C VAL L 988 -14.53 -71.74 -51.83
N GLN L 989 -14.70 -71.99 -50.53
CA GLN L 989 -14.19 -73.22 -49.94
C GLN L 989 -15.06 -74.44 -50.27
N ILE L 990 -16.35 -74.22 -50.56
CA ILE L 990 -17.22 -75.34 -50.90
C ILE L 990 -17.01 -75.79 -52.35
N ASP L 991 -16.52 -74.91 -53.22
CA ASP L 991 -16.25 -75.29 -54.60
C ASP L 991 -15.09 -76.27 -54.70
N ARG L 992 -14.13 -76.19 -53.76
CA ARG L 992 -13.00 -77.12 -53.76
C ARG L 992 -13.43 -78.55 -53.49
N LEU L 993 -14.55 -78.75 -52.79
CA LEU L 993 -15.10 -80.08 -52.58
C LEU L 993 -15.97 -80.54 -53.74
N ILE L 994 -16.75 -79.62 -54.31
CA ILE L 994 -17.59 -79.96 -55.45
C ILE L 994 -16.73 -80.36 -56.65
N THR L 995 -15.63 -79.64 -56.86
CA THR L 995 -14.73 -79.98 -57.97
C THR L 995 -14.12 -81.37 -57.77
N GLY L 996 -13.69 -81.68 -56.55
CA GLY L 996 -13.14 -83.00 -56.29
C GLY L 996 -14.16 -84.10 -56.47
N ARG L 997 -15.40 -83.87 -56.02
CA ARG L 997 -16.45 -84.86 -56.19
C ARG L 997 -16.78 -85.06 -57.66
N LEU L 998 -16.80 -83.98 -58.45
CA LEU L 998 -17.04 -84.11 -59.87
C LEU L 998 -15.91 -84.86 -60.56
N GLN L 999 -14.66 -84.60 -60.15
CA GLN L 999 -13.55 -85.34 -60.73
C GLN L 999 -13.62 -86.82 -60.37
N SER L 1000 -13.99 -87.13 -59.14
CA SER L 1000 -14.14 -88.54 -58.74
C SER L 1000 -15.26 -89.21 -59.52
N LEU L 1001 -16.37 -88.50 -59.73
CA LEU L 1001 -17.47 -89.07 -60.50
C LEU L 1001 -17.08 -89.28 -61.95
N GLN L 1002 -16.30 -88.35 -62.52
CA GLN L 1002 -15.81 -88.52 -63.89
C GLN L 1002 -14.86 -89.72 -63.99
N THR L 1003 -13.99 -89.89 -63.00
CA THR L 1003 -13.11 -91.05 -62.97
C THR L 1003 -13.92 -92.35 -62.88
N TYR L 1004 -14.96 -92.36 -62.06
CA TYR L 1004 -15.82 -93.54 -61.95
C TYR L 1004 -16.53 -93.81 -63.27
N VAL L 1005 -17.00 -92.77 -63.95
CA VAL L 1005 -17.67 -92.95 -65.23
C VAL L 1005 -16.71 -93.50 -66.27
N THR L 1006 -15.45 -93.02 -66.27
CA THR L 1006 -14.46 -93.55 -67.20
C THR L 1006 -14.16 -95.02 -66.91
N GLN L 1007 -14.01 -95.38 -65.64
CA GLN L 1007 -13.79 -96.77 -65.28
C GLN L 1007 -14.97 -97.63 -65.68
N GLN L 1008 -16.20 -97.12 -65.51
CA GLN L 1008 -17.38 -97.87 -65.91
C GLN L 1008 -17.44 -98.04 -67.43
N LEU L 1009 -17.01 -97.02 -68.17
CA LEU L 1009 -16.98 -97.15 -69.63
C LEU L 1009 -15.96 -98.20 -70.07
N ILE L 1010 -14.78 -98.21 -69.44
CA ILE L 1010 -13.79 -99.23 -69.77
C ILE L 1010 -14.30 -100.61 -69.42
N ARG L 1011 -14.95 -100.75 -68.26
CA ARG L 1011 -15.50 -102.04 -67.85
C ARG L 1011 -16.60 -102.48 -68.81
N ALA L 1012 -17.43 -101.55 -69.26
CA ALA L 1012 -18.49 -101.90 -70.20
C ALA L 1012 -17.94 -102.29 -71.56
N ALA L 1013 -16.85 -101.65 -72.00
CA ALA L 1013 -16.20 -102.08 -73.24
C ALA L 1013 -15.63 -103.49 -73.11
N GLU L 1014 -14.99 -103.78 -71.98
CA GLU L 1014 -14.47 -105.13 -71.76
C GLU L 1014 -15.59 -106.16 -71.71
N ILE L 1015 -16.70 -105.82 -71.06
CA ILE L 1015 -17.83 -106.73 -70.98
C ILE L 1015 -18.46 -106.92 -72.35
N ARG L 1016 -18.49 -105.87 -73.18
CA ARG L 1016 -19.02 -106.00 -74.53
C ARG L 1016 -18.15 -106.92 -75.38
N ALA L 1017 -16.82 -106.78 -75.25
CA ALA L 1017 -15.92 -107.68 -75.97
C ALA L 1017 -16.11 -109.12 -75.51
N SER L 1018 -16.20 -109.33 -74.20
CA SER L 1018 -16.41 -110.69 -73.68
C SER L 1018 -17.75 -111.26 -74.14
N ALA L 1019 -18.78 -110.42 -74.21
CA ALA L 1019 -20.09 -110.89 -74.64
C ALA L 1019 -20.11 -111.22 -76.12
N ASN L 1020 -19.39 -110.43 -76.93
CA ASN L 1020 -19.27 -110.76 -78.35
C ASN L 1020 -18.53 -112.08 -78.54
N LEU L 1021 -17.45 -112.30 -77.78
CA LEU L 1021 -16.74 -113.56 -77.86
C LEU L 1021 -17.63 -114.73 -77.42
N ALA L 1022 -18.39 -114.53 -76.36
CA ALA L 1022 -19.28 -115.59 -75.88
C ALA L 1022 -20.38 -115.90 -76.89
N ALA L 1023 -20.92 -114.86 -77.54
CA ALA L 1023 -21.94 -115.09 -78.57
C ALA L 1023 -21.36 -115.80 -79.77
N THR L 1024 -20.15 -115.44 -80.18
CA THR L 1024 -19.50 -116.14 -81.29
C THR L 1024 -19.27 -117.61 -80.95
N LYS L 1025 -18.81 -117.89 -79.73
CA LYS L 1025 -18.59 -119.27 -79.33
C LYS L 1025 -19.92 -120.03 -79.23
N MET L 1026 -20.97 -119.38 -78.75
CA MET L 1026 -22.28 -120.02 -78.68
C MET L 1026 -22.82 -120.34 -80.06
N SER L 1027 -22.59 -119.46 -81.02
CA SER L 1027 -23.11 -119.67 -82.38
C SER L 1027 -22.26 -120.63 -83.20
N GLU L 1028 -20.96 -120.77 -82.88
CA GLU L 1028 -20.10 -121.64 -83.67
C GLU L 1028 -19.85 -123.00 -83.02
N CYS L 1029 -20.11 -123.15 -81.73
CA CYS L 1029 -19.89 -124.42 -81.03
C CYS L 1029 -21.19 -125.16 -80.71
N VAL L 1030 -22.23 -124.44 -80.31
CA VAL L 1030 -23.50 -125.08 -79.96
C VAL L 1030 -24.41 -125.24 -81.17
N LEU L 1031 -24.46 -124.24 -82.04
CA LEU L 1031 -25.32 -124.27 -83.22
C LEU L 1031 -24.70 -125.03 -84.39
N GLY L 1032 -23.66 -125.81 -84.15
CA GLY L 1032 -23.03 -126.58 -85.20
C GLY L 1032 -21.60 -126.93 -84.84
N GLN L 1033 -21.07 -127.90 -85.58
CA GLN L 1033 -19.70 -128.35 -85.37
C GLN L 1033 -18.73 -127.40 -86.07
N SER L 1034 -17.72 -126.95 -85.34
CA SER L 1034 -16.70 -126.05 -85.87
C SER L 1034 -15.36 -126.77 -85.95
N LYS L 1035 -14.64 -126.53 -87.04
CA LYS L 1035 -13.31 -127.10 -87.26
C LYS L 1035 -12.20 -126.16 -86.81
N ARG L 1036 -12.49 -125.29 -85.85
CA ARG L 1036 -11.51 -124.35 -85.31
C ARG L 1036 -10.88 -124.93 -84.05
N VAL L 1037 -9.55 -125.02 -84.04
CA VAL L 1037 -8.85 -125.60 -82.90
C VAL L 1037 -8.89 -124.64 -81.72
N ASP L 1038 -9.19 -125.19 -80.54
CA ASP L 1038 -9.16 -124.49 -79.25
C ASP L 1038 -10.31 -123.50 -79.12
N PHE L 1039 -11.07 -123.30 -80.18
CA PHE L 1039 -12.20 -122.38 -80.13
C PHE L 1039 -13.40 -122.98 -79.39
N CYS L 1040 -13.61 -124.28 -79.52
CA CYS L 1040 -14.68 -124.99 -78.83
C CYS L 1040 -14.10 -126.07 -77.91
N GLY L 1041 -13.06 -125.73 -77.18
CA GLY L 1041 -12.41 -126.67 -76.28
C GLY L 1041 -11.11 -127.22 -76.86
N LYS L 1042 -10.23 -127.65 -75.95
CA LYS L 1042 -8.94 -128.20 -76.34
C LYS L 1042 -9.15 -129.60 -76.91
N GLY L 1043 -8.94 -129.74 -78.22
CA GLY L 1043 -9.10 -130.98 -78.92
C GLY L 1043 -10.06 -130.85 -80.08
N TYR L 1044 -10.48 -131.98 -80.62
CA TYR L 1044 -11.42 -132.01 -81.74
C TYR L 1044 -12.82 -131.73 -81.21
N HIS L 1045 -13.40 -130.62 -81.63
CA HIS L 1045 -14.74 -130.26 -81.17
C HIS L 1045 -15.79 -131.21 -81.73
N LEU L 1046 -16.68 -131.66 -80.88
CA LEU L 1046 -17.76 -132.55 -81.27
C LEU L 1046 -19.14 -132.02 -80.90
N MET L 1047 -19.29 -131.42 -79.72
CA MET L 1047 -20.59 -130.95 -79.25
C MET L 1047 -20.36 -130.03 -78.07
N SER L 1048 -21.25 -129.05 -77.92
CA SER L 1048 -21.17 -128.07 -76.84
C SER L 1048 -22.53 -127.91 -76.19
N PHE L 1049 -22.54 -127.78 -74.87
CA PHE L 1049 -23.76 -127.60 -74.10
C PHE L 1049 -23.67 -126.32 -73.28
N PRO L 1050 -24.51 -125.33 -73.53
CA PRO L 1050 -24.48 -124.09 -72.74
C PRO L 1050 -25.21 -124.22 -71.42
N GLN L 1051 -24.68 -123.53 -70.42
CA GLN L 1051 -25.27 -123.50 -69.08
C GLN L 1051 -25.29 -122.08 -68.57
N SER L 1052 -26.36 -121.72 -67.85
CA SER L 1052 -26.50 -120.38 -67.33
C SER L 1052 -25.62 -120.19 -66.09
N ALA L 1053 -25.31 -118.92 -65.81
CA ALA L 1053 -24.47 -118.56 -64.68
C ALA L 1053 -24.74 -117.11 -64.33
N PRO L 1054 -24.55 -116.71 -63.06
CA PRO L 1054 -24.76 -115.32 -62.69
C PRO L 1054 -23.81 -114.38 -63.44
N HIS L 1055 -24.37 -113.54 -64.31
CA HIS L 1055 -23.59 -112.59 -65.11
C HIS L 1055 -22.52 -113.30 -65.91
N GLY L 1056 -22.90 -114.41 -66.52
CA GLY L 1056 -21.96 -115.19 -67.32
C GLY L 1056 -22.63 -116.41 -67.90
N VAL L 1057 -21.84 -117.18 -68.65
CA VAL L 1057 -22.30 -118.41 -69.27
C VAL L 1057 -21.21 -119.47 -69.12
N VAL L 1058 -21.63 -120.73 -69.11
CA VAL L 1058 -20.71 -121.86 -68.96
C VAL L 1058 -20.95 -122.82 -70.11
N PHE L 1059 -19.90 -123.10 -70.89
CA PHE L 1059 -19.97 -124.00 -72.02
C PHE L 1059 -19.39 -125.36 -71.62
N LEU L 1060 -20.10 -126.43 -71.98
CA LEU L 1060 -19.63 -127.80 -71.77
C LEU L 1060 -19.20 -128.36 -73.11
N HIS L 1061 -17.91 -128.27 -73.42
CA HIS L 1061 -17.37 -128.66 -74.70
C HIS L 1061 -16.97 -130.13 -74.68
N VAL L 1062 -17.50 -130.90 -75.63
CA VAL L 1062 -17.15 -132.30 -75.78
C VAL L 1062 -16.00 -132.40 -76.78
N THR L 1063 -14.85 -132.86 -76.31
CA THR L 1063 -13.63 -132.93 -77.12
C THR L 1063 -13.24 -134.37 -77.38
N TYR L 1064 -12.65 -134.61 -78.55
CA TYR L 1064 -12.17 -135.93 -78.94
C TYR L 1064 -10.68 -136.01 -78.65
N VAL L 1065 -10.30 -136.75 -77.62
CA VAL L 1065 -8.92 -136.88 -77.19
C VAL L 1065 -8.47 -138.32 -77.47
N PRO L 1066 -7.65 -138.56 -78.48
CA PRO L 1066 -7.15 -139.91 -78.72
C PRO L 1066 -6.17 -140.35 -77.65
N ALA L 1067 -6.01 -141.67 -77.54
CA ALA L 1067 -5.08 -142.25 -76.57
C ALA L 1067 -4.69 -143.64 -77.05
N GLN L 1068 -3.81 -144.29 -76.28
CA GLN L 1068 -3.31 -145.63 -76.58
C GLN L 1068 -2.67 -145.68 -77.97
N GLU L 1069 -1.62 -144.89 -78.13
CA GLU L 1069 -0.93 -144.79 -79.40
C GLU L 1069 0.01 -145.97 -79.60
N LYS L 1070 0.41 -146.18 -80.86
CA LYS L 1070 1.32 -147.25 -81.21
C LYS L 1070 1.97 -146.92 -82.55
N ASN L 1071 3.23 -147.32 -82.69
CA ASN L 1071 4.01 -146.98 -83.88
C ASN L 1071 3.72 -147.95 -85.02
N PHE L 1072 3.79 -147.43 -86.24
CA PHE L 1072 3.59 -148.22 -87.45
C PHE L 1072 4.56 -147.77 -88.52
N THR L 1073 4.79 -148.64 -89.51
CA THR L 1073 5.64 -148.32 -90.64
C THR L 1073 4.78 -147.79 -91.77
N THR L 1074 5.05 -146.54 -92.17
CA THR L 1074 4.26 -145.87 -93.20
C THR L 1074 5.04 -145.80 -94.51
N ALA L 1075 4.34 -145.38 -95.56
CA ALA L 1075 4.92 -145.23 -96.88
C ALA L 1075 4.02 -144.32 -97.70
N PRO L 1076 4.57 -143.55 -98.64
CA PRO L 1076 3.72 -142.67 -99.45
C PRO L 1076 2.69 -143.43 -100.27
N ALA L 1077 3.13 -144.40 -101.07
CA ALA L 1077 2.22 -145.20 -101.88
C ALA L 1077 2.91 -146.50 -102.25
N ILE L 1078 2.15 -147.37 -102.92
CA ILE L 1078 2.66 -148.65 -103.40
C ILE L 1078 2.58 -148.65 -104.93
N CYS L 1079 3.28 -149.61 -105.54
CA CYS L 1079 3.31 -149.74 -106.99
C CYS L 1079 2.85 -151.14 -107.37
N HIS L 1080 1.75 -151.22 -108.10
CA HIS L 1080 1.20 -152.49 -108.55
C HIS L 1080 0.97 -152.42 -110.05
N ASP L 1081 1.41 -153.47 -110.75
CA ASP L 1081 1.28 -153.58 -112.21
C ASP L 1081 1.95 -152.40 -112.92
N GLY L 1082 3.01 -151.87 -112.32
CA GLY L 1082 3.77 -150.78 -112.91
C GLY L 1082 3.27 -149.39 -112.58
N LYS L 1083 2.01 -149.27 -112.16
CA LYS L 1083 1.43 -147.97 -111.83
C LYS L 1083 1.26 -147.84 -110.32
N ALA L 1084 1.36 -146.60 -109.84
CA ALA L 1084 1.24 -146.32 -108.42
C ALA L 1084 -0.22 -146.14 -108.02
N HIS L 1085 -0.50 -146.39 -106.75
CA HIS L 1085 -1.85 -146.25 -106.20
C HIS L 1085 -1.78 -145.37 -104.95
N PHE L 1086 -2.30 -144.16 -105.06
CA PHE L 1086 -2.29 -143.23 -103.93
C PHE L 1086 -3.62 -143.26 -103.18
N PRO L 1087 -3.59 -143.23 -101.86
CA PRO L 1087 -4.84 -143.30 -101.10
C PRO L 1087 -5.68 -142.05 -101.27
N ARG L 1088 -6.99 -142.25 -101.38
CA ARG L 1088 -7.90 -141.11 -101.47
C ARG L 1088 -8.08 -140.43 -100.13
N GLU L 1089 -8.43 -141.21 -99.10
CA GLU L 1089 -8.61 -140.66 -97.76
C GLU L 1089 -8.20 -141.74 -96.76
N GLY L 1090 -6.95 -141.65 -96.29
CA GLY L 1090 -6.45 -142.63 -95.33
C GLY L 1090 -4.95 -142.52 -95.19
N VAL L 1091 -4.35 -143.61 -94.72
CA VAL L 1091 -2.90 -143.67 -94.53
C VAL L 1091 -2.48 -145.14 -94.59
N PHE L 1092 -1.36 -145.39 -95.26
CA PHE L 1092 -0.81 -146.74 -95.36
C PHE L 1092 0.07 -147.04 -94.16
N VAL L 1093 -0.22 -148.16 -93.50
CA VAL L 1093 0.54 -148.61 -92.34
C VAL L 1093 1.05 -150.02 -92.61
N SER L 1094 1.95 -150.48 -91.75
CA SER L 1094 2.53 -151.82 -91.89
C SER L 1094 2.80 -152.38 -90.51
N ASN L 1095 2.26 -153.56 -90.23
CA ASN L 1095 2.46 -154.22 -88.95
C ASN L 1095 3.74 -155.06 -88.92
N GLY L 1096 4.52 -155.06 -89.99
CA GLY L 1096 5.76 -155.82 -90.03
C GLY L 1096 5.86 -156.72 -91.24
N THR L 1097 4.73 -157.28 -91.67
CA THR L 1097 4.71 -158.20 -92.81
C THR L 1097 3.62 -157.92 -93.83
N HIS L 1098 2.65 -157.05 -93.52
CA HIS L 1098 1.58 -156.73 -94.45
C HIS L 1098 1.32 -155.23 -94.42
N TRP L 1099 0.96 -154.68 -95.58
CA TRP L 1099 0.67 -153.27 -95.73
C TRP L 1099 -0.86 -153.09 -95.80
N PHE L 1100 -1.41 -152.36 -94.84
CA PHE L 1100 -2.84 -152.09 -94.77
C PHE L 1100 -3.08 -150.59 -94.82
N VAL L 1101 -4.35 -150.23 -94.98
CA VAL L 1101 -4.78 -148.84 -95.04
C VAL L 1101 -5.73 -148.58 -93.87
N THR L 1102 -5.42 -147.58 -93.06
CA THR L 1102 -6.21 -147.23 -91.90
C THR L 1102 -6.62 -145.76 -91.99
N GLN L 1103 -7.47 -145.34 -91.06
CA GLN L 1103 -7.92 -143.96 -91.00
C GLN L 1103 -6.81 -143.07 -90.42
N ARG L 1104 -7.00 -141.76 -90.57
CA ARG L 1104 -6.03 -140.79 -90.10
C ARG L 1104 -6.15 -140.48 -88.61
N ASN L 1105 -7.24 -140.91 -87.97
CA ASN L 1105 -7.46 -140.66 -86.55
C ASN L 1105 -7.88 -141.89 -85.77
N PHE L 1106 -8.00 -143.05 -86.42
CA PHE L 1106 -8.41 -144.27 -85.73
C PHE L 1106 -7.87 -145.46 -86.49
N TYR L 1107 -7.37 -146.45 -85.75
CA TYR L 1107 -6.78 -147.65 -86.35
C TYR L 1107 -7.89 -148.58 -86.82
N GLU L 1108 -7.92 -148.85 -88.13
CA GLU L 1108 -8.90 -149.76 -88.72
C GLU L 1108 -8.25 -150.48 -89.87
N PRO L 1109 -7.72 -151.68 -89.65
CA PRO L 1109 -7.00 -152.39 -90.72
C PRO L 1109 -7.94 -152.84 -91.82
N GLN L 1110 -7.64 -152.42 -93.05
CA GLN L 1110 -8.42 -152.78 -94.22
C GLN L 1110 -7.49 -153.17 -95.35
N ILE L 1111 -7.96 -154.09 -96.20
CA ILE L 1111 -7.15 -154.53 -97.33
C ILE L 1111 -7.12 -153.44 -98.39
N ILE L 1112 -6.01 -153.38 -99.13
CA ILE L 1112 -5.83 -152.37 -100.17
C ILE L 1112 -6.53 -152.86 -101.43
N THR L 1113 -7.74 -152.35 -101.67
CA THR L 1113 -8.53 -152.70 -102.84
C THR L 1113 -8.63 -151.50 -103.78
N THR L 1114 -9.25 -151.73 -104.93
CA THR L 1114 -9.45 -150.69 -105.92
C THR L 1114 -10.71 -149.88 -105.62
N ASP L 1115 -10.82 -149.38 -104.39
CA ASP L 1115 -11.96 -148.57 -103.98
C ASP L 1115 -11.58 -147.30 -103.24
N ASN L 1116 -10.40 -147.23 -102.62
CA ASN L 1116 -9.94 -146.04 -101.91
C ASN L 1116 -8.59 -145.57 -102.39
N THR L 1117 -8.04 -146.16 -103.45
CA THR L 1117 -6.74 -145.79 -103.98
C THR L 1117 -6.88 -145.49 -105.47
N PHE L 1118 -6.44 -144.30 -105.88
CA PHE L 1118 -6.48 -143.89 -107.27
C PHE L 1118 -5.09 -143.98 -107.90
N VAL L 1119 -5.09 -144.08 -109.22
CA VAL L 1119 -3.85 -144.20 -110.00
C VAL L 1119 -3.59 -142.87 -110.69
N SER L 1120 -2.42 -142.29 -110.40
CA SER L 1120 -2.03 -141.02 -111.03
C SER L 1120 -0.51 -140.93 -111.01
N GLY L 1121 0.10 -141.19 -112.16
CA GLY L 1121 1.55 -141.13 -112.30
C GLY L 1121 2.18 -142.50 -112.35
N ASN L 1122 3.48 -142.50 -112.66
CA ASN L 1122 4.27 -143.72 -112.76
C ASN L 1122 5.20 -143.85 -111.56
N CYS L 1123 5.79 -145.04 -111.43
CA CYS L 1123 6.61 -145.37 -110.26
C CYS L 1123 8.10 -145.07 -110.53
N ASP L 1124 8.36 -143.83 -110.92
CA ASP L 1124 9.74 -143.39 -111.11
C ASP L 1124 9.98 -141.96 -110.64
N VAL L 1125 9.02 -141.32 -109.99
CA VAL L 1125 9.19 -139.95 -109.52
C VAL L 1125 8.95 -139.79 -108.04
N VAL L 1126 8.17 -140.64 -107.39
CA VAL L 1126 7.91 -140.54 -105.96
C VAL L 1126 9.05 -141.18 -105.18
N ILE L 1127 9.59 -140.46 -104.22
CA ILE L 1127 10.70 -140.94 -103.41
C ILE L 1127 10.13 -141.65 -102.18
N GLY L 1128 10.53 -142.91 -101.98
CA GLY L 1128 10.07 -143.69 -100.87
C GLY L 1128 8.95 -144.66 -101.17
N ILE L 1129 8.60 -144.86 -102.45
CA ILE L 1129 7.52 -145.76 -102.80
C ILE L 1129 7.97 -147.21 -102.59
N VAL L 1130 7.06 -148.02 -102.06
CA VAL L 1130 7.34 -149.43 -101.80
C VAL L 1130 6.62 -150.28 -102.84
N ASN L 1131 6.93 -151.57 -102.84
CA ASN L 1131 6.35 -152.53 -103.78
C ASN L 1131 5.32 -153.38 -103.05
N ASN L 1132 4.12 -153.45 -103.60
CA ASN L 1132 3.04 -154.24 -103.02
C ASN L 1132 2.09 -154.64 -104.15
N THR L 1133 0.99 -155.31 -103.79
CA THR L 1133 -0.01 -155.76 -104.74
C THR L 1133 -1.38 -155.25 -104.32
N VAL L 1134 -2.16 -154.79 -105.28
CA VAL L 1134 -3.51 -154.27 -105.03
C VAL L 1134 -4.51 -155.34 -105.41
N TYR L 1135 -5.18 -155.90 -104.41
CA TYR L 1135 -6.18 -156.93 -104.65
C TYR L 1135 -7.47 -156.30 -105.13
N ASP L 1136 -7.88 -156.62 -106.37
CA ASP L 1136 -9.12 -156.06 -106.87
C ASP L 1136 -10.25 -157.08 -106.77
N PRO L 1137 -11.45 -156.64 -106.40
CA PRO L 1137 -12.58 -157.58 -106.26
C PRO L 1137 -13.12 -158.09 -107.58
N LEU L 1138 -12.70 -157.54 -108.72
CA LEU L 1138 -13.25 -157.97 -110.00
C LEU L 1138 -12.65 -159.28 -110.48
N GLN L 1139 -11.37 -159.54 -110.16
CA GLN L 1139 -10.74 -160.77 -110.63
C GLN L 1139 -11.36 -162.03 -110.06
N PRO L 1140 -11.63 -162.15 -108.75
CA PRO L 1140 -12.26 -163.39 -108.27
C PRO L 1140 -13.65 -163.61 -108.83
N GLU L 1141 -14.47 -162.56 -108.92
CA GLU L 1141 -15.82 -162.72 -109.42
C GLU L 1141 -15.87 -162.90 -110.94
N LEU L 1142 -14.81 -162.52 -111.65
CA LEU L 1142 -14.77 -162.68 -113.10
C LEU L 1142 -14.34 -164.08 -113.52
N ASP L 1143 -13.77 -164.87 -112.61
CA ASP L 1143 -13.32 -166.22 -112.93
C ASP L 1143 -14.53 -167.15 -112.97
N SER L 1144 -15.23 -167.10 -114.09
CA SER L 1144 -16.42 -167.92 -114.29
C SER L 1144 -16.05 -169.36 -114.59
N VAL M 3 -31.12 -31.61 5.58
CA VAL M 3 -31.72 -30.50 6.32
C VAL M 3 -32.47 -31.02 7.52
N LEU M 4 -32.09 -30.56 8.71
CA LEU M 4 -32.70 -30.96 9.96
C LEU M 4 -33.47 -29.79 10.56
N THR M 5 -34.19 -30.08 11.64
CA THR M 5 -35.01 -29.10 12.35
C THR M 5 -34.48 -28.93 13.76
N GLN M 6 -34.04 -27.72 14.08
CA GLN M 6 -33.53 -27.37 15.40
C GLN M 6 -34.12 -26.04 15.84
N PRO M 7 -34.36 -25.86 17.14
CA PRO M 7 -34.90 -24.58 17.62
C PRO M 7 -33.88 -23.47 17.46
N PRO M 8 -34.32 -22.28 17.01
CA PRO M 8 -33.37 -21.16 16.89
C PRO M 8 -32.60 -20.87 18.17
N SER M 9 -33.29 -20.69 19.28
CA SER M 9 -32.63 -20.39 20.55
C SER M 9 -33.40 -21.05 21.68
N ALA M 10 -32.77 -21.10 22.85
CA ALA M 10 -33.38 -21.70 24.04
C ALA M 10 -32.76 -21.04 25.27
N SER M 11 -33.52 -20.12 25.88
CA SER M 11 -33.05 -19.40 27.05
C SER M 11 -34.03 -19.38 28.21
N GLY M 12 -35.31 -19.61 27.98
CA GLY M 12 -36.28 -19.60 29.07
C GLY M 12 -36.09 -20.80 29.98
N SER M 13 -36.29 -20.57 31.28
CA SER M 13 -36.12 -21.59 32.31
C SER M 13 -34.74 -22.23 32.23
N PRO M 14 -33.68 -21.50 32.60
CA PRO M 14 -32.32 -22.04 32.45
C PRO M 14 -32.08 -23.23 33.35
N GLY M 15 -31.70 -24.36 32.75
CA GLY M 15 -31.32 -25.53 33.51
C GLY M 15 -32.44 -26.23 34.24
N GLN M 16 -33.69 -25.95 33.89
CA GLN M 16 -34.83 -26.60 34.52
C GLN M 16 -35.74 -27.33 33.54
N SER M 17 -36.02 -26.72 32.39
CA SER M 17 -36.87 -27.36 31.38
C SER M 17 -36.35 -27.11 29.97
N VAL M 18 -35.03 -26.98 29.81
CA VAL M 18 -34.46 -26.70 28.49
C VAL M 18 -34.67 -27.88 27.56
N THR M 19 -34.08 -29.03 27.91
CA THR M 19 -34.21 -30.31 27.21
C THR M 19 -34.29 -30.14 25.68
N ILE M 20 -33.25 -29.51 25.14
CA ILE M 20 -33.18 -29.31 23.69
C ILE M 20 -33.07 -30.64 22.97
N SER M 21 -33.53 -30.65 21.73
CA SER M 21 -33.46 -31.83 20.87
C SER M 21 -33.35 -31.37 19.42
N CYS M 22 -33.55 -32.29 18.49
CA CYS M 22 -33.50 -31.99 17.06
C CYS M 22 -34.54 -32.86 16.36
N THR M 23 -35.65 -32.24 15.97
CA THR M 23 -36.72 -32.95 15.28
C THR M 23 -36.45 -32.96 13.78
N GLY M 24 -37.44 -33.38 12.99
CA GLY M 24 -37.30 -33.43 11.55
C GLY M 24 -36.71 -34.72 11.02
N THR M 25 -36.85 -35.83 11.74
CA THR M 25 -36.33 -37.11 11.29
C THR M 25 -37.38 -37.91 10.53
N SER M 26 -38.58 -38.06 11.09
CA SER M 26 -39.69 -38.77 10.47
C SER M 26 -39.34 -40.23 10.14
N SER M 27 -38.36 -40.80 10.82
CA SER M 27 -37.95 -42.17 10.58
C SER M 27 -37.40 -42.74 11.90
N ASP M 28 -36.70 -43.86 11.81
CA ASP M 28 -36.10 -44.52 12.97
C ASP M 28 -34.58 -44.38 12.96
N PHE M 29 -34.08 -43.21 12.55
CA PHE M 29 -32.66 -42.90 12.51
C PHE M 29 -31.89 -43.88 11.62
N GLY M 30 -32.53 -44.38 10.57
CA GLY M 30 -31.89 -45.28 9.64
C GLY M 30 -31.52 -46.62 10.24
N GLY M 31 -30.22 -46.89 10.34
CA GLY M 31 -29.75 -48.15 10.89
C GLY M 31 -29.25 -48.02 12.31
N TYR M 32 -27.92 -47.97 12.48
CA TYR M 32 -27.32 -47.81 13.79
C TYR M 32 -27.72 -46.48 14.42
N ASN M 33 -28.46 -46.54 15.52
CA ASN M 33 -28.96 -45.34 16.20
C ASN M 33 -27.83 -44.75 17.03
N SER M 34 -27.05 -43.88 16.38
CA SER M 34 -25.93 -43.18 17.02
C SER M 34 -26.07 -41.69 16.72
N VAL M 35 -26.65 -40.95 17.66
CA VAL M 35 -26.84 -39.51 17.53
C VAL M 35 -25.85 -38.83 18.46
N SER M 36 -24.92 -38.08 17.90
CA SER M 36 -23.90 -37.39 18.66
C SER M 36 -24.32 -35.95 18.94
N TRP M 37 -23.69 -35.37 19.97
CA TRP M 37 -23.95 -33.99 20.37
C TRP M 37 -22.62 -33.28 20.57
N TYR M 38 -22.40 -32.22 19.80
CA TYR M 38 -21.17 -31.44 19.85
C TYR M 38 -21.45 -30.10 20.50
N GLN M 39 -20.57 -29.67 21.39
CA GLN M 39 -20.68 -28.39 22.08
C GLN M 39 -19.73 -27.42 21.38
N GLN M 40 -20.27 -26.70 20.39
CA GLN M 40 -19.48 -25.73 19.63
C GLN M 40 -19.30 -24.47 20.47
N HIS M 41 -18.08 -24.26 20.96
CA HIS M 41 -17.74 -23.09 21.75
C HIS M 41 -16.91 -22.10 20.93
N PRO M 42 -17.19 -20.80 21.05
CA PRO M 42 -16.41 -19.82 20.30
C PRO M 42 -14.96 -19.80 20.76
N GLY M 43 -14.04 -19.73 19.80
CA GLY M 43 -12.63 -19.78 20.11
C GLY M 43 -12.01 -21.13 19.81
N LYS M 44 -11.78 -21.92 20.86
CA LYS M 44 -11.20 -23.24 20.70
C LYS M 44 -12.17 -24.17 19.97
N ALA M 45 -11.64 -25.34 19.57
CA ALA M 45 -12.44 -26.31 18.85
C ALA M 45 -13.49 -26.93 19.77
N PRO M 46 -14.62 -27.38 19.21
CA PRO M 46 -15.65 -28.02 20.02
C PRO M 46 -15.15 -29.32 20.66
N LYS M 47 -15.90 -29.78 21.65
CA LYS M 47 -15.56 -30.99 22.39
C LYS M 47 -16.76 -31.93 22.41
N LEU M 48 -16.48 -33.23 22.31
CA LEU M 48 -17.54 -34.22 22.34
C LEU M 48 -18.22 -34.26 23.70
N MET M 49 -19.54 -34.41 23.69
CA MET M 49 -20.33 -34.51 24.91
C MET M 49 -20.95 -35.89 25.09
N ILE M 50 -21.58 -36.42 24.05
CA ILE M 50 -22.19 -37.75 24.11
C ILE M 50 -22.35 -38.25 22.68
N TYR M 51 -22.15 -39.56 22.50
CA TYR M 51 -22.19 -40.17 21.18
C TYR M 51 -23.40 -41.09 20.99
N GLU M 52 -23.73 -41.90 21.99
CA GLU M 52 -24.88 -42.78 21.92
C GLU M 52 -26.02 -42.19 22.76
N VAL M 53 -27.10 -42.97 22.90
CA VAL M 53 -28.21 -42.53 23.74
C VAL M 53 -27.86 -42.63 25.22
N SER M 54 -26.86 -43.44 25.57
CA SER M 54 -26.41 -43.58 26.94
C SER M 54 -24.89 -43.78 26.92
N LYS M 55 -24.34 -44.17 28.06
CA LYS M 55 -22.90 -44.42 28.22
C LYS M 55 -22.09 -43.18 27.84
N ARG M 56 -22.30 -42.12 28.62
CA ARG M 56 -21.58 -40.87 28.38
C ARG M 56 -20.09 -41.07 28.57
N PRO M 57 -19.25 -40.39 27.77
CA PRO M 57 -17.80 -40.57 27.92
C PRO M 57 -17.24 -39.87 29.15
N SER M 58 -15.92 -39.91 29.31
CA SER M 58 -15.26 -39.28 30.45
C SER M 58 -15.37 -37.76 30.32
N GLY M 59 -16.22 -37.16 31.16
CA GLY M 59 -16.41 -35.72 31.14
C GLY M 59 -17.31 -35.23 32.25
N VAL M 60 -18.14 -34.24 31.95
CA VAL M 60 -19.09 -33.72 32.94
C VAL M 60 -20.19 -34.75 33.17
N PRO M 61 -20.48 -35.12 34.41
CA PRO M 61 -21.50 -36.14 34.69
C PRO M 61 -22.91 -35.61 34.90
N ASP M 62 -23.17 -34.32 34.62
CA ASP M 62 -24.48 -33.73 34.81
C ASP M 62 -25.25 -33.59 33.50
N ARG M 63 -24.83 -34.30 32.45
CA ARG M 63 -25.52 -34.28 31.16
C ARG M 63 -25.58 -35.71 30.65
N PHE M 64 -26.71 -36.38 30.85
CA PHE M 64 -26.89 -37.76 30.43
C PHE M 64 -28.37 -37.96 30.10
N SER M 65 -28.77 -39.23 29.99
CA SER M 65 -30.16 -39.61 29.72
C SER M 65 -30.64 -39.02 28.38
N GLY M 66 -29.90 -39.34 27.32
CA GLY M 66 -30.26 -38.89 26.00
C GLY M 66 -31.14 -39.88 25.26
N SER M 67 -32.30 -40.18 25.83
CA SER M 67 -33.20 -41.15 25.22
C SER M 67 -33.84 -40.59 23.96
N LYS M 68 -34.17 -41.47 23.03
CA LYS M 68 -34.80 -41.09 21.76
C LYS M 68 -36.31 -41.15 21.93
N SER M 69 -36.88 -40.02 22.35
CA SER M 69 -38.32 -39.92 22.56
C SER M 69 -39.02 -39.61 21.24
N GLY M 70 -39.92 -40.49 20.82
CA GLY M 70 -40.62 -40.30 19.57
C GLY M 70 -39.73 -40.48 18.36
N ASN M 71 -39.44 -39.37 17.66
CA ASN M 71 -38.58 -39.40 16.48
C ASN M 71 -37.42 -38.43 16.63
N THR M 72 -37.04 -38.12 17.88
CA THR M 72 -35.94 -37.20 18.13
C THR M 72 -35.25 -37.60 19.43
N ALA M 73 -33.97 -37.27 19.53
CA ALA M 73 -33.18 -37.57 20.72
C ALA M 73 -33.25 -36.39 21.68
N SER M 74 -33.97 -36.57 22.78
CA SER M 74 -34.14 -35.52 23.79
C SER M 74 -33.00 -35.63 24.79
N LEU M 75 -31.95 -34.83 24.60
CA LEU M 75 -30.80 -34.83 25.49
C LEU M 75 -31.15 -34.05 26.75
N THR M 76 -31.25 -34.76 27.88
CA THR M 76 -31.57 -34.13 29.16
C THR M 76 -30.40 -33.26 29.61
N VAL M 77 -30.61 -31.95 29.63
CA VAL M 77 -29.58 -30.99 30.02
C VAL M 77 -29.95 -30.24 31.29
N SER M 78 -31.13 -30.50 31.85
CA SER M 78 -31.55 -29.81 33.07
C SER M 78 -30.65 -30.18 34.24
N GLY M 79 -30.43 -29.21 35.12
CA GLY M 79 -29.57 -29.44 36.27
C GLY M 79 -28.09 -29.50 35.96
N LEU M 80 -27.67 -28.98 34.81
CA LEU M 80 -26.25 -29.02 34.44
C LEU M 80 -25.48 -27.88 35.10
N GLN M 81 -25.81 -26.65 34.75
CA GLN M 81 -25.17 -25.45 35.30
C GLN M 81 -25.99 -24.24 34.86
N ALA M 82 -25.53 -23.06 35.26
CA ALA M 82 -26.23 -21.81 34.97
C ALA M 82 -25.30 -20.77 34.37
N GLU M 83 -24.24 -21.21 33.71
CA GLU M 83 -23.30 -20.28 33.07
C GLU M 83 -22.64 -21.03 31.90
N ASP M 84 -23.08 -20.73 30.69
CA ASP M 84 -22.54 -21.39 29.50
C ASP M 84 -22.81 -20.52 28.28
N GLU M 85 -21.84 -20.47 27.38
CA GLU M 85 -21.97 -19.72 26.12
C GLU M 85 -21.38 -20.59 25.01
N ALA M 86 -22.23 -21.40 24.38
CA ALA M 86 -21.80 -22.30 23.32
C ALA M 86 -23.01 -22.63 22.46
N ASP M 87 -22.83 -23.53 21.50
CA ASP M 87 -23.89 -23.95 20.59
C ASP M 87 -23.89 -25.46 20.50
N TYR M 88 -25.07 -26.06 20.69
CA TYR M 88 -25.23 -27.51 20.65
C TYR M 88 -25.71 -27.92 19.26
N TYR M 89 -25.08 -28.95 18.70
CA TYR M 89 -25.46 -29.50 17.41
C TYR M 89 -25.65 -31.00 17.53
N CYS M 90 -26.65 -31.52 16.83
CA CYS M 90 -26.97 -32.94 16.83
C CYS M 90 -26.73 -33.52 15.44
N SER M 91 -26.45 -34.81 15.40
CA SER M 91 -26.15 -35.52 14.15
C SER M 91 -27.15 -36.65 13.96
N SER M 92 -27.65 -36.78 12.73
CA SER M 92 -28.61 -37.81 12.38
C SER M 92 -28.54 -38.03 10.87
N TYR M 93 -29.53 -38.73 10.32
CA TYR M 93 -29.63 -39.01 8.88
C TYR M 93 -28.40 -39.76 8.40
N ALA M 94 -28.26 -40.99 8.92
CA ALA M 94 -27.10 -41.84 8.67
C ALA M 94 -27.22 -42.63 7.38
N GLY M 95 -28.04 -42.19 6.43
CA GLY M 95 -28.15 -42.90 5.16
C GLY M 95 -26.83 -42.94 4.41
N SER M 96 -26.76 -43.88 3.46
CA SER M 96 -25.54 -44.10 2.69
C SER M 96 -25.27 -42.91 1.78
N ASN M 97 -24.08 -42.33 1.90
CA ASN M 97 -23.62 -41.21 1.08
C ASN M 97 -24.59 -40.03 1.19
N ASN M 98 -24.74 -39.53 2.42
CA ASN M 98 -25.60 -38.40 2.72
C ASN M 98 -24.85 -37.46 3.66
N PHE M 99 -24.40 -36.33 3.13
CA PHE M 99 -23.64 -35.36 3.90
C PHE M 99 -24.59 -34.39 4.60
N ASP M 100 -24.04 -33.32 5.18
CA ASP M 100 -24.81 -32.30 5.88
C ASP M 100 -25.63 -32.91 7.02
N VAL M 101 -24.96 -33.76 7.82
CA VAL M 101 -25.64 -34.42 8.94
C VAL M 101 -25.84 -33.50 10.14
N PHE M 102 -25.18 -32.34 10.16
CA PHE M 102 -25.31 -31.43 11.28
C PHE M 102 -26.65 -30.68 11.20
N GLY M 103 -26.92 -29.88 12.25
CA GLY M 103 -28.12 -29.09 12.32
C GLY M 103 -27.82 -27.60 12.35
N THR M 104 -28.90 -26.82 12.43
CA THR M 104 -28.77 -25.37 12.46
C THR M 104 -28.26 -24.92 13.84
N GLY M 105 -27.86 -23.65 13.90
CA GLY M 105 -27.35 -23.08 15.12
C GLY M 105 -28.41 -22.89 16.19
N THR M 106 -28.27 -23.61 17.30
CA THR M 106 -29.20 -23.54 18.43
C THR M 106 -28.51 -22.80 19.57
N LYS M 107 -29.05 -21.64 19.94
CA LYS M 107 -28.48 -20.82 21.01
C LYS M 107 -29.00 -21.36 22.34
N VAL M 108 -28.18 -22.16 23.01
CA VAL M 108 -28.58 -22.78 24.28
C VAL M 108 -27.94 -22.07 25.48
N THR M 109 -27.57 -20.79 25.32
CA THR M 109 -26.98 -20.03 26.41
C THR M 109 -27.98 -19.85 27.55
N VAL M 110 -27.72 -20.50 28.69
CA VAL M 110 -28.65 -20.39 29.81
C VAL M 110 -28.50 -19.05 30.52
N LEU M 111 -27.34 -18.41 30.41
CA LEU M 111 -27.09 -17.11 31.02
C LEU M 111 -26.80 -16.03 30.00
N GLY M 112 -25.94 -16.31 29.01
CA GLY M 112 -25.61 -15.34 28.01
C GLY M 112 -24.40 -14.49 28.36
N GLY M 113 -24.52 -13.72 29.45
CA GLY M 113 -23.43 -12.87 29.89
C GLY M 113 -22.25 -13.66 30.46
N GLY M 114 -22.49 -14.41 31.52
CA GLY M 114 -21.45 -15.20 32.14
C GLY M 114 -21.79 -16.68 32.24
N GLY M 124 -7.77 -31.77 25.13
CA GLY M 124 -7.60 -31.69 23.70
C GLY M 124 -6.31 -31.02 23.29
N GLY M 125 -5.70 -30.30 24.22
CA GLY M 125 -4.47 -29.59 23.94
C GLY M 125 -3.27 -30.50 23.75
N SER M 126 -2.89 -31.21 24.80
CA SER M 126 -1.73 -32.11 24.77
C SER M 126 -2.11 -33.57 24.63
N GLU M 127 -3.33 -33.86 24.19
CA GLU M 127 -3.77 -35.25 24.04
C GLU M 127 -2.94 -35.98 23.00
N VAL M 128 -3.01 -35.54 21.74
CA VAL M 128 -2.21 -36.15 20.68
C VAL M 128 -1.35 -35.09 20.00
N GLN M 129 -2.00 -34.11 19.37
CA GLN M 129 -1.35 -33.02 18.64
C GLN M 129 -2.43 -32.09 18.10
N LEU M 130 -2.01 -30.88 17.75
CA LEU M 130 -2.91 -29.92 17.09
C LEU M 130 -2.06 -28.95 16.29
N VAL M 131 -2.07 -29.09 14.96
CA VAL M 131 -1.35 -28.19 14.06
C VAL M 131 -2.19 -27.92 12.84
N GLU M 132 -1.95 -26.77 12.22
CA GLU M 132 -2.65 -26.38 11.00
C GLU M 132 -1.64 -25.71 10.06
N SER M 133 -2.14 -25.09 9.00
CA SER M 133 -1.30 -24.42 8.02
C SER M 133 -1.22 -22.92 8.22
N GLY M 134 -2.25 -22.31 8.80
CA GLY M 134 -2.28 -20.88 9.00
C GLY M 134 -2.41 -20.11 7.70
N GLY M 135 -3.56 -20.26 7.04
CA GLY M 135 -3.79 -19.62 5.77
C GLY M 135 -4.22 -18.17 5.89
N GLY M 136 -3.29 -17.28 6.26
CA GLY M 136 -3.60 -15.87 6.37
C GLY M 136 -3.55 -15.19 5.02
N LEU M 137 -4.61 -14.45 4.68
CA LEU M 137 -4.73 -13.73 3.42
C LEU M 137 -4.58 -14.67 2.22
N ILE M 138 -5.51 -15.61 2.12
CA ILE M 138 -5.48 -16.59 1.04
C ILE M 138 -5.86 -15.93 -0.27
N GLN M 139 -5.01 -16.08 -1.28
CA GLN M 139 -5.33 -15.57 -2.61
C GLN M 139 -6.47 -16.38 -3.21
N PRO M 140 -7.45 -15.72 -3.82
CA PRO M 140 -8.57 -16.46 -4.43
C PRO M 140 -8.09 -17.36 -5.56
N GLY M 141 -8.24 -18.67 -5.37
CA GLY M 141 -7.77 -19.65 -6.32
C GLY M 141 -6.49 -20.33 -5.88
N GLY M 142 -5.67 -20.77 -6.83
CA GLY M 142 -4.43 -21.43 -6.47
C GLY M 142 -4.67 -22.80 -5.84
N SER M 143 -3.74 -23.20 -4.97
CA SER M 143 -3.82 -24.49 -4.30
C SER M 143 -3.08 -24.37 -2.96
N LEU M 144 -3.84 -24.30 -1.87
CA LEU M 144 -3.29 -24.23 -0.53
C LEU M 144 -3.52 -25.55 0.18
N ARG M 145 -2.50 -26.02 0.90
CA ARG M 145 -2.54 -27.31 1.58
C ARG M 145 -2.57 -27.09 3.09
N LEU M 146 -3.46 -27.81 3.76
CA LEU M 146 -3.59 -27.74 5.21
C LEU M 146 -3.36 -29.13 5.80
N SER M 147 -2.48 -29.21 6.80
CA SER M 147 -2.11 -30.48 7.40
C SER M 147 -2.43 -30.46 8.89
N CYS M 148 -2.61 -31.67 9.44
CA CYS M 148 -2.89 -31.89 10.86
C CYS M 148 -2.00 -33.00 11.40
N ALA M 149 -0.70 -32.89 11.15
CA ALA M 149 0.27 -33.89 11.58
C ALA M 149 0.11 -34.22 13.06
N ALA M 150 -0.10 -35.50 13.36
CA ALA M 150 -0.33 -35.98 14.71
C ALA M 150 0.79 -36.95 15.09
N SER M 151 1.57 -36.59 16.10
CA SER M 151 2.65 -37.44 16.58
C SER M 151 2.15 -38.60 17.44
N GLY M 152 0.86 -38.67 17.73
CA GLY M 152 0.30 -39.74 18.54
C GLY M 152 -0.40 -40.80 17.72
N PHE M 153 -1.72 -40.72 17.65
CA PHE M 153 -2.51 -41.66 16.86
C PHE M 153 -2.07 -41.62 15.40
N THR M 154 -2.16 -42.78 14.75
CA THR M 154 -1.73 -42.88 13.35
C THR M 154 -2.62 -42.03 12.46
N VAL M 155 -1.99 -41.25 11.58
CA VAL M 155 -2.71 -40.34 10.70
C VAL M 155 -2.94 -41.02 9.36
N SER M 156 -2.72 -42.33 9.30
CA SER M 156 -2.84 -43.09 8.06
C SER M 156 -3.71 -44.33 8.19
N SER M 157 -4.18 -44.68 9.39
CA SER M 157 -4.99 -45.87 9.60
C SER M 157 -6.40 -45.57 10.08
N ASN M 158 -6.59 -44.55 10.91
CA ASN M 158 -7.90 -44.22 11.43
C ASN M 158 -8.73 -43.50 10.37
N TYR M 159 -10.05 -43.47 10.59
CA TYR M 159 -11.00 -42.85 9.67
C TYR M 159 -11.22 -41.41 10.12
N MET M 160 -10.67 -40.47 9.36
CA MET M 160 -10.77 -39.05 9.64
C MET M 160 -11.71 -38.38 8.65
N SER M 161 -11.99 -37.10 8.91
CA SER M 161 -12.89 -36.33 8.05
C SER M 161 -12.53 -34.86 8.17
N TRP M 162 -13.18 -34.05 7.34
CA TRP M 162 -12.98 -32.59 7.32
C TRP M 162 -14.34 -31.92 7.36
N VAL M 163 -14.56 -31.07 8.36
CA VAL M 163 -15.80 -30.34 8.53
C VAL M 163 -15.47 -28.86 8.71
N ARG M 164 -16.15 -28.00 7.95
CA ARG M 164 -15.96 -26.56 8.04
C ARG M 164 -17.24 -25.89 8.52
N GLN M 165 -17.08 -24.70 9.09
CA GLN M 165 -18.21 -23.91 9.58
C GLN M 165 -17.94 -22.44 9.30
N ALA M 166 -18.99 -21.73 8.90
CA ALA M 166 -18.91 -20.31 8.59
C ALA M 166 -19.62 -19.48 9.65
N PRO M 167 -19.22 -18.21 9.83
CA PRO M 167 -19.94 -17.33 10.76
C PRO M 167 -21.44 -17.31 10.53
N GLY M 168 -22.20 -17.68 11.54
CA GLY M 168 -23.67 -17.72 11.44
C GLY M 168 -24.26 -19.04 11.00
N LYS M 169 -23.72 -19.63 9.94
CA LYS M 169 -24.22 -20.90 9.45
C LYS M 169 -23.64 -22.06 10.27
N GLY M 170 -24.34 -23.18 10.23
CA GLY M 170 -23.94 -24.36 10.96
C GLY M 170 -22.89 -25.18 10.22
N LEU M 171 -22.49 -26.29 10.84
CA LEU M 171 -21.50 -27.16 10.27
C LEU M 171 -22.12 -28.06 9.21
N GLU M 172 -21.25 -28.69 8.41
CA GLU M 172 -21.68 -29.59 7.36
C GLU M 172 -20.50 -30.44 6.93
N TRP M 173 -20.80 -31.66 6.46
CA TRP M 173 -19.76 -32.59 6.04
C TRP M 173 -19.13 -32.12 4.74
N VAL M 174 -17.81 -32.02 4.73
CA VAL M 174 -17.10 -31.46 3.57
C VAL M 174 -16.24 -32.54 2.91
N SER M 175 -15.76 -33.49 3.69
CA SER M 175 -14.86 -34.51 3.16
C SER M 175 -14.91 -35.75 4.04
N VAL M 176 -14.81 -36.92 3.41
CA VAL M 176 -14.76 -38.19 4.11
C VAL M 176 -13.71 -39.07 3.41
N ILE M 177 -12.81 -39.64 4.20
CA ILE M 177 -11.73 -40.46 3.69
C ILE M 177 -11.61 -41.72 4.55
N TYR M 178 -11.67 -42.88 3.92
CA TYR M 178 -11.56 -44.16 4.62
C TYR M 178 -10.10 -44.54 4.82
N SER M 179 -9.85 -45.83 5.09
CA SER M 179 -8.50 -46.30 5.41
C SER M 179 -7.53 -46.06 4.26
N GLY M 180 -7.73 -46.75 3.14
CA GLY M 180 -6.80 -46.63 2.03
C GLY M 180 -7.41 -46.64 0.64
N GLY M 181 -8.72 -46.88 0.54
CA GLY M 181 -9.31 -47.08 -0.77
C GLY M 181 -10.60 -46.34 -1.03
N SER M 182 -10.76 -45.16 -0.44
CA SER M 182 -11.94 -44.34 -0.66
C SER M 182 -11.56 -42.87 -0.60
N THR M 183 -12.05 -42.10 -1.57
CA THR M 183 -11.80 -40.66 -1.65
C THR M 183 -13.11 -39.94 -1.96
N TYR M 184 -14.16 -40.27 -1.23
CA TYR M 184 -15.46 -39.65 -1.45
C TYR M 184 -15.43 -38.17 -1.11
N TYR M 185 -16.13 -37.37 -1.91
CA TYR M 185 -16.23 -35.94 -1.70
C TYR M 185 -17.68 -35.56 -1.41
N ALA M 186 -17.84 -34.38 -0.82
CA ALA M 186 -19.17 -33.90 -0.46
C ALA M 186 -19.91 -33.39 -1.69
N ASP M 187 -21.18 -33.05 -1.50
CA ASP M 187 -22.02 -32.55 -2.58
C ASP M 187 -21.83 -31.06 -2.83
N SER M 188 -21.24 -30.34 -1.88
CA SER M 188 -21.03 -28.90 -2.07
C SER M 188 -19.97 -28.64 -3.14
N VAL M 189 -18.88 -29.41 -3.12
CA VAL M 189 -17.84 -29.22 -4.12
C VAL M 189 -18.19 -29.92 -5.43
N LYS M 190 -18.84 -31.08 -5.34
CA LYS M 190 -19.34 -31.85 -6.48
C LYS M 190 -18.22 -32.24 -7.46
N GLY M 191 -16.97 -32.20 -7.02
CA GLY M 191 -15.87 -32.63 -7.87
C GLY M 191 -14.68 -31.70 -7.90
N ARG M 192 -14.90 -30.43 -7.57
CA ARG M 192 -13.81 -29.45 -7.60
C ARG M 192 -12.82 -29.62 -6.46
N PHE M 193 -13.08 -30.53 -5.53
CA PHE M 193 -12.18 -30.80 -4.41
C PHE M 193 -11.55 -32.16 -4.60
N THR M 194 -10.21 -32.20 -4.53
CA THR M 194 -9.45 -33.43 -4.71
C THR M 194 -8.61 -33.68 -3.46
N ILE M 195 -8.89 -34.79 -2.77
CA ILE M 195 -8.16 -35.14 -1.57
C ILE M 195 -6.94 -35.96 -1.97
N SER M 196 -5.78 -35.60 -1.41
CA SER M 196 -4.53 -36.30 -1.69
C SER M 196 -3.81 -36.55 -0.39
N ARG M 197 -3.51 -37.83 -0.11
CA ARG M 197 -2.85 -38.19 1.13
C ARG M 197 -1.34 -37.98 1.02
N ASP M 198 -0.75 -37.46 2.10
CA ASP M 198 0.69 -37.26 2.17
C ASP M 198 1.37 -38.58 2.52
N ASN M 199 2.65 -38.53 2.89
CA ASN M 199 3.38 -39.72 3.27
C ASN M 199 2.66 -40.45 4.40
N SER M 200 2.68 -41.78 4.34
CA SER M 200 1.93 -42.61 5.28
C SER M 200 2.50 -42.58 6.69
N GLU M 201 3.66 -41.96 6.91
CA GLU M 201 4.28 -41.94 8.23
C GLU M 201 4.60 -40.53 8.70
N ASN M 202 4.20 -39.49 7.97
CA ASN M 202 4.47 -38.11 8.37
C ASN M 202 3.21 -37.35 8.74
N THR M 203 2.24 -37.27 7.83
CA THR M 203 1.02 -36.49 8.05
C THR M 203 0.03 -36.84 6.94
N LEU M 204 -1.10 -36.13 6.94
CA LEU M 204 -2.12 -36.28 5.89
C LEU M 204 -2.72 -34.90 5.66
N TYR M 205 -2.45 -34.32 4.50
CA TYR M 205 -2.88 -32.96 4.18
C TYR M 205 -4.00 -32.98 3.15
N LEU M 206 -4.54 -31.79 2.88
CA LEU M 206 -5.65 -31.60 1.96
C LEU M 206 -5.20 -30.71 0.81
N GLN M 207 -6.15 -30.38 -0.08
CA GLN M 207 -5.85 -29.55 -1.23
C GLN M 207 -7.09 -28.72 -1.57
N MET M 208 -6.86 -27.46 -1.94
CA MET M 208 -7.97 -26.55 -2.22
C MET M 208 -8.51 -26.75 -3.62
N ASN M 209 -7.64 -26.76 -4.63
CA ASN M 209 -8.00 -27.01 -6.02
C ASN M 209 -9.02 -25.99 -6.54
N SER M 210 -8.57 -24.73 -6.58
CA SER M 210 -9.29 -23.64 -7.26
C SER M 210 -10.69 -23.45 -6.67
N LEU M 211 -10.71 -23.00 -5.41
CA LEU M 211 -11.96 -22.74 -4.69
C LEU M 211 -12.88 -21.82 -5.47
N ARG M 212 -14.17 -21.85 -5.14
CA ARG M 212 -15.20 -21.06 -5.82
C ARG M 212 -15.79 -20.00 -4.89
N ALA M 213 -14.93 -19.34 -4.11
CA ALA M 213 -15.27 -18.28 -3.17
C ALA M 213 -16.18 -18.74 -2.03
N GLU M 214 -16.49 -20.03 -1.93
CA GLU M 214 -17.30 -20.56 -0.85
C GLU M 214 -16.49 -21.27 0.22
N ASP M 215 -15.18 -21.43 0.01
CA ASP M 215 -14.31 -22.08 0.98
C ASP M 215 -13.72 -21.11 1.99
N THR M 216 -14.34 -19.94 2.17
CA THR M 216 -13.84 -18.95 3.12
C THR M 216 -14.01 -19.38 4.57
N ALA M 217 -14.88 -20.35 4.83
CA ALA M 217 -15.11 -20.80 6.20
C ALA M 217 -13.87 -21.48 6.77
N VAL M 218 -13.78 -21.47 8.10
CA VAL M 218 -12.65 -22.07 8.79
C VAL M 218 -12.76 -23.59 8.72
N TYR M 219 -11.61 -24.26 8.66
CA TYR M 219 -11.55 -25.71 8.55
C TYR M 219 -11.29 -26.36 9.91
N TYR M 220 -11.68 -27.63 10.00
CA TYR M 220 -11.44 -28.42 11.20
C TYR M 220 -11.10 -29.83 10.80
N CYS M 221 -9.89 -30.27 11.14
CA CYS M 221 -9.42 -31.62 10.82
C CYS M 221 -9.66 -32.51 12.03
N ALA M 222 -10.72 -33.32 11.96
CA ALA M 222 -11.10 -34.20 13.05
C ALA M 222 -10.46 -35.58 12.87
N ARG M 223 -10.09 -36.19 13.99
CA ARG M 223 -9.45 -37.50 13.95
C ARG M 223 -10.46 -38.64 13.78
N GLY M 224 -11.76 -38.36 13.90
CA GLY M 224 -12.76 -39.40 13.76
C GLY M 224 -13.93 -38.91 12.94
N GLU M 225 -14.75 -39.88 12.52
CA GLU M 225 -15.93 -39.58 11.73
C GLU M 225 -16.97 -38.85 12.58
N ILE M 226 -17.96 -38.28 11.91
CA ILE M 226 -19.00 -37.50 12.58
C ILE M 226 -20.28 -38.33 12.70
N GLN M 227 -20.86 -38.72 11.57
CA GLN M 227 -22.09 -39.51 11.59
C GLN M 227 -21.80 -40.96 11.94
N PRO M 228 -20.84 -41.65 11.26
CA PRO M 228 -20.46 -43.01 11.71
C PRO M 228 -19.36 -42.96 12.76
N TYR M 229 -19.63 -42.24 13.85
CA TYR M 229 -18.61 -42.03 14.86
C TYR M 229 -18.38 -43.29 15.69
N TYR M 230 -17.11 -43.58 15.95
CA TYR M 230 -16.69 -44.69 16.80
C TYR M 230 -16.02 -44.14 18.04
N TYR M 231 -15.93 -44.98 19.08
CA TYR M 231 -15.37 -44.54 20.36
C TYR M 231 -13.97 -43.97 20.19
N TYR M 232 -13.09 -44.71 19.51
CA TYR M 232 -11.72 -44.26 19.19
C TYR M 232 -10.94 -43.85 20.43
N GLY M 233 -11.30 -44.41 21.58
CA GLY M 233 -10.61 -44.08 22.82
C GLY M 233 -10.97 -42.71 23.36
N MET M 234 -10.73 -41.67 22.57
CA MET M 234 -11.04 -40.31 22.97
C MET M 234 -11.26 -39.46 21.72
N ASP M 235 -12.08 -38.42 21.86
CA ASP M 235 -12.39 -37.50 20.77
C ASP M 235 -11.55 -36.24 20.97
N VAL M 236 -10.61 -36.02 20.06
CA VAL M 236 -9.70 -34.87 20.11
C VAL M 236 -9.89 -34.07 18.83
N TRP M 237 -10.08 -32.76 18.98
CA TRP M 237 -10.24 -31.85 17.86
C TRP M 237 -9.04 -30.90 17.79
N GLY M 238 -9.10 -29.99 16.84
CA GLY M 238 -8.03 -29.02 16.65
C GLY M 238 -8.59 -27.67 16.23
N GLN M 239 -7.90 -26.62 16.64
CA GLN M 239 -8.31 -25.27 16.30
C GLN M 239 -8.17 -25.03 14.80
N GLY M 240 -9.02 -24.14 14.29
CA GLY M 240 -9.02 -23.81 12.88
C GLY M 240 -8.37 -22.46 12.59
N THR M 241 -8.26 -22.17 11.29
CA THR M 241 -7.67 -20.92 10.82
C THR M 241 -8.62 -20.25 9.84
N THR M 242 -8.57 -18.93 9.79
CA THR M 242 -9.43 -18.15 8.91
C THR M 242 -8.83 -18.06 7.52
N VAL M 243 -9.62 -18.42 6.50
CA VAL M 243 -9.14 -18.37 5.13
C VAL M 243 -8.98 -16.94 4.68
N THR M 244 -10.01 -16.12 4.87
CA THR M 244 -9.99 -14.70 4.51
C THR M 244 -9.67 -14.50 3.02
N VAL M 245 -10.57 -15.01 2.18
CA VAL M 245 -10.40 -14.89 0.73
C VAL M 245 -10.53 -13.44 0.33
N SER M 246 -9.89 -13.08 -0.78
CA SER M 246 -9.91 -11.72 -1.32
C SER M 246 -10.37 -11.73 -2.78
N SER M 247 -11.44 -12.48 -3.05
CA SER M 247 -11.99 -12.56 -4.39
C SER M 247 -12.74 -11.30 -4.76
N VAL N 3 -36.66 -47.09 -26.53
CA VAL N 3 -37.71 -47.20 -27.53
C VAL N 3 -38.44 -48.54 -27.39
N LEU N 4 -39.77 -48.48 -27.37
CA LEU N 4 -40.61 -49.67 -27.25
C LEU N 4 -41.64 -49.66 -28.36
N THR N 5 -41.76 -50.78 -29.07
CA THR N 5 -42.74 -50.93 -30.14
C THR N 5 -44.01 -51.55 -29.59
N GLN N 6 -45.13 -50.85 -29.79
CA GLN N 6 -46.44 -51.31 -29.30
C GLN N 6 -47.52 -50.90 -30.30
N PRO N 7 -48.47 -51.78 -30.56
CA PRO N 7 -49.60 -51.44 -31.44
C PRO N 7 -50.26 -50.15 -30.99
N PRO N 8 -50.42 -49.18 -31.89
CA PRO N 8 -51.04 -47.90 -31.52
C PRO N 8 -52.51 -48.03 -31.18
N SER N 9 -53.26 -48.76 -31.99
CA SER N 9 -54.69 -48.94 -31.77
C SER N 9 -55.08 -50.31 -32.31
N ALA N 10 -55.23 -51.28 -31.40
CA ALA N 10 -55.63 -52.63 -31.77
C ALA N 10 -57.15 -52.73 -31.74
N SER N 11 -57.67 -53.96 -31.87
CA SER N 11 -59.10 -54.21 -31.86
C SER N 11 -59.35 -55.51 -31.10
N GLY N 12 -60.62 -55.92 -31.07
CA GLY N 12 -61.00 -57.15 -30.39
C GLY N 12 -62.50 -57.35 -30.31
N THR N 13 -62.92 -58.59 -30.09
CA THR N 13 -64.32 -58.94 -29.97
C THR N 13 -64.60 -59.51 -28.59
N PRO N 14 -65.81 -59.29 -28.05
CA PRO N 14 -66.12 -59.81 -26.72
C PRO N 14 -66.23 -61.33 -26.72
N GLY N 15 -66.06 -61.90 -25.54
CA GLY N 15 -66.11 -63.34 -25.37
C GLY N 15 -64.78 -64.07 -25.46
N GLN N 16 -64.01 -63.79 -26.51
CA GLN N 16 -62.71 -64.41 -26.70
C GLN N 16 -61.63 -63.57 -26.01
N ARG N 17 -60.36 -63.90 -26.28
CA ARG N 17 -59.23 -63.22 -25.69
C ARG N 17 -58.35 -62.62 -26.78
N VAL N 18 -57.62 -61.57 -26.42
CA VAL N 18 -56.70 -60.91 -27.34
C VAL N 18 -55.28 -61.02 -26.78
N THR N 19 -54.31 -60.50 -27.52
CA THR N 19 -52.91 -60.56 -27.12
C THR N 19 -52.22 -59.25 -27.52
N ILE N 20 -51.88 -58.45 -26.52
CA ILE N 20 -51.15 -57.20 -26.74
C ILE N 20 -49.67 -57.45 -26.48
N SER N 21 -48.82 -57.08 -27.44
CA SER N 21 -47.39 -57.32 -27.35
C SER N 21 -46.64 -56.00 -27.30
N CYS N 22 -45.41 -56.06 -26.79
CA CYS N 22 -44.53 -54.91 -26.70
C CYS N 22 -43.11 -55.36 -27.04
N SER N 23 -42.58 -54.86 -28.14
CA SER N 23 -41.26 -55.25 -28.62
C SER N 23 -40.21 -54.27 -28.12
N GLY N 24 -39.07 -54.80 -27.68
CA GLY N 24 -37.99 -53.97 -27.19
C GLY N 24 -36.66 -54.70 -27.30
N SER N 25 -35.60 -53.92 -27.34
CA SER N 25 -34.25 -54.49 -27.43
C SER N 25 -33.85 -55.13 -26.10
N SER N 26 -32.71 -55.81 -26.13
CA SER N 26 -32.18 -56.48 -24.94
C SER N 26 -31.52 -55.51 -23.97
N SER N 27 -31.44 -54.22 -24.30
CA SER N 27 -30.82 -53.26 -23.41
C SER N 27 -31.78 -52.77 -22.33
N ASN N 28 -33.08 -52.78 -22.61
CA ASN N 28 -34.09 -52.32 -21.67
C ASN N 28 -35.00 -53.45 -21.17
N ILE N 29 -35.45 -54.32 -22.07
CA ILE N 29 -36.31 -55.43 -21.67
C ILE N 29 -35.49 -56.67 -21.32
N GLY N 30 -34.43 -56.93 -22.08
CA GLY N 30 -33.62 -58.12 -21.84
C GLY N 30 -32.90 -58.13 -20.51
N SER N 31 -32.68 -56.96 -19.91
CA SER N 31 -31.98 -56.85 -18.65
C SER N 31 -32.87 -56.37 -17.51
N ASN N 32 -34.15 -56.13 -17.75
CA ASN N 32 -35.06 -55.64 -16.73
C ASN N 32 -36.40 -56.34 -16.90
N THR N 33 -37.42 -55.83 -16.22
CA THR N 33 -38.76 -56.37 -16.26
C THR N 33 -39.72 -55.35 -16.84
N VAL N 34 -40.64 -55.82 -17.68
CA VAL N 34 -41.63 -54.94 -18.29
C VAL N 34 -42.77 -54.70 -17.31
N ASN N 35 -43.33 -53.48 -17.37
CA ASN N 35 -44.44 -53.09 -16.51
C ASN N 35 -45.63 -52.70 -17.38
N TRP N 36 -46.80 -53.21 -17.03
CA TRP N 36 -48.03 -52.95 -17.76
C TRP N 36 -48.92 -52.04 -16.91
N TYR N 37 -49.37 -50.94 -17.49
CA TYR N 37 -50.23 -49.99 -16.80
C TYR N 37 -51.55 -49.84 -17.55
N GLN N 38 -52.64 -49.73 -16.80
CA GLN N 38 -53.97 -49.55 -17.34
C GLN N 38 -54.51 -48.20 -16.92
N GLN N 39 -55.09 -47.46 -17.86
CA GLN N 39 -55.62 -46.13 -17.61
C GLN N 39 -56.98 -46.00 -18.28
N LEU N 40 -58.02 -45.76 -17.47
CA LEU N 40 -59.35 -45.53 -18.02
C LEU N 40 -59.45 -44.12 -18.59
N PRO N 41 -60.22 -43.94 -19.66
CA PRO N 41 -60.35 -42.60 -20.25
C PRO N 41 -61.06 -41.63 -19.33
N GLY N 42 -60.33 -40.63 -18.82
CA GLY N 42 -60.92 -39.62 -17.95
C GLY N 42 -60.38 -39.65 -16.54
N THR N 43 -60.11 -40.85 -16.02
CA THR N 43 -59.64 -41.02 -14.66
C THR N 43 -58.12 -41.22 -14.64
N ALA N 44 -57.59 -41.29 -13.43
CA ALA N 44 -56.15 -41.46 -13.26
C ALA N 44 -55.76 -42.91 -13.58
N PRO N 45 -54.52 -43.12 -14.05
CA PRO N 45 -54.07 -44.48 -14.35
C PRO N 45 -53.95 -45.32 -13.08
N LYS N 46 -53.63 -46.60 -13.29
CA LYS N 46 -53.46 -47.53 -12.19
C LYS N 46 -52.58 -48.69 -12.65
N LEU N 47 -51.87 -49.27 -11.70
CA LEU N 47 -50.99 -50.40 -12.00
C LEU N 47 -51.82 -51.64 -12.35
N LEU N 48 -51.39 -52.34 -13.40
CA LEU N 48 -52.06 -53.55 -13.85
C LEU N 48 -51.23 -54.80 -13.59
N ILE N 49 -50.00 -54.84 -14.10
CA ILE N 49 -49.10 -55.99 -13.92
C ILE N 49 -47.70 -55.46 -13.69
N TYR N 50 -47.07 -55.92 -12.60
CA TYR N 50 -45.71 -55.53 -12.27
C TYR N 50 -44.83 -56.77 -12.20
N SER N 51 -43.59 -56.61 -12.65
CA SER N 51 -42.56 -57.66 -12.68
C SER N 51 -42.95 -58.84 -13.55
N ASN N 52 -44.03 -58.73 -14.32
CA ASN N 52 -44.51 -59.73 -15.29
C ASN N 52 -44.90 -61.06 -14.64
N ASN N 53 -44.88 -61.16 -13.32
CA ASN N 53 -45.23 -62.42 -12.65
C ASN N 53 -46.31 -62.24 -11.59
N GLN N 54 -46.29 -61.13 -10.86
CA GLN N 54 -47.26 -60.88 -9.80
C GLN N 54 -48.25 -59.81 -10.23
N ARG N 55 -49.33 -59.71 -9.46
CA ARG N 55 -50.40 -58.74 -9.71
C ARG N 55 -50.80 -58.10 -8.38
N PRO N 56 -51.21 -56.84 -8.41
CA PRO N 56 -51.64 -56.16 -7.18
C PRO N 56 -52.90 -56.79 -6.61
N SER N 57 -53.26 -56.34 -5.41
CA SER N 57 -54.46 -56.85 -4.75
C SER N 57 -55.73 -56.40 -5.45
N GLY N 58 -55.73 -55.20 -6.03
CA GLY N 58 -56.92 -54.72 -6.73
C GLY N 58 -57.12 -55.35 -8.08
N VAL N 59 -56.04 -55.74 -8.75
CA VAL N 59 -56.12 -56.35 -10.08
C VAL N 59 -56.56 -57.81 -9.93
N PRO N 60 -57.67 -58.21 -10.53
CA PRO N 60 -58.12 -59.60 -10.42
C PRO N 60 -57.28 -60.51 -11.31
N ASP N 61 -57.68 -61.78 -11.37
CA ASP N 61 -57.01 -62.78 -12.17
C ASP N 61 -57.37 -62.71 -13.65
N ARG N 62 -58.08 -61.67 -14.08
CA ARG N 62 -58.48 -61.51 -15.48
C ARG N 62 -57.34 -61.03 -16.37
N PHE N 63 -56.14 -60.83 -15.82
CA PHE N 63 -55.00 -60.35 -16.58
C PHE N 63 -53.79 -61.23 -16.32
N SER N 64 -52.96 -61.38 -17.34
CA SER N 64 -51.74 -62.18 -17.22
C SER N 64 -50.72 -61.68 -18.23
N GLY N 65 -49.45 -61.84 -17.88
CA GLY N 65 -48.37 -61.38 -18.74
C GLY N 65 -47.23 -62.37 -18.75
N SER N 66 -46.44 -62.33 -19.83
CA SER N 66 -45.31 -63.21 -19.99
C SER N 66 -44.14 -62.43 -20.58
N LYS N 67 -42.93 -62.94 -20.36
CA LYS N 67 -41.69 -62.31 -20.84
C LYS N 67 -40.87 -63.32 -21.64
N SER N 68 -41.53 -64.02 -22.55
CA SER N 68 -40.86 -65.01 -23.39
C SER N 68 -39.94 -64.28 -24.37
N GLY N 69 -38.63 -64.42 -24.18
CA GLY N 69 -37.66 -63.77 -25.04
C GLY N 69 -37.40 -62.34 -24.64
N THR N 70 -37.20 -61.47 -25.64
CA THR N 70 -36.92 -60.06 -25.40
C THR N 70 -38.16 -59.18 -25.57
N SER N 71 -39.35 -59.78 -25.59
CA SER N 71 -40.60 -59.04 -25.75
C SER N 71 -41.61 -59.52 -24.72
N ALA N 72 -42.56 -58.64 -24.41
CA ALA N 72 -43.62 -58.94 -23.46
C ALA N 72 -44.92 -59.20 -24.19
N SER N 73 -45.76 -60.05 -23.59
CA SER N 73 -47.04 -60.43 -24.17
C SER N 73 -48.12 -60.36 -23.10
N LEU N 74 -49.18 -59.61 -23.39
CA LEU N 74 -50.30 -59.46 -22.48
C LEU N 74 -51.44 -60.40 -22.90
N ALA N 75 -52.16 -60.91 -21.90
CA ALA N 75 -53.26 -61.82 -22.14
C ALA N 75 -54.41 -61.48 -21.20
N ILE N 76 -55.59 -61.29 -21.77
CA ILE N 76 -56.80 -60.96 -21.01
C ILE N 76 -57.83 -62.03 -21.33
N SER N 77 -57.91 -63.05 -20.48
CA SER N 77 -58.85 -64.16 -20.69
C SER N 77 -60.25 -63.70 -20.34
N GLY N 78 -61.12 -63.60 -21.35
CA GLY N 78 -62.49 -63.20 -21.13
C GLY N 78 -62.66 -61.71 -20.90
N LEU N 79 -62.32 -60.91 -21.90
CA LEU N 79 -62.46 -59.47 -21.79
C LEU N 79 -63.93 -59.06 -21.83
N GLN N 80 -64.21 -57.85 -21.36
CA GLN N 80 -65.57 -57.31 -21.32
C GLN N 80 -65.49 -55.82 -21.64
N SER N 81 -66.61 -55.13 -21.42
CA SER N 81 -66.66 -53.69 -21.67
C SER N 81 -65.86 -52.90 -20.64
N GLU N 82 -65.67 -53.45 -19.44
CA GLU N 82 -64.90 -52.75 -18.42
C GLU N 82 -63.41 -52.73 -18.72
N ASP N 83 -62.92 -53.63 -19.56
CA ASP N 83 -61.51 -53.70 -19.92
C ASP N 83 -61.16 -52.77 -21.08
N GLU N 84 -62.04 -51.85 -21.45
CA GLU N 84 -61.79 -50.91 -22.52
C GLU N 84 -61.01 -49.73 -21.95
N ALA N 85 -59.68 -49.82 -22.00
CA ALA N 85 -58.81 -48.80 -21.46
C ALA N 85 -57.51 -48.80 -22.25
N ASP N 86 -56.62 -47.86 -21.91
CA ASP N 86 -55.33 -47.73 -22.57
C ASP N 86 -54.28 -48.55 -21.82
N TYR N 87 -53.47 -49.29 -22.57
CA TYR N 87 -52.43 -50.14 -22.01
C TYR N 87 -51.07 -49.58 -22.43
N TYR N 88 -50.22 -49.30 -21.45
CA TYR N 88 -48.90 -48.72 -21.70
C TYR N 88 -47.82 -49.67 -21.19
N CYS N 89 -46.74 -49.79 -21.93
CA CYS N 89 -45.59 -50.60 -21.56
C CYS N 89 -44.46 -49.70 -21.06
N ALA N 90 -43.78 -50.17 -20.01
CA ALA N 90 -42.70 -49.41 -19.40
C ALA N 90 -41.54 -50.33 -19.06
N ALA N 91 -40.33 -49.82 -19.22
CA ALA N 91 -39.13 -50.60 -18.92
C ALA N 91 -37.98 -49.63 -18.63
N TRP N 92 -37.11 -50.02 -17.72
CA TRP N 92 -35.96 -49.21 -17.34
C TRP N 92 -34.74 -49.65 -18.15
N ASP N 93 -34.21 -48.73 -18.95
CA ASP N 93 -33.04 -49.04 -19.76
C ASP N 93 -31.76 -48.88 -18.93
N ASP N 94 -30.72 -49.60 -19.34
CA ASP N 94 -29.45 -49.56 -18.62
C ASP N 94 -28.71 -48.24 -18.77
N SER N 95 -29.21 -47.32 -19.60
CA SER N 95 -28.59 -46.02 -19.78
C SER N 95 -29.20 -44.94 -18.87
N LEU N 96 -29.73 -45.35 -17.72
CA LEU N 96 -30.32 -44.44 -16.74
C LEU N 96 -31.45 -43.62 -17.35
N ASN N 97 -32.49 -44.34 -17.77
CA ASN N 97 -33.67 -43.72 -18.35
C ASN N 97 -34.84 -44.67 -18.24
N TRP N 98 -36.05 -44.11 -18.31
CA TRP N 98 -37.30 -44.86 -18.20
C TRP N 98 -38.11 -44.60 -19.47
N VAL N 99 -38.06 -45.54 -20.41
CA VAL N 99 -38.78 -45.41 -21.66
C VAL N 99 -40.19 -45.98 -21.50
N PHE N 100 -41.18 -45.19 -21.90
CA PHE N 100 -42.58 -45.58 -21.80
C PHE N 100 -43.12 -46.01 -23.16
N GLY N 101 -44.31 -46.60 -23.14
CA GLY N 101 -44.95 -47.05 -24.35
C GLY N 101 -45.71 -45.95 -25.06
N GLY N 102 -46.52 -46.35 -26.03
CA GLY N 102 -47.31 -45.41 -26.81
C GLY N 102 -48.79 -45.47 -26.51
N GLY N 103 -49.28 -46.65 -26.17
CA GLY N 103 -50.69 -46.83 -25.88
C GLY N 103 -51.38 -47.77 -26.85
N THR N 104 -52.32 -48.56 -26.33
CA THR N 104 -53.08 -49.52 -27.14
C THR N 104 -54.56 -49.27 -26.94
N LYS N 105 -55.21 -48.71 -27.97
CA LYS N 105 -56.64 -48.43 -27.92
C LYS N 105 -57.41 -49.75 -28.13
N LEU N 106 -57.49 -50.52 -27.05
CA LEU N 106 -58.21 -51.80 -27.06
C LEU N 106 -59.69 -51.55 -26.79
N THR N 107 -60.34 -50.91 -27.77
CA THR N 107 -61.74 -50.57 -27.67
C THR N 107 -62.60 -51.67 -28.30
N VAL N 108 -63.74 -51.95 -27.68
CA VAL N 108 -64.67 -52.95 -28.15
C VAL N 108 -66.09 -52.37 -28.02
N LEU N 109 -66.79 -52.25 -29.15
CA LEU N 109 -68.15 -51.71 -29.15
C LEU N 109 -69.18 -52.85 -29.09
N GLY N 110 -69.08 -53.63 -28.03
CA GLY N 110 -69.97 -54.75 -27.83
C GLY N 110 -69.74 -55.90 -28.78
N GLU N 125 -55.92 -46.99 1.63
CA GLU N 125 -56.50 -45.91 0.85
C GLU N 125 -55.81 -44.59 1.20
N VAL N 126 -54.83 -44.21 0.38
CA VAL N 126 -54.08 -42.96 0.56
C VAL N 126 -54.20 -42.14 -0.72
N GLN N 127 -54.59 -40.89 -0.57
CA GLN N 127 -54.75 -40.00 -1.72
C GLN N 127 -53.39 -39.37 -2.07
N LEU N 128 -53.08 -39.34 -3.36
CA LEU N 128 -51.83 -38.78 -3.87
C LEU N 128 -52.12 -37.57 -4.75
N VAL N 129 -53.05 -36.72 -4.34
CA VAL N 129 -53.41 -35.55 -5.12
C VAL N 129 -52.30 -34.51 -5.03
N GLU N 130 -52.02 -33.84 -6.15
CA GLU N 130 -51.01 -32.80 -6.21
C GLU N 130 -51.57 -31.58 -6.94
N SER N 131 -50.81 -30.50 -6.88
CA SER N 131 -51.21 -29.24 -7.52
C SER N 131 -49.96 -28.42 -7.79
N GLY N 132 -50.16 -27.21 -8.32
CA GLY N 132 -49.05 -26.33 -8.62
C GLY N 132 -48.92 -26.02 -10.10
N GLY N 133 -50.02 -26.13 -10.83
CA GLY N 133 -50.01 -25.85 -12.25
C GLY N 133 -50.35 -24.41 -12.59
N GLY N 134 -51.20 -24.21 -13.58
CA GLY N 134 -51.59 -22.87 -13.98
C GLY N 134 -50.73 -22.31 -15.09
N VAL N 135 -51.34 -21.45 -15.90
CA VAL N 135 -50.63 -20.83 -17.01
C VAL N 135 -49.67 -19.78 -16.46
N VAL N 136 -48.42 -19.83 -16.92
CA VAL N 136 -47.38 -18.91 -16.47
C VAL N 136 -46.71 -18.29 -17.69
N GLN N 137 -45.84 -17.32 -17.44
CA GLN N 137 -45.11 -16.67 -18.50
C GLN N 137 -44.10 -17.64 -19.12
N PRO N 138 -43.97 -17.69 -20.44
CA PRO N 138 -42.97 -18.56 -21.06
C PRO N 138 -41.56 -18.18 -20.67
N GLY N 139 -40.65 -19.13 -20.84
CA GLY N 139 -39.28 -18.94 -20.40
C GLY N 139 -39.08 -19.42 -18.97
N GLY N 140 -39.79 -18.79 -18.03
CA GLY N 140 -39.78 -19.19 -16.64
C GLY N 140 -40.95 -20.10 -16.31
N SER N 141 -41.00 -20.51 -15.05
CA SER N 141 -42.04 -21.40 -14.56
C SER N 141 -42.09 -21.31 -13.04
N LEU N 142 -42.92 -22.14 -12.42
CA LEU N 142 -43.08 -22.19 -10.98
C LEU N 142 -42.70 -23.59 -10.49
N ARG N 143 -42.92 -23.83 -9.20
CA ARG N 143 -42.61 -25.12 -8.59
C ARG N 143 -43.81 -26.05 -8.68
N LEU N 144 -43.52 -27.35 -8.68
CA LEU N 144 -44.54 -28.39 -8.72
C LEU N 144 -44.59 -29.08 -7.36
N SER N 145 -45.72 -28.96 -6.69
CA SER N 145 -45.90 -29.51 -5.35
C SER N 145 -46.71 -30.80 -5.39
N CYS N 146 -46.69 -31.51 -4.27
CA CYS N 146 -47.44 -32.76 -4.12
C CYS N 146 -47.59 -33.02 -2.63
N ALA N 147 -48.55 -33.88 -2.30
CA ALA N 147 -48.83 -34.19 -0.90
C ALA N 147 -49.50 -35.55 -0.81
N ALA N 148 -49.63 -36.04 0.42
CA ALA N 148 -50.27 -37.31 0.71
C ALA N 148 -50.78 -37.27 2.14
N SER N 149 -51.14 -38.44 2.68
CA SER N 149 -51.66 -38.52 4.05
C SER N 149 -51.20 -39.85 4.65
N GLY N 150 -50.08 -39.81 5.37
CA GLY N 150 -49.57 -40.97 6.08
C GLY N 150 -49.35 -42.21 5.24
N PHE N 151 -48.37 -42.15 4.33
CA PHE N 151 -48.06 -43.30 3.47
C PHE N 151 -46.59 -43.69 3.56
N ARG N 152 -45.90 -43.27 4.62
CA ARG N 152 -44.49 -43.61 4.86
C ARG N 152 -43.62 -43.15 3.68
N PHE N 153 -43.57 -41.82 3.53
CA PHE N 153 -42.84 -41.20 2.43
C PHE N 153 -41.36 -41.59 2.43
N ASP N 154 -40.80 -41.88 3.61
CA ASP N 154 -39.39 -42.22 3.69
C ASP N 154 -39.10 -43.58 3.09
N ASP N 155 -40.05 -44.53 3.19
CA ASP N 155 -39.85 -45.88 2.70
C ASP N 155 -40.49 -46.11 1.33
N HIS N 156 -40.72 -45.04 0.57
CA HIS N 156 -41.31 -45.16 -0.75
C HIS N 156 -40.71 -44.11 -1.67
N ALA N 157 -40.68 -44.42 -2.97
CA ALA N 157 -40.16 -43.52 -3.98
C ALA N 157 -41.31 -42.85 -4.74
N MET N 158 -40.98 -41.77 -5.44
CA MET N 158 -41.95 -41.00 -6.20
C MET N 158 -41.44 -40.80 -7.62
N HIS N 159 -42.36 -40.86 -8.57
CA HIS N 159 -42.05 -40.67 -9.98
C HIS N 159 -42.88 -39.52 -10.55
N TRP N 160 -42.35 -38.92 -11.61
CA TRP N 160 -43.04 -37.86 -12.35
C TRP N 160 -43.32 -38.38 -13.75
N VAL N 161 -44.54 -38.86 -13.96
CA VAL N 161 -44.97 -39.39 -15.25
C VAL N 161 -46.08 -38.47 -15.75
N ARG N 162 -45.70 -37.48 -16.56
CA ARG N 162 -46.65 -36.52 -17.10
C ARG N 162 -47.38 -37.11 -18.31
N GLN N 163 -48.54 -36.56 -18.60
CA GLN N 163 -49.37 -37.02 -19.70
C GLN N 163 -49.98 -35.82 -20.41
N ALA N 164 -49.60 -35.61 -21.67
CA ALA N 164 -50.18 -34.54 -22.45
C ALA N 164 -51.64 -34.88 -22.81
N PRO N 165 -52.49 -33.86 -22.97
CA PRO N 165 -53.88 -34.12 -23.34
C PRO N 165 -53.98 -34.81 -24.70
N GLY N 166 -54.48 -36.04 -24.69
CA GLY N 166 -54.62 -36.83 -25.88
C GLY N 166 -53.40 -37.65 -26.27
N LYS N 167 -52.21 -37.25 -25.82
CA LYS N 167 -50.98 -37.96 -26.14
C LYS N 167 -50.72 -39.03 -25.10
N GLY N 168 -49.55 -39.67 -25.17
CA GLY N 168 -49.17 -40.71 -24.25
C GLY N 168 -48.50 -40.16 -23.00
N LEU N 169 -47.89 -41.08 -22.25
CA LEU N 169 -47.19 -40.74 -21.01
C LEU N 169 -45.69 -40.93 -21.19
N GLU N 170 -44.93 -40.24 -20.34
CA GLU N 170 -43.48 -40.32 -20.38
C GLU N 170 -42.92 -39.97 -19.01
N TRP N 171 -41.76 -40.54 -18.70
CA TRP N 171 -41.12 -40.35 -17.40
C TRP N 171 -40.22 -39.13 -17.42
N VAL N 172 -40.32 -38.32 -16.37
CA VAL N 172 -39.58 -37.06 -16.28
C VAL N 172 -38.38 -37.22 -15.35
N SER N 173 -38.64 -37.54 -14.08
CA SER N 173 -37.57 -37.65 -13.10
C SER N 173 -37.98 -38.67 -12.05
N VAL N 174 -37.01 -39.03 -11.20
CA VAL N 174 -37.21 -40.02 -10.15
C VAL N 174 -36.48 -39.56 -8.89
N ILE N 175 -37.09 -39.81 -7.74
CA ILE N 175 -36.49 -39.53 -6.44
C ILE N 175 -36.58 -40.79 -5.59
N SER N 176 -35.47 -41.16 -4.97
CA SER N 176 -35.40 -42.36 -4.15
C SER N 176 -35.88 -42.06 -2.73
N GLY N 177 -36.25 -43.13 -2.02
CA GLY N 177 -36.69 -42.96 -0.63
C GLY N 177 -35.57 -42.53 0.30
N ASP N 178 -34.33 -42.86 -0.05
CA ASP N 178 -33.21 -42.43 0.79
C ASP N 178 -32.93 -40.94 0.65
N GLY N 179 -33.21 -40.37 -0.52
CA GLY N 179 -32.98 -38.96 -0.76
C GLY N 179 -31.59 -38.60 -1.24
N GLY N 180 -30.90 -39.53 -1.90
CA GLY N 180 -29.56 -39.26 -2.38
C GLY N 180 -29.48 -38.99 -3.86
N SER N 181 -29.05 -39.97 -4.64
CA SER N 181 -28.91 -39.80 -6.08
C SER N 181 -30.26 -39.79 -6.76
N THR N 182 -30.39 -38.92 -7.77
CA THR N 182 -31.61 -38.82 -8.56
C THR N 182 -31.25 -38.84 -10.04
N TYR N 183 -32.23 -39.18 -10.87
CA TYR N 183 -32.05 -39.28 -12.30
C TYR N 183 -33.12 -38.49 -13.03
N TYR N 184 -32.76 -37.94 -14.17
CA TYR N 184 -33.67 -37.18 -15.03
C TYR N 184 -33.74 -37.82 -16.41
N ALA N 185 -34.68 -37.34 -17.21
CA ALA N 185 -34.85 -37.85 -18.56
C ALA N 185 -33.81 -37.24 -19.50
N ASP N 186 -33.89 -37.60 -20.77
CA ASP N 186 -32.92 -37.11 -21.76
C ASP N 186 -33.20 -35.67 -22.18
N SER N 187 -34.41 -35.17 -21.95
CA SER N 187 -34.76 -33.81 -22.33
C SER N 187 -34.89 -32.85 -21.16
N VAL N 188 -35.19 -33.36 -19.96
CA VAL N 188 -35.36 -32.51 -18.78
C VAL N 188 -34.12 -32.50 -17.91
N LYS N 189 -33.00 -33.03 -18.39
CA LYS N 189 -31.78 -33.08 -17.60
C LYS N 189 -31.12 -31.71 -17.53
N GLY N 190 -30.65 -31.35 -16.34
CA GLY N 190 -29.98 -30.09 -16.15
C GLY N 190 -30.88 -28.97 -15.70
N ARG N 191 -31.93 -28.69 -16.48
CA ARG N 191 -32.85 -27.59 -16.18
C ARG N 191 -33.94 -27.98 -15.19
N PHE N 192 -33.82 -29.13 -14.53
CA PHE N 192 -34.80 -29.58 -13.54
C PHE N 192 -34.07 -29.90 -12.24
N SER N 193 -34.74 -29.61 -11.12
CA SER N 193 -34.18 -29.86 -9.79
C SER N 193 -35.29 -30.43 -8.92
N ILE N 194 -35.17 -31.71 -8.56
CA ILE N 194 -36.14 -32.40 -7.72
C ILE N 194 -35.49 -32.71 -6.38
N SER N 195 -36.23 -32.46 -5.30
CA SER N 195 -35.71 -32.69 -3.96
C SER N 195 -36.88 -32.82 -3.00
N ARG N 196 -36.58 -33.20 -1.76
CA ARG N 196 -37.58 -33.34 -0.73
C ARG N 196 -37.22 -32.52 0.50
N ASP N 197 -37.98 -32.67 1.58
CA ASP N 197 -37.73 -31.93 2.81
C ASP N 197 -38.06 -32.81 4.00
N ASP N 198 -37.62 -32.38 5.18
CA ASP N 198 -37.87 -33.12 6.41
C ASP N 198 -39.27 -32.89 6.96
N SER N 199 -40.11 -32.14 6.26
CA SER N 199 -41.47 -31.87 6.70
C SER N 199 -42.37 -33.06 6.37
N LYS N 200 -43.68 -32.86 6.45
CA LYS N 200 -44.64 -33.92 6.15
C LYS N 200 -44.54 -34.33 4.67
N ASN N 201 -45.36 -35.31 4.31
CA ASN N 201 -45.34 -35.89 2.96
C ASN N 201 -45.52 -34.81 1.90
N SER N 202 -44.47 -34.59 1.10
CA SER N 202 -44.50 -33.57 0.07
C SER N 202 -43.40 -33.87 -0.93
N LEU N 203 -43.40 -33.11 -2.03
CA LEU N 203 -42.41 -33.27 -3.09
C LEU N 203 -42.36 -32.00 -3.90
N TYR N 204 -41.18 -31.42 -4.05
CA TYR N 204 -40.97 -30.17 -4.76
C TYR N 204 -40.16 -30.45 -6.03
N LEU N 205 -40.66 -29.95 -7.16
CA LEU N 205 -40.00 -30.10 -8.45
C LEU N 205 -39.91 -28.72 -9.11
N GLN N 206 -38.70 -28.20 -9.27
CA GLN N 206 -38.47 -26.91 -9.88
C GLN N 206 -38.17 -27.08 -11.36
N MET N 207 -38.84 -26.27 -12.19
CA MET N 207 -38.68 -26.31 -13.64
C MET N 207 -37.98 -25.04 -14.10
N ASN N 208 -37.07 -25.20 -15.07
CA ASN N 208 -36.33 -24.07 -15.63
C ASN N 208 -36.20 -24.26 -17.13
N SER N 209 -35.91 -23.16 -17.82
CA SER N 209 -35.74 -23.13 -19.28
C SER N 209 -36.99 -23.69 -19.97
N LEU N 210 -38.10 -23.00 -19.77
CA LEU N 210 -39.37 -23.43 -20.35
C LEU N 210 -39.36 -23.18 -21.86
N ARG N 211 -39.64 -24.22 -22.63
CA ARG N 211 -39.67 -24.15 -24.08
C ARG N 211 -41.08 -24.28 -24.65
N THR N 212 -42.09 -24.11 -23.81
CA THR N 212 -43.53 -24.13 -24.13
C THR N 212 -44.03 -25.51 -24.53
N GLU N 213 -43.15 -26.51 -24.63
CA GLU N 213 -43.56 -27.89 -24.94
C GLU N 213 -43.73 -28.70 -23.66
N ASP N 214 -44.53 -28.19 -22.72
CA ASP N 214 -44.73 -28.88 -21.44
C ASP N 214 -46.20 -28.97 -21.06
N THR N 215 -47.11 -28.95 -22.03
CA THR N 215 -48.53 -29.06 -21.74
C THR N 215 -48.88 -30.50 -21.35
N ALA N 216 -48.89 -30.79 -20.06
CA ALA N 216 -49.18 -32.13 -19.56
C ALA N 216 -49.84 -32.00 -18.19
N LEU N 217 -49.88 -33.13 -17.46
CA LEU N 217 -50.52 -33.17 -16.15
C LEU N 217 -49.55 -33.35 -15.00
N TYR N 218 -48.39 -33.97 -15.23
CA TYR N 218 -47.35 -34.15 -14.22
C TYR N 218 -47.89 -34.93 -13.01
N TYR N 219 -48.26 -36.18 -13.26
CA TYR N 219 -48.77 -37.04 -12.20
C TYR N 219 -47.73 -37.25 -11.11
N CYS N 220 -48.14 -37.07 -9.85
CA CYS N 220 -47.29 -37.35 -8.70
C CYS N 220 -47.40 -38.83 -8.39
N ALA N 221 -46.65 -39.63 -9.15
CA ALA N 221 -46.74 -41.09 -9.07
C ALA N 221 -46.08 -41.61 -7.80
N LYS N 222 -46.75 -42.57 -7.17
CA LYS N 222 -46.23 -43.22 -5.97
C LYS N 222 -45.66 -44.58 -6.33
N ASP N 223 -44.52 -44.91 -5.73
CA ASP N 223 -43.84 -46.18 -5.94
C ASP N 223 -43.80 -46.97 -4.64
N ARG N 224 -43.21 -48.17 -4.72
CA ARG N 224 -43.10 -49.05 -3.57
C ARG N 224 -41.66 -49.36 -3.16
N SER N 225 -40.69 -49.18 -4.05
CA SER N 225 -39.30 -49.46 -3.74
C SER N 225 -38.71 -48.36 -2.86
N TYR N 226 -37.45 -48.53 -2.49
CA TYR N 226 -36.75 -47.57 -1.65
C TYR N 226 -35.67 -46.80 -2.40
N GLY N 227 -34.74 -47.50 -3.06
CA GLY N 227 -33.72 -46.84 -3.83
C GLY N 227 -34.18 -46.53 -5.23
N PRO N 228 -33.27 -45.95 -6.02
CA PRO N 228 -33.61 -45.64 -7.41
C PRO N 228 -33.77 -46.91 -8.22
N PRO N 229 -34.67 -46.91 -9.21
CA PRO N 229 -34.89 -48.14 -10.00
C PRO N 229 -33.75 -48.45 -10.96
N ASP N 230 -32.54 -48.61 -10.42
CA ASP N 230 -31.39 -48.97 -11.24
C ASP N 230 -30.66 -50.16 -10.64
N VAL N 231 -30.74 -50.32 -9.32
CA VAL N 231 -30.10 -51.43 -8.63
C VAL N 231 -31.15 -52.52 -8.39
N PHE N 232 -32.40 -52.13 -8.22
CA PHE N 232 -33.51 -53.06 -8.00
C PHE N 232 -34.25 -53.20 -9.34
N ASN N 233 -33.82 -54.18 -10.14
CA ASN N 233 -34.39 -54.40 -11.47
C ASN N 233 -35.45 -55.49 -11.47
N TYR N 234 -35.98 -55.85 -10.30
CA TYR N 234 -37.05 -56.84 -10.23
C TYR N 234 -38.19 -56.45 -9.30
N GLU N 235 -38.02 -55.44 -8.44
CA GLU N 235 -39.07 -54.98 -7.54
C GLU N 235 -39.64 -53.63 -7.92
N TYR N 236 -38.99 -52.89 -8.81
CA TYR N 236 -39.45 -51.56 -9.18
C TYR N 236 -40.81 -51.63 -9.85
N GLY N 237 -41.73 -50.79 -9.39
CA GLY N 237 -43.07 -50.72 -9.95
C GLY N 237 -43.65 -49.33 -9.78
N MET N 238 -44.95 -49.26 -9.55
CA MET N 238 -45.62 -47.98 -9.34
C MET N 238 -46.95 -48.23 -8.66
N ASP N 239 -47.17 -47.58 -7.52
CA ASP N 239 -48.39 -47.77 -6.75
C ASP N 239 -49.53 -46.94 -7.35
N VAL N 240 -50.62 -46.78 -6.60
CA VAL N 240 -51.78 -46.05 -7.08
C VAL N 240 -51.39 -44.62 -7.44
N TRP N 241 -51.94 -44.12 -8.54
CA TRP N 241 -51.63 -42.78 -9.03
C TRP N 241 -52.39 -41.75 -8.20
N GLY N 242 -52.34 -40.50 -8.63
CA GLY N 242 -53.02 -39.42 -7.93
C GLY N 242 -53.59 -38.42 -8.91
N GLN N 243 -54.62 -37.71 -8.45
CA GLN N 243 -55.28 -36.70 -9.27
C GLN N 243 -54.36 -35.52 -9.47
N GLY N 244 -53.96 -35.27 -10.73
CA GLY N 244 -53.05 -34.19 -11.03
C GLY N 244 -53.75 -32.97 -11.61
N THR N 245 -53.04 -31.84 -11.57
CA THR N 245 -53.54 -30.60 -12.11
C THR N 245 -53.22 -30.47 -13.59
N THR N 246 -54.02 -29.67 -14.29
CA THR N 246 -53.85 -29.45 -15.72
C THR N 246 -53.13 -28.13 -15.94
N VAL N 247 -51.83 -28.19 -16.18
CA VAL N 247 -51.02 -27.00 -16.43
C VAL N 247 -50.87 -26.82 -17.94
N THR N 248 -51.34 -25.69 -18.45
CA THR N 248 -51.27 -25.38 -19.88
C THR N 248 -50.59 -24.02 -20.02
N VAL N 249 -49.30 -24.05 -20.34
CA VAL N 249 -48.55 -22.80 -20.53
C VAL N 249 -49.02 -22.07 -21.78
N SER N 250 -49.05 -22.77 -22.91
CA SER N 250 -49.50 -22.22 -24.19
C SER N 250 -48.73 -20.96 -24.57
N SER N 251 -47.45 -20.90 -24.21
CA SER N 251 -46.58 -19.76 -24.51
C SER N 251 -47.14 -18.46 -23.96
N VAL O 3 -8.17 1.34 -46.17
CA VAL O 3 -7.59 2.66 -45.95
C VAL O 3 -8.30 3.70 -46.80
N LEU O 4 -8.87 4.70 -46.15
CA LEU O 4 -9.59 5.78 -46.81
C LEU O 4 -8.83 7.09 -46.68
N THR O 5 -9.33 8.11 -47.37
CA THR O 5 -8.72 9.43 -47.38
C THR O 5 -9.70 10.43 -46.78
N GLN O 6 -9.30 11.06 -45.69
CA GLN O 6 -10.11 12.07 -45.00
C GLN O 6 -9.22 13.24 -44.62
N PRO O 7 -9.77 14.45 -44.61
CA PRO O 7 -8.98 15.63 -44.23
C PRO O 7 -8.61 15.57 -42.76
N PRO O 8 -7.35 15.87 -42.41
CA PRO O 8 -6.97 15.88 -40.99
C PRO O 8 -7.87 16.74 -40.11
N SER O 9 -8.08 18.00 -40.48
CA SER O 9 -8.90 18.91 -39.70
C SER O 9 -9.66 19.83 -40.63
N ALA O 10 -10.68 20.49 -40.09
CA ALA O 10 -11.50 21.43 -40.86
C ALA O 10 -12.07 22.45 -39.87
N SER O 11 -11.49 23.65 -39.87
CA SER O 11 -11.93 24.71 -38.97
C SER O 11 -12.16 26.05 -39.66
N GLY O 12 -11.57 26.29 -40.82
CA GLY O 12 -11.78 27.55 -41.51
C GLY O 12 -13.20 27.67 -42.05
N SER O 13 -13.74 28.89 -41.99
CA SER O 13 -15.10 29.20 -42.42
C SER O 13 -16.10 28.28 -41.73
N PRO O 14 -16.35 28.46 -40.43
CA PRO O 14 -17.23 27.54 -39.69
C PRO O 14 -18.66 27.65 -40.17
N GLY O 15 -19.22 26.52 -40.60
CA GLY O 15 -20.62 26.45 -40.98
C GLY O 15 -20.99 27.19 -42.24
N GLN O 16 -20.02 27.54 -43.07
CA GLN O 16 -20.31 28.23 -44.33
C GLN O 16 -19.78 27.49 -45.55
N SER O 17 -18.56 26.94 -45.48
CA SER O 17 -17.99 26.21 -46.59
C SER O 17 -17.22 24.98 -46.12
N VAL O 18 -17.66 24.37 -45.01
CA VAL O 18 -16.95 23.21 -44.47
C VAL O 18 -17.09 22.02 -45.41
N THR O 19 -18.32 21.57 -45.63
CA THR O 19 -18.70 20.50 -46.57
C THR O 19 -17.64 19.38 -46.62
N ILE O 20 -17.39 18.78 -45.45
CA ILE O 20 -16.42 17.70 -45.37
C ILE O 20 -16.91 16.49 -46.16
N SER O 21 -15.95 15.66 -46.58
CA SER O 21 -16.25 14.45 -47.33
C SER O 21 -15.14 13.43 -47.04
N CYS O 22 -15.10 12.36 -47.83
CA CYS O 22 -14.08 11.33 -47.69
C CYS O 22 -13.75 10.80 -49.08
N THR O 23 -12.61 11.23 -49.61
CA THR O 23 -12.16 10.80 -50.93
C THR O 23 -11.39 9.49 -50.80
N GLY O 24 -10.74 9.07 -51.89
CA GLY O 24 -9.98 7.83 -51.89
C GLY O 24 -10.78 6.60 -52.24
N THR O 25 -11.87 6.74 -52.99
CA THR O 25 -12.68 5.60 -53.40
C THR O 25 -12.26 5.07 -54.76
N SER O 26 -12.13 5.95 -55.75
CA SER O 26 -11.72 5.61 -57.11
C SER O 26 -12.63 4.56 -57.77
N SER O 27 -13.87 4.46 -57.30
CA SER O 27 -14.82 3.50 -57.85
C SER O 27 -16.22 4.09 -57.69
N ASP O 28 -17.24 3.25 -57.84
CA ASP O 28 -18.63 3.64 -57.71
C ASP O 28 -19.26 3.09 -56.44
N PHE O 29 -18.47 3.07 -55.35
CA PHE O 29 -18.92 2.60 -54.04
C PHE O 29 -19.41 1.16 -54.09
N GLY O 30 -18.83 0.35 -54.98
CA GLY O 30 -19.19 -1.04 -55.11
C GLY O 30 -20.61 -1.27 -55.58
N GLY O 31 -21.45 -1.85 -54.72
CA GLY O 31 -22.83 -2.13 -55.08
C GLY O 31 -23.80 -1.14 -54.47
N TYR O 32 -24.46 -1.54 -53.39
CA TYR O 32 -25.40 -0.67 -52.70
C TYR O 32 -24.70 0.57 -52.15
N ASN O 33 -25.06 1.74 -52.67
CA ASN O 33 -24.44 3.00 -52.26
C ASN O 33 -25.04 3.43 -50.94
N SER O 34 -24.45 2.95 -49.85
CA SER O 34 -24.87 3.27 -48.48
C SER O 34 -23.65 3.78 -47.72
N VAL O 35 -23.49 5.10 -47.69
CA VAL O 35 -22.39 5.74 -46.99
C VAL O 35 -22.96 6.41 -45.74
N SER O 36 -22.57 5.91 -44.58
CA SER O 36 -23.06 6.44 -43.32
C SER O 36 -22.08 7.46 -42.74
N TRP O 37 -22.59 8.27 -41.81
CA TRP O 37 -21.80 9.31 -41.15
C TRP O 37 -22.04 9.23 -39.65
N TYR O 38 -20.97 8.98 -38.90
CA TYR O 38 -21.04 8.85 -37.45
C TYR O 38 -20.41 10.07 -36.80
N GLN O 39 -21.07 10.61 -35.78
CA GLN O 39 -20.60 11.77 -35.03
C GLN O 39 -19.96 11.25 -33.74
N GLN O 40 -18.65 11.02 -33.78
CA GLN O 40 -17.92 10.51 -32.63
C GLN O 40 -17.66 11.66 -31.66
N HIS O 41 -18.40 11.66 -30.55
CA HIS O 41 -18.26 12.69 -29.52
C HIS O 41 -17.51 12.12 -28.31
N PRO O 42 -16.59 12.89 -27.73
CA PRO O 42 -15.87 12.39 -26.55
C PRO O 42 -16.82 12.17 -25.37
N GLY O 43 -16.62 11.06 -24.67
CA GLY O 43 -17.49 10.70 -23.58
C GLY O 43 -18.48 9.62 -23.95
N LYS O 44 -19.73 10.00 -24.20
CA LYS O 44 -20.76 9.05 -24.55
C LYS O 44 -20.47 8.43 -25.93
N ALA O 45 -21.24 7.39 -26.25
CA ALA O 45 -21.06 6.70 -27.51
C ALA O 45 -21.51 7.59 -28.68
N PRO O 46 -20.93 7.40 -29.86
CA PRO O 46 -21.34 8.19 -31.03
C PRO O 46 -22.79 7.94 -31.41
N LYS O 47 -23.34 8.84 -32.20
CA LYS O 47 -24.73 8.77 -32.65
C LYS O 47 -24.78 8.90 -34.16
N LEU O 48 -25.65 8.10 -34.78
CA LEU O 48 -25.81 8.14 -36.23
C LEU O 48 -26.43 9.46 -36.66
N MET O 49 -25.92 10.01 -37.77
CA MET O 49 -26.41 11.25 -38.34
C MET O 49 -27.19 11.03 -39.64
N ILE O 50 -26.64 10.24 -40.55
CA ILE O 50 -27.31 9.94 -41.82
C ILE O 50 -26.71 8.65 -42.37
N TYR O 51 -27.57 7.83 -42.98
CA TYR O 51 -27.16 6.53 -43.49
C TYR O 51 -27.09 6.48 -45.01
N GLU O 52 -28.06 7.06 -45.70
CA GLU O 52 -28.06 7.10 -47.16
C GLU O 52 -27.64 8.48 -47.64
N VAL O 53 -27.72 8.70 -48.95
CA VAL O 53 -27.42 10.02 -49.49
C VAL O 53 -28.52 11.02 -49.16
N SER O 54 -29.71 10.54 -48.85
CA SER O 54 -30.83 11.40 -48.47
C SER O 54 -31.65 10.67 -47.41
N LYS O 55 -32.85 11.18 -47.14
CA LYS O 55 -33.77 10.59 -46.16
C LYS O 55 -33.11 10.49 -44.79
N ARG O 56 -32.78 11.66 -44.23
CA ARG O 56 -32.16 11.73 -42.92
C ARG O 56 -33.10 11.18 -41.85
N PRO O 57 -32.55 10.50 -40.83
CA PRO O 57 -33.42 9.94 -39.79
C PRO O 57 -33.95 11.00 -38.84
N SER O 58 -34.67 10.58 -37.80
CA SER O 58 -35.24 11.49 -36.82
C SER O 58 -34.12 12.11 -35.99
N GLY O 59 -33.83 13.39 -36.25
CA GLY O 59 -32.78 14.08 -35.53
C GLY O 59 -32.69 15.55 -35.89
N VAL O 60 -31.48 16.08 -35.96
CA VAL O 60 -31.29 17.49 -36.34
C VAL O 60 -31.60 17.65 -37.82
N PRO O 61 -32.43 18.62 -38.20
CA PRO O 61 -32.79 18.79 -39.61
C PRO O 61 -31.93 19.78 -40.38
N ASP O 62 -30.83 20.26 -39.80
CA ASP O 62 -29.96 21.23 -40.46
C ASP O 62 -28.73 20.57 -41.07
N ARG O 63 -28.75 19.24 -41.25
CA ARG O 63 -27.64 18.52 -41.88
C ARG O 63 -28.26 17.48 -42.82
N PHE O 64 -28.28 17.79 -44.10
CA PHE O 64 -28.84 16.88 -45.10
C PHE O 64 -28.10 17.12 -46.42
N SER O 65 -28.66 16.61 -47.51
CA SER O 65 -28.11 16.75 -48.85
C SER O 65 -26.70 16.16 -48.93
N GLY O 66 -26.61 14.87 -48.63
CA GLY O 66 -25.36 14.15 -48.71
C GLY O 66 -25.16 13.49 -50.05
N SER O 67 -25.16 14.29 -51.12
CA SER O 67 -25.02 13.75 -52.46
C SER O 67 -23.61 13.23 -52.70
N LYS O 68 -23.50 12.22 -53.56
CA LYS O 68 -22.21 11.61 -53.90
C LYS O 68 -21.66 12.32 -55.13
N SER O 69 -20.89 13.38 -54.89
CA SER O 69 -20.29 14.16 -55.95
C SER O 69 -18.98 13.51 -56.39
N GLY O 70 -18.90 13.17 -57.68
CA GLY O 70 -17.72 12.52 -58.20
C GLY O 70 -17.54 11.11 -57.67
N ASN O 71 -16.54 10.90 -56.82
CA ASN O 71 -16.26 9.60 -56.22
C ASN O 71 -16.25 9.69 -54.70
N THR O 72 -16.96 10.68 -54.14
CA THR O 72 -17.02 10.85 -52.69
C THR O 72 -18.37 11.44 -52.32
N ALA O 73 -18.81 11.17 -51.09
CA ALA O 73 -20.07 11.67 -50.58
C ALA O 73 -19.83 13.00 -49.87
N SER O 74 -20.27 14.09 -50.47
CA SER O 74 -20.10 15.43 -49.92
C SER O 74 -21.29 15.75 -49.03
N LEU O 75 -21.16 15.49 -47.73
CA LEU O 75 -22.23 15.75 -46.78
C LEU O 75 -22.30 17.25 -46.50
N THR O 76 -23.38 17.89 -46.95
CA THR O 76 -23.57 19.32 -46.75
C THR O 76 -23.81 19.60 -45.28
N VAL O 77 -22.85 20.24 -44.62
CA VAL O 77 -22.94 20.56 -43.20
C VAL O 77 -23.04 22.05 -42.95
N SER O 78 -22.98 22.87 -44.00
CA SER O 78 -23.05 24.32 -43.84
C SER O 78 -24.42 24.73 -43.29
N GLY O 79 -24.42 25.78 -42.49
CA GLY O 79 -25.65 26.27 -41.88
C GLY O 79 -26.18 25.41 -40.77
N LEU O 80 -25.35 24.56 -40.17
CA LEU O 80 -25.80 23.68 -39.09
C LEU O 80 -25.81 24.42 -37.75
N GLN O 81 -24.63 24.82 -37.28
CA GLN O 81 -24.47 25.54 -36.03
C GLN O 81 -23.04 26.07 -35.98
N ALA O 82 -22.69 26.72 -34.86
CA ALA O 82 -21.38 27.32 -34.68
C ALA O 82 -20.75 26.94 -33.35
N GLU O 83 -21.13 25.77 -32.82
CA GLU O 83 -20.56 25.29 -31.56
C GLU O 83 -20.67 23.76 -31.56
N ASP O 84 -19.54 23.09 -31.81
CA ASP O 84 -19.52 21.64 -31.87
C ASP O 84 -18.09 21.16 -31.64
N GLU O 85 -17.96 20.07 -30.89
CA GLU O 85 -16.67 19.44 -30.61
C GLU O 85 -16.85 17.92 -30.72
N ALA O 86 -16.64 17.40 -31.93
CA ALA O 86 -16.80 15.98 -32.19
C ALA O 86 -15.94 15.61 -33.39
N ASP O 87 -16.08 14.37 -33.87
CA ASP O 87 -15.32 13.86 -35.00
C ASP O 87 -16.29 13.13 -35.93
N TYR O 88 -16.25 13.50 -37.22
CA TYR O 88 -17.11 12.89 -38.23
C TYR O 88 -16.35 11.80 -38.96
N TYR O 89 -16.96 10.64 -39.08
CA TYR O 89 -16.38 9.51 -39.80
C TYR O 89 -17.36 9.03 -40.86
N CYS O 90 -16.84 8.66 -42.02
CA CYS O 90 -17.65 8.16 -43.13
C CYS O 90 -17.32 6.70 -43.37
N SER O 91 -18.30 5.98 -43.94
CA SER O 91 -18.17 4.55 -44.20
C SER O 91 -18.32 4.29 -45.68
N SER O 92 -17.44 3.45 -46.23
CA SER O 92 -17.45 3.10 -47.64
C SER O 92 -16.73 1.77 -47.80
N TYR O 93 -16.39 1.43 -49.04
CA TYR O 93 -15.69 0.19 -49.38
C TYR O 93 -16.49 -1.03 -48.90
N ALA O 94 -17.66 -1.19 -49.53
CA ALA O 94 -18.62 -2.21 -49.17
C ALA O 94 -18.34 -3.56 -49.81
N GLY O 95 -17.11 -3.82 -50.22
CA GLY O 95 -16.78 -5.10 -50.81
C GLY O 95 -17.02 -6.26 -49.87
N SER O 96 -17.11 -7.46 -50.45
CA SER O 96 -17.41 -8.67 -49.69
C SER O 96 -16.31 -8.99 -48.69
N ASN O 97 -16.66 -8.99 -47.40
CA ASN O 97 -15.74 -9.34 -46.32
C ASN O 97 -14.50 -8.44 -46.33
N ASN O 98 -14.75 -7.14 -46.16
CA ASN O 98 -13.70 -6.14 -46.10
C ASN O 98 -13.93 -5.25 -44.89
N PHE O 99 -13.06 -5.37 -43.90
CA PHE O 99 -13.18 -4.62 -42.66
C PHE O 99 -12.51 -3.25 -42.81
N ASP O 100 -12.37 -2.53 -41.69
CA ASP O 100 -11.75 -1.21 -41.66
C ASP O 100 -12.45 -0.24 -42.60
N VAL O 101 -13.78 -0.23 -42.55
CA VAL O 101 -14.57 0.65 -43.40
C VAL O 101 -14.58 2.09 -42.92
N PHE O 102 -14.12 2.35 -41.69
CA PHE O 102 -14.10 3.70 -41.16
C PHE O 102 -12.96 4.51 -41.77
N GLY O 103 -12.94 5.79 -41.45
CA GLY O 103 -11.91 6.70 -41.92
C GLY O 103 -11.05 7.25 -40.78
N THR O 104 -10.11 8.09 -41.18
CA THR O 104 -9.21 8.71 -40.22
C THR O 104 -9.94 9.82 -39.45
N GLY O 105 -9.32 10.25 -38.36
CA GLY O 105 -9.89 11.28 -37.52
C GLY O 105 -9.94 12.64 -38.18
N THR O 106 -11.16 13.13 -38.44
CA THR O 106 -11.37 14.43 -39.07
C THR O 106 -11.88 15.40 -38.01
N LYS O 107 -11.08 16.43 -37.73
CA LYS O 107 -11.42 17.43 -36.72
C LYS O 107 -12.35 18.46 -37.37
N VAL O 108 -13.65 18.32 -37.15
CA VAL O 108 -14.64 19.20 -37.74
C VAL O 108 -15.16 20.23 -36.72
N THR O 109 -14.38 20.52 -35.69
CA THR O 109 -14.79 21.49 -34.68
C THR O 109 -14.92 22.88 -35.29
N VAL O 110 -16.15 23.39 -35.37
CA VAL O 110 -16.36 24.71 -35.96
C VAL O 110 -15.94 25.81 -35.01
N LEU O 111 -15.97 25.55 -33.70
CA LEU O 111 -15.59 26.52 -32.69
C LEU O 111 -14.38 26.07 -31.87
N GLY O 112 -14.37 24.83 -31.42
CA GLY O 112 -13.28 24.32 -30.63
C GLY O 112 -13.48 24.51 -29.14
N GLY O 113 -13.55 25.76 -28.71
CA GLY O 113 -13.75 26.07 -27.30
C GLY O 113 -15.15 25.75 -26.81
N GLY O 114 -16.15 26.39 -27.39
CA GLY O 114 -17.53 26.16 -27.01
C GLY O 114 -18.43 25.80 -28.18
N GLY O 124 -30.71 7.54 -26.72
CA GLY O 124 -29.82 6.41 -26.66
C GLY O 124 -29.70 5.83 -25.26
N GLY O 125 -30.09 6.62 -24.26
CA GLY O 125 -29.99 6.19 -22.88
C GLY O 125 -31.02 5.15 -22.49
N SER O 126 -32.30 5.51 -22.58
CA SER O 126 -33.39 4.63 -22.20
C SER O 126 -34.10 4.01 -23.39
N GLU O 127 -33.47 4.03 -24.57
CA GLU O 127 -34.09 3.45 -25.77
C GLU O 127 -34.34 1.96 -25.60
N VAL O 128 -33.27 1.18 -25.46
CA VAL O 128 -33.41 -0.25 -25.26
C VAL O 128 -32.69 -0.67 -23.97
N GLN O 129 -31.37 -0.49 -23.94
CA GLN O 129 -30.51 -0.84 -22.82
C GLN O 129 -29.08 -0.43 -23.14
N LEU O 130 -28.25 -0.35 -22.11
CA LEU O 130 -26.82 -0.08 -22.29
C LEU O 130 -26.08 -0.62 -21.06
N VAL O 131 -25.38 -1.74 -21.25
CA VAL O 131 -24.59 -2.35 -20.19
C VAL O 131 -23.30 -2.90 -20.78
N GLU O 132 -22.27 -2.98 -19.94
CA GLU O 132 -20.98 -3.53 -20.33
C GLU O 132 -20.45 -4.37 -19.18
N SER O 133 -19.18 -4.77 -19.27
CA SER O 133 -18.55 -5.58 -18.25
C SER O 133 -17.71 -4.77 -17.26
N GLY O 134 -17.19 -3.62 -17.68
CA GLY O 134 -16.35 -2.81 -16.81
C GLY O 134 -15.01 -3.44 -16.52
N GLY O 135 -14.19 -3.59 -17.56
CA GLY O 135 -12.90 -4.23 -17.41
C GLY O 135 -11.83 -3.34 -16.80
N GLY O 136 -11.96 -3.04 -15.52
CA GLY O 136 -10.97 -2.22 -14.83
C GLY O 136 -9.73 -3.02 -14.49
N LEU O 137 -8.57 -2.52 -14.93
CA LEU O 137 -7.27 -3.15 -14.68
C LEU O 137 -7.25 -4.59 -15.22
N ILE O 138 -7.38 -4.69 -16.54
CA ILE O 138 -7.39 -6.00 -17.18
C ILE O 138 -5.99 -6.60 -17.17
N GLN O 139 -5.88 -7.82 -16.66
CA GLN O 139 -4.61 -8.52 -16.68
C GLN O 139 -4.24 -8.91 -18.11
N PRO O 140 -2.99 -8.69 -18.52
CA PRO O 140 -2.60 -9.04 -19.90
C PRO O 140 -2.73 -10.54 -20.14
N GLY O 141 -3.65 -10.90 -21.05
CA GLY O 141 -3.93 -12.29 -21.33
C GLY O 141 -5.23 -12.74 -20.72
N GLY O 142 -5.33 -14.03 -20.39
CA GLY O 142 -6.55 -14.54 -19.79
C GLY O 142 -7.71 -14.55 -20.76
N SER O 143 -8.91 -14.41 -20.21
CA SER O 143 -10.13 -14.41 -21.00
C SER O 143 -11.20 -13.62 -20.26
N LEU O 144 -11.48 -12.40 -20.73
CA LEU O 144 -12.50 -11.54 -20.14
C LEU O 144 -13.68 -11.45 -21.08
N ARG O 145 -14.89 -11.51 -20.53
CA ARG O 145 -16.12 -11.52 -21.29
C ARG O 145 -16.86 -10.20 -21.10
N LEU O 146 -17.29 -9.60 -22.22
CA LEU O 146 -18.04 -8.35 -22.20
C LEU O 146 -19.38 -8.58 -22.85
N SER O 147 -20.46 -8.18 -22.17
CA SER O 147 -21.82 -8.40 -22.64
C SER O 147 -22.55 -7.08 -22.81
N CYS O 148 -23.61 -7.12 -23.61
CA CYS O 148 -24.47 -5.98 -23.89
C CYS O 148 -25.93 -6.37 -23.78
N ALA O 149 -26.29 -7.03 -22.68
CA ALA O 149 -27.65 -7.50 -22.43
C ALA O 149 -28.67 -6.40 -22.68
N ALA O 150 -29.60 -6.67 -23.61
CA ALA O 150 -30.62 -5.71 -24.00
C ALA O 150 -31.98 -6.29 -23.65
N SER O 151 -32.69 -5.64 -22.73
CA SER O 151 -34.03 -6.07 -22.35
C SER O 151 -35.09 -5.68 -23.36
N GLY O 152 -34.74 -4.93 -24.40
CA GLY O 152 -35.68 -4.52 -25.42
C GLY O 152 -35.57 -5.35 -26.69
N PHE O 153 -34.88 -4.82 -27.70
CA PHE O 153 -34.67 -5.54 -28.95
C PHE O 153 -33.98 -6.87 -28.68
N THR O 154 -34.32 -7.87 -29.50
CA THR O 154 -33.77 -9.21 -29.33
C THR O 154 -32.26 -9.19 -29.59
N VAL O 155 -31.52 -9.83 -28.68
CA VAL O 155 -30.06 -9.85 -28.73
C VAL O 155 -29.60 -11.09 -29.47
N SER O 156 -30.55 -11.84 -30.05
CA SER O 156 -30.25 -13.08 -30.73
C SER O 156 -30.78 -13.17 -32.14
N SER O 157 -31.50 -12.15 -32.62
CA SER O 157 -32.05 -12.16 -33.97
C SER O 157 -31.48 -11.09 -34.89
N ASN O 158 -31.16 -9.91 -34.36
CA ASN O 158 -30.64 -8.84 -35.19
C ASN O 158 -29.15 -9.06 -35.46
N TYR O 159 -28.64 -8.33 -36.46
CA TYR O 159 -27.25 -8.44 -36.88
C TYR O 159 -26.44 -7.36 -36.16
N MET O 160 -25.64 -7.77 -35.19
CA MET O 160 -24.82 -6.86 -34.40
C MET O 160 -23.36 -7.01 -34.79
N SER O 161 -22.54 -6.09 -34.27
CA SER O 161 -21.11 -6.08 -34.55
C SER O 161 -20.37 -5.48 -33.37
N TRP O 162 -19.04 -5.53 -33.44
CA TRP O 162 -18.17 -4.99 -32.40
C TRP O 162 -17.11 -4.12 -33.06
N VAL O 163 -17.05 -2.86 -32.65
CA VAL O 163 -16.10 -1.89 -33.18
C VAL O 163 -15.39 -1.22 -32.01
N ARG O 164 -14.06 -1.18 -32.06
CA ARG O 164 -13.26 -0.56 -31.02
C ARG O 164 -12.52 0.65 -31.58
N GLN O 165 -12.13 1.57 -30.70
CA GLN O 165 -11.38 2.76 -31.07
C GLN O 165 -10.39 3.08 -29.97
N ALA O 166 -9.19 3.50 -30.38
CA ALA O 166 -8.12 3.84 -29.46
C ALA O 166 -7.85 5.34 -29.47
N PRO O 167 -7.30 5.89 -28.38
CA PRO O 167 -6.92 7.31 -28.37
C PRO O 167 -6.06 7.71 -29.56
N GLY O 168 -6.53 8.66 -30.34
CA GLY O 168 -5.81 9.11 -31.53
C GLY O 168 -6.16 8.42 -32.82
N LYS O 169 -6.20 7.09 -32.79
CA LYS O 169 -6.54 6.32 -33.99
C LYS O 169 -8.05 6.27 -34.18
N GLY O 170 -8.46 6.05 -35.43
CA GLY O 170 -9.86 5.98 -35.78
C GLY O 170 -10.46 4.61 -35.51
N LEU O 171 -11.76 4.51 -35.80
CA LEU O 171 -12.47 3.26 -35.59
C LEU O 171 -12.13 2.25 -36.68
N GLU O 172 -12.44 0.99 -36.41
CA GLU O 172 -12.20 -0.09 -37.36
C GLU O 172 -13.04 -1.30 -36.96
N TRP O 173 -13.44 -2.07 -37.96
CA TRP O 173 -14.27 -3.24 -37.73
C TRP O 173 -13.46 -4.33 -37.05
N VAL O 174 -13.99 -4.87 -35.95
CA VAL O 174 -13.27 -5.84 -35.13
C VAL O 174 -13.96 -7.19 -35.16
N SER O 175 -15.28 -7.18 -35.30
CA SER O 175 -16.05 -8.41 -35.25
C SER O 175 -17.38 -8.23 -35.96
N VAL O 176 -17.87 -9.30 -36.57
CA VAL O 176 -19.16 -9.33 -37.24
C VAL O 176 -19.81 -10.68 -36.98
N ILE O 177 -21.06 -10.66 -36.55
CA ILE O 177 -21.80 -11.88 -36.24
C ILE O 177 -23.18 -11.79 -36.86
N TYR O 178 -23.54 -12.79 -37.66
CA TYR O 178 -24.82 -12.85 -38.34
C TYR O 178 -25.89 -13.47 -37.45
N SER O 179 -26.98 -13.95 -38.06
CA SER O 179 -28.11 -14.48 -37.30
C SER O 179 -27.70 -15.67 -36.45
N GLY O 180 -27.35 -16.79 -37.08
CA GLY O 180 -26.97 -17.97 -36.33
C GLY O 180 -25.93 -18.86 -36.99
N GLY O 181 -25.44 -18.47 -38.16
CA GLY O 181 -24.58 -19.36 -38.92
C GLY O 181 -23.35 -18.70 -39.53
N SER O 182 -22.84 -17.66 -38.87
CA SER O 182 -21.63 -17.00 -39.33
C SER O 182 -20.89 -16.42 -38.14
N THR O 183 -19.58 -16.66 -38.09
CA THR O 183 -18.71 -16.17 -37.02
C THR O 183 -17.45 -15.55 -37.62
N TYR O 184 -17.63 -14.68 -38.62
CA TYR O 184 -16.50 -14.06 -39.27
C TYR O 184 -15.74 -13.15 -38.32
N TYR O 185 -14.42 -13.19 -38.40
CA TYR O 185 -13.54 -12.35 -37.60
C TYR O 185 -12.80 -11.35 -38.48
N ALA O 186 -12.30 -10.30 -37.86
CA ALA O 186 -11.59 -9.26 -38.58
C ALA O 186 -10.18 -9.73 -38.94
N ASP O 187 -9.50 -8.91 -39.75
CA ASP O 187 -8.15 -9.24 -40.19
C ASP O 187 -7.10 -8.89 -39.14
N SER O 188 -7.43 -8.02 -38.18
CA SER O 188 -6.46 -7.67 -37.15
C SER O 188 -6.17 -8.84 -36.21
N VAL O 189 -7.21 -9.55 -35.79
CA VAL O 189 -7.01 -10.69 -34.90
C VAL O 189 -6.52 -11.90 -35.67
N LYS O 190 -7.05 -12.11 -36.89
CA LYS O 190 -6.63 -13.17 -37.79
C LYS O 190 -6.79 -14.57 -37.19
N GLY O 191 -7.64 -14.71 -36.17
CA GLY O 191 -7.89 -16.01 -35.60
C GLY O 191 -7.80 -16.07 -34.09
N ARG O 192 -7.06 -15.14 -33.49
CA ARG O 192 -6.88 -15.13 -32.05
C ARG O 192 -8.14 -14.71 -31.30
N PHE O 193 -9.19 -14.30 -32.00
CA PHE O 193 -10.45 -13.89 -31.39
C PHE O 193 -11.52 -14.93 -31.73
N THR O 194 -12.23 -15.41 -30.72
CA THR O 194 -13.26 -16.42 -30.88
C THR O 194 -14.57 -15.87 -30.30
N ILE O 195 -15.54 -15.63 -31.17
CA ILE O 195 -16.85 -15.13 -30.74
C ILE O 195 -17.70 -16.31 -30.30
N SER O 196 -18.32 -16.17 -29.12
CA SER O 196 -19.18 -17.22 -28.57
C SER O 196 -20.45 -16.57 -28.05
N ARG O 197 -21.59 -16.99 -28.59
CA ARG O 197 -22.87 -16.42 -28.18
C ARG O 197 -23.34 -17.03 -26.87
N ASP O 198 -23.92 -16.20 -26.02
CA ASP O 198 -24.49 -16.65 -24.75
C ASP O 198 -25.87 -17.24 -25.00
N ASN O 199 -26.64 -17.44 -23.94
CA ASN O 199 -28.00 -17.98 -24.07
C ASN O 199 -28.83 -17.10 -25.00
N SER O 200 -29.65 -17.76 -25.82
CA SER O 200 -30.40 -17.08 -26.86
C SER O 200 -31.51 -16.19 -26.32
N GLU O 201 -31.75 -16.20 -25.00
CA GLU O 201 -32.82 -15.39 -24.42
C GLU O 201 -32.35 -14.52 -23.27
N ASN O 202 -31.05 -14.47 -23.00
CA ASN O 202 -30.51 -13.66 -21.92
C ASN O 202 -29.64 -12.52 -22.42
N THR O 203 -28.60 -12.80 -23.19
CA THR O 203 -27.67 -11.78 -23.66
C THR O 203 -26.77 -12.41 -24.73
N LEU O 204 -25.78 -11.64 -25.18
CA LEU O 204 -24.79 -12.11 -26.14
C LEU O 204 -23.47 -11.44 -25.78
N TYR O 205 -22.50 -12.23 -25.32
CA TYR O 205 -21.22 -11.73 -24.85
C TYR O 205 -20.10 -12.11 -25.81
N LEU O 206 -18.91 -11.59 -25.53
CA LEU O 206 -17.73 -11.79 -26.35
C LEU O 206 -16.67 -12.52 -25.52
N GLN O 207 -15.49 -12.68 -26.12
CA GLN O 207 -14.39 -13.38 -25.45
C GLN O 207 -13.07 -12.78 -25.93
N MET O 208 -12.15 -12.57 -24.99
CA MET O 208 -10.87 -11.95 -25.32
C MET O 208 -9.91 -12.93 -25.98
N ASN O 209 -9.73 -14.11 -25.37
CA ASN O 209 -8.89 -15.18 -25.91
C ASN O 209 -7.44 -14.73 -26.09
N SER O 210 -6.80 -14.40 -24.97
CA SER O 210 -5.36 -14.16 -24.90
C SER O 210 -4.94 -13.02 -25.84
N LEU O 211 -5.39 -11.81 -25.47
CA LEU O 211 -5.07 -10.60 -26.21
C LEU O 211 -3.56 -10.45 -26.43
N ARG O 212 -3.18 -9.70 -27.46
CA ARG O 212 -1.77 -9.50 -27.82
C ARG O 212 -1.35 -8.05 -27.61
N ALA O 213 -1.79 -7.46 -26.50
CA ALA O 213 -1.48 -6.09 -26.06
C ALA O 213 -2.04 -5.02 -27.00
N GLU O 214 -2.79 -5.41 -28.04
CA GLU O 214 -3.41 -4.45 -28.94
C GLU O 214 -4.90 -4.25 -28.66
N ASP O 215 -5.48 -5.04 -27.77
CA ASP O 215 -6.89 -4.93 -27.42
C ASP O 215 -7.13 -3.94 -26.29
N THR O 216 -6.19 -3.02 -26.05
CA THR O 216 -6.34 -2.02 -25.00
C THR O 216 -7.42 -0.99 -25.30
N ALA O 217 -7.80 -0.84 -26.56
CA ALA O 217 -8.79 0.16 -26.94
C ALA O 217 -10.15 -0.18 -26.35
N VAL O 218 -10.97 0.85 -26.16
CA VAL O 218 -12.30 0.68 -25.60
C VAL O 218 -13.20 0.02 -26.63
N TYR O 219 -14.14 -0.79 -26.15
CA TYR O 219 -15.05 -1.53 -27.01
C TYR O 219 -16.40 -0.83 -27.13
N TYR O 220 -17.11 -1.13 -28.21
CA TYR O 220 -18.45 -0.61 -28.43
C TYR O 220 -19.30 -1.70 -29.06
N CYS O 221 -20.32 -2.15 -28.34
CA CYS O 221 -21.22 -3.20 -28.81
C CYS O 221 -22.42 -2.54 -29.46
N ALA O 222 -22.40 -2.48 -30.79
CA ALA O 222 -23.47 -1.85 -31.55
C ALA O 222 -24.55 -2.87 -31.89
N ARG O 223 -25.81 -2.42 -31.86
CA ARG O 223 -26.94 -3.29 -32.16
C ARG O 223 -27.11 -3.53 -33.65
N GLY O 224 -26.42 -2.78 -34.51
CA GLY O 224 -26.57 -2.92 -35.94
C GLY O 224 -25.22 -2.88 -36.64
N GLU O 225 -25.24 -3.30 -37.90
CA GLU O 225 -24.04 -3.29 -38.71
C GLU O 225 -23.61 -1.87 -39.05
N ILE O 226 -22.39 -1.74 -39.58
CA ILE O 226 -21.82 -0.44 -39.88
C ILE O 226 -21.86 -0.20 -41.39
N GLN O 227 -21.16 -1.05 -42.14
CA GLN O 227 -21.13 -0.88 -43.60
C GLN O 227 -22.42 -1.38 -44.24
N PRO O 228 -22.90 -2.62 -43.93
CA PRO O 228 -24.24 -3.02 -44.43
C PRO O 228 -25.35 -2.60 -43.47
N TYR O 229 -25.37 -1.31 -43.14
CA TYR O 229 -26.31 -0.81 -42.14
C TYR O 229 -27.73 -0.78 -42.69
N TYR O 230 -28.66 -1.30 -41.90
CA TYR O 230 -30.08 -1.26 -42.20
C TYR O 230 -30.75 -0.28 -41.25
N TYR O 231 -31.97 0.14 -41.60
CA TYR O 231 -32.68 1.14 -40.82
C TYR O 231 -32.84 0.70 -39.36
N TYR O 232 -33.34 -0.52 -39.16
CA TYR O 232 -33.47 -1.13 -37.83
C TYR O 232 -34.32 -0.27 -36.89
N GLY O 233 -35.19 0.55 -37.44
CA GLY O 233 -36.02 1.42 -36.63
C GLY O 233 -35.27 2.61 -36.06
N MET O 234 -34.22 2.33 -35.29
CA MET O 234 -33.41 3.40 -34.70
C MET O 234 -32.01 2.85 -34.43
N ASP O 235 -31.03 3.76 -34.46
CA ASP O 235 -29.64 3.41 -34.21
C ASP O 235 -29.30 3.75 -32.76
N VAL O 236 -29.10 2.73 -31.95
CA VAL O 236 -28.80 2.89 -30.53
C VAL O 236 -27.42 2.30 -30.26
N TRP O 237 -26.58 3.06 -29.59
CA TRP O 237 -25.23 2.64 -29.23
C TRP O 237 -25.13 2.51 -27.70
N GLY O 238 -23.93 2.18 -27.24
CA GLY O 238 -23.68 2.03 -25.82
C GLY O 238 -22.28 2.48 -25.46
N GLN O 239 -22.17 3.03 -24.26
CA GLN O 239 -20.88 3.51 -23.77
C GLN O 239 -19.91 2.34 -23.58
N GLY O 240 -18.61 2.63 -23.72
CA GLY O 240 -17.58 1.64 -23.59
C GLY O 240 -16.84 1.74 -22.26
N THR O 241 -15.92 0.79 -22.07
CA THR O 241 -15.09 0.73 -20.88
C THR O 241 -13.62 0.65 -21.28
N THR O 242 -12.76 1.17 -20.43
CA THR O 242 -11.33 1.18 -20.69
C THR O 242 -10.70 -0.15 -20.27
N VAL O 243 -9.96 -0.76 -21.19
CA VAL O 243 -9.31 -2.03 -20.88
C VAL O 243 -8.15 -1.83 -19.92
N THR O 244 -7.24 -0.91 -20.24
CA THR O 244 -6.09 -0.57 -19.40
C THR O 244 -5.24 -1.82 -19.11
N VAL O 245 -4.66 -2.37 -20.17
CA VAL O 245 -3.82 -3.54 -20.04
C VAL O 245 -2.55 -3.18 -19.27
N SER O 246 -1.95 -4.19 -18.64
CA SER O 246 -0.74 -4.02 -17.84
C SER O 246 0.34 -4.99 -18.31
N SER O 247 0.52 -5.07 -19.62
CA SER O 247 1.53 -5.95 -20.20
C SER O 247 2.93 -5.38 -20.02
N VAL P 3 3.31 -28.92 -62.06
CA VAL P 3 4.32 -29.33 -63.02
C VAL P 3 3.69 -29.54 -64.40
N LEU P 4 4.32 -28.97 -65.42
CA LEU P 4 3.85 -29.07 -66.79
C LEU P 4 5.00 -29.53 -67.67
N THR P 5 4.74 -30.55 -68.50
CA THR P 5 5.74 -31.08 -69.42
C THR P 5 5.60 -30.39 -70.76
N GLN P 6 6.70 -29.79 -71.24
CA GLN P 6 6.72 -29.07 -72.50
C GLN P 6 8.07 -29.28 -73.18
N PRO P 7 8.08 -29.49 -74.50
CA PRO P 7 9.35 -29.60 -75.23
C PRO P 7 10.26 -28.42 -74.93
N PRO P 8 11.51 -28.67 -74.53
CA PRO P 8 12.42 -27.58 -74.21
C PRO P 8 12.80 -26.75 -75.44
N SER P 9 13.11 -27.41 -76.55
CA SER P 9 13.51 -26.72 -77.77
C SER P 9 13.09 -27.60 -78.95
N ALA P 10 11.98 -27.24 -79.59
CA ALA P 10 11.49 -27.97 -80.75
C ALA P 10 12.10 -27.37 -82.01
N SER P 11 11.62 -27.82 -83.17
CA SER P 11 12.10 -27.34 -84.46
C SER P 11 10.92 -27.21 -85.41
N GLY P 12 11.22 -26.86 -86.67
CA GLY P 12 10.19 -26.72 -87.67
C GLY P 12 10.71 -26.13 -88.97
N THR P 13 9.95 -26.34 -90.05
CA THR P 13 10.31 -25.82 -91.37
C THR P 13 9.24 -24.85 -91.85
N PRO P 14 9.63 -23.84 -92.63
CA PRO P 14 8.64 -22.87 -93.11
C PRO P 14 7.69 -23.50 -94.12
N GLY P 15 6.53 -22.88 -94.26
CA GLY P 15 5.49 -23.34 -95.17
C GLY P 15 4.46 -24.27 -94.56
N GLN P 16 4.92 -25.30 -93.85
CA GLN P 16 4.03 -26.25 -93.21
C GLN P 16 3.67 -25.78 -91.81
N ARG P 17 3.03 -26.65 -91.03
CA ARG P 17 2.62 -26.33 -89.67
C ARG P 17 3.25 -27.29 -88.69
N VAL P 18 3.39 -26.83 -87.44
CA VAL P 18 3.95 -27.64 -86.37
C VAL P 18 2.91 -27.82 -85.28
N THR P 19 3.25 -28.58 -84.24
CA THR P 19 2.33 -28.86 -83.14
C THR P 19 3.10 -28.87 -81.83
N ILE P 20 2.86 -27.86 -81.00
CA ILE P 20 3.48 -27.78 -79.68
C ILE P 20 2.49 -28.30 -78.65
N SER P 21 2.92 -29.24 -77.82
CA SER P 21 2.06 -29.88 -76.83
C SER P 21 2.53 -29.53 -75.43
N CYS P 22 1.61 -29.67 -74.48
CA CYS P 22 1.88 -29.42 -73.06
C CYS P 22 1.10 -30.44 -72.25
N SER P 23 1.81 -31.35 -71.59
CA SER P 23 1.21 -32.42 -70.82
C SER P 23 1.10 -32.01 -69.35
N GLY P 24 -0.05 -32.31 -68.75
CA GLY P 24 -0.28 -31.98 -67.36
C GLY P 24 -1.29 -32.93 -66.75
N SER P 25 -1.23 -33.04 -65.42
CA SER P 25 -2.14 -33.91 -64.70
C SER P 25 -3.55 -33.31 -64.67
N SER P 26 -4.50 -34.11 -64.19
CA SER P 26 -5.88 -33.66 -64.09
C SER P 26 -6.11 -32.69 -62.93
N SER P 27 -5.10 -32.45 -62.10
CA SER P 27 -5.25 -31.53 -60.98
C SER P 27 -5.12 -30.08 -61.40
N ASN P 28 -4.39 -29.80 -62.48
CA ASN P 28 -4.18 -28.45 -62.98
C ASN P 28 -4.84 -28.21 -64.33
N ILE P 29 -4.58 -29.07 -65.30
CA ILE P 29 -5.17 -28.91 -66.64
C ILE P 29 -6.55 -29.53 -66.71
N GLY P 30 -6.74 -30.70 -66.09
CA GLY P 30 -8.03 -31.38 -66.15
C GLY P 30 -9.17 -30.63 -65.48
N SER P 31 -8.87 -29.71 -64.58
CA SER P 31 -9.88 -28.95 -63.87
C SER P 31 -9.87 -27.47 -64.17
N ASN P 32 -8.98 -27.01 -65.05
CA ASN P 32 -8.88 -25.60 -65.40
C ASN P 32 -8.62 -25.48 -66.90
N THR P 33 -8.25 -24.28 -67.34
CA THR P 33 -7.96 -24.01 -68.74
C THR P 33 -6.50 -23.60 -68.89
N VAL P 34 -5.87 -24.09 -69.96
CA VAL P 34 -4.48 -23.78 -70.24
C VAL P 34 -4.40 -22.43 -70.96
N ASN P 35 -3.31 -21.72 -70.72
CA ASN P 35 -3.08 -20.42 -71.34
C ASN P 35 -1.74 -20.45 -72.06
N TRP P 36 -1.73 -19.96 -73.30
CA TRP P 36 -0.53 -19.91 -74.13
C TRP P 36 -0.03 -18.48 -74.22
N TYR P 37 1.26 -18.29 -73.94
CA TYR P 37 1.89 -16.98 -73.97
C TYR P 37 3.04 -16.98 -74.96
N GLN P 38 3.14 -15.91 -75.74
CA GLN P 38 4.22 -15.72 -76.71
C GLN P 38 5.10 -14.58 -76.28
N GLN P 39 6.42 -14.79 -76.32
CA GLN P 39 7.39 -13.79 -75.91
C GLN P 39 8.52 -13.73 -76.94
N LEU P 40 8.69 -12.56 -77.56
CA LEU P 40 9.78 -12.36 -78.47
C LEU P 40 11.08 -12.16 -77.71
N PRO P 41 12.20 -12.66 -78.25
CA PRO P 41 13.48 -12.51 -77.54
C PRO P 41 13.94 -11.06 -77.46
N GLY P 42 13.93 -10.49 -76.26
CA GLY P 42 14.36 -9.13 -76.07
C GLY P 42 13.27 -8.20 -75.58
N THR P 43 12.05 -8.39 -76.07
CA THR P 43 10.92 -7.56 -75.72
C THR P 43 10.06 -8.22 -74.66
N ALA P 44 9.02 -7.51 -74.23
CA ALA P 44 8.12 -8.02 -73.22
C ALA P 44 7.19 -9.07 -73.81
N PRO P 45 6.74 -10.04 -73.01
CA PRO P 45 5.82 -11.05 -73.52
C PRO P 45 4.46 -10.46 -73.87
N LYS P 46 3.59 -11.33 -74.39
CA LYS P 46 2.24 -10.92 -74.75
C LYS P 46 1.34 -12.15 -74.77
N LEU P 47 0.06 -11.93 -74.52
CA LEU P 47 -0.91 -13.02 -74.52
C LEU P 47 -1.15 -13.53 -75.94
N LEU P 48 -1.20 -14.85 -76.09
CA LEU P 48 -1.41 -15.49 -77.38
C LEU P 48 -2.76 -16.19 -77.45
N ILE P 49 -3.04 -17.10 -76.53
CA ILE P 49 -4.30 -17.86 -76.51
C ILE P 49 -4.75 -17.99 -75.06
N TYR P 50 -5.99 -17.59 -74.79
CA TYR P 50 -6.58 -17.69 -73.46
C TYR P 50 -7.87 -18.49 -73.52
N SER P 51 -8.13 -19.24 -72.44
CA SER P 51 -9.32 -20.06 -72.26
C SER P 51 -9.45 -21.16 -73.31
N ASN P 52 -8.42 -21.38 -74.13
CA ASN P 52 -8.32 -22.44 -75.12
C ASN P 52 -9.35 -22.32 -76.25
N ASN P 53 -10.19 -21.29 -76.24
CA ASN P 53 -11.20 -21.14 -77.28
C ASN P 53 -11.17 -19.78 -77.96
N GLN P 54 -10.87 -18.73 -77.22
CA GLN P 54 -10.85 -17.37 -77.78
C GLN P 54 -9.41 -16.87 -77.91
N ARG P 55 -9.27 -15.78 -78.65
CA ARG P 55 -7.98 -15.14 -78.90
C ARG P 55 -8.14 -13.64 -78.76
N PRO P 56 -7.10 -12.95 -78.31
CA PRO P 56 -7.17 -11.49 -78.17
C PRO P 56 -7.33 -10.81 -79.53
N SER P 57 -7.61 -9.50 -79.46
CA SER P 57 -7.80 -8.73 -80.68
C SER P 57 -6.50 -8.57 -81.46
N GLY P 58 -5.37 -8.53 -80.76
CA GLY P 58 -4.09 -8.38 -81.45
C GLY P 58 -3.60 -9.66 -82.10
N VAL P 59 -3.98 -10.82 -81.54
CA VAL P 59 -3.57 -12.10 -82.08
C VAL P 59 -4.41 -12.43 -83.30
N PRO P 60 -3.80 -12.62 -84.47
CA PRO P 60 -4.57 -12.95 -85.67
C PRO P 60 -5.02 -14.41 -85.64
N ASP P 61 -5.65 -14.83 -86.74
CA ASP P 61 -6.14 -16.20 -86.88
C ASP P 61 -5.04 -17.20 -87.22
N ARG P 62 -3.77 -16.79 -87.15
CA ARG P 62 -2.66 -17.68 -87.45
C ARG P 62 -2.33 -18.63 -86.31
N PHE P 63 -3.08 -18.59 -85.21
CA PHE P 63 -2.85 -19.44 -84.06
C PHE P 63 -4.15 -20.11 -83.63
N SER P 64 -4.03 -21.33 -83.12
CA SER P 64 -5.19 -22.07 -82.64
C SER P 64 -4.72 -23.06 -81.59
N GLY P 65 -5.63 -23.37 -80.65
CA GLY P 65 -5.30 -24.28 -79.57
C GLY P 65 -6.48 -25.19 -79.26
N SER P 66 -6.16 -26.34 -78.68
CA SER P 66 -7.16 -27.33 -78.32
C SER P 66 -6.82 -27.92 -76.96
N LYS P 67 -7.84 -28.42 -76.27
CA LYS P 67 -7.70 -29.01 -74.94
C LYS P 67 -8.30 -30.40 -74.91
N SER P 68 -7.96 -31.21 -75.92
CA SER P 68 -8.46 -32.59 -76.00
C SER P 68 -7.82 -33.42 -74.90
N GLY P 69 -8.64 -33.83 -73.92
CA GLY P 69 -8.13 -34.60 -72.81
C GLY P 69 -7.48 -33.73 -71.75
N THR P 70 -6.45 -34.28 -71.10
CA THR P 70 -5.73 -33.58 -70.05
C THR P 70 -4.47 -32.88 -70.56
N SER P 71 -4.37 -32.66 -71.87
CA SER P 71 -3.22 -32.01 -72.47
C SER P 71 -3.68 -30.95 -73.46
N ALA P 72 -2.82 -29.96 -73.69
CA ALA P 72 -3.08 -28.87 -74.61
C ALA P 72 -2.24 -29.05 -75.86
N SER P 73 -2.80 -28.65 -77.02
CA SER P 73 -2.13 -28.78 -78.30
C SER P 73 -2.20 -27.46 -79.03
N LEU P 74 -1.04 -26.94 -79.44
CA LEU P 74 -0.95 -25.70 -80.18
C LEU P 74 -0.79 -25.99 -81.67
N ALA P 75 -1.39 -25.13 -82.49
CA ALA P 75 -1.33 -25.29 -83.94
C ALA P 75 -1.12 -23.93 -84.58
N ILE P 76 -0.09 -23.82 -85.42
CA ILE P 76 0.24 -22.58 -86.12
C ILE P 76 0.22 -22.90 -87.60
N SER P 77 -0.91 -22.64 -88.25
CA SER P 77 -1.06 -22.92 -89.68
C SER P 77 -0.32 -21.87 -90.49
N GLY P 78 0.76 -22.28 -91.14
CA GLY P 78 1.53 -21.37 -91.98
C GLY P 78 2.43 -20.45 -91.19
N LEU P 79 3.39 -21.02 -90.46
CA LEU P 79 4.31 -20.21 -89.69
C LEU P 79 5.29 -19.47 -90.60
N GLN P 80 5.91 -18.44 -90.05
CA GLN P 80 6.88 -17.62 -90.78
C GLN P 80 8.00 -17.22 -89.82
N SER P 81 8.84 -16.30 -90.26
CA SER P 81 9.94 -15.83 -89.43
C SER P 81 9.46 -15.00 -88.25
N GLU P 82 8.28 -14.37 -88.35
CA GLU P 82 7.78 -13.57 -87.25
C GLU P 82 7.28 -14.43 -86.09
N ASP P 83 6.98 -15.70 -86.33
CA ASP P 83 6.50 -16.60 -85.29
C ASP P 83 7.64 -17.26 -84.52
N GLU P 84 8.87 -16.79 -84.68
CA GLU P 84 10.01 -17.34 -83.96
C GLU P 84 10.09 -16.68 -82.60
N ALA P 85 9.44 -17.31 -81.61
CA ALA P 85 9.40 -16.77 -80.26
C ALA P 85 9.27 -17.93 -79.28
N ASP P 86 9.28 -17.60 -77.99
CA ASP P 86 9.17 -18.60 -76.93
C ASP P 86 7.70 -18.77 -76.56
N TYR P 87 7.28 -20.03 -76.42
CA TYR P 87 5.91 -20.38 -76.08
C TYR P 87 5.88 -21.01 -74.70
N TYR P 88 5.11 -20.43 -73.79
CA TYR P 88 5.02 -20.89 -72.41
C TYR P 88 3.59 -21.34 -72.10
N CYS P 89 3.47 -22.46 -71.40
CA CYS P 89 2.18 -22.98 -70.97
C CYS P 89 1.96 -22.65 -69.50
N ALA P 90 0.73 -22.24 -69.16
CA ALA P 90 0.39 -21.85 -67.81
C ALA P 90 -0.98 -22.40 -67.45
N ALA P 91 -1.15 -22.80 -66.20
CA ALA P 91 -2.41 -23.33 -65.71
C ALA P 91 -2.46 -23.16 -64.21
N TRP P 92 -3.66 -22.90 -63.69
CA TRP P 92 -3.87 -22.71 -62.26
C TRP P 92 -4.22 -24.05 -61.62
N ASP P 93 -3.38 -24.53 -60.72
CA ASP P 93 -3.64 -25.79 -60.04
C ASP P 93 -4.61 -25.58 -58.89
N ASP P 94 -5.32 -26.65 -58.53
CA ASP P 94 -6.31 -26.59 -57.46
C ASP P 94 -5.69 -26.45 -56.08
N SER P 95 -4.36 -26.47 -55.96
CA SER P 95 -3.68 -26.31 -54.68
C SER P 95 -3.25 -24.86 -54.44
N LEU P 96 -3.97 -23.90 -55.02
CA LEU P 96 -3.69 -22.48 -54.86
C LEU P 96 -2.26 -22.13 -55.30
N ASN P 97 -2.01 -22.36 -56.59
CA ASN P 97 -0.72 -22.05 -57.17
C ASN P 97 -0.88 -21.89 -58.68
N TRP P 98 0.10 -21.22 -59.29
CA TRP P 98 0.12 -20.95 -60.72
C TRP P 98 1.42 -21.52 -61.28
N VAL P 99 1.35 -22.71 -61.87
CA VAL P 99 2.52 -23.38 -62.42
C VAL P 99 2.69 -22.96 -63.88
N PHE P 100 3.90 -22.53 -64.23
CA PHE P 100 4.23 -22.11 -65.59
C PHE P 100 5.00 -23.21 -66.31
N GLY P 101 5.18 -23.00 -67.61
CA GLY P 101 5.90 -23.94 -68.44
C GLY P 101 7.39 -23.72 -68.42
N GLY P 102 8.07 -24.31 -69.41
CA GLY P 102 9.51 -24.19 -69.52
C GLY P 102 9.95 -23.35 -70.69
N GLY P 103 9.18 -23.41 -71.78
CA GLY P 103 9.52 -22.66 -72.98
C GLY P 103 9.81 -23.56 -74.17
N THR P 104 9.40 -23.12 -75.36
CA THR P 104 9.59 -23.87 -76.60
C THR P 104 10.35 -23.01 -77.59
N LYS P 105 11.61 -23.34 -77.83
CA LYS P 105 12.45 -22.60 -78.76
C LYS P 105 12.08 -23.02 -80.18
N LEU P 106 10.97 -22.46 -80.66
CA LEU P 106 10.48 -22.73 -82.01
C LEU P 106 11.21 -21.83 -83.00
N THR P 107 12.50 -22.13 -83.17
CA THR P 107 13.36 -21.36 -84.07
C THR P 107 13.40 -22.01 -85.45
N VAL P 108 13.36 -21.18 -86.48
CA VAL P 108 13.41 -21.63 -87.87
C VAL P 108 14.36 -20.70 -88.63
N LEU P 109 15.42 -21.26 -89.20
CA LEU P 109 16.39 -20.48 -89.96
C LEU P 109 16.07 -20.52 -91.45
N GLY P 110 14.87 -20.07 -91.77
CA GLY P 110 14.40 -20.04 -93.15
C GLY P 110 14.12 -21.42 -93.72
N GLU P 125 -4.53 1.53 -75.33
CA GLU P 125 -3.07 1.58 -75.18
C GLU P 125 -2.71 2.17 -73.81
N VAL P 126 -2.46 1.29 -72.85
CA VAL P 126 -2.09 1.70 -71.49
C VAL P 126 -0.73 1.10 -71.17
N GLN P 127 0.19 1.94 -70.72
CA GLN P 127 1.53 1.49 -70.37
C GLN P 127 1.54 0.90 -68.96
N LEU P 128 2.18 -0.24 -68.81
CA LEU P 128 2.30 -0.94 -67.54
C LEU P 128 3.74 -1.02 -67.07
N VAL P 129 4.49 0.08 -67.23
CA VAL P 129 5.89 0.11 -66.86
C VAL P 129 6.01 0.13 -65.33
N GLU P 130 6.99 -0.60 -64.82
CA GLU P 130 7.26 -0.66 -63.39
C GLU P 130 8.75 -0.49 -63.14
N SER P 131 9.10 -0.28 -61.87
CA SER P 131 10.49 -0.10 -61.47
C SER P 131 10.62 -0.45 -60.00
N GLY P 132 11.82 -0.24 -59.46
CA GLY P 132 12.07 -0.53 -58.06
C GLY P 132 13.10 -1.63 -57.86
N GLY P 133 13.97 -1.81 -58.83
CA GLY P 133 15.00 -2.83 -58.75
C GLY P 133 16.30 -2.32 -58.16
N GLY P 134 17.42 -2.69 -58.77
CA GLY P 134 18.71 -2.24 -58.29
C GLY P 134 19.35 -3.23 -57.34
N VAL P 135 20.68 -3.26 -57.35
CA VAL P 135 21.42 -4.17 -56.47
C VAL P 135 21.35 -3.65 -55.04
N VAL P 136 21.01 -4.55 -54.11
CA VAL P 136 20.87 -4.21 -52.71
C VAL P 136 21.70 -5.18 -51.88
N GLN P 137 21.77 -4.91 -50.58
CA GLN P 137 22.50 -5.77 -49.67
C GLN P 137 21.76 -7.10 -49.51
N PRO P 138 22.47 -8.23 -49.52
CA PRO P 138 21.80 -9.52 -49.33
C PRO P 138 21.16 -9.61 -47.95
N GLY P 139 20.21 -10.54 -47.83
CA GLY P 139 19.42 -10.66 -46.62
C GLY P 139 18.18 -9.79 -46.66
N GLY P 140 18.37 -8.49 -46.80
CA GLY P 140 17.27 -7.56 -46.96
C GLY P 140 17.03 -7.20 -48.42
N SER P 141 16.03 -6.35 -48.63
CA SER P 141 15.65 -5.91 -49.97
C SER P 141 14.84 -4.63 -49.84
N LEU P 142 14.30 -4.16 -50.97
CA LEU P 142 13.48 -2.96 -51.03
C LEU P 142 12.09 -3.33 -51.55
N ARG P 143 11.26 -2.32 -51.78
CA ARG P 143 9.91 -2.52 -52.28
C ARG P 143 9.89 -2.53 -53.80
N LEU P 144 8.90 -3.23 -54.35
CA LEU P 144 8.71 -3.32 -55.80
C LEU P 144 7.50 -2.47 -56.17
N SER P 145 7.73 -1.44 -56.97
CA SER P 145 6.69 -0.50 -57.37
C SER P 145 6.20 -0.79 -58.78
N CYS P 146 5.04 -0.23 -59.10
CA CYS P 146 4.44 -0.37 -60.42
C CYS P 146 3.44 0.76 -60.61
N ALA P 147 3.08 1.02 -61.86
CA ALA P 147 2.17 2.12 -62.16
C ALA P 147 1.52 1.85 -63.52
N ALA P 148 0.52 2.68 -63.84
CA ALA P 148 -0.20 2.60 -65.10
C ALA P 148 -0.79 3.98 -65.39
N SER P 149 -1.71 4.03 -66.36
CA SER P 149 -2.35 5.30 -66.72
C SER P 149 -3.78 5.01 -67.16
N GLY P 150 -4.71 5.12 -66.22
CA GLY P 150 -6.13 4.99 -66.51
C GLY P 150 -6.52 3.67 -67.15
N PHE P 151 -6.41 2.57 -66.40
CA PHE P 151 -6.78 1.26 -66.90
C PHE P 151 -7.77 0.55 -65.97
N ARG P 152 -8.48 1.31 -65.13
CA ARG P 152 -9.48 0.77 -64.21
C ARG P 152 -8.87 -0.29 -63.29
N PHE P 153 -7.94 0.18 -62.45
CA PHE P 153 -7.21 -0.72 -61.55
C PHE P 153 -8.14 -1.46 -60.61
N ASP P 154 -9.31 -0.90 -60.30
CA ASP P 154 -10.23 -1.56 -59.38
C ASP P 154 -10.88 -2.79 -60.01
N ASP P 155 -11.17 -2.73 -61.31
CA ASP P 155 -11.85 -3.82 -62.01
C ASP P 155 -10.90 -4.76 -62.72
N HIS P 156 -9.63 -4.80 -62.30
CA HIS P 156 -8.64 -5.66 -62.90
C HIS P 156 -7.68 -6.16 -61.83
N ALA P 157 -7.08 -7.32 -62.09
CA ALA P 157 -6.11 -7.93 -61.19
C ALA P 157 -4.70 -7.77 -61.73
N MET P 158 -3.73 -7.97 -60.85
CA MET P 158 -2.32 -7.85 -61.20
C MET P 158 -1.58 -9.11 -60.79
N HIS P 159 -0.62 -9.52 -61.60
CA HIS P 159 0.19 -10.70 -61.35
C HIS P 159 1.67 -10.33 -61.33
N TRP P 160 2.45 -11.14 -60.62
CA TRP P 160 3.90 -10.99 -60.57
C TRP P 160 4.52 -12.23 -61.20
N VAL P 161 4.93 -12.11 -62.46
CA VAL P 161 5.54 -13.21 -63.21
C VAL P 161 6.96 -12.77 -63.54
N ARG P 162 7.92 -13.13 -62.70
CA ARG P 162 9.31 -12.77 -62.90
C ARG P 162 9.96 -13.71 -63.91
N GLN P 163 11.05 -13.23 -64.51
CA GLN P 163 11.78 -13.99 -65.52
C GLN P 163 13.26 -13.77 -65.33
N ALA P 164 13.97 -14.84 -64.99
CA ALA P 164 15.42 -14.76 -64.85
C ALA P 164 16.07 -14.61 -66.23
N PRO P 165 17.20 -13.91 -66.30
CA PRO P 165 17.89 -13.75 -67.59
C PRO P 165 18.33 -15.10 -68.15
N GLY P 166 17.76 -15.47 -69.30
CA GLY P 166 18.05 -16.73 -69.94
C GLY P 166 17.17 -17.89 -69.52
N LYS P 167 16.57 -17.81 -68.34
CA LYS P 167 15.71 -18.88 -67.84
C LYS P 167 14.26 -18.60 -68.21
N GLY P 168 13.34 -19.42 -67.69
CA GLY P 168 11.93 -19.27 -67.96
C GLY P 168 11.25 -18.31 -67.00
N LEU P 169 9.92 -18.35 -67.03
CA LEU P 169 9.08 -17.50 -66.20
C LEU P 169 8.39 -18.33 -65.12
N GLU P 170 8.01 -17.66 -64.04
CA GLU P 170 7.31 -18.31 -62.93
C GLU P 170 6.47 -17.28 -62.20
N TRP P 171 5.38 -17.75 -61.60
CA TRP P 171 4.44 -16.88 -60.91
C TRP P 171 4.84 -16.71 -59.45
N VAL P 172 4.78 -15.47 -58.97
CA VAL P 172 5.21 -15.14 -57.61
C VAL P 172 4.00 -14.96 -56.70
N SER P 173 3.15 -13.98 -57.02
CA SER P 173 2.00 -13.67 -56.18
C SER P 173 0.89 -13.10 -57.06
N VAL P 174 -0.29 -12.95 -56.45
CA VAL P 174 -1.47 -12.46 -57.15
C VAL P 174 -2.27 -11.57 -56.21
N ILE P 175 -2.80 -10.47 -56.74
CA ILE P 175 -3.67 -9.57 -56.00
C ILE P 175 -4.97 -9.44 -56.80
N SER P 176 -6.10 -9.59 -56.12
CA SER P 176 -7.40 -9.49 -56.78
C SER P 176 -7.82 -8.03 -56.91
N GLY P 177 -8.77 -7.80 -57.81
CA GLY P 177 -9.28 -6.45 -58.02
C GLY P 177 -10.04 -5.91 -56.82
N ASP P 178 -10.63 -6.79 -56.03
CA ASP P 178 -11.34 -6.35 -54.83
C ASP P 178 -10.38 -5.90 -53.74
N GLY P 179 -9.19 -6.50 -53.67
CA GLY P 179 -8.21 -6.15 -52.66
C GLY P 179 -8.31 -6.92 -51.37
N GLY P 180 -8.86 -8.14 -51.40
CA GLY P 180 -9.01 -8.92 -50.19
C GLY P 180 -8.00 -10.04 -50.07
N SER P 181 -8.43 -11.27 -50.35
CA SER P 181 -7.54 -12.41 -50.23
C SER P 181 -6.49 -12.43 -51.33
N THR P 182 -5.28 -12.83 -50.98
CA THR P 182 -4.18 -12.94 -51.92
C THR P 182 -3.48 -14.27 -51.74
N TYR P 183 -2.75 -14.70 -52.77
CA TYR P 183 -2.05 -15.97 -52.77
C TYR P 183 -0.61 -15.77 -53.19
N TYR P 184 0.27 -16.60 -52.63
CA TYR P 184 1.70 -16.58 -52.93
C TYR P 184 2.12 -17.95 -53.46
N ALA P 185 3.34 -17.99 -53.99
CA ALA P 185 3.89 -19.23 -54.51
C ALA P 185 4.36 -20.12 -53.38
N ASP P 186 4.88 -21.30 -53.73
CA ASP P 186 5.35 -22.25 -52.73
C ASP P 186 6.68 -21.85 -52.12
N SER P 187 7.45 -20.98 -52.77
CA SER P 187 8.74 -20.55 -52.27
C SER P 187 8.75 -19.14 -51.70
N VAL P 188 7.85 -18.26 -52.17
CA VAL P 188 7.81 -16.88 -51.70
C VAL P 188 6.71 -16.66 -50.65
N LYS P 189 6.14 -17.73 -50.12
CA LYS P 189 5.07 -17.62 -49.14
C LYS P 189 5.64 -17.21 -47.79
N GLY P 190 4.95 -16.29 -47.12
CA GLY P 190 5.34 -15.84 -45.80
C GLY P 190 6.24 -14.62 -45.81
N ARG P 191 7.35 -14.70 -46.55
CA ARG P 191 8.32 -13.61 -46.60
C ARG P 191 7.96 -12.54 -47.63
N PHE P 192 6.75 -12.58 -48.19
CA PHE P 192 6.29 -11.61 -49.16
C PHE P 192 4.98 -10.99 -48.71
N SER P 193 4.81 -9.71 -48.99
CA SER P 193 3.61 -8.97 -48.61
C SER P 193 3.21 -8.08 -49.78
N ILE P 194 2.08 -8.40 -50.42
CA ILE P 194 1.57 -7.65 -51.56
C ILE P 194 0.27 -6.97 -51.15
N SER P 195 0.10 -5.72 -51.54
CA SER P 195 -1.09 -4.96 -51.21
C SER P 195 -1.20 -3.78 -52.17
N ARG P 196 -2.31 -3.06 -52.07
CA ARG P 196 -2.56 -1.89 -52.90
C ARG P 196 -2.89 -0.67 -52.04
N ASP P 197 -3.27 0.43 -52.67
CA ASP P 197 -3.59 1.66 -51.96
C ASP P 197 -4.75 2.36 -52.67
N ASP P 198 -5.37 3.30 -51.97
CA ASP P 198 -6.48 4.07 -52.53
C ASP P 198 -6.01 5.18 -53.45
N SER P 199 -4.71 5.29 -53.71
CA SER P 199 -4.17 6.31 -54.60
C SER P 199 -4.34 5.86 -56.05
N LYS P 200 -3.66 6.54 -56.96
CA LYS P 200 -3.73 6.21 -58.37
C LYS P 200 -3.17 4.81 -58.63
N ASN P 201 -3.23 4.40 -59.90
CA ASN P 201 -2.81 3.07 -60.30
C ASN P 201 -1.39 2.78 -59.85
N SER P 202 -1.24 1.82 -58.94
CA SER P 202 0.04 1.47 -58.38
C SER P 202 -0.03 0.05 -57.81
N LEU P 203 1.14 -0.48 -57.45
CA LEU P 203 1.23 -1.83 -56.90
C LEU P 203 2.51 -1.93 -56.10
N TYR P 204 2.40 -2.33 -54.83
CA TYR P 204 3.54 -2.44 -53.92
C TYR P 204 3.72 -3.90 -53.53
N LEU P 205 4.95 -4.38 -53.65
CA LEU P 205 5.30 -5.75 -53.27
C LEU P 205 6.56 -5.70 -52.42
N GLN P 206 6.43 -6.05 -51.13
CA GLN P 206 7.55 -6.05 -50.21
C GLN P 206 8.20 -7.43 -50.17
N MET P 207 9.52 -7.46 -50.27
CA MET P 207 10.29 -8.70 -50.25
C MET P 207 11.09 -8.80 -48.95
N ASN P 208 11.15 -10.00 -48.39
CA ASN P 208 11.89 -10.25 -47.16
C ASN P 208 12.61 -11.59 -47.27
N SER P 209 13.62 -11.76 -46.40
CA SER P 209 14.42 -12.98 -46.35
C SER P 209 15.06 -13.27 -47.72
N LEU P 210 15.90 -12.34 -48.15
CA LEU P 210 16.56 -12.47 -49.45
C LEU P 210 17.62 -13.57 -49.38
N ARG P 211 17.48 -14.57 -50.26
CA ARG P 211 18.41 -15.68 -50.32
C ARG P 211 19.31 -15.64 -51.55
N THR P 212 19.40 -14.47 -52.20
CA THR P 212 20.24 -14.17 -53.36
C THR P 212 19.79 -14.91 -54.62
N GLU P 213 18.80 -15.78 -54.54
CA GLU P 213 18.27 -16.46 -55.72
C GLU P 213 17.05 -15.74 -56.28
N ASP P 214 17.19 -14.43 -56.54
CA ASP P 214 16.07 -13.63 -57.04
C ASP P 214 16.46 -12.77 -58.23
N THR P 215 17.46 -13.19 -59.02
CA THR P 215 17.87 -12.43 -60.19
C THR P 215 16.84 -12.62 -61.31
N ALA P 216 15.90 -11.69 -61.40
CA ALA P 216 14.84 -11.77 -62.40
C ALA P 216 14.41 -10.35 -62.77
N LEU P 217 13.26 -10.23 -63.42
CA LEU P 217 12.74 -8.94 -63.86
C LEU P 217 11.49 -8.50 -63.11
N TYR P 218 10.70 -9.43 -62.60
CA TYR P 218 9.49 -9.12 -61.82
C TYR P 218 8.51 -8.27 -62.63
N TYR P 219 7.99 -8.86 -63.70
CA TYR P 219 7.04 -8.18 -64.56
C TYR P 219 5.78 -7.84 -63.79
N CYS P 220 5.33 -6.58 -63.93
CA CYS P 220 4.06 -6.14 -63.35
C CYS P 220 2.95 -6.49 -64.33
N ALA P 221 2.52 -7.75 -64.27
CA ALA P 221 1.57 -8.28 -65.23
C ALA P 221 0.17 -7.76 -64.97
N LYS P 222 -0.52 -7.40 -66.04
CA LYS P 222 -1.90 -6.94 -65.97
C LYS P 222 -2.85 -8.06 -66.37
N ASP P 223 -3.95 -8.19 -65.64
CA ASP P 223 -4.96 -9.19 -65.90
C ASP P 223 -6.29 -8.54 -66.25
N ARG P 224 -7.31 -9.36 -66.50
CA ARG P 224 -8.64 -8.90 -66.86
C ARG P 224 -9.72 -9.28 -65.88
N SER P 225 -9.51 -10.31 -65.06
CA SER P 225 -10.50 -10.75 -64.10
C SER P 225 -10.57 -9.78 -62.91
N TYR P 226 -11.50 -10.05 -62.00
CA TYR P 226 -11.69 -9.23 -60.81
C TYR P 226 -11.24 -9.93 -59.54
N GLY P 227 -11.77 -11.13 -59.27
CA GLY P 227 -11.37 -11.87 -58.10
C GLY P 227 -10.10 -12.66 -58.33
N PRO P 228 -9.70 -13.40 -57.30
CA PRO P 228 -8.51 -14.24 -57.44
C PRO P 228 -8.76 -15.37 -58.41
N PRO P 229 -7.74 -15.78 -59.18
CA PRO P 229 -7.95 -16.83 -60.18
C PRO P 229 -8.13 -18.22 -59.58
N ASP P 230 -9.10 -18.36 -58.67
CA ASP P 230 -9.41 -19.65 -58.08
C ASP P 230 -10.89 -19.97 -58.23
N VAL P 231 -11.72 -18.93 -58.27
CA VAL P 231 -13.15 -19.12 -58.45
C VAL P 231 -13.55 -18.98 -59.92
N PHE P 232 -12.85 -18.14 -60.68
CA PHE P 232 -13.12 -17.96 -62.11
C PHE P 232 -12.09 -18.77 -62.88
N ASN P 233 -12.41 -20.05 -63.12
CA ASN P 233 -11.50 -20.97 -63.77
C ASN P 233 -11.72 -21.05 -65.28
N TYR P 234 -12.39 -20.06 -65.87
CA TYR P 234 -12.58 -20.01 -67.31
C TYR P 234 -12.33 -18.64 -67.92
N GLU P 235 -12.23 -17.58 -67.12
CA GLU P 235 -11.97 -16.24 -67.62
C GLU P 235 -10.57 -15.73 -67.25
N TYR P 236 -9.87 -16.39 -66.33
CA TYR P 236 -8.57 -15.92 -65.90
C TYR P 236 -7.58 -15.95 -67.05
N GLY P 237 -6.84 -14.86 -67.22
CA GLY P 237 -5.84 -14.75 -68.27
C GLY P 237 -4.77 -13.78 -67.87
N MET P 238 -4.26 -13.02 -68.85
CA MET P 238 -3.24 -12.02 -68.58
C MET P 238 -3.19 -11.04 -69.75
N ASP P 239 -3.36 -9.76 -69.47
CA ASP P 239 -3.39 -8.73 -70.49
C ASP P 239 -1.97 -8.38 -70.92
N VAL P 240 -1.83 -7.27 -71.65
CA VAL P 240 -0.51 -6.86 -72.14
C VAL P 240 0.45 -6.65 -70.99
N TRP P 241 1.70 -7.09 -71.18
CA TRP P 241 2.72 -7.02 -70.15
C TRP P 241 3.24 -5.58 -70.04
N GLY P 242 4.30 -5.40 -69.26
CA GLY P 242 4.89 -4.09 -69.09
C GLY P 242 6.40 -4.20 -68.99
N GLN P 243 7.07 -3.12 -69.38
CA GLN P 243 8.54 -3.07 -69.35
C GLN P 243 9.02 -3.05 -67.90
N GLY P 244 9.71 -4.11 -67.49
CA GLY P 244 10.20 -4.22 -66.13
C GLY P 244 11.67 -3.89 -65.99
N THR P 245 12.07 -3.64 -64.75
CA THR P 245 13.46 -3.33 -64.43
C THR P 245 14.25 -4.61 -64.20
N THR P 246 15.57 -4.50 -64.34
CA THR P 246 16.48 -5.63 -64.18
C THR P 246 17.12 -5.53 -62.81
N VAL P 247 16.58 -6.25 -61.83
CA VAL P 247 17.12 -6.27 -60.48
C VAL P 247 18.08 -7.46 -60.36
N THR P 248 19.34 -7.17 -60.06
CA THR P 248 20.38 -8.19 -59.91
C THR P 248 21.05 -7.99 -58.56
N VAL P 249 20.65 -8.78 -57.57
CA VAL P 249 21.24 -8.67 -56.24
C VAL P 249 22.69 -9.16 -56.26
N SER P 250 22.91 -10.36 -56.79
CA SER P 250 24.25 -10.95 -56.91
C SER P 250 24.97 -11.01 -55.56
N SER P 251 24.21 -11.23 -54.49
CA SER P 251 24.75 -11.32 -53.13
C SER P 251 25.53 -10.07 -52.73
N VAL Q 3 35.03 -28.25 -10.25
CA VAL Q 3 35.49 -27.68 -9.00
C VAL Q 3 37.02 -27.62 -8.98
N LEU Q 4 37.56 -26.41 -8.85
CA LEU Q 4 38.99 -26.18 -8.82
C LEU Q 4 39.41 -25.72 -7.43
N THR Q 5 40.73 -25.57 -7.26
CA THR Q 5 41.31 -25.16 -5.98
C THR Q 5 42.08 -23.86 -6.18
N GLN Q 6 41.64 -22.81 -5.50
CA GLN Q 6 42.27 -21.51 -5.55
C GLN Q 6 42.41 -20.96 -4.14
N PRO Q 7 43.47 -20.21 -3.86
CA PRO Q 7 43.65 -19.63 -2.53
C PRO Q 7 42.60 -18.58 -2.25
N PRO Q 8 42.03 -18.58 -1.04
CA PRO Q 8 41.03 -17.55 -0.70
C PRO Q 8 41.51 -16.12 -0.94
N SER Q 9 42.67 -15.76 -0.42
CA SER Q 9 43.20 -14.42 -0.58
C SER Q 9 44.71 -14.47 -0.68
N ALA Q 10 45.31 -13.36 -1.11
CA ALA Q 10 46.77 -13.27 -1.25
C ALA Q 10 47.14 -11.80 -1.08
N SER Q 11 47.67 -11.46 0.09
CA SER Q 11 48.07 -10.08 0.38
C SER Q 11 49.46 -9.95 0.98
N GLY Q 12 50.02 -11.00 1.57
CA GLY Q 12 51.36 -10.90 2.13
C GLY Q 12 52.41 -10.77 1.04
N SER Q 13 53.44 -9.97 1.32
CA SER Q 13 54.54 -9.69 0.40
C SER Q 13 53.99 -9.20 -0.94
N PRO Q 14 53.48 -7.97 -1.00
CA PRO Q 14 52.85 -7.49 -2.24
C PRO Q 14 53.88 -7.33 -3.36
N GLY Q 15 53.62 -8.01 -4.47
CA GLY Q 15 54.46 -7.86 -5.66
C GLY Q 15 55.85 -8.42 -5.55
N GLN Q 16 56.12 -9.27 -4.57
CA GLN Q 16 57.44 -9.88 -4.42
C GLN Q 16 57.41 -11.40 -4.45
N SER Q 17 56.43 -12.03 -3.77
CA SER Q 17 56.33 -13.47 -3.76
C SER Q 17 54.87 -13.93 -3.84
N VAL Q 18 54.02 -13.16 -4.52
CA VAL Q 18 52.60 -13.51 -4.60
C VAL Q 18 52.42 -14.78 -5.43
N THR Q 19 52.81 -14.74 -6.70
CA THR Q 19 52.83 -15.87 -7.64
C THR Q 19 51.63 -16.80 -7.43
N ILE Q 20 50.43 -16.23 -7.55
CA ILE Q 20 49.21 -17.01 -7.39
C ILE Q 20 49.08 -18.02 -8.52
N SER Q 21 48.34 -19.09 -8.26
CA SER Q 21 48.09 -20.14 -9.22
C SER Q 21 46.72 -20.76 -8.92
N CYS Q 22 46.45 -21.91 -9.53
CA CYS Q 22 45.20 -22.64 -9.29
C CYS Q 22 45.51 -24.14 -9.34
N THR Q 23 45.56 -24.76 -8.18
CA THR Q 23 45.84 -26.18 -8.07
C THR Q 23 44.54 -26.97 -8.21
N GLY Q 24 44.61 -28.28 -7.94
CA GLY Q 24 43.43 -29.12 -8.05
C GLY Q 24 43.20 -29.72 -9.42
N THR Q 25 44.24 -29.87 -10.23
CA THR Q 25 44.10 -30.44 -11.56
C THR Q 25 44.34 -31.95 -11.56
N SER Q 26 45.45 -32.38 -10.96
CA SER Q 26 45.82 -33.79 -10.84
C SER Q 26 45.93 -34.48 -12.21
N SER Q 27 46.16 -33.71 -13.27
CA SER Q 27 46.29 -34.27 -14.61
C SER Q 27 47.23 -33.37 -15.40
N ASP Q 28 47.23 -33.53 -16.72
CA ASP Q 28 48.07 -32.74 -17.63
C ASP Q 28 47.25 -31.74 -18.42
N PHE Q 29 46.24 -31.15 -17.78
CA PHE Q 29 45.37 -30.14 -18.39
C PHE Q 29 44.63 -30.70 -19.62
N GLY Q 30 44.35 -32.00 -19.61
CA GLY Q 30 43.64 -32.63 -20.71
C GLY Q 30 44.41 -32.65 -22.00
N GLY Q 31 43.92 -31.91 -23.00
CA GLY Q 31 44.57 -31.87 -24.30
C GLY Q 31 45.37 -30.60 -24.52
N TYR Q 32 44.80 -29.65 -25.26
CA TYR Q 32 45.45 -28.37 -25.53
C TYR Q 32 45.67 -27.60 -24.23
N ASN Q 33 46.94 -27.40 -23.86
CA ASN Q 33 47.29 -26.70 -22.62
C ASN Q 33 47.15 -25.19 -22.82
N SER Q 34 45.92 -24.72 -22.64
CA SER Q 34 45.58 -23.31 -22.76
C SER Q 34 44.87 -22.87 -21.49
N VAL Q 35 45.61 -22.28 -20.55
CA VAL Q 35 45.07 -21.80 -19.29
C VAL Q 35 45.05 -20.28 -19.35
N SER Q 36 43.85 -19.71 -19.32
CA SER Q 36 43.68 -18.27 -19.40
C SER Q 36 43.54 -17.66 -18.00
N TRP Q 37 43.81 -16.36 -17.92
CA TRP Q 37 43.71 -15.61 -16.67
C TRP Q 37 42.90 -14.35 -16.91
N TYR Q 38 41.81 -14.21 -16.17
CA TYR Q 38 40.92 -13.06 -16.28
C TYR Q 38 41.05 -12.18 -15.05
N GLN Q 39 41.14 -10.88 -15.26
CA GLN Q 39 41.24 -9.89 -14.19
C GLN Q 39 39.85 -9.31 -13.96
N GLN Q 40 39.10 -9.93 -13.05
CA GLN Q 40 37.74 -9.48 -12.75
C GLN Q 40 37.82 -8.24 -11.86
N HIS Q 41 37.51 -7.09 -12.43
CA HIS Q 41 37.53 -5.83 -11.70
C HIS Q 41 36.11 -5.36 -11.41
N PRO Q 42 35.85 -4.85 -10.20
CA PRO Q 42 34.50 -4.37 -9.88
C PRO Q 42 34.13 -3.18 -10.75
N GLY Q 43 32.89 -3.18 -11.24
CA GLY Q 43 32.42 -2.14 -12.14
C GLY Q 43 32.39 -2.59 -13.58
N LYS Q 44 33.38 -2.17 -14.37
CA LYS Q 44 33.45 -2.53 -15.77
C LYS Q 44 33.72 -4.03 -15.93
N ALA Q 45 33.57 -4.50 -17.17
CA ALA Q 45 33.77 -5.91 -17.46
C ALA Q 45 35.25 -6.27 -17.32
N PRO Q 46 35.56 -7.53 -16.99
CA PRO Q 46 36.95 -7.95 -16.88
C PRO Q 46 37.68 -7.86 -18.21
N LYS Q 47 39.01 -7.91 -18.13
CA LYS Q 47 39.87 -7.82 -19.30
C LYS Q 47 40.85 -8.98 -19.31
N LEU Q 48 41.10 -9.52 -20.50
CA LEU Q 48 42.04 -10.63 -20.63
C LEU Q 48 43.46 -10.17 -20.32
N MET Q 49 44.21 -11.04 -19.64
CA MET Q 49 45.60 -10.77 -19.30
C MET Q 49 46.57 -11.68 -20.03
N ILE Q 50 46.29 -12.98 -20.08
CA ILE Q 50 47.12 -13.94 -20.79
C ILE Q 50 46.29 -15.18 -21.07
N TYR Q 51 46.53 -15.79 -22.24
CA TYR Q 51 45.76 -16.95 -22.68
C TYR Q 51 46.57 -18.24 -22.66
N GLU Q 52 47.82 -18.20 -23.10
CA GLU Q 52 48.68 -19.38 -23.09
C GLU Q 52 49.67 -19.26 -21.94
N VAL Q 53 50.61 -20.21 -21.87
CA VAL Q 53 51.66 -20.15 -20.85
C VAL Q 53 52.67 -19.05 -21.15
N SER Q 54 52.76 -18.63 -22.41
CA SER Q 54 53.66 -17.55 -22.81
C SER Q 54 52.96 -16.73 -23.90
N LYS Q 55 53.72 -15.86 -24.55
CA LYS Q 55 53.23 -15.02 -25.64
C LYS Q 55 52.05 -14.16 -25.16
N ARG Q 56 52.35 -13.27 -24.21
CA ARG Q 56 51.34 -12.39 -23.65
C ARG Q 56 50.81 -11.45 -24.73
N PRO Q 57 49.51 -11.12 -24.68
CA PRO Q 57 48.94 -10.23 -25.71
C PRO Q 57 49.35 -8.79 -25.52
N SER Q 58 48.80 -7.90 -26.36
CA SER Q 58 49.11 -6.48 -26.28
C SER Q 58 48.51 -5.89 -25.00
N GLY Q 59 49.36 -5.60 -24.02
CA GLY Q 59 48.90 -5.04 -22.76
C GLY Q 59 50.04 -4.68 -21.83
N VAL Q 60 49.84 -4.91 -20.53
CA VAL Q 60 50.90 -4.63 -19.56
C VAL Q 60 52.02 -5.65 -19.72
N PRO Q 61 53.28 -5.22 -19.83
CA PRO Q 61 54.39 -6.17 -20.03
C PRO Q 61 55.06 -6.64 -18.74
N ASP Q 62 54.52 -6.32 -17.57
CA ASP Q 62 55.11 -6.72 -16.30
C ASP Q 62 54.43 -7.94 -15.70
N ARG Q 63 53.65 -8.68 -16.50
CA ARG Q 63 52.99 -9.91 -16.04
C ARG Q 63 53.14 -10.95 -17.14
N PHE Q 64 54.12 -11.83 -16.98
CA PHE Q 64 54.39 -12.88 -17.96
C PHE Q 64 54.97 -14.08 -17.23
N SER Q 65 55.56 -15.01 -17.98
CA SER Q 65 56.20 -16.21 -17.44
C SER Q 65 55.19 -17.05 -16.64
N GLY Q 66 54.11 -17.43 -17.33
CA GLY Q 66 53.10 -18.27 -16.73
C GLY Q 66 53.34 -19.74 -16.98
N SER Q 67 54.49 -20.24 -16.54
CA SER Q 67 54.85 -21.64 -16.77
C SER Q 67 53.97 -22.57 -15.93
N LYS Q 68 53.76 -23.78 -16.45
CA LYS Q 68 52.95 -24.79 -15.77
C LYS Q 68 53.88 -25.64 -14.91
N SER Q 69 54.08 -25.21 -13.67
CA SER Q 69 54.93 -25.92 -12.73
C SER Q 69 54.13 -27.03 -12.05
N GLY Q 70 54.59 -28.27 -12.22
CA GLY Q 70 53.89 -29.40 -11.63
C GLY Q 70 52.56 -29.69 -12.29
N ASN Q 71 51.47 -29.44 -11.55
CA ASN Q 71 50.12 -29.64 -12.07
C ASN Q 71 49.30 -28.36 -12.01
N THR Q 72 49.95 -27.20 -12.02
CA THR Q 72 49.25 -25.92 -11.97
C THR Q 72 50.06 -24.87 -12.71
N ALA Q 73 49.37 -23.85 -13.22
CA ALA Q 73 50.03 -22.77 -13.94
C ALA Q 73 50.38 -21.66 -12.97
N SER Q 74 51.67 -21.50 -12.67
CA SER Q 74 52.13 -20.48 -11.74
C SER Q 74 52.40 -19.20 -12.52
N LEU Q 75 51.40 -18.32 -12.55
CA LEU Q 75 51.53 -17.05 -13.26
C LEU Q 75 52.39 -16.10 -12.44
N THR Q 76 53.58 -15.79 -12.96
CA THR Q 76 54.51 -14.89 -12.27
C THR Q 76 53.93 -13.47 -12.30
N VAL Q 77 53.52 -12.98 -11.13
CA VAL Q 77 52.95 -11.64 -11.01
C VAL Q 77 53.84 -10.71 -10.21
N SER Q 78 54.97 -11.20 -9.70
CA SER Q 78 55.87 -10.36 -8.91
C SER Q 78 56.46 -9.25 -9.78
N GLY Q 79 56.70 -8.11 -9.14
CA GLY Q 79 57.24 -6.97 -9.85
C GLY Q 79 56.27 -6.28 -10.78
N LEU Q 80 54.97 -6.48 -10.61
CA LEU Q 80 53.98 -5.86 -11.48
C LEU Q 80 53.68 -4.43 -11.03
N GLN Q 81 53.11 -4.27 -9.85
CA GLN Q 81 52.76 -2.98 -9.27
C GLN Q 81 52.41 -3.18 -7.81
N ALA Q 82 52.05 -2.10 -7.14
CA ALA Q 82 51.73 -2.13 -5.71
C ALA Q 82 50.40 -1.43 -5.42
N GLU Q 83 49.50 -1.40 -6.40
CA GLU Q 83 48.18 -0.80 -6.21
C GLU Q 83 47.22 -1.47 -7.18
N ASP Q 84 46.38 -2.38 -6.66
CA ASP Q 84 45.43 -3.09 -7.50
C ASP Q 84 44.31 -3.62 -6.62
N GLU Q 85 43.08 -3.56 -7.15
CA GLU Q 85 41.89 -4.08 -6.46
C GLU Q 85 41.05 -4.81 -7.50
N ALA Q 86 41.29 -6.11 -7.64
CA ALA Q 86 40.58 -6.93 -8.62
C ALA Q 86 40.62 -8.38 -8.14
N ASP Q 87 40.15 -9.29 -8.99
CA ASP Q 87 40.11 -10.71 -8.69
C ASP Q 87 40.62 -11.49 -9.90
N TYR Q 88 41.58 -12.38 -9.67
CA TYR Q 88 42.16 -13.19 -10.73
C TYR Q 88 41.51 -14.55 -10.76
N TYR Q 89 41.09 -14.98 -11.96
CA TYR Q 89 40.48 -16.29 -12.16
C TYR Q 89 41.24 -17.04 -13.25
N CYS Q 90 41.42 -18.34 -13.05
CA CYS Q 90 42.11 -19.19 -14.01
C CYS Q 90 41.14 -20.19 -14.61
N SER Q 91 41.45 -20.64 -15.82
CA SER Q 91 40.60 -21.56 -16.56
C SER Q 91 41.37 -22.84 -16.86
N SER Q 92 40.73 -23.98 -16.62
CA SER Q 92 41.33 -25.29 -16.86
C SER Q 92 40.20 -26.30 -17.05
N TYR Q 93 40.55 -27.59 -16.99
CA TYR Q 93 39.58 -28.69 -17.13
C TYR Q 93 38.86 -28.60 -18.47
N ALA Q 94 39.65 -28.76 -19.54
CA ALA Q 94 39.19 -28.62 -20.91
C ALA Q 94 38.53 -29.89 -21.46
N GLY Q 95 38.04 -30.77 -20.59
CA GLY Q 95 37.39 -31.99 -21.06
C GLY Q 95 36.16 -31.68 -21.90
N SER Q 96 35.75 -32.69 -22.66
CA SER Q 96 34.61 -32.55 -23.57
C SER Q 96 33.32 -32.37 -22.78
N ASN Q 97 32.61 -31.28 -23.05
CA ASN Q 97 31.32 -30.97 -22.42
C ASN Q 97 31.44 -30.95 -20.90
N ASN Q 98 32.28 -30.02 -20.43
CA ASN Q 98 32.51 -29.82 -18.99
C ASN Q 98 32.51 -28.33 -18.72
N PHE Q 99 31.44 -27.85 -18.08
CA PHE Q 99 31.28 -26.45 -17.76
C PHE Q 99 31.94 -26.13 -16.42
N ASP Q 100 31.71 -24.92 -15.90
CA ASP Q 100 32.27 -24.47 -14.62
C ASP Q 100 33.80 -24.56 -14.63
N VAL Q 101 34.41 -24.05 -15.70
CA VAL Q 101 35.86 -24.08 -15.82
C VAL Q 101 36.56 -23.01 -15.00
N PHE Q 102 35.81 -22.04 -14.47
CA PHE Q 102 36.41 -20.98 -13.67
C PHE Q 102 36.72 -21.48 -12.27
N GLY Q 103 37.40 -20.63 -11.50
CA GLY Q 103 37.77 -20.92 -10.13
C GLY Q 103 37.05 -20.02 -9.13
N THR Q 104 37.39 -20.24 -7.87
CA THR Q 104 36.81 -19.46 -6.79
C THR Q 104 37.41 -18.05 -6.77
N GLY Q 105 36.79 -17.18 -5.98
CA GLY Q 105 37.25 -15.81 -5.88
C GLY Q 105 38.56 -15.72 -5.12
N THR Q 106 39.61 -15.26 -5.79
CA THR Q 106 40.94 -15.11 -5.19
C THR Q 106 41.23 -13.63 -5.01
N LYS Q 107 41.36 -13.19 -3.76
CA LYS Q 107 41.62 -11.79 -3.46
C LYS Q 107 43.11 -11.54 -3.58
N VAL Q 108 43.52 -10.99 -4.71
CA VAL Q 108 44.93 -10.73 -4.99
C VAL Q 108 45.27 -9.24 -4.81
N THR Q 109 44.49 -8.52 -4.02
CA THR Q 109 44.75 -7.10 -3.76
C THR Q 109 46.09 -6.91 -3.05
N VAL Q 110 47.06 -6.33 -3.74
CA VAL Q 110 48.38 -6.12 -3.14
C VAL Q 110 48.35 -4.97 -2.16
N LEU Q 111 47.44 -4.02 -2.34
CA LEU Q 111 47.31 -2.86 -1.46
C LEU Q 111 45.96 -2.81 -0.76
N GLY Q 112 44.87 -3.03 -1.50
CA GLY Q 112 43.54 -3.00 -0.91
C GLY Q 112 42.90 -1.63 -0.98
N GLY Q 113 43.51 -0.65 -0.29
CA GLY Q 113 42.98 0.70 -0.27
C GLY Q 113 43.16 1.43 -1.59
N GLY Q 114 44.42 1.60 -2.01
CA GLY Q 114 44.71 2.29 -3.25
C GLY Q 114 45.51 1.44 -4.22
N GLY Q 124 38.43 -1.78 -24.76
CA GLY Q 124 37.18 -2.53 -24.74
C GLY Q 124 35.95 -1.67 -24.95
N GLY Q 125 36.12 -0.36 -24.77
CA GLY Q 125 35.01 0.57 -24.91
C GLY Q 125 34.55 0.76 -26.34
N SER Q 126 35.42 1.31 -27.18
CA SER Q 126 35.09 1.56 -28.58
C SER Q 126 35.74 0.58 -29.53
N GLU Q 127 36.14 -0.60 -29.04
CA GLU Q 127 36.75 -1.61 -29.89
C GLU Q 127 35.79 -2.09 -30.97
N VAL Q 128 34.69 -2.71 -30.56
CA VAL Q 128 33.68 -3.17 -31.52
C VAL Q 128 32.33 -2.58 -31.15
N GLN Q 129 31.80 -2.92 -29.98
CA GLN Q 129 30.51 -2.48 -29.49
C GLN Q 129 30.31 -3.03 -28.09
N LEU Q 130 29.36 -2.43 -27.36
CA LEU Q 130 28.97 -2.94 -26.04
C LEU Q 130 27.56 -2.46 -25.74
N VAL Q 131 26.60 -3.38 -25.81
CA VAL Q 131 25.19 -3.07 -25.54
C VAL Q 131 24.57 -4.26 -24.81
N GLU Q 132 23.55 -3.96 -24.02
CA GLU Q 132 22.80 -4.99 -23.28
C GLU Q 132 21.32 -4.62 -23.33
N SER Q 133 20.52 -5.32 -22.52
CA SER Q 133 19.08 -5.08 -22.48
C SER Q 133 18.65 -4.19 -21.33
N GLY Q 134 19.41 -4.16 -20.24
CA GLY Q 134 19.05 -3.35 -19.08
C GLY Q 134 17.82 -3.88 -18.37
N GLY Q 135 17.93 -5.07 -17.79
CA GLY Q 135 16.81 -5.69 -17.11
C GLY Q 135 16.57 -5.17 -15.71
N GLY Q 136 16.06 -3.94 -15.60
CA GLY Q 136 15.77 -3.36 -14.30
C GLY Q 136 14.44 -3.88 -13.77
N LEU Q 137 14.48 -4.39 -12.54
CA LEU Q 137 13.28 -4.92 -11.85
C LEU Q 137 12.64 -6.04 -12.68
N ILE Q 138 13.39 -7.12 -12.86
CA ILE Q 138 12.91 -8.26 -13.64
C ILE Q 138 11.84 -9.01 -12.85
N GLN Q 139 10.69 -9.20 -13.47
CA GLN Q 139 9.62 -9.98 -12.84
C GLN Q 139 10.03 -11.45 -12.79
N PRO Q 140 9.83 -12.13 -11.66
CA PRO Q 140 10.22 -13.55 -11.57
C PRO Q 140 9.43 -14.40 -12.55
N GLY Q 141 10.16 -14.98 -13.51
CA GLY Q 141 9.54 -15.77 -14.56
C GLY Q 141 9.48 -15.02 -15.88
N GLY Q 142 8.47 -15.31 -16.69
CA GLY Q 142 8.35 -14.64 -17.97
C GLY Q 142 9.44 -15.04 -18.95
N SER Q 143 9.79 -14.11 -19.83
CA SER Q 143 10.82 -14.36 -20.84
C SER Q 143 11.43 -13.01 -21.21
N LEU Q 144 12.65 -12.75 -20.73
CA LEU Q 144 13.38 -11.54 -21.04
C LEU Q 144 14.53 -11.86 -21.97
N ARG Q 145 14.76 -10.99 -22.95
CA ARG Q 145 15.77 -11.19 -23.97
C ARG Q 145 16.88 -10.17 -23.80
N LEU Q 146 18.12 -10.64 -23.85
CA LEU Q 146 19.30 -9.79 -23.73
C LEU Q 146 20.16 -9.94 -24.98
N SER Q 147 20.52 -8.81 -25.60
CA SER Q 147 21.27 -8.81 -26.83
C SER Q 147 22.58 -8.07 -26.66
N CYS Q 148 23.53 -8.39 -27.53
CA CYS Q 148 24.87 -7.78 -27.55
C CYS Q 148 25.25 -7.41 -28.98
N ALA Q 149 24.34 -6.70 -29.66
CA ALA Q 149 24.55 -6.27 -31.04
C ALA Q 149 25.91 -5.61 -31.22
N ALA Q 150 26.71 -6.18 -32.14
CA ALA Q 150 28.07 -5.71 -32.40
C ALA Q 150 28.13 -5.21 -33.84
N SER Q 151 28.38 -3.92 -34.02
CA SER Q 151 28.51 -3.33 -35.34
C SER Q 151 29.85 -3.63 -36.00
N GLY Q 152 30.76 -4.28 -35.29
CA GLY Q 152 32.06 -4.62 -35.85
C GLY Q 152 32.16 -6.06 -36.27
N PHE Q 153 32.77 -6.90 -35.41
CA PHE Q 153 32.88 -8.32 -35.69
C PHE Q 153 31.51 -8.94 -35.89
N THR Q 154 31.45 -9.95 -36.76
CA THR Q 154 30.19 -10.61 -37.09
C THR Q 154 29.63 -11.30 -35.85
N VAL Q 155 28.34 -11.09 -35.60
CA VAL Q 155 27.67 -11.65 -34.43
C VAL Q 155 26.99 -12.96 -34.81
N SER Q 156 27.33 -13.50 -35.98
CA SER Q 156 26.70 -14.71 -36.48
C SER Q 156 27.69 -15.76 -36.98
N SER Q 157 28.98 -15.45 -37.01
CA SER Q 157 29.99 -16.39 -37.49
C SER Q 157 31.00 -16.80 -36.43
N ASN Q 158 31.38 -15.89 -35.52
CA ASN Q 158 32.35 -16.22 -34.49
C ASN Q 158 31.68 -17.02 -33.37
N TYR Q 159 32.52 -17.69 -32.57
CA TYR Q 159 32.06 -18.53 -31.47
C TYR Q 159 31.97 -17.68 -30.21
N MET Q 160 30.74 -17.44 -29.75
CA MET Q 160 30.48 -16.65 -28.55
C MET Q 160 29.93 -17.54 -27.45
N SER Q 161 29.87 -16.96 -26.25
CA SER Q 161 29.38 -17.68 -25.08
C SER Q 161 28.77 -16.68 -24.10
N TRP Q 162 28.16 -17.21 -23.04
CA TRP Q 162 27.52 -16.41 -22.00
C TRP Q 162 27.99 -16.92 -20.65
N VAL Q 163 28.57 -16.03 -19.84
CA VAL Q 163 29.06 -16.35 -18.52
C VAL Q 163 28.49 -15.33 -17.54
N ARG Q 164 27.91 -15.82 -16.43
CA ARG Q 164 27.35 -14.98 -15.41
C ARG Q 164 28.12 -15.13 -14.10
N GLN Q 165 28.03 -14.11 -13.25
CA GLN Q 165 28.67 -14.12 -11.95
C GLN Q 165 27.79 -13.42 -10.94
N ALA Q 166 27.73 -13.97 -9.73
CA ALA Q 166 26.92 -13.43 -8.65
C ALA Q 166 27.79 -12.82 -7.57
N PRO Q 167 27.26 -11.86 -6.81
CA PRO Q 167 28.02 -11.30 -5.68
C PRO Q 167 28.57 -12.36 -4.74
N GLY Q 168 29.89 -12.39 -4.59
CA GLY Q 168 30.54 -13.37 -3.74
C GLY Q 168 30.99 -14.64 -4.44
N LYS Q 169 30.11 -15.24 -5.24
CA LYS Q 169 30.45 -16.46 -5.94
C LYS Q 169 31.24 -16.14 -7.22
N GLY Q 170 31.99 -17.14 -7.69
CA GLY Q 170 32.79 -16.99 -8.88
C GLY Q 170 32.00 -17.19 -10.16
N LEU Q 171 32.69 -17.06 -11.28
CA LEU Q 171 32.08 -17.21 -12.58
C LEU Q 171 31.91 -18.69 -12.93
N GLU Q 172 31.07 -18.95 -13.93
CA GLU Q 172 30.82 -20.31 -14.39
C GLU Q 172 30.19 -20.25 -15.76
N TRP Q 173 30.44 -21.29 -16.56
CA TRP Q 173 29.92 -21.35 -17.91
C TRP Q 173 28.41 -21.59 -17.89
N VAL Q 174 27.67 -20.73 -18.60
CA VAL Q 174 26.21 -20.77 -18.55
C VAL Q 174 25.65 -21.15 -19.92
N SER Q 175 26.35 -20.80 -20.99
CA SER Q 175 25.87 -21.05 -22.33
C SER Q 175 27.02 -21.11 -23.31
N VAL Q 176 26.91 -21.98 -24.31
CA VAL Q 176 27.89 -22.11 -25.37
C VAL Q 176 27.15 -22.33 -26.68
N ILE Q 177 27.52 -21.57 -27.71
CA ILE Q 177 26.88 -21.66 -29.01
C ILE Q 177 27.96 -21.61 -30.09
N TYR Q 178 27.95 -22.61 -30.97
CA TYR Q 178 28.93 -22.69 -32.05
C TYR Q 178 28.47 -21.88 -33.26
N SER Q 179 29.05 -22.16 -34.43
CA SER Q 179 28.77 -21.39 -35.63
C SER Q 179 27.30 -21.46 -36.03
N GLY Q 180 26.83 -22.63 -36.45
CA GLY Q 180 25.48 -22.74 -36.97
C GLY Q 180 24.64 -23.90 -36.45
N GLY Q 181 25.28 -24.93 -35.90
CA GLY Q 181 24.56 -26.15 -35.61
C GLY Q 181 24.81 -26.77 -34.25
N SER Q 182 25.07 -25.94 -33.25
CA SER Q 182 25.25 -26.44 -31.89
C SER Q 182 24.61 -25.45 -30.91
N THR Q 183 23.80 -25.98 -30.00
CA THR Q 183 23.10 -25.20 -28.99
C THR Q 183 23.22 -25.86 -27.63
N TYR Q 184 24.45 -26.24 -27.27
CA TYR Q 184 24.69 -26.89 -25.99
C TYR Q 184 24.39 -25.95 -24.84
N TYR Q 185 23.77 -26.50 -23.79
CA TYR Q 185 23.43 -25.75 -22.59
C TYR Q 185 24.25 -26.26 -21.41
N ALA Q 186 24.37 -25.42 -20.40
CA ALA Q 186 25.15 -25.75 -19.22
C ALA Q 186 24.37 -26.72 -18.32
N ASP Q 187 25.06 -27.22 -17.29
CA ASP Q 187 24.45 -28.16 -16.36
C ASP Q 187 23.60 -27.47 -15.30
N SER Q 188 23.77 -26.15 -15.11
CA SER Q 188 22.97 -25.44 -14.12
C SER Q 188 21.51 -25.36 -14.54
N VAL Q 189 21.26 -25.01 -15.80
CA VAL Q 189 19.89 -24.92 -16.27
C VAL Q 189 19.32 -26.30 -16.60
N LYS Q 190 20.16 -27.21 -17.10
CA LYS Q 190 19.81 -28.60 -17.39
C LYS Q 190 18.68 -28.73 -18.41
N GLY Q 191 18.33 -27.66 -19.13
CA GLY Q 191 17.30 -27.75 -20.14
C GLY Q 191 16.30 -26.61 -20.11
N ARG Q 192 16.16 -25.95 -18.96
CA ARG Q 192 15.21 -24.86 -18.84
C ARG Q 192 15.62 -23.60 -19.60
N PHE Q 193 16.82 -23.59 -20.18
CA PHE Q 193 17.31 -22.46 -20.94
C PHE Q 193 17.35 -22.82 -22.43
N THR Q 194 16.73 -21.99 -23.26
CA THR Q 194 16.66 -22.21 -24.70
C THR Q 194 17.31 -21.04 -25.42
N ILE Q 195 18.43 -21.28 -26.08
CA ILE Q 195 19.12 -20.24 -26.83
C ILE Q 195 18.49 -20.13 -28.21
N SER Q 196 18.18 -18.90 -28.63
CA SER Q 196 17.58 -18.65 -29.93
C SER Q 196 18.32 -17.50 -30.59
N ARG Q 197 18.89 -17.76 -31.76
CA ARG Q 197 19.65 -16.75 -32.48
C ARG Q 197 18.71 -15.80 -33.21
N ASP Q 198 19.06 -14.51 -33.17
CA ASP Q 198 18.29 -13.49 -33.87
C ASP Q 198 18.70 -13.47 -35.35
N ASN Q 199 18.32 -12.42 -36.06
CA ASN Q 199 18.67 -12.29 -37.48
C ASN Q 199 20.18 -12.38 -37.67
N SER Q 200 20.59 -13.02 -38.76
CA SER Q 200 22.00 -13.30 -39.01
C SER Q 200 22.82 -12.04 -39.32
N GLU Q 201 22.17 -10.90 -39.53
CA GLU Q 201 22.89 -9.67 -39.88
C GLU Q 201 22.54 -8.50 -38.98
N ASN Q 202 21.79 -8.73 -37.89
CA ASN Q 202 21.41 -7.65 -36.99
C ASN Q 202 22.05 -7.81 -35.61
N THR Q 203 21.81 -8.93 -34.94
CA THR Q 203 22.33 -9.17 -33.59
C THR Q 203 22.11 -10.63 -33.24
N LEU Q 204 22.41 -10.99 -32.00
CA LEU Q 204 22.17 -12.33 -31.47
C LEU Q 204 21.78 -12.19 -30.00
N TYR Q 205 20.54 -12.53 -29.68
CA TYR Q 205 20.01 -12.35 -28.34
C TYR Q 205 19.80 -13.72 -27.67
N LEU Q 206 19.42 -13.65 -26.40
CA LEU Q 206 19.21 -14.83 -25.56
C LEU Q 206 17.75 -14.88 -25.11
N GLN Q 207 17.43 -15.85 -24.26
CA GLN Q 207 16.07 -16.02 -23.77
C GLN Q 207 16.12 -16.59 -22.36
N MET Q 208 15.27 -16.05 -21.49
CA MET Q 208 15.28 -16.45 -20.08
C MET Q 208 14.55 -17.78 -19.89
N ASN Q 209 13.33 -17.90 -20.41
CA ASN Q 209 12.54 -19.12 -20.37
C ASN Q 209 12.26 -19.55 -18.92
N SER Q 210 11.52 -18.70 -18.20
CA SER Q 210 10.97 -19.04 -16.88
C SER Q 210 12.07 -19.40 -15.89
N LEU Q 211 12.87 -18.40 -15.56
CA LEU Q 211 13.96 -18.56 -14.59
C LEU Q 211 13.49 -19.18 -13.29
N ARG Q 212 14.41 -19.82 -12.56
CA ARG Q 212 14.10 -20.50 -11.31
C ARG Q 212 14.77 -19.81 -10.12
N ALA Q 213 14.74 -18.47 -10.12
CA ALA Q 213 15.26 -17.60 -9.07
C ALA Q 213 16.78 -17.68 -8.94
N GLU Q 214 17.47 -18.45 -9.78
CA GLU Q 214 18.91 -18.53 -9.76
C GLU Q 214 19.57 -17.70 -10.86
N ASP Q 215 18.78 -17.09 -11.74
CA ASP Q 215 19.30 -16.25 -12.81
C ASP Q 215 19.44 -14.79 -12.41
N THR Q 216 19.48 -14.51 -11.10
CA THR Q 216 19.60 -13.14 -10.62
C THR Q 216 20.98 -12.54 -10.89
N ALA Q 217 21.99 -13.37 -11.12
CA ALA Q 217 23.34 -12.88 -11.35
C ALA Q 217 23.41 -12.07 -12.64
N VAL Q 218 24.38 -11.17 -12.70
CA VAL Q 218 24.58 -10.32 -13.88
C VAL Q 218 25.16 -11.16 -15.01
N TYR Q 219 24.78 -10.82 -16.24
CA TYR Q 219 25.22 -11.56 -17.41
C TYR Q 219 26.38 -10.85 -18.10
N TYR Q 220 27.14 -11.63 -18.87
CA TYR Q 220 28.25 -11.10 -19.66
C TYR Q 220 28.30 -11.84 -20.98
N CYS Q 221 28.02 -11.11 -22.07
CA CYS Q 221 28.03 -11.68 -23.42
C CYS Q 221 29.42 -11.48 -24.00
N ALA Q 222 30.22 -12.55 -24.01
CA ALA Q 222 31.58 -12.50 -24.51
C ALA Q 222 31.62 -12.87 -25.98
N ARG Q 223 32.48 -12.18 -26.74
CA ARG Q 223 32.61 -12.44 -28.17
C ARG Q 223 33.42 -13.69 -28.47
N GLY Q 224 34.11 -14.26 -27.48
CA GLY Q 224 34.93 -15.43 -27.69
C GLY Q 224 34.71 -16.46 -26.61
N GLU Q 225 35.20 -17.67 -26.88
CA GLU Q 225 35.09 -18.76 -25.93
C GLU Q 225 35.99 -18.51 -24.72
N ILE Q 226 35.73 -19.26 -23.66
CA ILE Q 226 36.48 -19.10 -22.41
C ILE Q 226 37.52 -20.21 -22.28
N GLN Q 227 37.07 -21.46 -22.23
CA GLN Q 227 38.00 -22.58 -22.11
C GLN Q 227 38.68 -22.87 -23.44
N PRO Q 228 37.93 -23.03 -24.55
CA PRO Q 228 38.61 -23.16 -25.86
C PRO Q 228 38.85 -21.79 -26.51
N TYR Q 229 39.53 -20.92 -25.79
CA TYR Q 229 39.72 -19.55 -26.24
C TYR Q 229 40.72 -19.50 -27.40
N TYR Q 230 40.36 -18.75 -28.43
CA TYR Q 230 41.22 -18.48 -29.57
C TYR Q 230 41.65 -17.02 -29.54
N TYR Q 231 42.72 -16.71 -30.28
CA TYR Q 231 43.27 -15.36 -30.27
C TYR Q 231 42.21 -14.33 -30.65
N TYR Q 232 41.55 -14.55 -31.78
CA TYR Q 232 40.43 -13.70 -32.24
C TYR Q 232 40.85 -12.23 -32.39
N GLY Q 233 42.14 -11.99 -32.61
CA GLY Q 233 42.63 -10.63 -32.75
C GLY Q 233 42.73 -9.89 -31.44
N MET Q 234 41.60 -9.76 -30.73
CA MET Q 234 41.57 -9.07 -29.45
C MET Q 234 40.38 -9.59 -28.65
N ASP Q 235 40.53 -9.54 -27.32
CA ASP Q 235 39.48 -9.98 -26.40
C ASP Q 235 38.72 -8.75 -25.92
N VAL Q 236 37.46 -8.65 -26.32
CA VAL Q 236 36.61 -7.52 -25.97
C VAL Q 236 35.41 -8.05 -25.19
N TRP Q 237 35.14 -7.44 -24.05
CA TRP Q 237 34.01 -7.81 -23.19
C TRP Q 237 32.99 -6.67 -23.18
N GLY Q 238 31.94 -6.87 -22.40
CA GLY Q 238 30.90 -5.87 -22.27
C GLY Q 238 30.35 -5.83 -20.86
N GLN Q 239 29.95 -4.63 -20.44
CA GLN Q 239 29.41 -4.45 -19.10
C GLN Q 239 28.06 -5.16 -18.98
N GLY Q 240 27.78 -5.66 -17.77
CA GLY Q 240 26.55 -6.38 -17.51
C GLY Q 240 25.49 -5.51 -16.83
N THR Q 241 24.32 -6.10 -16.66
CA THR Q 241 23.19 -5.45 -16.01
C THR Q 241 22.67 -6.33 -14.89
N THR Q 242 22.12 -5.68 -13.87
CA THR Q 242 21.60 -6.39 -12.71
C THR Q 242 20.18 -6.88 -12.97
N VAL Q 243 19.96 -8.17 -12.76
CA VAL Q 243 18.62 -8.74 -12.98
C VAL Q 243 17.66 -8.24 -11.91
N THR Q 244 18.03 -8.40 -10.63
CA THR Q 244 17.23 -7.95 -9.50
C THR Q 244 15.83 -8.58 -9.53
N VAL Q 245 15.82 -9.91 -9.39
CA VAL Q 245 14.55 -10.65 -9.38
C VAL Q 245 13.75 -10.29 -8.13
N SER Q 246 12.44 -10.45 -8.21
CA SER Q 246 11.52 -10.16 -7.12
C SER Q 246 10.66 -11.37 -6.81
N SER Q 247 11.30 -12.54 -6.73
CA SER Q 247 10.59 -13.78 -6.43
C SER Q 247 10.23 -13.85 -4.96
N VAL R 3 18.61 -59.18 -18.81
CA VAL R 3 18.42 -60.50 -18.23
C VAL R 3 19.38 -61.50 -18.87
N LEU R 4 20.06 -62.28 -18.02
CA LEU R 4 21.02 -63.28 -18.47
C LEU R 4 20.69 -64.61 -17.83
N THR R 5 20.62 -65.66 -18.65
CA THR R 5 20.33 -67.00 -18.16
C THR R 5 21.65 -67.73 -17.86
N GLN R 6 21.79 -68.22 -16.63
CA GLN R 6 22.99 -68.91 -16.20
C GLN R 6 22.61 -70.02 -15.24
N PRO R 7 23.22 -71.20 -15.37
CA PRO R 7 22.97 -72.30 -14.43
C PRO R 7 23.17 -71.84 -13.00
N PRO R 8 22.19 -72.07 -12.12
CA PRO R 8 22.32 -71.63 -10.73
C PRO R 8 23.42 -72.36 -9.97
N SER R 9 23.44 -73.69 -10.06
CA SER R 9 24.43 -74.49 -9.35
C SER R 9 24.72 -75.74 -10.20
N ALA R 10 25.85 -75.71 -10.91
CA ALA R 10 26.25 -76.84 -11.74
C ALA R 10 27.10 -77.81 -10.91
N SER R 11 27.69 -78.79 -11.57
CA SER R 11 28.54 -79.77 -10.92
C SER R 11 29.72 -80.10 -11.81
N GLY R 12 30.56 -81.03 -11.37
CA GLY R 12 31.72 -81.44 -12.13
C GLY R 12 32.64 -82.38 -11.39
N THR R 13 33.48 -83.09 -12.14
CA THR R 13 34.42 -84.04 -11.57
C THR R 13 35.86 -83.61 -11.88
N PRO R 14 36.81 -83.90 -11.00
CA PRO R 14 38.19 -83.50 -11.25
C PRO R 14 38.79 -84.31 -12.40
N GLY R 15 39.83 -83.74 -12.99
CA GLY R 15 40.52 -84.35 -14.11
C GLY R 15 40.04 -83.94 -15.49
N GLN R 16 38.73 -83.99 -15.71
CA GLN R 16 38.14 -83.61 -16.98
C GLN R 16 37.83 -82.12 -16.98
N ARG R 17 37.10 -81.66 -18.00
CA ARG R 17 36.74 -80.26 -18.14
C ARG R 17 35.22 -80.10 -18.17
N VAL R 18 34.75 -78.92 -17.78
CA VAL R 18 33.34 -78.60 -17.78
C VAL R 18 33.08 -77.44 -18.73
N THR R 19 31.81 -77.05 -18.88
CA THR R 19 31.43 -75.97 -19.78
C THR R 19 30.30 -75.17 -19.14
N ILE R 20 30.61 -73.94 -18.73
CA ILE R 20 29.61 -73.04 -18.16
C ILE R 20 29.14 -72.10 -19.26
N SER R 21 27.83 -71.99 -19.44
CA SER R 21 27.24 -71.18 -20.49
C SER R 21 26.42 -70.05 -19.89
N CYS R 22 26.20 -69.02 -20.70
CA CYS R 22 25.41 -67.85 -20.31
C CYS R 22 24.60 -67.39 -21.51
N SER R 23 23.28 -67.55 -21.43
CA SER R 23 22.39 -67.21 -22.54
C SER R 23 21.87 -65.78 -22.37
N GLY R 24 21.85 -65.03 -23.47
CA GLY R 24 21.36 -63.67 -23.46
C GLY R 24 20.86 -63.26 -24.81
N SER R 25 19.98 -62.25 -24.81
CA SER R 25 19.42 -61.75 -26.06
C SER R 25 20.46 -60.96 -26.85
N SER R 26 20.10 -60.63 -28.09
CA SER R 26 20.99 -59.88 -28.96
C SER R 26 21.07 -58.40 -28.60
N SER R 27 20.31 -57.95 -27.60
CA SER R 27 20.36 -56.54 -27.20
C SER R 27 21.51 -56.26 -26.26
N ASN R 28 21.97 -57.25 -25.51
CA ASN R 28 23.06 -57.09 -24.56
C ASN R 28 24.31 -57.86 -24.95
N ILE R 29 24.18 -59.13 -25.29
CA ILE R 29 25.33 -59.94 -25.68
C ILE R 29 25.62 -59.82 -27.18
N GLY R 30 24.57 -59.78 -28.00
CA GLY R 30 24.76 -59.71 -29.45
C GLY R 30 25.42 -58.44 -29.93
N SER R 31 25.39 -57.37 -29.14
CA SER R 31 25.96 -56.09 -29.52
C SER R 31 27.14 -55.68 -28.64
N ASN R 32 27.51 -56.49 -27.65
CA ASN R 32 28.61 -56.15 -26.75
C ASN R 32 29.41 -57.42 -26.48
N THR R 33 30.29 -57.35 -25.48
CA THR R 33 31.14 -58.47 -25.10
C THR R 33 30.80 -58.91 -23.68
N VAL R 34 30.78 -60.23 -23.47
CA VAL R 34 30.49 -60.79 -22.16
C VAL R 34 31.74 -60.77 -21.30
N ASN R 35 31.55 -60.55 -20.00
CA ASN R 35 32.64 -60.50 -19.05
C ASN R 35 32.43 -61.58 -17.99
N TRP R 36 33.46 -62.39 -17.76
CA TRP R 36 33.42 -63.47 -16.78
C TRP R 36 34.20 -63.05 -15.54
N TYR R 37 33.56 -63.17 -14.38
CA TYR R 37 34.17 -62.82 -13.10
C TYR R 37 34.19 -64.03 -12.18
N GLN R 38 35.29 -64.18 -11.45
CA GLN R 38 35.46 -65.26 -10.49
C GLN R 38 35.57 -64.68 -9.10
N GLN R 39 34.85 -65.27 -8.15
CA GLN R 39 34.84 -64.81 -6.76
C GLN R 39 34.96 -66.00 -5.84
N LEU R 40 36.02 -66.02 -5.04
CA LEU R 40 36.20 -67.07 -4.04
C LEU R 40 35.27 -66.82 -2.85
N PRO R 41 34.76 -67.89 -2.22
CA PRO R 41 33.87 -67.70 -1.07
C PRO R 41 34.57 -67.10 0.13
N GLY R 42 34.22 -65.87 0.47
CA GLY R 42 34.82 -65.20 1.62
C GLY R 42 35.65 -63.99 1.25
N THR R 43 36.36 -64.07 0.13
CA THR R 43 37.24 -62.99 -0.31
C THR R 43 36.56 -62.15 -1.39
N ALA R 44 37.23 -61.07 -1.76
CA ALA R 44 36.71 -60.17 -2.78
C ALA R 44 36.81 -60.81 -4.16
N PRO R 45 35.90 -60.45 -5.08
CA PRO R 45 35.96 -61.02 -6.43
C PRO R 45 37.21 -60.55 -7.18
N LYS R 46 37.35 -61.07 -8.40
CA LYS R 46 38.47 -60.71 -9.25
C LYS R 46 38.09 -60.99 -10.70
N LEU R 47 38.72 -60.24 -11.61
CA LEU R 47 38.45 -60.43 -13.03
C LEU R 47 39.07 -61.73 -13.52
N LEU R 48 38.31 -62.47 -14.33
CA LEU R 48 38.76 -63.73 -14.88
C LEU R 48 38.99 -63.66 -16.38
N ILE R 49 37.98 -63.24 -17.15
CA ILE R 49 38.08 -63.13 -18.60
C ILE R 49 37.34 -61.87 -19.04
N TYR R 50 38.02 -61.02 -19.79
CA TYR R 50 37.43 -59.79 -20.31
C TYR R 50 37.48 -59.78 -21.82
N SER R 51 36.43 -59.23 -22.43
CA SER R 51 36.27 -59.11 -23.88
C SER R 51 36.24 -60.45 -24.59
N ASN R 52 36.16 -61.56 -23.85
CA ASN R 52 36.03 -62.93 -24.36
C ASN R 52 37.22 -63.38 -25.21
N ASN R 53 38.27 -62.58 -25.32
CA ASN R 53 39.43 -62.94 -26.13
C ASN R 53 40.74 -62.87 -25.36
N GLN R 54 40.89 -61.90 -24.46
CA GLN R 54 42.11 -61.71 -23.70
C GLN R 54 41.87 -62.08 -22.24
N ARG R 55 42.97 -62.22 -21.51
CA ARG R 55 42.96 -62.56 -20.09
C ARG R 55 43.95 -61.68 -19.36
N PRO R 56 43.67 -61.35 -18.10
CA PRO R 56 44.61 -60.53 -17.32
C PRO R 56 45.93 -61.25 -17.08
N SER R 57 46.89 -60.49 -16.56
CA SER R 57 48.21 -61.05 -16.29
C SER R 57 48.18 -62.06 -15.16
N GLY R 58 47.30 -61.86 -14.17
CA GLY R 58 47.21 -62.79 -13.06
C GLY R 58 46.49 -64.08 -13.41
N VAL R 59 45.56 -64.02 -14.34
CA VAL R 59 44.80 -65.20 -14.76
C VAL R 59 45.67 -66.06 -15.67
N PRO R 60 45.92 -67.32 -15.32
CA PRO R 60 46.74 -68.18 -16.16
C PRO R 60 45.95 -68.67 -17.38
N ASP R 61 46.58 -69.55 -18.15
CA ASP R 61 45.97 -70.11 -19.35
C ASP R 61 44.98 -71.23 -19.04
N ARG R 62 44.63 -71.44 -17.77
CA ARG R 62 43.70 -72.48 -17.39
C ARG R 62 42.24 -72.12 -17.66
N PHE R 63 41.98 -70.94 -18.23
CA PHE R 63 40.62 -70.49 -18.51
C PHE R 63 40.53 -70.01 -19.95
N SER R 64 39.37 -70.21 -20.56
CA SER R 64 39.13 -69.78 -21.93
C SER R 64 37.64 -69.53 -22.11
N GLY R 65 37.31 -68.59 -22.98
CA GLY R 65 35.93 -68.24 -23.24
C GLY R 65 35.70 -67.97 -24.71
N SER R 66 34.46 -68.18 -25.14
CA SER R 66 34.07 -67.98 -26.52
C SER R 66 32.73 -67.26 -26.58
N LYS R 67 32.45 -66.64 -27.72
CA LYS R 67 31.22 -65.89 -27.96
C LYS R 67 30.54 -66.39 -29.23
N SER R 68 30.43 -67.71 -29.36
CA SER R 68 29.79 -68.31 -30.52
C SER R 68 28.30 -68.01 -30.49
N GLY R 69 27.83 -67.18 -31.43
CA GLY R 69 26.43 -66.82 -31.47
C GLY R 69 26.09 -65.71 -30.48
N THR R 70 24.89 -65.80 -29.92
CA THR R 70 24.40 -64.82 -28.96
C THR R 70 24.59 -65.26 -27.51
N SER R 71 25.43 -66.27 -27.27
CA SER R 71 25.67 -66.78 -25.93
C SER R 71 27.16 -66.99 -25.73
N ALA R 72 27.59 -66.91 -24.47
CA ALA R 72 28.99 -67.11 -24.10
C ALA R 72 29.19 -68.50 -23.50
N SER R 73 30.38 -69.05 -23.71
CA SER R 73 30.72 -70.38 -23.23
C SER R 73 32.08 -70.33 -22.54
N LEU R 74 32.12 -70.83 -21.31
CA LEU R 74 33.35 -70.89 -20.53
C LEU R 74 33.93 -72.30 -20.57
N ALA R 75 35.27 -72.36 -20.59
CA ALA R 75 35.97 -73.65 -20.63
C ALA R 75 37.16 -73.59 -19.69
N ILE R 76 37.27 -74.59 -18.81
CA ILE R 76 38.35 -74.69 -17.85
C ILE R 76 39.04 -76.03 -18.09
N SER R 77 40.14 -76.00 -18.84
CA SER R 77 40.87 -77.22 -19.17
C SER R 77 41.68 -77.66 -17.96
N GLY R 78 41.30 -78.77 -17.34
CA GLY R 78 42.02 -79.31 -16.20
C GLY R 78 41.73 -78.56 -14.92
N LEU R 79 40.49 -78.58 -14.47
CA LEU R 79 40.11 -77.92 -13.24
C LEU R 79 40.66 -78.66 -12.03
N GLN R 80 40.72 -77.96 -10.90
CA GLN R 80 41.23 -78.53 -9.66
C GLN R 80 40.39 -77.96 -8.51
N SER R 81 40.86 -78.20 -7.28
CA SER R 81 40.15 -77.69 -6.10
C SER R 81 40.25 -76.18 -5.98
N GLU R 82 41.28 -75.55 -6.56
CA GLU R 82 41.42 -74.11 -6.47
C GLU R 82 40.42 -73.38 -7.36
N ASP R 83 39.86 -74.05 -8.37
CA ASP R 83 38.89 -73.45 -9.27
C ASP R 83 37.46 -73.53 -8.74
N GLU R 84 37.27 -73.88 -7.47
CA GLU R 84 35.95 -73.97 -6.86
C GLU R 84 35.55 -72.58 -6.39
N ALA R 85 34.87 -71.83 -7.26
CA ALA R 85 34.45 -70.47 -6.95
C ALA R 85 33.18 -70.17 -7.73
N ASP R 86 32.65 -68.97 -7.50
CA ASP R 86 31.43 -68.52 -8.17
C ASP R 86 31.78 -67.79 -9.45
N TYR R 87 31.06 -68.10 -10.52
CA TYR R 87 31.29 -67.50 -11.84
C TYR R 87 30.07 -66.67 -12.21
N TYR R 88 30.30 -65.39 -12.49
CA TYR R 88 29.23 -64.46 -12.82
C TYR R 88 29.44 -63.91 -14.23
N CYS R 89 28.34 -63.78 -14.97
CA CYS R 89 28.36 -63.22 -16.31
C CYS R 89 27.84 -61.80 -16.28
N ALA R 90 28.48 -60.93 -17.06
CA ALA R 90 28.11 -59.52 -17.11
C ALA R 90 28.17 -59.03 -18.55
N ALA R 91 27.23 -58.14 -18.89
CA ALA R 91 27.15 -57.57 -20.23
C ALA R 91 26.44 -56.23 -20.15
N TRP R 92 26.87 -55.28 -20.98
CA TRP R 92 26.27 -53.95 -21.02
C TRP R 92 25.19 -53.93 -22.09
N ASP R 93 23.95 -53.70 -21.66
CA ASP R 93 22.83 -53.63 -22.59
C ASP R 93 22.77 -52.26 -23.25
N ASP R 94 22.19 -52.22 -24.45
CA ASP R 94 22.08 -50.98 -25.22
C ASP R 94 21.09 -49.99 -24.62
N SER R 95 20.37 -50.36 -23.55
CA SER R 95 19.42 -49.46 -22.90
C SER R 95 20.03 -48.75 -21.70
N LEU R 96 21.35 -48.52 -21.73
CA LEU R 96 22.07 -47.82 -20.67
C LEU R 96 21.89 -48.53 -19.32
N ASN R 97 22.34 -49.78 -19.27
CA ASN R 97 22.27 -50.56 -18.04
C ASN R 97 23.31 -51.65 -18.10
N TRP R 98 23.65 -52.20 -16.93
CA TRP R 98 24.64 -53.25 -16.78
C TRP R 98 23.97 -54.42 -16.07
N VAL R 99 23.56 -55.43 -16.84
CA VAL R 99 22.89 -56.60 -16.30
C VAL R 99 23.95 -57.63 -15.91
N PHE R 100 23.84 -58.14 -14.69
CA PHE R 100 24.77 -59.13 -14.17
C PHE R 100 24.13 -60.52 -14.19
N GLY R 101 24.94 -61.52 -13.90
CA GLY R 101 24.50 -62.90 -13.88
C GLY R 101 23.92 -63.30 -12.53
N GLY R 102 23.77 -64.61 -12.35
CA GLY R 102 23.23 -65.13 -11.11
C GLY R 102 24.27 -65.87 -10.28
N GLY R 103 25.22 -66.52 -10.95
CA GLY R 103 26.25 -67.27 -10.26
C GLY R 103 26.21 -68.75 -10.57
N THR R 104 27.38 -69.38 -10.65
CA THR R 104 27.50 -70.80 -10.97
C THR R 104 28.28 -71.48 -9.85
N LYS R 105 27.59 -72.26 -9.02
CA LYS R 105 28.22 -72.99 -7.91
C LYS R 105 28.94 -74.20 -8.47
N LEU R 106 30.12 -73.95 -9.03
CA LEU R 106 30.95 -75.01 -9.62
C LEU R 106 31.79 -75.64 -8.50
N THR R 107 31.10 -76.37 -7.62
CA THR R 107 31.73 -77.02 -6.49
C THR R 107 32.10 -78.47 -6.85
N VAL R 108 33.28 -78.89 -6.40
CA VAL R 108 33.77 -80.25 -6.63
C VAL R 108 34.40 -80.74 -5.33
N LEU R 109 33.86 -81.82 -4.78
CA LEU R 109 34.36 -82.39 -3.53
C LEU R 109 35.35 -83.52 -3.82
N GLY R 110 36.42 -83.16 -4.54
CA GLY R 110 37.46 -84.11 -4.90
C GLY R 110 37.01 -85.13 -5.93
N GLU R 125 50.26 -53.25 -7.51
CA GLU R 125 49.55 -53.59 -6.28
C GLU R 125 48.97 -52.33 -5.65
N VAL R 126 47.69 -52.05 -5.94
CA VAL R 126 46.99 -50.89 -5.41
C VAL R 126 45.77 -51.38 -4.66
N GLN R 127 45.62 -50.93 -3.42
CA GLN R 127 44.47 -51.31 -2.60
C GLN R 127 43.28 -50.41 -2.91
N LEU R 128 42.11 -51.03 -3.06
CA LEU R 128 40.87 -50.32 -3.34
C LEU R 128 39.87 -50.47 -2.20
N VAL R 129 40.36 -50.37 -0.96
CA VAL R 129 39.50 -50.52 0.20
C VAL R 129 38.62 -49.29 0.35
N GLU R 130 37.36 -49.50 0.74
CA GLU R 130 36.40 -48.43 0.95
C GLU R 130 35.68 -48.65 2.27
N SER R 131 34.94 -47.63 2.69
CA SER R 131 34.18 -47.68 3.93
C SER R 131 33.04 -46.68 3.83
N GLY R 132 32.25 -46.60 4.90
CA GLY R 132 31.13 -45.68 4.95
C GLY R 132 29.80 -46.37 5.13
N GLY R 133 29.81 -47.58 5.70
CA GLY R 133 28.59 -48.32 5.92
C GLY R 133 27.97 -48.07 7.28
N GLY R 134 27.56 -49.13 7.95
CA GLY R 134 26.95 -48.99 9.27
C GLY R 134 25.44 -48.88 9.21
N VAL R 135 24.80 -49.36 10.27
CA VAL R 135 23.34 -49.30 10.36
C VAL R 135 22.91 -47.88 10.63
N VAL R 136 21.92 -47.41 9.87
CA VAL R 136 21.40 -46.05 9.99
C VAL R 136 19.88 -46.11 10.09
N GLN R 137 19.28 -44.94 10.31
CA GLN R 137 17.83 -44.86 10.40
C GLN R 137 17.21 -45.09 9.02
N PRO R 138 16.13 -45.87 8.94
CA PRO R 138 15.47 -46.08 7.64
C PRO R 138 14.91 -44.78 7.09
N GLY R 139 14.68 -44.78 5.78
CA GLY R 139 14.26 -43.57 5.09
C GLY R 139 15.45 -42.79 4.57
N GLY R 140 16.31 -42.36 5.50
CA GLY R 140 17.54 -41.68 5.14
C GLY R 140 18.73 -42.63 5.14
N SER R 141 19.90 -42.05 4.83
CA SER R 141 21.13 -42.82 4.76
C SER R 141 22.30 -41.84 4.86
N LEU R 142 23.51 -42.36 4.67
CA LEU R 142 24.74 -41.57 4.70
C LEU R 142 25.45 -41.69 3.35
N ARG R 143 26.64 -41.12 3.28
CA ARG R 143 27.43 -41.15 2.06
C ARG R 143 28.32 -42.39 2.02
N LEU R 144 28.64 -42.84 0.80
CA LEU R 144 29.51 -43.98 0.57
C LEU R 144 30.84 -43.47 0.04
N SER R 145 31.90 -43.66 0.83
CA SER R 145 33.23 -43.18 0.48
C SER R 145 34.09 -44.32 -0.06
N CYS R 146 35.20 -43.94 -0.69
CA CYS R 146 36.16 -44.89 -1.22
C CYS R 146 37.50 -44.17 -1.38
N ALA R 147 38.57 -44.96 -1.48
CA ALA R 147 39.90 -44.40 -1.58
C ALA R 147 40.82 -45.41 -2.24
N ALA R 148 42.03 -44.94 -2.57
CA ALA R 148 43.05 -45.77 -3.20
C ALA R 148 44.41 -45.16 -2.89
N SER R 149 45.45 -45.61 -3.59
CA SER R 149 46.80 -45.11 -3.37
C SER R 149 47.53 -45.11 -4.71
N GLY R 150 47.52 -43.96 -5.39
CA GLY R 150 48.26 -43.77 -6.62
C GLY R 150 47.92 -44.76 -7.72
N PHE R 151 46.71 -44.68 -8.27
CA PHE R 151 46.30 -45.56 -9.35
C PHE R 151 45.76 -44.78 -10.55
N ARG R 152 46.09 -43.49 -10.66
CA ARG R 152 45.70 -42.63 -11.77
C ARG R 152 44.17 -42.60 -11.91
N PHE R 153 43.54 -42.03 -10.87
CA PHE R 153 42.08 -41.97 -10.81
C PHE R 153 41.50 -41.22 -12.00
N ASP R 154 42.25 -40.28 -12.58
CA ASP R 154 41.72 -39.51 -13.70
C ASP R 154 41.61 -40.34 -14.97
N ASP R 155 42.49 -41.31 -15.15
CA ASP R 155 42.53 -42.14 -16.35
C ASP R 155 41.86 -43.49 -16.15
N HIS R 156 40.99 -43.63 -15.14
CA HIS R 156 40.30 -44.87 -14.87
C HIS R 156 38.89 -44.58 -14.38
N ALA R 157 37.99 -45.52 -14.62
CA ALA R 157 36.61 -45.41 -14.20
C ALA R 157 36.35 -46.28 -12.97
N MET R 158 35.24 -45.99 -12.29
CA MET R 158 34.86 -46.72 -11.09
C MET R 158 33.42 -47.20 -11.22
N HIS R 159 33.17 -48.40 -10.71
CA HIS R 159 31.84 -49.00 -10.73
C HIS R 159 31.40 -49.33 -9.31
N TRP R 160 30.08 -49.40 -9.13
CA TRP R 160 29.47 -49.79 -7.86
C TRP R 160 28.72 -51.09 -8.08
N VAL R 161 29.34 -52.20 -7.70
CA VAL R 161 28.76 -53.53 -7.84
C VAL R 161 28.58 -54.08 -6.43
N ARG R 162 27.40 -53.89 -5.86
CA ARG R 162 27.11 -54.36 -4.52
C ARG R 162 26.75 -55.85 -4.54
N GLN R 163 26.92 -56.50 -3.39
CA GLN R 163 26.65 -57.92 -3.25
C GLN R 163 25.97 -58.17 -1.91
N ALA R 164 24.73 -58.64 -1.96
CA ALA R 164 24.02 -58.99 -0.74
C ALA R 164 24.63 -60.27 -0.13
N PRO R 165 24.59 -60.39 1.19
CA PRO R 165 25.13 -61.62 1.83
C PRO R 165 24.37 -62.85 1.38
N GLY R 166 25.07 -63.74 0.68
CA GLY R 166 24.49 -64.96 0.17
C GLY R 166 23.88 -64.85 -1.21
N LYS R 167 23.49 -63.65 -1.63
CA LYS R 167 22.89 -63.45 -2.94
C LYS R 167 23.97 -63.12 -3.97
N GLY R 168 23.54 -62.76 -5.18
CA GLY R 168 24.46 -62.43 -6.25
C GLY R 168 24.86 -60.96 -6.23
N LEU R 169 25.48 -60.54 -7.33
CA LEU R 169 25.95 -59.17 -7.50
C LEU R 169 25.12 -58.46 -8.56
N GLU R 170 25.12 -57.12 -8.47
CA GLU R 170 24.39 -56.30 -9.42
C GLU R 170 25.04 -54.93 -9.49
N TRP R 171 24.91 -54.28 -10.64
CA TRP R 171 25.52 -52.99 -10.90
C TRP R 171 24.59 -51.86 -10.45
N VAL R 172 25.16 -50.87 -9.77
CA VAL R 172 24.38 -49.77 -9.21
C VAL R 172 24.55 -48.52 -10.07
N SER R 173 25.77 -48.02 -10.18
CA SER R 173 26.03 -46.80 -10.92
C SER R 173 27.42 -46.86 -11.53
N VAL R 174 27.73 -45.89 -12.39
CA VAL R 174 29.00 -45.82 -13.09
C VAL R 174 29.44 -44.36 -13.16
N ILE R 175 30.74 -44.14 -13.01
CA ILE R 175 31.35 -42.82 -13.17
C ILE R 175 32.52 -42.94 -14.14
N SER R 176 32.57 -42.04 -15.10
CA SER R 176 33.62 -42.06 -16.12
C SER R 176 34.86 -41.34 -15.61
N GLY R 177 36.01 -41.63 -16.24
CA GLY R 177 37.24 -40.98 -15.86
C GLY R 177 37.26 -39.50 -16.17
N ASP R 178 36.49 -39.06 -17.18
CA ASP R 178 36.42 -37.64 -17.50
C ASP R 178 35.61 -36.87 -16.47
N GLY R 179 34.60 -37.51 -15.88
CA GLY R 179 33.76 -36.86 -14.90
C GLY R 179 32.55 -36.16 -15.45
N GLY R 180 32.02 -36.60 -16.58
CA GLY R 180 30.87 -35.95 -17.18
C GLY R 180 29.57 -36.72 -16.98
N SER R 181 29.13 -37.41 -18.02
CA SER R 181 27.87 -38.14 -17.94
C SER R 181 28.01 -39.39 -17.09
N THR R 182 26.96 -39.68 -16.33
CA THR R 182 26.92 -40.86 -15.47
C THR R 182 25.59 -41.58 -15.67
N TYR R 183 25.58 -42.87 -15.40
CA TYR R 183 24.41 -43.71 -15.57
C TYR R 183 24.11 -44.48 -14.29
N TYR R 184 22.83 -44.71 -14.05
CA TYR R 184 22.36 -45.45 -12.88
C TYR R 184 21.56 -46.67 -13.34
N ALA R 185 21.24 -47.53 -12.37
CA ALA R 185 20.47 -48.73 -12.65
C ALA R 185 18.98 -48.38 -12.77
N ASP R 186 18.16 -49.41 -13.00
CA ASP R 186 16.72 -49.22 -13.15
C ASP R 186 16.01 -48.97 -11.83
N SER R 187 16.63 -49.33 -10.71
CA SER R 187 16.02 -49.16 -9.40
C SER R 187 16.65 -48.04 -8.57
N VAL R 188 17.90 -47.69 -8.83
CA VAL R 188 18.59 -46.66 -8.06
C VAL R 188 18.65 -45.33 -8.82
N LYS R 189 17.88 -45.20 -9.89
CA LYS R 189 17.89 -43.98 -10.69
C LYS R 189 17.12 -42.88 -9.98
N GLY R 190 17.69 -41.66 -10.00
CA GLY R 190 17.03 -40.52 -9.40
C GLY R 190 17.43 -40.26 -7.96
N ARG R 191 17.25 -41.26 -7.10
CA ARG R 191 17.53 -41.11 -5.68
C ARG R 191 19.01 -41.35 -5.34
N PHE R 192 19.88 -41.44 -6.33
CA PHE R 192 21.31 -41.62 -6.12
C PHE R 192 22.07 -40.51 -6.82
N SER R 193 23.17 -40.08 -6.20
CA SER R 193 24.01 -39.01 -6.75
C SER R 193 25.46 -39.39 -6.57
N ILE R 194 26.14 -39.69 -7.67
CA ILE R 194 27.54 -40.07 -7.66
C ILE R 194 28.37 -38.97 -8.32
N SER R 195 29.51 -38.64 -7.72
CA SER R 195 30.37 -37.60 -8.24
C SER R 195 31.76 -37.77 -7.65
N ARG R 196 32.70 -36.95 -8.14
CA ARG R 196 34.06 -36.99 -7.65
C ARG R 196 34.51 -35.59 -7.22
N ASP R 197 35.80 -35.44 -6.89
CA ASP R 197 36.34 -34.17 -6.46
C ASP R 197 37.75 -34.03 -6.98
N ASP R 198 38.28 -32.80 -6.90
CA ASP R 198 39.64 -32.52 -7.35
C ASP R 198 40.70 -32.95 -6.34
N SER R 199 40.31 -33.56 -5.24
CA SER R 199 41.24 -34.00 -4.20
C SER R 199 41.88 -35.32 -4.63
N LYS R 200 42.53 -36.00 -3.68
CA LYS R 200 43.19 -37.28 -3.94
C LYS R 200 42.17 -38.35 -4.31
N ASN R 201 42.65 -39.56 -4.60
CA ASN R 201 41.79 -40.65 -5.05
C ASN R 201 40.66 -40.89 -4.06
N SER R 202 39.44 -40.63 -4.51
CA SER R 202 38.26 -40.78 -3.66
C SER R 202 37.03 -40.92 -4.55
N LEU R 203 35.92 -41.31 -3.93
CA LEU R 203 34.66 -41.47 -4.65
C LEU R 203 33.52 -41.35 -3.65
N TYR R 204 32.60 -40.42 -3.91
CA TYR R 204 31.47 -40.15 -3.02
C TYR R 204 30.18 -40.56 -3.70
N LEU R 205 29.37 -41.36 -3.02
CA LEU R 205 28.08 -41.82 -3.52
C LEU R 205 27.02 -41.52 -2.47
N GLN R 206 26.06 -40.66 -2.82
CA GLN R 206 24.98 -40.28 -1.91
C GLN R 206 23.75 -41.12 -2.20
N MET R 207 23.13 -41.63 -1.13
CA MET R 207 21.94 -42.46 -1.24
C MET R 207 20.75 -41.72 -0.63
N ASN R 208 19.59 -41.85 -1.28
CA ASN R 208 18.36 -41.23 -0.81
C ASN R 208 17.20 -42.20 -1.00
N SER R 209 16.11 -41.93 -0.28
CA SER R 209 14.90 -42.74 -0.34
C SER R 209 15.20 -44.20 -0.01
N LEU R 210 15.67 -44.41 1.21
CA LEU R 210 16.03 -45.76 1.65
C LEU R 210 14.76 -46.58 1.86
N ARG R 211 14.68 -47.73 1.16
CA ARG R 211 13.54 -48.62 1.24
C ARG R 211 13.87 -49.91 1.98
N THR R 212 14.97 -49.93 2.73
CA THR R 212 15.44 -51.02 3.58
C THR R 212 15.89 -52.24 2.78
N GLU R 213 15.75 -52.24 1.46
CA GLU R 213 16.22 -53.34 0.62
C GLU R 213 17.61 -53.02 0.05
N ASP R 214 18.56 -52.69 0.94
CA ASP R 214 19.90 -52.32 0.50
C ASP R 214 20.99 -53.04 1.30
N THR R 215 20.69 -54.21 1.87
CA THR R 215 21.68 -54.96 2.63
C THR R 215 22.70 -55.59 1.70
N ALA R 216 23.81 -54.92 1.47
CA ALA R 216 24.85 -55.41 0.55
C ALA R 216 26.19 -54.90 1.04
N LEU R 217 27.19 -54.99 0.17
CA LEU R 217 28.56 -54.57 0.51
C LEU R 217 29.03 -53.33 -0.23
N TYR R 218 28.48 -53.05 -1.41
CA TYR R 218 28.82 -51.87 -2.20
C TYR R 218 30.32 -51.81 -2.50
N TYR R 219 30.78 -52.78 -3.28
CA TYR R 219 32.18 -52.84 -3.67
C TYR R 219 32.57 -51.61 -4.49
N CYS R 220 33.70 -51.00 -4.14
CA CYS R 220 34.26 -49.88 -4.90
C CYS R 220 35.11 -50.47 -6.03
N ALA R 221 34.42 -50.84 -7.11
CA ALA R 221 35.06 -51.54 -8.21
C ALA R 221 35.91 -50.60 -9.04
N LYS R 222 37.10 -51.06 -9.42
CA LYS R 222 38.00 -50.30 -10.27
C LYS R 222 37.95 -50.82 -11.69
N ASP R 223 37.96 -49.90 -12.66
CA ASP R 223 37.91 -50.22 -14.07
C ASP R 223 39.20 -49.75 -14.75
N ARG R 224 39.29 -50.01 -16.06
CA ARG R 224 40.46 -49.63 -16.84
C ARG R 224 40.15 -48.63 -17.95
N SER R 225 38.90 -48.51 -18.38
CA SER R 225 38.54 -47.59 -19.44
C SER R 225 38.52 -46.15 -18.92
N TYR R 226 38.26 -45.21 -19.82
CA TYR R 226 38.21 -43.79 -19.49
C TYR R 226 36.80 -43.23 -19.52
N GLY R 227 36.08 -43.40 -20.64
CA GLY R 227 34.73 -42.94 -20.74
C GLY R 227 33.73 -43.94 -20.19
N PRO R 228 32.45 -43.58 -20.28
CA PRO R 228 31.41 -44.50 -19.81
C PRO R 228 31.34 -45.73 -20.69
N PRO R 229 31.04 -46.89 -20.13
CA PRO R 229 31.01 -48.13 -20.93
C PRO R 229 29.80 -48.20 -21.86
N ASP R 230 29.63 -47.20 -22.72
CA ASP R 230 28.54 -47.19 -23.69
C ASP R 230 29.09 -46.96 -25.09
N VAL R 231 30.20 -46.23 -25.19
CA VAL R 231 30.84 -45.94 -26.47
C VAL R 231 31.96 -46.94 -26.69
N PHE R 232 32.59 -47.38 -25.60
CA PHE R 232 33.68 -48.37 -25.66
C PHE R 232 33.08 -49.73 -25.32
N ASN R 233 32.59 -50.42 -26.35
CA ASN R 233 31.92 -51.71 -26.18
C ASN R 233 32.85 -52.89 -26.42
N TYR R 234 34.17 -52.66 -26.41
CA TYR R 234 35.13 -53.74 -26.56
C TYR R 234 36.29 -53.67 -25.58
N GLU R 235 36.49 -52.55 -24.89
CA GLU R 235 37.55 -52.40 -23.91
C GLU R 235 37.04 -52.36 -22.48
N TYR R 236 35.74 -52.18 -22.28
CA TYR R 236 35.19 -52.07 -20.93
C TYR R 236 35.40 -53.37 -20.15
N GLY R 237 35.88 -53.24 -18.92
CA GLY R 237 36.10 -54.39 -18.06
C GLY R 237 36.00 -53.99 -16.61
N MET R 238 36.81 -54.62 -15.77
CA MET R 238 36.82 -54.31 -14.34
C MET R 238 38.12 -54.83 -13.74
N ASP R 239 38.88 -53.94 -13.10
CA ASP R 239 40.17 -54.29 -12.54
C ASP R 239 39.97 -54.98 -11.18
N VAL R 240 41.06 -55.10 -10.41
CA VAL R 240 40.99 -55.77 -9.12
C VAL R 240 40.00 -55.07 -8.21
N TRP R 241 39.26 -55.85 -7.43
CA TRP R 241 38.23 -55.32 -6.54
C TRP R 241 38.88 -54.77 -5.28
N GLY R 242 38.05 -54.44 -4.29
CA GLY R 242 38.55 -53.91 -3.04
C GLY R 242 37.71 -54.38 -1.88
N GLN R 243 38.31 -54.39 -0.70
CA GLN R 243 37.62 -54.84 0.52
C GLN R 243 36.54 -53.83 0.89
N GLY R 244 35.28 -54.27 0.84
CA GLY R 244 34.18 -53.39 1.14
C GLY R 244 33.63 -53.58 2.55
N THR R 245 32.87 -52.58 3.00
CA THR R 245 32.25 -52.61 4.31
C THR R 245 30.90 -53.32 4.25
N THR R 246 30.48 -53.88 5.38
CA THR R 246 29.22 -54.59 5.48
C THR R 246 28.18 -53.65 6.10
N VAL R 247 27.37 -53.03 5.25
CA VAL R 247 26.32 -52.13 5.69
C VAL R 247 25.01 -52.90 5.75
N THR R 248 24.42 -52.98 6.96
CA THR R 248 23.16 -53.69 7.18
C THR R 248 22.20 -52.73 7.86
N VAL R 249 21.30 -52.13 7.09
CA VAL R 249 20.33 -51.20 7.66
C VAL R 249 19.32 -51.95 8.53
N SER R 250 18.74 -53.02 8.00
CA SER R 250 17.78 -53.85 8.72
C SER R 250 16.60 -53.04 9.24
N SER R 251 16.20 -52.01 8.50
CA SER R 251 15.08 -51.14 8.86
C SER R 251 15.28 -50.49 10.24
#